data_5WQ7
#
_entry.id   5WQ7
#
_cell.length_a   1.0
_cell.length_b   1.0
_cell.length_c   1.0
_cell.angle_alpha   90.0
_cell.angle_beta   90.0
_cell.angle_gamma   90.0
#
_symmetry.space_group_name_H-M   'P 1'
#
_entity_poly.entity_id   1
_entity_poly.type   'polypeptide(L)'
_entity_poly.pdbx_seq_one_letter_code
;ENEQYGANFNNADIRQFVEIVGQHLGKTILIDPSVQGTISVRSNDTFSQQEYYQFFLSILDLYGYSVITLDNGFLKVVRS
ANVKTSPGMIADSSRPGVGDELVTRIVPLENVPARDLAPLLRQMMDAGSVGNVVHYEPSNVLILTGRASTINKLIEVIKR
VDVIGTEKQQIIHLEYASAEDLAEILNQLISESHGKSQMPALLSAKIVADKRTNSLIISGPEKARQRITSLLKSLDVEES
EEGNTRVYYLKYAKATNLVEVLTGVSEKLKDEKGNARKPSSSGAMDNVAITADEQTNSLVITADQSVQEKLATVIARLDI
RRAQVLVEAIIVEVQDGNGLNLGVQWANKNVGAQQFTNTGLPIFNAAQGVADYKKNGGITSANPAWDMFSAYNGMAAGFF
NGDWGVLLTALASNNKNDILATPSIVTLDNKLASFNVGQDVPVLSGSQTTSGDNVFNTVERKTVGTKLKVTPQVNEGDAV
LLEIEQEVSSVDSSSNSTLGPTFNTRTIQNAVLVKTGETVVLGGLLDDFSKEQVSKVPLLGDIPLVGQLFRYTSTERAKR
NLMVFIRPTIIRDDDVYRSLSKEKYTRYRQEQQQRIDGKSKALVGSEDLPVLDENTFNSHAPAPSSR
;
_entity_poly.pdbx_strand_id   A,B,C,D,E,F,G,H,I,J,K,L,M,N,O
#
# COMPACT_ATOMS: atom_id res chain seq x y z
N GLY A 99 12.45 18.41 111.96
CA GLY A 99 13.62 19.23 112.23
C GLY A 99 14.94 18.56 111.91
N ASP A 100 15.41 17.74 112.83
CA ASP A 100 16.65 17.01 112.67
C ASP A 100 16.44 15.61 112.11
N GLU A 101 15.20 15.27 111.73
CA GLU A 101 14.88 13.88 111.44
C GLU A 101 15.46 13.48 110.09
N LEU A 102 16.34 12.47 110.11
CA LEU A 102 17.09 12.07 108.93
C LEU A 102 16.32 10.98 108.21
N VAL A 103 15.80 11.30 107.04
CA VAL A 103 15.03 10.33 106.24
C VAL A 103 15.40 10.52 104.78
N THR A 104 15.21 9.46 104.01
CA THR A 104 15.40 9.49 102.57
C THR A 104 14.05 9.59 101.87
N ARG A 105 13.98 10.55 100.96
CA ARG A 105 12.75 10.81 100.21
C ARG A 105 13.15 11.27 98.82
N ILE A 106 12.33 10.87 97.85
CA ILE A 106 12.77 10.75 96.46
C ILE A 106 11.74 11.41 95.55
N VAL A 107 12.16 12.47 94.85
CA VAL A 107 11.33 13.16 93.87
C VAL A 107 12.01 13.12 92.50
N PRO A 108 11.36 12.60 91.46
CA PRO A 108 11.90 12.74 90.11
C PRO A 108 11.73 14.16 89.56
N LEU A 109 12.62 14.52 88.63
CA LEU A 109 12.37 15.59 87.67
C LEU A 109 11.99 14.93 86.35
N GLU A 110 10.70 14.94 86.02
CA GLU A 110 10.29 14.22 84.82
C GLU A 110 10.55 15.06 83.57
N ASN A 111 10.24 16.35 83.65
CA ASN A 111 10.39 17.29 82.55
C ASN A 111 11.82 17.30 81.99
N VAL A 112 12.82 17.31 82.88
CA VAL A 112 14.22 17.49 82.51
C VAL A 112 14.97 16.27 83.04
N PRO A 113 16.14 15.91 82.49
CA PRO A 113 17.02 15.01 83.26
C PRO A 113 17.54 15.71 84.51
N ALA A 114 17.42 15.03 85.65
CA ALA A 114 17.68 15.65 86.95
C ALA A 114 19.14 16.03 87.15
N ARG A 115 20.02 15.64 86.22
CA ARG A 115 21.46 15.86 86.36
C ARG A 115 21.78 17.29 86.77
N ASP A 116 21.04 18.27 86.22
CA ASP A 116 21.29 19.69 86.43
C ASP A 116 21.16 20.14 87.89
N LEU A 117 20.62 19.32 88.78
CA LEU A 117 20.61 19.71 90.19
C LEU A 117 21.74 19.11 91.01
N ALA A 118 22.67 18.38 90.37
CA ALA A 118 23.78 17.80 91.14
C ALA A 118 24.66 18.84 91.81
N PRO A 119 25.12 19.90 91.15
CA PRO A 119 25.81 20.97 91.91
C PRO A 119 24.88 21.66 92.90
N LEU A 120 23.60 21.81 92.56
CA LEU A 120 22.69 22.54 93.45
C LEU A 120 22.42 21.75 94.72
N LEU A 121 22.03 20.47 94.58
CA LEU A 121 21.51 19.71 95.71
C LEU A 121 22.61 19.12 96.59
N ARG A 122 23.68 18.59 95.99
CA ARG A 122 24.84 18.27 96.81
C ARG A 122 25.56 19.55 97.25
N GLN A 123 25.26 20.68 96.59
CA GLN A 123 25.59 21.95 97.20
C GLN A 123 24.74 22.19 98.45
N MET A 124 23.51 21.64 98.48
CA MET A 124 22.69 21.78 99.68
C MET A 124 23.07 20.78 100.76
N MET A 125 23.62 19.61 100.38
CA MET A 125 24.49 18.91 101.31
C MET A 125 25.58 19.83 101.83
N ASP A 126 26.29 20.45 100.91
CA ASP A 126 27.37 21.38 101.19
C ASP A 126 26.87 22.70 101.79
N ALA A 127 25.55 22.88 101.91
CA ALA A 127 25.02 24.07 102.57
C ALA A 127 25.14 24.00 104.08
N GLY A 128 24.87 22.86 104.69
CA GLY A 128 24.79 22.79 106.14
C GLY A 128 25.23 21.44 106.64
N SER A 129 25.19 21.28 107.97
CA SER A 129 25.82 20.15 108.62
C SER A 129 25.34 18.83 108.03
N VAL A 130 26.31 17.98 107.69
CA VAL A 130 26.14 16.94 106.69
C VAL A 130 25.48 15.73 107.34
N GLY A 131 25.52 14.57 106.66
CA GLY A 131 24.53 13.53 106.82
C GLY A 131 23.58 13.43 105.65
N ASN A 132 23.94 14.02 104.51
CA ASN A 132 23.08 14.13 103.35
C ASN A 132 23.59 13.23 102.23
N VAL A 133 22.65 12.77 101.41
CA VAL A 133 22.93 12.11 100.14
C VAL A 133 21.97 12.64 99.08
N VAL A 134 22.49 12.93 97.91
CA VAL A 134 21.68 13.22 96.73
C VAL A 134 22.22 12.30 95.64
N HIS A 135 21.32 11.71 94.85
CA HIS A 135 21.71 10.70 93.89
C HIS A 135 20.64 10.60 92.80
N TYR A 136 21.01 9.97 91.68
CA TYR A 136 20.34 10.18 90.40
C TYR A 136 20.13 8.87 89.68
N GLU A 137 18.85 8.55 89.34
CA GLU A 137 18.76 7.37 88.49
C GLU A 137 18.74 7.75 87.02
N PRO A 138 19.09 6.80 86.12
CA PRO A 138 18.90 7.03 84.69
C PRO A 138 17.46 7.36 84.37
N SER A 139 16.55 6.68 85.08
CA SER A 139 15.11 6.87 84.97
C SER A 139 14.71 8.27 85.41
N ASN A 140 15.70 9.06 85.87
CA ASN A 140 15.54 10.48 86.16
C ASN A 140 14.64 10.73 87.37
N VAL A 141 14.72 9.83 88.35
CA VAL A 141 14.22 10.10 89.69
C VAL A 141 15.40 10.57 90.53
N LEU A 142 15.13 11.52 91.41
CA LEU A 142 16.18 12.17 92.19
C LEU A 142 16.00 11.76 93.65
N ILE A 143 16.93 10.97 94.16
CA ILE A 143 16.76 10.32 95.46
C ILE A 143 17.60 11.04 96.51
N LEU A 144 16.96 11.33 97.66
CA LEU A 144 17.58 12.13 98.70
C LEU A 144 17.62 11.40 100.03
N THR A 145 18.57 11.84 100.85
CA THR A 145 18.71 11.44 102.23
C THR A 145 19.14 12.67 103.02
N GLY A 146 18.46 12.95 104.14
CA GLY A 146 18.92 14.04 104.97
C GLY A 146 17.94 14.39 106.08
N ARG A 147 18.38 15.29 106.96
CA ARG A 147 17.54 15.77 108.04
C ARG A 147 16.42 16.64 107.48
N ALA A 148 15.39 16.84 108.33
CA ALA A 148 14.08 17.29 107.87
C ALA A 148 14.11 18.64 107.18
N SER A 149 14.93 19.58 107.66
CA SER A 149 14.94 20.91 107.04
C SER A 149 15.73 20.92 105.73
N THR A 150 16.97 20.42 105.77
CA THR A 150 17.78 20.34 104.56
C THR A 150 17.02 19.65 103.45
N ILE A 151 16.26 18.62 103.80
CA ILE A 151 15.44 17.98 102.78
C ILE A 151 14.20 18.80 102.47
N ASN A 152 13.67 19.59 103.42
CA ASN A 152 12.58 20.49 103.06
C ASN A 152 12.95 21.32 101.85
N LYS A 153 14.08 22.02 101.93
CA LYS A 153 14.41 22.92 100.84
C LYS A 153 15.16 22.21 99.71
N LEU A 154 15.67 21.00 99.95
CA LEU A 154 16.12 20.16 98.84
C LEU A 154 14.96 19.70 97.97
N ILE A 155 13.98 19.01 98.55
CA ILE A 155 12.84 18.56 97.77
C ILE A 155 12.07 19.75 97.22
N GLU A 156 12.10 20.90 97.93
CA GLU A 156 11.70 22.15 97.31
C GLU A 156 12.41 22.37 95.99
N VAL A 157 13.75 22.29 96.00
CA VAL A 157 14.47 22.48 94.75
C VAL A 157 13.96 21.52 93.69
N ILE A 158 13.65 20.29 94.10
CA ILE A 158 13.44 19.23 93.11
C ILE A 158 12.08 19.35 92.43
N LYS A 159 11.00 19.44 93.21
CA LYS A 159 9.72 19.70 92.55
C LYS A 159 9.75 21.02 91.81
N ARG A 160 10.43 22.01 92.40
CA ARG A 160 10.66 23.26 91.70
C ARG A 160 11.18 22.99 90.29
N VAL A 161 12.40 22.49 90.16
CA VAL A 161 13.01 22.31 88.85
C VAL A 161 12.17 21.40 87.95
N ASP A 162 11.34 20.55 88.56
CA ASP A 162 10.33 19.83 87.77
C ASP A 162 9.39 20.80 87.06
N VAL A 163 8.54 21.49 87.82
CA VAL A 163 7.43 22.20 87.20
C VAL A 163 7.92 23.54 86.64
N ILE A 164 9.16 23.91 86.93
CA ILE A 164 9.77 25.06 86.26
C ILE A 164 10.64 24.57 85.11
N GLY A 165 10.79 23.26 85.00
CA GLY A 165 11.30 22.69 83.76
C GLY A 165 10.17 22.16 82.90
N THR A 166 8.94 22.54 83.23
CA THR A 166 7.77 22.10 82.47
C THR A 166 7.88 22.37 80.97
N GLU A 167 7.71 21.31 80.20
CA GLU A 167 7.08 21.38 78.89
C GLU A 167 6.27 20.11 78.66
N LYS A 168 4.99 20.30 78.36
CA LYS A 168 3.98 19.26 78.51
C LYS A 168 2.98 19.33 77.36
N GLN A 169 2.28 18.23 77.14
CA GLN A 169 1.65 17.94 75.86
C GLN A 169 0.20 18.42 75.83
N GLN A 170 -0.23 18.87 74.65
CA GLN A 170 -1.66 19.05 74.43
C GLN A 170 -1.94 18.92 72.95
N ILE A 171 -3.09 18.35 72.61
CA ILE A 171 -3.48 18.31 71.20
C ILE A 171 -4.86 18.93 71.11
N ILE A 172 -5.03 19.76 70.09
CA ILE A 172 -6.13 20.71 70.04
C ILE A 172 -6.82 20.60 68.68
N HIS A 173 -8.09 20.97 68.63
CA HIS A 173 -8.87 20.92 67.40
C HIS A 173 -8.40 22.00 66.42
N LEU A 174 -8.70 21.78 65.14
CA LEU A 174 -8.74 22.84 64.15
C LEU A 174 -10.16 22.93 63.61
N GLU A 175 -10.77 24.10 63.75
CA GLU A 175 -12.20 24.26 63.50
C GLU A 175 -12.56 24.12 62.02
N TYR A 176 -11.99 24.96 61.16
CA TYR A 176 -12.31 24.99 59.74
C TYR A 176 -11.08 24.82 58.88
N ALA A 177 -10.15 25.76 59.02
CA ALA A 177 -8.99 25.86 58.16
C ALA A 177 -8.25 24.54 58.06
N SER A 178 -7.80 24.21 56.85
CA SER A 178 -7.06 23.00 56.60
C SER A 178 -5.77 22.94 57.43
N ALA A 179 -5.43 21.73 57.84
CA ALA A 179 -4.37 21.55 58.83
C ALA A 179 -3.00 21.86 58.24
N GLU A 180 -2.71 21.31 57.06
CA GLU A 180 -1.46 21.56 56.37
C GLU A 180 -1.10 23.03 56.34
N ASP A 181 -2.06 23.92 56.15
CA ASP A 181 -1.75 25.34 56.09
C ASP A 181 -1.16 25.81 57.41
N LEU A 182 -2.01 25.88 58.43
CA LEU A 182 -1.59 26.37 59.73
C LEU A 182 -0.30 25.69 60.18
N ALA A 183 -0.14 24.42 59.82
CA ALA A 183 1.19 23.84 59.81
C ALA A 183 2.15 24.78 59.11
N GLU A 184 1.97 24.97 57.79
CA GLU A 184 3.01 25.61 56.99
C GLU A 184 3.44 26.92 57.64
N ILE A 185 2.48 27.70 58.13
CA ILE A 185 2.87 28.96 58.75
C ILE A 185 3.66 28.69 60.02
N LEU A 186 3.10 27.93 60.96
CA LEU A 186 3.67 27.94 62.29
C LEU A 186 4.97 27.18 62.35
N ASN A 187 5.09 26.11 61.55
CA ASN A 187 6.32 25.35 61.46
C ASN A 187 7.51 26.28 61.31
N GLN A 188 7.56 26.96 60.17
CA GLN A 188 8.63 27.82 59.74
C GLN A 188 8.72 29.09 60.54
N LEU A 189 7.80 29.31 61.48
CA LEU A 189 7.97 30.36 62.50
C LEU A 189 8.88 29.84 63.60
N ILE A 190 10.02 30.48 63.78
CA ILE A 190 10.94 30.15 64.85
C ILE A 190 11.58 31.45 65.33
N LYS A 206 6.54 20.59 69.26
CA LYS A 206 6.52 20.67 67.81
C LYS A 206 5.11 21.03 67.32
N ILE A 207 4.87 20.91 66.02
CA ILE A 207 3.61 21.29 65.41
C ILE A 207 3.13 20.15 64.54
N VAL A 208 1.95 19.61 64.85
CA VAL A 208 1.40 18.49 64.10
C VAL A 208 0.04 18.85 63.54
N ALA A 209 -0.24 18.38 62.33
CA ALA A 209 -1.50 18.62 61.64
C ALA A 209 -2.33 17.34 61.56
N ASP A 210 -3.65 17.50 61.49
CA ASP A 210 -4.58 16.44 61.10
C ASP A 210 -5.61 17.00 60.13
N LYS A 211 -5.66 16.42 58.94
CA LYS A 211 -6.76 16.72 58.03
C LYS A 211 -7.99 15.86 58.35
N ARG A 212 -7.80 14.57 58.67
CA ARG A 212 -8.94 13.68 58.83
C ARG A 212 -9.87 14.18 59.92
N THR A 213 -9.37 14.37 61.13
CA THR A 213 -10.15 15.08 62.13
C THR A 213 -9.77 16.55 62.28
N ASN A 214 -8.77 17.01 61.52
CA ASN A 214 -8.43 18.44 61.45
C ASN A 214 -8.04 19.00 62.82
N SER A 215 -6.85 18.63 63.28
CA SER A 215 -6.38 19.06 64.59
C SER A 215 -5.02 19.72 64.49
N LEU A 216 -4.84 20.81 65.24
CA LEU A 216 -3.49 21.30 65.50
C LEU A 216 -2.99 20.77 66.83
N ILE A 217 -1.83 20.14 66.79
CA ILE A 217 -1.27 19.41 67.92
C ILE A 217 0.02 20.10 68.34
N ILE A 218 0.20 20.27 69.65
CA ILE A 218 1.23 21.19 70.10
C ILE A 218 1.85 20.73 71.42
N SER A 219 3.16 20.94 71.49
CA SER A 219 3.97 20.64 72.66
C SER A 219 4.65 21.92 73.17
N GLY A 220 5.04 21.87 74.43
CA GLY A 220 5.79 22.92 75.06
C GLY A 220 5.41 23.03 76.52
N PRO A 221 5.88 24.06 77.19
CA PRO A 221 5.37 24.36 78.53
C PRO A 221 3.90 24.78 78.48
N GLU A 222 3.38 25.20 79.64
CA GLU A 222 2.09 25.87 79.61
C GLU A 222 2.22 27.22 78.92
N LYS A 223 3.41 27.81 78.95
CA LYS A 223 3.60 29.07 78.23
C LYS A 223 3.70 28.84 76.73
N ALA A 224 4.14 27.65 76.30
CA ALA A 224 3.97 27.31 74.89
C ALA A 224 2.50 27.06 74.59
N ARG A 225 1.80 26.38 75.50
CA ARG A 225 0.36 26.26 75.37
C ARG A 225 -0.27 27.62 75.09
N GLN A 226 0.01 28.61 75.93
CA GLN A 226 -0.67 29.90 75.82
C GLN A 226 -0.22 30.65 74.58
N ARG A 227 1.09 30.72 74.33
CA ARG A 227 1.57 31.52 73.21
C ARG A 227 0.99 31.01 71.89
N ILE A 228 0.94 29.69 71.73
CA ILE A 228 0.47 29.21 70.44
C ILE A 228 -1.04 29.02 70.45
N THR A 229 -1.69 29.08 71.61
CA THR A 229 -3.14 29.26 71.61
C THR A 229 -3.49 30.67 71.18
N SER A 230 -2.57 31.60 71.36
CA SER A 230 -2.80 32.96 70.90
C SER A 230 -2.51 33.08 69.41
N LEU A 231 -1.53 32.33 68.91
CA LEU A 231 -1.42 32.20 67.46
C LEU A 231 -2.68 31.56 66.88
N LEU A 232 -3.16 30.48 67.50
CA LEU A 232 -4.42 29.90 67.06
C LEU A 232 -5.51 30.96 67.03
N LYS A 233 -5.76 31.62 68.16
CA LYS A 233 -6.82 32.60 68.20
C LYS A 233 -6.62 33.67 67.13
N SER A 234 -5.36 33.93 66.78
CA SER A 234 -5.11 34.73 65.59
C SER A 234 -5.83 34.14 64.39
N LEU A 235 -5.43 32.97 63.92
CA LEU A 235 -6.23 32.33 62.87
C LEU A 235 -6.88 31.04 63.40
N ASP A 236 -8.12 31.18 63.85
CA ASP A 236 -9.10 30.13 63.80
C ASP A 236 -10.14 30.37 62.72
N VAL A 237 -10.07 31.52 62.04
CA VAL A 237 -11.21 31.99 61.26
C VAL A 237 -11.21 31.38 59.87
N GLU A 238 -12.38 30.98 59.41
CA GLU A 238 -12.51 30.49 58.04
C GLU A 238 -12.65 31.71 57.14
N GLU A 239 -11.79 31.78 56.13
CA GLU A 239 -11.79 32.90 55.20
C GLU A 239 -13.09 32.95 54.42
N SER A 240 -13.57 34.15 54.17
CA SER A 240 -14.75 34.32 53.33
C SER A 240 -14.28 34.32 51.88
N GLU A 241 -13.85 33.15 51.42
CA GLU A 241 -13.31 33.00 50.07
C GLU A 241 -14.33 33.45 49.04
N GLU A 242 -15.60 33.14 49.28
CA GLU A 242 -16.68 33.46 48.35
C GLU A 242 -16.65 32.45 47.21
N GLY A 243 -17.36 32.74 46.12
CA GLY A 243 -17.35 31.83 45.00
C GLY A 243 -16.11 31.95 44.14
N ASN A 244 -15.56 30.81 43.77
CA ASN A 244 -14.51 30.75 42.75
C ASN A 244 -15.04 30.88 41.33
N THR A 245 -16.19 30.25 41.09
CA THR A 245 -16.77 30.19 39.76
C THR A 245 -18.03 31.04 39.66
N ARG A 246 -18.09 31.88 38.63
CA ARG A 246 -19.28 32.65 38.34
C ARG A 246 -19.91 32.14 37.06
N VAL A 247 -21.23 32.29 36.99
CA VAL A 247 -22.01 31.94 35.81
C VAL A 247 -22.63 33.22 35.29
N TYR A 248 -22.17 33.66 34.13
CA TYR A 248 -22.67 34.88 33.51
C TYR A 248 -23.80 34.55 32.56
N TYR A 249 -24.93 35.23 32.71
CA TYR A 249 -26.04 35.09 31.78
C TYR A 249 -25.85 36.12 30.69
N LEU A 250 -25.52 35.68 29.49
CA LEU A 250 -25.27 36.58 28.40
C LEU A 250 -26.58 37.05 27.80
N LYS A 251 -26.66 38.34 27.51
CA LYS A 251 -27.78 38.90 26.77
C LYS A 251 -27.22 39.65 25.57
N TYR A 252 -27.62 39.22 24.38
CA TYR A 252 -27.24 39.71 23.05
C TYR A 252 -26.00 39.01 22.52
N ALA A 253 -25.33 38.19 23.31
CA ALA A 253 -24.17 37.44 22.84
C ALA A 253 -24.44 35.95 22.92
N LYS A 254 -23.71 35.18 22.12
CA LYS A 254 -23.86 33.74 22.06
C LYS A 254 -22.69 33.11 22.81
N ALA A 255 -23.01 32.29 23.81
CA ALA A 255 -22.01 31.83 24.76
C ALA A 255 -20.88 31.04 24.12
N THR A 256 -21.23 30.21 23.13
CA THR A 256 -20.24 29.39 22.45
C THR A 256 -19.29 30.29 21.67
N ASN A 257 -19.83 31.32 21.04
CA ASN A 257 -19.03 32.29 20.31
C ASN A 257 -18.09 33.04 21.24
N LEU A 258 -18.64 33.47 22.37
CA LEU A 258 -17.90 34.26 23.33
C LEU A 258 -16.75 33.45 23.89
N VAL A 259 -16.98 32.16 24.08
CA VAL A 259 -15.96 31.34 24.70
C VAL A 259 -14.68 31.36 23.89
N GLU A 260 -14.77 31.26 22.57
CA GLU A 260 -13.56 31.24 21.76
C GLU A 260 -12.77 32.54 21.92
N VAL A 261 -13.49 33.66 21.88
CA VAL A 261 -12.84 34.95 22.02
C VAL A 261 -12.19 35.09 23.38
N LEU A 262 -12.90 34.63 24.41
CA LEU A 262 -12.44 34.71 25.78
C LEU A 262 -11.19 33.86 25.98
N THR A 263 -11.15 32.74 25.29
CA THR A 263 -10.15 31.72 25.55
C THR A 263 -8.78 32.34 25.33
N GLY A 264 -8.66 33.17 24.31
CA GLY A 264 -7.37 33.77 24.07
C GLY A 264 -6.98 34.70 25.23
N VAL A 265 -7.95 35.48 25.73
CA VAL A 265 -7.70 36.43 26.82
C VAL A 265 -7.28 35.70 28.08
N SER A 266 -7.92 34.58 28.34
CA SER A 266 -7.62 33.79 29.50
C SER A 266 -6.31 33.03 29.24
N GLU A 267 -6.10 32.60 27.96
CA GLU A 267 -4.95 31.77 27.61
C GLU A 267 -3.77 32.70 27.35
N VAL A 288 -7.05 30.13 34.14
CA VAL A 288 -8.47 30.44 34.03
C VAL A 288 -9.15 29.51 33.04
N ALA A 289 -10.36 29.07 33.38
CA ALA A 289 -11.12 28.19 32.50
C ALA A 289 -12.44 28.84 32.12
N ILE A 290 -12.69 28.95 30.81
CA ILE A 290 -13.93 29.52 30.33
C ILE A 290 -14.64 28.46 29.51
N THR A 291 -15.88 28.16 29.87
CA THR A 291 -16.70 27.24 29.10
C THR A 291 -18.14 27.71 29.12
N ALA A 292 -18.91 27.29 28.13
CA ALA A 292 -20.25 27.81 27.89
C ALA A 292 -21.28 26.71 27.98
N ASP A 293 -22.48 27.10 28.41
CA ASP A 293 -23.66 26.24 28.40
C ASP A 293 -24.51 26.65 27.21
N GLU A 294 -24.58 25.80 26.20
CA GLU A 294 -25.31 26.15 24.99
C GLU A 294 -26.82 26.15 25.21
N GLN A 295 -27.30 25.49 26.26
CA GLN A 295 -28.74 25.46 26.52
C GLN A 295 -29.22 26.79 27.07
N THR A 296 -28.78 27.14 28.28
CA THR A 296 -29.19 28.38 28.90
C THR A 296 -28.51 29.60 28.30
N ASN A 297 -27.54 29.41 27.41
CA ASN A 297 -26.76 30.51 26.84
C ASN A 297 -26.10 31.32 27.94
N SER A 298 -25.38 30.61 28.80
CA SER A 298 -24.65 31.23 29.90
C SER A 298 -23.19 30.81 29.82
N LEU A 299 -22.33 31.65 30.37
CA LEU A 299 -20.90 31.48 30.27
C LEU A 299 -20.34 31.23 31.66
N VAL A 300 -19.48 30.23 31.78
CA VAL A 300 -18.97 29.78 33.07
C VAL A 300 -17.47 30.07 33.12
N ILE A 301 -17.08 31.01 33.97
CA ILE A 301 -15.67 31.36 34.16
C ILE A 301 -15.28 31.05 35.58
N THR A 302 -14.26 30.22 35.76
CA THR A 302 -13.66 29.96 37.06
C THR A 302 -12.24 30.48 37.07
N ALA A 303 -11.92 31.32 38.05
CA ALA A 303 -10.65 32.05 38.09
C ALA A 303 -10.60 32.85 39.38
N ASP A 304 -9.44 33.45 39.62
CA ASP A 304 -9.24 34.27 40.80
C ASP A 304 -10.19 35.47 40.79
N GLN A 305 -10.49 35.96 41.99
CA GLN A 305 -11.32 37.16 42.12
C GLN A 305 -10.77 38.32 41.31
N SER A 306 -9.46 38.36 41.10
CA SER A 306 -8.87 39.43 40.30
C SER A 306 -9.24 39.27 38.83
N VAL A 307 -9.09 38.06 38.30
CA VAL A 307 -9.43 37.82 36.89
C VAL A 307 -10.93 37.99 36.67
N GLN A 308 -11.75 37.56 37.64
CA GLN A 308 -13.19 37.68 37.50
C GLN A 308 -13.62 39.12 37.27
N GLU A 309 -13.07 40.05 38.06
CA GLU A 309 -13.48 41.44 37.92
C GLU A 309 -12.98 42.04 36.62
N LYS A 310 -11.89 41.50 36.06
CA LYS A 310 -11.39 41.99 34.78
C LYS A 310 -12.18 41.41 33.61
N LEU A 311 -12.48 40.11 33.65
CA LEU A 311 -13.31 39.51 32.61
C LEU A 311 -14.76 39.97 32.69
N ALA A 312 -15.20 40.45 33.85
CA ALA A 312 -16.57 40.96 33.94
C ALA A 312 -16.73 42.22 33.12
N THR A 313 -15.68 43.03 32.98
CA THR A 313 -15.73 44.21 32.14
C THR A 313 -15.54 43.87 30.67
N VAL A 314 -14.69 42.89 30.37
CA VAL A 314 -14.49 42.47 28.99
C VAL A 314 -15.79 41.91 28.42
N ILE A 315 -16.50 41.10 29.19
CA ILE A 315 -17.76 40.55 28.72
C ILE A 315 -18.80 41.65 28.56
N ALA A 316 -18.88 42.57 29.53
CA ALA A 316 -19.85 43.65 29.43
C ALA A 316 -19.60 44.50 28.19
N ARG A 317 -18.33 44.67 27.81
CA ARG A 317 -18.02 45.40 26.58
C ARG A 317 -18.39 44.59 25.35
N LEU A 318 -18.23 43.28 25.43
CA LEU A 318 -18.35 42.41 24.28
C LEU A 318 -19.75 41.82 24.14
N ASP A 319 -20.63 42.13 25.06
CA ASP A 319 -21.99 41.60 25.12
C ASP A 319 -23.01 42.55 24.51
N ILE A 320 -22.57 43.65 23.89
CA ILE A 320 -23.50 44.73 23.56
C ILE A 320 -24.50 44.30 22.50
N ARG A 321 -25.59 45.06 22.43
CA ARG A 321 -26.60 44.86 21.41
C ARG A 321 -26.10 45.34 20.05
N ARG A 322 -26.42 44.57 19.02
CA ARG A 322 -25.89 44.79 17.68
C ARG A 322 -27.01 45.31 16.77
N ALA A 323 -26.63 46.20 15.85
CA ALA A 323 -27.59 46.89 15.00
C ALA A 323 -28.08 46.00 13.86
N GLN A 324 -29.25 46.35 13.35
CA GLN A 324 -29.88 45.68 12.22
C GLN A 324 -29.89 46.60 11.01
N VAL A 325 -29.85 46.02 9.82
CA VAL A 325 -29.81 46.80 8.60
C VAL A 325 -30.91 46.30 7.67
N LEU A 326 -31.78 47.20 7.23
CA LEU A 326 -32.70 46.93 6.14
C LEU A 326 -32.04 47.31 4.83
N VAL A 327 -31.88 46.35 3.93
CA VAL A 327 -31.18 46.55 2.67
C VAL A 327 -32.19 46.39 1.54
N GLU A 328 -32.55 47.48 0.90
CA GLU A 328 -33.35 47.42 -0.33
C GLU A 328 -32.43 47.55 -1.53
N ALA A 329 -32.58 46.63 -2.47
CA ALA A 329 -31.98 46.78 -3.78
C ALA A 329 -33.06 47.20 -4.76
N ILE A 330 -32.69 48.00 -5.74
CA ILE A 330 -33.61 48.43 -6.78
C ILE A 330 -32.95 48.11 -8.11
N ILE A 331 -33.52 47.18 -8.85
CA ILE A 331 -33.00 46.79 -10.15
C ILE A 331 -34.00 47.26 -11.18
N VAL A 332 -33.63 48.27 -11.96
CA VAL A 332 -34.47 48.78 -13.03
C VAL A 332 -33.78 48.48 -14.35
N GLU A 333 -34.49 47.84 -15.26
CA GLU A 333 -34.00 47.65 -16.61
C GLU A 333 -35.08 48.09 -17.57
N VAL A 334 -34.66 48.65 -18.71
CA VAL A 334 -35.58 48.98 -19.77
C VAL A 334 -34.94 48.61 -21.10
N GLN A 335 -35.66 47.83 -21.89
CA GLN A 335 -35.21 47.44 -23.21
C GLN A 335 -36.19 47.94 -24.24
N ASP A 336 -35.68 48.27 -25.43
CA ASP A 336 -36.54 48.45 -26.57
C ASP A 336 -35.70 48.33 -27.83
N GLY A 337 -36.36 48.04 -28.94
CA GLY A 337 -35.71 48.03 -30.22
C GLY A 337 -36.71 47.89 -31.33
N ASN A 338 -36.38 48.37 -32.52
CA ASN A 338 -37.30 48.34 -33.64
C ASN A 338 -36.58 47.92 -34.91
N GLY A 339 -37.00 46.81 -35.47
CA GLY A 339 -36.52 46.40 -36.78
C GLY A 339 -37.42 46.89 -37.89
N LEU A 340 -36.83 47.06 -39.07
CA LEU A 340 -37.57 47.35 -40.29
C LEU A 340 -36.91 46.59 -41.43
N ASN A 341 -37.66 45.74 -42.11
CA ASN A 341 -37.14 45.08 -43.30
C ASN A 341 -38.17 45.16 -44.42
N LEU A 342 -37.83 45.90 -45.47
CA LEU A 342 -38.69 46.05 -46.64
C LEU A 342 -37.86 45.83 -47.88
N GLY A 343 -38.45 45.22 -48.89
CA GLY A 343 -37.76 45.02 -50.15
C GLY A 343 -38.72 44.95 -51.30
N VAL A 344 -38.25 45.32 -52.48
CA VAL A 344 -39.04 45.25 -53.70
C VAL A 344 -38.34 44.25 -54.57
N GLN A 345 -39.05 43.29 -55.16
CA GLN A 345 -38.49 42.38 -56.15
C GLN A 345 -39.43 42.47 -57.34
N TRP A 346 -38.94 42.61 -58.56
CA TRP A 346 -39.81 42.63 -59.74
C TRP A 346 -39.33 41.48 -60.62
N ALA A 347 -40.20 40.63 -61.15
CA ALA A 347 -39.73 39.55 -62.05
C ALA A 347 -40.39 39.77 -63.41
N ASN A 348 -39.66 39.78 -64.51
CA ASN A 348 -40.30 39.96 -65.83
C ASN A 348 -40.03 38.78 -66.77
N LYS A 349 -41.03 38.23 -67.43
CA LYS A 349 -40.70 37.08 -68.26
C LYS A 349 -39.79 37.47 -69.42
N ASN A 350 -40.09 38.59 -70.06
CA ASN A 350 -39.31 39.05 -71.20
C ASN A 350 -37.85 39.41 -70.90
N VAL A 351 -37.62 40.13 -69.81
CA VAL A 351 -36.28 40.60 -69.48
C VAL A 351 -35.54 39.75 -68.45
N GLY A 352 -36.22 39.42 -67.36
CA GLY A 352 -35.60 38.69 -66.27
C GLY A 352 -36.20 39.12 -64.96
N ALA A 353 -35.71 38.57 -63.85
CA ALA A 353 -36.28 38.86 -62.55
C ALA A 353 -35.24 39.25 -61.51
N GLN A 354 -35.63 40.11 -60.58
CA GLN A 354 -34.80 40.44 -59.44
C GLN A 354 -35.43 39.81 -58.22
N GLN A 355 -34.69 38.96 -57.52
CA GLN A 355 -35.24 38.24 -56.39
C GLN A 355 -34.36 38.35 -55.16
N PHE A 356 -34.98 38.46 -54.00
CA PHE A 356 -34.28 38.51 -52.73
C PHE A 356 -34.90 37.49 -51.80
N THR A 357 -34.16 36.42 -51.52
CA THR A 357 -34.45 35.66 -50.34
C THR A 357 -34.11 36.54 -49.14
N ASN A 358 -34.73 36.23 -48.00
CA ASN A 358 -34.77 36.99 -46.76
C ASN A 358 -35.90 38.01 -46.77
N THR A 359 -36.55 38.24 -47.90
CA THR A 359 -37.81 38.95 -47.87
C THR A 359 -38.90 38.12 -47.21
N GLY A 360 -38.62 36.86 -46.93
CA GLY A 360 -39.56 35.93 -46.37
C GLY A 360 -40.33 35.17 -47.42
N LEU A 361 -40.50 35.76 -48.60
CA LEU A 361 -40.87 35.02 -49.77
C LEU A 361 -40.11 35.59 -50.96
N PRO A 362 -39.51 34.74 -51.79
CA PRO A 362 -38.91 35.21 -53.04
C PRO A 362 -39.94 35.34 -54.15
N ILE A 363 -39.58 36.16 -55.15
CA ILE A 363 -40.49 36.40 -56.27
C ILE A 363 -40.73 35.12 -57.06
N PHE A 364 -39.76 34.21 -57.10
CA PHE A 364 -39.93 32.99 -57.87
C PHE A 364 -40.94 32.07 -57.21
N ASN A 365 -40.74 31.74 -55.94
CA ASN A 365 -41.64 30.82 -55.27
C ASN A 365 -43.01 31.43 -55.07
N ALA A 366 -43.10 32.75 -54.96
CA ALA A 366 -44.40 33.39 -54.86
C ALA A 366 -45.15 33.33 -56.18
N ALA A 367 -44.47 33.61 -57.29
CA ALA A 367 -45.13 33.57 -58.58
C ALA A 367 -45.57 32.17 -58.95
N GLN A 368 -44.85 31.14 -58.49
CA GLN A 368 -45.31 29.78 -58.70
C GLN A 368 -46.52 29.47 -57.83
N GLY A 369 -46.60 30.09 -56.66
CA GLY A 369 -47.74 29.89 -55.78
C GLY A 369 -48.97 30.66 -56.22
N VAL A 370 -48.77 31.90 -56.65
CA VAL A 370 -49.90 32.69 -57.11
C VAL A 370 -50.47 32.10 -58.40
N ALA A 371 -49.61 31.68 -59.32
CA ALA A 371 -50.10 31.04 -60.54
C ALA A 371 -50.84 29.75 -60.22
N ASP A 372 -50.28 28.93 -59.34
CA ASP A 372 -50.97 27.72 -58.91
C ASP A 372 -52.31 28.05 -58.25
N TYR A 373 -52.38 29.16 -57.53
CA TYR A 373 -53.63 29.53 -56.86
C TYR A 373 -54.70 29.93 -57.87
N LYS A 374 -54.30 30.54 -58.98
CA LYS A 374 -55.30 30.97 -59.97
C LYS A 374 -55.87 29.79 -60.73
N LYS A 375 -55.02 28.82 -61.11
CA LYS A 375 -55.51 27.71 -61.91
C LYS A 375 -56.41 26.79 -61.11
N ASN A 376 -56.02 26.46 -59.87
CA ASN A 376 -56.76 25.51 -59.07
C ASN A 376 -57.82 26.16 -58.19
N GLY A 377 -57.84 27.49 -58.09
CA GLY A 377 -58.75 28.18 -57.20
C GLY A 377 -58.37 28.12 -55.74
N GLY A 378 -57.41 27.28 -55.37
CA GLY A 378 -56.94 27.17 -54.01
C GLY A 378 -55.54 26.60 -54.00
N ILE A 379 -55.02 26.36 -52.80
CA ILE A 379 -53.67 25.84 -52.63
C ILE A 379 -53.71 24.70 -51.63
N THR A 380 -53.32 23.51 -52.06
CA THR A 380 -53.20 22.37 -51.16
C THR A 380 -51.97 22.53 -50.27
N SER A 381 -51.97 21.77 -49.17
CA SER A 381 -50.82 21.76 -48.27
C SER A 381 -49.59 21.16 -48.93
N ALA A 382 -49.74 20.45 -50.05
CA ALA A 382 -48.60 19.85 -50.73
C ALA A 382 -47.86 20.84 -51.62
N ASN A 383 -48.51 21.94 -52.00
CA ASN A 383 -47.86 22.98 -52.79
C ASN A 383 -46.65 23.50 -52.02
N PRO A 384 -45.46 23.51 -52.61
CA PRO A 384 -44.27 23.98 -51.88
C PRO A 384 -44.40 25.41 -51.38
N ALA A 385 -45.25 26.23 -52.00
CA ALA A 385 -45.46 27.59 -51.53
C ALA A 385 -46.32 27.67 -50.28
N TRP A 386 -46.89 26.55 -49.83
CA TRP A 386 -47.73 26.58 -48.65
C TRP A 386 -46.96 27.08 -47.43
N ASP A 387 -45.85 26.41 -47.10
CA ASP A 387 -45.07 26.80 -45.94
C ASP A 387 -44.51 28.20 -46.05
N MET A 388 -44.38 28.72 -47.27
CA MET A 388 -43.83 30.06 -47.44
C MET A 388 -44.87 31.13 -47.16
N PHE A 389 -46.11 30.93 -47.63
CA PHE A 389 -47.18 31.86 -47.32
C PHE A 389 -47.73 31.66 -45.92
N SER A 390 -47.71 30.41 -45.41
CA SER A 390 -48.30 30.14 -44.12
C SER A 390 -47.55 30.88 -43.01
N ALA A 391 -46.24 31.01 -43.14
CA ALA A 391 -45.47 31.84 -42.22
C ALA A 391 -44.93 33.02 -43.02
N TYR A 392 -45.56 34.17 -42.83
CA TYR A 392 -45.08 35.43 -43.38
C TYR A 392 -45.67 36.53 -42.55
N ASN A 393 -44.92 37.62 -42.37
CA ASN A 393 -45.38 38.74 -41.57
C ASN A 393 -45.21 40.03 -42.35
N GLY A 394 -46.20 40.90 -42.25
CA GLY A 394 -46.15 42.19 -42.91
C GLY A 394 -46.96 42.23 -44.17
N MET A 395 -46.93 43.38 -44.83
CA MET A 395 -47.73 43.62 -46.02
C MET A 395 -46.96 43.16 -47.25
N ALA A 396 -47.53 42.22 -47.99
CA ALA A 396 -47.00 41.81 -49.28
C ALA A 396 -47.98 42.27 -50.36
N ALA A 397 -47.59 43.28 -51.11
CA ALA A 397 -48.48 43.91 -52.09
C ALA A 397 -47.91 43.70 -53.48
N GLY A 398 -48.55 42.86 -54.27
CA GLY A 398 -48.15 42.66 -55.65
C GLY A 398 -48.86 43.61 -56.60
N PHE A 399 -48.18 43.97 -57.69
CA PHE A 399 -48.74 44.83 -58.71
C PHE A 399 -48.28 44.34 -60.07
N PHE A 400 -49.22 44.13 -60.98
CA PHE A 400 -48.89 43.70 -62.34
C PHE A 400 -49.21 44.84 -63.30
N ASN A 401 -48.18 45.35 -63.96
CA ASN A 401 -48.33 46.34 -65.03
C ASN A 401 -47.87 45.68 -66.33
N GLY A 402 -48.83 45.38 -67.19
CA GLY A 402 -48.48 44.71 -68.44
C GLY A 402 -47.89 43.35 -68.15
N ASP A 403 -46.67 43.12 -68.64
CA ASP A 403 -45.95 41.88 -68.38
C ASP A 403 -45.08 41.97 -67.14
N TRP A 404 -44.92 43.15 -66.56
CA TRP A 404 -44.07 43.33 -65.39
C TRP A 404 -44.81 42.89 -64.13
N GLY A 405 -44.28 41.90 -63.43
CA GLY A 405 -44.70 41.64 -62.06
C GLY A 405 -43.85 42.44 -61.09
N VAL A 406 -44.47 42.87 -60.00
CA VAL A 406 -43.79 43.61 -58.94
C VAL A 406 -44.34 43.16 -57.61
N LEU A 407 -43.46 42.94 -56.64
CA LEU A 407 -43.86 42.43 -55.34
C LEU A 407 -43.15 43.21 -54.26
N LEU A 408 -43.91 43.87 -53.40
CA LEU A 408 -43.40 44.67 -52.30
C LEU A 408 -43.68 43.99 -50.98
N THR A 409 -42.65 43.72 -50.20
CA THR A 409 -42.78 43.16 -48.87
C THR A 409 -42.27 44.19 -47.87
N ALA A 410 -43.05 44.46 -46.84
CA ALA A 410 -42.67 45.43 -45.82
C ALA A 410 -43.12 44.95 -44.46
N LEU A 411 -42.19 44.95 -43.51
CA LEU A 411 -42.49 44.64 -42.12
C LEU A 411 -41.68 45.55 -41.22
N ALA A 412 -42.34 46.24 -40.30
CA ALA A 412 -41.64 47.03 -39.31
C ALA A 412 -42.01 46.48 -37.94
N SER A 413 -41.05 45.85 -37.28
CA SER A 413 -41.25 45.31 -35.96
C SER A 413 -40.76 46.30 -34.92
N ASN A 414 -41.46 46.34 -33.80
CA ASN A 414 -41.07 47.18 -32.68
C ASN A 414 -41.41 46.43 -31.41
N ASN A 415 -40.51 46.41 -30.45
CA ASN A 415 -40.82 45.84 -29.15
C ASN A 415 -40.34 46.77 -28.06
N LYS A 416 -40.78 46.47 -26.85
CA LYS A 416 -40.45 47.27 -25.69
C LYS A 416 -40.51 46.36 -24.49
N ASN A 417 -39.65 46.62 -23.51
CA ASN A 417 -39.62 45.78 -22.33
C ASN A 417 -39.18 46.65 -21.18
N ASP A 418 -39.75 46.40 -20.00
CA ASP A 418 -39.43 47.20 -18.84
C ASP A 418 -39.53 46.30 -17.61
N ILE A 419 -38.60 46.46 -16.69
CA ILE A 419 -38.50 45.57 -15.54
C ILE A 419 -38.20 46.41 -14.31
N LEU A 420 -38.77 46.00 -13.18
CA LEU A 420 -38.48 46.59 -11.90
C LEU A 420 -38.47 45.48 -10.86
N ALA A 421 -37.42 45.44 -10.05
CA ALA A 421 -37.34 44.49 -8.96
C ALA A 421 -36.84 45.23 -7.74
N THR A 422 -37.35 44.87 -6.57
CA THR A 422 -36.95 45.53 -5.32
C THR A 422 -36.87 44.50 -4.20
N PRO A 423 -35.88 43.62 -4.26
CA PRO A 423 -35.69 42.69 -3.13
C PRO A 423 -35.15 43.43 -1.93
N SER A 424 -35.72 43.14 -0.77
CA SER A 424 -35.25 43.74 0.47
C SER A 424 -35.10 42.66 1.52
N ILE A 425 -34.20 42.90 2.47
CA ILE A 425 -33.86 41.92 3.49
C ILE A 425 -33.46 42.68 4.74
N VAL A 426 -33.84 42.16 5.90
CA VAL A 426 -33.41 42.71 7.19
C VAL A 426 -32.50 41.68 7.83
N THR A 427 -31.40 42.15 8.39
CA THR A 427 -30.46 41.25 9.03
C THR A 427 -29.61 42.00 10.04
N LEU A 428 -29.04 41.26 10.97
CA LEU A 428 -28.08 41.83 11.90
C LEU A 428 -26.78 42.12 11.20
N ASP A 429 -26.09 43.15 11.67
CA ASP A 429 -24.78 43.45 11.11
C ASP A 429 -23.83 42.27 11.33
N ASN A 430 -22.93 42.07 10.40
CA ASN A 430 -21.90 41.04 10.39
C ASN A 430 -22.50 39.65 10.20
N LYS A 431 -23.82 39.53 10.12
CA LYS A 431 -24.49 38.27 9.82
C LYS A 431 -24.92 38.27 8.36
N LEU A 432 -24.65 37.17 7.68
CA LEU A 432 -24.97 37.03 6.26
C LEU A 432 -26.42 36.64 6.06
N ALA A 433 -27.16 37.44 5.31
CA ALA A 433 -28.54 37.17 4.96
C ALA A 433 -28.64 36.93 3.47
N SER A 434 -29.59 36.08 3.08
CA SER A 434 -29.83 35.83 1.67
C SER A 434 -31.32 35.76 1.44
N PHE A 435 -31.73 36.20 0.25
CA PHE A 435 -33.13 36.26 -0.12
C PHE A 435 -33.26 35.71 -1.53
N ASN A 436 -34.01 34.63 -1.70
CA ASN A 436 -34.16 33.97 -2.98
C ASN A 436 -35.63 33.96 -3.35
N VAL A 437 -35.96 34.47 -4.52
CA VAL A 437 -37.28 34.28 -5.12
C VAL A 437 -37.06 33.86 -6.55
N GLY A 438 -37.49 32.65 -6.87
CA GLY A 438 -37.13 32.08 -8.15
C GLY A 438 -37.53 30.63 -8.20
N GLN A 439 -36.82 29.87 -9.01
CA GLN A 439 -37.11 28.45 -9.11
C GLN A 439 -35.82 27.65 -9.17
N ASP A 440 -35.90 26.43 -8.67
CA ASP A 440 -34.76 25.53 -8.53
C ASP A 440 -34.84 24.51 -9.66
N VAL A 441 -33.90 24.58 -10.59
CA VAL A 441 -33.99 23.81 -11.82
C VAL A 441 -32.85 22.79 -11.90
N PRO A 442 -33.06 21.63 -12.49
CA PRO A 442 -31.96 20.70 -12.70
C PRO A 442 -31.09 21.11 -13.88
N VAL A 443 -29.78 20.93 -13.72
CA VAL A 443 -28.83 21.18 -14.79
C VAL A 443 -27.96 19.95 -14.97
N LEU A 444 -27.69 19.60 -16.22
CA LEU A 444 -26.94 18.40 -16.54
C LEU A 444 -25.46 18.59 -16.21
N SER A 445 -24.77 17.47 -16.03
CA SER A 445 -23.33 17.51 -15.78
C SER A 445 -22.63 16.19 -16.10
N THR A 458 -26.19 12.06 -14.96
CA THR A 458 -25.83 12.89 -13.81
C THR A 458 -26.33 14.32 -13.96
N VAL A 459 -27.06 14.80 -12.96
CA VAL A 459 -27.61 16.14 -12.96
C VAL A 459 -27.24 16.85 -11.66
N GLU A 460 -27.64 18.11 -11.58
CA GLU A 460 -27.32 18.95 -10.44
C GLU A 460 -28.42 20.01 -10.32
N ARG A 461 -28.63 20.50 -9.11
CA ARG A 461 -29.72 21.42 -8.85
C ARG A 461 -29.16 22.83 -8.78
N LYS A 462 -29.85 23.77 -9.42
CA LYS A 462 -29.39 25.16 -9.49
C LYS A 462 -30.56 26.10 -9.27
N THR A 463 -30.43 26.98 -8.29
CA THR A 463 -31.46 27.98 -8.04
C THR A 463 -31.26 29.16 -8.98
N VAL A 464 -32.32 29.55 -9.68
CA VAL A 464 -32.27 30.61 -10.66
C VAL A 464 -33.46 31.53 -10.43
N GLY A 465 -33.18 32.78 -10.08
CA GLY A 465 -34.25 33.71 -9.82
C GLY A 465 -33.67 35.02 -9.32
N THR A 466 -34.50 35.81 -8.67
CA THR A 466 -34.04 37.04 -8.05
C THR A 466 -33.38 36.70 -6.72
N LYS A 467 -32.11 37.00 -6.59
CA LYS A 467 -31.33 36.61 -5.43
C LYS A 467 -30.62 37.83 -4.87
N LEU A 468 -30.63 37.95 -3.55
CA LEU A 468 -29.90 39.01 -2.87
C LEU A 468 -29.20 38.41 -1.67
N LYS A 469 -27.88 38.48 -1.66
CA LYS A 469 -27.06 37.93 -0.58
C LYS A 469 -26.15 39.04 -0.10
N VAL A 470 -26.36 39.51 1.12
CA VAL A 470 -25.68 40.69 1.63
C VAL A 470 -25.19 40.43 3.04
N THR A 471 -23.97 40.87 3.34
CA THR A 471 -23.43 40.86 4.69
C THR A 471 -23.18 42.29 5.13
N PRO A 472 -24.02 42.86 6.00
CA PRO A 472 -23.80 44.23 6.43
C PRO A 472 -22.75 44.32 7.53
N GLN A 473 -22.09 45.47 7.58
CA GLN A 473 -21.21 45.86 8.66
C GLN A 473 -21.49 47.31 8.99
N VAL A 474 -21.96 47.60 10.20
CA VAL A 474 -22.35 48.96 10.56
C VAL A 474 -21.14 49.64 11.20
N ASN A 475 -20.55 50.57 10.49
CA ASN A 475 -19.41 51.29 11.04
C ASN A 475 -19.36 52.78 10.72
N GLU A 476 -19.43 53.63 11.73
CA GLU A 476 -20.00 53.28 13.02
C GLU A 476 -20.97 54.41 13.23
N GLY A 477 -22.00 54.22 14.04
CA GLY A 477 -23.06 55.21 13.93
C GLY A 477 -23.68 55.05 12.55
N ASP A 478 -23.58 56.08 11.73
CA ASP A 478 -24.14 56.04 10.38
C ASP A 478 -23.28 55.17 9.48
N ALA A 479 -23.58 55.25 8.18
CA ALA A 479 -23.08 54.40 7.11
C ALA A 479 -23.30 52.92 7.37
N VAL A 480 -22.51 52.07 6.71
CA VAL A 480 -22.58 50.61 6.70
C VAL A 480 -21.55 50.16 5.68
N LEU A 481 -21.14 48.90 5.76
CA LEU A 481 -20.34 48.28 4.70
C LEU A 481 -21.14 47.10 4.19
N LEU A 482 -21.63 47.21 2.97
CA LEU A 482 -22.46 46.18 2.38
C LEU A 482 -21.62 45.39 1.41
N GLU A 483 -21.42 44.11 1.67
CA GLU A 483 -20.89 43.21 0.67
C GLU A 483 -22.09 42.59 -0.02
N ILE A 484 -22.35 43.01 -1.25
CA ILE A 484 -23.53 42.61 -1.99
C ILE A 484 -23.12 41.55 -2.98
N GLU A 485 -23.87 40.45 -3.02
CA GLU A 485 -23.85 39.55 -4.15
C GLU A 485 -25.30 39.34 -4.54
N GLN A 486 -25.70 39.86 -5.70
CA GLN A 486 -27.07 39.69 -6.12
C GLN A 486 -27.11 39.38 -7.59
N GLU A 487 -28.23 38.80 -8.02
CA GLU A 487 -28.44 38.61 -9.44
C GLU A 487 -29.93 38.45 -9.70
N VAL A 488 -30.31 38.72 -10.93
CA VAL A 488 -31.63 38.42 -11.43
C VAL A 488 -31.42 37.49 -12.60
N SER A 489 -31.78 36.22 -12.43
CA SER A 489 -31.57 35.21 -13.46
C SER A 489 -32.86 34.45 -13.69
N SER A 490 -32.98 33.90 -14.90
CA SER A 490 -34.19 33.19 -15.27
C SER A 490 -33.85 32.16 -16.32
N VAL A 491 -34.65 31.09 -16.37
CA VAL A 491 -34.46 30.08 -17.40
C VAL A 491 -34.86 30.66 -18.74
N ASP A 492 -34.07 30.37 -19.76
CA ASP A 492 -34.35 30.85 -21.11
C ASP A 492 -35.19 29.79 -21.81
N SER A 493 -36.44 30.13 -22.09
CA SER A 493 -37.36 29.16 -22.69
C SER A 493 -36.91 28.77 -24.09
N SER A 494 -36.58 29.76 -24.91
CA SER A 494 -36.00 29.47 -26.21
C SER A 494 -34.61 28.87 -26.06
N SER A 495 -34.13 28.25 -27.12
CA SER A 495 -32.76 27.74 -27.19
C SER A 495 -32.52 26.67 -26.13
N ASN A 496 -33.43 25.71 -26.06
CA ASN A 496 -33.15 24.54 -25.24
C ASN A 496 -32.21 23.61 -26.00
N SER A 497 -31.45 22.82 -25.25
CA SER A 497 -30.44 21.96 -25.83
C SER A 497 -30.39 20.64 -25.08
N THR A 498 -29.74 19.66 -25.69
CA THR A 498 -29.54 18.37 -25.04
C THR A 498 -28.48 18.47 -23.93
N LEU A 499 -27.65 19.51 -23.95
CA LEU A 499 -26.65 19.66 -22.90
C LEU A 499 -27.24 20.23 -21.63
N GLY A 500 -28.35 20.97 -21.73
CA GLY A 500 -29.01 21.50 -20.56
C GLY A 500 -29.68 22.81 -20.87
N PRO A 501 -30.28 23.42 -19.85
CA PRO A 501 -30.87 24.75 -20.03
C PRO A 501 -29.83 25.85 -19.99
N THR A 502 -30.13 26.94 -20.67
CA THR A 502 -29.38 28.16 -20.44
C THR A 502 -30.17 29.03 -19.47
N PHE A 503 -29.55 30.12 -19.05
CA PHE A 503 -30.17 31.03 -18.11
C PHE A 503 -29.74 32.43 -18.47
N ASN A 504 -30.66 33.38 -18.38
CA ASN A 504 -30.32 34.78 -18.58
C ASN A 504 -29.97 35.36 -17.23
N THR A 505 -28.70 35.69 -17.02
CA THR A 505 -28.22 36.13 -15.71
C THR A 505 -27.76 37.57 -15.80
N ARG A 506 -28.18 38.38 -14.83
CA ARG A 506 -27.61 39.69 -14.60
C ARG A 506 -27.06 39.70 -13.18
N THR A 507 -25.75 39.68 -13.04
CA THR A 507 -25.10 39.47 -11.76
C THR A 507 -24.19 40.64 -11.44
N ILE A 508 -24.24 41.10 -10.21
CA ILE A 508 -23.35 42.15 -9.73
C ILE A 508 -22.94 41.81 -8.30
N GLN A 509 -21.63 41.76 -8.05
CA GLN A 509 -21.13 41.51 -6.71
C GLN A 509 -20.02 42.50 -6.43
N ASN A 510 -20.20 43.27 -5.35
CA ASN A 510 -19.22 44.28 -4.97
C ASN A 510 -19.43 44.59 -3.50
N ALA A 511 -18.42 45.20 -2.90
CA ALA A 511 -18.54 45.76 -1.58
C ALA A 511 -18.64 47.28 -1.72
N VAL A 512 -19.51 47.89 -0.95
CA VAL A 512 -19.71 49.33 -1.03
C VAL A 512 -20.05 49.82 0.38
N LEU A 513 -19.78 51.09 0.63
CA LEU A 513 -20.00 51.72 1.92
C LEU A 513 -20.97 52.88 1.71
N VAL A 514 -22.16 52.74 2.27
CA VAL A 514 -23.27 53.64 1.97
C VAL A 514 -23.75 54.26 3.28
N LYS A 515 -24.13 55.52 3.24
CA LYS A 515 -24.67 56.14 4.44
C LYS A 515 -26.07 55.58 4.72
N THR A 516 -26.50 55.74 5.98
CA THR A 516 -27.62 54.96 6.49
C THR A 516 -28.93 55.25 5.81
N GLY A 517 -29.11 56.43 5.23
CA GLY A 517 -30.41 56.71 4.63
C GLY A 517 -30.43 56.78 3.13
N GLU A 518 -29.27 56.62 2.50
CA GLU A 518 -29.06 57.10 1.14
C GLU A 518 -29.24 55.97 0.12
N THR A 519 -29.79 56.33 -1.03
CA THR A 519 -29.89 55.45 -2.18
C THR A 519 -28.72 55.75 -3.11
N VAL A 520 -27.95 54.72 -3.43
CA VAL A 520 -26.74 54.89 -4.23
C VAL A 520 -26.69 53.79 -5.29
N VAL A 521 -25.95 54.06 -6.35
CA VAL A 521 -25.92 53.15 -7.50
C VAL A 521 -24.81 52.13 -7.31
N LEU A 522 -25.17 50.85 -7.42
CA LEU A 522 -24.17 49.79 -7.37
C LEU A 522 -23.49 49.59 -8.71
N GLY A 523 -24.22 49.75 -9.79
CA GLY A 523 -23.66 49.48 -11.09
C GLY A 523 -24.68 49.75 -12.17
N GLY A 524 -24.42 49.22 -13.34
CA GLY A 524 -25.35 49.41 -14.44
C GLY A 524 -24.71 49.06 -15.75
N LEU A 525 -25.55 48.91 -16.76
CA LEU A 525 -25.12 48.64 -18.11
C LEU A 525 -26.01 49.40 -19.07
N LEU A 526 -25.41 50.19 -19.94
CA LEU A 526 -26.12 50.82 -21.04
C LEU A 526 -25.59 50.20 -22.31
N ASP A 527 -26.40 49.37 -22.95
CA ASP A 527 -26.01 48.60 -24.10
C ASP A 527 -26.88 49.00 -25.27
N ASP A 528 -26.26 49.32 -26.40
CA ASP A 528 -26.99 49.83 -27.54
C ASP A 528 -26.40 49.25 -28.81
N PHE A 529 -27.27 48.86 -29.73
CA PHE A 529 -26.89 48.03 -30.86
C PHE A 529 -27.71 48.44 -32.07
N SER A 530 -27.08 48.58 -33.23
CA SER A 530 -27.79 48.90 -34.46
C SER A 530 -27.18 48.09 -35.59
N LYS A 531 -28.01 47.37 -36.30
CA LYS A 531 -27.59 46.52 -37.40
C LYS A 531 -28.24 47.03 -38.68
N GLU A 532 -27.63 46.71 -39.81
CA GLU A 532 -28.21 47.03 -41.09
C GLU A 532 -27.71 46.04 -42.12
N GLN A 533 -28.56 45.73 -43.09
CA GLN A 533 -28.16 44.93 -44.23
C GLN A 533 -28.98 45.40 -45.42
N VAL A 534 -28.34 45.49 -46.58
CA VAL A 534 -29.07 45.71 -47.82
C VAL A 534 -28.55 44.72 -48.84
N SER A 535 -29.44 44.26 -49.70
CA SER A 535 -29.09 43.48 -50.88
C SER A 535 -29.67 44.22 -52.07
N LYS A 536 -28.80 44.70 -52.95
CA LYS A 536 -29.25 45.60 -54.00
C LYS A 536 -28.67 45.19 -55.34
N VAL A 537 -29.21 45.80 -56.38
CA VAL A 537 -28.62 45.73 -57.72
C VAL A 537 -27.55 46.80 -57.82
N PRO A 538 -26.33 46.46 -58.25
CA PRO A 538 -25.16 47.28 -57.88
C PRO A 538 -25.24 48.75 -58.26
N LEU A 539 -25.54 49.08 -59.52
CA LEU A 539 -25.63 50.49 -59.87
C LEU A 539 -27.01 51.07 -59.55
N LEU A 540 -28.06 50.31 -59.86
CA LEU A 540 -29.41 50.85 -59.72
C LEU A 540 -29.77 51.09 -58.26
N GLY A 541 -29.30 50.25 -57.35
CA GLY A 541 -29.64 50.39 -55.95
C GLY A 541 -29.09 51.63 -55.29
N ASP A 542 -28.16 52.34 -55.92
CA ASP A 542 -27.57 53.53 -55.35
C ASP A 542 -28.20 54.82 -55.85
N ILE A 543 -29.15 54.74 -56.78
CA ILE A 543 -29.87 55.95 -57.19
C ILE A 543 -30.58 56.55 -55.99
N PRO A 544 -30.43 57.85 -55.72
CA PRO A 544 -30.76 58.37 -54.37
C PRO A 544 -32.16 58.04 -53.88
N LEU A 545 -33.19 58.21 -54.71
CA LEU A 545 -34.56 57.93 -54.29
C LEU A 545 -35.07 56.65 -54.91
N VAL A 546 -35.12 56.59 -56.24
CA VAL A 546 -35.60 55.41 -56.97
C VAL A 546 -34.86 54.15 -56.54
N GLY A 547 -33.62 54.29 -56.10
CA GLY A 547 -32.80 53.12 -55.77
C GLY A 547 -33.39 52.19 -54.74
N GLN A 548 -34.34 52.67 -53.94
CA GLN A 548 -34.98 51.79 -52.96
C GLN A 548 -35.85 50.73 -53.60
N LEU A 549 -36.16 50.86 -54.89
CA LEU A 549 -36.93 49.82 -55.56
C LEU A 549 -36.09 48.58 -55.81
N PHE A 550 -34.79 48.76 -56.05
CA PHE A 550 -33.94 47.63 -56.34
C PHE A 550 -33.40 46.93 -55.11
N ARG A 551 -33.15 47.66 -54.03
CA ARG A 551 -32.57 47.08 -52.83
C ARG A 551 -33.60 46.42 -51.92
N TYR A 552 -33.13 45.47 -51.13
CA TYR A 552 -33.85 44.91 -49.99
C TYR A 552 -33.12 45.28 -48.71
N THR A 553 -33.72 46.15 -47.90
CA THR A 553 -33.11 46.62 -46.67
C THR A 553 -33.71 45.87 -45.48
N SER A 554 -32.86 45.46 -44.54
CA SER A 554 -33.32 44.93 -43.27
C SER A 554 -32.54 45.62 -42.17
N THR A 555 -33.22 46.38 -41.33
CA THR A 555 -32.61 47.20 -40.30
C THR A 555 -33.02 46.65 -38.94
N GLU A 556 -32.19 46.91 -37.93
CA GLU A 556 -32.50 46.49 -36.58
C GLU A 556 -31.85 47.44 -35.61
N ARG A 557 -32.41 47.54 -34.41
CA ARG A 557 -31.85 48.36 -33.35
C ARG A 557 -32.25 47.73 -32.03
N ALA A 558 -31.45 47.99 -31.00
CA ALA A 558 -31.76 47.51 -29.67
C ALA A 558 -31.16 48.47 -28.66
N LYS A 559 -31.76 48.50 -27.48
CA LYS A 559 -31.26 49.27 -26.37
C LYS A 559 -31.53 48.51 -25.08
N ARG A 560 -30.57 48.52 -24.18
CA ARG A 560 -30.76 48.01 -22.83
C ARG A 560 -30.15 48.99 -21.87
N ASN A 561 -30.95 49.53 -20.96
CA ASN A 561 -30.44 50.43 -19.93
C ASN A 561 -30.75 49.79 -18.59
N LEU A 562 -29.72 49.34 -17.89
CA LEU A 562 -29.85 48.65 -16.62
C LEU A 562 -29.18 49.49 -15.54
N MET A 563 -29.85 49.61 -14.40
CA MET A 563 -29.31 50.29 -13.23
C MET A 563 -29.62 49.47 -12.00
N VAL A 564 -28.67 49.44 -11.07
CA VAL A 564 -28.85 48.73 -9.81
C VAL A 564 -28.55 49.71 -8.69
N PHE A 565 -29.49 49.89 -7.79
CA PHE A 565 -29.35 50.79 -6.66
C PHE A 565 -29.45 49.99 -5.37
N ILE A 566 -28.93 50.57 -4.29
CA ILE A 566 -29.00 49.93 -2.99
C ILE A 566 -29.29 51.01 -1.95
N ARG A 567 -30.31 50.80 -1.14
CA ARG A 567 -30.57 51.69 -0.01
C ARG A 567 -30.50 50.93 1.30
N PRO A 568 -29.45 51.09 2.09
CA PRO A 568 -29.45 50.54 3.44
C PRO A 568 -30.21 51.45 4.39
N THR A 569 -30.68 50.85 5.48
CA THR A 569 -31.26 51.58 6.59
C THR A 569 -30.88 50.87 7.87
N ILE A 570 -30.41 51.61 8.87
CA ILE A 570 -29.96 51.01 10.11
C ILE A 570 -31.09 51.07 11.13
N ILE A 571 -31.36 49.94 11.78
CA ILE A 571 -32.30 49.87 12.88
C ILE A 571 -31.49 49.84 14.16
N ARG A 572 -31.50 50.95 14.91
CA ARG A 572 -30.82 51.00 16.19
C ARG A 572 -31.66 50.41 17.30
N ASP A 573 -32.96 50.71 17.31
CA ASP A 573 -33.84 50.31 18.39
C ASP A 573 -35.15 49.79 17.83
N ASP A 574 -35.96 49.20 18.71
CA ASP A 574 -37.24 48.64 18.29
C ASP A 574 -38.15 49.70 17.70
N ASP A 575 -38.21 50.87 18.33
CA ASP A 575 -39.23 51.85 17.96
C ASP A 575 -39.11 52.32 16.53
N VAL A 576 -37.89 52.33 15.98
CA VAL A 576 -37.75 52.69 14.57
C VAL A 576 -38.06 51.50 13.68
N TYR A 577 -38.03 50.29 14.22
CA TYR A 577 -38.26 49.10 13.43
C TYR A 577 -39.71 48.66 13.45
N ARG A 578 -40.54 49.24 14.32
CA ARG A 578 -41.98 49.21 14.09
C ARG A 578 -42.36 50.13 12.94
N SER A 579 -41.97 51.39 13.03
CA SER A 579 -42.36 52.37 12.02
C SER A 579 -41.88 51.96 10.65
N LEU A 580 -40.71 51.35 10.58
CA LEU A 580 -40.22 50.81 9.32
C LEU A 580 -41.06 49.63 8.86
N SER A 581 -41.46 48.78 9.81
CA SER A 581 -42.32 47.65 9.48
C SER A 581 -43.77 48.06 9.33
N LYS A 582 -44.21 49.06 10.09
CA LYS A 582 -45.59 49.52 10.01
C LYS A 582 -45.89 50.16 8.68
N GLU A 583 -44.92 50.84 8.07
CA GLU A 583 -45.21 51.49 6.80
C GLU A 583 -45.19 50.52 5.64
N LYS A 584 -44.45 49.41 5.76
CA LYS A 584 -44.56 48.36 4.76
C LYS A 584 -45.80 47.51 4.99
N TYR A 585 -46.14 47.28 6.25
CA TYR A 585 -47.34 46.51 6.58
C TYR A 585 -48.59 47.25 6.13
N THR A 586 -48.60 48.57 6.29
CA THR A 586 -49.76 49.37 5.91
C THR A 586 -49.79 49.65 4.41
N ARG A 587 -48.64 50.00 3.82
CA ARG A 587 -48.62 50.23 2.39
C ARG A 587 -49.00 48.98 1.61
N TYR A 588 -48.71 47.80 2.18
CA TYR A 588 -49.16 46.57 1.55
C TYR A 588 -50.63 46.32 1.83
N ARG A 589 -51.07 46.64 3.05
CA ARG A 589 -52.47 46.46 3.41
C ARG A 589 -53.36 47.42 2.63
N GLN A 590 -52.96 48.69 2.56
CA GLN A 590 -53.72 49.66 1.79
C GLN A 590 -53.69 49.36 0.30
N GLU A 591 -52.72 48.57 -0.16
CA GLU A 591 -52.74 48.15 -1.55
C GLU A 591 -53.72 47.00 -1.77
N GLN A 592 -53.81 46.08 -0.81
CA GLN A 592 -54.83 45.04 -0.90
C GLN A 592 -56.23 45.63 -0.82
N GLN A 593 -56.44 46.58 0.09
CA GLN A 593 -57.76 47.20 0.19
C GLN A 593 -58.10 47.98 -1.07
N GLN A 594 -57.10 48.52 -1.76
CA GLN A 594 -57.37 49.19 -3.02
C GLN A 594 -57.77 48.19 -4.10
N ARG A 595 -57.17 47.00 -4.07
CA ARG A 595 -57.51 45.98 -5.05
C ARG A 595 -58.90 45.40 -4.81
N ILE A 596 -59.35 45.38 -3.55
CA ILE A 596 -60.70 44.93 -3.26
C ILE A 596 -61.72 45.93 -3.78
N ASP A 597 -61.41 47.22 -3.64
CA ASP A 597 -62.30 48.25 -4.18
C ASP A 597 -62.12 48.46 -5.67
N GLY A 598 -60.97 48.04 -6.23
CA GLY A 598 -60.75 48.20 -7.65
C GLY A 598 -61.53 47.24 -8.50
N LYS A 599 -61.90 46.08 -7.96
CA LYS A 599 -62.75 45.17 -8.70
C LYS A 599 -64.18 45.67 -8.71
N SER A 600 -64.84 45.56 -9.86
CA SER A 600 -66.18 46.07 -10.03
C SER A 600 -67.20 44.94 -9.89
N LYS A 601 -68.28 45.23 -9.17
CA LYS A 601 -69.41 44.32 -9.13
C LYS A 601 -70.08 44.26 -10.50
N ALA A 602 -70.87 43.22 -10.70
CA ALA A 602 -71.57 42.86 -11.93
C ALA A 602 -70.65 42.13 -12.89
N LEU A 603 -69.38 41.94 -12.54
CA LEU A 603 -68.51 40.99 -13.21
C LEU A 603 -68.02 39.98 -12.21
N VAL A 604 -67.95 38.71 -12.63
CA VAL A 604 -67.47 37.66 -11.75
C VAL A 604 -65.98 37.84 -11.51
N GLY A 605 -65.59 37.75 -10.23
CA GLY A 605 -64.18 37.87 -9.88
C GLY A 605 -63.88 37.05 -8.65
N SER A 606 -62.59 36.95 -8.36
CA SER A 606 -62.15 36.17 -7.21
C SER A 606 -62.59 36.84 -5.92
N GLU A 607 -63.02 36.03 -4.96
CA GLU A 607 -63.31 36.55 -3.64
C GLU A 607 -62.02 36.86 -2.91
N ASP A 608 -61.97 38.01 -2.26
CA ASP A 608 -60.74 38.52 -1.69
C ASP A 608 -60.32 37.71 -0.47
N LEU A 609 -59.03 37.75 -0.16
CA LEU A 609 -58.56 37.20 1.09
C LEU A 609 -58.89 38.17 2.22
N PRO A 610 -58.83 37.70 3.47
CA PRO A 610 -58.78 38.66 4.58
C PRO A 610 -57.50 39.47 4.49
N VAL A 611 -57.64 40.78 4.63
CA VAL A 611 -56.52 41.68 4.41
C VAL A 611 -55.81 41.93 5.73
N LEU A 612 -54.65 41.30 5.88
CA LEU A 612 -53.78 41.42 7.05
C LEU A 612 -54.56 41.45 8.35
N ASP A 613 -54.21 42.37 9.25
CA ASP A 613 -54.93 42.60 10.49
C ASP A 613 -54.89 44.09 10.79
N GLU A 614 -56.04 44.61 11.21
CA GLU A 614 -56.13 46.04 11.53
C GLU A 614 -55.54 46.38 12.88
N ASN A 615 -55.72 45.51 13.88
CA ASN A 615 -55.26 45.81 15.22
C ASN A 615 -53.75 45.76 15.38
N THR A 616 -53.04 45.14 14.43
CA THR A 616 -51.59 45.10 14.52
C THR A 616 -51.02 46.51 14.46
N PHE A 617 -49.97 46.76 15.22
CA PHE A 617 -49.37 48.08 15.38
C PHE A 617 -50.35 49.06 16.02
N GLY B 99 18.66 -8.44 112.29
CA GLY B 99 19.55 -7.40 112.76
C GLY B 99 20.98 -7.52 112.23
N ASP B 100 21.75 -8.39 112.87
CA ASP B 100 23.14 -8.63 112.48
C ASP B 100 23.27 -9.83 111.56
N GLU B 101 22.15 -10.42 111.13
CA GLU B 101 22.20 -11.71 110.46
C GLU B 101 22.73 -11.55 109.04
N LEU B 102 23.86 -12.21 108.76
CA LEU B 102 24.56 -12.04 107.50
C LEU B 102 24.07 -13.10 106.52
N VAL B 103 23.36 -12.65 105.50
CA VAL B 103 22.81 -13.56 104.48
C VAL B 103 22.95 -12.90 103.12
N THR B 104 22.99 -13.72 102.09
CA THR B 104 23.01 -13.27 100.71
C THR B 104 21.62 -13.40 100.10
N ARG B 105 21.18 -12.32 99.49
CA ARG B 105 19.85 -12.26 98.89
C ARG B 105 19.96 -11.36 97.67
N ILE B 106 19.18 -11.71 96.64
CA ILE B 106 19.48 -11.33 95.27
C ILE B 106 18.21 -10.80 94.61
N VAL B 107 18.23 -9.52 94.22
CA VAL B 107 17.14 -8.89 93.49
C VAL B 107 17.65 -8.36 92.15
N PRO B 108 17.07 -8.77 91.02
CA PRO B 108 17.40 -8.12 89.75
C PRO B 108 16.78 -6.74 89.62
N LEU B 109 17.41 -5.89 88.81
CA LEU B 109 16.77 -4.73 88.20
C LEU B 109 16.46 -5.12 86.76
N GLU B 110 15.18 -5.41 86.47
CA GLU B 110 14.87 -5.88 85.12
C GLU B 110 14.74 -4.72 84.16
N ASN B 111 14.08 -3.64 84.60
CA ASN B 111 13.84 -2.46 83.80
C ASN B 111 15.13 -1.86 83.25
N VAL B 112 16.18 -1.78 84.07
CA VAL B 112 17.42 -1.09 83.74
C VAL B 112 18.55 -2.12 83.88
N PRO B 113 19.70 -1.95 83.23
CA PRO B 113 20.88 -2.69 83.69
C PRO B 113 21.31 -2.21 85.07
N ALA B 114 21.51 -3.17 85.98
CA ALA B 114 21.72 -2.87 87.39
C ALA B 114 23.03 -2.13 87.66
N ARG B 115 23.87 -1.97 86.64
CA ARG B 115 25.20 -1.37 86.79
C ARG B 115 25.13 -0.06 87.58
N ASP B 116 24.09 0.75 87.35
CA ASP B 116 23.94 2.08 87.94
C ASP B 116 23.85 2.07 89.47
N LEU B 117 23.66 0.91 90.11
CA LEU B 117 23.69 0.89 91.57
C LEU B 117 25.03 0.49 92.16
N ALA B 118 26.06 0.27 91.33
CA ALA B 118 27.37 -0.13 91.87
C ALA B 118 27.98 0.93 92.78
N PRO B 119 28.04 2.21 92.44
CA PRO B 119 28.46 3.20 93.45
C PRO B 119 27.49 3.30 94.61
N LEU B 120 26.19 3.13 94.37
CA LEU B 120 25.22 3.28 95.44
C LEU B 120 25.32 2.15 96.45
N LEU B 121 25.30 0.89 95.96
CA LEU B 121 25.15 -0.26 96.85
C LEU B 121 26.46 -0.69 97.50
N ARG B 122 27.56 -0.69 96.75
CA ARG B 122 28.85 -0.83 97.42
C ARG B 122 29.21 0.44 98.17
N GLN B 123 28.54 1.55 97.87
CA GLN B 123 28.55 2.66 98.81
C GLN B 123 27.81 2.29 100.09
N MET B 124 26.80 1.41 99.99
CA MET B 124 26.10 0.97 101.21
C MET B 124 26.87 -0.11 101.95
N MET B 125 27.69 -0.91 101.25
CA MET B 125 28.83 -1.54 101.91
C MET B 125 29.64 -0.50 102.65
N ASP B 126 30.05 0.54 101.93
CA ASP B 126 30.84 1.65 102.43
C ASP B 126 30.05 2.55 103.39
N ALA B 127 28.76 2.27 103.58
CA ALA B 127 27.98 3.02 104.56
C ALA B 127 28.27 2.61 105.99
N GLY B 128 28.41 1.32 106.26
CA GLY B 128 28.51 0.86 107.63
C GLY B 128 29.37 -0.38 107.73
N SER B 129 29.52 -0.87 108.96
CA SER B 129 30.52 -1.89 109.26
C SER B 129 30.37 -3.09 108.33
N VAL B 130 31.50 -3.49 107.74
CA VAL B 130 31.54 -4.24 106.49
C VAL B 130 31.32 -5.71 106.79
N GLY B 131 31.62 -6.58 105.82
CA GLY B 131 31.00 -7.88 105.70
C GLY B 131 30.00 -7.95 104.57
N ASN B 132 30.05 -7.01 103.64
CA ASN B 132 29.06 -6.88 102.57
C ASN B 132 29.69 -7.25 101.24
N VAL B 133 28.84 -7.74 100.34
CA VAL B 133 29.16 -7.93 98.92
C VAL B 133 27.97 -7.47 98.09
N VAL B 134 28.27 -6.74 97.03
CA VAL B 134 27.29 -6.41 96.00
C VAL B 134 27.94 -6.81 94.68
N HIS B 135 27.16 -7.42 93.79
CA HIS B 135 27.74 -7.98 92.57
C HIS B 135 26.62 -8.10 91.52
N TYR B 136 27.03 -8.29 90.26
CA TYR B 136 26.20 -7.96 89.11
C TYR B 136 26.30 -9.04 88.05
N GLU B 137 25.14 -9.64 87.67
CA GLU B 137 25.30 -10.53 86.52
C GLU B 137 25.01 -9.80 85.22
N PRO B 138 25.53 -10.33 84.08
CA PRO B 138 25.12 -9.80 82.77
C PRO B 138 23.61 -9.86 82.60
N SER B 139 23.03 -10.93 83.11
CA SER B 139 21.59 -11.17 83.09
C SER B 139 20.85 -10.13 83.92
N ASN B 140 21.61 -9.23 84.56
CA ASN B 140 21.08 -8.05 85.24
C ASN B 140 20.29 -8.42 86.49
N VAL B 141 20.72 -9.47 87.18
CA VAL B 141 20.32 -9.72 88.55
C VAL B 141 21.40 -9.14 89.45
N LEU B 142 20.96 -8.59 90.58
CA LEU B 142 21.86 -7.89 91.48
C LEU B 142 21.96 -8.68 92.78
N ILE B 143 23.13 -9.27 93.02
CA ILE B 143 23.30 -10.24 94.09
C ILE B 143 24.00 -9.60 95.28
N LEU B 144 23.43 -9.83 96.47
CA LEU B 144 23.90 -9.17 97.68
C LEU B 144 24.30 -10.17 98.75
N THR B 145 25.16 -9.70 99.64
CA THR B 145 25.56 -10.38 100.85
C THR B 145 25.70 -9.33 101.95
N GLY B 146 25.10 -9.57 103.11
CA GLY B 146 25.31 -8.64 104.21
C GLY B 146 24.40 -8.92 105.39
N ARG B 147 24.66 -8.19 106.47
CA ARG B 147 23.84 -8.28 107.66
C ARG B 147 22.46 -7.69 107.40
N ALA B 148 21.51 -8.04 108.30
CA ALA B 148 20.09 -7.92 108.01
C ALA B 148 19.65 -6.47 107.73
N SER B 149 20.21 -5.49 108.44
CA SER B 149 19.78 -4.11 108.21
C SER B 149 20.39 -3.52 106.94
N THR B 150 21.71 -3.61 106.81
CA THR B 150 22.38 -3.12 105.61
C THR B 150 21.73 -3.69 104.37
N ILE B 151 21.34 -4.97 104.43
CA ILE B 151 20.63 -5.54 103.29
C ILE B 151 19.18 -5.08 103.25
N ASN B 152 18.56 -4.78 104.39
CA ASN B 152 17.22 -4.19 104.34
C ASN B 152 17.21 -3.00 103.40
N LYS B 153 18.09 -2.03 103.64
CA LYS B 153 18.02 -0.82 102.84
C LYS B 153 18.82 -0.95 101.54
N LEU B 154 19.68 -1.96 101.42
CA LEU B 154 20.23 -2.32 100.10
C LEU B 154 19.17 -2.86 99.17
N ILE B 155 18.49 -3.94 99.56
CA ILE B 155 17.44 -4.50 98.72
C ILE B 155 16.31 -3.50 98.54
N GLU B 156 16.09 -2.63 99.53
CA GLU B 156 15.28 -1.44 99.31
C GLU B 156 15.75 -0.68 98.09
N VAL B 157 17.06 -0.34 98.03
CA VAL B 157 17.55 0.38 96.87
C VAL B 157 17.22 -0.38 95.60
N ILE B 158 17.32 -1.71 95.65
CA ILE B 158 17.33 -2.48 94.41
C ILE B 158 15.92 -2.62 93.82
N LYS B 159 14.95 -3.07 94.62
CA LYS B 159 13.59 -3.06 94.09
C LYS B 159 13.16 -1.64 93.75
N ARG B 160 13.58 -0.68 94.58
CA ARG B 160 13.37 0.72 94.25
C ARG B 160 13.79 1.00 92.82
N VAL B 161 15.09 0.94 92.52
CA VAL B 161 15.58 1.31 91.20
C VAL B 161 14.93 0.45 90.11
N ASP B 162 14.46 -0.73 90.47
CA ASP B 162 13.62 -1.50 89.54
C ASP B 162 12.36 -0.73 89.15
N VAL B 163 11.44 -0.56 90.09
CA VAL B 163 10.12 -0.06 89.72
C VAL B 163 10.13 1.46 89.55
N ILE B 164 11.24 2.09 89.90
CA ILE B 164 11.42 3.51 89.56
C ILE B 164 12.26 3.63 88.30
N GLY B 165 12.77 2.51 87.82
CA GLY B 165 13.28 2.45 86.47
C GLY B 165 12.27 1.84 85.52
N THR B 166 11.02 1.74 85.97
CA THR B 166 9.95 1.17 85.15
C THR B 166 9.82 1.84 83.78
N GLU B 167 9.88 1.02 82.74
CA GLU B 167 9.11 1.24 81.53
C GLU B 167 8.69 -0.12 80.97
N LYS B 168 7.38 -0.26 80.76
CA LYS B 168 6.74 -1.56 80.64
C LYS B 168 5.64 -1.50 79.58
N GLN B 169 5.27 -2.67 79.07
CA GLN B 169 4.61 -2.79 77.78
C GLN B 169 3.09 -2.79 77.93
N GLN B 170 2.42 -2.21 76.93
CA GLN B 170 0.98 -2.42 76.80
C GLN B 170 0.60 -2.24 75.35
N ILE B 171 -0.37 -3.02 74.90
CA ILE B 171 -0.88 -2.81 73.54
C ILE B 171 -2.38 -2.64 73.66
N ILE B 172 -2.90 -1.66 72.92
CA ILE B 172 -4.22 -1.12 73.17
C ILE B 172 -4.99 -1.08 71.85
N HIS B 173 -6.31 -1.12 71.94
CA HIS B 173 -7.17 -1.08 70.76
C HIS B 173 -7.13 0.31 70.10
N LEU B 174 -7.51 0.35 68.83
CA LEU B 174 -7.95 1.57 68.17
C LEU B 174 -9.39 1.36 67.71
N GLU B 175 -10.29 2.20 68.20
CA GLU B 175 -11.72 1.97 68.03
C GLU B 175 -12.19 2.12 66.58
N TYR B 176 -11.97 3.29 65.98
CA TYR B 176 -12.44 3.59 64.63
C TYR B 176 -11.31 4.03 63.73
N ALA B 177 -10.69 5.14 64.11
CA ALA B 177 -9.70 5.82 63.28
C ALA B 177 -8.62 4.85 62.80
N SER B 178 -8.25 5.01 61.54
CA SER B 178 -7.21 4.18 60.93
C SER B 178 -5.89 4.31 61.68
N ALA B 179 -5.16 3.19 61.72
CA ALA B 179 -3.99 3.10 62.60
C ALA B 179 -2.84 3.95 62.09
N GLU B 180 -2.54 3.85 60.79
CA GLU B 180 -1.49 4.64 60.17
C GLU B 180 -1.58 6.11 60.55
N ASP B 181 -2.77 6.68 60.63
CA ASP B 181 -2.89 8.09 60.97
C ASP B 181 -2.32 8.35 62.36
N LEU B 182 -3.04 7.89 63.38
CA LEU B 182 -2.64 8.14 64.75
C LEU B 182 -1.16 7.78 64.96
N ALA B 183 -0.69 6.76 64.26
CA ALA B 183 0.74 6.64 64.05
C ALA B 183 1.31 7.99 63.62
N GLU B 184 0.95 8.44 62.41
CA GLU B 184 1.66 9.56 61.80
C GLU B 184 1.76 10.72 62.77
N ILE B 185 0.68 11.01 63.49
CA ILE B 185 0.76 12.12 64.42
C ILE B 185 1.72 11.79 65.55
N LEU B 186 1.52 10.68 66.25
CA LEU B 186 2.19 10.52 67.52
C LEU B 186 3.66 10.20 67.33
N ASN B 187 3.99 9.46 66.26
CA ASN B 187 5.37 9.16 65.93
C ASN B 187 6.21 10.42 66.02
N GLN B 188 5.95 11.35 65.11
CA GLN B 188 6.68 12.58 64.92
C GLN B 188 6.48 13.57 66.04
N LEU B 189 5.64 13.25 67.03
CA LEU B 189 5.62 13.98 68.30
C LEU B 189 6.75 13.50 69.18
N ILE B 190 7.67 14.40 69.50
CA ILE B 190 8.75 14.09 70.42
C ILE B 190 9.04 15.36 71.23
N LYS B 206 7.79 2.85 72.08
CA LYS B 206 7.59 3.30 70.71
C LYS B 206 6.10 3.31 70.37
N ILE B 207 5.76 3.48 69.10
CA ILE B 207 4.38 3.59 68.65
C ILE B 207 4.16 2.63 67.51
N VAL B 208 3.22 1.69 67.68
CA VAL B 208 2.95 0.69 66.66
C VAL B 208 1.48 0.75 66.25
N ALA B 209 1.22 0.55 64.97
CA ALA B 209 -0.12 0.56 64.41
C ALA B 209 -0.55 -0.84 63.99
N ASP B 210 -1.86 -1.08 64.00
CA ASP B 210 -2.48 -2.24 63.36
C ASP B 210 -3.72 -1.78 62.61
N LYS B 211 -3.74 -2.01 61.30
CA LYS B 211 -4.97 -1.85 60.54
C LYS B 211 -5.86 -3.09 60.64
N ARG B 212 -5.27 -4.29 60.57
CA ARG B 212 -6.09 -5.50 60.50
C ARG B 212 -7.00 -5.62 61.71
N THR B 213 -6.44 -5.60 62.92
CA THR B 213 -7.28 -5.46 64.09
C THR B 213 -7.32 -4.03 64.63
N ASN B 214 -6.59 -3.09 64.02
CA ASN B 214 -6.69 -1.67 64.34
C ASN B 214 -6.33 -1.39 65.80
N SER B 215 -5.04 -1.49 66.11
CA SER B 215 -4.57 -1.30 67.48
C SER B 215 -3.47 -0.25 67.54
N LEU B 216 -3.53 0.62 68.55
CA LEU B 216 -2.37 1.41 68.92
C LEU B 216 -1.60 0.72 70.02
N ILE B 217 -0.32 0.51 69.78
CA ILE B 217 0.55 -0.28 70.65
C ILE B 217 1.62 0.64 71.21
N ILE B 218 1.89 0.51 72.51
CA ILE B 218 2.65 1.56 73.18
C ILE B 218 3.52 0.98 74.29
N SER B 219 4.72 1.55 74.39
CA SER B 219 5.70 1.23 75.41
C SER B 219 6.02 2.47 76.25
N GLY B 220 6.55 2.21 77.43
CA GLY B 220 7.03 3.24 78.31
C GLY B 220 6.80 2.85 79.75
N PRO B 221 7.02 3.76 80.68
CA PRO B 221 6.59 3.54 82.07
C PRO B 221 5.08 3.47 82.15
N GLU B 222 4.58 3.40 83.40
CA GLU B 222 3.16 3.63 83.60
C GLU B 222 2.82 5.09 83.30
N LYS B 223 3.78 5.99 83.48
CA LYS B 223 3.53 7.38 83.13
C LYS B 223 3.52 7.59 81.62
N ALA B 224 4.23 6.74 80.88
CA ALA B 224 4.01 6.74 79.43
C ALA B 224 2.66 6.16 79.10
N ARG B 225 2.29 5.08 79.80
CA ARG B 225 0.94 4.56 79.68
C ARG B 225 -0.08 5.68 79.80
N GLN B 226 -0.01 6.46 80.89
CA GLN B 226 -1.03 7.46 81.16
C GLN B 226 -0.96 8.61 80.17
N ARG B 227 0.24 9.14 79.91
CA ARG B 227 0.35 10.31 79.06
C ARG B 227 -0.20 10.01 77.66
N ILE B 228 0.10 8.83 77.14
CA ILE B 228 -0.33 8.57 75.77
C ILE B 228 -1.71 7.94 75.76
N THR B 229 -2.22 7.49 76.91
CA THR B 229 -3.65 7.21 76.99
C THR B 229 -4.44 8.51 76.98
N SER B 230 -3.82 9.60 77.41
CA SER B 230 -4.48 10.90 77.34
C SER B 230 -4.39 11.48 75.95
N LEU B 231 -3.30 11.22 75.23
CA LEU B 231 -3.32 11.50 73.80
C LEU B 231 -4.39 10.69 73.09
N LEU B 232 -4.47 9.39 73.40
CA LEU B 232 -5.56 8.60 72.85
C LEU B 232 -6.90 9.23 73.14
N LYS B 233 -7.20 9.47 74.41
CA LYS B 233 -8.49 10.03 74.75
C LYS B 233 -8.72 11.35 74.02
N SER B 234 -7.64 12.07 73.73
CA SER B 234 -7.76 13.20 72.80
C SER B 234 -8.41 12.74 71.51
N LEU B 235 -7.74 11.91 70.71
CA LEU B 235 -8.43 11.35 69.55
C LEU B 235 -8.61 9.84 69.71
N ASP B 236 -9.79 9.47 70.21
CA ASP B 236 -10.43 8.21 69.89
C ASP B 236 -11.60 8.41 68.95
N VAL B 237 -11.94 9.65 68.62
CA VAL B 237 -13.25 9.94 68.03
C VAL B 237 -13.21 9.74 66.52
N GLU B 238 -14.27 9.14 66.00
CA GLU B 238 -14.40 9.01 64.56
C GLU B 238 -14.98 10.31 64.02
N GLU B 239 -14.29 10.90 63.06
CA GLU B 239 -14.71 12.16 62.49
C GLU B 239 -16.04 12.02 61.77
N SER B 240 -16.88 13.04 61.88
CA SER B 240 -18.14 13.05 61.15
C SER B 240 -17.85 13.57 59.76
N GLU B 241 -17.15 12.75 58.97
CA GLU B 241 -16.74 13.12 57.63
C GLU B 241 -17.95 13.50 56.78
N GLU B 242 -19.05 12.76 56.96
CA GLU B 242 -20.27 12.97 56.18
C GLU B 242 -20.06 12.35 54.81
N GLY B 243 -20.95 12.68 53.87
CA GLY B 243 -20.80 12.14 52.54
C GLY B 243 -19.75 12.85 51.71
N ASN B 244 -18.93 12.07 51.01
CA ASN B 244 -18.03 12.61 50.00
C ASN B 244 -18.73 12.92 48.69
N THR B 245 -19.65 12.06 48.30
CA THR B 245 -20.34 12.18 47.02
C THR B 245 -21.79 12.60 47.20
N ARG B 246 -22.20 13.62 46.45
CA ARG B 246 -23.58 14.03 46.41
C ARG B 246 -24.19 13.70 45.06
N VAL B 247 -25.49 13.45 45.07
CA VAL B 247 -26.26 13.20 43.85
C VAL B 247 -27.27 14.32 43.73
N TYR B 248 -27.09 15.17 42.73
CA TYR B 248 -27.98 16.30 42.49
C TYR B 248 -29.06 15.88 41.51
N TYR B 249 -30.31 16.13 41.87
CA TYR B 249 -31.42 15.90 40.96
C TYR B 249 -31.66 17.20 40.20
N LEU B 250 -31.35 17.19 38.92
CA LEU B 250 -31.49 18.40 38.12
C LEU B 250 -32.94 18.57 37.72
N LYS B 251 -33.42 19.80 37.80
CA LYS B 251 -34.72 20.16 37.27
C LYS B 251 -34.53 21.33 36.32
N TYR B 252 -34.93 21.13 35.06
CA TYR B 252 -34.84 22.04 33.92
C TYR B 252 -33.52 21.92 33.18
N ALA B 253 -32.56 21.16 33.69
CA ALA B 253 -31.29 20.95 33.00
C ALA B 253 -31.11 19.48 32.67
N LYS B 254 -30.28 19.22 31.67
CA LYS B 254 -30.01 17.86 31.21
C LYS B 254 -28.65 17.45 31.73
N ALA B 255 -28.60 16.35 32.46
CA ALA B 255 -27.42 15.98 33.22
C ALA B 255 -26.19 15.77 32.36
N THR B 256 -26.38 15.15 31.18
CA THR B 256 -25.28 14.88 30.27
C THR B 256 -24.72 16.20 29.75
N ASN B 257 -25.60 17.14 29.45
CA ASN B 257 -25.19 18.47 29.01
C ASN B 257 -24.42 19.19 30.09
N LEU B 258 -24.94 19.14 31.30
CA LEU B 258 -24.36 19.83 32.43
C LEU B 258 -22.98 19.29 32.72
N VAL B 259 -22.80 18.00 32.54
CA VAL B 259 -21.52 17.39 32.88
C VAL B 259 -20.40 18.02 32.08
N GLU B 260 -20.60 18.24 30.78
CA GLU B 260 -19.53 18.79 29.97
C GLU B 260 -19.14 20.18 30.48
N VAL B 261 -20.14 21.01 30.76
CA VAL B 261 -19.88 22.35 31.24
C VAL B 261 -19.16 22.32 32.58
N LEU B 262 -19.58 21.43 33.44
CA LEU B 262 -19.02 21.28 34.77
C LEU B 262 -17.57 20.84 34.70
N THR B 263 -17.28 19.99 33.72
CA THR B 263 -16.01 19.30 33.66
C THR B 263 -14.91 20.34 33.59
N GLY B 264 -15.14 21.41 32.84
CA GLY B 264 -14.11 22.42 32.75
C GLY B 264 -13.89 23.08 34.12
N VAL B 265 -14.98 23.37 34.83
CA VAL B 265 -14.89 24.02 36.14
C VAL B 265 -14.15 23.17 37.14
N SER B 266 -14.42 21.88 37.09
CA SER B 266 -13.77 20.95 37.97
C SER B 266 -12.34 20.71 37.47
N GLU B 267 -12.15 20.72 36.12
CA GLU B 267 -10.86 20.40 35.53
C GLU B 267 -10.03 21.68 35.51
N VAL B 288 -11.68 16.56 41.39
CA VAL B 288 -13.13 16.44 41.40
C VAL B 288 -13.63 15.64 40.20
N ALA B 289 -14.60 14.77 40.43
CA ALA B 289 -15.17 13.96 39.37
C ALA B 289 -16.66 14.26 39.22
N ILE B 290 -17.07 14.61 38.00
CA ILE B 290 -18.47 14.90 37.72
C ILE B 290 -18.92 13.91 36.65
N THR B 291 -19.98 13.17 36.95
CA THR B 291 -20.58 12.27 35.97
C THR B 291 -22.09 12.26 36.16
N ALA B 292 -22.79 11.89 35.11
CA ALA B 292 -24.24 12.01 35.05
C ALA B 292 -24.91 10.68 34.86
N ASP B 293 -26.11 10.56 35.41
CA ASP B 293 -26.98 9.41 35.18
C ASP B 293 -28.05 9.84 34.18
N GLU B 294 -27.97 9.29 32.97
CA GLU B 294 -28.90 9.70 31.93
C GLU B 294 -30.32 9.19 32.18
N GLN B 295 -30.47 8.16 33.02
CA GLN B 295 -31.81 7.63 33.28
C GLN B 295 -32.59 8.56 34.20
N THR B 296 -32.14 8.69 35.45
CA THR B 296 -32.81 9.55 36.40
C THR B 296 -32.58 11.03 36.15
N ASN B 297 -31.70 11.38 35.22
CA ASN B 297 -31.33 12.77 34.95
C ASN B 297 -30.81 13.43 36.23
N SER B 298 -29.84 12.77 36.84
CA SER B 298 -29.20 13.27 38.04
C SER B 298 -27.70 13.36 37.82
N LEU B 299 -27.07 14.25 38.57
CA LEU B 299 -25.66 14.56 38.38
C LEU B 299 -24.91 14.15 39.62
N VAL B 300 -23.79 13.45 39.45
CA VAL B 300 -23.04 12.87 40.55
C VAL B 300 -21.69 13.59 40.63
N ILE B 301 -21.48 14.34 41.70
CA ILE B 301 -20.23 15.04 41.95
C ILE B 301 -19.62 14.51 43.23
N THR B 302 -18.38 14.01 43.13
CA THR B 302 -17.61 13.63 44.29
C THR B 302 -16.40 14.54 44.41
N ALA B 303 -16.24 15.14 45.58
CA ALA B 303 -15.23 16.19 45.79
C ALA B 303 -15.27 16.60 47.26
N ASP B 304 -14.32 17.45 47.62
CA ASP B 304 -14.23 17.94 48.99
C ASP B 304 -15.48 18.76 49.34
N GLN B 305 -15.79 18.80 50.64
CA GLN B 305 -16.90 19.61 51.12
C GLN B 305 -16.80 21.06 50.65
N SER B 306 -15.58 21.55 50.43
CA SER B 306 -15.41 22.92 49.94
C SER B 306 -15.88 23.05 48.50
N VAL B 307 -15.45 22.12 47.64
CA VAL B 307 -15.86 22.15 46.24
C VAL B 307 -17.35 21.91 46.11
N GLN B 308 -17.91 21.02 46.93
CA GLN B 308 -19.33 20.71 46.87
C GLN B 308 -20.18 21.97 47.06
N GLU B 309 -19.84 22.78 48.07
CA GLU B 309 -20.63 23.96 48.34
C GLU B 309 -20.47 25.01 47.24
N LYS B 310 -19.34 24.99 46.53
CA LYS B 310 -19.16 25.93 45.43
C LYS B 310 -19.86 25.45 44.16
N LEU B 311 -19.76 24.16 43.84
CA LEU B 311 -20.50 23.64 42.69
C LEU B 311 -22.00 23.59 42.93
N ALA B 312 -22.43 23.59 44.19
CA ALA B 312 -23.87 23.62 44.45
C ALA B 312 -24.48 24.94 44.03
N THR B 313 -23.72 26.03 44.09
CA THR B 313 -24.21 27.32 43.62
C THR B 313 -24.09 27.44 42.11
N VAL B 314 -23.03 26.88 41.53
CA VAL B 314 -22.86 26.92 40.08
C VAL B 314 -24.00 26.17 39.41
N ILE B 315 -24.36 25.01 39.94
CA ILE B 315 -25.45 24.24 39.36
C ILE B 315 -26.78 24.97 39.55
N ALA B 316 -27.01 25.53 40.73
CA ALA B 316 -28.25 26.25 40.96
C ALA B 316 -28.40 27.44 40.01
N ARG B 317 -27.28 28.07 39.66
CA ARG B 317 -27.32 29.15 38.68
C ARG B 317 -27.58 28.62 37.29
N LEU B 318 -27.04 27.45 36.99
CA LEU B 318 -27.02 26.91 35.64
C LEU B 318 -28.20 25.99 35.37
N ASP B 319 -29.04 25.76 36.37
CA ASP B 319 -30.17 24.83 36.31
C ASP B 319 -31.48 25.55 36.02
N ILE B 320 -31.44 26.85 35.71
CA ILE B 320 -32.67 27.65 35.72
C ILE B 320 -33.62 27.22 34.61
N ARG B 321 -34.87 27.61 34.78
CA ARG B 321 -35.89 27.38 33.77
C ARG B 321 -35.70 28.32 32.59
N ARG B 322 -35.89 27.79 31.39
CA ARG B 322 -35.61 28.50 30.16
C ARG B 322 -36.91 28.87 29.45
N ALA B 323 -36.91 30.04 28.81
CA ALA B 323 -38.11 30.60 28.22
C ALA B 323 -38.44 29.93 26.89
N GLN B 324 -39.71 30.02 26.52
CA GLN B 324 -40.24 29.51 25.26
C GLN B 324 -40.64 30.67 24.37
N VAL B 325 -40.58 30.46 23.06
CA VAL B 325 -40.89 31.50 22.10
C VAL B 325 -41.89 30.95 21.09
N LEU B 326 -43.02 31.62 20.94
CA LEU B 326 -43.94 31.37 19.85
C LEU B 326 -43.57 32.28 18.68
N VAL B 327 -43.24 31.68 17.55
CA VAL B 327 -42.76 32.40 16.38
C VAL B 327 -43.79 32.23 15.27
N GLU B 328 -44.53 33.29 14.97
CA GLU B 328 -45.40 33.31 13.80
C GLU B 328 -44.69 34.01 12.66
N ALA B 329 -44.66 33.37 11.50
CA ALA B 329 -44.28 34.04 10.27
C ALA B 329 -45.54 34.35 9.47
N ILE B 330 -45.53 35.46 8.75
CA ILE B 330 -46.64 35.84 7.89
C ILE B 330 -46.06 36.10 6.52
N ILE B 331 -46.41 35.25 5.56
CA ILE B 331 -45.95 35.40 4.18
C ILE B 331 -47.16 35.79 3.36
N VAL B 332 -47.17 37.03 2.89
CA VAL B 332 -48.23 37.52 2.02
C VAL B 332 -47.63 37.80 0.65
N GLU B 333 -48.22 37.23 -0.38
CA GLU B 333 -47.85 37.55 -1.74
C GLU B 333 -49.10 37.88 -2.52
N VAL B 334 -48.99 38.80 -3.46
CA VAL B 334 -50.08 39.12 -4.36
C VAL B 334 -49.50 39.31 -5.76
N GLN B 335 -50.05 38.59 -6.73
CA GLN B 335 -49.64 38.71 -8.11
C GLN B 335 -50.84 39.13 -8.94
N ASP B 336 -50.58 39.90 -9.99
CA ASP B 336 -51.57 40.09 -11.02
C ASP B 336 -50.88 40.58 -12.28
N GLY B 337 -51.54 40.39 -13.41
CA GLY B 337 -51.05 40.92 -14.66
C GLY B 337 -52.08 40.77 -15.74
N ASN B 338 -52.03 41.62 -16.76
CA ASN B 338 -53.02 41.61 -17.81
C ASN B 338 -52.36 41.78 -19.17
N GLY B 339 -52.49 40.77 -20.01
CA GLY B 339 -52.06 40.88 -21.39
C GLY B 339 -53.17 41.34 -22.30
N LEU B 340 -52.80 41.99 -23.39
CA LEU B 340 -53.71 42.35 -24.46
C LEU B 340 -53.00 42.15 -25.78
N ASN B 341 -53.53 41.31 -26.66
CA ASN B 341 -52.98 41.19 -28.00
C ASN B 341 -54.10 41.24 -29.03
N LEU B 342 -54.10 42.28 -29.84
CA LEU B 342 -55.09 42.46 -30.89
C LEU B 342 -54.37 42.84 -32.18
N GLY B 343 -54.87 42.37 -33.29
CA GLY B 343 -54.29 42.71 -34.58
C GLY B 343 -55.31 42.66 -35.68
N VAL B 344 -55.09 43.45 -36.72
CA VAL B 344 -55.96 43.46 -37.88
C VAL B 344 -55.09 42.98 -39.02
N GLN B 345 -55.57 42.05 -39.83
CA GLN B 345 -54.88 41.63 -41.05
C GLN B 345 -55.93 41.74 -42.15
N TRP B 346 -55.63 42.34 -43.30
CA TRP B 346 -56.60 42.39 -44.40
C TRP B 346 -55.90 41.72 -45.58
N ALA B 347 -56.54 40.81 -46.31
CA ALA B 347 -55.89 40.20 -47.48
C ALA B 347 -56.71 40.55 -48.71
N ASN B 348 -56.13 41.07 -49.79
CA ASN B 348 -56.94 41.38 -50.99
C ASN B 348 -56.46 40.63 -52.22
N LYS B 349 -57.32 39.99 -52.98
CA LYS B 349 -56.76 39.26 -54.11
C LYS B 349 -56.13 40.19 -55.14
N ASN B 350 -56.81 41.30 -55.43
CA ASN B 350 -56.32 42.25 -56.41
C ASN B 350 -55.01 42.96 -56.06
N VAL B 351 -54.87 43.39 -54.81
CA VAL B 351 -53.70 44.15 -54.40
C VAL B 351 -52.64 43.33 -53.67
N GLY B 352 -53.07 42.54 -52.70
CA GLY B 352 -52.15 41.78 -51.87
C GLY B 352 -52.71 41.64 -50.47
N ALA B 353 -51.96 41.00 -49.59
CA ALA B 353 -52.45 40.76 -48.24
C ALA B 353 -51.46 41.16 -47.16
N GLN B 354 -51.98 41.59 -46.02
CA GLN B 354 -51.15 41.85 -44.85
C GLN B 354 -51.45 40.76 -43.84
N GLN B 355 -50.42 40.03 -43.43
CA GLN B 355 -50.61 38.91 -42.53
C GLN B 355 -49.67 38.95 -41.34
N PHE B 356 -50.18 38.56 -40.18
CA PHE B 356 -49.38 38.49 -38.97
C PHE B 356 -49.58 37.12 -38.35
N THR B 357 -48.54 36.30 -38.40
CA THR B 357 -48.46 35.20 -37.47
C THR B 357 -48.28 35.80 -36.07
N ASN B 358 -48.65 35.04 -35.06
CA ASN B 358 -48.77 35.40 -33.65
C ASN B 358 -50.13 35.98 -33.35
N THR B 359 -50.95 36.29 -34.35
CA THR B 359 -52.35 36.55 -34.09
C THR B 359 -53.08 35.29 -33.67
N GLY B 360 -52.42 34.14 -33.75
CA GLY B 360 -52.98 32.86 -33.46
C GLY B 360 -53.62 32.20 -34.65
N LEU B 361 -54.07 32.99 -35.62
CA LEU B 361 -54.33 32.51 -36.94
C LEU B 361 -53.90 33.58 -37.95
N PRO B 362 -53.18 33.20 -38.99
CA PRO B 362 -52.89 34.14 -40.07
C PRO B 362 -54.01 34.23 -41.08
N ILE B 363 -54.02 35.35 -41.81
CA ILE B 363 -55.07 35.58 -42.81
C ILE B 363 -55.02 34.53 -43.91
N PHE B 364 -53.84 34.02 -44.22
CA PHE B 364 -53.73 33.05 -45.31
C PHE B 364 -54.36 31.72 -44.91
N ASN B 365 -53.93 31.15 -43.78
CA ASN B 365 -54.46 29.86 -43.37
C ASN B 365 -55.92 29.94 -42.98
N ALA B 366 -56.37 31.10 -42.50
CA ALA B 366 -57.78 31.26 -42.19
C ALA B 366 -58.62 31.32 -43.46
N ALA B 367 -58.18 32.08 -44.46
CA ALA B 367 -58.92 32.17 -45.70
C ALA B 367 -58.98 30.84 -46.44
N GLN B 368 -57.94 30.02 -46.31
CA GLN B 368 -58.02 28.67 -46.87
C GLN B 368 -58.98 27.79 -46.10
N GLY B 369 -59.12 28.03 -44.80
CA GLY B 369 -60.05 27.27 -43.99
C GLY B 369 -61.48 27.71 -44.16
N VAL B 370 -61.70 29.03 -44.23
CA VAL B 370 -63.05 29.54 -44.42
C VAL B 370 -63.57 29.13 -45.80
N ALA B 371 -62.72 29.25 -46.83
CA ALA B 371 -63.15 28.84 -48.16
C ALA B 371 -63.44 27.35 -48.20
N ASP B 372 -62.58 26.54 -47.60
CA ASP B 372 -62.84 25.11 -47.51
C ASP B 372 -64.14 24.83 -46.76
N TYR B 373 -64.45 25.64 -45.76
CA TYR B 373 -65.66 25.42 -44.98
C TYR B 373 -66.91 25.72 -45.81
N LYS B 374 -66.82 26.69 -46.72
CA LYS B 374 -68.00 27.04 -47.51
C LYS B 374 -68.29 25.98 -48.57
N LYS B 375 -67.25 25.46 -49.22
CA LYS B 375 -67.48 24.49 -50.29
C LYS B 375 -67.98 23.16 -49.75
N ASN B 376 -67.38 22.67 -48.67
CA ASN B 376 -67.73 21.35 -48.15
C ASN B 376 -68.83 21.40 -47.10
N GLY B 377 -69.22 22.58 -46.63
CA GLY B 377 -70.19 22.70 -45.56
C GLY B 377 -69.65 22.39 -44.18
N GLY B 378 -68.45 21.81 -44.09
CA GLY B 378 -67.83 21.50 -42.82
C GLY B 378 -66.33 21.40 -43.01
N ILE B 379 -65.64 21.04 -41.94
CA ILE B 379 -64.19 20.93 -41.95
C ILE B 379 -63.79 19.61 -41.30
N THR B 380 -63.12 18.74 -42.06
CA THR B 380 -62.59 17.51 -41.52
C THR B 380 -61.37 17.79 -40.65
N SER B 381 -61.03 16.82 -39.82
CA SER B 381 -59.83 16.93 -38.99
C SER B 381 -58.56 16.92 -39.81
N ALA B 382 -58.62 16.52 -41.08
CA ALA B 382 -57.44 16.51 -41.93
C ALA B 382 -57.12 17.87 -42.53
N ASN B 383 -58.10 18.77 -42.57
CA ASN B 383 -57.86 20.12 -43.04
C ASN B 383 -56.77 20.77 -42.19
N PRO B 384 -55.70 21.31 -42.79
CA PRO B 384 -54.64 21.91 -41.97
C PRO B 384 -55.11 23.05 -41.10
N ALA B 385 -56.22 23.69 -41.44
CA ALA B 385 -56.76 24.76 -40.61
C ALA B 385 -57.46 24.24 -39.36
N TRP B 386 -57.64 22.93 -39.23
CA TRP B 386 -58.32 22.38 -38.06
C TRP B 386 -57.60 22.76 -36.78
N ASP B 387 -56.31 22.41 -36.68
CA ASP B 387 -55.56 22.69 -35.46
C ASP B 387 -55.44 24.19 -35.20
N MET B 388 -55.60 25.02 -36.23
CA MET B 388 -55.48 26.45 -36.02
C MET B 388 -56.75 27.04 -35.42
N PHE B 389 -57.91 26.60 -35.91
CA PHE B 389 -59.16 27.05 -35.32
C PHE B 389 -59.48 26.33 -34.02
N SER B 390 -59.04 25.07 -33.89
CA SER B 390 -59.39 24.30 -32.71
C SER B 390 -58.77 24.91 -31.46
N ALA B 391 -57.58 25.47 -31.58
CA ALA B 391 -56.98 26.22 -30.48
C ALA B 391 -56.89 27.67 -30.93
N TYR B 392 -57.80 28.49 -30.42
CA TYR B 392 -57.77 29.93 -30.60
C TYR B 392 -58.56 30.55 -29.47
N ASN B 393 -58.14 31.73 -29.02
CA ASN B 393 -58.81 32.41 -27.93
C ASN B 393 -59.10 33.84 -28.32
N GLY B 394 -60.28 34.32 -27.95
CA GLY B 394 -60.67 35.68 -28.22
C GLY B 394 -61.59 35.78 -29.41
N MET B 395 -61.97 37.02 -29.71
CA MET B 395 -62.92 37.32 -30.77
C MET B 395 -62.20 37.45 -32.09
N ALA B 396 -62.55 36.61 -33.05
CA ALA B 396 -62.06 36.72 -34.42
C ALA B 396 -63.25 37.12 -35.30
N ALA B 397 -63.25 38.37 -35.75
CA ALA B 397 -64.38 38.93 -36.49
C ALA B 397 -63.93 39.27 -37.90
N GLY B 398 -64.38 38.51 -38.88
CA GLY B 398 -64.10 38.81 -40.26
C GLY B 398 -65.15 39.71 -40.89
N PHE B 399 -64.71 40.53 -41.85
CA PHE B 399 -65.61 41.41 -42.57
C PHE B 399 -65.18 41.46 -44.03
N PHE B 400 -66.10 41.20 -44.95
CA PHE B 400 -65.82 41.27 -46.37
C PHE B 400 -66.56 42.47 -46.97
N ASN B 401 -65.79 43.43 -47.48
CA ASN B 401 -66.34 44.56 -48.22
C ASN B 401 -65.86 44.43 -49.66
N GLY B 402 -66.77 44.08 -50.56
CA GLY B 402 -66.38 43.91 -51.95
C GLY B 402 -65.39 42.77 -52.07
N ASP B 403 -64.23 43.06 -52.63
CA ASP B 403 -63.15 42.08 -52.75
C ASP B 403 -62.22 42.10 -51.55
N TRP B 404 -62.34 43.08 -50.67
CA TRP B 404 -61.46 43.20 -49.51
C TRP B 404 -61.91 42.25 -48.41
N GLY B 405 -61.04 41.32 -48.03
CA GLY B 405 -61.20 40.59 -46.79
C GLY B 405 -60.53 41.34 -45.65
N VAL B 406 -61.12 41.25 -44.46
CA VAL B 406 -60.57 41.87 -43.27
C VAL B 406 -60.83 40.94 -42.09
N LEU B 407 -59.81 40.75 -41.25
CA LEU B 407 -59.91 39.83 -40.14
C LEU B 407 -59.34 40.48 -38.89
N LEU B 408 -60.17 40.63 -37.86
CA LEU B 408 -59.79 41.24 -36.60
C LEU B 408 -59.72 40.17 -35.52
N THR B 409 -58.57 40.04 -34.88
CA THR B 409 -58.40 39.15 -33.74
C THR B 409 -58.10 39.98 -32.51
N ALA B 410 -58.81 39.73 -31.42
CA ALA B 410 -58.61 40.46 -30.19
C ALA B 410 -58.75 39.54 -29.01
N LEU B 411 -57.77 39.57 -28.11
CA LEU B 411 -57.82 38.84 -26.86
C LEU B 411 -57.21 39.68 -25.77
N ALA B 412 -57.93 39.88 -24.67
CA ALA B 412 -57.39 40.56 -23.51
C ALA B 412 -57.44 39.58 -22.34
N SER B 413 -56.27 39.12 -21.92
CA SER B 413 -56.16 38.22 -20.79
C SER B 413 -55.88 39.02 -19.53
N ASN B 414 -56.43 38.54 -18.43
CA ASN B 414 -56.18 39.15 -17.13
C ASN B 414 -56.15 38.02 -16.11
N ASN B 415 -55.17 38.03 -15.22
CA ASN B 415 -55.17 37.08 -14.13
C ASN B 415 -54.86 37.79 -12.83
N LYS B 416 -55.06 37.06 -11.74
CA LYS B 416 -54.85 37.59 -10.41
C LYS B 416 -54.51 36.43 -9.51
N ASN B 417 -53.68 36.68 -8.52
CA ASN B 417 -53.27 35.61 -7.62
C ASN B 417 -52.98 36.24 -6.28
N ASP B 418 -53.32 35.54 -5.22
CA ASP B 418 -53.12 36.06 -3.88
C ASP B 418 -52.83 34.89 -2.96
N ILE B 419 -51.89 35.07 -2.04
CA ILE B 419 -51.41 33.99 -1.20
C ILE B 419 -51.24 34.54 0.22
N LEU B 420 -51.54 33.70 1.19
CA LEU B 420 -51.29 33.99 2.59
C LEU B 420 -50.85 32.71 3.27
N ALA B 421 -49.76 32.78 4.01
CA ALA B 421 -49.28 31.65 4.79
C ALA B 421 -48.89 32.17 6.15
N THR B 422 -49.15 31.38 7.20
CA THR B 422 -48.82 31.78 8.56
C THR B 422 -48.33 30.57 9.35
N PRO B 423 -47.14 30.07 9.02
CA PRO B 423 -46.57 28.99 9.84
C PRO B 423 -46.14 29.52 11.19
N SER B 424 -46.47 28.79 12.24
CA SER B 424 -46.07 29.15 13.58
C SER B 424 -45.50 27.93 14.28
N ILE B 425 -44.60 28.18 15.23
CA ILE B 425 -43.89 27.13 15.93
C ILE B 425 -43.60 27.61 17.33
N VAL B 426 -43.69 26.72 18.31
CA VAL B 426 -43.29 27.02 19.68
C VAL B 426 -42.07 26.19 20.00
N THR B 427 -41.08 26.82 20.63
CA THR B 427 -39.87 26.11 20.98
C THR B 427 -39.17 26.80 22.13
N LEU B 428 -38.31 26.04 22.80
CA LEU B 428 -37.46 26.61 23.84
C LEU B 428 -36.38 27.47 23.22
N ASP B 429 -35.97 28.51 23.94
CA ASP B 429 -34.87 29.32 23.45
C ASP B 429 -33.61 28.47 23.32
N ASN B 430 -32.78 28.82 22.34
CA ASN B 430 -31.51 28.18 22.02
C ASN B 430 -31.71 26.78 21.46
N LYS B 431 -32.93 26.28 21.38
CA LYS B 431 -33.25 25.01 20.75
C LYS B 431 -33.81 25.24 19.37
N LEU B 432 -33.31 24.50 18.39
CA LEU B 432 -33.73 24.65 17.00
C LEU B 432 -35.02 23.89 16.74
N ALA B 433 -36.03 24.60 16.26
CA ALA B 433 -37.30 24.01 15.88
C ALA B 433 -37.50 24.15 14.39
N SER B 434 -38.19 23.19 13.79
CA SER B 434 -38.51 23.25 12.38
C SER B 434 -39.93 22.79 12.17
N PHE B 435 -40.58 23.37 11.17
CA PHE B 435 -41.96 23.10 10.86
C PHE B 435 -42.08 22.93 9.36
N ASN B 436 -42.50 21.75 8.90
CA ASN B 436 -42.59 21.44 7.49
C ASN B 436 -44.03 21.07 7.17
N VAL B 437 -44.62 21.74 6.20
CA VAL B 437 -45.88 21.33 5.61
C VAL B 437 -45.71 21.38 4.12
N GLY B 438 -45.81 20.22 3.47
CA GLY B 438 -45.43 20.14 2.08
C GLY B 438 -45.41 18.70 1.64
N GLN B 439 -44.60 18.43 0.63
CA GLN B 439 -44.48 17.07 0.14
C GLN B 439 -43.03 16.74 -0.16
N ASP B 440 -42.69 15.47 -0.03
CA ASP B 440 -41.34 14.96 -0.18
C ASP B 440 -41.24 14.29 -1.55
N VAL B 441 -40.47 14.89 -2.44
CA VAL B 441 -40.47 14.48 -3.84
C VAL B 441 -39.10 13.92 -4.22
N PRO B 442 -39.03 12.95 -5.11
CA PRO B 442 -37.73 12.48 -5.62
C PRO B 442 -37.15 13.43 -6.65
N VAL B 443 -35.84 13.64 -6.57
CA VAL B 443 -35.12 14.43 -7.55
C VAL B 443 -33.96 13.61 -8.09
N LEU B 444 -33.74 13.70 -9.39
CA LEU B 444 -32.71 12.91 -10.06
C LEU B 444 -31.33 13.45 -9.72
N SER B 445 -30.32 12.59 -9.88
CA SER B 445 -28.94 13.00 -9.66
C SER B 445 -27.93 12.09 -10.36
N THR B 458 -30.01 6.93 -10.33
CA THR B 458 -29.77 7.49 -9.01
C THR B 458 -30.68 8.69 -8.74
N VAL B 459 -31.41 8.64 -7.62
CA VAL B 459 -32.32 9.71 -7.24
C VAL B 459 -32.03 10.13 -5.81
N GLU B 460 -32.76 11.14 -5.36
CA GLU B 460 -32.58 11.72 -4.04
C GLU B 460 -33.91 12.32 -3.60
N ARG B 461 -34.13 12.38 -2.30
CA ARG B 461 -35.40 12.83 -1.76
C ARG B 461 -35.26 14.27 -1.31
N LYS B 462 -36.25 15.08 -1.65
CA LYS B 462 -36.22 16.51 -1.34
C LYS B 462 -37.58 16.96 -0.83
N THR B 463 -37.61 17.56 0.35
CA THR B 463 -38.85 18.09 0.90
C THR B 463 -39.10 19.47 0.32
N VAL B 464 -40.29 19.68 -0.21
CA VAL B 464 -40.66 20.93 -0.86
C VAL B 464 -42.02 21.35 -0.35
N GLY B 465 -42.08 22.48 0.33
CA GLY B 465 -43.34 22.96 0.86
C GLY B 465 -43.11 24.19 1.70
N THR B 466 -44.07 24.50 2.56
CA THR B 466 -43.91 25.61 3.49
C THR B 466 -43.04 25.15 4.66
N LYS B 467 -41.90 25.78 4.83
CA LYS B 467 -40.93 25.36 5.82
C LYS B 467 -40.54 26.54 6.69
N LEU B 468 -40.44 26.30 7.98
CA LEU B 468 -39.97 27.32 8.91
C LEU B 468 -39.01 26.67 9.88
N LYS B 469 -37.76 27.14 9.87
CA LYS B 469 -36.72 26.60 10.74
C LYS B 469 -36.12 27.77 11.50
N VAL B 470 -36.32 27.82 12.80
CA VAL B 470 -35.96 28.99 13.60
C VAL B 470 -35.26 28.52 14.87
N THR B 471 -34.19 29.22 15.25
CA THR B 471 -33.53 29.03 16.54
C THR B 471 -33.66 30.30 17.35
N PRO B 472 -34.52 30.34 18.35
CA PRO B 472 -34.66 31.56 19.16
C PRO B 472 -33.58 31.67 20.21
N GLN B 473 -33.28 32.92 20.57
CA GLN B 473 -32.43 33.26 21.70
C GLN B 473 -33.07 34.42 22.42
N VAL B 474 -33.47 34.22 23.67
CA VAL B 474 -34.19 35.26 24.40
C VAL B 474 -33.18 36.07 25.19
N ASN B 475 -32.95 37.31 24.75
CA ASN B 475 -32.02 38.17 25.45
C ASN B 475 -32.44 39.63 25.56
N GLU B 476 -32.64 40.12 26.77
CA GLU B 476 -32.93 39.29 27.92
C GLU B 476 -34.16 39.97 28.47
N GLY B 477 -35.01 39.28 29.21
CA GLY B 477 -36.30 39.89 29.41
C GLY B 477 -37.00 39.91 28.06
N ASP B 478 -37.29 41.10 27.56
CA ASP B 478 -37.95 41.23 26.27
C ASP B 478 -36.98 40.94 25.13
N ALA B 479 -37.43 41.25 23.92
CA ALA B 479 -36.83 40.90 22.65
C ALA B 479 -36.59 39.41 22.48
N VAL B 480 -35.66 39.05 21.60
CA VAL B 480 -35.30 37.70 21.17
C VAL B 480 -34.30 37.86 20.04
N LEU B 481 -33.55 36.82 19.75
CA LEU B 481 -32.73 36.76 18.55
C LEU B 481 -33.19 35.57 17.75
N LEU B 482 -33.83 35.84 16.62
CA LEU B 482 -34.39 34.80 15.79
C LEU B 482 -33.46 34.59 14.60
N GLU B 483 -32.87 33.41 14.50
CA GLU B 483 -32.22 33.01 13.27
C GLU B 483 -33.26 32.26 12.46
N ILE B 484 -33.76 32.88 11.40
CA ILE B 484 -34.85 32.33 10.62
C ILE B 484 -34.26 31.75 9.36
N GLU B 485 -34.67 30.53 9.03
CA GLU B 485 -34.51 29.99 7.69
C GLU B 485 -35.88 29.48 7.30
N GLN B 486 -36.53 30.12 6.34
CA GLN B 486 -37.83 29.65 5.92
C GLN B 486 -37.94 29.75 4.42
N GLU B 487 -38.87 28.98 3.87
CA GLU B 487 -39.18 29.12 2.46
C GLU B 487 -40.57 28.58 2.20
N VAL B 488 -41.15 29.04 1.10
CA VAL B 488 -42.37 28.48 0.57
C VAL B 488 -42.04 27.99 -0.82
N SER B 489 -42.00 26.67 -1.00
CA SER B 489 -41.62 26.09 -2.27
C SER B 489 -42.65 25.06 -2.68
N SER B 490 -42.74 24.83 -3.98
CA SER B 490 -43.72 23.91 -4.52
C SER B 490 -43.21 23.34 -5.82
N VAL B 491 -43.68 22.13 -6.15
CA VAL B 491 -43.32 21.53 -7.42
C VAL B 491 -44.01 22.28 -8.53
N ASP B 492 -43.29 22.53 -9.62
CA ASP B 492 -43.84 23.23 -10.77
C ASP B 492 -44.40 22.19 -11.73
N SER B 493 -45.73 22.19 -11.86
CA SER B 493 -46.39 21.18 -12.68
C SER B 493 -46.00 21.32 -14.15
N SER B 494 -46.05 22.53 -14.67
CA SER B 494 -45.57 22.79 -16.01
C SER B 494 -44.06 22.64 -16.06
N SER B 495 -43.53 22.49 -17.28
CA SER B 495 -42.08 22.45 -17.52
C SER B 495 -41.44 21.28 -16.80
N ASN B 496 -42.02 20.10 -16.98
CA ASN B 496 -41.32 18.89 -16.54
C ASN B 496 -40.24 18.53 -17.55
N SER B 497 -39.21 17.84 -17.06
CA SER B 497 -38.07 17.51 -17.89
C SER B 497 -37.57 16.12 -17.53
N THR B 498 -36.72 15.58 -18.41
CA THR B 498 -36.10 14.30 -18.15
C THR B 498 -35.00 14.42 -17.09
N LEU B 499 -34.50 15.63 -16.84
CA LEU B 499 -33.48 15.80 -15.82
C LEU B 499 -34.08 15.81 -14.42
N GLY B 500 -35.35 16.18 -14.29
CA GLY B 500 -36.00 16.16 -13.00
C GLY B 500 -37.05 17.24 -12.91
N PRO B 501 -37.69 17.35 -11.75
CA PRO B 501 -38.65 18.42 -11.53
C PRO B 501 -37.98 19.74 -11.21
N THR B 502 -38.65 20.83 -11.55
CA THR B 502 -38.27 22.11 -11.00
C THR B 502 -39.16 22.42 -9.81
N PHE B 503 -38.83 23.50 -9.11
CA PHE B 503 -39.59 23.89 -7.94
C PHE B 503 -39.62 25.40 -7.90
N ASN B 504 -40.76 25.97 -7.52
CA ASN B 504 -40.86 27.41 -7.34
C ASN B 504 -40.55 27.70 -5.88
N THR B 505 -39.41 28.33 -5.62
CA THR B 505 -38.94 28.54 -4.25
C THR B 505 -38.92 30.01 -3.94
N ARG B 506 -39.45 30.38 -2.78
CA ARG B 506 -39.26 31.71 -2.20
C ARG B 506 -38.59 31.50 -0.85
N THR B 507 -37.31 31.86 -0.76
CA THR B 507 -36.51 31.52 0.40
C THR B 507 -35.93 32.80 1.01
N ILE B 508 -35.98 32.88 2.33
CA ILE B 508 -35.39 33.98 3.06
C ILE B 508 -34.74 33.43 4.32
N GLN B 509 -33.46 33.72 4.51
CA GLN B 509 -32.76 33.30 5.71
C GLN B 509 -31.96 34.46 6.25
N ASN B 510 -32.23 34.84 7.49
CA ASN B 510 -31.55 35.95 8.12
C ASN B 510 -31.68 35.80 9.62
N ALA B 511 -30.83 36.51 10.34
CA ALA B 511 -30.97 36.65 11.78
C ALA B 511 -31.50 38.03 12.07
N VAL B 512 -32.43 38.13 13.00
CA VAL B 512 -33.05 39.41 13.33
C VAL B 512 -33.35 39.39 14.82
N LEU B 513 -33.43 40.58 15.41
CA LEU B 513 -33.69 40.75 16.84
C LEU B 513 -34.96 41.56 16.98
N VAL B 514 -36.00 40.93 17.51
CA VAL B 514 -37.35 41.49 17.50
C VAL B 514 -37.84 41.57 18.94
N LYS B 515 -38.56 42.63 19.27
CA LYS B 515 -39.13 42.71 20.61
C LYS B 515 -40.27 41.70 20.76
N THR B 516 -40.59 41.39 22.01
CA THR B 516 -41.37 40.20 22.32
C THR B 516 -42.79 40.24 21.77
N GLY B 517 -43.36 41.41 21.55
CA GLY B 517 -44.73 41.42 21.09
C GLY B 517 -44.93 41.87 19.66
N GLU B 518 -43.85 42.25 18.99
CA GLU B 518 -43.94 43.09 17.81
C GLU B 518 -43.89 42.29 16.52
N THR B 519 -44.65 42.75 15.54
CA THR B 519 -44.62 42.21 14.19
C THR B 519 -43.69 43.07 13.35
N VAL B 520 -42.69 42.46 12.73
CA VAL B 520 -41.68 43.18 11.99
C VAL B 520 -41.43 42.47 10.66
N VAL B 521 -40.92 43.21 9.70
CA VAL B 521 -40.75 42.70 8.35
C VAL B 521 -39.38 42.05 8.22
N LEU B 522 -39.37 40.80 7.76
CA LEU B 522 -38.10 40.12 7.48
C LEU B 522 -37.54 40.49 6.12
N GLY B 523 -38.41 40.69 5.15
CA GLY B 523 -37.93 40.96 3.81
C GLY B 523 -39.10 41.18 2.88
N GLY B 524 -38.83 41.08 1.60
CA GLY B 524 -39.89 41.25 0.62
C GLY B 524 -39.31 41.47 -0.75
N LEU B 525 -40.19 41.33 -1.73
CA LEU B 525 -39.84 41.57 -3.12
C LEU B 525 -41.01 42.24 -3.81
N LEU B 526 -40.75 43.37 -4.44
CA LEU B 526 -41.73 44.02 -5.30
C LEU B 526 -41.19 43.94 -6.71
N ASP B 527 -41.80 43.10 -7.53
CA ASP B 527 -41.32 42.82 -8.86
C ASP B 527 -42.39 43.22 -9.85
N ASP B 528 -42.02 43.99 -10.86
CA ASP B 528 -42.98 44.55 -11.79
C ASP B 528 -42.39 44.53 -13.19
N PHE B 529 -43.20 44.13 -14.16
CA PHE B 529 -42.73 43.79 -15.49
C PHE B 529 -43.76 44.23 -16.51
N SER B 530 -43.32 44.85 -17.60
CA SER B 530 -44.22 45.24 -18.67
C SER B 530 -43.53 44.99 -20.00
N LYS B 531 -44.19 44.24 -20.86
CA LYS B 531 -43.67 43.89 -22.17
C LYS B 531 -44.57 44.48 -23.23
N GLU B 532 -44.02 44.67 -24.42
CA GLU B 532 -44.80 45.12 -25.55
C GLU B 532 -44.15 44.64 -26.83
N GLN B 533 -44.98 44.36 -27.82
CA GLN B 533 -44.50 44.04 -29.15
C GLN B 533 -45.53 44.52 -30.14
N VAL B 534 -45.08 45.10 -31.24
CA VAL B 534 -45.96 45.40 -32.35
C VAL B 534 -45.29 44.93 -33.63
N SER B 535 -46.11 44.45 -34.56
CA SER B 535 -45.68 44.15 -35.91
C SER B 535 -46.57 44.96 -36.83
N LYS B 536 -45.98 45.89 -37.56
CA LYS B 536 -46.77 46.85 -38.31
C LYS B 536 -46.25 47.00 -39.73
N VAL B 537 -47.05 47.66 -40.54
CA VAL B 537 -46.62 48.14 -41.86
C VAL B 537 -45.91 49.47 -41.69
N PRO B 538 -44.70 49.64 -42.23
CA PRO B 538 -43.78 50.65 -41.67
C PRO B 538 -44.32 52.08 -41.61
N LEU B 539 -44.83 52.61 -42.72
CA LEU B 539 -45.37 53.97 -42.66
C LEU B 539 -46.81 53.99 -42.16
N LEU B 540 -47.62 53.06 -42.64
CA LEU B 540 -49.05 53.09 -42.32
C LEU B 540 -49.31 52.84 -40.85
N GLY B 541 -48.52 51.98 -40.22
CA GLY B 541 -48.73 51.63 -38.83
C GLY B 541 -48.50 52.76 -37.86
N ASP B 542 -47.88 53.85 -38.29
CA ASP B 542 -47.60 54.99 -37.43
C ASP B 542 -48.62 56.10 -37.53
N ILE B 543 -49.61 55.98 -38.41
CA ILE B 543 -50.68 56.97 -38.46
C ILE B 543 -51.39 56.99 -37.12
N PRO B 544 -51.61 58.16 -36.50
CA PRO B 544 -51.92 58.18 -35.06
C PRO B 544 -53.10 57.32 -34.64
N LEU B 545 -54.22 57.39 -35.36
CA LEU B 545 -55.39 56.60 -35.01
C LEU B 545 -55.59 55.43 -35.95
N VAL B 546 -55.76 55.71 -37.24
CA VAL B 546 -55.96 54.68 -38.26
C VAL B 546 -54.85 53.63 -38.21
N GLY B 547 -53.66 54.01 -37.78
CA GLY B 547 -52.51 53.12 -37.82
C GLY B 547 -52.69 51.82 -37.08
N GLN B 548 -53.64 51.75 -36.15
CA GLN B 548 -53.89 50.50 -35.44
C GLN B 548 -54.48 49.43 -36.33
N LEU B 549 -54.96 49.78 -37.52
CA LEU B 549 -55.46 48.77 -38.44
C LEU B 549 -54.33 47.96 -39.05
N PHE B 550 -53.18 48.57 -39.25
CA PHE B 550 -52.06 47.89 -39.88
C PHE B 550 -51.22 47.09 -38.91
N ARG B 551 -51.08 47.55 -37.67
CA ARG B 551 -50.23 46.89 -36.70
C ARG B 551 -50.93 45.74 -35.98
N TYR B 552 -50.12 44.80 -35.49
CA TYR B 552 -50.52 43.76 -34.54
C TYR B 552 -49.79 44.00 -33.23
N THR B 553 -50.52 44.40 -32.20
CA THR B 553 -49.95 44.70 -30.90
C THR B 553 -50.17 43.52 -29.95
N SER B 554 -49.15 43.17 -29.19
CA SER B 554 -49.30 42.21 -28.10
C SER B 554 -48.63 42.79 -26.87
N THR B 555 -49.41 43.07 -25.84
CA THR B 555 -48.95 43.72 -24.64
C THR B 555 -49.04 42.75 -23.48
N GLU B 556 -48.21 42.97 -22.45
CA GLU B 556 -48.24 42.14 -21.27
C GLU B 556 -47.78 42.97 -20.09
N ARG B 557 -48.22 42.57 -18.90
CA ARG B 557 -47.81 43.22 -17.66
C ARG B 557 -47.87 42.18 -16.56
N ALA B 558 -47.07 42.38 -15.52
CA ALA B 558 -47.08 41.50 -14.37
C ALA B 558 -46.69 42.31 -13.14
N LYS B 559 -47.13 41.85 -11.99
CA LYS B 559 -46.76 42.42 -10.71
C LYS B 559 -46.65 41.30 -9.70
N ARG B 560 -45.65 41.37 -8.84
CA ARG B 560 -45.54 40.49 -7.69
C ARG B 560 -45.14 41.33 -6.51
N ASN B 561 -45.94 41.34 -5.47
CA ASN B 561 -45.61 42.05 -4.24
C ASN B 561 -45.58 41.03 -3.12
N LEU B 562 -44.39 40.75 -2.61
CA LEU B 562 -44.19 39.75 -1.58
C LEU B 562 -43.67 40.43 -0.32
N MET B 563 -44.22 40.04 0.83
CA MET B 563 -43.77 40.53 2.12
C MET B 563 -43.69 39.36 3.08
N VAL B 564 -42.68 39.37 3.94
CA VAL B 564 -42.51 38.35 4.96
C VAL B 564 -42.39 39.05 6.30
N PHE B 565 -43.25 38.69 7.24
CA PHE B 565 -43.24 39.27 8.57
C PHE B 565 -42.98 38.18 9.59
N ILE B 566 -42.52 38.57 10.77
CA ILE B 566 -42.27 37.63 11.85
C ILE B 566 -42.74 38.27 13.14
N ARG B 567 -43.56 37.54 13.89
CA ARG B 567 -43.95 37.99 15.23
C ARG B 567 -43.52 36.98 16.27
N PRO B 568 -42.48 37.24 17.05
CA PRO B 568 -42.18 36.38 18.20
C PRO B 568 -43.06 36.73 19.38
N THR B 569 -43.21 35.76 20.27
CA THR B 569 -43.86 35.96 21.55
C THR B 569 -43.15 35.09 22.57
N ILE B 570 -42.81 35.65 23.72
CA ILE B 570 -42.08 34.91 24.74
C ILE B 570 -43.06 34.36 25.76
N ILE B 571 -42.92 33.08 26.07
CA ILE B 571 -43.68 32.45 27.13
C ILE B 571 -42.76 32.33 28.33
N ARG B 572 -43.01 33.15 29.36
CA ARG B 572 -42.23 33.08 30.59
C ARG B 572 -42.75 31.98 31.51
N ASP B 573 -44.07 31.86 31.63
CA ASP B 573 -44.67 30.95 32.58
C ASP B 573 -45.83 30.21 31.92
N ASP B 574 -46.33 29.19 32.62
CA ASP B 574 -47.44 28.40 32.09
C ASP B 574 -48.67 29.24 31.85
N ASP B 575 -49.00 30.13 32.79
CA ASP B 575 -50.30 30.81 32.74
C ASP B 575 -50.47 31.64 31.48
N VAL B 576 -49.37 32.17 30.93
CA VAL B 576 -49.49 32.91 29.68
C VAL B 576 -49.54 31.97 28.49
N TYR B 577 -49.10 30.72 28.67
CA TYR B 577 -49.07 29.76 27.59
C TYR B 577 -50.33 28.91 27.52
N ARG B 578 -51.19 28.97 28.54
CA ARG B 578 -52.57 28.55 28.34
C ARG B 578 -53.32 29.58 27.51
N SER B 579 -53.30 30.84 27.93
CA SER B 579 -54.07 31.87 27.25
C SER B 579 -53.63 32.00 25.80
N LEU B 580 -52.35 31.81 25.54
CA LEU B 580 -51.86 31.80 24.17
C LEU B 580 -52.37 30.58 23.42
N SER B 581 -52.41 29.43 24.10
CA SER B 581 -52.94 28.22 23.49
C SER B 581 -54.46 28.20 23.49
N LYS B 582 -55.08 28.78 24.52
CA LYS B 582 -56.53 28.79 24.60
C LYS B 582 -57.15 29.64 23.51
N GLU B 583 -56.49 30.72 23.09
CA GLU B 583 -57.08 31.56 22.06
C GLU B 583 -56.91 30.97 20.68
N LYS B 584 -55.88 30.15 20.47
CA LYS B 584 -55.79 29.41 19.21
C LYS B 584 -56.70 28.20 19.23
N TYR B 585 -56.83 27.55 20.38
CA TYR B 585 -57.71 26.40 20.50
C TYR B 585 -59.16 26.81 20.31
N THR B 586 -59.53 27.97 20.84
CA THR B 586 -60.90 28.45 20.73
C THR B 586 -61.18 29.09 19.37
N ARG B 587 -60.25 29.91 18.87
CA ARG B 587 -60.44 30.51 17.56
C ARG B 587 -60.53 29.44 16.48
N TYR B 588 -59.86 28.31 16.68
CA TYR B 588 -60.00 27.20 15.74
C TYR B 588 -61.30 26.45 15.98
N ARG B 589 -61.68 26.29 17.25
CA ARG B 589 -62.92 25.61 17.58
C ARG B 589 -64.13 26.41 17.12
N GLN B 590 -64.12 27.72 17.40
CA GLN B 590 -65.20 28.58 16.95
C GLN B 590 -65.25 28.70 15.44
N GLU B 591 -64.15 28.39 14.75
CA GLU B 591 -64.19 28.36 13.30
C GLU B 591 -64.82 27.08 12.79
N GLN B 592 -64.54 25.95 13.45
CA GLN B 592 -65.22 24.70 13.10
C GLN B 592 -66.71 24.79 13.37
N GLN B 593 -67.09 25.36 14.52
CA GLN B 593 -68.51 25.50 14.82
C GLN B 593 -69.20 26.44 13.85
N GLN B 594 -68.47 27.42 13.30
CA GLN B 594 -69.06 28.29 12.29
C GLN B 594 -69.27 27.53 10.99
N ARG B 595 -68.36 26.60 10.67
CA ARG B 595 -68.50 25.82 9.45
C ARG B 595 -69.62 24.81 9.55
N ILE B 596 -69.90 24.32 10.76
CA ILE B 596 -71.03 23.42 10.95
C ILE B 596 -72.35 24.17 10.76
N ASP B 597 -72.41 25.41 11.24
CA ASP B 597 -73.61 26.21 11.04
C ASP B 597 -73.65 26.84 9.65
N GLY B 598 -72.51 26.96 8.98
CA GLY B 598 -72.49 27.55 7.66
C GLY B 598 -73.05 26.65 6.59
N LYS B 599 -73.01 25.33 6.79
CA LYS B 599 -73.64 24.43 5.85
C LYS B 599 -75.15 24.45 6.01
N SER B 600 -75.86 24.44 4.89
CA SER B 600 -77.31 24.55 4.90
C SER B 600 -77.93 23.17 4.75
N LYS B 601 -78.97 22.92 5.54
CA LYS B 601 -79.78 21.73 5.35
C LYS B 601 -80.54 21.82 4.04
N ALA B 602 -81.02 20.68 3.58
CA ALA B 602 -81.72 20.46 2.32
C ALA B 602 -80.73 20.32 1.16
N LEU B 603 -79.43 20.44 1.42
CA LEU B 603 -78.41 20.02 0.48
C LEU B 603 -77.54 18.96 1.14
N VAL B 604 -77.16 17.94 0.38
CA VAL B 604 -76.30 16.90 0.93
C VAL B 604 -74.91 17.46 1.17
N GLY B 605 -74.37 17.17 2.36
CA GLY B 605 -73.04 17.61 2.70
C GLY B 605 -72.37 16.63 3.65
N SER B 606 -71.08 16.86 3.86
CA SER B 606 -70.32 15.98 4.73
C SER B 606 -70.79 16.13 6.17
N GLU B 607 -70.86 15.01 6.87
CA GLU B 607 -71.14 15.05 8.30
C GLU B 607 -69.93 15.53 9.05
N ASP B 608 -70.15 16.44 10.00
CA ASP B 608 -69.05 17.13 10.65
C ASP B 608 -68.29 16.20 11.58
N LEU B 609 -67.04 16.55 11.86
CA LEU B 609 -66.30 15.87 12.90
C LEU B 609 -66.77 16.36 14.26
N PRO B 610 -66.45 15.63 15.33
CA PRO B 610 -66.56 16.22 16.66
C PRO B 610 -65.58 17.38 16.78
N VAL B 611 -66.07 18.51 17.28
CA VAL B 611 -65.30 19.74 17.29
C VAL B 611 -64.54 19.83 18.61
N LEU B 612 -63.24 19.57 18.55
CA LEU B 612 -62.32 19.65 19.69
C LEU B 612 -62.94 19.10 20.96
N ASP B 613 -62.76 19.81 22.07
CA ASP B 613 -63.38 19.48 23.35
C ASP B 613 -63.75 20.78 24.05
N GLU B 614 -64.94 20.80 24.63
CA GLU B 614 -65.40 21.99 25.33
C GLU B 614 -64.79 22.13 26.72
N ASN B 615 -64.60 21.03 27.43
CA ASN B 615 -64.11 21.09 28.80
C ASN B 615 -62.63 21.45 28.89
N THR B 616 -61.89 21.36 27.80
CA THR B 616 -60.49 21.74 27.83
C THR B 616 -60.37 23.23 28.16
N PHE B 617 -59.35 23.57 28.94
CA PHE B 617 -59.14 24.93 29.44
C PHE B 617 -60.28 25.35 30.36
N GLY C 99 32.31 -31.22 104.93
CA GLY C 99 32.92 -30.11 105.64
C GLY C 99 34.25 -29.66 105.06
N ASP C 100 35.30 -30.37 105.43
CA ASP C 100 36.65 -30.07 104.95
C ASP C 100 37.02 -30.90 103.72
N GLU C 101 36.08 -31.67 103.18
CA GLU C 101 36.43 -32.66 102.17
C GLU C 101 36.73 -31.98 100.84
N LEU C 102 37.96 -32.16 100.36
CA LEU C 102 38.45 -31.47 99.17
C LEU C 102 38.18 -32.33 97.95
N VAL C 103 37.27 -31.88 97.11
CA VAL C 103 36.89 -32.61 95.90
C VAL C 103 36.69 -31.61 94.78
N THR C 104 36.85 -32.08 93.55
CA THR C 104 36.59 -31.30 92.35
C THR C 104 35.24 -31.68 91.77
N ARG C 105 34.44 -30.67 91.50
CA ARG C 105 33.10 -30.87 90.96
C ARG C 105 32.81 -29.69 90.04
N ILE C 106 32.06 -29.99 88.98
CA ILE C 106 32.09 -29.19 87.76
C ILE C 106 30.66 -28.92 87.30
N VAL C 107 30.27 -27.64 87.29
CA VAL C 107 28.96 -27.21 86.79
C VAL C 107 29.16 -26.22 85.64
N PRO C 108 28.59 -26.48 84.46
CA PRO C 108 28.59 -25.46 83.41
C PRO C 108 27.58 -24.34 83.70
N LEU C 109 27.85 -23.16 83.15
CA LEU C 109 26.84 -22.14 82.90
C LEU C 109 26.50 -22.21 81.42
N GLU C 110 25.35 -22.80 81.08
CA GLU C 110 25.04 -22.97 79.66
C GLU C 110 24.47 -21.69 79.07
N ASN C 111 23.59 -21.03 79.81
CA ASN C 111 22.93 -19.81 79.38
C ASN C 111 23.93 -18.72 78.99
N VAL C 112 24.99 -18.54 79.78
CA VAL C 112 25.94 -17.45 79.62
C VAL C 112 27.32 -18.08 79.44
N PRO C 113 28.30 -17.40 78.84
CA PRO C 113 29.69 -17.84 79.04
C PRO C 113 30.11 -17.63 80.49
N ALA C 114 30.67 -18.68 81.09
CA ALA C 114 30.94 -18.71 82.53
C ALA C 114 31.99 -17.69 82.96
N ARG C 115 32.64 -17.03 82.00
CA ARG C 115 33.75 -16.11 82.29
C ARG C 115 33.40 -15.13 83.41
N ASP C 116 32.15 -14.66 83.44
CA ASP C 116 31.69 -13.65 84.39
C ASP C 116 31.76 -14.08 85.86
N LEU C 117 32.00 -15.36 86.15
CA LEU C 117 32.19 -15.74 87.54
C LEU C 117 33.64 -15.87 87.96
N ALA C 118 34.59 -15.53 87.08
CA ALA C 118 36.00 -15.63 87.46
C ALA C 118 36.38 -14.72 88.61
N PRO C 119 36.03 -13.43 88.64
CA PRO C 119 36.26 -12.66 89.88
C PRO C 119 35.43 -13.17 91.04
N LEU C 120 34.22 -13.66 90.79
CA LEU C 120 33.36 -14.09 91.89
C LEU C 120 33.90 -15.37 92.54
N LEU C 121 34.19 -16.39 91.72
CA LEU C 121 34.47 -17.72 92.25
C LEU C 121 35.91 -17.89 92.72
N ARG C 122 36.88 -17.36 91.98
CA ARG C 122 38.22 -17.27 92.54
C ARG C 122 38.28 -16.20 93.62
N GLN C 123 37.29 -15.30 93.65
CA GLN C 123 37.08 -14.52 94.86
C GLN C 123 36.62 -15.42 96.00
N MET C 124 35.90 -16.51 95.70
CA MET C 124 35.50 -17.45 96.75
C MET C 124 36.62 -18.40 97.14
N MET C 125 37.55 -18.69 96.23
CA MET C 125 38.89 -19.09 96.66
C MET C 125 39.45 -18.08 97.64
N ASP C 126 39.45 -16.82 97.23
CA ASP C 126 39.95 -15.70 98.00
C ASP C 126 39.04 -15.36 99.19
N ALA C 127 37.91 -16.06 99.33
CA ALA C 127 37.05 -15.86 100.50
C ALA C 127 37.60 -16.52 101.76
N GLY C 128 38.14 -17.73 101.64
CA GLY C 128 38.51 -18.49 102.83
C GLY C 128 39.70 -19.38 102.55
N SER C 129 40.12 -20.10 103.59
CA SER C 129 41.39 -20.80 103.57
C SER C 129 41.50 -21.70 102.33
N VAL C 130 42.63 -21.58 101.64
CA VAL C 130 42.73 -21.92 100.23
C VAL C 130 42.99 -23.41 100.11
N GLY C 131 43.41 -23.87 98.93
CA GLY C 131 43.18 -25.22 98.46
C GLY C 131 42.13 -25.30 97.38
N ASN C 132 41.80 -24.18 96.76
CA ASN C 132 40.72 -24.08 95.79
C ASN C 132 41.27 -23.89 94.39
N VAL C 133 40.51 -24.36 93.41
CA VAL C 133 40.72 -24.06 91.99
C VAL C 133 39.37 -23.79 91.34
N VAL C 134 39.32 -22.75 90.53
CA VAL C 134 38.18 -22.48 89.65
C VAL C 134 38.78 -22.31 88.26
N HIS C 135 38.12 -22.87 87.25
CA HIS C 135 38.68 -22.89 85.92
C HIS C 135 37.56 -23.08 84.90
N TYR C 136 37.86 -22.79 83.63
CA TYR C 136 36.85 -22.44 82.63
C TYR C 136 37.15 -23.13 81.31
N GLU C 137 36.16 -23.94 80.81
CA GLU C 137 36.44 -24.40 79.46
C GLU C 137 35.82 -23.48 78.41
N PRO C 138 36.34 -23.50 77.17
CA PRO C 138 35.66 -22.82 76.07
C PRO C 138 34.23 -23.27 75.91
N SER C 139 34.03 -24.58 76.12
CA SER C 139 32.73 -25.23 76.07
C SER C 139 31.82 -24.72 77.18
N ASN C 140 32.36 -23.83 78.03
CA ASN C 140 31.59 -23.09 79.02
C ASN C 140 31.07 -23.99 80.14
N VAL C 141 31.86 -25.00 80.49
CA VAL C 141 31.70 -25.72 81.75
C VAL C 141 32.66 -25.09 82.75
N LEU C 142 32.21 -25.00 83.99
CA LEU C 142 32.95 -24.32 85.04
C LEU C 142 33.41 -25.36 86.06
N ILE C 143 34.72 -25.59 86.10
CA ILE C 143 35.28 -26.72 86.84
C ILE C 143 35.89 -26.23 88.15
N LEU C 144 35.55 -26.92 89.25
CA LEU C 144 35.94 -26.49 90.58
C LEU C 144 36.72 -27.56 91.31
N THR C 145 37.50 -27.10 92.28
CA THR C 145 38.20 -27.92 93.25
C THR C 145 38.15 -27.19 94.58
N GLY C 146 37.77 -27.89 95.65
CA GLY C 146 37.83 -27.27 96.95
C GLY C 146 37.17 -28.11 98.03
N ARG C 147 37.32 -27.64 99.27
CA ARG C 147 36.70 -28.29 100.41
C ARG C 147 35.18 -28.10 100.36
N ALA C 148 34.49 -28.94 101.14
CA ALA C 148 33.06 -29.19 100.93
C ALA C 148 32.20 -27.93 101.08
N SER C 149 32.52 -27.04 102.02
CA SER C 149 31.69 -25.85 102.20
C SER C 149 31.96 -24.80 101.13
N THR C 150 33.23 -24.44 100.95
CA THR C 150 33.59 -23.47 99.92
C THR C 150 33.02 -23.88 98.58
N ILE C 151 33.02 -25.18 98.29
CA ILE C 151 32.39 -25.62 97.06
C ILE C 151 30.87 -25.64 97.19
N ASN C 152 30.31 -25.84 98.38
CA ASN C 152 28.86 -25.70 98.52
C ASN C 152 28.40 -24.37 97.96
N LYS C 153 28.99 -23.28 98.44
CA LYS C 153 28.50 -21.97 98.01
C LYS C 153 29.15 -21.51 96.71
N LEU C 154 30.25 -22.15 96.29
CA LEU C 154 30.73 -21.96 94.92
C LEU C 154 29.77 -22.54 93.89
N ILE C 155 29.48 -23.84 93.98
CA ILE C 155 28.56 -24.45 93.04
C ILE C 155 27.17 -23.83 93.17
N GLU C 156 26.82 -23.37 94.38
CA GLU C 156 25.68 -22.47 94.52
C GLU C 156 25.79 -21.30 93.54
N VAL C 157 26.92 -20.59 93.56
CA VAL C 157 27.06 -19.47 92.63
C VAL C 157 26.83 -19.93 91.20
N ILE C 158 27.31 -21.14 90.88
CA ILE C 158 27.40 -21.52 89.47
C ILE C 158 26.04 -21.92 88.91
N LYS C 159 25.33 -22.84 89.57
CA LYS C 159 23.97 -23.11 89.10
C LYS C 159 23.12 -21.85 89.19
N ARG C 160 23.34 -21.06 90.23
CA ARG C 160 22.70 -19.75 90.32
C ARG C 160 22.86 -19.00 89.01
N VAL C 161 24.07 -18.58 88.68
CA VAL C 161 24.30 -17.75 87.49
C VAL C 161 23.82 -18.44 86.23
N ASP C 162 23.74 -19.78 86.25
CA ASP C 162 23.06 -20.49 85.16
C ASP C 162 21.61 -20.06 85.03
N VAL C 163 20.77 -20.44 86.01
CA VAL C 163 19.34 -20.29 85.83
C VAL C 163 18.90 -18.85 86.08
N ILE C 164 19.81 -18.02 86.58
CA ILE C 164 19.53 -16.59 86.65
C ILE C 164 20.16 -15.89 85.45
N GLY C 165 20.92 -16.63 84.66
CA GLY C 165 21.28 -16.18 83.33
C GLY C 165 20.38 -16.79 82.28
N THR C 166 19.28 -17.39 82.71
CA THR C 166 18.34 -18.02 81.79
C THR C 166 17.87 -17.10 80.67
N GLU C 167 18.05 -17.57 79.44
CA GLU C 167 17.12 -17.28 78.35
C GLU C 167 17.05 -18.51 77.45
N LYS C 168 15.82 -18.98 77.24
CA LYS C 168 15.57 -20.34 76.77
C LYS C 168 14.40 -20.35 75.80
N GLN C 169 14.32 -21.40 74.99
CA GLN C 169 13.59 -21.37 73.74
C GLN C 169 12.16 -21.87 73.92
N GLN C 170 11.24 -21.28 73.14
CA GLN C 170 9.93 -21.88 73.00
C GLN C 170 9.35 -21.47 71.66
N ILE C 171 8.61 -22.36 71.03
CA ILE C 171 7.91 -21.97 69.80
C ILE C 171 6.45 -22.31 69.99
N ILE C 172 5.60 -21.38 69.57
CA ILE C 172 4.21 -21.34 70.00
C ILE C 172 3.32 -21.20 68.76
N HIS C 173 2.08 -21.66 68.86
CA HIS C 173 1.14 -21.58 67.76
C HIS C 173 0.69 -20.14 67.53
N LEU C 174 0.19 -19.88 66.33
CA LEU C 174 -0.66 -18.72 66.05
C LEU C 174 -2.01 -19.24 65.58
N GLU C 175 -3.06 -18.87 66.31
CA GLU C 175 -4.37 -19.47 66.11
C GLU C 175 -5.01 -19.11 64.77
N TYR C 176 -5.21 -17.81 64.52
CA TYR C 176 -5.89 -17.33 63.32
C TYR C 176 -5.04 -16.34 62.55
N ALA C 177 -4.73 -15.23 63.21
CA ALA C 177 -4.07 -14.11 62.58
C ALA C 177 -2.82 -14.53 61.83
N SER C 178 -2.63 -13.95 60.65
CA SER C 178 -1.48 -14.23 59.82
C SER C 178 -0.18 -13.89 60.54
N ALA C 179 0.84 -14.70 60.25
CA ALA C 179 2.07 -14.65 61.03
C ALA C 179 2.87 -13.39 60.75
N GLU C 180 3.05 -13.06 59.47
CA GLU C 180 3.74 -11.85 59.08
C GLU C 180 3.29 -10.63 59.85
N ASP C 181 2.00 -10.50 60.12
CA ASP C 181 1.52 -9.34 60.85
C ASP C 181 2.13 -9.27 62.23
N LEU C 182 1.69 -10.18 63.10
CA LEU C 182 2.15 -10.20 64.48
C LEU C 182 3.67 -10.12 64.54
N ALA C 183 4.35 -10.74 63.57
CA ALA C 183 5.71 -10.35 63.31
C ALA C 183 5.82 -8.83 63.25
N GLU C 184 5.22 -8.21 62.23
CA GLU C 184 5.51 -6.81 61.94
C GLU C 184 5.39 -5.97 63.19
N ILE C 185 4.35 -6.22 63.99
CA ILE C 185 4.19 -5.42 65.20
C ILE C 185 5.34 -5.71 66.16
N LEU C 186 5.53 -6.98 66.52
CA LEU C 186 6.35 -7.25 67.68
C LEU C 186 7.83 -7.05 67.37
N ASN C 187 8.24 -7.34 66.14
CA ASN C 187 9.60 -7.11 65.71
C ASN C 187 10.05 -5.72 66.12
N GLN C 188 9.43 -4.72 65.52
CA GLN C 188 9.76 -3.31 65.65
C GLN C 188 9.40 -2.76 67.02
N LEU C 189 8.80 -3.57 67.90
CA LEU C 189 8.71 -3.24 69.32
C LEU C 189 10.02 -3.56 70.00
N ILE C 190 10.67 -2.54 70.55
CA ILE C 190 11.88 -2.73 71.32
C ILE C 190 11.89 -1.69 72.44
N LYS C 206 14.38 -13.75 69.77
CA LYS C 206 13.91 -13.05 68.59
C LYS C 206 12.46 -13.40 68.30
N ILE C 207 11.95 -13.03 67.13
CA ILE C 207 10.56 -13.22 66.77
C ILE C 207 10.50 -13.88 65.41
N VAL C 208 9.89 -15.06 65.34
CA VAL C 208 9.81 -15.80 64.08
C VAL C 208 8.35 -16.09 63.75
N ALA C 209 8.03 -16.03 62.46
CA ALA C 209 6.68 -16.27 61.97
C ALA C 209 6.63 -17.58 61.18
N ASP C 210 5.45 -18.20 61.16
CA ASP C 210 5.13 -19.28 60.23
C ASP C 210 3.73 -19.05 59.66
N LYS C 211 3.65 -18.92 58.34
CA LYS C 211 2.34 -18.96 57.69
C LYS C 211 1.86 -20.40 57.46
N ARG C 212 2.76 -21.30 57.05
CA ARG C 212 2.33 -22.64 56.66
C ARG C 212 1.62 -23.34 57.81
N THR C 213 2.27 -23.46 58.96
CA THR C 213 1.55 -23.89 60.15
C THR C 213 1.17 -22.74 61.06
N ASN C 214 1.53 -21.50 60.72
CA ASN C 214 1.07 -20.31 61.43
C ASN C 214 1.49 -20.32 62.90
N SER C 215 2.77 -20.09 63.14
CA SER C 215 3.31 -20.14 64.50
C SER C 215 4.06 -18.86 64.82
N LEU C 216 3.87 -18.35 66.03
CA LEU C 216 4.78 -17.35 66.58
C LEU C 216 5.83 -18.04 67.44
N ILE C 217 7.09 -17.78 67.11
CA ILE C 217 8.24 -18.46 67.70
C ILE C 217 9.05 -17.44 68.47
N ILE C 218 9.49 -17.80 69.67
CA ILE C 218 9.98 -16.79 70.59
C ILE C 218 11.09 -17.34 71.48
N SER C 219 12.08 -16.48 71.71
CA SER C 219 13.21 -16.74 72.57
C SER C 219 13.26 -15.72 73.71
N GLY C 220 13.96 -16.11 74.76
CA GLY C 220 14.22 -15.24 75.88
C GLY C 220 14.27 -16.05 77.16
N PRO C 221 14.31 -15.39 78.30
CA PRO C 221 14.12 -16.09 79.58
C PRO C 221 12.71 -16.63 79.68
N GLU C 222 12.39 -17.17 80.87
CA GLU C 222 10.99 -17.44 81.15
C GLU C 222 10.22 -16.15 81.29
N LYS C 223 10.90 -15.07 81.69
CA LYS C 223 10.22 -13.78 81.75
C LYS C 223 9.99 -13.20 80.37
N ALA C 224 10.83 -13.55 79.39
CA ALA C 224 10.47 -13.25 78.01
C ALA C 224 9.31 -14.12 77.56
N ARG C 225 9.34 -15.40 77.94
CA ARG C 225 8.19 -16.25 77.71
C ARG C 225 6.92 -15.57 78.17
N GLN C 226 6.87 -15.12 79.43
CA GLN C 226 5.64 -14.59 79.99
C GLN C 226 5.27 -13.25 79.36
N ARG C 227 6.23 -12.34 79.24
CA ARG C 227 5.91 -11.01 78.74
C ARG C 227 5.33 -11.10 77.33
N ILE C 228 5.90 -11.94 76.49
CA ILE C 228 5.41 -11.95 75.12
C ILE C 228 4.27 -12.95 74.97
N THR C 229 4.04 -13.82 75.96
CA THR C 229 2.77 -14.54 75.99
C THR C 229 1.64 -13.59 76.36
N SER C 230 1.97 -12.51 77.06
CA SER C 230 0.97 -11.50 77.38
C SER C 230 0.73 -10.58 76.20
N LEU C 231 1.76 -10.30 75.41
CA LEU C 231 1.50 -9.66 74.12
C LEU C 231 0.64 -10.56 73.24
N LEU C 232 0.98 -11.85 73.17
CA LEU C 232 0.12 -12.76 72.44
C LEU C 232 -1.32 -12.67 72.93
N LYS C 233 -1.53 -12.88 74.23
CA LYS C 233 -2.89 -12.85 74.75
C LYS C 233 -3.56 -11.53 74.42
N SER C 234 -2.78 -10.46 74.32
CA SER C 234 -3.31 -9.22 73.74
C SER C 234 -3.94 -9.50 72.40
N LEU C 235 -3.14 -9.85 71.37
CA LEU C 235 -3.77 -10.27 70.12
C LEU C 235 -3.49 -11.75 69.86
N ASP C 236 -4.46 -12.57 70.26
CA ASP C 236 -4.73 -13.85 69.62
C ASP C 236 -6.01 -13.78 68.80
N VAL C 237 -6.72 -12.66 68.84
CA VAL C 237 -8.11 -12.64 68.38
C VAL C 237 -8.18 -12.42 66.88
N GLU C 238 -9.08 -13.16 66.24
CA GLU C 238 -9.32 -12.95 64.82
C GLU C 238 -10.30 -11.79 64.69
N GLU C 239 -9.92 -10.79 63.91
CA GLU C 239 -10.75 -9.61 63.73
C GLU C 239 -12.05 -9.96 63.03
N SER C 240 -13.13 -9.32 63.45
CA SER C 240 -14.41 -9.50 62.78
C SER C 240 -14.43 -8.57 61.58
N GLU C 241 -13.62 -8.91 60.58
CA GLU C 241 -13.48 -8.09 59.38
C GLU C 241 -14.83 -7.90 58.70
N GLU C 242 -15.64 -8.95 58.70
CA GLU C 242 -16.95 -8.93 58.04
C GLU C 242 -16.72 -9.08 56.54
N GLY C 243 -17.76 -8.80 55.75
CA GLY C 243 -17.61 -8.91 54.32
C GLY C 243 -16.90 -7.72 53.70
N ASN C 244 -15.98 -8.00 52.80
CA ASN C 244 -15.38 -6.97 51.95
C ASN C 244 -16.27 -6.56 50.80
N THR C 245 -16.95 -7.53 50.21
CA THR C 245 -17.78 -7.30 49.03
C THR C 245 -19.26 -7.41 49.35
N ARG C 246 -20.02 -6.40 48.93
CA ARG C 246 -21.47 -6.43 49.04
C ARG C 246 -22.09 -6.57 47.66
N VAL C 247 -23.25 -7.20 47.63
CA VAL C 247 -24.04 -7.35 46.42
C VAL C 247 -25.34 -6.60 46.63
N TYR C 248 -25.52 -5.51 45.91
CA TYR C 248 -26.72 -4.69 46.02
C TYR C 248 -27.73 -5.14 44.99
N TYR C 249 -28.96 -5.39 45.44
CA TYR C 249 -30.05 -5.71 44.53
C TYR C 249 -30.73 -4.40 44.17
N LEU C 250 -30.57 -3.97 42.93
CA LEU C 250 -31.13 -2.70 42.50
C LEU C 250 -32.61 -2.88 42.20
N LYS C 251 -33.41 -1.91 42.63
CA LYS C 251 -34.81 -1.85 42.26
C LYS C 251 -35.07 -0.48 41.67
N TYR C 252 -35.52 -0.45 40.42
CA TYR C 252 -35.83 0.70 39.58
C TYR C 252 -34.62 1.18 38.80
N ALA C 253 -33.43 0.65 39.06
CA ALA C 253 -32.24 1.03 38.30
C ALA C 253 -31.68 -0.17 37.57
N LYS C 254 -30.92 0.10 36.52
CA LYS C 254 -30.33 -0.94 35.69
C LYS C 254 -28.85 -1.04 36.04
N ALA C 255 -28.40 -2.22 36.42
CA ALA C 255 -27.10 -2.39 37.03
C ALA C 255 -25.96 -1.98 36.11
N THR C 256 -26.10 -2.31 34.80
CA THR C 256 -25.07 -1.98 33.84
C THR C 256 -24.96 -0.46 33.69
N ASN C 257 -26.10 0.21 33.69
CA ASN C 257 -26.15 1.66 33.63
C ASN C 257 -25.51 2.29 34.85
N LEU C 258 -25.85 1.75 36.01
CA LEU C 258 -25.38 2.28 37.27
C LEU C 258 -23.88 2.13 37.36
N VAL C 259 -23.35 1.05 36.82
CA VAL C 259 -21.93 0.80 36.95
C VAL C 259 -21.12 1.92 36.33
N GLU C 260 -21.52 2.39 35.16
CA GLU C 260 -20.75 3.45 34.51
C GLU C 260 -20.72 4.71 35.36
N VAL C 261 -21.88 5.08 35.90
CA VAL C 261 -21.97 6.27 36.73
C VAL C 261 -21.13 6.11 37.99
N LEU C 262 -21.18 4.93 38.57
CA LEU C 262 -20.47 4.63 39.80
C LEU C 262 -18.96 4.67 39.57
N THR C 263 -18.55 4.25 38.39
CA THR C 263 -17.15 4.02 38.10
C THR C 263 -16.40 5.32 38.30
N GLY C 264 -17.01 6.43 37.88
CA GLY C 264 -16.34 7.69 38.06
C GLY C 264 -16.16 8.02 39.55
N VAL C 265 -17.20 7.76 40.34
CA VAL C 265 -17.17 8.05 41.78
C VAL C 265 -16.11 7.23 42.48
N SER C 266 -16.00 5.98 42.07
CA SER C 266 -15.02 5.09 42.64
C SER C 266 -13.64 5.45 42.07
N GLU C 267 -13.61 5.87 40.76
CA GLU C 267 -12.36 6.13 40.07
C GLU C 267 -11.94 7.56 40.40
N VAL C 288 -11.40 0.83 44.64
CA VAL C 288 -12.75 0.27 44.65
C VAL C 288 -13.12 -0.30 43.29
N ALA C 289 -13.77 -1.45 43.30
CA ALA C 289 -14.20 -2.09 42.06
C ALA C 289 -15.72 -2.24 42.03
N ILE C 290 -16.34 -1.72 40.98
CA ILE C 290 -17.78 -1.82 40.82
C ILE C 290 -18.05 -2.59 39.53
N THR C 291 -18.81 -3.67 39.63
CA THR C 291 -19.22 -4.41 38.45
C THR C 291 -20.63 -4.93 38.67
N ALA C 292 -21.32 -5.21 37.57
CA ALA C 292 -22.74 -5.53 37.59
C ALA C 292 -23.01 -6.92 37.05
N ASP C 293 -24.06 -7.53 37.57
CA ASP C 293 -24.58 -8.79 37.05
C ASP C 293 -25.83 -8.47 36.24
N GLU C 294 -25.73 -8.62 34.92
CA GLU C 294 -26.85 -8.26 34.06
C GLU C 294 -28.01 -9.22 34.19
N GLN C 295 -27.77 -10.43 34.70
CA GLN C 295 -28.87 -11.40 34.84
C GLN C 295 -29.78 -11.03 36.01
N THR C 296 -29.25 -11.09 37.23
CA THR C 296 -30.04 -10.77 38.41
C THR C 296 -30.27 -9.27 38.57
N ASN C 297 -29.64 -8.44 37.75
CA ASN C 297 -29.71 -6.98 37.88
C ASN C 297 -29.27 -6.55 39.27
N SER C 298 -28.09 -7.00 39.66
CA SER C 298 -27.50 -6.68 40.94
C SER C 298 -26.12 -6.08 40.71
N LEU C 299 -25.69 -5.26 41.66
CA LEU C 299 -24.46 -4.49 41.53
C LEU C 299 -23.49 -4.97 42.60
N VAL C 300 -22.25 -5.22 42.20
CA VAL C 300 -21.24 -5.81 43.08
C VAL C 300 -20.16 -4.76 43.32
N ILE C 301 -20.07 -4.28 44.56
CA ILE C 301 -19.05 -3.32 44.96
C ILE C 301 -18.17 -3.96 46.03
N THR C 302 -16.87 -4.01 45.77
CA THR C 302 -15.89 -4.43 46.75
C THR C 302 -14.98 -3.25 47.09
N ALA C 303 -14.89 -2.95 48.39
CA ALA C 303 -14.20 -1.74 48.85
C ALA C 303 -14.19 -1.76 50.37
N ASP C 304 -13.50 -0.78 50.94
CA ASP C 304 -13.41 -0.66 52.39
C ASP C 304 -14.79 -0.39 52.98
N GLN C 305 -14.95 -0.78 54.25
CA GLN C 305 -16.20 -0.50 54.96
C GLN C 305 -16.57 0.98 54.92
N SER C 306 -15.58 1.86 54.82
CA SER C 306 -15.86 3.28 54.73
C SER C 306 -16.50 3.64 53.39
N VAL C 307 -15.91 3.14 52.30
CA VAL C 307 -16.46 3.40 50.97
C VAL C 307 -17.83 2.77 50.81
N GLN C 308 -18.01 1.56 51.37
CA GLN C 308 -19.29 0.87 51.26
C GLN C 308 -20.43 1.71 51.81
N GLU C 309 -20.23 2.29 53.00
CA GLU C 309 -21.30 3.06 53.61
C GLU C 309 -21.56 4.36 52.84
N LYS C 310 -20.56 4.87 52.13
CA LYS C 310 -20.77 6.07 51.33
C LYS C 310 -21.45 5.75 50.00
N LEU C 311 -21.02 4.68 49.32
CA LEU C 311 -21.69 4.28 48.10
C LEU C 311 -23.07 3.71 48.34
N ALA C 312 -23.35 3.25 49.56
CA ALA C 312 -24.70 2.76 49.86
C ALA C 312 -25.71 3.90 49.84
N THR C 313 -25.29 5.11 50.19
CA THR C 313 -26.18 6.27 50.11
C THR C 313 -26.26 6.81 48.69
N VAL C 314 -25.15 6.78 47.95
CA VAL C 314 -25.17 7.23 46.57
C VAL C 314 -26.10 6.38 45.74
N ILE C 315 -26.05 5.06 45.92
CA ILE C 315 -26.93 4.18 45.19
C ILE C 315 -28.38 4.39 45.60
N ALA C 316 -28.64 4.53 46.89
CA ALA C 316 -30.00 4.75 47.35
C ALA C 316 -30.58 6.03 46.77
N ARG C 317 -29.74 7.04 46.59
CA ARG C 317 -30.20 8.28 45.95
C ARG C 317 -30.44 8.08 44.47
N LEU C 318 -29.62 7.25 43.84
CA LEU C 318 -29.60 7.11 42.40
C LEU C 318 -30.48 5.98 41.91
N ASP C 319 -31.11 5.24 42.83
CA ASP C 319 -31.92 4.07 42.53
C ASP C 319 -33.42 4.41 42.49
N ILE C 320 -33.78 5.68 42.56
CA ILE C 320 -35.18 6.04 42.82
C ILE C 320 -36.08 5.65 41.66
N ARG C 321 -37.37 5.56 41.97
CA ARG C 321 -38.38 5.31 40.95
C ARG C 321 -38.59 6.54 40.08
N ARG C 322 -38.76 6.31 38.79
CA ARG C 322 -38.82 7.37 37.79
C ARG C 322 -40.24 7.49 37.26
N ALA C 323 -40.64 8.72 36.96
CA ALA C 323 -42.01 9.02 36.58
C ALA C 323 -42.28 8.65 35.13
N GLN C 324 -43.56 8.45 34.83
CA GLN C 324 -44.05 8.14 33.49
C GLN C 324 -44.86 9.31 32.97
N VAL C 325 -44.87 9.48 31.66
CA VAL C 325 -45.58 10.59 31.04
C VAL C 325 -46.48 10.04 29.93
N LEU C 326 -47.77 10.35 30.02
CA LEU C 326 -48.69 10.13 28.91
C LEU C 326 -48.72 11.37 28.04
N VAL C 327 -48.35 11.21 26.78
CA VAL C 327 -48.23 12.32 25.84
C VAL C 327 -49.29 12.15 24.76
N GLU C 328 -50.33 12.97 24.78
CA GLU C 328 -51.29 13.03 23.68
C GLU C 328 -50.94 14.18 22.77
N ALA C 329 -50.86 13.91 21.48
CA ALA C 329 -50.82 14.96 20.48
C ALA C 329 -52.19 15.06 19.83
N ILE C 330 -52.57 16.27 19.44
CA ILE C 330 -53.83 16.50 18.76
C ILE C 330 -53.51 17.26 17.49
N ILE C 331 -53.70 16.63 16.34
CA ILE C 331 -53.45 17.26 15.06
C ILE C 331 -54.80 17.47 14.40
N VAL C 332 -55.22 18.73 14.30
CA VAL C 332 -56.46 19.08 13.63
C VAL C 332 -56.12 19.87 12.38
N GLU C 333 -56.63 19.44 11.24
CA GLU C 333 -56.51 20.20 10.02
C GLU C 333 -57.89 20.32 9.40
N VAL C 334 -58.15 21.45 8.75
CA VAL C 334 -59.37 21.63 8.00
C VAL C 334 -59.04 22.36 6.70
N GLN C 335 -59.45 21.77 5.58
CA GLN C 335 -59.24 22.37 4.28
C GLN C 335 -60.59 22.61 3.63
N ASP C 336 -60.67 23.66 2.83
CA ASP C 336 -61.79 23.81 1.92
C ASP C 336 -61.41 24.79 0.83
N GLY C 337 -62.10 24.71 -0.29
CA GLY C 337 -61.92 25.66 -1.35
C GLY C 337 -62.97 25.50 -2.41
N ASN C 338 -63.28 26.56 -3.14
CA ASN C 338 -64.34 26.52 -4.13
C ASN C 338 -63.90 27.22 -5.40
N GLY C 339 -63.83 26.48 -6.50
CA GLY C 339 -63.60 27.07 -7.79
C GLY C 339 -64.89 27.39 -8.51
N LEU C 340 -64.84 28.39 -9.39
CA LEU C 340 -65.93 28.71 -10.29
C LEU C 340 -65.34 29.09 -11.63
N ASN C 341 -65.70 28.39 -12.69
CA ASN C 341 -65.28 28.79 -14.03
C ASN C 341 -66.47 28.76 -14.98
N LEU C 342 -66.86 29.93 -15.46
CA LEU C 342 -67.97 30.07 -16.40
C LEU C 342 -67.53 30.97 -17.54
N GLY C 343 -68.00 30.67 -18.73
CA GLY C 343 -67.67 31.50 -19.88
C GLY C 343 -68.75 31.42 -20.93
N VAL C 344 -68.88 32.48 -21.71
CA VAL C 344 -69.84 32.53 -22.80
C VAL C 344 -69.00 32.66 -24.05
N GLN C 345 -69.27 31.86 -25.08
CA GLN C 345 -68.63 32.01 -26.38
C GLN C 345 -69.77 32.08 -27.38
N TRP C 346 -69.78 33.01 -28.32
CA TRP C 346 -70.84 33.05 -29.34
C TRP C 346 -70.11 32.96 -30.68
N ALA C 347 -70.54 32.12 -31.61
CA ALA C 347 -69.87 32.07 -32.92
C ALA C 347 -70.89 32.46 -33.99
N ASN C 348 -70.61 33.38 -34.89
CA ASN C 348 -71.59 33.73 -35.94
C ASN C 348 -71.04 33.51 -37.35
N LYS C 349 -71.76 32.85 -38.23
CA LYS C 349 -71.14 32.66 -39.53
C LYS C 349 -70.93 33.97 -40.27
N ASN C 350 -71.92 34.85 -40.22
CA ASN C 350 -71.83 36.13 -40.91
C ASN C 350 -70.75 37.09 -40.41
N VAL C 351 -70.61 37.19 -39.09
CA VAL C 351 -69.67 38.15 -38.51
C VAL C 351 -68.35 37.53 -38.07
N GLY C 352 -68.43 36.42 -37.35
CA GLY C 352 -67.24 35.79 -36.79
C GLY C 352 -67.58 35.13 -35.47
N ALA C 353 -66.59 34.54 -34.82
CA ALA C 353 -66.84 33.81 -33.58
C ALA C 353 -65.89 34.21 -32.46
N GLN C 354 -66.39 34.14 -31.23
CA GLN C 354 -65.55 34.34 -30.05
C GLN C 354 -65.41 32.98 -29.39
N GLN C 355 -64.18 32.53 -29.22
CA GLN C 355 -63.94 31.20 -28.67
C GLN C 355 -62.94 31.22 -27.54
N PHE C 356 -63.18 30.41 -26.52
CA PHE C 356 -62.27 30.27 -25.39
C PHE C 356 -62.00 28.80 -25.18
N THR C 357 -60.78 28.37 -25.48
CA THR C 357 -60.29 27.16 -24.90
C THR C 357 -60.12 27.39 -23.40
N ASN C 358 -60.15 26.31 -22.63
CA ASN C 358 -60.22 26.24 -21.17
C ASN C 358 -61.66 26.29 -20.69
N THR C 359 -62.63 26.58 -21.55
CA THR C 359 -64.01 26.32 -21.19
C THR C 359 -64.29 24.83 -21.12
N GLY C 360 -63.34 24.00 -21.54
CA GLY C 360 -63.48 22.57 -21.60
C GLY C 360 -64.02 22.10 -22.92
N LEU C 361 -64.79 22.93 -23.61
CA LEU C 361 -65.03 22.76 -25.01
C LEU C 361 -65.05 24.12 -25.69
N PRO C 362 -64.36 24.27 -26.81
CA PRO C 362 -64.47 25.50 -27.59
C PRO C 362 -65.68 25.50 -28.50
N ILE C 363 -66.09 26.72 -28.90
CA ILE C 363 -67.26 26.86 -29.76
C ILE C 363 -67.02 26.22 -31.11
N PHE C 364 -65.79 26.19 -31.59
CA PHE C 364 -65.53 25.60 -32.90
C PHE C 364 -65.70 24.09 -32.88
N ASN C 365 -65.01 23.41 -31.97
CA ASN C 365 -65.09 21.96 -31.92
C ASN C 365 -66.47 21.49 -31.48
N ALA C 366 -67.17 22.29 -30.69
CA ALA C 366 -68.53 21.92 -30.32
C ALA C 366 -69.48 22.04 -31.50
N ALA C 367 -69.38 23.14 -32.26
CA ALA C 367 -70.26 23.32 -33.40
C ALA C 367 -70.01 22.28 -34.48
N GLN C 368 -68.77 21.80 -34.61
CA GLN C 368 -68.52 20.70 -35.53
C GLN C 368 -69.10 19.40 -35.01
N GLY C 369 -69.16 19.23 -33.69
CA GLY C 369 -69.74 18.04 -33.10
C GLY C 369 -71.25 18.05 -33.11
N VAL C 370 -71.84 19.21 -32.80
CA VAL C 370 -73.29 19.30 -32.82
C VAL C 370 -73.81 19.15 -34.24
N ALA C 371 -73.16 19.77 -35.21
CA ALA C 371 -73.59 19.62 -36.59
C ALA C 371 -73.44 18.17 -37.05
N ASP C 372 -72.32 17.54 -36.72
CA ASP C 372 -72.15 16.12 -37.02
C ASP C 372 -73.22 15.28 -36.36
N TYR C 373 -73.65 15.66 -35.15
CA TYR C 373 -74.66 14.89 -34.44
C TYR C 373 -76.02 15.00 -35.11
N LYS C 374 -76.32 16.14 -35.72
CA LYS C 374 -77.62 16.31 -36.36
C LYS C 374 -77.70 15.52 -37.66
N LYS C 375 -76.64 15.53 -38.46
CA LYS C 375 -76.69 14.87 -39.75
C LYS C 375 -76.74 13.35 -39.59
N ASN C 376 -75.90 12.79 -38.71
CA ASN C 376 -75.81 11.35 -38.57
C ASN C 376 -76.75 10.78 -37.52
N GLY C 377 -77.41 11.62 -36.73
CA GLY C 377 -78.24 11.16 -35.65
C GLY C 377 -77.49 10.68 -34.43
N GLY C 378 -76.18 10.50 -34.52
CA GLY C 378 -75.36 10.07 -33.41
C GLY C 378 -73.93 10.49 -33.66
N ILE C 379 -73.05 10.08 -32.75
CA ILE C 379 -71.63 10.43 -32.83
C ILE C 379 -70.81 9.18 -32.59
N THR C 380 -70.01 8.79 -33.58
CA THR C 380 -69.08 7.69 -33.42
C THR C 380 -67.91 8.09 -32.53
N SER C 381 -67.21 7.08 -32.01
CA SER C 381 -66.02 7.34 -31.21
C SER C 381 -64.90 7.94 -32.04
N ALA C 382 -64.97 7.87 -33.37
CA ALA C 382 -63.93 8.44 -34.22
C ALA C 382 -64.09 9.95 -34.41
N ASN C 383 -65.29 10.49 -34.17
CA ASN C 383 -65.49 11.91 -34.26
C ASN C 383 -64.56 12.62 -33.28
N PRO C 384 -63.75 13.59 -33.73
CA PRO C 384 -62.82 14.26 -32.81
C PRO C 384 -63.51 14.93 -31.64
N ALA C 385 -64.79 15.28 -31.76
CA ALA C 385 -65.52 15.86 -30.64
C ALA C 385 -65.90 14.85 -29.58
N TRP C 386 -65.69 13.56 -29.81
CA TRP C 386 -66.05 12.55 -28.83
C TRP C 386 -65.33 12.79 -27.51
N ASP C 387 -64.00 12.83 -27.54
CA ASP C 387 -63.23 13.01 -26.32
C ASP C 387 -63.51 14.34 -25.65
N MET C 388 -64.01 15.32 -26.40
CA MET C 388 -64.29 16.62 -25.81
C MET C 388 -65.60 16.61 -25.03
N PHE C 389 -66.64 15.98 -25.59
CA PHE C 389 -67.90 15.85 -24.87
C PHE C 389 -67.84 14.76 -23.82
N SER C 390 -67.05 13.70 -24.06
CA SER C 390 -67.04 12.59 -23.13
C SER C 390 -66.49 13.01 -21.77
N ALA C 391 -65.52 13.92 -21.76
CA ALA C 391 -65.05 14.51 -20.51
C ALA C 391 -65.44 15.98 -20.53
N TYR C 392 -66.48 16.32 -19.79
CA TYR C 392 -66.88 17.69 -19.57
C TYR C 392 -67.69 17.73 -18.29
N ASN C 393 -67.58 18.81 -17.54
CA ASN C 393 -68.30 18.94 -16.28
C ASN C 393 -69.03 20.27 -16.25
N GLY C 394 -70.26 20.25 -15.73
CA GLY C 394 -71.05 21.45 -15.59
C GLY C 394 -72.08 21.57 -16.68
N MET C 395 -72.83 22.68 -16.62
CA MET C 395 -73.93 22.92 -17.53
C MET C 395 -73.42 23.61 -18.78
N ALA C 396 -73.61 22.98 -19.93
CA ALA C 396 -73.34 23.59 -21.22
C ALA C 396 -74.68 23.82 -21.92
N ALA C 397 -75.09 25.08 -22.00
CA ALA C 397 -76.40 25.44 -22.54
C ALA C 397 -76.22 26.26 -23.80
N GLY C 398 -76.54 25.68 -24.95
CA GLY C 398 -76.50 26.40 -26.19
C GLY C 398 -77.83 27.07 -26.52
N PHE C 399 -77.75 28.19 -27.22
CA PHE C 399 -78.94 28.92 -27.65
C PHE C 399 -78.70 29.48 -29.04
N PHE C 400 -79.60 29.20 -29.97
CA PHE C 400 -79.51 29.72 -31.32
C PHE C 400 -80.61 30.74 -31.54
N ASN C 401 -80.22 31.99 -31.79
CA ASN C 401 -81.15 33.05 -32.16
C ASN C 401 -80.81 33.46 -33.59
N GLY C 402 -81.68 33.10 -34.53
CA GLY C 402 -81.40 33.41 -35.92
C GLY C 402 -80.14 32.70 -36.38
N ASP C 403 -79.18 33.47 -36.87
CA ASP C 403 -77.90 32.93 -37.28
C ASP C 403 -76.87 32.93 -36.15
N TRP C 404 -77.18 33.56 -35.02
CA TRP C 404 -76.25 33.64 -33.91
C TRP C 404 -76.28 32.34 -33.11
N GLY C 405 -75.15 31.65 -33.02
CA GLY C 405 -74.97 30.62 -32.03
C GLY C 405 -74.42 31.21 -30.74
N VAL C 406 -74.82 30.64 -29.62
CA VAL C 406 -74.36 31.06 -28.30
C VAL C 406 -74.20 29.83 -27.43
N LEU C 407 -73.09 29.75 -26.70
CA LEU C 407 -72.80 28.58 -25.88
C LEU C 407 -72.31 29.03 -24.53
N LEU C 408 -73.02 28.65 -23.47
CA LEU C 408 -72.70 28.99 -22.10
C LEU C 408 -72.21 27.75 -21.37
N THR C 409 -71.02 27.82 -20.81
CA THR C 409 -70.47 26.76 -19.98
C THR C 409 -70.29 27.30 -18.57
N ALA C 410 -70.79 26.56 -17.58
CA ALA C 410 -70.67 26.98 -16.20
C ALA C 410 -70.41 25.77 -15.32
N LEU C 411 -69.39 25.87 -14.47
CA LEU C 411 -69.09 24.85 -13.48
C LEU C 411 -68.63 25.54 -12.21
N ALA C 412 -69.26 25.21 -11.09
CA ALA C 412 -68.81 25.69 -9.79
C ALA C 412 -68.44 24.49 -8.95
N SER C 413 -67.16 24.31 -8.70
CA SER C 413 -66.67 23.22 -7.87
C SER C 413 -66.50 23.72 -6.44
N ASN C 414 -66.76 22.82 -5.50
CA ASN C 414 -66.56 23.12 -4.10
C ASN C 414 -66.10 21.83 -3.43
N ASN C 415 -65.08 21.90 -2.59
CA ASN C 415 -64.68 20.75 -1.82
C ASN C 415 -64.46 21.16 -0.38
N LYS C 416 -64.32 20.15 0.46
CA LYS C 416 -64.13 20.35 1.89
C LYS C 416 -63.38 19.15 2.42
N ASN C 417 -62.54 19.38 3.41
CA ASN C 417 -61.76 18.30 3.97
C ASN C 417 -61.52 18.61 5.42
N ASP C 418 -61.52 17.59 6.25
CA ASP C 418 -61.33 17.77 7.68
C ASP C 418 -60.62 16.56 8.23
N ILE C 419 -59.69 16.77 9.14
CA ILE C 419 -58.82 15.72 9.63
C ILE C 419 -58.66 15.90 11.13
N LEU C 420 -58.60 14.78 11.84
CA LEU C 420 -58.30 14.76 13.26
C LEU C 420 -57.43 13.55 13.54
N ALA C 421 -56.34 13.75 14.25
CA ALA C 421 -55.48 12.66 14.67
C ALA C 421 -55.11 12.90 16.11
N THR C 422 -55.01 11.83 16.89
CA THR C 422 -54.67 11.94 18.32
C THR C 422 -53.77 10.77 18.72
N PRO C 423 -52.54 10.76 18.24
CA PRO C 423 -51.59 9.74 18.70
C PRO C 423 -51.18 10.01 20.14
N SER C 424 -51.18 8.96 20.94
CA SER C 424 -50.75 9.06 22.32
C SER C 424 -49.79 7.94 22.65
N ILE C 425 -48.90 8.20 23.60
CA ILE C 425 -47.84 7.26 23.95
C ILE C 425 -47.55 7.45 25.43
N VAL C 426 -47.27 6.35 26.12
CA VAL C 426 -46.84 6.38 27.52
C VAL C 426 -45.40 5.92 27.56
N THR C 427 -44.57 6.62 28.32
CA THR C 427 -43.18 6.26 28.42
C THR C 427 -42.59 6.80 29.70
N LEU C 428 -41.48 6.20 30.11
CA LEU C 428 -40.73 6.72 31.25
C LEU C 428 -40.01 7.99 30.86
N ASP C 429 -39.83 8.88 31.83
CA ASP C 429 -39.07 10.08 31.57
C ASP C 429 -37.65 9.73 31.17
N ASN C 430 -37.07 10.55 30.31
CA ASN C 430 -35.71 10.44 29.80
C ASN C 430 -35.56 9.24 28.87
N LYS C 431 -36.59 8.43 28.68
CA LYS C 431 -36.58 7.34 27.73
C LYS C 431 -37.34 7.74 26.48
N LEU C 432 -36.75 7.46 25.32
CA LEU C 432 -37.35 7.84 24.04
C LEU C 432 -38.39 6.80 23.61
N ALA C 433 -39.60 7.28 23.37
CA ALA C 433 -40.69 6.45 22.88
C ALA C 433 -41.07 6.91 21.48
N SER C 434 -41.52 5.97 20.66
CA SER C 434 -41.99 6.29 19.33
C SER C 434 -43.23 5.49 19.04
N PHE C 435 -44.12 6.08 18.25
CA PHE C 435 -45.40 5.49 17.92
C PHE C 435 -45.62 5.69 16.43
N ASN C 436 -45.73 4.60 15.67
CA ASN C 436 -45.88 4.66 14.23
C ASN C 436 -47.17 3.95 13.86
N VAL C 437 -48.04 4.65 13.13
CA VAL C 437 -49.18 4.02 12.48
C VAL C 437 -49.20 4.51 11.05
N GLY C 438 -49.03 3.60 10.11
CA GLY C 438 -48.80 4.00 8.74
C GLY C 438 -48.41 2.80 7.92
N GLN C 439 -47.67 3.07 6.85
CA GLN C 439 -47.22 1.99 6.00
C GLN C 439 -45.78 2.21 5.58
N ASP C 440 -45.09 1.11 5.35
CA ASP C 440 -43.67 1.09 5.03
C ASP C 440 -43.52 0.88 3.52
N VAL C 441 -43.05 1.89 2.81
CA VAL C 441 -43.09 1.88 1.36
C VAL C 441 -41.67 1.89 0.80
N PRO C 442 -41.42 1.24 -0.33
CA PRO C 442 -40.10 1.34 -0.97
C PRO C 442 -39.93 2.66 -1.71
N VAL C 443 -38.73 3.23 -1.61
CA VAL C 443 -38.39 4.44 -2.35
C VAL C 443 -37.10 4.17 -3.12
N LEU C 444 -37.06 4.67 -4.35
CA LEU C 444 -35.93 4.42 -5.23
C LEU C 444 -34.73 5.26 -4.80
N SER C 445 -33.54 4.83 -5.22
CA SER C 445 -32.32 5.57 -4.92
C SER C 445 -31.17 5.22 -5.88
N THR C 458 -31.66 -0.15 -7.25
CA THR C 458 -31.46 0.09 -5.82
C THR C 458 -32.64 0.84 -5.20
N VAL C 459 -33.21 0.29 -4.13
CA VAL C 459 -34.33 0.89 -3.44
C VAL C 459 -34.01 0.99 -1.96
N GLU C 460 -34.96 1.57 -1.22
CA GLU C 460 -34.81 1.82 0.20
C GLU C 460 -36.20 1.84 0.81
N ARG C 461 -36.28 1.49 2.09
CA ARG C 461 -37.56 1.37 2.76
C ARG C 461 -37.80 2.62 3.60
N LYS C 462 -39.02 3.15 3.54
CA LYS C 462 -39.36 4.39 4.22
C LYS C 462 -40.73 4.25 4.87
N THR C 463 -40.80 4.48 6.18
CA THR C 463 -42.08 4.45 6.88
C THR C 463 -42.77 5.79 6.72
N VAL C 464 -44.03 5.75 6.29
CA VAL C 464 -44.79 6.96 6.03
C VAL C 464 -46.17 6.79 6.67
N GLY C 465 -46.47 7.63 7.64
CA GLY C 465 -47.75 7.53 8.32
C GLY C 465 -47.80 8.52 9.46
N THR C 466 -48.70 8.29 10.40
CA THR C 466 -48.76 9.11 11.59
C THR C 466 -47.68 8.65 12.56
N LYS C 467 -46.77 9.54 12.88
CA LYS C 467 -45.61 9.19 13.69
C LYS C 467 -45.49 10.16 14.84
N LEU C 468 -45.18 9.64 16.02
CA LEU C 468 -44.94 10.47 17.19
C LEU C 468 -43.72 9.93 17.90
N LYS C 469 -42.67 10.73 18.00
CA LYS C 469 -41.43 10.34 18.66
C LYS C 469 -41.11 11.40 19.70
N VAL C 470 -41.19 11.03 20.97
CA VAL C 470 -41.08 12.00 22.05
C VAL C 470 -40.15 11.47 23.12
N THR C 471 -39.29 12.34 23.66
CA THR C 471 -38.47 12.03 24.83
C THR C 471 -38.87 12.94 25.97
N PRO C 472 -39.59 12.46 26.96
CA PRO C 472 -39.98 13.31 28.07
C PRO C 472 -38.87 13.48 29.09
N GLN C 473 -38.91 14.61 29.78
CA GLN C 473 -38.07 14.89 30.93
C GLN C 473 -38.94 15.57 31.97
N VAL C 474 -39.13 14.95 33.13
CA VAL C 474 -40.03 15.49 34.13
C VAL C 474 -39.22 16.34 35.09
N ASN C 475 -39.40 17.64 35.01
CA ASN C 475 -38.69 18.54 35.90
C ASN C 475 -39.50 19.72 36.43
N GLU C 476 -39.70 19.79 37.74
CA GLU C 476 -39.61 18.64 38.61
C GLU C 476 -40.93 18.75 39.36
N GLY C 477 -41.45 17.66 39.90
CA GLY C 477 -42.83 17.78 40.29
C GLY C 477 -43.65 17.93 39.02
N ASP C 478 -44.33 19.07 38.88
CA ASP C 478 -45.13 19.32 37.69
C ASP C 478 -44.25 19.64 36.50
N ALA C 479 -44.89 20.11 35.43
CA ALA C 479 -44.36 20.31 34.10
C ALA C 479 -43.72 19.06 33.52
N VAL C 480 -42.83 19.24 32.54
CA VAL C 480 -42.15 18.22 31.75
C VAL C 480 -41.36 18.97 30.69
N LEU C 481 -40.37 18.32 30.09
CA LEU C 481 -39.71 18.83 28.91
C LEU C 481 -39.90 17.81 27.82
N LEU C 482 -40.70 18.15 26.83
CA LEU C 482 -41.02 17.24 25.74
C LEU C 482 -40.21 17.64 24.53
N GLU C 483 -39.32 16.77 24.08
CA GLU C 483 -38.72 16.92 22.77
C GLU C 483 -39.58 16.12 21.82
N ILE C 484 -40.35 16.81 20.99
CA ILE C 484 -41.31 16.19 20.10
C ILE C 484 -40.72 16.16 18.72
N GLU C 485 -40.80 15.01 18.07
CA GLU C 485 -40.64 14.91 16.63
C GLU C 485 -41.83 14.12 16.14
N GLN C 486 -42.73 14.77 15.42
CA GLN C 486 -43.89 14.05 14.92
C GLN C 486 -44.17 14.49 13.50
N GLU C 487 -44.91 13.64 12.78
CA GLU C 487 -45.39 14.04 11.48
C GLU C 487 -46.59 13.19 11.11
N VAL C 488 -47.38 13.71 10.20
CA VAL C 488 -48.45 12.97 9.57
C VAL C 488 -48.14 12.98 8.09
N SER C 489 -47.75 11.84 7.55
CA SER C 489 -47.35 11.75 6.15
C SER C 489 -48.08 10.60 5.49
N SER C 490 -48.23 10.69 4.17
CA SER C 490 -48.97 9.70 3.43
C SER C 490 -48.47 9.67 2.01
N VAL C 491 -48.59 8.50 1.37
CA VAL C 491 -48.21 8.39 -0.03
C VAL C 491 -49.21 9.15 -0.87
N ASP C 492 -48.71 9.89 -1.86
CA ASP C 492 -49.56 10.67 -2.76
C ASP C 492 -49.90 9.79 -3.95
N SER C 493 -51.17 9.41 -4.05
CA SER C 493 -51.60 8.50 -5.10
C SER C 493 -51.43 9.13 -6.48
N SER C 494 -51.89 10.36 -6.64
CA SER C 494 -51.64 11.09 -7.87
C SER C 494 -50.16 11.42 -8.00
N SER C 495 -49.76 11.77 -9.21
CA SER C 495 -48.40 12.24 -9.49
C SER C 495 -47.36 11.17 -9.15
N ASN C 496 -47.59 9.96 -9.64
CA ASN C 496 -46.54 8.96 -9.57
C ASN C 496 -45.52 9.22 -10.67
N SER C 497 -44.29 8.77 -10.42
CA SER C 497 -43.19 9.03 -11.33
C SER C 497 -42.28 7.83 -11.39
N THR C 498 -41.42 7.83 -12.41
CA THR C 498 -40.42 6.77 -12.53
C THR C 498 -39.30 6.95 -11.51
N LEU C 499 -39.15 8.13 -10.94
CA LEU C 499 -38.12 8.34 -9.93
C LEU C 499 -38.54 7.81 -8.57
N GLY C 500 -39.83 7.72 -8.31
CA GLY C 500 -40.31 7.17 -7.07
C GLY C 500 -41.61 7.81 -6.65
N PRO C 501 -42.12 7.41 -5.49
CA PRO C 501 -43.33 8.05 -4.96
C PRO C 501 -43.02 9.37 -4.30
N THR C 502 -44.01 10.25 -4.30
CA THR C 502 -43.96 11.40 -3.43
C THR C 502 -44.76 11.10 -2.18
N PHE C 503 -44.69 12.00 -1.21
CA PHE C 503 -45.40 11.83 0.05
C PHE C 503 -45.86 13.19 0.51
N ASN C 504 -47.06 13.26 1.05
CA ASN C 504 -47.55 14.50 1.64
C ASN C 504 -47.18 14.48 3.11
N THR C 505 -46.25 15.34 3.51
CA THR C 505 -45.72 15.33 4.87
C THR C 505 -46.10 16.61 5.58
N ARG C 506 -46.57 16.48 6.81
CA ARG C 506 -46.70 17.60 7.73
C ARG C 506 -45.86 17.27 8.95
N THR C 507 -44.75 17.95 9.11
CA THR C 507 -43.75 17.60 10.11
C THR C 507 -43.51 18.77 11.04
N ILE C 508 -43.44 18.50 12.32
CA ILE C 508 -43.11 19.50 13.33
C ILE C 508 -42.20 18.87 14.37
N GLN C 509 -41.05 19.47 14.60
CA GLN C 509 -40.13 18.98 15.62
C GLN C 509 -39.64 20.17 16.43
N ASN C 510 -39.88 20.10 17.75
CA ASN C 510 -39.48 21.16 18.64
C ASN C 510 -39.40 20.60 20.04
N ALA C 511 -38.71 21.32 20.91
CA ALA C 511 -38.73 21.03 22.33
C ALA C 511 -39.61 22.06 23.01
N VAL C 512 -40.42 21.61 23.96
CA VAL C 512 -41.33 22.51 24.65
C VAL C 512 -41.46 22.02 26.08
N LEU C 513 -41.82 22.93 26.98
CA LEU C 513 -41.94 22.63 28.40
C LEU C 513 -43.38 22.95 28.80
N VAL C 514 -44.14 21.91 29.16
CA VAL C 514 -45.58 22.02 29.34
C VAL C 514 -45.91 21.56 30.76
N LYS C 515 -46.87 22.23 31.39
CA LYS C 515 -47.29 21.79 32.71
C LYS C 515 -48.07 20.47 32.59
N THR C 516 -48.15 19.76 33.72
CA THR C 516 -48.51 18.35 33.69
C THR C 516 -49.93 18.10 33.22
N GLY C 517 -50.83 19.05 33.35
CA GLY C 517 -52.20 18.77 32.94
C GLY C 517 -52.67 19.48 31.71
N GLU C 518 -51.83 20.34 31.14
CA GLU C 518 -52.28 21.39 30.25
C GLU C 518 -52.14 21.00 28.79
N THR C 519 -53.10 21.45 27.98
CA THR C 519 -53.06 21.32 26.54
C THR C 519 -52.51 22.61 25.96
N VAL C 520 -51.45 22.51 25.16
CA VAL C 520 -50.78 23.68 24.63
C VAL C 520 -50.49 23.45 23.15
N VAL C 521 -50.31 24.54 22.42
CA VAL C 521 -50.15 24.46 20.98
C VAL C 521 -48.67 24.33 20.64
N LEU C 522 -48.35 23.30 19.84
CA LEU C 522 -46.98 23.14 19.36
C LEU C 522 -46.71 24.00 18.15
N GLY C 523 -47.69 24.17 17.29
CA GLY C 523 -47.46 24.92 16.07
C GLY C 523 -48.73 24.99 15.26
N GLY C 524 -48.59 25.33 14.00
CA GLY C 524 -49.75 25.41 13.13
C GLY C 524 -49.40 26.14 11.86
N LEU C 525 -50.31 26.01 10.90
CA LEU C 525 -50.19 26.69 9.63
C LEU C 525 -51.58 27.13 9.19
N LEU C 526 -51.73 28.41 8.90
CA LEU C 526 -52.94 28.93 8.28
C LEU C 526 -52.55 29.38 6.89
N ASP C 527 -52.98 28.64 5.88
CA ASP C 527 -52.58 28.88 4.50
C ASP C 527 -53.83 29.17 3.70
N ASP C 528 -53.81 30.26 2.94
CA ASP C 528 -54.98 30.71 2.22
C ASP C 528 -54.56 31.24 0.86
N PHE C 529 -55.32 30.88 -0.16
CA PHE C 529 -54.92 31.06 -1.54
C PHE C 529 -56.14 31.41 -2.37
N SER C 530 -56.01 32.39 -3.26
CA SER C 530 -57.10 32.76 -4.16
C SER C 530 -56.51 33.08 -5.52
N LYS C 531 -57.02 32.42 -6.54
CA LYS C 531 -56.56 32.59 -7.90
C LYS C 531 -57.70 33.14 -8.74
N GLU C 532 -57.36 33.79 -9.84
CA GLU C 532 -58.36 34.26 -10.77
C GLU C 532 -57.74 34.35 -12.16
N GLN C 533 -58.55 34.09 -13.16
CA GLN C 533 -58.15 34.30 -14.54
C GLN C 533 -59.38 34.69 -15.33
N VAL C 534 -59.23 35.63 -16.24
CA VAL C 534 -60.29 35.94 -17.19
C VAL C 534 -59.64 36.02 -18.57
N SER C 535 -60.39 35.59 -19.58
CA SER C 535 -60.03 35.79 -20.97
C SER C 535 -61.22 36.51 -21.60
N LYS C 536 -61.01 37.73 -22.05
CA LYS C 536 -62.12 38.55 -22.48
C LYS C 536 -61.81 39.23 -23.82
N VAL C 537 -62.86 39.79 -24.39
CA VAL C 537 -62.72 40.70 -25.53
C VAL C 537 -62.41 42.10 -25.01
N PRO C 538 -61.37 42.77 -25.50
CA PRO C 538 -60.72 43.82 -24.71
C PRO C 538 -61.64 44.95 -24.24
N LEU C 539 -62.40 45.57 -25.14
CA LEU C 539 -63.30 46.63 -24.69
C LEU C 539 -64.62 46.09 -24.18
N LEU C 540 -65.18 45.10 -24.87
CA LEU C 540 -66.50 44.63 -24.53
C LEU C 540 -66.52 43.93 -23.18
N GLY C 541 -65.45 43.21 -22.84
CA GLY C 541 -65.41 42.47 -21.59
C GLY C 541 -65.40 43.32 -20.35
N ASP C 542 -65.18 44.63 -20.47
CA ASP C 542 -65.15 45.52 -19.33
C ASP C 542 -66.44 46.27 -19.10
N ILE C 543 -67.45 46.08 -19.95
CA ILE C 543 -68.76 46.67 -19.70
C ILE C 543 -69.30 46.12 -18.38
N PRO C 544 -69.77 46.96 -17.46
CA PRO C 544 -69.92 46.51 -16.06
C PRO C 544 -70.75 45.25 -15.86
N LEU C 545 -71.91 45.16 -16.51
CA LEU C 545 -72.76 43.99 -16.37
C LEU C 545 -72.71 43.10 -17.60
N VAL C 546 -73.10 43.65 -18.76
CA VAL C 546 -73.10 42.90 -20.01
C VAL C 546 -71.74 42.27 -20.29
N GLY C 547 -70.67 42.88 -19.80
CA GLY C 547 -69.32 42.42 -20.11
C GLY C 547 -69.04 40.97 -19.76
N GLN C 548 -69.83 40.38 -18.87
CA GLN C 548 -69.63 38.97 -18.53
C GLN C 548 -69.98 38.04 -19.68
N LEU C 549 -70.66 38.54 -20.71
CA LEU C 549 -70.95 37.70 -21.86
C LEU C 549 -69.71 37.45 -22.70
N PHE C 550 -68.81 38.43 -22.75
CA PHE C 550 -67.62 38.29 -23.57
C PHE C 550 -66.48 37.57 -22.88
N ARG C 551 -66.35 37.71 -21.57
CA ARG C 551 -65.24 37.11 -20.84
C ARG C 551 -65.50 35.66 -20.46
N TYR C 552 -64.40 34.92 -20.28
CA TYR C 552 -64.39 33.61 -19.64
C TYR C 552 -63.62 33.70 -18.34
N THR C 553 -64.31 33.58 -17.22
CA THR C 553 -63.72 33.68 -15.90
C THR C 553 -63.49 32.30 -15.31
N SER C 554 -62.33 32.08 -14.70
CA SER C 554 -62.08 30.88 -13.93
C SER C 554 -61.48 31.31 -12.61
N THR C 555 -62.19 31.03 -11.52
CA THR C 555 -61.81 31.47 -10.19
C THR C 555 -61.49 30.24 -9.34
N GLU C 556 -60.66 30.45 -8.32
CA GLU C 556 -60.32 29.36 -7.42
C GLU C 556 -59.99 29.95 -6.06
N ARG C 557 -60.17 29.15 -5.03
CA ARG C 557 -59.83 29.54 -3.67
C ARG C 557 -59.46 28.28 -2.90
N ALA C 558 -58.65 28.45 -1.87
CA ALA C 558 -58.29 27.34 -1.00
C ALA C 558 -58.00 27.88 0.39
N LYS C 559 -58.17 27.02 1.38
CA LYS C 559 -57.84 27.32 2.75
C LYS C 559 -57.32 26.07 3.41
N ARG C 560 -56.29 26.22 4.23
CA ARG C 560 -55.80 25.15 5.08
C ARG C 560 -55.53 25.73 6.44
N ASN C 561 -56.20 25.22 7.46
CA ASN C 561 -55.95 25.65 8.83
C ASN C 561 -55.51 24.43 9.62
N LEU C 562 -54.24 24.40 10.00
CA LEU C 562 -53.64 23.29 10.71
C LEU C 562 -53.22 23.75 12.10
N MET C 563 -53.50 22.92 13.10
CA MET C 563 -53.08 23.18 14.47
C MET C 563 -52.56 21.88 15.05
N VAL C 564 -51.51 21.98 15.86
CA VAL C 564 -50.95 20.83 16.55
C VAL C 564 -50.88 21.15 18.02
N PHE C 565 -51.49 20.32 18.84
CA PHE C 565 -51.51 20.50 20.28
C PHE C 565 -50.84 19.32 20.95
N ILE C 566 -50.39 19.51 22.19
CA ILE C 566 -49.76 18.45 22.95
C ILE C 566 -50.25 18.54 24.38
N ARG C 567 -50.74 17.44 24.92
CA ARG C 567 -51.10 17.39 26.34
C ARG C 567 -50.29 16.32 27.04
N PRO C 568 -49.29 16.68 27.84
CA PRO C 568 -48.63 15.68 28.69
C PRO C 568 -49.45 15.41 29.95
N THR C 569 -49.21 14.25 30.53
CA THR C 569 -49.74 13.90 31.83
C THR C 569 -48.72 13.05 32.55
N ILE C 570 -48.42 13.39 33.80
CA ILE C 570 -47.41 12.67 34.56
C ILE C 570 -48.07 11.59 35.40
N ILE C 571 -47.54 10.38 35.34
CA ILE C 571 -47.96 9.29 36.20
C ILE C 571 -46.92 9.15 37.29
N ARG C 572 -47.29 9.56 38.51
CA ARG C 572 -46.39 9.41 39.65
C ARG C 572 -46.47 8.02 40.24
N ASP C 573 -47.68 7.46 40.35
CA ASP C 573 -47.89 6.20 41.03
C ASP C 573 -48.85 5.35 40.21
N ASP C 574 -48.96 4.08 40.61
CA ASP C 574 -49.83 3.15 39.90
C ASP C 574 -51.29 3.60 39.95
N ASP C 575 -51.75 4.07 41.10
CA ASP C 575 -53.18 4.30 41.27
C ASP C 575 -53.72 5.36 40.31
N VAL C 576 -52.90 6.31 39.90
CA VAL C 576 -53.35 7.29 38.91
C VAL C 576 -53.25 6.71 37.51
N TYR C 577 -52.46 5.66 37.32
CA TYR C 577 -52.27 5.07 36.01
C TYR C 577 -53.23 3.93 35.73
N ARG C 578 -53.96 3.45 36.75
CA ARG C 578 -55.17 2.70 36.48
C ARG C 578 -56.27 3.62 35.98
N SER C 579 -56.57 4.67 36.75
CA SER C 579 -57.67 5.56 36.40
C SER C 579 -57.46 6.18 35.04
N LEU C 580 -56.21 6.48 34.70
CA LEU C 580 -55.89 6.97 33.37
C LEU C 580 -56.10 5.89 32.32
N SER C 581 -55.74 4.65 32.65
CA SER C 581 -55.96 3.54 31.74
C SER C 581 -57.40 3.06 31.77
N LYS C 582 -58.04 3.14 32.93
CA LYS C 582 -59.41 2.68 33.05
C LYS C 582 -60.36 3.55 32.26
N GLU C 583 -60.10 4.84 32.15
CA GLU C 583 -61.01 5.69 31.41
C GLU C 583 -60.83 5.57 29.91
N LYS C 584 -59.63 5.19 29.46
CA LYS C 584 -59.48 4.87 28.04
C LYS C 584 -59.99 3.47 27.73
N TYR C 585 -59.80 2.55 28.66
CA TYR C 585 -60.29 1.19 28.48
C TYR C 585 -61.81 1.17 28.44
N THR C 586 -62.44 1.98 29.29
CA THR C 586 -63.90 2.03 29.34
C THR C 586 -64.49 2.89 28.23
N ARG C 587 -63.90 4.04 27.96
CA ARG C 587 -64.40 4.87 26.88
C ARG C 587 -64.29 4.16 25.54
N TYR C 588 -63.30 3.28 25.40
CA TYR C 588 -63.22 2.46 24.19
C TYR C 588 -64.21 1.31 24.24
N ARG C 589 -64.38 0.71 25.42
CA ARG C 589 -65.34 -0.38 25.57
C ARG C 589 -66.77 0.12 25.40
N GLN C 590 -67.11 1.24 26.03
CA GLN C 590 -68.44 1.81 25.86
C GLN C 590 -68.67 2.31 24.45
N GLU C 591 -67.61 2.54 23.66
CA GLU C 591 -67.80 2.87 22.27
C GLU C 591 -68.09 1.63 21.44
N GLN C 592 -67.43 0.52 21.75
CA GLN C 592 -67.76 -0.74 21.08
C GLN C 592 -69.17 -1.19 21.40
N GLN C 593 -69.57 -1.07 22.67
CA GLN C 593 -70.93 -1.47 23.04
C GLN C 593 -71.96 -0.57 22.38
N GLN C 594 -71.61 0.70 22.12
CA GLN C 594 -72.53 1.57 21.40
C GLN C 594 -72.64 1.16 19.94
N ARG C 595 -71.55 0.67 19.36
CA ARG C 595 -71.59 0.23 17.97
C ARG C 595 -72.36 -1.07 17.81
N ILE C 596 -72.35 -1.91 18.84
CA ILE C 596 -73.15 -3.13 18.79
C ILE C 596 -74.63 -2.81 18.85
N ASP C 597 -75.00 -1.81 19.67
CA ASP C 597 -76.39 -1.39 19.73
C ASP C 597 -76.77 -0.47 18.58
N GLY C 598 -75.79 0.16 17.94
CA GLY C 598 -76.08 1.05 16.83
C GLY C 598 -76.47 0.33 15.57
N LYS C 599 -76.03 -0.91 15.39
CA LYS C 599 -76.46 -1.68 14.24
C LYS C 599 -77.90 -2.17 14.45
N SER C 600 -78.69 -2.10 13.38
CA SER C 600 -80.10 -2.45 13.46
C SER C 600 -80.31 -3.87 12.94
N LYS C 601 -81.14 -4.62 13.66
CA LYS C 601 -81.59 -5.91 13.16
C LYS C 601 -82.49 -5.71 11.95
N ALA C 602 -82.67 -6.79 11.20
CA ALA C 602 -83.40 -6.87 9.94
C ALA C 602 -82.55 -6.39 8.77
N LEU C 603 -81.32 -5.95 9.02
CA LEU C 603 -80.32 -5.78 7.97
C LEU C 603 -79.12 -6.66 8.30
N VAL C 604 -78.55 -7.28 7.27
CA VAL C 604 -77.37 -8.11 7.48
C VAL C 604 -76.19 -7.25 7.84
N GLY C 605 -75.45 -7.65 8.88
CA GLY C 605 -74.28 -6.92 9.30
C GLY C 605 -73.26 -7.86 9.92
N SER C 606 -72.07 -7.31 10.15
CA SER C 606 -71.00 -8.11 10.73
C SER C 606 -71.34 -8.50 12.16
N GLU C 607 -71.01 -9.73 12.51
CA GLU C 607 -71.14 -10.15 13.91
C GLU C 607 -70.03 -9.52 14.73
N ASP C 608 -70.40 -9.00 15.90
CA ASP C 608 -69.49 -8.21 16.70
C ASP C 608 -68.40 -9.07 17.32
N LEU C 609 -67.28 -8.44 17.65
CA LEU C 609 -66.26 -9.10 18.43
C LEU C 609 -66.71 -9.16 19.89
N PRO C 610 -66.07 -10.00 20.71
CA PRO C 610 -66.21 -9.84 22.15
C PRO C 610 -65.60 -8.51 22.56
N VAL C 611 -66.33 -7.76 23.37
CA VAL C 611 -65.95 -6.40 23.71
C VAL C 611 -65.11 -6.42 24.99
N LEU C 612 -63.80 -6.25 24.83
CA LEU C 612 -62.82 -6.20 25.91
C LEU C 612 -63.12 -7.22 26.99
N ASP C 613 -63.04 -6.80 28.26
CA ASP C 613 -63.40 -7.62 29.41
C ASP C 613 -64.04 -6.74 30.45
N GLU C 614 -65.12 -7.23 31.04
CA GLU C 614 -65.83 -6.47 32.06
C GLU C 614 -65.13 -6.51 33.41
N ASN C 615 -64.55 -7.65 33.79
CA ASN C 615 -63.96 -7.80 35.10
C ASN C 615 -62.66 -7.03 35.26
N THR C 616 -62.04 -6.60 34.17
CA THR C 616 -60.81 -5.83 34.27
C THR C 616 -61.08 -4.52 35.00
N PHE C 617 -60.13 -4.10 35.82
CA PHE C 617 -60.26 -2.92 36.67
C PHE C 617 -61.37 -3.12 37.69
N GLY D 99 51.06 -46.00 91.14
CA GLY D 99 51.39 -44.98 92.12
C GLY D 99 52.46 -44.00 91.67
N ASP D 100 53.72 -44.43 91.78
CA ASP D 100 54.85 -43.62 91.38
C ASP D 100 55.32 -43.95 89.96
N GLU D 101 54.58 -44.79 89.24
CA GLU D 101 55.09 -45.33 87.99
C GLU D 101 55.04 -44.28 86.90
N LEU D 102 56.22 -43.93 86.35
CA LEU D 102 56.35 -42.84 85.40
C LEU D 102 56.21 -43.39 83.99
N VAL D 103 55.11 -43.05 83.34
CA VAL D 103 54.84 -43.52 81.97
C VAL D 103 54.24 -42.36 81.19
N THR D 104 54.40 -42.43 79.88
CA THR D 104 53.79 -41.49 78.95
C THR D 104 52.56 -42.10 78.31
N ARG D 105 51.47 -41.35 78.36
CA ARG D 105 50.19 -41.79 77.82
C ARG D 105 49.48 -40.57 77.28
N ILE D 106 48.74 -40.79 76.19
CA ILE D 106 48.41 -39.73 75.24
C ILE D 106 46.92 -39.81 74.91
N VAL D 107 46.18 -38.76 75.27
CA VAL D 107 44.76 -38.62 74.95
C VAL D 107 44.54 -37.37 74.11
N PRO D 108 43.94 -37.46 72.92
CA PRO D 108 43.54 -36.25 72.20
C PRO D 108 42.28 -35.62 72.82
N LEU D 109 42.15 -34.31 72.61
CA LEU D 109 40.87 -33.62 72.68
C LEU D 109 40.40 -33.41 71.25
N GLU D 110 39.43 -34.21 70.80
CA GLU D 110 39.03 -34.10 69.40
C GLU D 110 38.06 -32.93 69.19
N ASN D 111 37.11 -32.80 70.12
CA ASN D 111 36.09 -31.76 70.06
C ASN D 111 36.68 -30.37 69.96
N VAL D 112 37.73 -30.08 70.74
CA VAL D 112 38.30 -28.74 70.87
C VAL D 112 39.78 -28.85 70.49
N PRO D 113 40.45 -27.78 70.08
CA PRO D 113 41.92 -27.80 70.12
C PRO D 113 42.42 -27.86 71.55
N ALA D 114 43.32 -28.81 71.82
CA ALA D 114 43.74 -29.12 73.19
C ALA D 114 44.49 -27.99 73.86
N ARG D 115 44.81 -26.92 73.11
CA ARG D 115 45.64 -25.83 73.62
C ARG D 115 45.14 -25.34 74.98
N ASP D 116 43.82 -25.29 75.17
CA ASP D 116 43.19 -24.74 76.38
C ASP D 116 43.55 -25.50 77.66
N LEU D 117 44.17 -26.68 77.58
CA LEU D 117 44.61 -27.34 78.81
C LEU D 117 46.08 -27.10 79.13
N ALA D 118 46.79 -26.29 78.36
CA ALA D 118 48.20 -26.04 78.66
C ALA D 118 48.43 -25.38 80.01
N PRO D 119 47.72 -24.33 80.42
CA PRO D 119 47.85 -23.87 81.81
C PRO D 119 47.34 -24.89 82.81
N LEU D 120 46.31 -25.65 82.45
CA LEU D 120 45.73 -26.60 83.41
C LEU D 120 46.67 -27.77 83.66
N LEU D 121 47.15 -28.40 82.58
CA LEU D 121 47.87 -29.67 82.71
C LEU D 121 49.33 -29.50 83.08
N ARG D 122 50.02 -28.53 82.49
CA ARG D 122 51.34 -28.19 83.03
C ARG D 122 51.20 -27.46 84.36
N GLN D 123 50.00 -26.95 84.67
CA GLN D 123 49.71 -26.62 86.05
C GLN D 123 49.65 -27.89 86.91
N MET D 124 49.25 -29.03 86.32
CA MET D 124 49.25 -30.28 87.08
C MET D 124 50.63 -30.90 87.16
N MET D 125 51.50 -30.65 86.18
CA MET D 125 52.93 -30.72 86.45
C MET D 125 53.29 -29.88 87.66
N ASP D 126 52.88 -28.61 87.62
CA ASP D 126 53.11 -27.63 88.66
C ASP D 126 52.28 -27.91 89.92
N ALA D 127 51.42 -28.94 89.89
CA ALA D 127 50.68 -29.32 91.09
C ALA D 127 51.53 -30.08 92.09
N GLY D 128 52.37 -31.00 91.64
CA GLY D 128 53.07 -31.88 92.55
C GLY D 128 54.43 -32.26 92.01
N SER D 129 55.15 -33.07 92.79
CA SER D 129 56.56 -33.32 92.54
C SER D 129 56.79 -33.80 91.10
N VAL D 130 57.75 -33.14 90.44
CA VAL D 130 57.80 -33.06 88.99
C VAL D 130 58.46 -34.32 88.45
N GLY D 131 58.87 -34.30 87.17
CA GLY D 131 58.97 -35.49 86.36
C GLY D 131 57.88 -35.60 85.32
N ASN D 132 57.19 -34.51 85.04
CA ASN D 132 56.02 -34.50 84.17
C ASN D 132 56.35 -33.79 82.86
N VAL D 133 55.64 -34.20 81.82
CA VAL D 133 55.60 -33.50 80.53
C VAL D 133 54.17 -33.49 80.02
N VAL D 134 53.74 -32.34 79.53
CA VAL D 134 52.48 -32.22 78.80
C VAL D 134 52.85 -31.52 77.49
N HIS D 135 52.27 -31.96 76.38
CA HIS D 135 52.67 -31.46 75.08
C HIS D 135 51.54 -31.72 74.08
N TYR D 136 51.61 -31.03 72.94
CA TYR D 136 50.44 -30.77 72.11
C TYR D 136 50.78 -30.96 70.64
N GLU D 137 50.02 -31.87 69.95
CA GLU D 137 50.28 -31.86 68.52
C GLU D 137 49.31 -30.94 67.79
N PRO D 138 49.67 -30.48 66.57
CA PRO D 138 48.71 -29.76 65.72
C PRO D 138 47.46 -30.58 65.48
N SER D 139 47.68 -31.89 65.32
CA SER D 139 46.62 -32.88 65.12
C SER D 139 45.73 -32.97 66.35
N ASN D 140 46.07 -32.22 67.40
CA ASN D 140 45.23 -32.03 68.58
C ASN D 140 45.12 -33.30 69.42
N VAL D 141 46.20 -34.08 69.45
CA VAL D 141 46.39 -35.11 70.46
C VAL D 141 47.23 -34.50 71.57
N LEU D 142 46.91 -34.89 72.80
CA LEU D 142 47.53 -34.31 73.98
C LEU D 142 48.39 -35.38 74.65
N ILE D 143 49.71 -35.21 74.59
CA ILE D 143 50.63 -36.26 74.98
C ILE D 143 51.21 -35.96 76.36
N LEU D 144 51.21 -36.99 77.22
CA LEU D 144 51.60 -36.81 78.61
C LEU D 144 52.73 -37.75 79.00
N THR D 145 53.44 -37.34 80.04
CA THR D 145 54.45 -38.12 80.72
C THR D 145 54.34 -37.82 82.20
N GLY D 146 54.30 -38.86 83.03
CA GLY D 146 54.32 -38.61 84.46
C GLY D 146 54.04 -39.86 85.28
N ARG D 147 54.19 -39.71 86.59
CA ARG D 147 53.90 -40.79 87.51
C ARG D 147 52.40 -41.07 87.56
N ALA D 148 52.06 -42.26 88.09
CA ALA D 148 50.75 -42.86 87.86
C ALA D 148 49.59 -42.02 88.37
N SER D 149 49.75 -41.34 89.52
CA SER D 149 48.63 -40.55 90.04
C SER D 149 48.47 -39.23 89.31
N THR D 150 49.56 -38.46 89.20
CA THR D 150 49.51 -37.19 88.48
C THR D 150 48.93 -37.41 87.09
N ILE D 151 49.27 -38.52 86.46
CA ILE D 151 48.66 -38.80 85.17
C ILE D 151 47.25 -39.30 85.31
N ASN D 152 46.90 -39.98 86.42
CA ASN D 152 45.49 -40.32 86.63
C ASN D 152 44.62 -39.10 86.47
N LYS D 153 44.91 -38.05 87.23
CA LYS D 153 44.02 -36.89 87.19
C LYS D 153 44.37 -35.93 86.05
N LEU D 154 45.55 -36.07 85.45
CA LEU D 154 45.81 -35.39 84.17
C LEU D 154 44.96 -35.95 83.04
N ILE D 155 45.06 -37.25 82.77
CA ILE D 155 44.25 -37.85 81.72
C ILE D 155 42.78 -37.74 82.05
N GLU D 156 42.43 -37.74 83.36
CA GLU D 156 41.11 -37.30 83.76
C GLU D 156 40.77 -35.95 83.16
N VAL D 157 41.64 -34.95 83.35
CA VAL D 157 41.35 -33.65 82.77
C VAL D 157 41.12 -33.76 81.27
N ILE D 158 41.88 -34.64 80.62
CA ILE D 158 41.93 -34.59 79.15
C ILE D 158 40.69 -35.23 78.53
N LYS D 159 40.35 -36.46 78.92
CA LYS D 159 39.08 -37.00 78.43
C LYS D 159 37.92 -36.13 78.88
N ARG D 160 38.01 -35.61 80.11
CA ARG D 160 37.04 -34.63 80.57
C ARG D 160 36.83 -33.56 79.52
N VAL D 161 37.84 -32.71 79.29
CA VAL D 161 37.68 -31.58 78.39
C VAL D 161 37.28 -32.03 76.99
N ASP D 162 37.59 -33.27 76.64
CA ASP D 162 37.03 -33.85 75.41
C ASP D 162 35.52 -33.87 75.44
N VAL D 163 34.94 -34.72 76.29
CA VAL D 163 33.50 -34.98 76.19
C VAL D 163 32.70 -33.87 76.86
N ILE D 164 33.38 -32.95 77.54
CA ILE D 164 32.71 -31.75 78.01
C ILE D 164 32.98 -30.60 77.05
N GLY D 165 33.84 -30.85 76.06
CA GLY D 165 33.90 -29.97 74.91
C GLY D 165 33.11 -30.54 73.75
N THR D 166 32.27 -31.55 74.02
CA THR D 166 31.46 -32.17 72.98
C THR D 166 30.63 -31.17 72.17
N GLU D 167 30.80 -31.22 70.86
CA GLU D 167 29.73 -30.96 69.92
C GLU D 167 29.91 -31.87 68.71
N LYS D 168 28.86 -32.63 68.41
CA LYS D 168 28.96 -33.83 67.58
C LYS D 168 27.73 -33.94 66.68
N GLN D 169 27.88 -34.72 65.61
CA GLN D 169 27.04 -34.59 64.43
C GLN D 169 25.85 -35.53 64.49
N GLN D 170 24.72 -35.07 63.94
CA GLN D 170 23.62 -35.99 63.66
C GLN D 170 22.81 -35.43 62.51
N ILE D 171 22.29 -36.32 61.67
CA ILE D 171 21.39 -35.85 60.62
C ILE D 171 20.11 -36.65 60.74
N ILE D 172 18.99 -35.95 60.62
CA ILE D 172 17.70 -36.47 61.07
C ILE D 172 16.68 -36.28 59.95
N HIS D 173 15.64 -37.10 59.95
CA HIS D 173 14.60 -37.04 58.94
C HIS D 173 13.74 -35.79 59.13
N LEU D 174 13.06 -35.39 58.06
CA LEU D 174 11.89 -34.53 58.13
C LEU D 174 10.70 -35.29 57.58
N GLU D 175 9.67 -35.46 58.40
CA GLU D 175 8.58 -36.36 58.08
C GLU D 175 7.72 -35.87 56.92
N TYR D 176 7.13 -34.68 57.04
CA TYR D 176 6.21 -34.14 56.03
C TYR D 176 6.66 -32.78 55.56
N ALA D 177 6.71 -31.84 56.50
CA ALA D 177 6.94 -30.43 56.20
C ALA D 177 8.17 -30.24 55.32
N SER D 178 8.05 -29.35 54.35
CA SER D 178 9.14 -29.04 53.44
C SER D 178 10.36 -28.53 54.20
N ALA D 179 11.53 -28.88 53.66
CA ALA D 179 12.77 -28.66 54.40
C ALA D 179 13.14 -27.19 54.46
N GLU D 180 13.08 -26.50 53.33
CA GLU D 180 13.35 -25.07 53.27
C GLU D 180 12.65 -24.29 54.37
N ASP D 181 11.41 -24.63 54.70
CA ASP D 181 10.70 -23.91 55.73
C ASP D 181 11.42 -24.02 57.06
N LEU D 182 11.35 -25.21 57.65
CA LEU D 182 11.94 -25.44 58.96
C LEU D 182 13.37 -24.92 59.00
N ALA D 183 14.08 -25.03 57.88
CA ALA D 183 15.25 -24.19 57.71
C ALA D 183 14.91 -22.76 58.08
N GLU D 184 14.04 -22.10 57.28
CA GLU D 184 13.89 -20.66 57.39
C GLU D 184 13.66 -20.25 58.84
N ILE D 185 12.84 -21.00 59.55
CA ILE D 185 12.59 -20.64 60.94
C ILE D 185 13.87 -20.81 61.75
N LEU D 186 14.46 -22.01 61.74
CA LEU D 186 15.45 -22.31 62.75
C LEU D 186 16.76 -21.58 62.48
N ASN D 187 17.09 -21.41 61.21
CA ASN D 187 18.28 -20.65 60.82
C ASN D 187 18.35 -19.36 61.60
N GLN D 188 17.41 -18.47 61.32
CA GLN D 188 17.32 -17.13 61.84
C GLN D 188 16.98 -17.09 63.30
N LEU D 189 16.74 -18.23 63.93
CA LEU D 189 16.71 -18.32 65.39
C LEU D 189 18.12 -18.40 65.93
N ILE D 190 18.50 -17.40 66.72
CA ILE D 190 19.80 -17.40 67.38
C ILE D 190 19.62 -16.75 68.75
N LYS D 206 25.18 -26.34 62.74
CA LYS D 206 24.40 -25.53 61.81
C LYS D 206 23.08 -26.22 61.48
N ILE D 207 22.37 -25.73 60.47
CA ILE D 207 21.06 -26.25 60.11
C ILE D 207 21.05 -26.51 58.62
N VAL D 208 20.80 -27.76 58.23
CA VAL D 208 20.80 -28.13 56.82
C VAL D 208 19.45 -28.75 56.45
N ALA D 209 18.99 -28.46 55.25
CA ALA D 209 17.73 -28.97 54.73
C ALA D 209 17.97 -29.98 53.61
N ASP D 210 17.02 -30.90 53.44
CA ASP D 210 16.93 -31.75 52.26
C ASP D 210 15.47 -31.82 51.81
N LYS D 211 15.21 -31.39 50.58
CA LYS D 211 13.91 -31.65 49.98
C LYS D 211 13.84 -33.05 49.36
N ARG D 212 14.91 -33.50 48.70
CA ARG D 212 14.84 -34.75 47.96
C ARG D 212 14.49 -35.91 48.89
N THR D 213 15.27 -36.12 49.94
CA THR D 213 14.84 -37.05 50.97
C THR D 213 14.24 -36.35 52.19
N ASN D 214 14.19 -35.01 52.19
CA ASN D 214 13.48 -34.25 53.22
C ASN D 214 14.05 -34.52 54.61
N SER D 215 15.23 -33.97 54.88
CA SER D 215 15.90 -34.20 56.16
C SER D 215 16.28 -32.88 56.81
N LEU D 216 16.08 -32.79 58.12
CA LEU D 216 16.74 -31.74 58.90
C LEU D 216 18.02 -32.27 59.50
N ILE D 217 19.11 -31.56 59.24
CA ILE D 217 20.45 -31.99 59.58
C ILE D 217 21.02 -31.00 60.59
N ILE D 218 21.68 -31.53 61.63
CA ILE D 218 21.95 -30.69 62.79
C ILE D 218 23.26 -31.07 63.45
N SER D 219 23.98 -30.05 63.89
CA SER D 219 25.22 -30.16 64.62
C SER D 219 25.11 -29.52 65.99
N GLY D 220 25.99 -29.92 66.89
CA GLY D 220 26.11 -29.34 68.19
C GLY D 220 26.52 -30.39 69.19
N PRO D 221 26.50 -30.07 70.47
CA PRO D 221 26.66 -31.10 71.50
C PRO D 221 25.48 -32.07 71.49
N GLU D 222 25.46 -32.96 72.48
CA GLU D 222 24.24 -33.72 72.71
C GLU D 222 23.15 -32.80 73.23
N LYS D 223 23.52 -31.71 73.89
CA LYS D 223 22.52 -30.75 74.33
C LYS D 223 21.98 -29.93 73.17
N ALA D 224 22.78 -29.75 72.12
CA ALA D 224 22.19 -29.22 70.88
C ALA D 224 21.29 -30.25 70.23
N ARG D 225 21.73 -31.51 70.24
CA ARG D 225 20.86 -32.59 69.81
C ARG D 225 19.50 -32.47 70.47
N GLN D 226 19.47 -32.40 71.80
CA GLN D 226 18.20 -32.44 72.52
C GLN D 226 17.40 -31.16 72.30
N ARG D 227 18.03 -30.00 72.42
CA ARG D 227 17.29 -28.75 72.33
C ARG D 227 16.61 -28.64 70.96
N ILE D 228 17.31 -29.02 69.90
CA ILE D 228 16.69 -28.83 68.60
C ILE D 228 15.88 -30.05 68.19
N THR D 229 16.02 -31.17 68.91
CA THR D 229 15.01 -32.22 68.77
C THR D 229 13.72 -31.79 69.42
N SER D 230 13.79 -30.89 70.38
CA SER D 230 12.58 -30.35 71.00
C SER D 230 11.96 -29.28 70.13
N LEU D 231 12.78 -28.51 69.43
CA LEU D 231 12.22 -27.66 68.37
C LEU D 231 11.56 -28.53 67.30
N LEU D 232 12.24 -29.59 66.86
CA LEU D 232 11.60 -30.49 65.93
C LEU D 232 10.26 -30.98 66.46
N LYS D 233 10.26 -31.57 67.65
CA LYS D 233 9.01 -32.09 68.19
C LYS D 233 7.96 -31.00 68.26
N SER D 234 8.39 -29.75 68.44
CA SER D 234 7.46 -28.64 68.26
C SER D 234 6.80 -28.73 66.89
N LEU D 235 7.55 -28.54 65.80
CA LEU D 235 6.94 -28.79 64.49
C LEU D 235 7.59 -29.99 63.82
N ASP D 236 6.96 -31.15 64.00
CA ASP D 236 6.99 -32.24 63.03
C ASP D 236 5.67 -32.35 62.30
N VAL D 237 4.67 -31.55 62.66
CA VAL D 237 3.30 -31.85 62.27
C VAL D 237 3.00 -31.27 60.89
N GLU D 238 2.29 -32.05 60.09
CA GLU D 238 1.85 -31.56 58.79
C GLU D 238 0.57 -30.77 59.01
N GLU D 239 0.56 -29.54 58.54
CA GLU D 239 -0.58 -28.66 58.71
C GLU D 239 -1.79 -29.21 57.98
N SER D 240 -2.96 -29.05 58.59
CA SER D 240 -4.20 -29.43 57.92
C SER D 240 -4.62 -28.28 57.03
N GLU D 241 -3.85 -28.07 55.96
CA GLU D 241 -4.09 -26.98 55.04
C GLU D 241 -5.50 -27.04 54.47
N GLU D 242 -5.98 -28.25 54.19
CA GLU D 242 -7.29 -28.45 53.59
C GLU D 242 -7.20 -28.14 52.11
N GLY D 243 -8.35 -27.99 51.45
CA GLY D 243 -8.33 -27.67 50.05
C GLY D 243 -8.07 -26.21 49.77
N ASN D 244 -7.20 -25.95 48.80
CA ASN D 244 -7.02 -24.61 48.27
C ASN D 244 -8.12 -24.19 47.30
N THR D 245 -8.55 -25.13 46.47
CA THR D 245 -9.53 -24.88 45.43
C THR D 245 -10.88 -25.50 45.74
N ARG D 246 -11.93 -24.71 45.63
CA ARG D 246 -13.28 -25.22 45.77
C ARG D 246 -13.98 -25.17 44.43
N VAL D 247 -14.92 -26.10 44.25
CA VAL D 247 -15.76 -26.16 43.06
C VAL D 247 -17.19 -25.93 43.51
N TYR D 248 -17.75 -24.79 43.12
CA TYR D 248 -19.11 -24.44 43.49
C TYR D 248 -20.06 -24.89 42.40
N TYR D 249 -21.11 -25.61 42.79
CA TYR D 249 -22.15 -26.00 41.85
C TYR D 249 -23.21 -24.91 41.89
N LEU D 250 -23.32 -24.15 40.82
CA LEU D 250 -24.26 -23.06 40.78
C LEU D 250 -25.65 -23.59 40.47
N LYS D 251 -26.64 -23.06 41.18
CA LYS D 251 -28.04 -23.33 40.88
C LYS D 251 -28.74 -22.00 40.70
N TYR D 252 -29.31 -21.79 39.52
CA TYR D 252 -30.03 -20.61 39.04
C TYR D 252 -29.09 -19.60 38.40
N ALA D 253 -27.78 -19.78 38.47
CA ALA D 253 -26.84 -18.88 37.82
C ALA D 253 -26.04 -19.63 36.76
N LYS D 254 -25.52 -18.86 35.81
CA LYS D 254 -24.74 -19.42 34.71
C LYS D 254 -23.27 -19.15 34.98
N ALA D 255 -22.46 -20.20 35.02
CA ALA D 255 -21.10 -20.11 35.51
C ALA D 255 -20.24 -19.15 34.72
N THR D 256 -20.42 -19.15 33.39
CA THR D 256 -19.63 -18.28 32.52
C THR D 256 -19.98 -16.82 32.80
N ASN D 257 -21.26 -16.56 33.02
CA ASN D 257 -21.73 -15.23 33.36
C ASN D 257 -21.17 -14.77 34.70
N LEU D 258 -21.22 -15.67 35.67
CA LEU D 258 -20.78 -15.37 37.02
C LEU D 258 -19.30 -15.07 37.03
N VAL D 259 -18.55 -15.76 36.19
CA VAL D 259 -17.11 -15.60 36.21
C VAL D 259 -16.73 -14.16 35.91
N GLU D 260 -17.37 -13.54 34.93
CA GLU D 260 -17.01 -12.17 34.58
C GLU D 260 -17.25 -11.22 35.76
N VAL D 261 -18.40 -11.38 36.40
CA VAL D 261 -18.74 -10.54 37.53
C VAL D 261 -17.76 -10.74 38.67
N LEU D 262 -17.41 -12.00 38.91
CA LEU D 262 -16.51 -12.37 39.98
C LEU D 262 -15.12 -11.81 39.74
N THR D 263 -14.73 -11.76 38.47
CA THR D 263 -13.36 -11.47 38.10
C THR D 263 -13.01 -10.10 38.64
N GLY D 264 -13.94 -9.16 38.56
CA GLY D 264 -13.65 -7.85 39.07
C GLY D 264 -13.41 -7.89 40.59
N VAL D 265 -14.25 -8.65 41.30
CA VAL D 265 -14.14 -8.75 42.76
C VAL D 265 -12.82 -9.35 43.17
N SER D 266 -12.40 -10.36 42.44
CA SER D 266 -11.15 -11.02 42.71
C SER D 266 -10.01 -10.13 42.22
N GLU D 267 -10.24 -9.39 41.09
CA GLU D 267 -9.20 -8.59 40.47
C GLU D 267 -9.17 -7.24 41.17
N VAL D 288 -6.27 -14.33 43.35
CA VAL D 288 -7.38 -15.27 43.23
C VAL D 288 -7.72 -15.55 41.78
N ALA D 289 -8.02 -16.81 41.47
CA ALA D 289 -8.37 -17.20 40.11
C ALA D 289 -9.77 -17.79 40.08
N ILE D 290 -10.63 -17.23 39.23
CA ILE D 290 -11.99 -17.73 39.09
C ILE D 290 -12.16 -18.16 37.64
N THR D 291 -12.57 -19.42 37.45
CA THR D 291 -12.87 -19.92 36.13
C THR D 291 -14.05 -20.89 36.22
N ALA D 292 -14.73 -21.07 35.10
CA ALA D 292 -15.99 -21.79 35.07
C ALA D 292 -15.91 -23.00 34.17
N ASP D 293 -16.68 -24.04 34.52
CA ASP D 293 -16.87 -25.21 33.69
C ASP D 293 -18.24 -25.08 33.02
N GLU D 294 -18.24 -24.86 31.71
CA GLU D 294 -19.49 -24.64 31.01
C GLU D 294 -20.32 -25.91 30.90
N GLN D 295 -19.69 -27.08 31.05
CA GLN D 295 -20.43 -28.34 30.94
C GLN D 295 -21.29 -28.58 32.18
N THR D 296 -20.63 -28.79 33.32
CA THR D 296 -21.34 -29.04 34.56
C THR D 296 -21.98 -27.79 35.14
N ASN D 297 -21.70 -26.61 34.57
CA ASN D 297 -22.18 -25.33 35.11
C ASN D 297 -21.73 -25.17 36.55
N SER D 298 -20.44 -25.33 36.77
CA SER D 298 -19.84 -25.17 38.08
C SER D 298 -18.72 -24.14 37.99
N LEU D 299 -18.44 -23.51 39.12
CA LEU D 299 -17.50 -22.40 39.19
C LEU D 299 -16.33 -22.81 40.04
N VAL D 300 -15.11 -22.56 39.57
CA VAL D 300 -13.89 -23.01 40.21
C VAL D 300 -13.14 -21.80 40.72
N ILE D 301 -13.05 -21.65 42.04
CA ILE D 301 -12.32 -20.56 42.68
C ILE D 301 -11.18 -21.15 43.49
N THR D 302 -9.96 -20.73 43.20
CA THR D 302 -8.80 -21.08 44.00
C THR D 302 -8.24 -19.81 44.64
N ALA D 303 -8.09 -19.83 45.95
CA ALA D 303 -7.73 -18.65 46.73
C ALA D 303 -7.57 -19.06 48.19
N ASP D 304 -7.12 -18.09 48.99
CA ASP D 304 -6.91 -18.34 50.41
C ASP D 304 -8.25 -18.65 51.09
N GLN D 305 -8.16 -19.40 52.20
CA GLN D 305 -9.34 -19.71 52.99
C GLN D 305 -10.12 -18.46 53.37
N SER D 306 -9.44 -17.31 53.50
CA SER D 306 -10.13 -16.07 53.82
C SER D 306 -10.97 -15.60 52.64
N VAL D 307 -10.40 -15.59 51.45
CA VAL D 307 -11.14 -15.17 50.26
C VAL D 307 -12.28 -16.14 49.97
N GLN D 308 -12.04 -17.44 50.16
CA GLN D 308 -13.07 -18.43 49.89
C GLN D 308 -14.34 -18.16 50.69
N GLU D 309 -14.19 -17.88 51.98
CA GLU D 309 -15.37 -17.65 52.81
C GLU D 309 -16.07 -16.34 52.45
N LYS D 310 -15.34 -15.39 51.89
CA LYS D 310 -15.97 -14.14 51.46
C LYS D 310 -16.66 -14.30 50.10
N LEU D 311 -16.02 -14.97 49.15
CA LEU D 311 -16.67 -15.23 47.87
C LEU D 311 -17.81 -16.24 47.99
N ALA D 312 -17.81 -17.06 49.04
CA ALA D 312 -18.92 -17.99 49.22
C ALA D 312 -20.21 -17.25 49.54
N THR D 313 -20.11 -16.10 50.20
CA THR D 313 -21.30 -15.29 50.47
C THR D 313 -21.69 -14.46 49.26
N VAL D 314 -20.71 -13.95 48.52
CA VAL D 314 -21.00 -13.18 47.32
C VAL D 314 -21.73 -14.04 46.30
N ILE D 315 -21.29 -15.28 46.12
CA ILE D 315 -21.95 -16.17 45.18
C ILE D 315 -23.35 -16.52 45.67
N ALA D 316 -23.49 -16.82 46.96
CA ALA D 316 -24.81 -17.15 47.50
C ALA D 316 -25.79 -16.00 47.31
N ARG D 317 -25.30 -14.76 47.40
CA ARG D 317 -26.16 -13.61 47.14
C ARG D 317 -26.49 -13.48 45.67
N LEU D 318 -25.54 -13.83 44.82
CA LEU D 318 -25.63 -13.57 43.39
C LEU D 318 -26.20 -14.76 42.63
N ASP D 319 -26.49 -15.85 43.32
CA ASP D 319 -26.96 -17.10 42.73
C ASP D 319 -28.47 -17.25 42.81
N ILE D 320 -29.19 -16.21 43.26
CA ILE D 320 -30.59 -16.36 43.63
C ILE D 320 -31.46 -16.70 42.43
N ARG D 321 -32.63 -17.25 42.73
CA ARG D 321 -33.63 -17.53 41.72
C ARG D 321 -34.28 -16.25 41.23
N ARG D 322 -34.50 -16.17 39.92
CA ARG D 322 -34.98 -14.96 39.27
C ARG D 322 -36.43 -15.14 38.83
N ALA D 323 -37.20 -14.06 38.90
CA ALA D 323 -38.62 -14.11 38.65
C ALA D 323 -38.93 -14.15 37.16
N GLN D 324 -40.12 -14.65 36.84
CA GLN D 324 -40.65 -14.73 35.49
C GLN D 324 -41.81 -13.78 35.34
N VAL D 325 -42.02 -13.28 34.12
CA VAL D 325 -43.07 -12.31 33.85
C VAL D 325 -43.89 -12.82 32.67
N LEU D 326 -45.20 -12.94 32.86
CA LEU D 326 -46.12 -13.14 31.76
C LEU D 326 -46.61 -11.79 31.27
N VAL D 327 -46.35 -11.49 30.01
CA VAL D 327 -46.66 -10.20 29.42
C VAL D 327 -47.73 -10.40 28.36
N GLU D 328 -48.95 -9.96 28.64
CA GLU D 328 -50.00 -9.92 27.62
C GLU D 328 -50.10 -8.52 27.07
N ALA D 329 -50.08 -8.41 25.74
CA ALA D 329 -50.44 -7.18 25.07
C ALA D 329 -51.85 -7.33 24.51
N ILE D 330 -52.61 -6.25 24.49
CA ILE D 330 -53.95 -6.24 23.93
C ILE D 330 -53.99 -5.11 22.92
N ILE D 331 -54.12 -5.44 21.65
CA ILE D 331 -54.21 -4.46 20.59
C ILE D 331 -55.62 -4.51 20.05
N VAL D 332 -56.39 -3.47 20.31
CA VAL D 332 -57.74 -3.35 19.80
C VAL D 332 -57.78 -2.19 18.82
N GLU D 333 -58.27 -2.45 17.62
CA GLU D 333 -58.51 -1.39 16.65
C GLU D 333 -59.92 -1.55 16.12
N VAL D 334 -60.56 -0.42 15.82
CA VAL D 334 -61.85 -0.43 15.18
C VAL D 334 -61.88 0.66 14.13
N GLN D 335 -62.23 0.30 12.91
CA GLN D 335 -62.35 1.25 11.82
C GLN D 335 -63.77 1.22 11.29
N ASP D 336 -64.24 2.37 10.82
CA ASP D 336 -65.44 2.40 10.02
C ASP D 336 -65.48 3.70 9.24
N GLY D 337 -66.23 3.70 8.16
CA GLY D 337 -66.45 4.91 7.41
C GLY D 337 -67.52 4.71 6.37
N ASN D 338 -68.20 5.77 5.97
CA ASN D 338 -69.30 5.68 5.03
C ASN D 338 -69.22 6.78 4.00
N GLY D 339 -69.06 6.40 2.74
CA GLY D 339 -69.15 7.36 1.66
C GLY D 339 -70.55 7.44 1.09
N LEU D 340 -70.88 8.60 0.53
CA LEU D 340 -72.11 8.79 -0.22
C LEU D 340 -71.80 9.68 -1.41
N ASN D 341 -72.05 9.20 -2.63
CA ASN D 341 -71.92 10.04 -3.80
C ASN D 341 -73.14 9.90 -4.69
N LEU D 342 -73.90 10.97 -4.82
CA LEU D 342 -75.10 11.01 -5.65
C LEU D 342 -75.06 12.25 -6.51
N GLY D 343 -75.54 12.16 -7.73
CA GLY D 343 -75.60 13.31 -8.60
C GLY D 343 -76.71 13.18 -9.60
N VAL D 344 -77.24 14.31 -10.05
CA VAL D 344 -78.27 14.35 -11.06
C VAL D 344 -77.64 15.05 -12.24
N GLN D 345 -77.78 14.50 -13.45
CA GLN D 345 -77.36 15.18 -14.67
C GLN D 345 -78.58 15.14 -15.58
N TRP D 346 -78.96 16.24 -16.22
CA TRP D 346 -80.09 16.22 -17.16
C TRP D 346 -79.51 16.71 -18.49
N ALA D 347 -79.78 16.06 -19.62
CA ALA D 347 -79.27 16.55 -20.90
C ALA D 347 -80.46 16.87 -21.79
N ASN D 348 -80.55 18.04 -22.41
CA ASN D 348 -81.71 18.33 -23.28
C ASN D 348 -81.28 18.67 -24.71
N LYS D 349 -81.87 18.07 -25.73
CA LYS D 349 -81.36 18.42 -27.05
C LYS D 349 -81.61 19.88 -27.39
N ASN D 350 -82.80 20.37 -27.07
CA ASN D 350 -83.16 21.74 -27.38
C ASN D 350 -82.35 22.82 -26.66
N VAL D 351 -82.11 22.62 -25.37
CA VAL D 351 -81.42 23.63 -24.56
C VAL D 351 -79.94 23.35 -24.34
N GLY D 352 -79.62 22.13 -23.97
CA GLY D 352 -78.25 21.77 -23.64
C GLY D 352 -78.25 20.72 -22.54
N ALA D 353 -77.06 20.31 -22.11
CA ALA D 353 -76.96 19.25 -21.11
C ALA D 353 -76.05 19.61 -19.95
N GLN D 354 -76.37 19.07 -18.78
CA GLN D 354 -75.50 19.20 -17.62
C GLN D 354 -74.90 17.83 -17.36
N GLN D 355 -73.58 17.75 -17.36
CA GLN D 355 -72.92 16.47 -17.21
C GLN D 355 -71.84 16.50 -16.14
N PHE D 356 -71.73 15.42 -15.39
CA PHE D 356 -70.70 15.27 -14.37
C PHE D 356 -70.00 13.95 -14.58
N THR D 357 -68.75 14.02 -15.02
CA THR D 357 -67.87 12.90 -14.82
C THR D 357 -67.62 12.78 -13.32
N ASN D 358 -67.25 11.57 -12.88
CA ASN D 358 -67.14 11.12 -11.49
C ASN D 358 -68.47 10.59 -10.99
N THR D 359 -69.57 10.79 -11.70
CA THR D 359 -70.77 10.03 -11.40
C THR D 359 -70.61 8.56 -11.74
N GLY D 360 -69.50 8.21 -12.40
CA GLY D 360 -69.24 6.87 -12.86
C GLY D 360 -69.76 6.61 -14.24
N LEU D 361 -70.80 7.32 -14.66
CA LEU D 361 -71.13 7.44 -16.04
C LEU D 361 -71.61 8.86 -16.31
N PRO D 362 -71.12 9.51 -17.36
CA PRO D 362 -71.66 10.80 -17.76
C PRO D 362 -72.91 10.68 -18.61
N ILE D 363 -73.69 11.76 -18.63
CA ILE D 363 -74.94 11.76 -19.39
C ILE D 363 -74.68 11.59 -20.88
N PHE D 364 -73.55 12.06 -21.37
CA PHE D 364 -73.28 11.96 -22.80
C PHE D 364 -73.00 10.52 -23.19
N ASN D 365 -72.05 9.86 -22.53
CA ASN D 365 -71.71 8.50 -22.90
C ASN D 365 -72.83 7.54 -22.57
N ALA D 366 -73.65 7.84 -21.57
CA ALA D 366 -74.80 6.99 -21.28
C ALA D 366 -75.86 7.11 -22.35
N ALA D 367 -76.16 8.35 -22.78
CA ALA D 367 -77.18 8.54 -23.81
C ALA D 367 -76.76 7.94 -25.14
N GLN D 368 -75.45 7.92 -25.43
CA GLN D 368 -75.00 7.22 -26.62
C GLN D 368 -75.12 5.71 -26.48
N GLY D 369 -74.98 5.20 -25.26
CA GLY D 369 -75.12 3.79 -25.01
C GLY D 369 -76.57 3.34 -24.98
N VAL D 370 -77.43 4.13 -24.34
CA VAL D 370 -78.85 3.78 -24.29
C VAL D 370 -79.45 3.85 -25.69
N ALA D 371 -79.11 4.88 -26.46
CA ALA D 371 -79.62 4.97 -27.83
C ALA D 371 -79.12 3.80 -28.67
N ASP D 372 -77.84 3.48 -28.56
CA ASP D 372 -77.30 2.32 -29.26
C ASP D 372 -78.00 1.04 -28.82
N TYR D 373 -78.39 0.95 -27.55
CA TYR D 373 -79.05 -0.25 -27.06
C TYR D 373 -80.45 -0.40 -27.65
N LYS D 374 -81.13 0.72 -27.89
CA LYS D 374 -82.49 0.64 -28.43
C LYS D 374 -82.48 0.23 -29.90
N LYS D 375 -81.55 0.78 -30.69
CA LYS D 375 -81.55 0.48 -32.12
C LYS D 375 -81.14 -0.96 -32.39
N ASN D 376 -80.09 -1.44 -31.71
CA ASN D 376 -79.58 -2.77 -31.99
C ASN D 376 -80.19 -3.85 -31.12
N GLY D 377 -80.98 -3.48 -30.11
CA GLY D 377 -81.52 -4.45 -29.18
C GLY D 377 -80.54 -4.98 -28.16
N GLY D 378 -79.25 -4.72 -28.34
CA GLY D 378 -78.22 -5.15 -27.41
C GLY D 378 -77.00 -4.26 -27.57
N ILE D 379 -75.95 -4.60 -26.83
CA ILE D 379 -74.72 -3.82 -26.84
C ILE D 379 -73.55 -4.79 -26.98
N THR D 380 -72.78 -4.64 -28.05
CA THR D 380 -71.56 -5.41 -28.24
C THR D 380 -70.47 -4.91 -27.31
N SER D 381 -69.46 -5.76 -27.10
CA SER D 381 -68.31 -5.36 -26.29
C SER D 381 -67.50 -4.26 -26.94
N ALA D 382 -67.70 -3.99 -28.23
CA ALA D 382 -66.97 -2.94 -28.92
C ALA D 382 -67.57 -1.55 -28.67
N ASN D 383 -68.84 -1.49 -28.26
CA ASN D 383 -69.45 -0.21 -27.94
C ASN D 383 -68.66 0.46 -26.83
N PRO D 384 -68.22 1.71 -27.01
CA PRO D 384 -67.43 2.37 -25.96
C PRO D 384 -68.15 2.46 -24.63
N ALA D 385 -69.48 2.42 -24.61
CA ALA D 385 -70.22 2.45 -23.37
C ALA D 385 -70.18 1.13 -22.62
N TRP D 386 -69.63 0.07 -23.22
CA TRP D 386 -69.58 -1.22 -22.54
C TRP D 386 -68.82 -1.12 -21.23
N ASP D 387 -67.57 -0.67 -21.28
CA ASP D 387 -66.76 -0.59 -20.07
C ASP D 387 -67.33 0.37 -19.05
N MET D 388 -68.18 1.30 -19.48
CA MET D 388 -68.75 2.25 -18.54
C MET D 388 -69.91 1.65 -17.77
N PHE D 389 -70.78 0.90 -18.46
CA PHE D 389 -71.86 0.21 -17.77
C PHE D 389 -71.39 -1.05 -17.07
N SER D 390 -70.36 -1.71 -17.62
CA SER D 390 -69.92 -2.97 -17.04
C SER D 390 -69.37 -2.77 -15.63
N ALA D 391 -68.71 -1.65 -15.38
CA ALA D 391 -68.30 -1.29 -14.03
C ALA D 391 -69.09 -0.05 -13.63
N TYR D 392 -70.10 -0.25 -12.80
CA TYR D 392 -70.85 0.82 -12.19
C TYR D 392 -71.49 0.27 -10.94
N ASN D 393 -71.62 1.12 -9.91
CA ASN D 393 -72.20 0.69 -8.66
C ASN D 393 -73.28 1.66 -8.23
N GLY D 394 -74.38 1.14 -7.72
CA GLY D 394 -75.46 1.96 -7.23
C GLY D 394 -76.60 2.04 -8.21
N MET D 395 -77.62 2.80 -7.82
CA MET D 395 -78.84 2.93 -8.60
C MET D 395 -78.69 4.04 -9.62
N ALA D 396 -78.82 3.70 -10.90
CA ALA D 396 -78.87 4.68 -11.97
C ALA D 396 -80.28 4.67 -12.54
N ALA D 397 -81.04 5.72 -12.26
CA ALA D 397 -82.45 5.78 -12.64
C ALA D 397 -82.66 6.92 -13.62
N GLY D 398 -82.92 6.58 -14.87
CA GLY D 398 -83.22 7.58 -15.88
C GLY D 398 -84.72 7.87 -15.96
N PHE D 399 -85.04 9.11 -16.33
CA PHE D 399 -86.42 9.52 -16.51
C PHE D 399 -86.51 10.47 -17.69
N PHE D 400 -87.39 10.18 -18.63
CA PHE D 400 -87.59 11.03 -19.79
C PHE D 400 -88.96 11.69 -19.69
N ASN D 401 -88.97 13.02 -19.58
CA ASN D 401 -90.20 13.80 -19.62
C ASN D 401 -90.15 14.65 -20.89
N GLY D 402 -90.97 14.29 -21.87
CA GLY D 402 -90.95 15.03 -23.12
C GLY D 402 -89.60 14.88 -23.79
N ASP D 403 -88.96 16.01 -24.07
CA ASP D 403 -87.62 16.02 -24.65
C ASP D 403 -86.53 16.04 -23.59
N TRP D 404 -86.88 16.22 -22.32
CA TRP D 404 -85.90 16.29 -21.25
C TRP D 404 -85.47 14.89 -20.85
N GLY D 405 -84.19 14.58 -20.98
CA GLY D 405 -83.61 13.43 -20.33
C GLY D 405 -83.11 13.81 -18.94
N VAL D 406 -83.22 12.87 -18.01
CA VAL D 406 -82.75 13.05 -16.64
C VAL D 406 -82.16 11.75 -16.16
N LEU D 407 -81.00 11.82 -15.50
CA LEU D 407 -80.29 10.63 -15.06
C LEU D 407 -79.81 10.84 -13.64
N LEU D 408 -80.26 9.99 -12.72
CA LEU D 408 -79.91 10.05 -11.32
C LEU D 408 -79.01 8.88 -10.97
N THR D 409 -77.83 9.16 -10.45
CA THR D 409 -76.91 8.15 -9.96
C THR D 409 -76.75 8.32 -8.46
N ALA D 410 -76.90 7.23 -7.70
CA ALA D 410 -76.76 7.30 -6.27
C ALA D 410 -76.07 6.04 -5.76
N LEU D 411 -75.03 6.23 -4.95
CA LEU D 411 -74.35 5.13 -4.29
C LEU D 411 -73.97 5.56 -2.89
N ALA D 412 -74.35 4.78 -1.89
CA ALA D 412 -73.92 5.02 -0.52
C ALA D 412 -73.14 3.81 -0.06
N SER D 413 -71.84 3.98 0.10
CA SER D 413 -70.98 2.91 0.58
C SER D 413 -70.80 3.05 2.09
N ASN D 414 -70.70 1.91 2.74
CA ASN D 414 -70.43 1.87 4.17
C ASN D 414 -69.55 0.66 4.43
N ASN D 415 -68.52 0.82 5.23
CA ASN D 415 -67.72 -0.32 5.64
C ASN D 415 -67.47 -0.24 7.13
N LYS D 416 -66.96 -1.35 7.66
CA LYS D 416 -66.68 -1.47 9.07
C LYS D 416 -65.56 -2.48 9.23
N ASN D 417 -64.73 -2.27 10.23
CA ASN D 417 -63.61 -3.17 10.44
C ASN D 417 -63.31 -3.19 11.92
N ASP D 418 -62.93 -4.35 12.43
CA ASP D 418 -62.65 -4.48 13.84
C ASP D 418 -61.56 -5.53 14.01
N ILE D 419 -60.64 -5.27 14.92
CA ILE D 419 -59.46 -6.11 15.08
C ILE D 419 -59.19 -6.29 16.56
N LEU D 420 -58.74 -7.48 16.93
CA LEU D 420 -58.29 -7.77 18.28
C LEU D 420 -57.09 -8.69 18.18
N ALA D 421 -56.03 -8.35 18.90
CA ALA D 421 -54.85 -9.20 18.97
C ALA D 421 -54.41 -9.24 20.41
N THR D 422 -53.93 -10.39 20.86
CA THR D 422 -53.48 -10.56 22.25
C THR D 422 -52.25 -11.46 22.29
N PRO D 423 -51.12 -10.96 21.79
CA PRO D 423 -49.88 -11.72 21.93
C PRO D 423 -49.42 -11.73 23.37
N SER D 424 -49.02 -12.91 23.85
CA SER D 424 -48.50 -13.04 25.19
C SER D 424 -47.22 -13.84 25.16
N ILE D 425 -46.34 -13.59 26.13
CA ILE D 425 -45.03 -14.21 26.18
C ILE D 425 -44.65 -14.34 27.64
N VAL D 426 -44.00 -15.45 27.99
CA VAL D 426 -43.44 -15.65 29.33
C VAL D 426 -41.93 -15.65 29.20
N THR D 427 -41.27 -14.93 30.11
CA THR D 427 -39.82 -14.87 30.06
C THR D 427 -39.27 -14.53 31.44
N LEU D 428 -38.00 -14.84 31.64
CA LEU D 428 -37.31 -14.44 32.85
C LEU D 428 -37.04 -12.95 32.83
N ASP D 429 -37.02 -12.33 34.00
CA ASP D 429 -36.67 -10.93 34.06
C ASP D 429 -35.26 -10.71 33.55
N ASN D 430 -35.03 -9.56 32.94
CA ASN D 430 -33.76 -9.12 32.38
C ASN D 430 -33.37 -9.92 31.15
N LYS D 431 -34.15 -10.93 30.78
CA LYS D 431 -33.93 -11.69 29.55
C LYS D 431 -34.90 -11.22 28.48
N LEU D 432 -34.39 -11.00 27.28
CA LEU D 432 -35.20 -10.51 26.17
C LEU D 432 -35.94 -11.65 25.50
N ALA D 433 -37.26 -11.53 25.42
CA ALA D 433 -38.10 -12.49 24.75
C ALA D 433 -38.75 -11.83 23.55
N SER D 434 -39.00 -12.61 22.50
CA SER D 434 -39.69 -12.11 21.33
C SER D 434 -40.66 -13.16 20.86
N PHE D 435 -41.77 -12.67 20.29
CA PHE D 435 -42.85 -13.52 19.83
C PHE D 435 -43.28 -13.02 18.47
N ASN D 436 -43.15 -13.86 17.44
CA ASN D 436 -43.47 -13.48 16.08
C ASN D 436 -44.54 -14.41 15.55
N VAL D 437 -45.64 -13.85 15.07
CA VAL D 437 -46.63 -14.61 14.30
C VAL D 437 -46.93 -13.79 13.06
N GLY D 438 -46.60 -14.34 11.90
CA GLY D 438 -46.64 -13.55 10.69
C GLY D 438 -46.03 -14.30 9.56
N GLN D 439 -45.51 -13.55 8.59
CA GLN D 439 -44.86 -14.19 7.46
C GLN D 439 -43.60 -13.43 7.08
N ASP D 440 -42.65 -14.17 6.53
CA ASP D 440 -41.33 -13.66 6.19
C ASP D 440 -41.29 -13.43 4.68
N VAL D 441 -41.21 -12.18 4.27
CA VAL D 441 -41.40 -11.82 2.87
C VAL D 441 -40.11 -11.24 2.31
N PRO D 442 -39.81 -11.45 1.04
CA PRO D 442 -38.66 -10.79 0.41
C PRO D 442 -38.95 -9.34 0.07
N VAL D 443 -37.97 -8.47 0.30
CA VAL D 443 -38.06 -7.07 -0.08
C VAL D 443 -36.84 -6.71 -0.93
N LEU D 444 -37.07 -5.93 -1.97
CA LEU D 444 -36.03 -5.58 -2.91
C LEU D 444 -35.08 -4.56 -2.29
N SER D 445 -33.87 -4.49 -2.84
CA SER D 445 -32.89 -3.51 -2.38
C SER D 445 -31.81 -3.22 -3.42
N THR D 458 -30.88 -7.94 -6.23
CA THR D 458 -30.60 -8.03 -4.80
C THR D 458 -31.87 -7.87 -3.97
N VAL D 459 -32.13 -8.82 -3.08
CA VAL D 459 -33.30 -8.79 -2.22
C VAL D 459 -32.87 -8.99 -0.78
N GLU D 460 -33.85 -8.95 0.11
CA GLU D 460 -33.62 -9.04 1.54
C GLU D 460 -34.89 -9.60 2.17
N ARG D 461 -34.73 -10.28 3.31
CA ARG D 461 -35.85 -10.96 3.95
C ARG D 461 -36.34 -10.11 5.10
N LYS D 462 -37.66 -9.97 5.22
CA LYS D 462 -38.26 -9.13 6.24
C LYS D 462 -39.45 -9.84 6.85
N THR D 463 -39.45 -9.99 8.17
CA THR D 463 -40.58 -10.59 8.86
C THR D 463 -41.64 -9.53 9.11
N VAL D 464 -42.87 -9.84 8.72
CA VAL D 464 -43.98 -8.91 8.82
C VAL D 464 -45.16 -9.65 9.42
N GLY D 465 -45.60 -9.23 10.60
CA GLY D 465 -46.71 -9.87 11.25
C GLY D 465 -46.92 -9.28 12.63
N THR D 466 -47.60 -10.02 13.48
CA THR D 466 -47.77 -9.60 14.86
C THR D 466 -46.51 -9.93 15.63
N LYS D 467 -45.86 -8.93 16.17
CA LYS D 467 -44.56 -9.10 16.81
C LYS D 467 -44.60 -8.47 18.19
N LEU D 468 -44.04 -9.16 19.17
CA LEU D 468 -43.92 -8.62 20.52
C LEU D 468 -42.53 -8.94 21.02
N LYS D 469 -41.74 -7.92 21.32
CA LYS D 469 -40.38 -8.06 21.81
C LYS D 469 -40.27 -7.26 23.09
N VAL D 470 -40.10 -7.94 24.21
CA VAL D 470 -40.16 -7.31 25.52
C VAL D 470 -39.01 -7.80 26.38
N THR D 471 -38.38 -6.87 27.11
CA THR D 471 -37.38 -7.21 28.13
C THR D 471 -37.90 -6.80 29.48
N PRO D 472 -38.34 -7.72 30.32
CA PRO D 472 -38.85 -7.34 31.64
C PRO D 472 -37.72 -7.12 32.64
N GLN D 473 -38.01 -6.26 33.62
CA GLN D 473 -37.17 -6.05 34.78
C GLN D 473 -38.08 -5.97 35.98
N VAL D 474 -37.96 -6.90 36.93
CA VAL D 474 -38.86 -6.95 38.06
C VAL D 474 -38.22 -6.16 39.20
N ASN D 475 -38.79 -5.00 39.50
CA ASN D 475 -38.27 -4.20 40.59
C ASN D 475 -39.32 -3.49 41.44
N GLU D 476 -39.39 -3.83 42.72
CA GLU D 476 -38.88 -5.10 43.24
C GLU D 476 -40.08 -5.58 44.02
N GLY D 477 -40.21 -6.88 44.24
CA GLY D 477 -41.52 -7.31 44.68
C GLY D 477 -42.47 -7.08 43.53
N ASP D 478 -43.46 -6.21 43.72
CA ASP D 478 -44.43 -5.92 42.68
C ASP D 478 -43.81 -5.04 41.60
N ALA D 479 -44.68 -4.54 40.73
CA ALA D 479 -44.37 -3.84 39.48
C ALA D 479 -43.46 -4.64 38.56
N VAL D 480 -42.77 -3.94 37.65
CA VAL D 480 -41.92 -4.47 36.59
C VAL D 480 -41.50 -3.26 35.77
N LEU D 481 -40.43 -3.41 34.99
CA LEU D 481 -40.08 -2.42 33.99
C LEU D 481 -40.08 -3.13 32.65
N LEU D 482 -41.05 -2.81 31.81
CA LEU D 482 -41.21 -3.46 30.53
C LEU D 482 -40.68 -2.52 29.46
N GLU D 483 -39.64 -2.94 28.76
CA GLU D 483 -39.25 -2.27 27.53
C GLU D 483 -39.94 -3.02 26.41
N ILE D 484 -40.96 -2.40 25.83
CA ILE D 484 -41.80 -3.04 24.83
C ILE D 484 -41.37 -2.52 23.47
N GLU D 485 -41.18 -3.43 22.53
CA GLU D 485 -41.16 -3.10 21.12
C GLU D 485 -42.12 -4.07 20.46
N GLN D 486 -43.24 -3.57 19.97
CA GLN D 486 -44.19 -4.45 19.31
C GLN D 486 -44.75 -3.77 18.09
N GLU D 487 -45.28 -4.57 17.18
CA GLU D 487 -45.99 -4.02 16.05
C GLU D 487 -46.93 -5.07 15.49
N VAL D 488 -47.93 -4.60 14.78
CA VAL D 488 -48.80 -5.44 13.99
C VAL D 488 -48.67 -4.94 12.56
N SER D 489 -48.03 -5.73 11.72
CA SER D 489 -47.78 -5.33 10.35
C SER D 489 -48.21 -6.43 9.41
N SER D 490 -48.53 -6.05 8.18
CA SER D 490 -49.02 -6.99 7.20
C SER D 490 -48.68 -6.50 5.81
N VAL D 491 -48.54 -7.44 4.87
CA VAL D 491 -48.30 -7.06 3.49
C VAL D 491 -49.56 -6.44 2.92
N ASP D 492 -49.41 -5.37 2.17
CA ASP D 492 -50.53 -4.68 1.55
C ASP D 492 -50.73 -5.28 0.17
N SER D 493 -51.85 -5.99 -0.01
CA SER D 493 -52.11 -6.68 -1.26
C SER D 493 -52.27 -5.69 -2.41
N SER D 494 -53.08 -4.66 -2.21
CA SER D 494 -53.18 -3.60 -3.19
C SER D 494 -51.89 -2.81 -3.25
N SER D 495 -51.73 -2.06 -4.33
CA SER D 495 -50.60 -1.13 -4.50
C SER D 495 -49.27 -1.88 -4.50
N ASN D 496 -49.20 -2.93 -5.31
CA ASN D 496 -47.90 -3.55 -5.54
C ASN D 496 -47.13 -2.71 -6.55
N SER D 497 -45.80 -2.81 -6.46
CA SER D 497 -44.93 -1.99 -7.29
C SER D 497 -43.72 -2.81 -7.71
N THR D 498 -43.01 -2.29 -8.71
CA THR D 498 -41.77 -2.91 -9.15
C THR D 498 -40.64 -2.68 -8.14
N LEU D 499 -40.78 -1.69 -7.27
CA LEU D 499 -39.75 -1.45 -6.27
C LEU D 499 -39.84 -2.42 -5.10
N GLY D 500 -41.03 -2.96 -4.85
CA GLY D 500 -41.18 -3.93 -3.80
C GLY D 500 -42.57 -3.85 -3.18
N PRO D 501 -42.81 -4.67 -2.17
CA PRO D 501 -44.08 -4.60 -1.45
C PRO D 501 -44.10 -3.46 -0.45
N THR D 502 -45.30 -2.96 -0.19
CA THR D 502 -45.49 -2.11 0.97
C THR D 502 -46.03 -2.97 2.11
N PHE D 503 -46.11 -2.37 3.29
CA PHE D 503 -46.60 -3.07 4.47
C PHE D 503 -47.38 -2.08 5.30
N ASN D 504 -48.49 -2.52 5.87
CA ASN D 504 -49.25 -1.70 6.79
C ASN D 504 -48.73 -1.97 8.19
N THR D 505 -48.05 -1.01 8.79
CA THR D 505 -47.39 -1.22 10.07
C THR D 505 -48.04 -0.34 11.13
N ARG D 506 -48.32 -0.94 12.28
CA ARG D 506 -48.68 -0.18 13.49
C ARG D 506 -47.65 -0.54 14.55
N THR D 507 -46.76 0.38 14.86
CA THR D 507 -45.61 0.10 15.70
C THR D 507 -45.61 1.01 16.91
N ILE D 508 -45.32 0.44 18.07
CA ILE D 508 -45.19 1.20 19.30
C ILE D 508 -44.03 0.63 20.10
N GLN D 509 -43.07 1.47 20.46
CA GLN D 509 -41.96 1.05 21.28
C GLN D 509 -41.75 2.06 22.38
N ASN D 510 -41.81 1.60 23.63
CA ASN D 510 -41.64 2.46 24.78
C ASN D 510 -41.25 1.59 25.96
N ALA D 511 -40.71 2.24 26.99
CA ALA D 511 -40.49 1.60 28.27
C ALA D 511 -41.54 2.10 29.23
N VAL D 512 -42.09 1.20 30.03
CA VAL D 512 -43.14 1.56 30.96
C VAL D 512 -42.96 0.69 32.20
N LEU D 513 -43.47 1.18 33.33
CA LEU D 513 -43.36 0.51 34.62
C LEU D 513 -44.77 0.25 35.12
N VAL D 514 -45.15 -1.01 35.19
CA VAL D 514 -46.53 -1.41 35.43
C VAL D 514 -46.57 -2.30 36.67
N LYS D 515 -47.60 -2.15 37.49
CA LYS D 515 -47.74 -3.02 38.64
C LYS D 515 -48.11 -4.44 38.18
N THR D 516 -47.86 -5.41 39.06
CA THR D 516 -47.80 -6.80 38.65
C THR D 516 -49.13 -7.34 38.16
N GLY D 517 -50.26 -6.78 38.58
CA GLY D 517 -51.51 -7.36 38.14
C GLY D 517 -52.30 -6.52 37.16
N GLU D 518 -51.80 -5.33 36.84
CA GLU D 518 -52.64 -4.27 36.30
C GLU D 518 -52.55 -4.21 34.77
N THR D 519 -53.67 -3.89 34.15
CA THR D 519 -53.75 -3.61 32.72
C THR D 519 -53.67 -2.11 32.52
N VAL D 520 -52.71 -1.68 31.70
CA VAL D 520 -52.47 -0.26 31.51
C VAL D 520 -52.28 0.00 30.01
N VAL D 521 -52.51 1.24 29.62
CA VAL D 521 -52.49 1.61 28.20
C VAL D 521 -51.08 2.02 27.80
N LEU D 522 -50.57 1.38 26.75
CA LEU D 522 -49.27 1.78 26.21
C LEU D 522 -49.39 2.97 25.27
N GLY D 523 -50.46 3.05 24.52
CA GLY D 523 -50.59 4.11 23.56
C GLY D 523 -51.92 4.01 22.84
N GLY D 524 -52.01 4.69 21.71
CA GLY D 524 -53.23 4.63 20.93
C GLY D 524 -53.25 5.73 19.91
N LEU D 525 -54.18 5.59 18.98
CA LEU D 525 -54.40 6.58 17.95
C LEU D 525 -55.89 6.68 17.68
N LEU D 526 -56.43 7.88 17.76
CA LEU D 526 -57.80 8.14 17.34
C LEU D 526 -57.71 9.04 16.12
N ASP D 527 -58.02 8.49 14.96
CA ASP D 527 -57.85 9.18 13.70
C ASP D 527 -59.21 9.28 13.04
N ASP D 528 -59.58 10.48 12.61
CA ASP D 528 -60.90 10.72 12.08
C ASP D 528 -60.81 11.68 10.91
N PHE D 529 -61.54 11.39 9.85
CA PHE D 529 -61.36 12.04 8.57
C PHE D 529 -62.71 12.20 7.89
N SER D 530 -62.97 13.37 7.32
CA SER D 530 -64.20 13.61 6.58
C SER D 530 -63.88 14.44 5.35
N LYS D 531 -64.29 13.95 4.20
CA LYS D 531 -64.05 14.60 2.93
C LYS D 531 -65.39 14.96 2.31
N GLU D 532 -65.37 15.96 1.43
CA GLU D 532 -66.55 16.33 0.69
C GLU D 532 -66.14 16.95 -0.63
N GLN D 533 -66.95 16.73 -1.65
CA GLN D 533 -66.76 17.40 -2.92
C GLN D 533 -68.13 17.58 -3.54
N VAL D 534 -68.36 18.74 -4.15
CA VAL D 534 -69.56 18.93 -4.96
C VAL D 534 -69.12 19.57 -6.26
N SER D 535 -69.81 19.21 -7.34
CA SER D 535 -69.69 19.86 -8.63
C SER D 535 -71.08 20.32 -9.01
N LYS D 536 -71.28 21.63 -9.10
CA LYS D 536 -72.62 22.15 -9.26
C LYS D 536 -72.67 23.20 -10.35
N VAL D 537 -73.89 23.56 -10.72
CA VAL D 537 -74.14 24.73 -11.56
C VAL D 537 -74.19 25.96 -10.68
N PRO D 538 -73.45 27.02 -10.99
CA PRO D 538 -73.06 27.98 -9.94
C PRO D 538 -74.20 28.61 -9.17
N LEU D 539 -75.20 29.18 -9.83
CA LEU D 539 -76.31 29.76 -9.08
C LEU D 539 -77.35 28.72 -8.71
N LEU D 540 -77.67 27.84 -9.64
CA LEU D 540 -78.76 26.89 -9.41
C LEU D 540 -78.43 25.91 -8.31
N GLY D 541 -77.18 25.49 -8.21
CA GLY D 541 -76.78 24.49 -7.22
C GLY D 541 -76.89 24.95 -5.79
N ASP D 542 -77.07 26.25 -5.55
CA ASP D 542 -77.17 26.79 -4.20
C ASP D 542 -78.59 27.01 -3.73
N ILE D 543 -79.58 26.75 -4.59
CA ILE D 543 -80.98 26.82 -4.14
C ILE D 543 -81.19 25.81 -3.02
N PRO D 544 -81.78 26.20 -1.88
CA PRO D 544 -81.64 25.38 -0.67
C PRO D 544 -82.05 23.93 -0.81
N LEU D 545 -83.20 23.65 -1.43
CA LEU D 545 -83.66 22.27 -1.60
C LEU D 545 -83.49 21.80 -3.04
N VAL D 546 -84.13 22.48 -3.98
CA VAL D 546 -84.06 22.12 -5.40
C VAL D 546 -82.61 22.03 -5.87
N GLY D 547 -81.71 22.79 -5.26
CA GLY D 547 -80.34 22.87 -5.72
C GLY D 547 -79.62 21.54 -5.79
N GLN D 548 -80.10 20.52 -5.08
CA GLN D 548 -79.46 19.21 -5.16
C GLN D 548 -79.66 18.54 -6.51
N LEU D 549 -80.56 19.05 -7.35
CA LEU D 549 -80.71 18.50 -8.68
C LEU D 549 -79.56 18.88 -9.58
N PHE D 550 -78.98 20.06 -9.39
CA PHE D 550 -77.90 20.51 -10.24
C PHE D 550 -76.54 20.02 -9.81
N ARG D 551 -76.31 19.85 -8.51
CA ARG D 551 -75.00 19.45 -8.01
C ARG D 551 -74.79 17.93 -8.04
N TYR D 552 -73.52 17.55 -8.10
CA TYR D 552 -73.06 16.19 -7.86
C TYR D 552 -72.21 16.17 -6.59
N THR D 553 -72.72 15.54 -5.55
CA THR D 553 -72.04 15.49 -4.26
C THR D 553 -71.36 14.14 -4.09
N SER D 554 -70.13 14.14 -3.60
CA SER D 554 -69.45 12.91 -3.20
C SER D 554 -68.86 13.13 -1.83
N THR D 555 -69.35 12.40 -0.84
CA THR D 555 -68.97 12.56 0.55
C THR D 555 -68.23 11.32 1.01
N GLU D 556 -67.38 11.48 2.03
CA GLU D 556 -66.64 10.36 2.58
C GLU D 556 -66.36 10.65 4.04
N ARG D 557 -66.18 9.59 4.81
CA ARG D 557 -65.82 9.70 6.22
C ARG D 557 -65.03 8.46 6.59
N ALA D 558 -64.19 8.59 7.61
CA ALA D 558 -63.43 7.47 8.12
C ALA D 558 -63.17 7.68 9.60
N LYS D 559 -62.98 6.58 10.32
CA LYS D 559 -62.61 6.62 11.71
C LYS D 559 -61.67 5.45 11.98
N ARG D 560 -60.65 5.69 12.78
CA ARG D 560 -59.79 4.64 13.28
C ARG D 560 -59.55 4.90 14.75
N ASN D 561 -59.92 3.96 15.60
CA ASN D 561 -59.67 4.08 17.02
C ASN D 561 -58.81 2.90 17.43
N LEU D 562 -57.55 3.16 17.76
CA LEU D 562 -56.59 2.13 18.11
C LEU D 562 -56.16 2.32 19.55
N MET D 563 -56.08 1.22 20.29
CA MET D 563 -55.61 1.23 21.67
C MET D 563 -54.69 0.05 21.86
N VAL D 564 -53.63 0.24 22.63
CA VAL D 564 -52.69 -0.82 22.96
C VAL D 564 -52.56 -0.88 24.46
N PHE D 565 -52.80 -2.05 25.03
CA PHE D 565 -52.72 -2.26 26.46
C PHE D 565 -51.67 -3.31 26.75
N ILE D 566 -51.17 -3.32 27.99
CA ILE D 566 -50.18 -4.29 28.40
C ILE D 566 -50.53 -4.73 29.81
N ARG D 567 -50.61 -6.03 30.03
CA ARG D 567 -50.78 -6.55 31.39
C ARG D 567 -49.62 -7.47 31.74
N PRO D 568 -48.69 -7.05 32.58
CA PRO D 568 -47.69 -7.98 33.11
C PRO D 568 -48.25 -8.80 34.26
N THR D 569 -47.63 -9.95 34.48
CA THR D 569 -47.90 -10.77 35.65
C THR D 569 -46.60 -11.41 36.08
N ILE D 570 -46.28 -11.35 37.36
CA ILE D 570 -45.02 -11.89 37.86
C ILE D 570 -45.25 -13.29 38.38
N ILE D 571 -44.41 -14.22 37.96
CA ILE D 571 -44.40 -15.58 38.50
C ILE D 571 -43.26 -15.67 39.49
N ARG D 572 -43.59 -15.72 40.78
CA ARG D 572 -42.58 -15.89 41.81
C ARG D 572 -42.18 -17.34 41.98
N ASP D 573 -43.16 -18.25 41.96
CA ASP D 573 -42.93 -19.65 42.27
C ASP D 573 -43.68 -20.51 41.27
N ASP D 574 -43.38 -21.81 41.30
CA ASP D 574 -44.03 -22.74 40.38
C ASP D 574 -45.53 -22.78 40.58
N ASP D 575 -45.99 -22.79 41.84
CA ASP D 575 -47.39 -23.06 42.10
C ASP D 575 -48.31 -22.02 41.48
N VAL D 576 -47.84 -20.78 41.34
CA VAL D 576 -48.66 -19.78 40.67
C VAL D 576 -48.56 -19.90 39.16
N TYR D 577 -47.53 -20.58 38.68
CA TYR D 577 -47.32 -20.72 37.24
C TYR D 577 -47.93 -21.99 36.68
N ARG D 578 -48.37 -22.91 37.53
CA ARG D 578 -49.35 -23.90 37.10
C ARG D 578 -50.71 -23.26 36.91
N SER D 579 -51.21 -22.59 37.94
CA SER D 579 -52.55 -22.02 37.89
C SER D 579 -52.68 -21.03 36.75
N LEU D 580 -51.61 -20.29 36.48
CA LEU D 580 -51.59 -19.39 35.33
C LEU D 580 -51.60 -20.18 34.03
N SER D 581 -50.86 -21.29 33.98
CA SER D 581 -50.84 -22.14 32.80
C SER D 581 -52.07 -23.03 32.73
N LYS D 582 -52.58 -23.46 33.88
CA LYS D 582 -53.75 -24.33 33.91
C LYS D 582 -54.99 -23.62 33.41
N GLU D 583 -55.11 -22.31 33.66
CA GLU D 583 -56.31 -21.62 33.21
C GLU D 583 -56.26 -21.29 31.74
N LYS D 584 -55.06 -21.15 31.16
CA LYS D 584 -54.98 -21.02 29.71
C LYS D 584 -55.10 -22.39 29.05
N TYR D 585 -54.54 -23.42 29.66
CA TYR D 585 -54.65 -24.77 29.12
C TYR D 585 -56.09 -25.24 29.12
N THR D 586 -56.83 -24.90 30.17
CA THR D 586 -58.23 -25.32 30.28
C THR D 586 -59.16 -24.43 29.46
N ARG D 587 -58.95 -23.11 29.51
CA ARG D 587 -59.78 -22.22 28.71
C ARG D 587 -59.62 -22.50 27.23
N TYR D 588 -58.44 -22.97 26.82
CA TYR D 588 -58.26 -23.38 25.43
C TYR D 588 -58.87 -24.75 25.18
N ARG D 589 -58.74 -25.66 26.15
CA ARG D 589 -59.32 -26.98 26.02
C ARG D 589 -60.84 -26.93 26.02
N GLN D 590 -61.41 -26.16 26.94
CA GLN D 590 -62.85 -26.01 26.98
C GLN D 590 -63.38 -25.26 25.77
N GLU D 591 -62.53 -24.52 25.06
CA GLU D 591 -62.95 -23.91 23.81
C GLU D 591 -62.96 -24.91 22.67
N GLN D 592 -61.97 -25.81 22.65
CA GLN D 592 -61.99 -26.89 21.66
C GLN D 592 -63.18 -27.82 21.87
N GLN D 593 -63.46 -28.17 23.14
CA GLN D 593 -64.60 -29.03 23.41
C GLN D 593 -65.91 -28.36 23.06
N GLN D 594 -65.96 -27.02 23.15
CA GLN D 594 -67.16 -26.32 22.73
C GLN D 594 -67.32 -26.36 21.22
N ARG D 595 -66.20 -26.30 20.49
CA ARG D 595 -66.25 -26.36 19.03
C ARG D 595 -66.64 -27.75 18.54
N ILE D 596 -66.28 -28.79 19.30
CA ILE D 596 -66.69 -30.14 18.93
C ILE D 596 -68.19 -30.31 19.12
N ASP D 597 -68.73 -29.72 20.18
CA ASP D 597 -70.17 -29.78 20.39
C ASP D 597 -70.92 -28.75 19.56
N GLY D 598 -70.23 -27.70 19.09
CA GLY D 598 -70.89 -26.69 18.28
C GLY D 598 -71.20 -27.14 16.88
N LYS D 599 -70.44 -28.11 16.35
CA LYS D 599 -70.75 -28.65 15.04
C LYS D 599 -71.95 -29.58 15.14
N SER D 600 -72.84 -29.48 14.16
CA SER D 600 -74.07 -30.25 14.16
C SER D 600 -73.93 -31.48 13.28
N LYS D 601 -74.42 -32.62 13.78
CA LYS D 601 -74.53 -33.80 12.95
C LYS D 601 -75.58 -33.57 11.86
N ALA D 602 -75.51 -34.42 10.84
CA ALA D 602 -76.33 -34.40 9.63
C ALA D 602 -75.78 -33.40 8.62
N LEU D 603 -74.71 -32.68 8.95
CA LEU D 603 -73.92 -31.95 7.98
C LEU D 603 -72.50 -32.47 8.01
N VAL D 604 -71.88 -32.58 6.83
CA VAL D 604 -70.50 -33.05 6.78
C VAL D 604 -69.58 -31.98 7.33
N GLY D 605 -68.65 -32.41 8.20
CA GLY D 605 -67.70 -31.49 8.78
C GLY D 605 -66.39 -32.20 9.08
N SER D 606 -65.39 -31.39 9.43
CA SER D 606 -64.09 -31.94 9.74
C SER D 606 -64.14 -32.77 11.01
N GLU D 607 -63.43 -33.89 11.00
CA GLU D 607 -63.29 -34.68 12.22
C GLU D 607 -62.33 -33.98 13.17
N ASP D 608 -62.70 -33.92 14.43
CA ASP D 608 -61.97 -33.12 15.41
C ASP D 608 -60.62 -33.74 15.72
N LEU D 609 -59.70 -32.91 16.19
CA LEU D 609 -58.46 -33.41 16.74
C LEU D 609 -58.71 -33.98 18.13
N PRO D 610 -57.77 -34.76 18.66
CA PRO D 610 -57.79 -35.03 20.09
C PRO D 610 -57.55 -33.74 20.85
N VAL D 611 -58.37 -33.48 21.86
CA VAL D 611 -58.36 -32.21 22.56
C VAL D 611 -57.43 -32.31 23.75
N LEU D 612 -56.25 -31.70 23.61
CA LEU D 612 -55.22 -31.64 24.65
C LEU D 612 -55.08 -32.95 25.41
N ASP D 613 -54.99 -32.87 26.73
CA ASP D 613 -54.97 -34.03 27.61
C ASP D 613 -55.72 -33.68 28.88
N GLU D 614 -56.55 -34.62 29.33
CA GLU D 614 -57.33 -34.41 30.54
C GLU D 614 -56.51 -34.58 31.81
N ASN D 615 -55.60 -35.55 31.84
CA ASN D 615 -54.85 -35.84 33.05
C ASN D 615 -53.81 -34.77 33.39
N THR D 616 -53.45 -33.92 32.43
CA THR D 616 -52.49 -32.86 32.72
C THR D 616 -53.05 -31.93 33.79
N PHE D 617 -52.18 -31.46 34.68
CA PHE D 617 -52.56 -30.65 35.84
C PHE D 617 -53.45 -31.44 36.78
N GLY E 99 71.66 -50.21 73.31
CA GLY E 99 71.78 -49.43 74.53
C GLY E 99 72.48 -48.08 74.34
N ASP E 100 73.80 -48.12 74.31
CA ASP E 100 74.61 -46.93 74.11
C ASP E 100 74.98 -46.71 72.66
N GLU E 101 74.45 -47.52 71.75
CA GLU E 101 74.96 -47.54 70.38
C GLU E 101 74.49 -46.30 69.63
N LEU E 102 75.45 -45.49 69.18
CA LEU E 102 75.16 -44.20 68.56
C LEU E 102 75.03 -44.38 67.06
N VAL E 103 73.82 -44.23 66.55
CA VAL E 103 73.55 -44.38 65.12
C VAL E 103 72.56 -43.31 64.70
N THR E 104 72.59 -42.98 63.42
CA THR E 104 71.65 -42.06 62.81
C THR E 104 70.58 -42.84 62.06
N ARG E 105 69.34 -42.49 62.34
CA ARG E 105 68.18 -43.15 61.73
C ARG E 105 67.10 -42.11 61.57
N ILE E 106 66.34 -42.26 60.48
CA ILE E 106 65.62 -41.14 59.88
C ILE E 106 64.19 -41.58 59.58
N VAL E 107 63.22 -40.94 60.23
CA VAL E 107 61.80 -41.16 59.99
C VAL E 107 61.13 -39.87 59.56
N PRO E 108 60.47 -39.83 58.39
CA PRO E 108 59.65 -38.66 58.06
C PRO E 108 58.34 -38.61 58.85
N LEU E 109 57.82 -37.41 59.02
CA LEU E 109 56.40 -37.19 59.32
C LEU E 109 55.74 -36.76 58.01
N GLU E 110 55.00 -37.67 57.38
CA GLU E 110 54.44 -37.33 56.07
C GLU E 110 53.17 -36.51 56.23
N ASN E 111 52.32 -36.92 57.18
CA ASN E 111 51.04 -36.27 57.44
C ASN E 111 51.20 -34.78 57.72
N VAL E 112 52.19 -34.40 58.53
CA VAL E 112 52.37 -33.04 59.01
C VAL E 112 53.76 -32.58 58.58
N PRO E 113 54.05 -31.29 58.47
CA PRO E 113 55.46 -30.87 58.46
C PRO E 113 56.11 -31.15 59.82
N ALA E 114 57.27 -31.81 59.78
CA ALA E 114 57.89 -32.32 61.00
C ALA E 114 58.36 -31.23 61.94
N ARG E 115 58.29 -29.96 61.51
CA ARG E 115 58.81 -28.83 62.30
C ARG E 115 58.34 -28.89 63.74
N ASP E 116 57.10 -29.30 63.97
CA ASP E 116 56.47 -29.31 65.30
C ASP E 116 57.17 -30.22 66.31
N LEU E 117 58.08 -31.09 65.89
CA LEU E 117 58.82 -31.87 66.87
C LEU E 117 60.19 -31.30 67.21
N ALA E 118 60.54 -30.13 66.68
CA ALA E 118 61.85 -29.56 67.00
C ALA E 118 62.02 -29.24 68.48
N PRO E 119 61.09 -28.58 69.18
CA PRO E 119 61.24 -28.49 70.64
C PRO E 119 61.15 -29.85 71.33
N LEU E 120 60.35 -30.76 70.80
CA LEU E 120 60.17 -32.06 71.47
C LEU E 120 61.43 -32.91 71.36
N LEU E 121 61.95 -33.06 70.13
CA LEU E 121 63.01 -34.03 69.88
C LEU E 121 64.40 -33.53 70.24
N ARG E 122 64.72 -32.27 69.93
CA ARG E 122 65.92 -31.70 70.52
C ARG E 122 65.73 -31.41 72.00
N GLN E 123 64.48 -31.41 72.47
CA GLN E 123 64.26 -31.55 73.90
C GLN E 123 64.66 -32.95 74.36
N MET E 124 64.53 -33.96 73.49
CA MET E 124 64.97 -35.30 73.87
C MET E 124 66.49 -35.47 73.74
N MET E 125 67.13 -34.72 72.85
CA MET E 125 68.54 -34.42 73.06
C MET E 125 68.77 -33.85 74.44
N ASP E 126 68.01 -32.81 74.77
CA ASP E 126 68.06 -32.11 76.04
C ASP E 126 67.49 -32.95 77.19
N ALA E 127 66.96 -34.14 76.89
CA ALA E 127 66.50 -35.03 77.95
C ALA E 127 67.63 -35.73 78.68
N GLY E 128 68.65 -36.19 77.97
CA GLY E 128 69.67 -37.03 78.58
C GLY E 128 71.01 -36.82 77.91
N SER E 129 72.01 -37.55 78.42
CA SER E 129 73.39 -37.27 78.08
C SER E 129 73.60 -37.26 76.56
N VAL E 130 74.25 -36.21 76.08
CA VAL E 130 74.12 -35.73 74.71
C VAL E 130 75.05 -36.54 73.83
N GLY E 131 75.29 -36.08 72.60
CA GLY E 131 75.66 -36.91 71.48
C GLY E 131 74.54 -37.09 70.48
N ASN E 132 73.52 -36.22 70.54
CA ASN E 132 72.32 -36.34 69.73
C ASN E 132 72.28 -35.25 68.67
N VAL E 133 71.62 -35.57 67.56
CA VAL E 133 71.25 -34.61 66.52
C VAL E 133 69.83 -34.91 66.07
N VAL E 134 69.02 -33.86 65.94
CA VAL E 134 67.72 -33.94 65.29
C VAL E 134 67.73 -32.84 64.24
N HIS E 135 67.18 -33.15 63.06
CA HIS E 135 67.28 -32.22 61.94
C HIS E 135 66.17 -32.54 60.94
N TYR E 136 65.91 -31.59 60.03
CA TYR E 136 64.64 -31.50 59.33
C TYR E 136 64.85 -31.18 57.86
N GLU E 137 64.32 -32.07 56.97
CA GLU E 137 64.41 -31.61 55.59
C GLU E 137 63.14 -30.87 55.17
N PRO E 138 63.22 -30.02 54.13
CA PRO E 138 62.01 -29.44 53.53
C PRO E 138 61.04 -30.52 53.10
N SER E 139 61.59 -31.61 52.57
CA SER E 139 60.85 -32.78 52.13
C SER E 139 60.16 -33.46 53.31
N ASN E 140 60.39 -32.94 54.52
CA ASN E 140 59.66 -33.32 55.72
C ASN E 140 60.01 -34.74 56.17
N VAL E 141 61.27 -35.13 55.96
CA VAL E 141 61.85 -36.28 56.63
C VAL E 141 62.60 -35.76 57.85
N LEU E 142 62.53 -36.53 58.94
CA LEU E 142 63.09 -36.11 60.21
C LEU E 142 64.28 -37.01 60.53
N ILE E 143 65.48 -36.43 60.49
CA ILE E 143 66.70 -37.21 60.55
C ILE E 143 67.33 -37.12 61.93
N LEU E 144 67.70 -38.28 62.48
CA LEU E 144 68.17 -38.37 63.85
C LEU E 144 69.56 -38.98 63.93
N THR E 145 70.23 -38.65 65.03
CA THR E 145 71.50 -39.24 65.43
C THR E 145 71.46 -39.39 66.95
N GLY E 146 71.81 -40.56 67.46
CA GLY E 146 71.91 -40.70 68.89
C GLY E 146 72.10 -42.15 69.34
N ARG E 147 72.33 -42.31 70.63
CA ARG E 147 72.48 -43.62 71.22
C ARG E 147 71.13 -44.35 71.23
N ALA E 148 71.21 -45.67 71.41
CA ALA E 148 70.11 -46.58 71.05
C ALA E 148 68.81 -46.29 71.81
N SER E 149 68.89 -45.92 73.09
CA SER E 149 67.66 -45.67 73.84
C SER E 149 67.05 -44.32 73.51
N THR E 150 67.85 -43.25 73.60
CA THR E 150 67.37 -41.93 73.26
C THR E 150 66.73 -41.93 71.89
N ILE E 151 67.31 -42.68 70.95
CA ILE E 151 66.66 -42.78 69.65
C ILE E 151 65.47 -43.72 69.69
N ASN E 152 65.45 -44.73 70.58
CA ASN E 152 64.24 -45.54 70.71
C ASN E 152 63.03 -44.63 70.92
N LYS E 153 63.10 -43.78 71.93
CA LYS E 153 61.91 -42.99 72.25
C LYS E 153 61.85 -41.71 71.42
N LEU E 154 62.95 -41.31 70.76
CA LEU E 154 62.86 -40.28 69.72
C LEU E 154 62.08 -40.77 68.51
N ILE E 155 62.53 -41.85 67.88
CA ILE E 155 61.82 -42.38 66.72
C ILE E 155 60.42 -42.82 67.11
N GLU E 156 60.23 -43.25 68.37
CA GLU E 156 58.88 -43.36 68.92
C GLU E 156 58.11 -42.07 68.72
N VAL E 157 58.68 -40.94 69.16
CA VAL E 157 57.96 -39.68 68.98
C VAL E 157 57.61 -39.47 67.51
N ILE E 158 58.52 -39.87 66.62
CA ILE E 158 58.39 -39.44 65.23
C ILE E 158 57.33 -40.24 64.49
N LYS E 159 57.40 -41.57 64.53
CA LYS E 159 56.30 -42.32 63.92
C LYS E 159 54.99 -42.00 64.63
N ARG E 160 55.06 -41.81 65.96
CA ARG E 160 53.90 -41.33 66.70
C ARG E 160 53.28 -40.14 65.99
N VAL E 161 53.97 -39.00 66.00
CA VAL E 161 53.40 -37.77 65.45
C VAL E 161 53.00 -37.94 63.98
N ASP E 162 53.62 -38.90 63.29
CA ASP E 162 53.12 -39.28 61.96
C ASP E 162 51.68 -39.78 62.03
N VAL E 163 51.47 -40.95 62.62
CA VAL E 163 50.17 -41.61 62.48
C VAL E 163 49.15 -41.00 63.45
N ILE E 164 49.61 -40.13 64.35
CA ILE E 164 48.68 -39.35 65.16
C ILE E 164 48.51 -37.97 64.54
N GLY E 165 49.29 -37.68 63.51
CA GLY E 165 48.97 -36.56 62.64
C GLY E 165 48.25 -37.02 61.39
N THR E 166 47.78 -38.26 61.40
CA THR E 166 47.07 -38.82 60.24
C THR E 166 45.91 -37.94 59.77
N GLU E 167 45.94 -37.60 58.49
CA GLU E 167 44.74 -37.43 57.68
C GLU E 167 45.04 -37.90 56.26
N LYS E 168 44.23 -38.84 55.79
CA LYS E 168 44.58 -39.69 54.66
C LYS E 168 43.35 -39.93 53.79
N GLN E 169 43.59 -40.32 52.54
CA GLN E 169 42.63 -40.15 51.46
C GLN E 169 41.77 -41.40 51.29
N GLN E 170 40.51 -41.18 50.91
CA GLN E 170 39.70 -42.29 50.42
C GLN E 170 38.64 -41.73 49.49
N ILE E 171 38.31 -42.48 48.45
CA ILE E 171 37.20 -42.06 47.59
C ILE E 171 36.23 -43.21 47.52
N ILE E 172 34.95 -42.88 47.63
CA ILE E 172 33.92 -43.86 47.94
C ILE E 172 32.77 -43.71 46.94
N HIS E 173 32.03 -44.79 46.74
CA HIS E 173 30.91 -44.78 45.81
C HIS E 173 29.74 -43.95 46.36
N LEU E 174 28.87 -43.52 45.46
CA LEU E 174 27.51 -43.09 45.81
C LEU E 174 26.54 -44.02 45.09
N GLU E 175 25.70 -44.70 45.86
CA GLU E 175 24.88 -45.78 45.32
C GLU E 175 23.80 -45.30 44.36
N TYR E 176 22.91 -44.42 44.83
CA TYR E 176 21.78 -43.93 44.04
C TYR E 176 21.76 -42.42 43.95
N ALA E 177 21.63 -41.80 45.12
CA ALA E 177 21.42 -40.37 45.22
C ALA E 177 22.44 -39.59 44.40
N SER E 178 21.97 -38.55 43.72
CA SER E 178 22.81 -37.69 42.91
C SER E 178 23.91 -37.04 43.75
N ALA E 179 25.07 -36.87 43.11
CA ALA E 179 26.27 -36.49 43.85
C ALA E 179 26.20 -35.05 44.32
N GLU E 180 25.82 -34.14 43.42
CA GLU E 180 25.66 -32.73 43.76
C GLU E 180 24.89 -32.52 45.05
N ASP E 181 23.85 -33.30 45.29
CA ASP E 181 23.07 -33.11 46.51
C ASP E 181 23.93 -33.34 47.73
N LEU E 182 24.27 -34.61 47.97
CA LEU E 182 25.05 -34.99 49.14
C LEU E 182 26.26 -34.08 49.30
N ALA E 183 26.85 -33.66 48.17
CA ALA E 183 27.69 -32.49 48.22
C ALA E 183 27.00 -31.38 48.98
N GLU E 184 25.91 -30.84 48.42
CA GLU E 184 25.35 -29.59 48.94
C GLU E 184 25.18 -29.67 50.44
N ILE E 185 24.68 -30.80 50.94
CA ILE E 185 24.50 -30.89 52.37
C ILE E 185 25.85 -30.87 53.07
N LEU E 186 26.75 -31.79 52.72
CA LEU E 186 27.88 -32.02 53.59
C LEU E 186 28.90 -30.89 53.49
N ASN E 187 29.03 -30.29 52.31
CA ASN E 187 29.90 -29.14 52.12
C ASN E 187 29.68 -28.13 53.23
N GLN E 188 28.50 -27.53 53.23
CA GLN E 188 28.09 -26.46 54.11
C GLN E 188 27.90 -26.91 55.54
N LEU E 189 28.07 -28.21 55.83
CA LEU E 189 28.23 -28.68 57.20
C LEU E 189 29.65 -28.45 57.66
N ILE E 190 29.82 -27.63 58.69
CA ILE E 190 31.12 -27.41 59.29
C ILE E 190 30.92 -27.22 60.79
N LYS E 206 38.31 -32.74 52.20
CA LYS E 206 37.23 -31.99 51.56
C LYS E 206 36.14 -32.94 51.08
N ILE E 207 35.21 -32.45 50.27
CA ILE E 207 34.07 -33.23 49.81
C ILE E 207 33.97 -33.08 48.30
N VAL E 208 34.06 -34.20 47.58
CA VAL E 208 34.02 -34.17 46.12
C VAL E 208 32.87 -35.06 45.63
N ALA E 209 32.22 -34.62 44.57
CA ALA E 209 31.10 -35.33 43.96
C ALA E 209 31.51 -35.90 42.59
N ASP E 210 30.85 -36.99 42.20
CA ASP E 210 30.87 -37.49 40.83
C ASP E 210 29.46 -37.88 40.42
N LYS E 211 28.96 -37.25 39.37
CA LYS E 211 27.73 -37.73 38.74
C LYS E 211 28.00 -38.86 37.76
N ARG E 212 29.08 -38.78 36.96
CA ARG E 212 29.29 -39.76 35.91
C ARG E 212 29.38 -41.16 36.49
N THR E 213 30.30 -41.39 37.41
CA THR E 213 30.28 -42.64 38.16
C THR E 213 29.64 -42.50 39.53
N ASN E 214 29.21 -41.29 39.91
CA ASN E 214 28.43 -41.07 41.13
C ASN E 214 29.19 -41.52 42.38
N SER E 215 30.19 -40.73 42.76
CA SER E 215 31.03 -41.06 43.91
C SER E 215 31.08 -39.90 44.89
N LEU E 216 31.01 -40.22 46.18
CA LEU E 216 31.41 -39.26 47.20
C LEU E 216 32.85 -39.51 47.60
N ILE E 217 33.65 -38.47 47.52
CA ILE E 217 35.09 -38.54 47.70
C ILE E 217 35.46 -37.71 48.92
N ILE E 218 36.34 -38.26 49.77
CA ILE E 218 36.49 -37.71 51.11
C ILE E 218 37.92 -37.85 51.61
N SER E 219 38.35 -36.79 52.30
CA SER E 219 39.65 -36.70 52.93
C SER E 219 39.49 -36.50 54.44
N GLY E 220 40.56 -36.84 55.15
CA GLY E 220 40.65 -36.61 56.57
C GLY E 220 41.45 -37.71 57.22
N PRO E 221 41.47 -37.76 58.54
CA PRO E 221 42.03 -38.93 59.24
C PRO E 221 41.18 -40.16 58.98
N GLU E 222 41.53 -41.24 59.69
CA GLU E 222 40.61 -42.37 59.72
C GLU E 222 39.36 -42.00 60.50
N LYS E 223 39.48 -41.06 61.43
CA LYS E 223 38.30 -40.61 62.15
C LYS E 223 37.42 -39.71 61.28
N ALA E 224 38.02 -39.03 60.30
CA ALA E 224 37.17 -38.40 59.29
C ALA E 224 36.55 -39.45 58.39
N ARG E 225 37.32 -40.48 58.04
CA ARG E 225 36.75 -41.62 57.34
C ARG E 225 35.50 -42.09 58.04
N GLN E 226 35.59 -42.39 59.34
CA GLN E 226 34.48 -42.99 60.05
C GLN E 226 33.32 -42.02 60.21
N ARG E 227 33.60 -40.79 60.64
CA ARG E 227 32.53 -39.85 60.91
C ARG E 227 31.70 -39.61 59.66
N ILE E 228 32.36 -39.46 58.51
CA ILE E 228 31.58 -39.14 57.33
C ILE E 228 31.12 -40.39 56.62
N THR E 229 31.65 -41.56 56.99
CA THR E 229 30.98 -42.80 56.58
C THR E 229 29.69 -42.98 57.36
N SER E 230 29.61 -42.37 58.53
CA SER E 230 28.37 -42.41 59.30
C SER E 230 27.37 -41.39 58.79
N LEU E 231 27.85 -40.24 58.31
CA LEU E 231 26.96 -39.38 57.55
C LEU E 231 26.46 -40.08 56.29
N LEU E 232 27.37 -40.73 55.56
CA LEU E 232 26.92 -41.52 54.43
C LEU E 232 25.85 -42.50 54.83
N LYS E 233 26.14 -43.36 55.81
CA LYS E 233 25.16 -44.36 56.21
C LYS E 233 23.86 -43.71 56.61
N SER E 234 23.92 -42.47 57.13
CA SER E 234 22.70 -41.70 57.28
C SER E 234 21.96 -41.63 55.96
N LEU E 235 22.49 -40.94 54.95
CA LEU E 235 21.85 -41.02 53.64
C LEU E 235 22.74 -41.74 52.64
N ASP E 236 22.49 -43.04 52.50
CA ASP E 236 22.73 -43.77 51.27
C ASP E 236 21.43 -44.09 50.56
N VAL E 237 20.28 -43.76 51.16
CA VAL E 237 19.01 -44.35 50.73
C VAL E 237 18.42 -43.56 49.58
N GLU E 238 17.88 -44.27 48.61
CA GLU E 238 17.18 -43.63 47.51
C GLU E 238 15.76 -43.35 47.98
N GLU E 239 15.35 -42.10 47.87
CA GLU E 239 14.02 -41.70 48.32
C GLU E 239 12.94 -42.37 47.48
N SER E 240 11.86 -42.74 48.13
CA SER E 240 10.72 -43.31 47.42
C SER E 240 9.89 -42.14 46.90
N GLU E 241 10.44 -41.44 45.91
CA GLU E 241 9.80 -40.27 45.34
C GLU E 241 8.41 -40.61 44.82
N GLU E 242 8.29 -41.79 44.21
CA GLU E 242 7.02 -42.23 43.62
C GLU E 242 6.86 -41.53 42.29
N GLY E 243 5.66 -41.57 41.72
CA GLY E 243 5.43 -40.91 40.46
C GLY E 243 5.23 -39.41 40.60
N ASN E 244 5.88 -38.66 39.72
CA ASN E 244 5.61 -37.23 39.58
C ASN E 244 4.34 -36.94 38.79
N THR E 245 4.11 -37.72 37.75
CA THR E 245 2.99 -37.51 36.84
C THR E 245 1.92 -38.59 37.00
N ARG E 246 0.68 -38.15 37.14
CA ARG E 246 -0.45 -39.06 37.17
C ARG E 246 -1.28 -38.88 35.91
N VAL E 247 -1.92 -39.97 35.50
CA VAL E 247 -2.83 -39.98 34.36
C VAL E 247 -4.21 -40.32 34.90
N TYR E 248 -5.11 -39.35 34.86
CA TYR E 248 -6.46 -39.53 35.33
C TYR E 248 -7.36 -39.96 34.19
N TYR E 249 -8.10 -41.05 34.38
CA TYR E 249 -9.09 -41.47 33.40
C TYR E 249 -10.40 -40.82 33.77
N LEU E 250 -10.84 -39.87 32.95
CA LEU E 250 -12.06 -39.15 33.25
C LEU E 250 -13.26 -39.98 32.84
N LYS E 251 -14.28 -39.98 33.68
CA LYS E 251 -15.56 -40.57 33.35
C LYS E 251 -16.63 -39.53 33.58
N TYR E 252 -17.36 -39.21 32.51
CA TYR E 252 -18.44 -38.22 32.40
C TYR E 252 -17.91 -36.84 32.05
N ALA E 253 -16.60 -36.62 32.03
CA ALA E 253 -16.03 -35.34 31.64
C ALA E 253 -15.18 -35.50 30.41
N LYS E 254 -14.99 -34.40 29.69
CA LYS E 254 -14.22 -34.38 28.46
C LYS E 254 -12.86 -33.76 28.76
N ALA E 255 -11.79 -34.48 28.48
CA ALA E 255 -10.47 -34.11 28.94
C ALA E 255 -10.01 -32.76 28.43
N THR E 256 -10.32 -32.47 27.16
CA THR E 256 -9.92 -31.21 26.55
C THR E 256 -10.64 -30.05 27.24
N ASN E 257 -11.92 -30.26 27.55
CA ASN E 257 -12.70 -29.26 28.27
C ASN E 257 -12.15 -29.02 29.66
N LEU E 258 -11.84 -30.12 30.34
CA LEU E 258 -11.37 -30.06 31.71
C LEU E 258 -10.04 -29.34 31.77
N VAL E 259 -9.21 -29.52 30.75
CA VAL E 259 -7.89 -28.93 30.78
C VAL E 259 -7.97 -27.42 30.89
N GLU E 260 -8.87 -26.80 30.14
CA GLU E 260 -8.96 -25.34 30.18
C GLU E 260 -9.33 -24.86 31.58
N VAL E 261 -10.31 -25.52 32.18
CA VAL E 261 -10.75 -25.14 33.51
C VAL E 261 -9.64 -25.33 34.52
N LEU E 262 -8.92 -26.44 34.39
CA LEU E 262 -7.83 -26.77 35.29
C LEU E 262 -6.70 -25.78 35.19
N THR E 263 -6.48 -25.29 33.97
CA THR E 263 -5.30 -24.51 33.67
C THR E 263 -5.30 -23.27 34.56
N GLY E 264 -6.47 -22.69 34.77
CA GLY E 264 -6.51 -21.52 35.61
C GLY E 264 -6.11 -21.88 37.06
N VAL E 265 -6.61 -23.02 37.55
CA VAL E 265 -6.33 -23.45 38.92
C VAL E 265 -4.85 -23.72 39.12
N SER E 266 -4.24 -24.32 38.11
CA SER E 266 -2.83 -24.62 38.16
C SER E 266 -2.05 -23.32 37.92
N GLU E 267 -2.61 -22.42 37.05
CA GLU E 267 -1.91 -21.21 36.65
C GLU E 267 -2.20 -20.14 37.70
N VAL E 288 2.83 -26.31 37.73
CA VAL E 288 2.02 -27.48 37.38
C VAL E 288 1.63 -27.46 35.91
N ALA E 289 1.68 -28.63 35.27
CA ALA E 289 1.31 -28.74 33.87
C ALA E 289 0.15 -29.70 33.70
N ILE E 290 -0.93 -29.23 33.07
CA ILE E 290 -2.09 -30.06 32.82
C ILE E 290 -2.29 -30.15 31.32
N THR E 291 -2.34 -31.37 30.80
CA THR E 291 -2.62 -31.58 29.39
C THR E 291 -3.45 -32.85 29.23
N ALA E 292 -4.17 -32.93 28.13
CA ALA E 292 -5.17 -33.97 27.93
C ALA E 292 -4.84 -34.83 26.71
N ASP E 293 -5.24 -36.09 26.79
CA ASP E 293 -5.17 -37.00 25.66
C ASP E 293 -6.58 -37.14 25.09
N GLU E 294 -6.80 -36.58 23.90
CA GLU E 294 -8.13 -36.59 23.32
C GLU E 294 -8.56 -37.98 22.87
N GLN E 295 -7.61 -38.90 22.67
CA GLN E 295 -7.96 -40.25 22.23
C GLN E 295 -8.57 -41.05 23.38
N THR E 296 -7.77 -41.35 24.39
CA THR E 296 -8.24 -42.12 25.53
C THR E 296 -9.14 -41.32 26.46
N ASN E 297 -9.28 -40.00 26.24
CA ASN E 297 -10.04 -39.12 27.12
C ASN E 297 -9.50 -39.21 28.54
N SER E 298 -8.20 -39.01 28.67
CA SER E 298 -7.53 -39.02 29.95
C SER E 298 -6.77 -37.72 30.14
N LEU E 299 -6.57 -37.35 31.39
CA LEU E 299 -5.98 -36.07 31.74
C LEU E 299 -4.66 -36.30 32.42
N VAL E 300 -3.63 -35.57 32.01
CA VAL E 300 -2.27 -35.79 32.47
C VAL E 300 -1.84 -34.58 33.28
N ILE E 301 -1.66 -34.75 34.58
CA ILE E 301 -1.20 -33.70 35.48
C ILE E 301 0.13 -34.11 36.07
N THR E 302 1.14 -33.26 35.88
CA THR E 302 2.43 -33.43 36.52
C THR E 302 2.67 -32.27 37.47
N ALA E 303 2.97 -32.60 38.73
CA ALA E 303 3.05 -31.60 39.79
C ALA E 303 3.48 -32.29 41.07
N ASP E 304 3.72 -31.49 42.10
CA ASP E 304 4.13 -32.01 43.39
C ASP E 304 3.03 -32.89 43.99
N GLN E 305 3.45 -33.83 44.84
CA GLN E 305 2.50 -34.68 45.54
C GLN E 305 1.44 -33.88 46.27
N SER E 306 1.77 -32.66 46.70
CA SER E 306 0.80 -31.82 47.37
C SER E 306 -0.27 -31.34 46.40
N VAL E 307 0.14 -30.84 45.24
CA VAL E 307 -0.81 -30.37 44.24
C VAL E 307 -1.65 -31.53 43.71
N GLN E 308 -1.03 -32.70 43.53
CA GLN E 308 -1.75 -33.85 43.02
C GLN E 308 -2.95 -34.20 43.89
N GLU E 309 -2.75 -34.23 45.21
CA GLU E 309 -3.85 -34.60 46.10
C GLU E 309 -4.93 -33.53 46.13
N LYS E 310 -4.57 -32.28 45.84
CA LYS E 310 -5.58 -31.22 45.79
C LYS E 310 -6.33 -31.22 44.47
N LEU E 311 -5.63 -31.39 43.35
CA LEU E 311 -6.32 -31.50 42.07
C LEU E 311 -7.10 -32.80 41.92
N ALA E 312 -6.75 -33.83 42.70
CA ALA E 312 -7.52 -35.06 42.63
C ALA E 312 -8.92 -34.86 43.18
N THR E 313 -9.10 -33.96 44.14
CA THR E 313 -10.42 -33.65 44.65
C THR E 313 -11.17 -32.68 43.74
N VAL E 314 -10.45 -31.74 43.14
CA VAL E 314 -11.09 -30.80 42.22
C VAL E 314 -11.65 -31.55 41.02
N ILE E 315 -10.88 -32.50 40.48
CA ILE E 315 -11.36 -33.27 39.35
C ILE E 315 -12.54 -34.15 39.75
N ALA E 316 -12.45 -34.79 40.91
CA ALA E 316 -13.55 -35.64 41.36
C ALA E 316 -14.83 -34.85 41.53
N ARG E 317 -14.72 -33.59 41.95
CA ARG E 317 -15.89 -32.73 42.05
C ARG E 317 -16.40 -32.33 40.68
N LEU E 318 -15.49 -32.13 39.75
CA LEU E 318 -15.81 -31.56 38.45
C LEU E 318 -16.10 -32.62 37.40
N ASP E 319 -15.97 -33.89 37.76
CA ASP E 319 -16.13 -35.02 36.86
C ASP E 319 -17.52 -35.64 36.93
N ILE E 320 -18.45 -35.02 37.66
CA ILE E 320 -19.69 -35.69 38.02
C ILE E 320 -20.56 -35.96 36.79
N ARG E 321 -21.48 -36.90 36.95
CA ARG E 321 -22.46 -37.19 35.92
C ARG E 321 -23.50 -36.08 35.83
N ARG E 322 -23.88 -35.75 34.61
CA ARG E 322 -24.74 -34.62 34.33
C ARG E 322 -26.13 -35.11 33.89
N ALA E 323 -27.16 -34.38 34.29
CA ALA E 323 -28.53 -34.79 34.06
C ALA E 323 -28.97 -34.53 32.63
N GLN E 324 -29.99 -35.27 32.21
CA GLN E 324 -30.62 -35.15 30.90
C GLN E 324 -32.02 -34.59 31.06
N VAL E 325 -32.48 -33.89 30.03
CA VAL E 325 -33.79 -33.26 30.07
C VAL E 325 -34.56 -33.66 28.81
N LEU E 326 -35.75 -34.22 28.99
CA LEU E 326 -36.69 -34.41 27.91
C LEU E 326 -37.60 -33.18 27.83
N VAL E 327 -37.57 -32.51 26.69
CA VAL E 327 -38.30 -31.27 26.51
C VAL E 327 -39.37 -31.50 25.45
N GLU E 328 -40.63 -31.55 25.87
CA GLU E 328 -41.74 -31.57 24.93
C GLU E 328 -42.31 -30.17 24.79
N ALA E 329 -42.46 -29.72 23.55
CA ALA E 329 -43.24 -28.53 23.27
C ALA E 329 -44.60 -28.96 22.72
N ILE E 330 -45.63 -28.19 23.02
CA ILE E 330 -46.96 -28.45 22.52
C ILE E 330 -47.44 -27.16 21.87
N ILE E 331 -47.61 -27.18 20.56
CA ILE E 331 -48.08 -26.02 19.81
C ILE E 331 -49.48 -26.35 19.32
N VAL E 332 -50.48 -25.71 19.88
CA VAL E 332 -51.86 -25.88 19.45
C VAL E 332 -52.32 -24.58 18.83
N GLU E 333 -52.85 -24.65 17.63
CA GLU E 333 -53.48 -23.51 17.01
C GLU E 333 -54.84 -23.95 16.49
N VAL E 334 -55.80 -23.03 16.53
CA VAL E 334 -57.10 -23.27 15.94
C VAL E 334 -57.56 -22.00 15.24
N GLN E 335 -57.92 -22.12 13.98
CA GLN E 335 -58.42 -21.01 13.20
C GLN E 335 -59.82 -21.34 12.72
N ASP E 336 -60.65 -20.30 12.60
CA ASP E 336 -61.89 -20.43 11.87
C ASP E 336 -62.38 -19.05 11.49
N GLY E 337 -63.21 -19.00 10.47
CA GLY E 337 -63.85 -17.77 10.09
C GLY E 337 -64.93 -18.00 9.07
N ASN E 338 -65.92 -17.13 9.00
CA ASN E 338 -67.04 -17.32 8.10
C ASN E 338 -67.39 -16.01 7.42
N GLY E 339 -67.27 -15.97 6.10
CA GLY E 339 -67.75 -14.85 5.33
C GLY E 339 -69.17 -15.06 4.84
N LEU E 340 -69.87 -13.95 4.64
CA LEU E 340 -71.18 -13.95 4.00
C LEU E 340 -71.26 -12.74 3.09
N ASN E 341 -71.50 -12.94 1.81
CA ASN E 341 -71.74 -11.83 0.91
C ASN E 341 -72.96 -12.10 0.04
N LEU E 342 -74.01 -11.31 0.24
CA LEU E 342 -75.25 -11.43 -0.52
C LEU E 342 -75.66 -10.05 -0.98
N GLY E 343 -76.22 -9.98 -2.17
CA GLY E 343 -76.70 -8.71 -2.69
C GLY E 343 -77.83 -8.91 -3.66
N VAL E 344 -78.71 -7.91 -3.76
CA VAL E 344 -79.81 -7.93 -4.70
C VAL E 344 -79.54 -6.80 -5.65
N GLN E 345 -79.65 -7.02 -6.95
CA GLN E 345 -79.57 -5.95 -7.94
C GLN E 345 -80.82 -6.13 -8.80
N TRP E 346 -81.56 -5.07 -9.10
CA TRP E 346 -82.73 -5.18 -9.98
C TRP E 346 -82.47 -4.22 -11.13
N ALA E 347 -82.66 -4.60 -12.38
CA ALA E 347 -82.45 -3.66 -13.50
C ALA E 347 -83.78 -3.51 -14.23
N ASN E 348 -84.27 -2.30 -14.49
CA ASN E 348 -85.55 -2.16 -15.22
C ASN E 348 -85.39 -1.35 -16.50
N LYS E 349 -85.89 -1.81 -17.63
CA LYS E 349 -85.65 -1.00 -18.82
C LYS E 349 -86.35 0.36 -18.73
N ASN E 350 -87.58 0.36 -18.26
CA ASN E 350 -88.36 1.59 -18.16
C ASN E 350 -87.82 2.63 -17.18
N VAL E 351 -87.39 2.19 -16.01
CA VAL E 351 -86.93 3.12 -14.97
C VAL E 351 -85.42 3.25 -14.87
N GLY E 352 -84.72 2.13 -14.86
CA GLY E 352 -83.29 2.14 -14.67
C GLY E 352 -82.86 0.90 -13.92
N ALA E 353 -81.57 0.77 -13.65
CA ALA E 353 -81.05 -0.43 -13.00
C ALA E 353 -80.17 -0.12 -11.80
N GLN E 354 -80.19 -1.02 -10.81
CA GLN E 354 -79.28 -0.94 -9.69
C GLN E 354 -78.29 -2.07 -9.84
N GLN E 355 -77.01 -1.75 -9.89
CA GLN E 355 -75.98 -2.76 -10.13
C GLN E 355 -74.85 -2.67 -9.12
N PHE E 356 -74.36 -3.83 -8.70
CA PHE E 356 -73.23 -3.91 -7.79
C PHE E 356 -72.20 -4.85 -8.38
N THR E 357 -71.08 -4.30 -8.82
CA THR E 357 -69.90 -5.10 -8.95
C THR E 357 -69.47 -5.53 -7.55
N ASN E 358 -68.73 -6.62 -7.48
CA ASN E 358 -68.33 -7.37 -6.28
C ASN E 358 -69.40 -8.40 -5.91
N THR E 359 -70.57 -8.37 -6.51
CA THR E 359 -71.46 -9.50 -6.41
C THR E 359 -70.92 -10.71 -7.16
N GLY E 360 -69.85 -10.53 -7.92
CA GLY E 360 -69.26 -11.55 -8.73
C GLY E 360 -69.83 -11.59 -10.12
N LEU E 361 -71.07 -11.15 -10.29
CA LEU E 361 -71.57 -10.78 -11.58
C LEU E 361 -72.47 -9.55 -11.42
N PRO E 362 -72.30 -8.55 -12.27
CA PRO E 362 -73.23 -7.42 -12.27
C PRO E 362 -74.48 -7.69 -13.09
N ILE E 363 -75.53 -6.93 -12.79
CA ILE E 363 -76.80 -7.12 -13.49
C ILE E 363 -76.66 -6.81 -14.97
N PHE E 364 -75.77 -5.90 -15.34
CA PHE E 364 -75.64 -5.54 -16.75
C PHE E 364 -75.01 -6.67 -17.54
N ASN E 365 -73.84 -7.15 -17.11
CA ASN E 365 -73.16 -8.20 -17.85
C ASN E 365 -73.92 -9.52 -17.79
N ALA E 366 -74.68 -9.75 -16.71
CA ALA E 366 -75.50 -10.96 -16.65
C ALA E 366 -76.66 -10.88 -17.62
N ALA E 367 -77.35 -9.74 -17.67
CA ALA E 367 -78.48 -9.61 -18.58
C ALA E 367 -78.05 -9.67 -20.04
N GLN E 368 -76.83 -9.23 -20.35
CA GLN E 368 -76.32 -9.41 -21.71
C GLN E 368 -76.00 -10.86 -21.98
N GLY E 369 -75.58 -11.61 -20.96
CA GLY E 369 -75.29 -13.01 -21.12
C GLY E 369 -76.54 -13.88 -21.17
N VAL E 370 -77.51 -13.58 -20.33
CA VAL E 370 -78.75 -14.35 -20.35
C VAL E 370 -79.50 -14.11 -21.65
N ALA E 371 -79.55 -12.86 -22.11
CA ALA E 371 -80.21 -12.58 -23.38
C ALA E 371 -79.49 -13.28 -24.53
N ASP E 372 -78.16 -13.21 -24.55
CA ASP E 372 -77.39 -13.92 -25.55
C ASP E 372 -77.65 -15.43 -25.48
N TYR E 373 -77.85 -15.96 -24.27
CA TYR E 373 -78.09 -17.39 -24.12
C TYR E 373 -79.44 -17.79 -24.69
N LYS E 374 -80.43 -16.91 -24.60
CA LYS E 374 -81.76 -17.26 -25.11
C LYS E 374 -81.80 -17.25 -26.63
N LYS E 375 -81.15 -16.27 -27.25
CA LYS E 375 -81.22 -16.17 -28.71
C LYS E 375 -80.45 -17.29 -29.38
N ASN E 376 -79.24 -17.58 -28.89
CA ASN E 376 -78.39 -18.57 -29.54
C ASN E 376 -78.57 -19.98 -29.00
N GLY E 377 -79.32 -20.14 -27.91
CA GLY E 377 -79.46 -21.43 -27.28
C GLY E 377 -78.26 -21.89 -26.47
N GLY E 378 -77.13 -21.20 -26.60
CA GLY E 378 -75.93 -21.53 -25.85
C GLY E 378 -75.05 -20.30 -25.78
N ILE E 379 -73.86 -20.48 -25.20
CA ILE E 379 -72.91 -19.38 -25.02
C ILE E 379 -71.53 -19.88 -25.45
N THR E 380 -70.96 -19.22 -26.46
CA THR E 380 -69.61 -19.51 -26.88
C THR E 380 -68.60 -18.96 -25.87
N SER E 381 -67.39 -19.48 -25.93
CA SER E 381 -66.31 -18.98 -25.07
C SER E 381 -65.93 -17.55 -25.41
N ALA E 382 -66.34 -17.03 -26.57
CA ALA E 382 -66.02 -15.66 -26.95
C ALA E 382 -66.96 -14.65 -26.31
N ASN E 383 -68.14 -15.08 -25.87
CA ASN E 383 -69.06 -14.18 -25.19
C ASN E 383 -68.38 -13.61 -23.95
N PRO E 384 -68.34 -12.28 -23.78
CA PRO E 384 -67.66 -11.72 -22.61
C PRO E 384 -68.23 -12.19 -21.29
N ALA E 385 -69.48 -12.64 -21.26
CA ALA E 385 -70.07 -13.16 -20.03
C ALA E 385 -69.56 -14.56 -19.69
N TRP E 386 -68.80 -15.20 -20.57
CA TRP E 386 -68.31 -16.55 -20.29
C TRP E 386 -67.47 -16.57 -19.02
N ASP E 387 -66.41 -15.76 -18.97
CA ASP E 387 -65.54 -15.75 -17.81
C ASP E 387 -66.25 -15.31 -16.55
N MET E 388 -67.37 -14.60 -16.67
CA MET E 388 -68.08 -14.15 -15.49
C MET E 388 -68.93 -15.26 -14.89
N PHE E 389 -69.62 -16.03 -15.74
CA PHE E 389 -70.37 -17.18 -15.25
C PHE E 389 -69.48 -18.37 -14.95
N SER E 390 -68.37 -18.51 -15.68
CA SER E 390 -67.53 -19.69 -15.49
C SER E 390 -66.92 -19.69 -14.09
N ALA E 391 -66.58 -18.54 -13.56
CA ALA E 391 -66.15 -18.43 -12.17
C ALA E 391 -67.21 -17.64 -11.42
N TYR E 392 -68.03 -18.35 -10.65
CA TYR E 392 -68.99 -17.75 -9.75
C TYR E 392 -69.30 -18.78 -8.68
N ASN E 393 -69.55 -18.32 -7.46
CA ASN E 393 -69.85 -19.21 -6.36
C ASN E 393 -71.11 -18.76 -5.66
N GLY E 394 -71.95 -19.71 -5.28
CA GLY E 394 -73.16 -19.42 -4.56
C GLY E 394 -74.38 -19.44 -5.45
N MET E 395 -75.52 -19.15 -4.84
CA MET E 395 -76.80 -19.21 -5.52
C MET E 395 -77.09 -17.88 -6.19
N ALA E 396 -77.26 -17.89 -7.50
CA ALA E 396 -77.69 -16.73 -8.27
C ALA E 396 -79.10 -17.02 -8.78
N ALA E 397 -80.10 -16.37 -8.20
CA ALA E 397 -81.50 -16.64 -8.51
C ALA E 397 -82.13 -15.41 -9.13
N GLY E 398 -82.41 -15.48 -10.42
CA GLY E 398 -83.10 -14.39 -11.09
C GLY E 398 -84.61 -14.57 -11.06
N PHE E 399 -85.32 -13.43 -11.05
CA PHE E 399 -86.77 -13.43 -11.07
C PHE E 399 -87.25 -12.29 -11.95
N PHE E 400 -88.11 -12.58 -12.91
CA PHE E 400 -88.67 -11.55 -13.77
C PHE E 400 -90.15 -11.40 -13.46
N ASN E 401 -90.53 -10.22 -12.98
CA ASN E 401 -91.93 -9.86 -12.78
C ASN E 401 -92.26 -8.73 -13.75
N GLY E 402 -93.05 -9.06 -14.77
CA GLY E 402 -93.38 -8.05 -15.77
C GLY E 402 -92.12 -7.60 -16.49
N ASP E 403 -91.87 -6.30 -16.45
CA ASP E 403 -90.66 -5.73 -17.03
C ASP E 403 -89.51 -5.66 -16.04
N TRP E 404 -89.76 -5.92 -14.76
CA TRP E 404 -88.73 -5.84 -13.74
C TRP E 404 -87.87 -7.10 -13.76
N GLY E 405 -86.58 -6.95 -14.01
CA GLY E 405 -85.63 -8.00 -13.71
C GLY E 405 -85.11 -7.86 -12.29
N VAL E 406 -84.84 -9.00 -11.66
CA VAL E 406 -84.30 -9.04 -10.30
C VAL E 406 -83.31 -10.18 -10.22
N LEU E 407 -82.16 -9.92 -9.60
CA LEU E 407 -81.09 -10.91 -9.52
C LEU E 407 -80.54 -10.95 -8.11
N LEU E 408 -80.63 -12.10 -7.46
CA LEU E 408 -80.16 -12.31 -6.10
C LEU E 408 -78.93 -13.20 -6.12
N THR E 409 -77.83 -12.71 -5.57
CA THR E 409 -76.62 -13.49 -5.40
C THR E 409 -76.35 -13.67 -3.93
N ALA E 410 -76.09 -14.90 -3.50
CA ALA E 410 -75.83 -15.17 -2.11
C ALA E 410 -74.75 -16.25 -1.99
N LEU E 411 -73.74 -15.97 -1.18
CA LEU E 411 -72.69 -16.94 -0.88
C LEU E 411 -72.31 -16.80 0.58
N ALA E 412 -72.34 -17.89 1.33
CA ALA E 412 -71.86 -17.88 2.70
C ALA E 412 -70.71 -18.88 2.78
N SER E 413 -69.51 -18.37 2.96
CA SER E 413 -68.33 -19.20 3.10
C SER E 413 -68.03 -19.41 4.57
N ASN E 414 -67.53 -20.60 4.87
CA ASN E 414 -67.12 -20.92 6.23
C ASN E 414 -65.91 -21.84 6.12
N ASN E 415 -64.88 -21.57 6.91
CA ASN E 415 -63.75 -22.48 6.96
C ASN E 415 -63.36 -22.73 8.40
N LYS E 416 -62.51 -23.72 8.59
CA LYS E 416 -62.05 -24.11 9.91
C LYS E 416 -60.69 -24.73 9.75
N ASN E 417 -59.84 -24.54 10.74
CA ASN E 417 -58.50 -25.08 10.67
C ASN E 417 -58.05 -25.40 12.07
N ASP E 418 -57.30 -26.47 12.23
CA ASP E 418 -56.85 -26.88 13.54
C ASP E 418 -55.50 -27.54 13.39
N ILE E 419 -54.58 -27.27 14.30
CA ILE E 419 -53.21 -27.71 14.19
C ILE E 419 -52.74 -28.18 15.56
N LEU E 420 -51.93 -29.22 15.57
CA LEU E 420 -51.27 -29.71 16.77
C LEU E 420 -49.87 -30.15 16.39
N ALA E 421 -48.89 -29.71 17.15
CA ALA E 421 -47.51 -30.15 16.95
C ALA E 421 -46.92 -30.42 18.31
N THR E 422 -46.09 -31.44 18.41
CA THR E 422 -45.46 -31.82 19.68
C THR E 422 -44.03 -32.27 19.43
N PRO E 423 -43.15 -31.34 19.07
CA PRO E 423 -41.73 -31.70 18.96
C PRO E 423 -41.13 -31.94 20.33
N SER E 424 -40.37 -33.02 20.45
CA SER E 424 -39.69 -33.32 21.69
C SER E 424 -38.24 -33.68 21.40
N ILE E 425 -37.38 -33.42 22.38
CA ILE E 425 -35.95 -33.61 22.23
C ILE E 425 -35.39 -33.99 23.58
N VAL E 426 -34.41 -34.88 23.59
CA VAL E 426 -33.67 -35.25 24.80
C VAL E 426 -32.26 -34.75 24.64
N THR E 427 -31.73 -34.14 25.70
CA THR E 427 -30.38 -33.62 25.64
C THR E 427 -29.81 -33.50 27.04
N LEU E 428 -28.49 -33.45 27.12
CA LEU E 428 -27.81 -33.18 28.38
C LEU E 428 -27.98 -31.73 28.76
N ASP E 429 -28.02 -31.46 30.06
CA ASP E 429 -28.08 -30.09 30.51
C ASP E 429 -26.85 -29.33 30.04
N ASN E 430 -27.04 -28.04 29.77
CA ASN E 430 -26.02 -27.10 29.33
C ASN E 430 -25.55 -27.40 27.92
N LYS E 431 -26.03 -28.46 27.29
CA LYS E 431 -25.74 -28.78 25.90
C LYS E 431 -26.91 -28.37 25.03
N LEU E 432 -26.62 -27.68 23.92
CA LEU E 432 -27.65 -27.20 23.02
C LEU E 432 -28.10 -28.30 22.07
N ALA E 433 -29.40 -28.57 22.07
CA ALA E 433 -30.00 -29.53 21.16
C ALA E 433 -30.94 -28.81 20.21
N SER E 434 -31.06 -29.34 19.00
CA SER E 434 -31.99 -28.78 18.04
C SER E 434 -32.67 -29.91 17.31
N PHE E 435 -33.92 -29.67 16.93
CA PHE E 435 -34.75 -30.65 16.27
C PHE E 435 -35.46 -29.97 15.11
N ASN E 436 -35.21 -30.43 13.89
CA ASN E 436 -35.75 -29.83 12.69
C ASN E 436 -36.57 -30.87 11.96
N VAL E 437 -37.82 -30.57 11.67
CA VAL E 437 -38.63 -31.36 10.75
C VAL E 437 -39.29 -30.39 9.80
N GLY E 438 -38.95 -30.49 8.53
CA GLY E 438 -39.35 -29.46 7.59
C GLY E 438 -38.66 -29.66 6.27
N GLN E 439 -38.49 -28.57 5.54
CA GLN E 439 -37.82 -28.66 4.26
C GLN E 439 -36.87 -27.49 4.08
N ASP E 440 -35.81 -27.73 3.33
CA ASP E 440 -34.74 -26.77 3.11
C ASP E 440 -34.94 -26.16 1.73
N VAL E 441 -35.27 -24.88 1.68
CA VAL E 441 -35.70 -24.23 0.44
C VAL E 441 -34.70 -23.17 0.03
N PRO E 442 -34.48 -22.94 -1.26
CA PRO E 442 -33.65 -21.82 -1.69
C PRO E 442 -34.39 -20.49 -1.60
N VAL E 443 -33.67 -19.46 -1.17
CA VAL E 443 -34.20 -18.10 -1.14
C VAL E 443 -33.24 -17.19 -1.88
N LEU E 444 -33.80 -16.26 -2.65
CA LEU E 444 -33.00 -15.38 -3.49
C LEU E 444 -32.32 -14.32 -2.62
N SER E 445 -31.26 -13.73 -3.16
CA SER E 445 -30.55 -12.67 -2.47
C SER E 445 -29.71 -11.79 -3.41
N THR E 458 -27.78 -15.10 -7.46
CA THR E 458 -27.33 -15.47 -6.12
C THR E 458 -28.50 -15.92 -5.24
N VAL E 459 -28.38 -17.11 -4.65
CA VAL E 459 -29.41 -17.66 -3.79
C VAL E 459 -28.79 -18.10 -2.47
N GLU E 460 -29.64 -18.58 -1.58
CA GLU E 460 -29.24 -18.97 -0.24
C GLU E 460 -30.21 -20.03 0.23
N ARG E 461 -29.75 -20.90 1.13
CA ARG E 461 -30.54 -22.03 1.58
C ARG E 461 -31.13 -21.71 2.94
N LYS E 462 -32.41 -22.02 3.12
CA LYS E 462 -33.12 -21.68 4.35
C LYS E 462 -33.99 -22.86 4.77
N THR E 463 -33.79 -23.34 5.99
CA THR E 463 -34.62 -24.42 6.52
C THR E 463 -35.91 -23.84 7.07
N VAL E 464 -37.04 -24.39 6.64
CA VAL E 464 -38.35 -23.91 7.03
C VAL E 464 -39.19 -25.10 7.43
N GLY E 465 -39.60 -25.16 8.68
CA GLY E 465 -40.41 -26.26 9.16
C GLY E 465 -40.62 -26.14 10.64
N THR E 466 -40.97 -27.24 11.28
CA THR E 466 -41.10 -27.28 12.72
C THR E 466 -39.72 -27.39 13.34
N LYS E 467 -39.33 -26.41 14.12
CA LYS E 467 -37.98 -26.34 14.66
C LYS E 467 -38.05 -26.14 16.16
N LEU E 468 -37.21 -26.85 16.89
CA LEU E 468 -37.10 -26.68 18.34
C LEU E 468 -35.63 -26.67 18.69
N LYS E 469 -35.16 -25.56 19.25
CA LYS E 469 -33.76 -25.41 19.64
C LYS E 469 -33.75 -24.98 21.10
N VAL E 470 -33.26 -25.85 21.97
CA VAL E 470 -33.37 -25.62 23.42
C VAL E 470 -32.03 -25.93 24.07
N THR E 471 -31.63 -25.10 25.02
CA THR E 471 -30.47 -25.35 25.87
C THR E 471 -30.94 -25.49 27.30
N PRO E 472 -31.00 -26.69 27.86
CA PRO E 472 -31.45 -26.84 29.25
C PRO E 472 -30.34 -26.55 30.24
N GLN E 473 -30.74 -26.11 31.42
CA GLN E 473 -29.88 -25.96 32.57
C GLN E 473 -30.64 -26.48 33.78
N VAL E 474 -30.15 -27.53 34.41
CA VAL E 474 -30.87 -28.16 35.52
C VAL E 474 -30.38 -27.54 36.82
N ASN E 475 -31.22 -26.72 37.44
CA ASN E 475 -30.83 -26.11 38.69
C ASN E 475 -31.94 -26.01 39.74
N GLU E 476 -31.77 -26.67 40.87
CA GLU E 476 -30.87 -27.80 41.00
C GLU E 476 -31.79 -28.83 41.64
N GLY E 477 -31.51 -30.11 41.49
CA GLY E 477 -32.60 -31.01 41.83
C GLY E 477 -33.69 -30.80 40.81
N ASP E 478 -34.85 -30.36 41.26
CA ASP E 478 -35.98 -30.12 40.37
C ASP E 478 -35.75 -28.85 39.56
N ALA E 479 -36.81 -28.42 38.89
CA ALA E 479 -36.86 -27.37 37.88
C ALA E 479 -35.87 -27.58 36.76
N VAL E 480 -35.51 -26.49 36.06
CA VAL E 480 -34.66 -26.43 34.87
C VAL E 480 -34.69 -24.99 34.41
N LEU E 481 -33.73 -24.59 33.60
CA LEU E 481 -33.78 -23.32 32.91
C LEU E 481 -33.72 -23.62 31.42
N LEU E 482 -34.83 -23.41 30.74
CA LEU E 482 -34.93 -23.71 29.32
C LEU E 482 -34.81 -22.42 28.54
N GLU E 483 -33.77 -22.30 27.73
CA GLU E 483 -33.73 -21.25 26.74
C GLU E 483 -34.29 -21.86 25.46
N ILE E 484 -35.51 -21.45 25.11
CA ILE E 484 -36.22 -22.04 23.98
C ILE E 484 -36.12 -21.08 22.82
N GLU E 485 -35.77 -21.61 21.65
CA GLU E 485 -36.00 -20.93 20.39
C GLU E 485 -36.71 -21.93 19.51
N GLN E 486 -37.98 -21.70 19.21
CA GLN E 486 -38.70 -22.61 18.36
C GLN E 486 -39.55 -21.84 17.39
N GLU E 487 -39.92 -22.51 16.30
CA GLU E 487 -40.89 -21.93 15.39
C GLU E 487 -41.53 -23.03 14.58
N VAL E 488 -42.70 -22.72 14.05
CA VAL E 488 -43.37 -23.55 13.08
C VAL E 488 -43.54 -22.69 11.85
N SER E 489 -42.80 -22.99 10.80
CA SER E 489 -42.83 -22.19 9.59
C SER E 489 -43.02 -23.09 8.39
N SER E 490 -43.56 -22.52 7.32
CA SER E 490 -43.86 -23.28 6.13
C SER E 490 -43.84 -22.36 4.93
N VAL E 491 -43.54 -22.93 3.77
CA VAL E 491 -43.56 -22.15 2.53
C VAL E 491 -45.00 -21.83 2.20
N ASP E 492 -45.24 -20.60 1.77
CA ASP E 492 -46.58 -20.15 1.39
C ASP E 492 -46.75 -20.40 -0.10
N SER E 493 -47.62 -21.34 -0.43
CA SER E 493 -47.80 -21.74 -1.82
C SER E 493 -48.37 -20.58 -2.65
N SER E 494 -49.41 -19.93 -2.14
CA SER E 494 -49.93 -18.74 -2.78
C SER E 494 -48.92 -17.61 -2.65
N SER E 495 -49.11 -16.59 -3.48
CA SER E 495 -48.32 -15.35 -3.41
C SER E 495 -46.84 -15.63 -3.65
N ASN E 496 -46.55 -16.36 -4.72
CA ASN E 496 -45.17 -16.47 -5.15
C ASN E 496 -44.78 -15.20 -5.90
N SER E 497 -43.48 -14.91 -5.87
CA SER E 497 -42.98 -13.67 -6.47
C SER E 497 -41.63 -13.95 -7.13
N THR E 498 -41.22 -12.98 -7.95
CA THR E 498 -39.91 -13.07 -8.58
C THR E 498 -38.79 -12.77 -7.58
N LEU E 499 -39.11 -12.13 -6.46
CA LEU E 499 -38.09 -11.85 -5.46
C LEU E 499 -37.78 -13.07 -4.61
N GLY E 500 -38.72 -14.00 -4.49
CA GLY E 500 -38.48 -15.22 -3.75
C GLY E 500 -39.75 -15.72 -3.10
N PRO E 501 -39.63 -16.82 -2.36
CA PRO E 501 -40.79 -17.32 -1.62
C PRO E 501 -41.02 -16.55 -0.34
N THR E 502 -42.28 -16.53 0.09
CA THR E 502 -42.58 -16.11 1.45
C THR E 502 -42.72 -17.35 2.31
N PHE E 503 -42.86 -17.13 3.61
CA PHE E 503 -42.98 -18.23 4.55
C PHE E 503 -43.92 -17.78 5.65
N ASN E 504 -44.79 -18.67 6.10
CA ASN E 504 -45.65 -18.38 7.23
C ASN E 504 -44.92 -18.86 8.48
N THR E 505 -44.49 -17.92 9.32
CA THR E 505 -43.67 -18.24 10.48
C THR E 505 -44.42 -17.91 11.75
N ARG E 506 -44.39 -18.83 12.69
CA ARG E 506 -44.81 -18.57 14.06
C ARG E 506 -43.62 -18.86 14.96
N THR E 507 -43.01 -17.83 15.50
CA THR E 507 -41.74 -17.95 16.20
C THR E 507 -41.88 -17.43 17.62
N ILE E 508 -41.31 -18.16 18.56
CA ILE E 508 -41.28 -17.75 19.95
C ILE E 508 -39.91 -18.13 20.52
N GLN E 509 -39.21 -17.16 21.09
CA GLN E 509 -37.93 -17.42 21.73
C GLN E 509 -37.91 -16.71 23.07
N ASN E 510 -37.70 -17.48 24.13
CA ASN E 510 -37.66 -16.94 25.47
C ASN E 510 -36.91 -17.91 26.35
N ALA E 511 -36.47 -17.42 27.50
CA ALA E 511 -35.94 -18.28 28.55
C ALA E 511 -36.98 -18.40 29.64
N VAL E 512 -37.16 -19.59 30.17
CA VAL E 512 -38.17 -19.83 31.20
C VAL E 512 -37.62 -20.88 32.14
N LEU E 513 -38.11 -20.89 33.37
CA LEU E 513 -37.67 -21.80 34.41
C LEU E 513 -38.88 -22.61 34.86
N VAL E 514 -38.88 -23.90 34.58
CA VAL E 514 -40.05 -24.74 34.73
C VAL E 514 -39.70 -25.88 35.67
N LYS E 515 -40.64 -26.28 36.52
CA LYS E 515 -40.39 -27.42 37.39
C LYS E 515 -40.38 -28.71 36.55
N THR E 516 -39.78 -29.75 37.13
CA THR E 516 -39.37 -30.91 36.34
C THR E 516 -40.53 -31.67 35.74
N GLY E 517 -41.71 -31.61 36.33
CA GLY E 517 -42.80 -32.41 35.78
C GLY E 517 -43.89 -31.64 35.10
N GLU E 518 -43.79 -30.32 35.11
CA GLU E 518 -44.94 -29.45 34.90
C GLU E 518 -45.05 -28.97 33.46
N THR E 519 -46.28 -28.87 32.98
CA THR E 519 -46.58 -28.27 31.69
C THR E 519 -46.96 -26.81 31.91
N VAL E 520 -46.26 -25.91 31.23
CA VAL E 520 -46.46 -24.48 31.43
C VAL E 520 -46.52 -23.80 30.07
N VAL E 521 -47.13 -22.63 30.04
CA VAL E 521 -47.37 -21.93 28.78
C VAL E 521 -46.19 -21.01 28.48
N LEU E 522 -45.64 -21.16 27.28
CA LEU E 522 -44.58 -20.26 26.84
C LEU E 522 -45.12 -18.96 26.28
N GLY E 523 -46.26 -19.02 25.61
CA GLY E 523 -46.79 -17.84 24.98
C GLY E 523 -48.10 -18.15 24.30
N GLY E 524 -48.49 -17.27 23.40
CA GLY E 524 -49.73 -17.49 22.67
C GLY E 524 -50.17 -16.22 22.00
N LEU E 525 -51.11 -16.40 21.09
CA LEU E 525 -51.73 -15.28 20.38
C LEU E 525 -53.20 -15.58 20.19
N LEU E 526 -54.06 -14.67 20.62
CA LEU E 526 -55.47 -14.74 20.32
C LEU E 526 -55.78 -13.57 19.41
N ASP E 527 -56.04 -13.86 18.14
CA ASP E 527 -56.22 -12.85 17.12
C ASP E 527 -57.62 -13.01 16.55
N ASP E 528 -58.36 -11.92 16.49
CA ASP E 528 -59.74 -11.96 16.07
C ASP E 528 -60.05 -10.74 15.22
N PHE E 529 -60.78 -10.96 14.14
CA PHE E 529 -60.94 -9.97 13.09
C PHE E 529 -62.34 -10.06 12.52
N SER E 530 -62.98 -8.93 12.30
CA SER E 530 -64.30 -8.89 11.69
C SER E 530 -64.37 -7.72 10.73
N LYS E 531 -64.74 -7.99 9.50
CA LYS E 531 -64.84 -6.99 8.46
C LYS E 531 -66.28 -6.90 8.00
N GLU E 532 -66.64 -5.76 7.43
CA GLU E 532 -67.95 -5.60 6.85
C GLU E 532 -67.88 -4.56 5.76
N GLN E 533 -68.70 -4.74 4.73
CA GLN E 533 -68.86 -3.74 3.70
C GLN E 533 -70.27 -3.83 3.18
N VAL E 534 -70.89 -2.69 2.93
CA VAL E 534 -72.17 -2.65 2.24
C VAL E 534 -72.08 -1.60 1.15
N SER E 535 -72.75 -1.87 0.04
CA SER E 535 -72.96 -0.88 -1.02
C SER E 535 -74.46 -0.79 -1.22
N LYS E 536 -75.04 0.35 -0.94
CA LYS E 536 -76.48 0.47 -0.91
C LYS E 536 -76.95 1.70 -1.66
N VAL E 537 -78.25 1.75 -1.88
CA VAL E 537 -78.91 2.96 -2.36
C VAL E 537 -79.23 3.85 -1.16
N PRO E 538 -78.85 5.14 -1.19
CA PRO E 538 -78.64 5.86 0.08
C PRO E 538 -79.83 5.88 1.03
N LEU E 539 -81.02 6.27 0.57
CA LEU E 539 -82.15 6.27 1.48
C LEU E 539 -82.80 4.89 1.58
N LEU E 540 -82.97 4.23 0.45
CA LEU E 540 -83.70 2.98 0.43
C LEU E 540 -82.99 1.88 1.20
N GLY E 541 -81.66 1.86 1.14
CA GLY E 541 -80.90 0.82 1.80
C GLY E 541 -80.98 0.83 3.31
N ASP E 542 -81.49 1.90 3.91
CA ASP E 542 -81.59 2.01 5.35
C ASP E 542 -82.97 1.65 5.90
N ILE E 543 -83.93 1.34 5.04
CA ILE E 543 -85.22 0.87 5.51
C ILE E 543 -85.01 -0.42 6.31
N PRO E 544 -85.56 -0.55 7.53
CA PRO E 544 -85.06 -1.57 8.46
C PRO E 544 -85.05 -2.98 7.92
N LEU E 545 -86.13 -3.43 7.27
CA LEU E 545 -86.20 -4.78 6.74
C LEU E 545 -86.04 -4.79 5.22
N VAL E 546 -86.96 -4.13 4.52
CA VAL E 546 -86.94 -4.06 3.06
C VAL E 546 -85.58 -3.57 2.54
N GLY E 547 -84.88 -2.76 3.33
CA GLY E 547 -83.64 -2.15 2.87
C GLY E 547 -82.58 -3.13 2.41
N GLN E 548 -82.68 -4.40 2.82
CA GLN E 548 -81.71 -5.38 2.36
C GLN E 548 -81.84 -5.69 0.88
N LEU E 549 -82.94 -5.29 0.24
CA LEU E 549 -83.07 -5.50 -1.18
C LEU E 549 -82.17 -4.57 -1.97
N PHE E 550 -81.94 -3.37 -1.46
CA PHE E 550 -81.14 -2.39 -2.18
C PHE E 550 -79.65 -2.54 -1.94
N ARG E 551 -79.24 -2.96 -0.75
CA ARG E 551 -77.84 -3.06 -0.41
C ARG E 551 -77.20 -4.37 -0.87
N TYR E 552 -75.89 -4.32 -1.07
CA TYR E 552 -75.03 -5.49 -1.23
C TYR E 552 -74.09 -5.57 -0.04
N THR E 553 -74.27 -6.57 0.80
CA THR E 553 -73.47 -6.75 2.00
C THR E 553 -72.42 -7.82 1.77
N SER E 554 -71.20 -7.58 2.21
CA SER E 554 -70.16 -8.60 2.23
C SER E 554 -69.52 -8.57 3.60
N THR E 555 -69.65 -9.65 4.35
CA THR E 555 -69.19 -9.75 5.72
C THR E 555 -68.07 -10.78 5.79
N GLU E 556 -67.20 -10.63 6.80
CA GLU E 556 -66.12 -11.58 6.99
C GLU E 556 -65.78 -11.60 8.47
N ARG E 557 -65.22 -12.72 8.91
CA ARG E 557 -64.76 -12.88 10.28
C ARG E 557 -63.61 -13.87 10.28
N ALA E 558 -62.74 -13.75 11.27
CA ALA E 558 -61.64 -14.69 11.42
C ALA E 558 -61.29 -14.79 12.89
N LYS E 559 -60.72 -15.92 13.27
CA LYS E 559 -60.22 -16.15 14.61
C LYS E 559 -58.97 -16.99 14.52
N ARG E 560 -57.98 -16.67 15.32
CA ARG E 560 -56.80 -17.50 15.49
C ARG E 560 -56.49 -17.57 16.97
N ASN E 561 -56.49 -18.76 17.53
CA ASN E 561 -56.12 -18.95 18.92
C ASN E 561 -54.92 -19.88 18.96
N LEU E 562 -53.77 -19.34 19.32
CA LEU E 562 -52.51 -20.07 19.34
C LEU E 562 -52.00 -20.15 20.77
N MET E 563 -51.54 -21.32 21.18
CA MET E 563 -50.94 -21.53 22.48
C MET E 563 -49.69 -22.38 22.31
N VAL E 564 -48.66 -22.07 23.08
CA VAL E 564 -47.43 -22.84 23.07
C VAL E 564 -47.12 -23.26 24.49
N PHE E 565 -46.96 -24.54 24.72
CA PHE E 565 -46.67 -25.09 26.04
C PHE E 565 -45.33 -25.80 25.99
N ILE E 566 -44.72 -25.97 27.16
CA ILE E 566 -43.45 -26.68 27.26
C ILE E 566 -43.50 -27.55 28.50
N ARG E 567 -43.19 -28.82 28.35
CA ARG E 567 -43.05 -29.71 29.50
C ARG E 567 -41.65 -30.28 29.56
N PRO E 568 -40.79 -29.83 30.46
CA PRO E 568 -39.52 -30.51 30.68
C PRO E 568 -39.69 -31.73 31.57
N THR E 569 -38.75 -32.64 31.45
CA THR E 569 -38.65 -33.79 32.35
C THR E 569 -37.17 -34.09 32.54
N ILE E 570 -36.75 -34.27 33.79
CA ILE E 570 -35.35 -34.51 34.08
C ILE E 570 -35.11 -36.00 34.20
N ILE E 571 -34.08 -36.48 33.51
CA ILE E 571 -33.62 -37.86 33.64
C ILE E 571 -32.40 -37.85 34.54
N ARG E 572 -32.56 -38.35 35.77
CA ARG E 572 -31.44 -38.44 36.69
C ARG E 572 -30.63 -39.72 36.45
N ASP E 573 -31.30 -40.83 36.19
CA ASP E 573 -30.64 -42.12 36.08
C ASP E 573 -31.22 -42.88 34.90
N ASP E 574 -30.56 -43.99 34.56
CA ASP E 574 -31.00 -44.80 33.43
C ASP E 574 -32.40 -45.35 33.65
N ASP E 575 -32.70 -45.82 34.86
CA ASP E 575 -33.94 -46.57 35.08
C ASP E 575 -35.17 -45.73 34.79
N VAL E 576 -35.10 -44.42 35.00
CA VAL E 576 -36.25 -43.57 34.66
C VAL E 576 -36.26 -43.28 33.17
N TYR E 577 -35.14 -43.44 32.49
CA TYR E 577 -35.06 -43.14 31.07
C TYR E 577 -35.33 -44.34 30.19
N ARG E 578 -35.40 -45.55 30.77
CA ARG E 578 -36.09 -46.64 30.09
C ARG E 578 -37.59 -46.42 30.11
N SER E 579 -38.15 -46.22 31.31
CA SER E 579 -39.60 -46.10 31.45
C SER E 579 -40.12 -44.94 30.64
N LEU E 580 -39.34 -43.86 30.55
CA LEU E 580 -39.71 -42.74 29.71
C LEU E 580 -39.63 -43.12 28.24
N SER E 581 -38.62 -43.89 27.87
CA SER E 581 -38.49 -44.36 26.50
C SER E 581 -39.40 -45.54 26.21
N LYS E 582 -39.64 -46.38 27.21
CA LYS E 582 -40.50 -47.54 27.01
C LYS E 582 -41.94 -47.14 26.76
N GLU E 583 -42.40 -46.05 27.37
CA GLU E 583 -43.79 -45.67 27.16
C GLU E 583 -43.99 -44.96 25.84
N LYS E 584 -42.96 -44.32 25.30
CA LYS E 584 -43.07 -43.81 23.94
C LYS E 584 -42.87 -44.91 22.92
N TYR E 585 -41.98 -45.85 23.21
CA TYR E 585 -41.75 -46.97 22.32
C TYR E 585 -42.99 -47.86 22.22
N THR E 586 -43.68 -48.05 23.34
CA THR E 586 -44.88 -48.88 23.36
C THR E 586 -46.10 -48.14 22.84
N ARG E 587 -46.28 -46.88 23.26
CA ARG E 587 -47.41 -46.12 22.76
C ARG E 587 -47.33 -45.93 21.25
N TYR E 588 -46.13 -45.90 20.71
CA TYR E 588 -45.99 -45.85 19.25
C TYR E 588 -46.20 -47.23 18.65
N ARG E 589 -45.70 -48.27 19.32
CA ARG E 589 -45.89 -49.63 18.83
C ARG E 589 -47.36 -50.04 18.89
N GLN E 590 -48.02 -49.77 20.01
CA GLN E 590 -49.44 -50.06 20.11
C GLN E 590 -50.28 -49.23 19.17
N GLU E 591 -49.75 -48.11 18.68
CA GLU E 591 -50.48 -47.34 17.67
C GLU E 591 -50.31 -47.98 16.29
N GLN E 592 -49.11 -48.50 15.99
CA GLN E 592 -48.93 -49.24 14.74
C GLN E 592 -49.78 -50.50 14.72
N GLN E 593 -49.80 -51.23 15.84
CA GLN E 593 -50.61 -52.44 15.89
C GLN E 593 -52.09 -52.13 15.77
N GLN E 594 -52.51 -50.96 16.23
CA GLN E 594 -53.91 -50.56 16.06
C GLN E 594 -54.20 -50.25 14.60
N ARG E 595 -53.23 -49.68 13.89
CA ARG E 595 -53.43 -49.37 12.48
C ARG E 595 -53.44 -50.63 11.62
N ILE E 596 -52.72 -51.66 12.04
CA ILE E 596 -52.77 -52.93 11.32
C ILE E 596 -54.12 -53.59 11.49
N ASP E 597 -54.70 -53.50 12.69
CA ASP E 597 -56.02 -54.05 12.91
C ASP E 597 -57.13 -53.12 12.42
N GLY E 598 -56.83 -51.83 12.25
CA GLY E 598 -57.82 -50.90 11.78
C GLY E 598 -58.14 -51.03 10.31
N LYS E 599 -57.20 -51.55 9.52
CA LYS E 599 -57.48 -51.80 8.11
C LYS E 599 -58.35 -53.04 7.98
N SER E 600 -59.33 -52.97 7.08
CA SER E 600 -60.27 -54.06 6.90
C SER E 600 -59.88 -54.91 5.70
N LYS E 601 -59.97 -56.22 5.87
CA LYS E 601 -59.82 -57.13 4.75
C LYS E 601 -61.00 -56.96 3.79
N ALA E 602 -60.81 -57.46 2.58
CA ALA E 602 -61.72 -57.37 1.44
C ALA E 602 -61.59 -56.02 0.74
N LEU E 603 -60.75 -55.12 1.23
CA LEU E 603 -60.31 -53.95 0.48
C LEU E 603 -58.81 -54.00 0.34
N VAL E 604 -58.31 -53.61 -0.84
CA VAL E 604 -56.87 -53.61 -1.06
C VAL E 604 -56.24 -52.49 -0.26
N GLY E 605 -55.15 -52.81 0.44
CA GLY E 605 -54.43 -51.84 1.23
C GLY E 605 -52.96 -52.17 1.30
N SER E 606 -52.20 -51.22 1.83
CA SER E 606 -50.76 -51.40 1.93
C SER E 606 -50.44 -52.50 2.92
N GLU E 607 -49.45 -53.31 2.58
CA GLU E 607 -48.95 -54.30 3.53
C GLU E 607 -48.13 -53.62 4.60
N ASP E 608 -48.37 -54.00 5.86
CA ASP E 608 -47.80 -53.31 6.99
C ASP E 608 -46.30 -53.54 7.09
N LEU E 609 -45.61 -52.62 7.75
CA LEU E 609 -44.23 -52.84 8.10
C LEU E 609 -44.15 -53.79 9.29
N PRO E 610 -42.97 -54.37 9.55
CA PRO E 610 -42.76 -54.99 10.85
C PRO E 610 -42.83 -53.93 11.94
N VAL E 611 -43.57 -54.21 12.99
CA VAL E 611 -43.86 -53.22 14.02
C VAL E 611 -42.80 -53.34 15.12
N LEU E 612 -41.88 -52.38 15.13
CA LEU E 612 -40.80 -52.28 16.11
C LEU E 612 -40.21 -53.64 16.47
N ASP E 613 -40.00 -53.88 17.76
CA ASP E 613 -39.56 -55.17 18.28
C ASP E 613 -40.24 -55.41 19.61
N GLU E 614 -40.70 -56.63 19.80
CA GLU E 614 -41.37 -56.99 21.04
C GLU E 614 -40.41 -57.24 22.19
N ASN E 615 -39.26 -57.84 21.92
CA ASN E 615 -38.33 -58.20 22.98
C ASN E 615 -37.61 -57.00 23.58
N THR E 616 -37.62 -55.85 22.90
CA THR E 616 -36.98 -54.66 23.45
C THR E 616 -37.67 -54.26 24.75
N PHE E 617 -36.88 -53.80 25.71
CA PHE E 617 -37.34 -53.47 27.06
C PHE E 617 -37.86 -54.71 27.77
N GLY F 99 90.54 -43.11 54.53
CA GLY F 99 90.57 -42.68 55.91
C GLY F 99 90.83 -41.19 56.09
N ASP F 100 92.09 -40.81 56.01
CA ASP F 100 92.50 -39.42 56.14
C ASP F 100 92.64 -38.73 54.79
N GLU F 101 92.26 -39.39 53.71
CA GLU F 101 92.61 -38.90 52.38
C GLU F 101 91.72 -37.72 52.01
N LEU F 102 92.35 -36.57 51.79
CA LEU F 102 91.63 -35.31 51.57
C LEU F 102 91.41 -35.13 50.07
N VAL F 103 90.15 -35.22 49.67
CA VAL F 103 89.79 -35.07 48.25
C VAL F 103 88.49 -34.29 48.18
N THR F 104 88.29 -33.65 47.03
CA THR F 104 87.06 -32.93 46.74
C THR F 104 86.18 -33.78 45.82
N ARG F 105 84.93 -33.91 46.22
CA ARG F 105 83.96 -34.71 45.48
C ARG F 105 82.61 -34.04 45.64
N ILE F 106 81.81 -34.13 44.57
CA ILE F 106 80.74 -33.17 44.32
C ILE F 106 79.47 -33.93 43.95
N VAL F 107 78.44 -33.81 44.78
CA VAL F 107 77.12 -34.39 44.52
C VAL F 107 76.07 -33.29 44.48
N PRO F 108 75.30 -33.16 43.40
CA PRO F 108 74.15 -32.25 43.42
C PRO F 108 72.98 -32.82 44.22
N LEU F 109 72.15 -31.92 44.74
CA LEU F 109 70.77 -32.22 45.11
C LEU F 109 69.88 -31.69 44.00
N GLU F 110 69.37 -32.59 43.15
CA GLU F 110 68.60 -32.11 42.01
C GLU F 110 67.16 -31.79 42.43
N ASN F 111 66.58 -32.67 43.24
CA ASN F 111 65.20 -32.53 43.71
C ASN F 111 64.95 -31.19 44.39
N VAL F 112 65.88 -30.75 45.24
CA VAL F 112 65.71 -29.57 46.09
C VAL F 112 66.86 -28.63 45.77
N PRO F 113 66.74 -27.32 46.02
CA PRO F 113 67.97 -26.51 46.10
C PRO F 113 68.81 -26.91 47.30
N ALA F 114 70.10 -27.16 47.06
CA ALA F 114 70.98 -27.75 48.06
C ALA F 114 71.21 -26.84 49.26
N ARG F 115 70.72 -25.59 49.21
CA ARG F 115 70.98 -24.61 50.26
C ARG F 115 70.71 -25.18 51.65
N ASP F 116 69.67 -26.00 51.78
CA ASP F 116 69.22 -26.54 53.07
C ASP F 116 70.25 -27.43 53.76
N LEU F 117 71.33 -27.84 53.09
CA LEU F 117 72.36 -28.58 53.80
C LEU F 117 73.54 -27.73 54.25
N ALA F 118 73.48 -26.41 54.06
CA ALA F 118 74.59 -25.56 54.50
C ALA F 118 74.83 -25.60 56.00
N PRO F 119 73.83 -25.48 56.88
CA PRO F 119 74.10 -25.72 58.31
C PRO F 119 74.48 -27.17 58.59
N LEU F 120 73.92 -28.12 57.84
CA LEU F 120 74.20 -29.53 58.12
C LEU F 120 75.63 -29.89 57.74
N LEU F 121 76.04 -29.56 56.52
CA LEU F 121 77.30 -30.06 55.98
C LEU F 121 78.51 -29.27 56.44
N ARG F 122 78.42 -27.93 56.48
CA ARG F 122 79.46 -27.19 57.18
C ARG F 122 79.36 -27.39 58.69
N GLN F 123 78.22 -27.87 59.16
CA GLN F 123 78.20 -28.45 60.50
C GLN F 123 79.04 -29.72 60.54
N MET F 124 79.12 -30.46 59.43
CA MET F 124 79.96 -31.65 59.41
C MET F 124 81.43 -31.32 59.20
N MET F 125 81.73 -30.20 58.53
CA MET F 125 83.02 -29.54 58.78
C MET F 125 83.22 -29.32 60.27
N ASP F 126 82.24 -28.68 60.89
CA ASP F 126 82.22 -28.35 62.30
C ASP F 126 82.04 -29.60 63.18
N ALA F 127 81.84 -30.77 62.58
CA ALA F 127 81.77 -32.00 63.36
C ALA F 127 83.13 -32.49 63.83
N GLY F 128 84.16 -32.42 62.99
CA GLY F 128 85.43 -33.03 63.32
C GLY F 128 86.58 -32.26 62.71
N SER F 129 87.79 -32.75 62.97
CA SER F 129 89.00 -31.98 62.68
C SER F 129 89.02 -31.52 61.23
N VAL F 130 89.29 -30.22 61.05
CA VAL F 130 88.88 -29.48 59.87
C VAL F 130 89.91 -29.70 58.76
N GLY F 131 89.86 -28.87 57.71
CA GLY F 131 90.33 -29.24 56.40
C GLY F 131 89.21 -29.48 55.42
N ASN F 132 88.00 -29.02 55.74
CA ASN F 132 86.80 -29.29 54.96
C ASN F 132 86.34 -28.02 54.25
N VAL F 133 85.68 -28.24 53.11
CA VAL F 133 84.93 -27.20 52.40
C VAL F 133 83.62 -27.79 51.92
N VAL F 134 82.55 -27.03 52.10
CA VAL F 134 81.26 -27.34 51.49
C VAL F 134 80.83 -26.06 50.78
N HIS F 135 80.28 -26.19 49.57
CA HIS F 135 79.99 -25.03 48.76
C HIS F 135 78.91 -25.40 47.74
N TYR F 136 78.29 -24.38 47.14
CA TYR F 136 76.98 -24.50 46.53
C TYR F 136 76.93 -23.77 45.20
N GLU F 137 76.58 -24.50 44.11
CA GLU F 137 76.38 -23.70 42.92
C GLU F 137 74.92 -23.29 42.75
N PRO F 138 74.65 -22.22 41.98
CA PRO F 138 73.26 -21.91 41.60
C PRO F 138 72.59 -23.08 40.91
N SER F 139 73.38 -23.77 40.09
CA SER F 139 72.96 -24.96 39.35
C SER F 139 72.62 -26.10 40.31
N ASN F 140 72.82 -25.86 41.61
CA ASN F 140 72.37 -26.75 42.67
C ASN F 140 73.17 -28.06 42.69
N VAL F 141 74.45 -27.98 42.36
CA VAL F 141 75.40 -29.03 42.67
C VAL F 141 76.10 -28.63 43.96
N LEU F 142 76.37 -29.64 44.78
CA LEU F 142 76.92 -29.42 46.11
C LEU F 142 78.35 -29.96 46.14
N ILE F 143 79.32 -29.06 46.24
CA ILE F 143 80.72 -29.41 46.04
C ILE F 143 81.42 -29.49 47.39
N LEU F 144 82.18 -30.59 47.57
CA LEU F 144 82.81 -30.88 48.85
C LEU F 144 84.31 -31.04 48.72
N THR F 145 84.97 -30.82 49.85
CA THR F 145 86.38 -31.08 50.05
C THR F 145 86.56 -31.61 51.46
N GLY F 146 87.29 -32.72 51.61
CA GLY F 146 87.58 -33.19 52.94
C GLY F 146 88.22 -34.57 52.95
N ARG F 147 88.63 -34.98 54.16
CA ARG F 147 89.20 -36.30 54.35
C ARG F 147 88.13 -37.38 54.18
N ALA F 148 88.60 -38.61 53.99
CA ALA F 148 87.78 -39.68 53.41
C ALA F 148 86.55 -40.01 54.25
N SER F 149 86.66 -39.98 55.58
CA SER F 149 85.50 -40.32 56.40
C SER F 149 84.48 -39.18 56.48
N THR F 150 84.95 -37.99 56.84
CA THR F 150 84.07 -36.83 56.91
C THR F 150 83.32 -36.67 55.60
N ILE F 151 83.98 -36.95 54.48
CA ILE F 151 83.26 -36.89 53.22
C ILE F 151 82.40 -38.13 53.02
N ASN F 152 82.77 -39.28 53.58
CA ASN F 152 81.86 -40.43 53.52
C ASN F 152 80.48 -40.04 54.00
N LYS F 153 80.40 -39.49 55.21
CA LYS F 153 79.09 -39.21 55.76
C LYS F 153 78.56 -37.84 55.33
N LEU F 154 79.42 -36.98 54.79
CA LEU F 154 78.93 -35.78 54.08
C LEU F 154 78.20 -36.15 52.80
N ILE F 155 78.87 -36.85 51.88
CA ILE F 155 78.22 -37.24 50.64
C ILE F 155 77.05 -38.18 50.92
N GLU F 156 77.14 -38.96 52.00
CA GLU F 156 75.95 -39.61 52.54
C GLU F 156 74.81 -38.62 52.73
N VAL F 157 75.08 -37.53 53.46
CA VAL F 157 74.01 -36.54 53.65
C VAL F 157 73.46 -36.08 52.31
N ILE F 158 74.34 -35.93 51.32
CA ILE F 158 73.95 -35.21 50.11
C ILE F 158 73.09 -36.08 49.20
N LYS F 159 73.54 -37.28 48.86
CA LYS F 159 72.65 -38.16 48.10
C LYS F 159 71.38 -38.44 48.91
N ARG F 160 71.54 -38.60 50.22
CA ARG F 160 70.39 -38.71 51.09
C ARG F 160 69.37 -37.62 50.78
N VAL F 161 69.70 -36.36 51.07
CA VAL F 161 68.74 -35.27 50.91
C VAL F 161 68.25 -35.17 49.47
N ASP F 162 69.05 -35.68 48.51
CA ASP F 162 68.54 -35.83 47.15
C ASP F 162 67.31 -36.74 47.11
N VAL F 163 67.51 -38.04 47.35
CA VAL F 163 66.45 -39.00 47.07
C VAL F 163 65.42 -39.01 48.19
N ILE F 164 65.70 -38.30 49.29
CA ILE F 164 64.68 -38.09 50.30
C ILE F 164 64.05 -36.72 50.11
N GLY F 165 64.59 -35.94 49.18
CA GLY F 165 63.87 -34.79 48.67
C GLY F 165 63.19 -35.10 47.36
N THR F 166 63.10 -36.39 47.02
CA THR F 166 62.45 -36.81 45.78
C THR F 166 61.04 -36.24 45.60
N GLU F 167 60.84 -35.58 44.46
CA GLU F 167 59.57 -35.60 43.77
C GLU F 167 59.83 -35.56 42.27
N LYS F 168 59.28 -36.55 41.56
CA LYS F 168 59.74 -36.92 40.23
C LYS F 168 58.54 -37.30 39.36
N GLN F 169 58.76 -37.25 38.05
CA GLN F 169 57.67 -37.11 37.08
C GLN F 169 57.20 -38.48 36.59
N GLN F 170 55.89 -38.56 36.32
CA GLN F 170 55.37 -39.69 35.55
C GLN F 170 54.11 -39.26 34.84
N ILE F 171 53.90 -39.78 33.64
CA ILE F 171 52.63 -39.51 32.97
C ILE F 171 52.03 -40.85 32.60
N ILE F 172 50.72 -40.97 32.82
CA ILE F 172 50.06 -42.26 32.88
C ILE F 172 48.82 -42.21 31.98
N HIS F 173 48.40 -43.37 31.50
CA HIS F 173 47.23 -43.47 30.65
C HIS F 173 45.95 -43.20 31.44
N LEU F 174 44.89 -42.85 30.72
CA LEU F 174 43.52 -42.96 31.20
C LEU F 174 42.78 -43.92 30.27
N GLU F 175 42.26 -45.00 30.84
CA GLU F 175 41.72 -46.10 30.05
C GLU F 175 40.46 -45.74 29.28
N TYR F 176 39.41 -45.32 29.99
CA TYR F 176 38.10 -45.03 29.41
C TYR F 176 37.64 -43.63 29.75
N ALA F 177 37.47 -43.39 31.04
CA ALA F 177 36.87 -42.17 31.54
C ALA F 177 37.53 -40.94 30.95
N SER F 178 36.70 -39.95 30.61
CA SER F 178 37.18 -38.69 30.05
C SER F 178 38.13 -37.99 31.01
N ALA F 179 39.11 -37.31 30.41
CA ALA F 179 40.23 -36.78 31.20
C ALA F 179 39.80 -35.60 32.06
N GLU F 180 39.07 -34.66 31.46
CA GLU F 180 38.56 -33.50 32.18
C GLU F 180 37.90 -33.88 33.50
N ASP F 181 37.16 -34.98 33.54
CA ASP F 181 36.49 -35.35 34.78
C ASP F 181 37.52 -35.63 35.87
N LEU F 182 38.23 -36.74 35.73
CA LEU F 182 39.20 -37.16 36.73
C LEU F 182 40.11 -36.00 37.11
N ALA F 183 40.43 -35.15 36.13
CA ALA F 183 40.90 -33.82 36.48
C ALA F 183 40.01 -33.21 37.54
N GLU F 184 38.75 -32.91 37.18
CA GLU F 184 37.92 -32.07 38.04
C GLU F 184 37.93 -32.58 39.47
N ILE F 185 37.84 -33.89 39.64
CA ILE F 185 37.85 -34.41 41.00
C ILE F 185 39.20 -34.17 41.64
N LEU F 186 40.29 -34.64 41.02
CA LEU F 186 41.53 -34.72 41.76
C LEU F 186 42.16 -33.36 41.96
N ASN F 187 41.98 -32.46 40.99
CA ASN F 187 42.46 -31.09 41.11
C ASN F 187 42.09 -30.53 42.47
N GLN F 188 40.79 -30.34 42.66
CA GLN F 188 40.18 -29.71 43.82
C GLN F 188 40.29 -30.55 45.07
N LEU F 189 40.85 -31.76 44.98
CA LEU F 189 41.28 -32.50 46.16
C LEU F 189 42.63 -31.98 46.63
N ILE F 190 42.66 -31.45 47.84
CA ILE F 190 43.90 -30.99 48.45
C ILE F 190 43.81 -31.27 49.95
N LYS F 206 51.50 -31.84 39.98
CA LYS F 206 50.20 -31.32 39.60
C LYS F 206 49.38 -32.39 38.89
N ILE F 207 48.27 -32.01 38.27
CA ILE F 207 47.35 -32.95 37.64
C ILE F 207 47.06 -32.46 36.24
N VAL F 208 47.38 -33.27 35.24
CA VAL F 208 47.18 -32.89 33.84
C VAL F 208 46.29 -33.92 33.16
N ALA F 209 45.43 -33.44 32.27
CA ALA F 209 44.51 -34.28 31.51
C ALA F 209 44.90 -34.31 30.04
N ASP F 210 44.55 -35.41 29.37
CA ASP F 210 44.56 -35.51 27.91
C ASP F 210 43.29 -36.19 27.44
N LYS F 211 42.51 -35.48 26.62
CA LYS F 211 41.42 -36.14 25.91
C LYS F 211 41.90 -36.85 24.65
N ARG F 212 42.81 -36.23 23.89
CA ARG F 212 43.18 -36.79 22.59
C ARG F 212 43.74 -38.20 22.75
N THR F 213 44.78 -38.36 23.55
CA THR F 213 45.19 -39.71 23.92
C THR F 213 44.69 -40.13 25.29
N ASN F 214 43.97 -39.26 26.01
CA ASN F 214 43.29 -39.62 27.26
C ASN F 214 44.29 -40.12 28.31
N SER F 215 45.06 -39.18 28.87
CA SER F 215 46.07 -39.53 29.86
C SER F 215 45.89 -38.71 31.13
N LEU F 216 46.06 -39.36 32.27
CA LEU F 216 46.27 -38.62 33.52
C LEU F 216 47.76 -38.52 33.80
N ILE F 217 48.21 -37.29 33.99
CA ILE F 217 49.62 -36.95 34.11
C ILE F 217 49.87 -36.42 35.51
N ILE F 218 50.96 -36.86 36.14
CA ILE F 218 51.08 -36.66 37.57
C ILE F 218 52.54 -36.48 37.98
N SER F 219 52.73 -35.56 38.93
CA SER F 219 54.00 -35.24 39.53
C SER F 219 53.96 -35.51 41.04
N GLY F 220 55.14 -35.67 41.60
CA GLY F 220 55.31 -35.80 43.03
C GLY F 220 56.47 -36.74 43.32
N PRO F 221 56.64 -37.11 44.58
CA PRO F 221 57.58 -38.18 44.90
C PRO F 221 57.11 -39.52 44.33
N GLU F 222 57.83 -40.58 44.69
CA GLU F 222 57.28 -41.91 44.43
C GLU F 222 56.06 -42.15 45.32
N LYS F 223 56.00 -41.50 46.48
CA LYS F 223 54.83 -41.63 47.32
C LYS F 223 53.65 -40.85 46.75
N ALA F 224 53.91 -39.79 45.99
CA ALA F 224 52.81 -39.21 45.21
C ALA F 224 52.42 -40.14 44.08
N ARG F 225 53.42 -40.74 43.43
CA ARG F 225 53.13 -41.78 42.45
C ARG F 225 52.15 -42.79 43.02
N GLN F 226 52.47 -43.36 44.18
CA GLN F 226 51.65 -44.44 44.72
C GLN F 226 50.29 -43.95 45.18
N ARG F 227 50.25 -42.84 45.93
CA ARG F 227 48.99 -42.38 46.48
C ARG F 227 47.99 -42.08 45.36
N ILE F 228 48.46 -41.45 44.29
CA ILE F 228 47.49 -41.08 43.26
C ILE F 228 47.34 -42.20 42.24
N THR F 229 48.21 -43.20 42.26
CA THR F 229 47.89 -44.43 41.54
C THR F 229 46.80 -45.19 42.26
N SER F 230 46.67 -44.97 43.57
CA SER F 230 45.59 -45.59 44.32
C SER F 230 44.29 -44.82 44.14
N LEU F 231 44.37 -43.49 43.99
CA LEU F 231 43.19 -42.78 43.52
C LEU F 231 42.78 -43.25 42.13
N LEU F 232 43.75 -43.38 41.22
CA LEU F 232 43.43 -43.94 39.92
C LEU F 232 42.73 -45.28 40.06
N LYS F 233 43.37 -46.22 40.75
CA LYS F 233 42.77 -47.54 40.88
C LYS F 233 41.38 -47.45 41.48
N SER F 234 41.14 -46.43 42.32
CA SER F 234 39.78 -46.13 42.71
C SER F 234 38.90 -45.96 41.49
N LEU F 235 39.10 -44.90 40.70
CA LEU F 235 38.37 -44.83 39.43
C LEU F 235 39.32 -44.96 38.25
N ASP F 236 39.44 -46.19 37.76
CA ASP F 236 39.74 -46.47 36.36
C ASP F 236 38.52 -46.97 35.63
N VAL F 237 37.40 -47.17 36.32
CA VAL F 237 36.32 -48.00 35.78
C VAL F 237 35.40 -47.15 34.91
N GLU F 238 34.99 -47.71 33.79
CA GLU F 238 34.02 -47.05 32.93
C GLU F 238 32.64 -47.36 33.49
N GLU F 239 31.87 -46.30 33.75
CA GLU F 239 30.55 -46.46 34.32
C GLU F 239 29.62 -47.19 33.36
N SER F 240 28.76 -48.03 33.91
CA SER F 240 27.76 -48.72 33.09
C SER F 240 26.59 -47.77 32.94
N GLU F 241 26.81 -46.70 32.17
CA GLU F 241 25.80 -45.68 31.97
C GLU F 241 24.51 -46.27 31.41
N GLU F 242 24.67 -47.24 30.50
CA GLU F 242 23.53 -47.87 29.84
C GLU F 242 23.03 -46.93 28.76
N GLY F 243 21.84 -47.19 28.23
CA GLY F 243 21.29 -46.32 27.22
C GLY F 243 20.68 -45.05 27.78
N ASN F 244 20.98 -43.93 27.13
CA ASN F 244 20.31 -42.68 27.40
C ASN F 244 18.93 -42.60 26.76
N THR F 245 18.83 -43.10 25.54
CA THR F 245 17.60 -43.02 24.75
C THR F 245 16.91 -44.37 24.63
N ARG F 246 15.61 -44.39 24.92
CA ARG F 246 14.81 -45.58 24.72
C ARG F 246 13.83 -45.34 23.58
N VAL F 247 13.49 -46.42 22.90
CA VAL F 247 12.50 -46.41 21.82
C VAL F 247 11.35 -47.28 22.27
N TYR F 248 10.20 -46.66 22.53
CA TYR F 248 9.02 -47.37 22.97
C TYR F 248 8.17 -47.74 21.77
N TYR F 249 7.80 -49.01 21.67
CA TYR F 249 6.87 -49.45 20.63
C TYR F 249 5.47 -49.35 21.20
N LEU F 250 4.70 -48.40 20.70
CA LEU F 250 3.36 -48.19 21.21
C LEU F 250 2.41 -49.21 20.61
N LYS F 251 1.53 -49.74 21.45
CA LYS F 251 0.45 -50.60 21.00
C LYS F 251 -0.84 -50.02 21.53
N TYR F 252 -1.75 -49.67 20.62
CA TYR F 252 -3.06 -49.06 20.81
C TYR F 252 -3.00 -47.55 20.86
N ALA F 253 -1.81 -46.95 20.86
CA ALA F 253 -1.69 -45.50 20.84
C ALA F 253 -0.96 -45.07 19.58
N LYS F 254 -1.18 -43.81 19.20
CA LYS F 254 -0.58 -43.24 18.00
C LYS F 254 0.56 -42.33 18.44
N ALA F 255 1.76 -42.59 17.93
CA ALA F 255 2.96 -41.97 18.46
C ALA F 255 2.96 -40.46 18.33
N THR F 256 2.44 -39.95 17.20
CA THR F 256 2.39 -38.52 16.96
C THR F 256 1.45 -37.87 17.96
N ASN F 257 0.33 -38.52 18.24
CA ASN F 257 -0.63 -38.05 19.22
C ASN F 257 -0.02 -38.01 20.61
N LEU F 258 0.67 -39.10 20.95
CA LEU F 258 1.24 -39.25 22.27
C LEU F 258 2.30 -38.20 22.50
N VAL F 259 3.04 -37.85 21.45
CA VAL F 259 4.13 -36.91 21.62
C VAL F 259 3.62 -35.59 22.14
N GLU F 260 2.51 -35.09 21.62
CA GLU F 260 2.01 -33.80 22.07
C GLU F 260 1.67 -33.83 23.55
N VAL F 261 0.99 -34.90 23.97
CA VAL F 261 0.61 -35.04 25.36
C VAL F 261 1.83 -35.13 26.26
N LEU F 262 2.82 -35.88 25.80
CA LEU F 262 4.05 -36.10 26.54
C LEU F 262 4.83 -34.80 26.69
N THR F 263 4.77 -33.97 25.66
CA THR F 263 5.63 -32.82 25.56
C THR F 263 5.38 -31.93 26.76
N GLY F 264 4.12 -31.80 27.15
CA GLY F 264 3.84 -30.96 28.29
C GLY F 264 4.47 -31.54 29.57
N VAL F 265 4.38 -32.87 29.73
CA VAL F 265 4.92 -33.54 30.92
C VAL F 265 6.42 -33.37 30.99
N SER F 266 7.07 -33.48 29.85
CA SER F 266 8.49 -33.33 29.78
C SER F 266 8.84 -31.84 29.89
N GLU F 267 7.96 -30.97 29.32
CA GLU F 267 8.24 -29.54 29.26
C GLU F 267 7.77 -28.93 30.57
N VAL F 288 14.33 -33.05 28.74
CA VAL F 288 13.86 -34.27 28.10
C VAL F 288 13.32 -33.99 26.71
N ALA F 289 13.64 -34.88 25.77
CA ALA F 289 13.16 -34.73 24.40
C ALA F 289 12.32 -35.92 24.00
N ILE F 290 11.09 -35.66 23.55
CA ILE F 290 10.19 -36.71 23.11
C ILE F 290 9.86 -36.46 21.65
N THR F 291 10.11 -37.45 20.81
CA THR F 291 9.75 -37.36 19.41
C THR F 291 9.31 -38.74 18.92
N ALA F 292 8.53 -38.75 17.85
CA ALA F 292 7.86 -39.96 17.39
C ALA F 292 8.29 -40.33 15.98
N ASP F 293 8.28 -41.63 15.70
CA ASP F 293 8.48 -42.15 14.36
C ASP F 293 7.11 -42.55 13.82
N GLU F 294 6.63 -41.80 12.83
CA GLU F 294 5.30 -42.06 12.30
C GLU F 294 5.24 -43.35 11.50
N GLN F 295 6.39 -43.85 11.02
CA GLN F 295 6.39 -45.08 10.23
C GLN F 295 6.16 -46.29 11.12
N THR F 296 7.12 -46.58 11.99
CA THR F 296 7.01 -47.73 12.88
C THR F 296 6.03 -47.51 14.02
N ASN F 297 5.50 -46.30 14.18
CA ASN F 297 4.62 -45.95 15.29
C ASN F 297 5.31 -46.23 16.61
N SER F 298 6.50 -45.69 16.76
CA SER F 298 7.28 -45.83 17.97
C SER F 298 7.65 -44.45 18.50
N LEU F 299 7.87 -44.37 19.80
CA LEU F 299 8.09 -43.11 20.48
C LEU F 299 9.50 -43.10 21.03
N VAL F 300 10.22 -42.02 20.82
CA VAL F 300 11.64 -41.91 21.17
C VAL F 300 11.78 -40.88 22.27
N ILE F 301 12.14 -41.33 23.47
CA ILE F 301 12.37 -40.46 24.62
C ILE F 301 13.82 -40.57 25.04
N THR F 302 14.52 -39.44 25.06
CA THR F 302 15.87 -39.37 25.60
C THR F 302 15.86 -38.48 26.83
N ALA F 303 16.37 -39.01 27.95
CA ALA F 303 16.27 -38.35 29.24
C ALA F 303 17.03 -39.19 30.27
N ASP F 304 17.13 -38.65 31.47
CA ASP F 304 17.82 -39.34 32.55
C ASP F 304 17.09 -40.63 32.91
N GLN F 305 17.85 -41.59 33.45
CA GLN F 305 17.26 -42.85 33.91
C GLN F 305 16.10 -42.62 34.87
N SER F 306 16.11 -41.51 35.60
CA SER F 306 15.01 -41.21 36.52
C SER F 306 13.76 -40.85 35.74
N VAL F 307 13.89 -39.96 34.75
CA VAL F 307 12.73 -39.57 33.95
C VAL F 307 12.21 -40.74 33.14
N GLN F 308 13.11 -41.58 32.62
CA GLN F 308 12.71 -42.73 31.82
C GLN F 308 11.76 -43.64 32.59
N GLU F 309 12.10 -43.95 33.84
CA GLU F 309 11.26 -44.85 34.62
C GLU F 309 9.92 -44.21 34.98
N LYS F 310 9.88 -42.88 35.04
CA LYS F 310 8.61 -42.21 35.32
C LYS F 310 7.74 -42.10 34.07
N LEU F 311 8.34 -41.75 32.92
CA LEU F 311 7.58 -41.72 31.68
C LEU F 311 7.20 -43.11 31.20
N ALA F 312 7.91 -44.14 31.64
CA ALA F 312 7.52 -45.50 31.26
C ALA F 312 6.19 -45.89 31.87
N THR F 313 5.87 -45.36 33.04
CA THR F 313 4.57 -45.62 33.66
C THR F 313 3.49 -44.73 33.07
N VAL F 314 3.82 -43.48 32.75
CA VAL F 314 2.86 -42.58 32.13
C VAL F 314 2.41 -43.12 30.79
N ILE F 315 3.35 -43.62 29.99
CA ILE F 315 3.00 -44.18 28.70
C ILE F 315 2.17 -45.46 28.87
N ALA F 316 2.57 -46.32 29.80
CA ALA F 316 1.82 -47.55 30.02
C ALA F 316 0.38 -47.25 30.43
N ARG F 317 0.17 -46.18 31.19
CA ARG F 317 -1.18 -45.78 31.55
C ARG F 317 -1.92 -45.21 30.36
N LEU F 318 -1.22 -44.51 29.50
CA LEU F 318 -1.83 -43.74 28.42
C LEU F 318 -1.91 -44.52 27.13
N ASP F 319 -1.38 -45.74 27.11
CA ASP F 319 -1.31 -46.60 25.93
C ASP F 319 -2.44 -47.61 25.86
N ILE F 320 -3.43 -47.51 26.76
CA ILE F 320 -4.38 -48.60 26.94
C ILE F 320 -5.26 -48.78 25.71
N ARG F 321 -5.85 -49.98 25.63
CA ARG F 321 -6.81 -50.28 24.58
C ARG F 321 -8.13 -49.55 24.82
N ARG F 322 -8.72 -49.05 23.75
CA ARG F 322 -9.90 -48.20 23.83
C ARG F 322 -11.11 -48.96 23.30
N ALA F 323 -12.27 -48.71 23.91
CA ALA F 323 -13.48 -49.45 23.62
C ALA F 323 -14.13 -48.98 22.32
N GLN F 324 -14.93 -49.86 21.74
CA GLN F 324 -15.70 -49.60 20.53
C GLN F 324 -17.18 -49.56 20.87
N VAL F 325 -17.93 -48.79 20.09
CA VAL F 325 -19.36 -48.62 20.34
C VAL F 325 -20.11 -48.89 19.04
N LEU F 326 -21.06 -49.81 19.08
CA LEU F 326 -22.02 -50.00 18.02
C LEU F 326 -23.24 -49.13 18.30
N VAL F 327 -23.53 -48.20 17.40
CA VAL F 327 -24.61 -47.24 17.59
C VAL F 327 -25.68 -47.51 16.54
N GLU F 328 -26.81 -48.06 16.96
CA GLU F 328 -27.97 -48.17 16.08
C GLU F 328 -28.92 -47.02 16.35
N ALA F 329 -29.33 -46.33 15.29
CA ALA F 329 -30.44 -45.41 15.37
C ALA F 329 -31.67 -46.08 14.76
N ILE F 330 -32.84 -45.76 15.29
CA ILE F 330 -34.10 -46.27 14.77
C ILE F 330 -34.99 -45.08 14.51
N ILE F 331 -35.27 -44.80 13.25
CA ILE F 331 -36.15 -43.70 12.88
C ILE F 331 -37.42 -44.30 12.34
N VAL F 332 -38.50 -44.16 13.09
CA VAL F 332 -39.82 -44.63 12.66
C VAL F 332 -40.70 -43.42 12.44
N GLU F 333 -41.31 -43.33 11.28
CA GLU F 333 -42.31 -42.32 11.02
C GLU F 333 -43.53 -43.00 10.43
N VAL F 334 -44.70 -42.47 10.75
CA VAL F 334 -45.94 -42.94 10.16
C VAL F 334 -46.81 -41.72 9.84
N GLN F 335 -47.26 -41.62 8.61
CA GLN F 335 -48.14 -40.55 8.18
C GLN F 335 -49.43 -41.15 7.67
N ASP F 336 -50.53 -40.43 7.87
CA ASP F 336 -51.75 -40.74 7.16
C ASP F 336 -52.65 -39.52 7.19
N GLY F 337 -53.58 -39.47 6.25
CA GLY F 337 -54.58 -38.43 6.25
C GLY F 337 -55.64 -38.72 5.22
N ASN F 338 -56.85 -38.20 5.42
CA ASN F 338 -57.96 -38.48 4.54
C ASN F 338 -58.74 -37.22 4.26
N GLY F 339 -58.77 -36.80 3.00
CA GLY F 339 -59.63 -35.72 2.58
C GLY F 339 -60.98 -36.21 2.09
N LEU F 340 -61.99 -35.37 2.22
CA LEU F 340 -63.30 -35.59 1.65
C LEU F 340 -63.83 -34.27 1.12
N ASN F 341 -64.13 -34.20 -0.17
CA ASN F 341 -64.78 -33.02 -0.71
C ASN F 341 -65.96 -33.41 -1.59
N LEU F 342 -67.16 -33.06 -1.15
CA LEU F 342 -68.39 -33.36 -1.88
C LEU F 342 -69.23 -32.10 -1.93
N GLY F 343 -69.91 -31.90 -3.04
CA GLY F 343 -70.79 -30.75 -3.17
C GLY F 343 -71.92 -31.02 -4.12
N VAL F 344 -73.04 -30.35 -3.92
CA VAL F 344 -74.19 -30.47 -4.80
C VAL F 344 -74.36 -29.10 -5.40
N GLN F 345 -74.54 -28.99 -6.71
CA GLN F 345 -74.88 -27.73 -7.37
C GLN F 345 -76.11 -28.04 -8.20
N TRP F 346 -77.15 -27.24 -8.17
CA TRP F 346 -78.33 -27.47 -9.03
C TRP F 346 -78.47 -26.21 -9.87
N ALA F 347 -78.68 -26.29 -11.17
CA ALA F 347 -78.88 -25.07 -11.98
C ALA F 347 -80.27 -25.15 -12.60
N ASN F 348 -81.10 -24.13 -12.51
CA ASN F 348 -82.45 -24.20 -13.13
C ASN F 348 -82.66 -23.07 -14.15
N LYS F 349 -83.13 -23.36 -15.35
CA LYS F 349 -83.26 -22.23 -16.26
C LYS F 349 -84.31 -21.22 -15.78
N ASN F 350 -85.43 -21.72 -15.30
CA ASN F 350 -86.51 -20.86 -14.84
C ASN F 350 -86.19 -19.99 -13.62
N VAL F 351 -85.53 -20.57 -12.63
CA VAL F 351 -85.25 -19.85 -11.38
C VAL F 351 -83.84 -19.28 -11.28
N GLY F 352 -82.86 -20.10 -11.60
CA GLY F 352 -81.46 -19.71 -11.47
C GLY F 352 -80.62 -20.91 -11.10
N ALA F 353 -79.32 -20.70 -10.90
CA ALA F 353 -78.43 -21.81 -10.62
C ALA F 353 -77.54 -21.58 -9.41
N GLN F 354 -77.20 -22.65 -8.72
CA GLN F 354 -76.23 -22.59 -7.64
C GLN F 354 -74.97 -23.30 -8.13
N GLN F 355 -73.85 -22.60 -8.12
CA GLN F 355 -72.62 -23.15 -8.65
C GLN F 355 -71.46 -22.99 -7.69
N PHE F 356 -70.60 -24.00 -7.63
CA PHE F 356 -69.41 -23.97 -6.80
C PHE F 356 -68.22 -24.36 -7.66
N THR F 357 -67.37 -23.39 -7.94
CA THR F 357 -66.02 -23.74 -8.33
C THR F 357 -65.34 -24.35 -7.12
N ASN F 358 -64.31 -25.16 -7.37
CA ASN F 358 -63.59 -26.02 -6.44
C ASN F 358 -64.27 -27.38 -6.35
N THR F 359 -65.47 -27.56 -6.89
CA THR F 359 -65.97 -28.91 -7.09
C THR F 359 -65.20 -29.65 -8.15
N GLY F 360 -64.30 -28.96 -8.86
CA GLY F 360 -63.54 -29.49 -9.94
C GLY F 360 -64.21 -29.35 -11.28
N LEU F 361 -65.55 -29.28 -11.28
CA LEU F 361 -66.27 -28.76 -12.40
C LEU F 361 -67.46 -27.95 -11.88
N PRO F 362 -67.68 -26.76 -12.42
CA PRO F 362 -68.88 -26.01 -12.09
C PRO F 362 -70.08 -26.43 -12.92
N ILE F 363 -71.27 -26.13 -12.39
CA ILE F 363 -72.50 -26.51 -13.08
C ILE F 363 -72.62 -25.80 -14.42
N PHE F 364 -72.07 -24.60 -14.54
CA PHE F 364 -72.20 -23.86 -15.79
C PHE F 364 -71.36 -24.51 -16.88
N ASN F 365 -70.07 -24.69 -16.63
CA ASN F 365 -69.20 -25.26 -17.66
C ASN F 365 -69.53 -26.71 -17.95
N ALA F 366 -70.08 -27.43 -16.96
CA ALA F 366 -70.50 -28.81 -17.22
C ALA F 366 -71.73 -28.84 -18.10
N ALA F 367 -72.73 -28.00 -17.81
CA ALA F 367 -73.94 -27.98 -18.62
C ALA F 367 -73.66 -27.53 -20.05
N GLN F 368 -72.67 -26.67 -20.25
CA GLN F 368 -72.28 -26.33 -21.62
C GLN F 368 -71.58 -27.49 -22.30
N GLY F 369 -70.86 -28.31 -21.54
CA GLY F 369 -70.20 -29.46 -22.09
C GLY F 369 -71.14 -30.62 -22.36
N VAL F 370 -72.06 -30.87 -21.44
CA VAL F 370 -73.02 -31.94 -21.64
C VAL F 370 -73.94 -31.61 -22.81
N ALA F 371 -74.41 -30.37 -22.89
CA ALA F 371 -75.25 -29.98 -24.02
C ALA F 371 -74.49 -30.10 -25.33
N ASP F 372 -73.25 -29.63 -25.37
CA ASP F 372 -72.41 -29.79 -26.55
C ASP F 372 -72.22 -31.26 -26.90
N TYR F 373 -72.13 -32.12 -25.88
CA TYR F 373 -71.93 -33.54 -26.14
C TYR F 373 -73.16 -34.18 -26.76
N LYS F 374 -74.35 -33.70 -26.40
CA LYS F 374 -75.56 -34.30 -26.96
C LYS F 374 -75.77 -33.90 -28.41
N LYS F 375 -75.51 -32.64 -28.75
CA LYS F 375 -75.76 -32.19 -30.11
C LYS F 375 -74.77 -32.81 -31.10
N ASN F 376 -73.48 -32.83 -30.74
CA ASN F 376 -72.46 -33.31 -31.66
C ASN F 376 -72.17 -34.80 -31.52
N GLY F 377 -72.71 -35.46 -30.51
CA GLY F 377 -72.42 -36.85 -30.26
C GLY F 377 -71.05 -37.10 -29.64
N GLY F 378 -70.19 -36.10 -29.60
CA GLY F 378 -68.87 -36.23 -29.01
C GLY F 378 -68.37 -34.85 -28.61
N ILE F 379 -67.14 -34.80 -28.13
CA ILE F 379 -66.52 -33.56 -27.68
C ILE F 379 -65.13 -33.47 -28.26
N THR F 380 -64.87 -32.44 -29.06
CA THR F 380 -63.54 -32.18 -29.58
C THR F 380 -62.64 -31.63 -28.48
N SER F 381 -61.34 -31.71 -28.72
CA SER F 381 -60.37 -31.15 -27.78
C SER F 381 -60.45 -29.64 -27.71
N ALA F 382 -61.11 -28.99 -28.67
CA ALA F 382 -61.24 -27.54 -28.65
C ALA F 382 -62.36 -27.06 -27.74
N ASN F 383 -63.31 -27.93 -27.40
CA ASN F 383 -64.37 -27.57 -26.48
C ASN F 383 -63.75 -27.16 -25.15
N PRO F 384 -64.08 -25.98 -24.62
CA PRO F 384 -63.47 -25.56 -23.34
C PRO F 384 -63.73 -26.51 -22.20
N ALA F 385 -64.79 -27.32 -22.26
CA ALA F 385 -65.06 -28.28 -21.22
C ALA F 385 -64.14 -29.50 -21.29
N TRP F 386 -63.33 -29.62 -22.34
CA TRP F 386 -62.45 -30.78 -22.45
C TRP F 386 -61.51 -30.88 -21.26
N ASP F 387 -60.73 -29.82 -21.02
CA ASP F 387 -59.77 -29.85 -19.92
C ASP F 387 -60.44 -30.00 -18.57
N MET F 388 -61.72 -29.65 -18.47
CA MET F 388 -62.40 -29.77 -17.18
C MET F 388 -62.83 -31.19 -16.90
N PHE F 389 -63.35 -31.89 -17.92
CA PHE F 389 -63.69 -33.30 -17.75
C PHE F 389 -62.46 -34.19 -17.82
N SER F 390 -61.45 -33.80 -18.58
CA SER F 390 -60.28 -34.66 -18.75
C SER F 390 -59.55 -34.85 -17.43
N ALA F 391 -59.51 -33.83 -16.60
CA ALA F 391 -58.98 -33.96 -15.25
C ALA F 391 -60.13 -33.75 -14.28
N TYR F 392 -60.62 -34.85 -13.73
CA TYR F 392 -61.61 -34.84 -12.67
C TYR F 392 -61.50 -36.15 -11.92
N ASN F 393 -61.73 -36.12 -10.62
CA ASN F 393 -61.65 -37.31 -9.80
C ASN F 393 -62.90 -37.46 -8.97
N GLY F 394 -63.38 -38.69 -8.86
CA GLY F 394 -64.54 -38.98 -8.05
C GLY F 394 -65.79 -39.14 -8.88
N MET F 395 -66.90 -39.39 -8.19
CA MET F 395 -68.18 -39.66 -8.83
C MET F 395 -68.90 -38.35 -9.09
N ALA F 396 -69.19 -38.07 -10.36
CA ALA F 396 -70.03 -36.95 -10.74
C ALA F 396 -71.34 -37.51 -11.29
N ALA F 397 -72.42 -37.37 -10.52
CA ALA F 397 -73.70 -37.97 -10.86
C ALA F 397 -74.72 -36.87 -11.09
N GLY F 398 -75.11 -36.68 -12.34
CA GLY F 398 -76.15 -35.73 -12.67
C GLY F 398 -77.54 -36.35 -12.65
N PHE F 399 -78.53 -35.54 -12.31
CA PHE F 399 -79.92 -35.97 -12.29
C PHE F 399 -80.80 -34.85 -12.80
N PHE F 400 -81.63 -35.13 -13.78
CA PHE F 400 -82.56 -34.13 -14.31
C PHE F 400 -83.98 -34.52 -13.93
N ASN F 401 -84.63 -33.68 -13.13
CA ASN F 401 -86.04 -33.83 -12.80
C ASN F 401 -86.79 -32.65 -13.41
N GLY F 402 -87.55 -32.93 -14.46
CA GLY F 402 -88.26 -31.85 -15.12
C GLY F 402 -87.27 -30.87 -15.72
N ASP F 403 -87.40 -29.60 -15.33
CA ASP F 403 -86.48 -28.55 -15.76
C ASP F 403 -85.29 -28.40 -14.81
N TRP F 404 -85.32 -29.05 -13.65
CA TRP F 404 -84.25 -28.92 -12.67
C TRP F 404 -83.08 -29.82 -13.06
N GLY F 405 -81.92 -29.22 -13.29
CA GLY F 405 -80.67 -29.96 -13.33
C GLY F 405 -80.08 -30.05 -11.93
N VAL F 406 -79.42 -31.17 -11.65
CA VAL F 406 -78.75 -31.39 -10.37
C VAL F 406 -77.46 -32.16 -10.65
N LEU F 407 -76.37 -31.73 -10.01
CA LEU F 407 -75.07 -32.33 -10.24
C LEU F 407 -74.38 -32.56 -8.91
N LEU F 408 -74.07 -33.81 -8.60
CA LEU F 408 -73.41 -34.21 -7.37
C LEU F 408 -71.99 -34.65 -7.66
N THR F 409 -71.03 -34.00 -7.03
CA THR F 409 -69.63 -34.39 -7.11
C THR F 409 -69.16 -34.86 -5.75
N ALA F 410 -68.51 -36.02 -5.70
CA ALA F 410 -68.03 -36.55 -4.44
C ALA F 410 -66.70 -37.23 -4.66
N LEU F 411 -65.72 -36.88 -3.83
CA LEU F 411 -64.41 -37.53 -3.83
C LEU F 411 -63.93 -37.65 -2.41
N ALA F 412 -63.56 -38.86 -1.99
CA ALA F 412 -62.96 -39.07 -0.69
C ALA F 412 -61.58 -39.65 -0.91
N SER F 413 -60.55 -38.86 -0.64
CA SER F 413 -59.18 -39.30 -0.76
C SER F 413 -58.67 -39.78 0.58
N ASN F 414 -57.83 -40.80 0.53
CA ASN F 414 -57.19 -41.32 1.73
C ASN F 414 -55.79 -41.76 1.35
N ASN F 415 -54.80 -41.40 2.15
CA ASN F 415 -53.46 -41.91 1.91
C ASN F 415 -52.87 -42.39 3.22
N LYS F 416 -51.75 -43.08 3.10
CA LYS F 416 -51.06 -43.64 4.24
C LYS F 416 -49.60 -43.75 3.88
N ASN F 417 -48.74 -43.58 4.87
CA ASN F 417 -47.31 -43.64 4.61
C ASN F 417 -46.65 -44.15 5.86
N ASP F 418 -45.61 -44.95 5.69
CA ASP F 418 -44.92 -45.53 6.83
C ASP F 418 -43.45 -45.69 6.46
N ILE F 419 -42.57 -45.38 7.40
CA ILE F 419 -41.14 -45.35 7.13
C ILE F 419 -40.42 -46.00 8.30
N LEU F 420 -39.34 -46.70 8.00
CA LEU F 420 -38.45 -47.26 9.00
C LEU F 420 -37.03 -47.15 8.48
N ALA F 421 -36.14 -46.63 9.30
CA ALA F 421 -34.73 -46.56 8.96
C ALA F 421 -33.94 -46.98 10.17
N THR F 422 -32.84 -47.69 9.96
CA THR F 422 -32.00 -48.17 11.05
C THR F 422 -30.54 -48.08 10.66
N PRO F 423 -30.00 -46.87 10.55
CA PRO F 423 -28.56 -46.73 10.30
C PRO F 423 -27.77 -47.13 11.54
N SER F 424 -26.73 -47.91 11.34
CA SER F 424 -25.86 -48.31 12.43
C SER F 424 -24.41 -48.11 12.01
N ILE F 425 -23.56 -47.87 13.00
CA ILE F 425 -22.16 -47.56 12.77
C ILE F 425 -21.37 -48.09 13.95
N VAL F 426 -20.17 -48.62 13.68
CA VAL F 426 -19.24 -49.04 14.72
C VAL F 426 -18.05 -48.11 14.68
N THR F 427 -17.61 -47.66 15.85
CA THR F 427 -16.48 -46.75 15.91
C THR F 427 -15.82 -46.84 17.27
N LEU F 428 -14.57 -46.40 17.33
CA LEU F 428 -13.87 -46.28 18.59
C LEU F 428 -14.41 -45.10 19.37
N ASP F 429 -14.37 -45.21 20.69
CA ASP F 429 -14.79 -44.08 21.51
C ASP F 429 -13.89 -42.88 21.25
N ASN F 430 -14.46 -41.70 21.36
CA ASN F 430 -13.80 -40.41 21.17
C ASN F 430 -13.43 -40.17 19.72
N LYS F 431 -13.65 -41.13 18.83
CA LYS F 431 -13.44 -40.96 17.41
C LYS F 431 -14.76 -40.72 16.71
N LEU F 432 -14.80 -39.73 15.83
CA LEU F 432 -16.02 -39.35 15.12
C LEU F 432 -16.23 -40.25 13.91
N ALA F 433 -17.39 -40.91 13.87
CA ALA F 433 -17.78 -41.73 12.75
C ALA F 433 -18.99 -41.11 12.06
N SER F 434 -19.08 -41.31 10.75
CA SER F 434 -20.22 -40.84 10.00
C SER F 434 -20.63 -41.89 9.00
N PHE F 435 -21.93 -41.95 8.74
CA PHE F 435 -22.51 -42.94 7.85
C PHE F 435 -23.50 -42.23 6.95
N ASN F 436 -23.26 -42.25 5.64
CA ASN F 436 -24.09 -41.56 4.68
C ASN F 436 -24.64 -42.57 3.69
N VAL F 437 -25.96 -42.61 3.54
CA VAL F 437 -26.59 -43.34 2.45
C VAL F 437 -27.60 -42.40 1.83
N GLY F 438 -27.39 -42.05 0.57
CA GLY F 438 -28.16 -40.99 -0.03
C GLY F 438 -27.60 -40.63 -1.37
N GLN F 439 -27.82 -39.39 -1.77
CA GLN F 439 -27.30 -38.93 -3.03
C GLN F 439 -26.75 -37.52 -2.90
N ASP F 440 -25.76 -37.22 -3.72
CA ASP F 440 -25.04 -35.95 -3.69
C ASP F 440 -25.55 -35.09 -4.84
N VAL F 441 -26.23 -34.00 -4.51
CA VAL F 441 -26.96 -33.23 -5.51
C VAL F 441 -26.37 -31.84 -5.63
N PRO F 442 -26.37 -31.23 -6.80
CA PRO F 442 -25.94 -29.84 -6.93
C PRO F 442 -27.01 -28.87 -6.46
N VAL F 443 -26.58 -27.82 -5.77
CA VAL F 443 -27.47 -26.74 -5.34
C VAL F 443 -26.90 -25.42 -5.82
N LEU F 444 -27.78 -24.55 -6.30
CA LEU F 444 -27.37 -23.27 -6.86
C LEU F 444 -26.93 -22.32 -5.75
N SER F 445 -26.15 -21.32 -6.13
CA SER F 445 -25.70 -20.30 -5.19
C SER F 445 -25.26 -19.00 -5.87
N THR F 458 -22.90 -20.40 -10.72
CA THR F 458 -22.23 -20.94 -9.54
C THR F 458 -23.12 -21.94 -8.80
N VAL F 459 -22.60 -23.15 -8.57
CA VAL F 459 -23.33 -24.19 -7.88
C VAL F 459 -22.46 -24.74 -6.75
N GLU F 460 -23.04 -25.68 -6.01
CA GLU F 460 -22.40 -26.26 -4.85
C GLU F 460 -22.97 -27.66 -4.66
N ARG F 461 -22.18 -28.54 -4.06
CA ARG F 461 -22.56 -29.93 -3.92
C ARG F 461 -23.08 -30.18 -2.51
N LYS F 462 -24.19 -30.89 -2.39
CA LYS F 462 -24.82 -31.13 -1.11
C LYS F 462 -25.26 -32.58 -1.01
N THR F 463 -24.81 -33.28 0.02
CA THR F 463 -25.23 -34.65 0.24
C THR F 463 -26.56 -34.66 0.97
N VAL F 464 -27.52 -35.41 0.43
CA VAL F 464 -28.87 -35.46 0.97
C VAL F 464 -29.29 -36.92 1.03
N GLY F 465 -29.52 -37.42 2.24
CA GLY F 465 -29.92 -38.79 2.40
C GLY F 465 -30.00 -39.14 3.86
N THR F 466 -29.95 -40.42 4.17
CA THR F 466 -29.91 -40.87 5.56
C THR F 466 -28.49 -40.71 6.07
N LYS F 467 -28.32 -39.90 7.09
CA LYS F 467 -27.00 -39.56 7.60
C LYS F 467 -26.96 -39.79 9.10
N LEU F 468 -25.87 -40.37 9.58
CA LEU F 468 -25.66 -40.56 11.00
C LEU F 468 -24.23 -40.19 11.32
N LYS F 469 -24.03 -39.17 12.15
CA LYS F 469 -22.71 -38.71 12.54
C LYS F 469 -22.66 -38.69 14.05
N VAL F 470 -21.86 -39.56 14.64
CA VAL F 470 -21.87 -39.76 16.09
C VAL F 470 -20.44 -39.81 16.59
N THR F 471 -20.19 -39.16 17.73
CA THR F 471 -18.92 -39.27 18.45
C THR F 471 -19.17 -39.91 19.80
N PRO F 472 -18.83 -41.17 20.00
CA PRO F 472 -19.05 -41.81 21.29
C PRO F 472 -17.97 -41.46 22.30
N GLN F 473 -18.36 -41.49 23.56
CA GLN F 473 -17.46 -41.39 24.69
C GLN F 473 -17.90 -42.41 25.72
N VAL F 474 -17.06 -43.40 26.03
CA VAL F 474 -17.46 -44.47 26.93
C VAL F 474 -17.02 -44.08 28.33
N ASN F 475 -17.99 -43.76 29.18
CA ASN F 475 -17.66 -43.40 30.55
C ASN F 475 -18.63 -43.93 31.61
N GLU F 476 -18.16 -44.78 32.50
CA GLU F 476 -16.97 -45.58 32.30
C GLU F 476 -17.47 -46.96 32.64
N GLY F 477 -16.85 -48.01 32.13
CA GLY F 477 -17.59 -49.25 32.23
C GLY F 477 -18.80 -49.13 31.33
N ASP F 478 -19.99 -49.20 31.92
CA ASP F 478 -21.22 -49.09 31.16
C ASP F 478 -21.47 -47.64 30.74
N ALA F 479 -22.68 -47.40 30.24
CA ALA F 479 -23.12 -46.19 29.57
C ALA F 479 -22.24 -45.79 28.40
N VAL F 480 -22.28 -44.51 28.03
CA VAL F 480 -21.62 -43.88 26.89
C VAL F 480 -22.12 -42.45 26.85
N LEU F 481 -21.41 -41.58 26.16
CA LEU F 481 -21.90 -40.25 25.85
C LEU F 481 -21.91 -40.12 24.34
N LEU F 482 -23.10 -40.09 23.77
CA LEU F 482 -23.26 -40.03 22.33
C LEU F 482 -23.61 -38.60 21.94
N GLU F 483 -22.74 -37.97 21.18
CA GLU F 483 -23.10 -36.74 20.50
C GLU F 483 -23.61 -37.13 19.13
N ILE F 484 -24.92 -37.04 18.93
CA ILE F 484 -25.56 -37.50 17.71
C ILE F 484 -25.85 -36.29 16.86
N GLU F 485 -25.50 -36.36 15.58
CA GLU F 485 -26.04 -35.48 14.57
C GLU F 485 -26.52 -36.40 13.45
N GLN F 486 -27.84 -36.49 13.27
CA GLN F 486 -28.35 -37.33 12.21
C GLN F 486 -29.49 -36.63 11.52
N GLU F 487 -29.77 -37.07 10.30
CA GLU F 487 -30.94 -36.60 9.60
C GLU F 487 -31.34 -37.59 8.54
N VAL F 488 -32.60 -37.53 8.15
CA VAL F 488 -33.10 -38.24 6.99
C VAL F 488 -33.64 -37.18 6.06
N SER F 489 -32.96 -36.96 4.95
CA SER F 489 -33.34 -35.92 4.01
C SER F 489 -33.40 -36.49 2.62
N SER F 490 -34.20 -35.86 1.76
CA SER F 490 -34.40 -36.34 0.42
C SER F 490 -34.77 -35.18 -0.48
N VAL F 491 -34.44 -35.30 -1.77
CA VAL F 491 -34.82 -34.28 -2.73
C VAL F 491 -36.32 -34.33 -2.92
N ASP F 492 -36.95 -33.17 -2.98
CA ASP F 492 -38.39 -33.07 -3.19
C ASP F 492 -38.63 -32.96 -4.69
N SER F 493 -39.24 -34.01 -5.25
CA SER F 493 -39.45 -34.06 -6.69
C SER F 493 -40.41 -32.96 -7.14
N SER F 494 -41.54 -32.82 -6.45
CA SER F 494 -42.43 -31.72 -6.71
C SER F 494 -41.79 -30.41 -6.30
N SER F 495 -42.35 -29.31 -6.80
CA SER F 495 -41.94 -27.96 -6.41
C SER F 495 -40.48 -27.70 -6.76
N ASN F 496 -40.12 -28.00 -7.99
CA ASN F 496 -38.82 -27.57 -8.46
C ASN F 496 -38.89 -26.09 -8.84
N SER F 497 -37.73 -25.42 -8.77
CA SER F 497 -37.67 -24.00 -9.00
C SER F 497 -36.39 -23.65 -9.74
N THR F 498 -36.36 -22.43 -10.27
CA THR F 498 -35.16 -21.95 -10.93
C THR F 498 -34.06 -21.59 -9.92
N LEU F 499 -34.43 -21.40 -8.65
CA LEU F 499 -33.44 -21.10 -7.64
C LEU F 499 -32.70 -22.34 -7.17
N GLY F 500 -33.31 -23.50 -7.30
CA GLY F 500 -32.66 -24.74 -6.94
C GLY F 500 -33.64 -25.75 -6.43
N PRO F 501 -33.14 -26.92 -6.02
CA PRO F 501 -34.01 -27.93 -5.43
C PRO F 501 -34.33 -27.63 -3.97
N THR F 502 -35.48 -28.09 -3.53
CA THR F 502 -35.74 -28.16 -2.10
C THR F 502 -35.43 -29.56 -1.62
N PHE F 503 -35.48 -29.74 -0.30
CA PHE F 503 -35.18 -31.04 0.29
C PHE F 503 -36.09 -31.20 1.49
N ASN F 504 -36.60 -32.40 1.70
CA ASN F 504 -37.38 -32.69 2.89
C ASN F 504 -36.42 -33.22 3.94
N THR F 505 -36.18 -32.45 4.99
CA THR F 505 -35.18 -32.79 5.99
C THR F 505 -35.86 -33.04 7.32
N ARG F 506 -35.47 -34.13 7.98
CA ARG F 506 -35.80 -34.38 9.37
C ARG F 506 -34.48 -34.51 10.12
N THR F 507 -34.13 -33.52 10.92
CA THR F 507 -32.82 -33.42 11.52
C THR F 507 -32.94 -33.35 13.03
N ILE F 508 -32.09 -34.11 13.71
CA ILE F 508 -32.03 -34.07 15.17
C ILE F 508 -30.56 -34.15 15.57
N GLN F 509 -30.11 -33.19 16.38
CA GLN F 509 -28.75 -33.21 16.88
C GLN F 509 -28.78 -32.90 18.37
N ASN F 510 -28.25 -33.82 19.17
CA ASN F 510 -28.23 -33.66 20.61
C ASN F 510 -27.14 -34.55 21.16
N ALA F 511 -26.74 -34.27 22.39
CA ALA F 511 -25.87 -35.16 23.14
C ALA F 511 -26.72 -35.87 24.18
N VAL F 512 -26.48 -37.16 24.36
CA VAL F 512 -27.25 -37.95 25.30
C VAL F 512 -26.33 -38.99 25.89
N LEU F 513 -26.66 -39.46 27.08
CA LEU F 513 -25.87 -40.44 27.81
C LEU F 513 -26.75 -41.67 28.05
N VAL F 514 -26.40 -42.78 27.42
CA VAL F 514 -27.26 -43.95 27.35
C VAL F 514 -26.49 -45.13 27.93
N LYS F 515 -27.18 -46.00 28.66
CA LYS F 515 -26.53 -47.19 29.16
C LYS F 515 -26.23 -48.16 28.00
N THR F 516 -25.30 -49.07 28.24
CA THR F 516 -24.66 -49.80 27.15
C THR F 516 -25.61 -50.71 26.39
N GLY F 517 -26.69 -51.16 27.00
CA GLY F 517 -27.55 -52.08 26.27
C GLY F 517 -28.89 -51.53 25.86
N GLU F 518 -29.17 -50.29 26.24
CA GLU F 518 -30.54 -49.80 26.31
C GLU F 518 -30.93 -49.02 25.07
N THR F 519 -32.19 -49.17 24.67
CA THR F 519 -32.79 -48.38 23.60
C THR F 519 -33.54 -47.22 24.23
N VAL F 520 -33.21 -46.01 23.81
CA VAL F 520 -33.79 -44.81 24.41
C VAL F 520 -34.19 -43.85 23.30
N VAL F 521 -35.11 -42.96 23.61
CA VAL F 521 -35.68 -42.06 22.62
C VAL F 521 -34.85 -40.78 22.55
N LEU F 522 -34.41 -40.43 21.34
CA LEU F 522 -33.71 -39.17 21.15
C LEU F 522 -34.66 -38.01 20.99
N GLY F 523 -35.79 -38.24 20.36
CA GLY F 523 -36.71 -37.15 20.10
C GLY F 523 -37.94 -37.65 19.39
N GLY F 524 -38.67 -36.74 18.79
CA GLY F 524 -39.86 -37.13 18.06
C GLY F 524 -40.72 -35.93 17.78
N LEU F 525 -41.66 -36.13 16.88
CA LEU F 525 -42.63 -35.13 16.52
C LEU F 525 -43.98 -35.81 16.30
N LEU F 526 -45.00 -35.33 16.97
CA LEU F 526 -46.37 -35.76 16.71
C LEU F 526 -47.09 -34.55 16.16
N ASP F 527 -47.39 -34.56 14.88
CA ASP F 527 -47.96 -33.42 14.18
C ASP F 527 -49.31 -33.84 13.63
N ASP F 528 -50.33 -33.06 13.89
CA ASP F 528 -51.69 -33.41 13.52
C ASP F 528 -52.42 -32.17 13.05
N PHE F 529 -53.17 -32.31 11.96
CA PHE F 529 -53.71 -31.19 11.23
C PHE F 529 -55.08 -31.55 10.69
N SER F 530 -56.05 -30.65 10.83
CA SER F 530 -57.38 -30.86 10.28
C SER F 530 -57.89 -29.56 9.70
N LYS F 531 -58.29 -29.60 8.44
CA LYS F 531 -58.78 -28.44 7.72
C LYS F 531 -60.23 -28.68 7.34
N GLU F 532 -60.97 -27.60 7.13
CA GLU F 532 -62.33 -27.70 6.65
C GLU F 532 -62.67 -26.44 5.89
N GLN F 533 -63.51 -26.59 4.88
CA GLN F 533 -64.06 -25.45 4.16
C GLN F 533 -65.44 -25.84 3.68
N VAL F 534 -66.38 -24.92 3.78
CA VAL F 534 -67.68 -25.09 3.15
C VAL F 534 -68.02 -23.82 2.41
N SER F 535 -68.70 -23.98 1.27
CA SER F 535 -69.29 -22.87 0.54
C SER F 535 -70.76 -23.19 0.40
N LYS F 536 -71.61 -22.39 1.01
CA LYS F 536 -73.02 -22.74 1.11
C LYS F 536 -73.90 -21.56 0.74
N VAL F 537 -75.18 -21.85 0.58
CA VAL F 537 -76.21 -20.82 0.47
C VAL F 537 -76.63 -20.42 1.88
N PRO F 538 -76.65 -19.12 2.21
CA PRO F 538 -76.52 -18.72 3.62
C PRO F 538 -77.55 -19.31 4.57
N LEU F 539 -78.85 -19.20 4.27
CA LEU F 539 -79.83 -19.79 5.17
C LEU F 539 -80.04 -21.26 4.89
N LEU F 540 -80.12 -21.63 3.62
CA LEU F 540 -80.47 -22.99 3.27
C LEU F 540 -79.39 -23.98 3.68
N GLY F 541 -78.13 -23.58 3.59
CA GLY F 541 -77.03 -24.47 3.92
C GLY F 541 -76.94 -24.87 5.37
N ASP F 542 -77.68 -24.21 6.26
CA ASP F 542 -77.65 -24.51 7.67
C ASP F 542 -78.80 -25.41 8.13
N ILE F 543 -79.71 -25.76 7.24
CA ILE F 543 -80.76 -26.72 7.60
C ILE F 543 -80.11 -28.04 8.00
N PRO F 544 -80.47 -28.63 9.14
CA PRO F 544 -79.59 -29.66 9.74
C PRO F 544 -79.24 -30.82 8.82
N LEU F 545 -80.20 -31.38 8.10
CA LEU F 545 -79.93 -32.51 7.21
C LEU F 545 -79.95 -32.08 5.75
N VAL F 546 -81.09 -31.56 5.29
CA VAL F 546 -81.25 -31.12 3.90
C VAL F 546 -80.16 -30.12 3.52
N GLY F 547 -79.63 -29.37 4.47
CA GLY F 547 -78.68 -28.31 4.18
C GLY F 547 -77.43 -28.77 3.43
N GLN F 548 -77.12 -30.06 3.47
CA GLN F 548 -75.96 -30.54 2.73
C GLN F 548 -76.16 -30.49 1.23
N LEU F 549 -77.39 -30.28 0.76
CA LEU F 549 -77.61 -30.15 -0.67
C LEU F 549 -77.11 -28.81 -1.18
N PHE F 550 -77.18 -27.78 -0.37
CA PHE F 550 -76.77 -26.45 -0.80
C PHE F 550 -75.29 -26.19 -0.65
N ARG F 551 -74.65 -26.77 0.37
CA ARG F 551 -73.24 -26.51 0.63
C ARG F 551 -72.31 -27.39 -0.19
N TYR F 552 -71.10 -26.90 -0.40
CA TYR F 552 -69.97 -27.66 -0.90
C TYR F 552 -68.91 -27.76 0.19
N THR F 553 -68.71 -28.96 0.72
CA THR F 553 -67.76 -29.19 1.80
C THR F 553 -66.48 -29.78 1.25
N SER F 554 -65.34 -29.29 1.72
CA SER F 554 -64.06 -29.93 1.43
C SER F 554 -63.30 -30.06 2.73
N THR F 555 -63.04 -31.28 3.15
CA THR F 555 -62.43 -31.58 4.43
C THR F 555 -61.06 -32.21 4.18
N GLU F 556 -60.17 -32.07 5.17
CA GLU F 556 -58.86 -32.65 5.07
C GLU F 556 -58.36 -32.96 6.47
N ARG F 557 -57.45 -33.92 6.56
CA ARG F 557 -56.83 -34.29 7.82
C ARG F 557 -55.45 -34.83 7.51
N ALA F 558 -54.55 -34.73 8.48
CA ALA F 558 -53.21 -35.27 8.33
C ALA F 558 -52.69 -35.65 9.71
N LYS F 559 -51.78 -36.61 9.73
CA LYS F 559 -51.10 -37.01 10.94
C LYS F 559 -49.67 -37.38 10.59
N ARG F 560 -48.74 -36.99 11.44
CA ARG F 560 -47.35 -37.43 11.33
C ARG F 560 -46.88 -37.78 12.72
N ASN F 561 -46.48 -39.03 12.93
CA ASN F 561 -45.92 -39.45 14.20
C ASN F 561 -44.51 -39.94 13.95
N LEU F 562 -43.52 -39.18 14.41
CA LEU F 562 -42.12 -39.48 14.20
C LEU F 562 -41.46 -39.76 15.54
N MET F 563 -40.64 -40.80 15.59
CA MET F 563 -39.86 -41.15 16.76
C MET F 563 -38.46 -41.50 16.33
N VAL F 564 -37.48 -41.11 17.13
CA VAL F 564 -36.08 -41.43 16.88
C VAL F 564 -35.52 -42.09 18.12
N PHE F 565 -34.97 -43.28 17.97
CA PHE F 565 -34.39 -44.03 19.07
C PHE F 565 -32.92 -44.26 18.80
N ILE F 566 -32.17 -44.53 19.86
CA ILE F 566 -30.75 -44.81 19.72
C ILE F 566 -30.41 -45.95 20.67
N ARG F 567 -29.77 -46.99 20.17
CA ARG F 567 -29.25 -48.05 21.02
C ARG F 567 -27.75 -48.16 20.88
N PRO F 568 -26.97 -47.73 21.85
CA PRO F 568 -25.53 -48.01 21.84
C PRO F 568 -25.25 -49.41 22.35
N THR F 569 -24.10 -49.93 21.95
CA THR F 569 -23.58 -51.18 22.50
C THR F 569 -22.07 -51.06 22.56
N ILE F 570 -21.48 -51.41 23.69
CA ILE F 570 -20.04 -51.29 23.88
C ILE F 570 -19.37 -52.61 23.56
N ILE F 571 -18.32 -52.56 22.75
CA ILE F 571 -17.49 -53.71 22.48
C ILE F 571 -16.23 -53.57 23.31
N ARG F 572 -16.11 -54.38 24.35
CA ARG F 572 -14.91 -54.37 25.18
C ARG F 572 -13.81 -55.22 24.57
N ASP F 573 -14.15 -56.39 24.03
CA ASP F 573 -13.16 -57.34 23.55
C ASP F 573 -13.62 -57.90 22.22
N ASP F 574 -12.71 -58.63 21.56
CA ASP F 574 -13.02 -59.21 20.26
C ASP F 574 -14.17 -60.20 20.35
N ASP F 575 -14.18 -61.03 21.38
CA ASP F 575 -15.13 -62.16 21.41
C ASP F 575 -16.58 -61.69 21.41
N VAL F 576 -16.87 -60.52 21.97
CA VAL F 576 -18.23 -60.01 21.91
C VAL F 576 -18.50 -59.36 20.57
N TYR F 577 -17.45 -58.98 19.83
CA TYR F 577 -17.62 -58.31 18.56
C TYR F 577 -17.63 -59.27 17.39
N ARG F 578 -17.28 -60.54 17.60
CA ARG F 578 -17.70 -61.58 16.66
C ARG F 578 -19.18 -61.85 16.78
N SER F 579 -19.64 -62.15 18.00
CA SER F 579 -21.04 -62.52 18.20
C SER F 579 -21.96 -61.39 17.76
N LEU F 580 -21.55 -60.15 17.97
CA LEU F 580 -22.31 -59.02 17.48
C LEU F 580 -22.28 -58.96 15.96
N SER F 581 -21.13 -59.26 15.36
CA SER F 581 -21.02 -59.29 13.91
C SER F 581 -21.58 -60.58 13.33
N LYS F 582 -21.46 -61.68 14.05
CA LYS F 582 -21.96 -62.95 13.56
C LYS F 582 -23.48 -62.97 13.47
N GLU F 583 -24.17 -62.26 14.37
CA GLU F 583 -25.62 -62.29 14.31
C GLU F 583 -26.16 -61.36 13.25
N LYS F 584 -25.41 -60.32 12.88
CA LYS F 584 -25.82 -59.52 11.73
C LYS F 584 -25.42 -60.20 10.43
N TYR F 585 -24.27 -60.88 10.43
CA TYR F 585 -23.82 -61.60 9.25
C TYR F 585 -24.76 -62.75 8.93
N THR F 586 -25.25 -63.44 9.98
CA THR F 586 -26.14 -64.57 9.79
C THR F 586 -27.58 -64.13 9.53
N ARG F 587 -28.07 -63.14 10.29
CA ARG F 587 -29.42 -62.66 10.05
C ARG F 587 -29.55 -62.08 8.65
N TYR F 588 -28.48 -61.53 8.11
CA TYR F 588 -28.52 -61.07 6.73
C TYR F 588 -28.38 -62.24 5.76
N ARG F 589 -27.54 -63.22 6.10
CA ARG F 589 -27.38 -64.39 5.25
C ARG F 589 -28.65 -65.23 5.23
N GLN F 590 -29.24 -65.47 6.40
CA GLN F 590 -30.49 -66.21 6.45
C GLN F 590 -31.63 -65.46 5.80
N GLU F 591 -31.51 -64.14 5.63
CA GLU F 591 -32.52 -63.41 4.89
C GLU F 591 -32.34 -63.57 3.39
N GLN F 592 -31.08 -63.60 2.92
CA GLN F 592 -30.83 -63.89 1.52
C GLN F 592 -31.27 -65.31 1.16
N GLN F 593 -30.96 -66.28 2.03
CA GLN F 593 -31.38 -67.65 1.75
C GLN F 593 -32.90 -67.79 1.77
N GLN F 594 -33.58 -66.95 2.55
CA GLN F 594 -35.04 -66.98 2.53
C GLN F 594 -35.57 -66.40 1.22
N ARG F 595 -34.89 -65.40 0.68
CA ARG F 595 -35.32 -64.81 -0.58
C ARG F 595 -35.06 -65.73 -1.76
N ILE F 596 -34.03 -66.58 -1.66
CA ILE F 596 -33.79 -67.56 -2.71
C ILE F 596 -34.87 -68.63 -2.70
N ASP F 597 -35.31 -69.04 -1.51
CA ASP F 597 -36.40 -70.00 -1.42
C ASP F 597 -37.77 -69.35 -1.60
N GLY F 598 -37.86 -68.04 -1.41
CA GLY F 598 -39.14 -67.37 -1.58
C GLY F 598 -39.55 -67.20 -3.02
N LYS F 599 -38.60 -67.18 -3.94
CA LYS F 599 -38.95 -67.14 -5.35
C LYS F 599 -39.43 -68.50 -5.82
N SER F 600 -40.48 -68.51 -6.63
CA SER F 600 -41.09 -69.75 -7.09
C SER F 600 -40.60 -70.09 -8.48
N LYS F 601 -40.29 -71.37 -8.69
CA LYS F 601 -40.01 -71.86 -10.02
C LYS F 601 -41.28 -71.82 -10.87
N ALA F 602 -41.09 -71.89 -12.17
CA ALA F 602 -42.10 -71.79 -13.22
C ALA F 602 -42.44 -70.35 -13.52
N LEU F 603 -41.85 -69.39 -12.81
CA LEU F 603 -41.85 -67.99 -13.22
C LEU F 603 -40.41 -67.53 -13.41
N VAL F 604 -40.18 -66.72 -14.44
CA VAL F 604 -38.83 -66.21 -14.69
C VAL F 604 -38.47 -65.21 -13.61
N GLY F 605 -37.26 -65.36 -13.06
CA GLY F 605 -36.78 -64.45 -12.04
C GLY F 605 -35.28 -64.31 -12.11
N SER F 606 -34.77 -63.35 -11.35
CA SER F 606 -33.34 -63.11 -11.34
C SER F 606 -32.60 -64.28 -10.70
N GLU F 607 -31.46 -64.62 -11.28
CA GLU F 607 -30.60 -65.63 -10.66
C GLU F 607 -29.90 -65.03 -9.46
N ASP F 608 -29.88 -65.79 -8.36
CA ASP F 608 -29.42 -65.26 -7.09
C ASP F 608 -27.91 -65.05 -7.10
N LEU F 609 -27.46 -64.17 -6.22
CA LEU F 609 -26.03 -64.03 -5.98
C LEU F 609 -25.56 -65.20 -5.11
N PRO F 610 -24.24 -65.42 -5.05
CA PRO F 610 -23.73 -66.27 -3.98
C PRO F 610 -23.97 -65.59 -2.64
N VAL F 611 -24.49 -66.36 -1.68
CA VAL F 611 -24.93 -65.80 -0.42
C VAL F 611 -23.78 -65.88 0.58
N LEU F 612 -23.16 -64.73 0.83
CA LEU F 612 -22.07 -64.55 1.78
C LEU F 612 -21.08 -65.70 1.73
N ASP F 613 -20.68 -66.20 2.90
CA ASP F 613 -19.82 -67.37 3.02
C ASP F 613 -20.26 -68.16 4.25
N GLU F 614 -20.33 -69.48 4.10
CA GLU F 614 -20.73 -70.33 5.20
C GLU F 614 -19.62 -70.55 6.22
N ASN F 615 -18.38 -70.69 5.76
CA ASN F 615 -17.27 -71.01 6.65
C ASN F 615 -16.87 -69.84 7.54
N THR F 616 -17.29 -68.62 7.21
CA THR F 616 -16.96 -67.48 8.06
C THR F 616 -17.58 -67.66 9.44
N PHE F 617 -16.87 -67.24 10.47
CA PHE F 617 -17.25 -67.43 11.86
C PHE F 617 -17.31 -68.91 12.21
N GLY G 99 104.45 -25.96 38.03
CA GLY G 99 104.50 -25.91 39.48
C GLY G 99 104.33 -24.51 40.06
N ASP G 100 105.42 -23.77 40.07
CA ASP G 100 105.42 -22.40 40.58
C ASP G 100 105.21 -21.37 39.47
N GLU G 101 104.93 -21.82 38.24
CA GLU G 101 104.97 -20.92 37.10
C GLU G 101 103.74 -20.00 37.11
N LEU G 102 104.00 -18.69 37.19
CA LEU G 102 102.93 -17.71 37.36
C LEU G 102 102.50 -17.22 35.98
N VAL G 103 101.29 -17.59 35.59
CA VAL G 103 100.74 -17.20 34.29
C VAL G 103 99.27 -16.85 34.47
N THR G 104 98.78 -16.03 33.55
CA THR G 104 97.37 -15.68 33.50
C THR G 104 96.67 -16.48 32.40
N ARG G 105 95.57 -17.09 32.78
CA ARG G 105 94.79 -17.93 31.86
C ARG G 105 93.34 -17.77 32.24
N ILE G 106 92.49 -17.81 31.21
CA ILE G 106 91.16 -17.20 31.27
C ILE G 106 90.13 -18.18 30.73
N VAL G 107 89.20 -18.61 31.58
CA VAL G 107 88.09 -19.48 31.20
C VAL G 107 86.76 -18.78 31.50
N PRO G 108 85.87 -18.61 30.52
CA PRO G 108 84.52 -18.14 30.82
C PRO G 108 83.67 -19.22 31.46
N LEU G 109 82.67 -18.79 32.23
CA LEU G 109 81.49 -19.59 32.54
C LEU G 109 80.36 -19.09 31.64
N GLU G 110 80.05 -19.85 30.59
CA GLU G 110 79.04 -19.34 29.65
C GLU G 110 77.64 -19.60 30.17
N ASN G 111 77.42 -20.79 30.71
CA ASN G 111 76.12 -21.20 31.23
C ASN G 111 75.57 -20.24 32.27
N VAL G 112 76.42 -19.78 33.19
CA VAL G 112 76.01 -18.97 34.33
C VAL G 112 76.80 -17.66 34.27
N PRO G 113 76.34 -16.57 34.88
CA PRO G 113 77.29 -15.46 35.14
C PRO G 113 78.33 -15.89 36.17
N ALA G 114 79.60 -15.65 35.84
CA ALA G 114 80.71 -16.19 36.61
C ALA G 114 80.81 -15.60 38.01
N ARG G 115 79.98 -14.60 38.32
CA ARG G 115 80.06 -13.90 39.61
C ARG G 115 80.11 -14.85 40.78
N ASP G 116 79.37 -15.96 40.71
CA ASP G 116 79.23 -16.93 41.80
C ASP G 116 80.55 -17.60 42.19
N LEU G 117 81.62 -17.47 41.41
CA LEU G 117 82.89 -18.02 41.85
C LEU G 117 83.81 -17.01 42.50
N ALA G 118 83.36 -15.77 42.69
CA ALA G 118 84.23 -14.76 43.32
C ALA G 118 84.62 -15.12 44.74
N PRO G 119 83.73 -15.53 45.64
CA PRO G 119 84.22 -16.05 46.93
C PRO G 119 85.02 -17.33 46.79
N LEU G 120 84.68 -18.18 45.82
CA LEU G 120 85.38 -19.45 45.69
C LEU G 120 86.80 -19.25 45.20
N LEU G 121 86.97 -18.49 44.10
CA LEU G 121 88.25 -18.44 43.41
C LEU G 121 89.23 -17.45 44.04
N ARG G 122 88.76 -16.28 44.47
CA ARG G 122 89.62 -15.46 45.31
C ARG G 122 89.74 -16.05 46.70
N GLN G 123 88.84 -16.98 47.06
CA GLN G 123 89.14 -17.86 48.17
C GLN G 123 90.30 -18.78 47.84
N MET G 124 90.47 -19.14 46.56
CA MET G 124 91.61 -19.97 46.18
C MET G 124 92.89 -19.16 46.04
N MET G 125 92.79 -17.87 45.71
CA MET G 125 93.85 -16.94 46.10
C MET G 125 94.13 -17.06 47.59
N ASP G 126 93.09 -16.94 48.39
CA ASP G 126 93.13 -17.01 49.83
C ASP G 126 93.41 -18.44 50.33
N ALA G 127 93.50 -19.42 49.43
CA ALA G 127 93.86 -20.77 49.84
C ALA G 127 95.35 -20.92 50.12
N GLY G 128 96.21 -20.31 49.31
CA GLY G 128 97.64 -20.58 49.43
C GLY G 128 98.44 -19.35 49.03
N SER G 129 99.76 -19.50 49.11
CA SER G 129 100.66 -18.36 49.02
C SER G 129 100.39 -17.55 47.75
N VAL G 130 100.26 -16.23 47.94
CA VAL G 130 99.53 -15.36 47.02
C VAL G 130 100.45 -14.98 45.88
N GLY G 131 100.06 -13.95 45.10
CA GLY G 131 100.46 -13.81 43.73
C GLY G 131 99.36 -14.11 42.74
N ASN G 132 98.11 -14.14 43.22
CA ASN G 132 96.96 -14.55 42.42
C ASN G 132 96.08 -13.35 42.11
N VAL G 133 95.40 -13.45 40.97
CA VAL G 133 94.31 -12.54 40.59
C VAL G 133 93.17 -13.36 40.00
N VAL G 134 91.95 -13.04 40.41
CA VAL G 134 90.75 -13.56 39.77
C VAL G 134 89.91 -12.34 39.46
N HIS G 135 89.29 -12.31 38.27
CA HIS G 135 88.58 -11.13 37.83
C HIS G 135 87.55 -11.53 36.77
N TYR G 136 86.61 -10.63 36.50
CA TYR G 136 85.32 -10.98 35.91
C TYR G 136 84.93 -9.98 34.84
N GLU G 137 84.69 -10.48 33.59
CA GLU G 137 84.14 -9.49 32.68
C GLU G 137 82.61 -9.53 32.67
N PRO G 138 81.96 -8.44 32.24
CA PRO G 138 80.51 -8.47 32.00
C PRO G 138 80.14 -9.57 31.03
N SER G 139 81.00 -9.74 30.02
CA SER G 139 80.86 -10.76 28.99
C SER G 139 80.97 -12.16 29.60
N ASN G 140 81.23 -12.22 30.91
CA ASN G 140 81.17 -13.45 31.69
C ASN G 140 82.31 -14.41 31.32
N VAL G 141 83.47 -13.86 30.99
CA VAL G 141 84.72 -14.61 30.97
C VAL G 141 85.40 -14.38 32.31
N LEU G 142 86.04 -15.43 32.81
CA LEU G 142 86.64 -15.40 34.13
C LEU G 142 88.16 -15.47 33.97
N ILE G 143 88.83 -14.37 34.29
CA ILE G 143 90.24 -14.21 33.97
C ILE G 143 91.09 -14.43 35.22
N LEU G 144 92.15 -15.24 35.07
CA LEU G 144 92.96 -15.65 36.20
C LEU G 144 94.42 -15.30 36.01
N THR G 145 95.11 -15.18 37.13
CA THR G 145 96.55 -15.04 37.21
C THR G 145 97.02 -15.85 38.42
N GLY G 146 98.05 -16.68 38.22
CA GLY G 146 98.61 -17.37 39.37
C GLY G 146 99.61 -18.44 38.98
N ARG G 147 100.25 -19.00 40.00
CA ARG G 147 101.19 -20.07 39.81
C ARG G 147 100.47 -21.35 39.37
N ALA G 148 101.25 -22.29 38.82
CA ALA G 148 100.71 -23.37 37.99
C ALA G 148 99.72 -24.26 38.74
N SER G 149 99.96 -24.55 40.02
CA SER G 149 99.05 -25.44 40.73
C SER G 149 97.77 -24.73 41.15
N THR G 150 97.91 -23.58 41.83
CA THR G 150 96.75 -22.80 42.23
C THR G 150 95.84 -22.55 41.05
N ILE G 151 96.43 -22.31 39.87
CA ILE G 151 95.59 -22.15 38.70
C ILE G 151 95.10 -23.49 38.18
N ASN G 152 95.85 -24.58 38.39
CA ASN G 152 95.30 -25.90 38.03
C ASN G 152 93.93 -26.08 38.63
N LYS G 153 93.83 -25.93 39.95
CA LYS G 153 92.55 -26.22 40.59
C LYS G 153 91.62 -25.01 40.57
N LEU G 154 92.13 -23.81 40.28
CA LEU G 154 91.25 -22.69 39.94
C LEU G 154 90.51 -22.91 38.63
N ILE G 155 91.25 -23.10 37.53
CA ILE G 155 90.61 -23.34 36.25
C ILE G 155 89.80 -24.62 36.29
N GLU G 156 90.22 -25.60 37.11
CA GLU G 156 89.33 -26.70 37.46
C GLU G 156 88.00 -26.18 37.95
N VAL G 157 88.01 -25.29 38.94
CA VAL G 157 86.74 -24.78 39.44
C VAL G 157 85.94 -24.16 38.29
N ILE G 158 86.62 -23.50 37.37
CA ILE G 158 85.91 -22.65 36.42
C ILE G 158 85.24 -23.47 35.32
N LYS G 159 85.98 -24.35 34.64
CA LYS G 159 85.30 -25.22 33.69
C LYS G 159 84.27 -26.08 34.41
N ARG G 160 84.60 -26.52 35.63
CA ARG G 160 83.63 -27.20 36.47
C ARG G 160 82.32 -26.43 36.49
N VAL G 161 82.30 -25.26 37.12
CA VAL G 161 81.06 -24.51 37.29
C VAL G 161 80.41 -24.19 35.95
N ASP G 162 81.20 -24.17 34.87
CA ASP G 162 80.62 -24.11 33.53
C ASP G 162 79.71 -25.30 33.26
N VAL G 163 80.30 -26.49 33.13
CA VAL G 163 79.53 -27.62 32.61
C VAL G 163 78.67 -28.24 33.71
N ILE G 164 78.85 -27.79 34.95
CA ILE G 164 77.93 -28.17 36.02
C ILE G 164 76.91 -27.05 36.23
N GLY G 165 77.11 -25.94 35.54
CA GLY G 165 76.04 -24.97 35.40
C GLY G 165 75.34 -25.13 34.07
N THR G 166 75.58 -26.24 33.38
CA THR G 166 74.96 -26.50 32.09
C THR G 166 73.44 -26.37 32.10
N GLU G 167 72.93 -25.53 31.21
CA GLU G 167 71.64 -25.75 30.57
C GLU G 167 71.73 -25.25 29.13
N LYS G 168 71.41 -26.14 28.20
CA LYS G 168 71.80 -26.00 26.80
C LYS G 168 70.69 -26.48 25.89
N GLN G 169 70.73 -26.03 24.64
CA GLN G 169 69.56 -25.99 23.77
C GLN G 169 69.44 -27.25 22.93
N GLN G 170 68.19 -27.66 22.67
CA GLN G 170 67.95 -28.65 21.64
C GLN G 170 66.54 -28.46 21.11
N ILE G 171 66.36 -28.69 19.82
CA ILE G 171 65.00 -28.65 19.27
C ILE G 171 64.78 -29.97 18.55
N ILE G 172 63.60 -30.53 18.77
CA ILE G 172 63.34 -31.93 18.48
C ILE G 172 62.05 -32.03 17.66
N HIS G 173 61.92 -33.10 16.89
CA HIS G 173 60.75 -33.33 16.06
C HIS G 173 59.54 -33.68 16.93
N LEU G 174 58.35 -33.49 16.37
CA LEU G 174 57.13 -34.14 16.83
C LEU G 174 56.60 -35.00 15.69
N GLU G 175 56.48 -36.30 15.94
CA GLU G 175 56.21 -37.27 14.88
C GLU G 175 54.81 -37.13 14.29
N TYR G 176 53.77 -37.25 15.11
CA TYR G 176 52.38 -37.23 14.66
C TYR G 176 51.57 -36.17 15.40
N ALA G 177 51.48 -36.34 16.71
CA ALA G 177 50.61 -35.54 17.54
C ALA G 177 50.82 -34.05 17.31
N SER G 178 49.71 -33.31 17.27
CA SER G 178 49.74 -31.88 17.08
C SER G 178 50.55 -31.19 18.18
N ALA G 179 51.22 -30.11 17.78
CA ALA G 179 52.22 -29.49 18.65
C ALA G 179 51.56 -28.77 19.81
N GLU G 180 50.54 -27.96 19.52
CA GLU G 180 49.80 -27.25 20.55
C GLU G 180 49.42 -28.14 21.72
N ASP G 181 49.03 -29.39 21.48
CA ASP G 181 48.65 -30.26 22.57
C ASP G 181 49.81 -30.48 23.52
N LEU G 182 50.80 -31.25 23.04
CA LEU G 182 51.95 -31.59 23.87
C LEU G 182 52.53 -30.34 24.53
N ALA G 183 52.48 -29.21 23.83
CA ALA G 183 52.58 -27.95 24.52
C ALA G 183 51.67 -27.94 25.74
N GLU G 184 50.35 -27.95 25.50
CA GLU G 184 49.41 -27.65 26.58
C GLU G 184 49.73 -28.49 27.81
N ILE G 185 50.04 -29.77 27.61
CA ILE G 185 50.34 -30.60 28.76
C ILE G 185 51.62 -30.12 29.42
N LEU G 186 52.72 -30.06 28.66
CA LEU G 186 54.01 -29.96 29.32
C LEU G 186 54.24 -28.56 29.89
N ASN G 187 53.70 -27.54 29.21
CA ASN G 187 53.78 -26.18 29.70
C ASN G 187 53.41 -26.12 31.16
N GLN G 188 52.15 -26.40 31.43
CA GLN G 188 51.51 -26.31 32.73
C GLN G 188 51.99 -27.37 33.70
N LEU G 189 52.86 -28.27 33.26
CA LEU G 189 53.61 -29.14 34.18
C LEU G 189 54.79 -28.36 34.74
N ILE G 190 54.80 -28.18 36.05
CA ILE G 190 55.92 -27.56 36.73
C ILE G 190 56.07 -28.22 38.10
N LYS G 206 62.48 -23.79 28.18
CA LYS G 206 61.05 -23.62 27.99
C LYS G 206 60.50 -24.67 27.04
N ILE G 207 59.27 -24.51 26.58
CA ILE G 207 58.60 -25.48 25.73
C ILE G 207 58.02 -24.75 24.53
N VAL G 208 58.46 -25.14 23.33
CA VAL G 208 58.00 -24.48 22.11
C VAL G 208 57.38 -25.52 21.18
N ALA G 209 56.32 -25.11 20.48
CA ALA G 209 55.61 -25.97 19.54
C ALA G 209 55.84 -25.50 18.11
N ASP G 210 55.75 -26.44 17.17
CA ASP G 210 55.63 -26.13 15.74
C ASP G 210 54.56 -27.03 15.13
N LYS G 211 53.53 -26.42 14.56
CA LYS G 211 52.60 -27.16 13.72
C LYS G 211 53.12 -27.34 12.30
N ARG G 212 53.73 -26.29 11.72
CA ARG G 212 54.10 -26.35 10.31
C ARG G 212 55.06 -27.51 10.05
N THR G 213 56.18 -27.55 10.75
CA THR G 213 57.00 -28.76 10.72
C THR G 213 56.79 -29.66 11.93
N ASN G 214 55.94 -29.26 12.88
CA ASN G 214 55.54 -30.13 13.98
C ASN G 214 56.73 -30.55 14.84
N SER G 215 57.25 -29.61 15.62
CA SER G 215 58.43 -29.87 16.45
C SER G 215 58.16 -29.50 17.90
N LEU G 216 58.62 -30.34 18.81
CA LEU G 216 58.76 -29.93 20.20
C LEU G 216 60.17 -29.45 20.47
N ILE G 217 60.27 -28.23 20.99
CA ILE G 217 61.53 -27.53 21.16
C ILE G 217 61.76 -27.33 22.64
N ILE G 218 62.99 -27.57 23.10
CA ILE G 218 63.21 -27.71 24.53
C ILE G 218 64.58 -27.20 24.94
N SER G 219 64.60 -26.55 26.10
CA SER G 219 65.79 -26.03 26.74
C SER G 219 65.99 -26.68 28.11
N GLY G 220 67.22 -26.61 28.57
CA GLY G 220 67.58 -27.05 29.90
C GLY G 220 68.97 -27.62 29.89
N PRO G 221 69.38 -28.24 30.99
CA PRO G 221 70.63 -29.02 30.97
C PRO G 221 70.49 -30.25 30.07
N GLU G 222 71.53 -31.10 30.10
CA GLU G 222 71.35 -32.41 29.50
C GLU G 222 70.37 -33.23 30.30
N LYS G 223 70.25 -32.95 31.59
CA LYS G 223 69.25 -33.65 32.40
C LYS G 223 67.84 -33.16 32.10
N ALA G 224 67.71 -31.91 31.66
CA ALA G 224 66.42 -31.51 31.10
C ALA G 224 66.18 -32.17 29.76
N ARG G 225 67.24 -32.26 28.94
CA ARG G 225 67.16 -33.04 27.72
C ARG G 225 66.57 -34.41 28.02
N GLN G 226 67.16 -35.15 28.96
CA GLN G 226 66.76 -36.53 29.19
C GLN G 226 65.37 -36.61 29.81
N ARG G 227 65.10 -35.80 30.83
CA ARG G 227 63.82 -35.91 31.52
C ARG G 227 62.66 -35.65 30.56
N ILE G 228 62.81 -34.65 29.70
CA ILE G 228 61.67 -34.34 28.84
C ILE G 228 61.74 -35.15 27.55
N THR G 229 62.87 -35.80 27.26
CA THR G 229 62.83 -36.84 26.23
C THR G 229 62.09 -38.06 26.74
N SER G 230 62.04 -38.22 28.06
CA SER G 230 61.27 -39.32 28.63
C SER G 230 59.80 -38.97 28.70
N LEU G 231 59.48 -37.69 28.93
CA LEU G 231 58.10 -37.28 28.71
C LEU G 231 57.70 -37.47 27.25
N LEU G 232 58.56 -37.06 26.32
CA LEU G 232 58.27 -37.33 24.93
C LEU G 232 58.01 -38.81 24.70
N LYS G 233 58.96 -39.66 25.08
CA LYS G 233 58.78 -41.08 24.85
C LYS G 233 57.49 -41.58 25.49
N SER G 234 57.07 -40.95 26.58
CA SER G 234 55.73 -41.18 27.08
C SER G 234 54.71 -40.97 25.97
N LEU G 235 54.51 -39.74 25.51
CA LEU G 235 53.66 -39.57 24.33
C LEU G 235 54.47 -39.09 23.14
N ASP G 236 54.89 -40.05 22.31
CA ASP G 236 55.10 -39.85 20.90
C ASP G 236 54.01 -40.50 20.07
N VAL G 237 53.08 -41.21 20.71
CA VAL G 237 52.22 -42.14 19.99
C VAL G 237 51.01 -41.42 19.41
N GLU G 238 50.67 -41.78 18.18
CA GLU G 238 49.45 -41.24 17.58
C GLU G 238 48.29 -42.09 18.06
N GLU G 239 47.28 -41.44 18.62
CA GLU G 239 46.13 -42.12 19.16
C GLU G 239 45.36 -42.83 18.05
N SER G 240 44.84 -44.01 18.37
CA SER G 240 43.99 -44.73 17.42
C SER G 240 42.58 -44.17 17.57
N GLU G 241 42.40 -42.94 17.13
CA GLU G 241 41.13 -42.25 17.24
C GLU G 241 40.02 -43.05 16.56
N GLU G 242 40.34 -43.65 15.42
CA GLU G 242 39.37 -44.40 14.63
C GLU G 242 38.51 -43.41 13.87
N GLY G 243 37.39 -43.88 13.32
CA GLY G 243 36.51 -42.99 12.61
C GLY G 243 35.63 -42.15 13.51
N ASN G 244 35.52 -40.87 13.20
CA ASN G 244 34.55 -40.00 13.82
C ASN G 244 33.15 -40.18 13.26
N THR G 245 33.06 -40.36 11.95
CA THR G 245 31.78 -40.45 11.26
C THR G 245 31.50 -41.87 10.78
N ARG G 246 30.31 -42.36 11.08
CA ARG G 246 29.86 -43.64 10.57
C ARG G 246 28.74 -43.42 9.57
N VAL G 247 28.65 -44.35 8.62
CA VAL G 247 27.59 -44.36 7.62
C VAL G 247 26.79 -45.62 7.83
N TYR G 248 25.55 -45.47 8.28
CA TYR G 248 24.68 -46.60 8.53
C TYR G 248 23.85 -46.88 7.30
N TYR G 249 23.84 -48.14 6.85
CA TYR G 249 22.98 -48.55 5.76
C TYR G 249 21.67 -49.04 6.37
N LEU G 250 20.61 -48.27 6.17
CA LEU G 250 19.33 -48.62 6.75
C LEU G 250 18.66 -49.69 5.91
N LYS G 251 18.07 -50.67 6.59
CA LYS G 251 17.23 -51.66 5.94
C LYS G 251 15.90 -51.66 6.64
N TYR G 252 14.83 -51.39 5.89
CA TYR G 252 13.43 -51.29 6.28
C TYR G 252 13.06 -49.88 6.74
N ALA G 253 14.01 -48.98 6.89
CA ALA G 253 13.72 -47.61 7.27
C ALA G 253 14.15 -46.65 6.17
N LYS G 254 13.54 -45.48 6.16
CA LYS G 254 13.82 -44.46 5.16
C LYS G 254 14.69 -43.39 5.80
N ALA G 255 15.85 -43.13 5.22
CA ALA G 255 16.87 -42.33 5.87
C ALA G 255 16.42 -40.91 6.17
N THR G 256 15.65 -40.31 5.24
CA THR G 256 15.17 -38.96 5.41
C THR G 256 14.20 -38.90 6.58
N ASN G 257 13.35 -39.91 6.68
CA ASN G 257 12.41 -40.03 7.79
C ASN G 257 13.13 -40.18 9.11
N LEU G 258 14.13 -41.05 9.12
CA LEU G 258 14.87 -41.36 10.33
C LEU G 258 15.60 -40.13 10.82
N VAL G 259 16.08 -39.32 9.89
CA VAL G 259 16.87 -38.16 10.28
C VAL G 259 16.06 -37.24 11.17
N GLU G 260 14.80 -36.99 10.84
CA GLU G 260 14.02 -36.08 11.64
C GLU G 260 13.86 -36.60 13.06
N VAL G 261 13.56 -37.89 13.19
CA VAL G 261 13.39 -38.50 14.49
C VAL G 261 14.67 -38.43 15.30
N LEU G 262 15.78 -38.71 14.62
CA LEU G 262 17.09 -38.72 15.24
C LEU G 262 17.48 -37.34 15.73
N THR G 263 17.07 -36.33 14.97
CA THR G 263 17.55 -34.98 15.18
C THR G 263 17.18 -34.56 16.59
N GLY G 264 15.99 -34.93 17.03
CA GLY G 264 15.60 -34.55 18.37
C GLY G 264 16.51 -35.21 19.41
N VAL G 265 16.82 -36.49 19.20
CA VAL G 265 17.66 -37.25 20.13
C VAL G 265 19.05 -36.67 20.22
N SER G 266 19.57 -36.26 19.08
CA SER G 266 20.88 -35.67 19.02
C SER G 266 20.79 -34.23 19.53
N GLU G 267 19.64 -33.55 19.25
CA GLU G 267 19.48 -32.14 19.59
C GLU G 267 19.01 -32.06 21.03
N VAL G 288 26.24 -33.35 17.97
CA VAL G 288 26.07 -34.45 17.02
C VAL G 288 25.32 -34.00 15.78
N ALA G 289 25.78 -34.47 14.62
CA ALA G 289 25.14 -34.13 13.35
C ALA G 289 24.63 -35.37 12.65
N ILE G 290 23.34 -35.39 12.33
CA ILE G 290 22.74 -36.52 11.63
C ILE G 290 22.20 -35.99 10.30
N THR G 291 22.63 -36.61 9.21
CA THR G 291 22.11 -36.28 7.90
C THR G 291 22.04 -37.55 7.06
N ALA G 292 21.18 -37.52 6.05
CA ALA G 292 20.84 -38.71 5.28
C ALA G 292 21.20 -38.55 3.82
N ASP G 293 21.54 -39.67 3.19
CA ASP G 293 21.73 -39.74 1.75
C ASP G 293 20.49 -40.38 1.15
N GLU G 294 19.71 -39.59 0.42
CA GLU G 294 18.46 -40.10 -0.12
C GLU G 294 18.68 -41.09 -1.26
N GLN G 295 19.87 -41.08 -1.88
CA GLN G 295 20.13 -41.99 -2.98
C GLN G 295 20.37 -43.40 -2.47
N THR G 296 21.46 -43.60 -1.73
CA THR G 296 21.78 -44.92 -1.20
C THR G 296 20.91 -45.31 -0.02
N ASN G 297 20.07 -44.40 0.48
CA ASN G 297 19.25 -44.65 1.67
C ASN G 297 20.13 -45.04 2.84
N SER G 298 21.12 -44.21 3.11
CA SER G 298 22.04 -44.42 4.21
C SER G 298 22.05 -43.18 5.09
N LEU G 299 22.38 -43.38 6.36
CA LEU G 299 22.30 -42.33 7.36
C LEU G 299 23.70 -42.04 7.86
N VAL G 300 24.05 -40.76 7.94
CA VAL G 300 25.40 -40.33 8.27
C VAL G 300 25.36 -39.62 9.62
N ILE G 301 25.96 -40.24 10.63
CA ILE G 301 26.05 -39.66 11.98
C ILE G 301 27.52 -39.44 12.30
N THR G 302 27.86 -38.20 12.63
CA THR G 302 29.18 -37.86 13.14
C THR G 302 29.05 -37.37 14.57
N ALA G 303 29.80 -37.99 15.48
CA ALA G 303 29.67 -37.75 16.90
C ALA G 303 30.73 -38.56 17.64
N ASP G 304 30.81 -38.34 18.95
CA ASP G 304 31.77 -39.04 19.77
C ASP G 304 31.49 -40.54 19.76
N GLN G 305 32.55 -41.32 20.00
CA GLN G 305 32.40 -42.77 20.10
C GLN G 305 31.33 -43.17 21.11
N SER G 306 31.11 -42.34 22.13
CA SER G 306 30.07 -42.65 23.11
C SER G 306 28.69 -42.50 22.50
N VAL G 307 28.45 -41.39 21.80
CA VAL G 307 27.15 -41.17 21.16
C VAL G 307 26.91 -42.20 20.07
N GLN G 308 27.95 -42.55 19.32
CA GLN G 308 27.81 -43.52 18.24
C GLN G 308 27.25 -44.84 18.74
N GLU G 309 27.80 -45.35 19.85
CA GLU G 309 27.34 -46.63 20.36
C GLU G 309 25.93 -46.54 20.92
N LYS G 310 25.50 -45.36 21.35
CA LYS G 310 24.14 -45.20 21.84
C LYS G 310 23.15 -45.04 20.69
N LEU G 311 23.49 -44.24 19.68
CA LEU G 311 22.62 -44.13 18.51
C LEU G 311 22.61 -45.39 17.66
N ALA G 312 23.63 -46.24 17.79
CA ALA G 312 23.61 -47.50 17.04
C ALA G 312 22.52 -48.42 17.56
N THR G 313 22.19 -48.34 18.84
CA THR G 313 21.09 -49.13 19.39
C THR G 313 19.74 -48.50 19.10
N VAL G 314 19.67 -47.17 19.13
CA VAL G 314 18.43 -46.48 18.82
C VAL G 314 18.01 -46.77 17.39
N ILE G 315 18.96 -46.73 16.46
CA ILE G 315 18.65 -47.01 15.07
C ILE G 315 18.25 -48.47 14.89
N ALA G 316 18.96 -49.38 15.54
CA ALA G 316 18.63 -50.80 15.42
C ALA G 316 17.22 -51.08 15.94
N ARG G 317 16.80 -50.35 16.97
CA ARG G 317 15.43 -50.48 17.47
C ARG G 317 14.44 -49.89 16.50
N LEU G 318 14.82 -48.81 15.85
CA LEU G 318 13.90 -48.01 15.05
C LEU G 318 13.91 -48.41 13.58
N ASP G 319 14.76 -49.37 13.21
CA ASP G 319 14.94 -49.81 11.84
C ASP G 319 14.14 -51.07 11.52
N ILE G 320 13.28 -51.52 12.43
CA ILE G 320 12.71 -52.86 12.32
C ILE G 320 11.79 -52.97 11.11
N ARG G 321 11.56 -54.22 10.71
CA ARG G 321 10.62 -54.52 9.65
C ARG G 321 9.19 -54.33 10.11
N ARG G 322 8.36 -53.76 9.25
CA ARG G 322 7.01 -53.37 9.58
C ARG G 322 6.01 -54.30 8.89
N ALA G 323 4.90 -54.58 9.58
CA ALA G 323 3.93 -55.55 9.11
C ALA G 323 3.04 -54.98 8.02
N GLN G 324 2.46 -55.89 7.24
CA GLN G 324 1.53 -55.57 6.16
C GLN G 324 0.14 -56.07 6.54
N VAL G 325 -0.88 -55.40 6.03
CA VAL G 325 -2.26 -55.74 6.35
C VAL G 325 -3.03 -55.88 5.04
N LEU G 326 -3.66 -57.03 4.84
CA LEU G 326 -4.64 -57.22 3.79
C LEU G 326 -6.02 -56.87 4.34
N VAL G 327 -6.66 -55.88 3.74
CA VAL G 327 -7.94 -55.37 4.22
C VAL G 327 -8.99 -55.67 3.16
N GLU G 328 -9.88 -56.62 3.44
CA GLU G 328 -11.05 -56.85 2.59
C GLU G 328 -12.25 -56.17 3.19
N ALA G 329 -12.95 -55.39 2.39
CA ALA G 329 -14.26 -54.90 2.74
C ALA G 329 -15.30 -55.72 2.00
N ILE G 330 -16.46 -55.93 2.63
CA ILE G 330 -17.55 -56.65 2.01
C ILE G 330 -18.78 -55.76 2.13
N ILE G 331 -19.27 -55.28 1.00
CA ILE G 331 -20.45 -54.43 0.97
C ILE G 331 -21.56 -55.23 0.32
N VAL G 332 -22.54 -55.63 1.10
CA VAL G 332 -23.70 -56.35 0.59
C VAL G 332 -24.92 -55.46 0.75
N GLU G 333 -25.64 -55.26 -0.34
CA GLU G 333 -26.92 -54.57 -0.28
C GLU G 333 -27.95 -55.40 -1.00
N VAL G 334 -29.18 -55.37 -0.52
CA VAL G 334 -30.29 -56.01 -1.19
C VAL G 334 -31.50 -55.10 -1.12
N GLN G 335 -32.09 -54.81 -2.27
CA GLN G 335 -33.28 -53.99 -2.36
C GLN G 335 -34.39 -54.80 -2.99
N ASP G 336 -35.62 -54.53 -2.57
CA ASP G 336 -36.77 -55.00 -3.31
C ASP G 336 -37.98 -54.17 -2.92
N GLY G 337 -38.97 -54.16 -3.78
CA GLY G 337 -40.23 -53.52 -3.46
C GLY G 337 -41.27 -53.84 -4.50
N ASN G 338 -42.54 -53.80 -4.13
CA ASN G 338 -43.61 -54.15 -5.04
C ASN G 338 -44.75 -53.17 -4.93
N GLY G 339 -45.04 -52.47 -6.02
CA GLY G 339 -46.22 -51.63 -6.10
C GLY G 339 -47.41 -52.37 -6.67
N LEU G 340 -48.60 -51.93 -6.28
CA LEU G 340 -49.84 -52.40 -6.87
C LEU G 340 -50.78 -51.22 -6.99
N ASN G 341 -51.23 -50.90 -8.20
CA ASN G 341 -52.24 -49.88 -8.37
C ASN G 341 -53.34 -50.37 -9.30
N LEU G 342 -54.54 -50.53 -8.75
CA LEU G 342 -55.70 -50.99 -9.51
C LEU G 342 -56.87 -50.08 -9.18
N GLY G 343 -57.70 -49.81 -10.17
CA GLY G 343 -58.88 -48.99 -9.95
C GLY G 343 -59.98 -49.35 -10.91
N VAL G 344 -61.22 -49.13 -10.51
CA VAL G 344 -62.37 -49.36 -11.35
C VAL G 344 -62.99 -48.00 -11.54
N GLN G 345 -63.33 -47.61 -12.77
CA GLN G 345 -64.09 -46.40 -13.04
C GLN G 345 -65.26 -46.84 -13.90
N TRP G 346 -66.48 -46.43 -13.62
CA TRP G 346 -67.63 -46.78 -14.47
C TRP G 346 -68.23 -45.46 -14.92
N ALA G 347 -68.54 -45.25 -16.19
CA ALA G 347 -69.16 -43.98 -16.62
C ALA G 347 -70.52 -44.32 -17.21
N ASN G 348 -71.61 -43.66 -16.80
CA ASN G 348 -72.93 -43.97 -17.39
C ASN G 348 -73.57 -42.74 -18.05
N LYS G 349 -74.06 -42.83 -19.27
CA LYS G 349 -74.61 -41.60 -19.82
C LYS G 349 -75.84 -41.13 -19.05
N ASN G 350 -76.71 -42.06 -18.71
CA ASN G 350 -77.95 -41.72 -17.99
C ASN G 350 -77.76 -41.15 -16.59
N VAL G 351 -76.85 -41.74 -15.82
CA VAL G 351 -76.66 -41.31 -14.43
C VAL G 351 -75.47 -40.38 -14.21
N GLY G 352 -74.33 -40.75 -14.77
CA GLY G 352 -73.11 -40.00 -14.56
C GLY G 352 -71.92 -40.94 -14.57
N ALA G 353 -70.72 -40.40 -14.35
CA ALA G 353 -69.52 -41.21 -14.42
C ALA G 353 -68.61 -41.04 -13.21
N GLN G 354 -67.90 -42.10 -12.85
CA GLN G 354 -66.88 -42.03 -11.82
C GLN G 354 -65.54 -42.16 -12.53
N GLN G 355 -64.68 -41.18 -12.34
CA GLN G 355 -63.40 -41.16 -13.03
C GLN G 355 -62.23 -40.92 -12.10
N PHE G 356 -61.13 -41.61 -12.34
CA PHE G 356 -59.91 -41.42 -11.56
C PHE G 356 -58.77 -41.19 -12.52
N THR G 357 -58.25 -39.97 -12.55
CA THR G 357 -56.92 -39.78 -13.05
C THR G 357 -55.96 -40.45 -12.08
N ASN G 358 -54.77 -40.79 -12.57
CA ASN G 358 -53.74 -41.63 -11.95
C ASN G 358 -53.99 -43.10 -12.22
N THR G 359 -55.14 -43.48 -12.76
CA THR G 359 -55.25 -44.82 -13.31
C THR G 359 -54.41 -44.99 -14.56
N GLY G 360 -53.84 -43.90 -15.07
CA GLY G 360 -53.07 -43.87 -16.28
C GLY G 360 -53.90 -43.60 -17.50
N LEU G 361 -55.19 -43.94 -17.46
CA LEU G 361 -56.15 -43.40 -18.36
C LEU G 361 -57.45 -43.15 -17.61
N PRO G 362 -58.06 -41.99 -17.78
CA PRO G 362 -59.39 -41.75 -17.23
C PRO G 362 -60.50 -42.30 -18.12
N ILE G 363 -61.66 -42.52 -17.50
CA ILE G 363 -62.80 -43.07 -18.23
C ILE G 363 -63.26 -42.10 -19.32
N PHE G 364 -63.10 -40.80 -19.11
CA PHE G 364 -63.56 -39.85 -20.11
C PHE G 364 -62.70 -39.89 -21.35
N ASN G 365 -61.39 -39.73 -21.19
CA ASN G 365 -60.51 -39.72 -22.35
C ASN G 365 -60.45 -41.07 -23.03
N ALA G 366 -60.65 -42.15 -22.28
CA ALA G 366 -60.68 -43.47 -22.90
C ALA G 366 -61.94 -43.66 -23.72
N ALA G 367 -63.10 -43.25 -23.18
CA ALA G 367 -64.34 -43.40 -23.92
C ALA G 367 -64.36 -42.54 -25.18
N GLN G 368 -63.69 -41.39 -25.16
CA GLN G 368 -63.56 -40.61 -26.38
C GLN G 368 -62.64 -41.28 -27.37
N GLY G 369 -61.64 -42.01 -26.89
CA GLY G 369 -60.72 -42.72 -27.77
C GLY G 369 -61.32 -43.99 -28.32
N VAL G 370 -62.03 -44.75 -27.49
CA VAL G 370 -62.66 -45.97 -27.95
C VAL G 370 -63.75 -45.65 -28.96
N ALA G 371 -64.57 -44.63 -28.68
CA ALA G 371 -65.60 -44.24 -29.64
C ALA G 371 -64.98 -43.78 -30.95
N ASP G 372 -63.94 -42.95 -30.88
CA ASP G 372 -63.23 -42.54 -32.08
C ASP G 372 -62.66 -43.74 -32.83
N TYR G 373 -62.21 -44.76 -32.10
CA TYR G 373 -61.64 -45.93 -32.74
C TYR G 373 -62.70 -46.72 -33.49
N LYS G 374 -63.93 -46.75 -32.99
CA LYS G 374 -64.98 -47.52 -33.65
C LYS G 374 -65.44 -46.84 -34.93
N LYS G 375 -65.59 -45.52 -34.91
CA LYS G 375 -66.11 -44.84 -36.09
C LYS G 375 -65.09 -44.84 -37.23
N ASN G 376 -63.82 -44.56 -36.93
CA ASN G 376 -62.81 -44.45 -37.97
C ASN G 376 -62.10 -45.75 -38.26
N GLY G 377 -62.31 -46.79 -37.46
CA GLY G 377 -61.60 -48.03 -37.62
C GLY G 377 -60.17 -48.02 -37.13
N GLY G 378 -59.63 -46.84 -36.83
CA GLY G 378 -58.28 -46.71 -36.32
C GLY G 378 -58.15 -45.39 -35.58
N ILE G 379 -56.94 -45.10 -35.13
CA ILE G 379 -56.66 -43.89 -34.37
C ILE G 379 -55.41 -43.24 -34.93
N THR G 380 -55.56 -42.01 -35.41
CA THR G 380 -54.43 -41.22 -35.87
C THR G 380 -53.60 -40.73 -34.68
N SER G 381 -52.37 -40.34 -34.97
CA SER G 381 -51.51 -39.78 -33.93
C SER G 381 -52.01 -38.43 -33.44
N ALA G 382 -52.93 -37.79 -34.16
CA ALA G 382 -53.47 -36.51 -33.73
C ALA G 382 -54.58 -36.65 -32.69
N ASN G 383 -55.19 -37.82 -32.60
CA ASN G 383 -56.20 -38.06 -31.58
C ASN G 383 -55.59 -37.84 -30.20
N PRO G 384 -56.18 -37.00 -29.36
CA PRO G 384 -55.59 -36.76 -28.03
C PRO G 384 -55.44 -38.00 -27.19
N ALA G 385 -56.22 -39.04 -27.45
CA ALA G 385 -56.08 -40.30 -26.72
C ALA G 385 -54.87 -41.11 -27.15
N TRP G 386 -54.17 -40.70 -28.21
CA TRP G 386 -53.01 -41.45 -28.67
C TRP G 386 -51.97 -41.57 -27.57
N ASP G 387 -51.50 -40.43 -27.06
CA ASP G 387 -50.46 -40.44 -26.04
C ASP G 387 -50.91 -41.14 -24.77
N MET G 388 -52.22 -41.23 -24.54
CA MET G 388 -52.70 -41.88 -23.33
C MET G 388 -52.66 -43.39 -23.45
N PHE G 389 -53.06 -43.93 -24.61
CA PHE G 389 -52.96 -45.37 -24.83
C PHE G 389 -51.54 -45.80 -25.18
N SER G 390 -50.78 -44.92 -25.82
CA SER G 390 -49.44 -45.32 -26.25
C SER G 390 -48.55 -45.61 -25.06
N ALA G 391 -48.71 -44.87 -23.97
CA ALA G 391 -48.02 -45.17 -22.73
C ALA G 391 -49.08 -45.60 -21.71
N TYR G 392 -49.17 -46.89 -21.48
CA TYR G 392 -50.00 -47.46 -20.43
C TYR G 392 -49.43 -48.83 -20.09
N ASN G 393 -49.52 -49.21 -18.83
CA ASN G 393 -49.00 -50.49 -18.39
C ASN G 393 -50.07 -51.23 -17.60
N GLY G 394 -50.16 -52.52 -17.82
CA GLY G 394 -51.10 -53.37 -17.10
C GLY G 394 -52.33 -53.68 -17.91
N MET G 395 -53.24 -54.42 -17.29
CA MET G 395 -54.45 -54.89 -17.94
C MET G 395 -55.54 -53.84 -17.81
N ALA G 396 -56.03 -53.35 -18.94
CA ALA G 396 -57.19 -52.48 -18.98
C ALA G 396 -58.34 -53.25 -19.63
N ALA G 397 -59.31 -53.65 -18.83
CA ALA G 397 -60.40 -54.51 -19.29
C ALA G 397 -61.72 -53.74 -19.18
N GLY G 398 -62.28 -53.37 -20.31
CA GLY G 398 -63.57 -52.73 -20.34
C GLY G 398 -64.71 -53.73 -20.46
N PHE G 399 -65.86 -53.37 -19.88
CA PHE G 399 -67.05 -54.20 -19.95
C PHE G 399 -68.27 -53.30 -20.10
N PHE G 400 -69.09 -53.56 -21.10
CA PHE G 400 -70.32 -52.80 -21.31
C PHE G 400 -71.51 -53.69 -21.02
N ASN G 401 -72.28 -53.33 -20.00
CA ASN G 401 -73.55 -53.99 -19.68
C ASN G 401 -74.66 -52.97 -19.93
N GLY G 402 -75.43 -53.18 -20.99
CA GLY G 402 -76.48 -52.24 -21.31
C GLY G 402 -75.89 -50.88 -21.63
N ASP G 403 -76.34 -49.86 -20.89
CA ASP G 403 -75.80 -48.52 -21.04
C ASP G 403 -74.62 -48.25 -20.11
N TRP G 404 -74.33 -49.16 -19.19
CA TRP G 404 -73.24 -48.97 -18.24
C TRP G 404 -71.91 -49.33 -18.89
N GLY G 405 -71.01 -48.36 -18.97
CA GLY G 405 -69.61 -48.66 -19.24
C GLY G 405 -68.87 -48.92 -17.94
N VAL G 406 -67.89 -49.81 -18.00
CA VAL G 406 -67.04 -50.15 -16.86
C VAL G 406 -65.64 -50.39 -17.36
N LEU G 407 -64.65 -49.83 -16.65
CA LEU G 407 -63.27 -49.92 -17.07
C LEU G 407 -62.40 -50.27 -15.88
N LEU G 408 -61.71 -51.40 -15.94
CA LEU G 408 -60.84 -51.88 -14.89
C LEU G 408 -59.39 -51.77 -15.33
N THR G 409 -58.58 -51.05 -14.56
CA THR G 409 -57.15 -50.95 -14.79
C THR G 409 -56.42 -51.60 -13.62
N ALA G 410 -55.48 -52.47 -13.91
CA ALA G 410 -54.72 -53.13 -12.87
C ALA G 410 -53.28 -53.29 -13.30
N LEU G 411 -52.36 -52.89 -12.43
CA LEU G 411 -50.94 -53.08 -12.65
C LEU G 411 -50.28 -53.43 -11.33
N ALA G 412 -49.55 -54.52 -11.27
CA ALA G 412 -48.77 -54.87 -10.10
C ALA G 412 -47.31 -54.92 -10.51
N SER G 413 -46.53 -53.96 -10.05
CA SER G 413 -45.11 -53.90 -10.32
C SER G 413 -44.34 -54.54 -9.18
N ASN G 414 -43.26 -55.20 -9.53
CA ASN G 414 -42.38 -55.80 -8.54
C ASN G 414 -40.95 -55.66 -9.07
N ASN G 415 -40.03 -55.25 -8.23
CA ASN G 415 -38.63 -55.24 -8.62
C ASN G 415 -37.79 -55.84 -7.51
N LYS G 416 -36.54 -56.10 -7.86
CA LYS G 416 -35.60 -56.70 -6.94
C LYS G 416 -34.21 -56.25 -7.35
N ASN G 417 -33.33 -56.10 -6.38
CA ASN G 417 -31.99 -55.64 -6.67
C ASN G 417 -31.08 -56.24 -5.63
N ASP G 418 -29.87 -56.60 -6.04
CA ASP G 418 -28.93 -57.22 -5.13
C ASP G 418 -27.53 -56.82 -5.57
N ILE G 419 -26.68 -56.52 -4.60
CA ILE G 419 -25.36 -55.97 -4.88
C ILE G 419 -24.35 -56.65 -3.96
N LEU G 420 -23.16 -56.89 -4.48
CA LEU G 420 -22.05 -57.38 -3.69
C LEU G 420 -20.78 -56.72 -4.19
N ALA G 421 -19.99 -56.18 -3.28
CA ALA G 421 -18.71 -55.59 -3.62
C ALA G 421 -17.70 -56.05 -2.60
N THR G 422 -16.48 -56.31 -3.03
CA THR G 422 -15.42 -56.79 -2.13
C THR G 422 -14.09 -56.15 -2.52
N PRO G 423 -13.95 -54.84 -2.30
CA PRO G 423 -12.64 -54.22 -2.54
C PRO G 423 -11.65 -54.66 -1.47
N SER G 424 -10.44 -55.00 -1.92
CA SER G 424 -9.39 -55.39 -1.00
C SER G 424 -8.11 -54.66 -1.38
N ILE G 425 -7.26 -54.43 -0.38
CA ILE G 425 -6.04 -53.65 -0.55
C ILE G 425 -5.01 -54.21 0.41
N VAL G 426 -3.76 -54.25 -0.02
CA VAL G 426 -2.63 -54.62 0.83
C VAL G 426 -1.78 -53.40 1.03
N THR G 427 -1.36 -53.16 2.27
CA THR G 427 -0.53 -52.00 2.54
C THR G 427 0.26 -52.22 3.82
N LEU G 428 1.33 -51.46 3.96
CA LEU G 428 2.10 -51.47 5.19
C LEU G 428 1.33 -50.76 6.28
N ASP G 429 1.54 -51.19 7.52
CA ASP G 429 0.92 -50.50 8.64
C ASP G 429 1.40 -49.05 8.69
N ASN G 430 0.53 -48.17 9.15
CA ASN G 430 0.76 -46.74 9.31
C ASN G 430 0.89 -46.03 7.98
N LYS G 431 0.86 -46.74 6.86
CA LYS G 431 0.87 -46.15 5.53
C LYS G 431 -0.54 -46.15 4.97
N LEU G 432 -0.96 -45.02 4.41
CA LEU G 432 -2.30 -44.87 3.86
C LEU G 432 -2.38 -45.45 2.45
N ALA G 433 -3.30 -46.39 2.25
CA ALA G 433 -3.56 -46.97 0.96
C ALA G 433 -4.96 -46.60 0.50
N SER G 434 -5.13 -46.47 -0.81
CA SER G 434 -6.44 -46.19 -1.36
C SER G 434 -6.63 -47.02 -2.61
N PHE G 435 -7.87 -47.40 -2.86
CA PHE G 435 -8.24 -48.25 -3.97
C PHE G 435 -9.48 -47.67 -4.61
N ASN G 436 -9.39 -47.29 -5.87
CA ASN G 436 -10.48 -46.65 -6.59
C ASN G 436 -10.82 -47.49 -7.81
N VAL G 437 -12.08 -47.89 -7.93
CA VAL G 437 -12.59 -48.47 -9.16
C VAL G 437 -13.89 -47.76 -9.47
N GLY G 438 -13.92 -47.05 -10.59
CA GLY G 438 -15.03 -46.15 -10.84
C GLY G 438 -14.74 -45.29 -12.04
N GLN G 439 -15.35 -44.13 -12.07
CA GLN G 439 -15.12 -43.21 -13.17
C GLN G 439 -15.00 -41.80 -12.66
N ASP G 440 -14.23 -41.00 -13.38
CA ASP G 440 -13.89 -39.63 -13.02
C ASP G 440 -14.75 -38.70 -13.87
N VAL G 441 -15.68 -38.00 -13.23
CA VAL G 441 -16.71 -37.25 -13.96
C VAL G 441 -16.55 -35.76 -13.69
N PRO G 442 -16.85 -34.90 -14.66
CA PRO G 442 -16.86 -33.46 -14.40
C PRO G 442 -18.11 -33.03 -13.64
N VAL G 443 -17.93 -32.11 -12.69
CA VAL G 443 -19.03 -31.51 -11.97
C VAL G 443 -18.93 -30.00 -12.06
N LEU G 444 -20.06 -29.35 -12.25
CA LEU G 444 -20.10 -27.91 -12.45
C LEU G 444 -19.84 -27.19 -11.13
N SER G 445 -19.42 -25.93 -11.23
CA SER G 445 -19.19 -25.11 -10.05
C SER G 445 -19.21 -23.61 -10.35
N THR G 458 -17.10 -22.90 -15.45
CA THR G 458 -16.17 -23.50 -14.50
C THR G 458 -16.65 -24.88 -14.04
N VAL G 459 -15.78 -25.88 -14.17
CA VAL G 459 -16.09 -27.24 -13.79
C VAL G 459 -15.00 -27.77 -12.87
N GLU G 460 -15.20 -29.00 -12.41
CA GLU G 460 -14.30 -29.65 -11.48
C GLU G 460 -14.42 -31.14 -11.68
N ARG G 461 -13.35 -31.87 -11.36
CA ARG G 461 -13.30 -33.30 -11.61
C ARG G 461 -13.56 -34.04 -10.32
N LYS G 462 -14.40 -35.07 -10.38
CA LYS G 462 -14.79 -35.82 -9.20
C LYS G 462 -14.79 -37.30 -9.50
N THR G 463 -14.04 -38.07 -8.72
CA THR G 463 -14.03 -39.51 -8.88
C THR G 463 -15.22 -40.13 -8.15
N VAL G 464 -15.97 -40.95 -8.86
CA VAL G 464 -17.18 -41.56 -8.32
C VAL G 464 -17.15 -43.04 -8.66
N GLY G 465 -17.11 -43.89 -7.63
CA GLY G 465 -17.07 -45.31 -7.86
C GLY G 465 -16.89 -46.03 -6.54
N THR G 466 -16.44 -47.27 -6.61
CA THR G 466 -16.13 -48.02 -5.41
C THR G 466 -14.76 -47.59 -4.91
N LYS G 467 -14.72 -47.05 -3.70
CA LYS G 467 -13.50 -46.47 -3.16
C LYS G 467 -13.24 -47.05 -1.78
N LEU G 468 -11.99 -47.38 -1.51
CA LEU G 468 -11.58 -47.85 -0.20
C LEU G 468 -10.29 -47.16 0.17
N LYS G 469 -10.31 -46.40 1.25
CA LYS G 469 -9.13 -45.66 1.72
C LYS G 469 -8.93 -46.03 3.18
N VAL G 470 -7.86 -46.73 3.48
CA VAL G 470 -7.65 -47.29 4.81
C VAL G 470 -6.22 -47.03 5.25
N THR G 471 -6.05 -46.65 6.52
CA THR G 471 -4.73 -46.56 7.14
C THR G 471 -4.64 -47.56 8.26
N PRO G 472 -3.93 -48.68 8.09
CA PRO G 472 -3.83 -49.66 9.16
C PRO G 472 -2.79 -49.26 10.20
N GLN G 473 -3.01 -49.74 11.42
CA GLN G 473 -2.06 -49.67 12.50
C GLN G 473 -2.07 -51.01 13.22
N VAL G 474 -0.96 -51.73 13.21
CA VAL G 474 -0.94 -53.07 13.79
C VAL G 474 -0.47 -52.95 15.23
N ASN G 475 -1.39 -53.16 16.16
CA ASN G 475 -1.04 -53.10 17.56
C ASN G 475 -1.70 -54.15 18.45
N GLU G 476 -0.91 -55.02 19.07
CA GLU G 476 0.44 -55.33 18.61
C GLU G 476 0.39 -56.84 18.57
N GLY G 477 1.22 -57.48 17.77
CA GLY G 477 0.89 -58.87 17.53
C GLY G 477 -0.40 -58.90 16.74
N ASP G 478 -1.45 -59.47 17.31
CA ASP G 478 -2.73 -59.55 16.64
C ASP G 478 -3.42 -58.19 16.65
N ALA G 479 -4.70 -58.21 16.27
CA ALA G 479 -5.55 -57.07 15.98
C ALA G 479 -4.94 -56.12 14.94
N VAL G 480 -5.39 -54.87 14.95
CA VAL G 480 -5.07 -53.79 14.01
C VAL G 480 -5.95 -52.63 14.39
N LEU G 481 -5.59 -51.43 13.95
CA LEU G 481 -6.48 -50.28 14.04
C LEU G 481 -6.70 -49.78 12.63
N LEU G 482 -7.90 -49.96 12.12
CA LEU G 482 -8.23 -49.59 10.76
C LEU G 482 -9.01 -48.29 10.80
N GLU G 483 -8.45 -47.24 10.22
CA GLU G 483 -9.22 -46.05 9.93
C GLU G 483 -9.73 -46.21 8.51
N ILE G 484 -11.03 -46.47 8.38
CA ILE G 484 -11.63 -46.77 7.09
C ILE G 484 -12.36 -45.52 6.62
N GLU G 485 -12.14 -45.16 5.37
CA GLU G 485 -13.02 -44.26 4.65
C GLU G 485 -13.34 -44.94 3.34
N GLN G 486 -14.57 -45.38 3.17
CA GLN G 486 -14.93 -46.04 1.92
C GLN G 486 -16.30 -45.56 1.49
N GLU G 487 -16.57 -45.73 0.20
CA GLU G 487 -17.91 -45.48 -0.30
C GLU G 487 -18.10 -46.24 -1.60
N VAL G 488 -19.36 -46.46 -1.93
CA VAL G 488 -19.76 -46.98 -3.21
C VAL G 488 -20.68 -45.93 -3.80
N SER G 489 -20.22 -45.22 -4.82
CA SER G 489 -20.98 -44.14 -5.42
C SER G 489 -21.02 -44.33 -6.92
N SER G 490 -22.06 -43.76 -7.54
CA SER G 490 -22.25 -43.92 -8.96
C SER G 490 -23.03 -42.73 -9.49
N VAL G 491 -22.82 -42.41 -10.76
CA VAL G 491 -23.59 -41.34 -11.39
C VAL G 491 -25.02 -41.79 -11.56
N ASP G 492 -25.96 -40.90 -11.27
CA ASP G 492 -27.38 -41.20 -11.40
C ASP G 492 -27.81 -40.80 -12.81
N SER G 493 -28.14 -41.79 -13.63
CA SER G 493 -28.49 -41.52 -15.01
C SER G 493 -29.76 -40.70 -15.12
N SER G 494 -30.80 -41.09 -14.39
CA SER G 494 -32.00 -40.29 -14.31
C SER G 494 -31.72 -39.00 -13.56
N SER G 495 -32.62 -38.04 -13.72
CA SER G 495 -32.58 -36.78 -12.98
C SER G 495 -31.30 -36.00 -13.27
N ASN G 496 -31.00 -35.84 -14.55
CA ASN G 496 -29.94 -34.92 -14.92
C ASN G 496 -30.47 -33.49 -14.86
N SER G 497 -29.55 -32.55 -14.63
CA SER G 497 -29.93 -31.16 -14.46
C SER G 497 -28.89 -30.26 -15.10
N THR G 498 -29.27 -29.00 -15.27
CA THR G 498 -28.33 -28.02 -15.79
C THR G 498 -27.29 -27.62 -14.75
N LEU G 499 -27.56 -27.88 -13.47
CA LEU G 499 -26.59 -27.56 -12.44
C LEU G 499 -25.47 -28.60 -12.36
N GLY G 500 -25.74 -29.82 -12.79
CA GLY G 500 -24.72 -30.84 -12.81
C GLY G 500 -25.31 -32.22 -12.58
N PRO G 501 -24.46 -33.23 -12.52
CA PRO G 501 -24.94 -34.57 -12.22
C PRO G 501 -25.16 -34.77 -10.74
N THR G 502 -26.08 -35.67 -10.41
CA THR G 502 -26.15 -36.18 -9.05
C THR G 502 -25.40 -37.50 -8.99
N PHE G 503 -25.25 -38.02 -7.78
CA PHE G 503 -24.54 -39.26 -7.57
C PHE G 503 -25.22 -40.00 -6.45
N ASN G 504 -25.34 -41.31 -6.57
CA ASN G 504 -25.88 -42.13 -5.49
C ASN G 504 -24.69 -42.59 -4.66
N THR G 505 -24.58 -42.09 -3.43
CA THR G 505 -23.41 -42.35 -2.60
C THR G 505 -23.84 -43.14 -1.37
N ARG G 506 -23.09 -44.19 -1.06
CA ARG G 506 -23.18 -44.87 0.21
C ARG G 506 -21.80 -44.79 0.86
N THR G 507 -21.68 -43.98 1.90
CA THR G 507 -20.39 -43.65 2.47
C THR G 507 -20.36 -44.02 3.94
N ILE G 508 -19.27 -44.62 4.37
CA ILE G 508 -19.05 -44.95 5.77
C ILE G 508 -17.59 -44.67 6.11
N GLN G 509 -17.35 -43.87 7.13
CA GLN G 509 -16.00 -43.60 7.58
C GLN G 509 -15.96 -43.72 9.09
N ASN G 510 -15.10 -44.60 9.59
CA ASN G 510 -14.97 -44.82 11.01
C ASN G 510 -13.62 -45.45 11.27
N ALA G 511 -13.18 -45.39 12.52
CA ALA G 511 -12.02 -46.13 12.96
C ALA G 511 -12.51 -47.31 13.78
N VAL G 512 -11.89 -48.46 13.58
CA VAL G 512 -12.30 -49.67 14.29
C VAL G 512 -11.05 -50.50 14.54
N LEU G 513 -11.11 -51.35 15.56
CA LEU G 513 -10.00 -52.19 15.97
C LEU G 513 -10.45 -53.64 15.87
N VAL G 514 -9.88 -54.38 14.95
CA VAL G 514 -10.36 -55.70 14.57
C VAL G 514 -9.23 -56.70 14.78
N LYS G 515 -9.55 -57.90 15.25
CA LYS G 515 -8.53 -58.92 15.38
C LYS G 515 -8.11 -59.41 13.99
N THR G 516 -6.92 -60.03 13.94
CA THR G 516 -6.23 -60.22 12.68
C THR G 516 -6.95 -61.14 11.72
N GLY G 517 -7.78 -62.05 12.20
CA GLY G 517 -8.41 -62.97 11.27
C GLY G 517 -9.90 -62.75 11.06
N GLU G 518 -10.48 -61.81 11.78
CA GLU G 518 -11.92 -61.80 12.02
C GLU G 518 -12.65 -60.87 11.05
N THR G 519 -13.84 -61.30 10.65
CA THR G 519 -14.76 -60.49 9.87
C THR G 519 -15.74 -59.81 10.82
N VAL G 520 -15.82 -58.49 10.75
CA VAL G 520 -16.64 -57.73 11.67
C VAL G 520 -17.42 -56.67 10.88
N VAL G 521 -18.52 -56.22 11.46
CA VAL G 521 -19.43 -55.32 10.77
C VAL G 521 -19.01 -53.88 11.04
N LEU G 522 -18.82 -53.12 9.97
CA LEU G 522 -18.54 -51.69 10.12
C LEU G 522 -19.80 -50.88 10.32
N GLY G 523 -20.88 -51.26 9.68
CA GLY G 523 -22.09 -50.47 9.75
C GLY G 523 -23.19 -51.14 8.95
N GLY G 524 -24.21 -50.36 8.66
CA GLY G 524 -25.31 -50.89 7.87
C GLY G 524 -26.51 -49.99 7.97
N LEU G 525 -27.44 -50.24 7.06
CA LEU G 525 -28.70 -49.51 7.04
C LEU G 525 -29.80 -50.48 6.65
N LEU G 526 -30.85 -50.54 7.46
CA LEU G 526 -32.05 -51.28 7.12
C LEU G 526 -33.15 -50.25 6.96
N ASP G 527 -33.57 -50.02 5.73
CA ASP G 527 -34.51 -48.97 5.40
C ASP G 527 -35.73 -49.63 4.77
N ASP G 528 -36.91 -49.29 5.28
CA ASP G 528 -38.13 -49.93 4.85
C ASP G 528 -39.24 -48.90 4.76
N PHE G 529 -40.03 -48.97 3.70
CA PHE G 529 -40.95 -47.92 3.33
C PHE G 529 -42.20 -48.53 2.75
N SER G 530 -43.36 -48.03 3.14
CA SER G 530 -44.64 -48.49 2.60
C SER G 530 -45.56 -47.31 2.42
N LYS G 531 -46.06 -47.14 1.21
CA LYS G 531 -46.94 -46.05 0.86
C LYS G 531 -48.29 -46.60 0.46
N GLU G 532 -49.32 -45.78 0.58
CA GLU G 532 -50.64 -46.17 0.12
C GLU G 532 -51.41 -44.92 -0.25
N GLN G 533 -52.28 -45.05 -1.24
CA GLN G 533 -53.21 -43.99 -1.59
C GLN G 533 -54.46 -44.64 -2.13
N VAL G 534 -55.61 -44.11 -1.76
CA VAL G 534 -56.87 -44.51 -2.38
C VAL G 534 -57.63 -43.25 -2.73
N SER G 535 -58.36 -43.31 -3.84
CA SER G 535 -59.32 -42.29 -4.22
C SER G 535 -60.64 -43.01 -4.40
N LYS G 536 -61.62 -42.68 -3.57
CA LYS G 536 -62.85 -43.46 -3.54
C LYS G 536 -64.06 -42.55 -3.54
N VAL G 537 -65.21 -43.17 -3.76
CA VAL G 537 -66.50 -42.51 -3.54
C VAL G 537 -66.86 -42.63 -2.07
N PRO G 538 -67.21 -41.54 -1.39
CA PRO G 538 -67.06 -41.50 0.08
C PRO G 538 -67.77 -42.60 0.85
N LEU G 539 -69.06 -42.82 0.62
CA LEU G 539 -69.73 -43.90 1.35
C LEU G 539 -69.54 -45.24 0.67
N LEU G 540 -69.65 -45.27 -0.65
CA LEU G 540 -69.63 -46.54 -1.36
C LEU G 540 -68.27 -47.21 -1.27
N GLY G 541 -67.20 -46.44 -1.27
CA GLY G 541 -65.86 -47.00 -1.24
C GLY G 541 -65.50 -47.72 0.03
N ASP G 542 -66.30 -47.57 1.10
CA ASP G 542 -66.03 -48.21 2.37
C ASP G 542 -66.81 -49.50 2.59
N ILE G 543 -67.68 -49.87 1.64
CA ILE G 543 -68.36 -51.16 1.75
C ILE G 543 -67.33 -52.26 1.75
N PRO G 544 -67.37 -53.22 2.69
CA PRO G 544 -66.17 -54.05 2.94
C PRO G 544 -65.60 -54.76 1.74
N LEU G 545 -66.44 -55.40 0.91
CA LEU G 545 -65.96 -56.11 -0.26
C LEU G 545 -66.25 -55.33 -1.55
N VAL G 546 -67.54 -55.09 -1.81
CA VAL G 546 -67.96 -54.37 -3.01
C VAL G 546 -67.25 -53.03 -3.14
N GLY G 547 -66.87 -52.43 -2.02
CA GLY G 547 -66.29 -51.09 -2.03
C GLY G 547 -65.06 -50.93 -2.90
N GLN G 548 -64.39 -52.02 -3.23
CA GLN G 548 -63.22 -51.93 -4.11
C GLN G 548 -63.59 -51.55 -5.53
N LEU G 549 -64.87 -51.61 -5.90
CA LEU G 549 -65.27 -51.19 -7.22
C LEU G 549 -65.24 -49.67 -7.35
N PHE G 550 -65.52 -48.96 -6.27
CA PHE G 550 -65.55 -47.51 -6.33
C PHE G 550 -64.19 -46.86 -6.15
N ARG G 551 -63.32 -47.45 -5.35
CA ARG G 551 -62.03 -46.86 -5.05
C ARG G 551 -60.97 -47.17 -6.12
N TYR G 552 -59.98 -46.28 -6.21
CA TYR G 552 -58.74 -46.51 -6.93
C TYR G 552 -57.59 -46.56 -5.94
N THR G 553 -57.00 -47.73 -5.76
CA THR G 553 -55.92 -47.93 -4.81
C THR G 553 -54.58 -47.94 -5.55
N SER G 554 -53.59 -47.28 -4.99
CA SER G 554 -52.21 -47.38 -5.48
C SER G 554 -51.32 -47.60 -4.28
N THR G 555 -50.68 -48.76 -4.22
CA THR G 555 -49.86 -49.18 -3.10
C THR G 555 -48.41 -49.27 -3.54
N GLU G 556 -47.50 -49.12 -2.58
CA GLU G 556 -46.08 -49.23 -2.87
C GLU G 556 -45.37 -49.72 -1.63
N ARG G 557 -44.23 -50.36 -1.83
CA ARG G 557 -43.39 -50.82 -0.74
C ARG G 557 -41.95 -50.82 -1.22
N ALA G 558 -41.02 -50.70 -0.29
CA ALA G 558 -39.61 -50.76 -0.61
C ALA G 558 -38.85 -51.30 0.59
N LYS G 559 -37.71 -51.91 0.32
CA LYS G 559 -36.81 -52.37 1.35
C LYS G 559 -35.39 -52.18 0.88
N ARG G 560 -34.52 -51.77 1.78
CA ARG G 560 -33.09 -51.73 1.51
C ARG G 560 -32.39 -52.26 2.74
N ASN G 561 -31.62 -53.32 2.58
CA ASN G 561 -30.84 -53.86 3.68
C ASN G 561 -29.38 -53.82 3.25
N LEU G 562 -28.61 -52.95 3.89
CA LEU G 562 -27.21 -52.74 3.57
C LEU G 562 -26.36 -53.15 4.76
N MET G 563 -25.26 -53.86 4.49
CA MET G 563 -24.30 -54.24 5.51
C MET G 563 -22.91 -54.02 4.96
N VAL G 564 -22.01 -53.57 5.81
CA VAL G 564 -20.61 -53.37 5.44
C VAL G 564 -19.76 -54.13 6.44
N PHE G 565 -18.91 -55.01 5.95
CA PHE G 565 -18.02 -55.80 6.78
C PHE G 565 -16.59 -55.50 6.42
N ILE G 566 -15.67 -55.80 7.34
CA ILE G 566 -14.25 -55.58 7.10
C ILE G 566 -13.51 -56.76 7.68
N ARG G 567 -12.65 -57.39 6.89
CA ARG G 567 -11.76 -58.43 7.40
C ARG G 567 -10.32 -58.04 7.20
N PRO G 568 -9.59 -57.65 8.23
CA PRO G 568 -8.15 -57.46 8.11
C PRO G 568 -7.43 -58.79 8.20
N THR G 569 -6.22 -58.82 7.64
CA THR G 569 -5.30 -59.94 7.80
C THR G 569 -3.90 -59.38 7.86
N ILE G 570 -3.11 -59.82 8.83
CA ILE G 570 -1.76 -59.31 9.01
C ILE G 570 -0.78 -60.24 8.32
N ILE G 571 0.11 -59.66 7.53
CA ILE G 571 1.21 -60.39 6.92
C ILE G 571 2.47 -60.08 7.73
N ARG G 572 2.92 -61.07 8.51
CA ARG G 572 4.15 -60.90 9.27
C ARG G 572 5.38 -61.18 8.42
N ASP G 573 5.33 -62.22 7.58
CA ASP G 573 6.49 -62.66 6.83
C ASP G 573 6.07 -62.97 5.40
N ASP G 574 7.08 -63.19 4.55
CA ASP G 574 6.81 -63.48 3.15
C ASP G 574 6.00 -64.76 2.99
N ASP G 575 6.34 -65.80 3.75
CA ASP G 575 5.77 -67.12 3.47
C ASP G 575 4.26 -67.14 3.63
N VAL G 576 3.71 -66.30 4.51
CA VAL G 576 2.26 -66.23 4.62
C VAL G 576 1.67 -65.37 3.53
N TYR G 577 2.48 -64.52 2.90
CA TYR G 577 2.00 -63.62 1.87
C TYR G 577 2.13 -64.19 0.48
N ARG G 578 2.84 -65.31 0.32
CA ARG G 578 2.65 -66.14 -0.86
C ARG G 578 1.32 -66.88 -0.78
N SER G 579 1.10 -67.61 0.31
CA SER G 579 -0.10 -68.42 0.44
C SER G 579 -1.35 -67.57 0.35
N LEU G 580 -1.28 -66.36 0.89
CA LEU G 580 -2.39 -65.42 0.76
C LEU G 580 -2.54 -64.96 -0.69
N SER G 581 -1.42 -64.73 -1.38
CA SER G 581 -1.47 -64.35 -2.78
C SER G 581 -1.70 -65.55 -3.68
N LYS G 582 -1.19 -66.72 -3.30
CA LYS G 582 -1.36 -67.91 -4.12
C LYS G 582 -2.80 -68.34 -4.17
N GLU G 583 -3.56 -68.16 -3.09
CA GLU G 583 -4.94 -68.62 -3.12
C GLU G 583 -5.84 -67.65 -3.88
N LYS G 584 -5.47 -66.37 -3.95
CA LYS G 584 -6.20 -65.46 -4.82
C LYS G 584 -5.76 -65.63 -6.27
N TYR G 585 -4.48 -65.89 -6.49
CA TYR G 585 -3.97 -66.11 -7.83
C TYR G 585 -4.57 -67.38 -8.43
N THR G 586 -4.72 -68.42 -7.62
CA THR G 586 -5.26 -69.68 -8.10
C THR G 586 -6.79 -69.65 -8.18
N ARG G 587 -7.46 -69.09 -7.16
CA ARG G 587 -8.91 -69.00 -7.22
C ARG G 587 -9.36 -68.15 -8.39
N TYR G 588 -8.54 -67.18 -8.79
CA TYR G 588 -8.87 -66.41 -9.99
C TYR G 588 -8.51 -67.18 -11.25
N ARG G 589 -7.39 -67.91 -11.22
CA ARG G 589 -6.99 -68.71 -12.36
C ARG G 589 -7.96 -69.87 -12.59
N GLN G 590 -8.33 -70.57 -11.52
CA GLN G 590 -9.30 -71.64 -11.64
C GLN G 590 -10.68 -71.13 -12.03
N GLU G 591 -10.95 -69.85 -11.83
CA GLU G 591 -12.21 -69.30 -12.31
C GLU G 591 -12.14 -69.00 -13.80
N GLN G 592 -10.99 -68.52 -14.28
CA GLN G 592 -10.82 -68.34 -15.73
C GLN G 592 -10.87 -69.68 -16.45
N GLN G 593 -10.20 -70.70 -15.90
CA GLN G 593 -10.24 -72.01 -16.54
C GLN G 593 -11.64 -72.60 -16.52
N GLN G 594 -12.45 -72.26 -15.52
CA GLN G 594 -13.83 -72.72 -15.52
C GLN G 594 -14.64 -72.02 -16.60
N ARG G 595 -14.34 -70.74 -16.85
CA ARG G 595 -15.06 -70.01 -17.88
C ARG G 595 -14.67 -70.48 -19.28
N ILE G 596 -13.44 -70.95 -19.45
CA ILE G 596 -13.03 -71.51 -20.74
C ILE G 596 -13.76 -72.83 -21.00
N ASP G 597 -13.94 -73.64 -19.96
CA ASP G 597 -14.68 -74.87 -20.12
C ASP G 597 -16.19 -74.66 -20.08
N GLY G 598 -16.64 -73.53 -19.52
CA GLY G 598 -18.07 -73.26 -19.47
C GLY G 598 -18.66 -72.87 -20.79
N LYS G 599 -17.87 -72.32 -21.69
CA LYS G 599 -18.36 -72.01 -23.03
C LYS G 599 -18.47 -73.30 -23.85
N SER G 600 -19.56 -73.40 -24.60
CA SER G 600 -19.84 -74.60 -25.37
C SER G 600 -19.42 -74.41 -26.82
N LYS G 601 -18.78 -75.43 -27.38
CA LYS G 601 -18.52 -75.44 -28.81
C LYS G 601 -19.83 -75.57 -29.58
N ALA G 602 -19.76 -75.25 -30.86
CA ALA G 602 -20.87 -75.20 -31.81
C ALA G 602 -21.65 -73.89 -31.68
N LEU G 603 -21.27 -73.02 -30.75
CA LEU G 603 -21.72 -71.64 -30.74
C LEU G 603 -20.51 -70.73 -30.83
N VAL G 604 -20.63 -69.65 -31.60
CA VAL G 604 -19.52 -68.71 -31.72
C VAL G 604 -19.35 -67.96 -30.42
N GLY G 605 -18.09 -67.86 -29.97
CA GLY G 605 -17.79 -67.15 -28.74
C GLY G 605 -16.40 -66.55 -28.81
N SER G 606 -16.12 -65.71 -27.82
CA SER G 606 -14.83 -65.05 -27.77
C SER G 606 -13.72 -66.06 -27.51
N GLU G 607 -12.59 -65.88 -28.19
CA GLU G 607 -11.42 -66.69 -27.90
C GLU G 607 -10.80 -66.25 -26.60
N ASP G 608 -10.45 -67.21 -25.75
CA ASP G 608 -10.02 -66.93 -24.40
C ASP G 608 -8.65 -66.27 -24.38
N LEU G 609 -8.37 -65.54 -23.30
CA LEU G 609 -7.03 -65.06 -23.07
C LEU G 609 -6.15 -66.20 -22.57
N PRO G 610 -4.82 -66.02 -22.61
CA PRO G 610 -3.97 -66.92 -21.83
C PRO G 610 -4.26 -66.73 -20.35
N VAL G 611 -4.42 -67.83 -19.64
CA VAL G 611 -4.87 -67.78 -18.26
C VAL G 611 -3.64 -67.76 -17.35
N LEU G 612 -3.36 -66.58 -16.80
CA LEU G 612 -2.26 -66.33 -15.87
C LEU G 612 -1.00 -67.08 -16.26
N ASP G 613 -0.34 -67.71 -15.30
CA ASP G 613 0.82 -68.55 -15.52
C ASP G 613 0.76 -69.73 -14.55
N GLU G 614 1.07 -70.91 -15.07
CA GLU G 614 1.04 -72.11 -14.23
C GLU G 614 2.27 -72.23 -13.36
N ASN G 615 3.45 -71.86 -13.86
CA ASN G 615 4.68 -72.05 -13.12
C ASN G 615 4.83 -71.08 -11.95
N THR G 616 4.04 -70.01 -11.91
CA THR G 616 4.12 -69.08 -10.79
C THR G 616 3.73 -69.80 -9.50
N PHE G 617 4.40 -69.46 -8.41
CA PHE G 617 4.24 -70.12 -7.12
C PHE G 617 4.64 -71.59 -7.20
N GLY H 99 110.97 -1.70 26.68
CA GLY H 99 111.17 -2.02 28.08
C GLY H 99 110.67 -0.95 29.03
N ASP H 100 111.49 0.07 29.23
CA ASP H 100 111.15 1.20 30.10
C ASP H 100 110.53 2.36 29.33
N GLU H 101 110.26 2.18 28.04
CA GLU H 101 109.92 3.32 27.19
C GLU H 101 108.49 3.78 27.48
N LEU H 102 108.36 5.03 27.93
CA LEU H 102 107.09 5.56 28.38
C LEU H 102 106.39 6.23 27.21
N VAL H 103 105.30 5.63 26.76
CA VAL H 103 104.52 6.16 25.63
C VAL H 103 103.05 5.98 25.94
N THR H 104 102.24 6.82 25.31
CA THR H 104 100.79 6.73 25.39
C THR H 104 100.24 6.07 24.13
N ARG H 105 99.40 5.07 24.35
CA ARG H 105 98.81 4.30 23.25
C ARG H 105 97.41 3.90 23.69
N ILE H 106 96.50 3.87 22.72
CA ILE H 106 95.08 4.02 22.97
C ILE H 106 94.32 2.93 22.20
N VAL H 107 93.65 2.04 22.92
CA VAL H 107 92.80 1.00 22.34
C VAL H 107 91.38 1.16 22.85
N PRO H 108 90.37 1.29 21.98
CA PRO H 108 88.98 1.24 22.44
C PRO H 108 88.55 -0.19 22.77
N LEU H 109 87.56 -0.30 23.65
CA LEU H 109 86.70 -1.46 23.75
C LEU H 109 85.39 -1.11 23.05
N GLU H 110 85.19 -1.63 21.85
CA GLU H 110 83.99 -1.23 21.10
C GLU H 110 82.78 -2.04 21.57
N ASN H 111 82.97 -3.34 21.76
CA ASN H 111 81.92 -4.25 22.17
C ASN H 111 81.23 -3.80 23.46
N VAL H 112 82.00 -3.35 24.44
CA VAL H 112 81.50 -3.04 25.78
C VAL H 112 81.87 -1.59 26.07
N PRO H 113 81.19 -0.87 26.97
CA PRO H 113 81.79 0.35 27.51
C PRO H 113 83.02 0.01 28.35
N ALA H 114 84.13 0.70 28.06
CA ALA H 114 85.42 0.35 28.63
C ALA H 114 85.50 0.55 30.14
N ARG H 115 84.45 1.14 30.74
CA ARG H 115 84.46 1.47 32.17
C ARG H 115 84.92 0.30 33.02
N ASP H 116 84.52 -0.92 32.66
CA ASP H 116 84.79 -2.12 33.44
C ASP H 116 86.28 -2.44 33.59
N LEU H 117 87.17 -1.80 32.85
CA LEU H 117 88.59 -2.02 33.09
C LEU H 117 89.24 -0.97 33.98
N ALA H 118 88.48 -0.02 34.52
CA ALA H 118 89.08 0.99 35.38
C ALA H 118 89.71 0.41 36.64
N PRO H 119 89.08 -0.47 37.41
CA PRO H 119 89.83 -1.13 38.50
C PRO H 119 90.95 -2.02 37.98
N LEU H 120 90.77 -2.65 36.82
CA LEU H 120 91.78 -3.57 36.32
C LEU H 120 93.03 -2.82 35.86
N LEU H 121 92.84 -1.80 35.02
CA LEU H 121 93.97 -1.16 34.34
C LEU H 121 94.69 -0.13 35.20
N ARG H 122 93.95 0.69 35.95
CA ARG H 122 94.63 1.49 36.97
C ARG H 122 95.06 0.61 38.14
N GLN H 123 94.51 -0.60 38.24
CA GLN H 123 95.17 -1.61 39.06
C GLN H 123 96.51 -2.01 38.45
N MET H 124 96.63 -1.96 37.12
CA MET H 124 97.91 -2.27 36.50
C MET H 124 98.89 -1.09 36.55
N MET H 125 98.38 0.14 36.60
CA MET H 125 99.17 1.21 37.21
C MET H 125 99.63 0.81 38.60
N ASP H 126 98.69 0.39 39.43
CA ASP H 126 98.90 -0.04 40.79
C ASP H 126 99.63 -1.39 40.87
N ALA H 127 99.90 -2.02 39.72
CA ALA H 127 100.68 -3.25 39.72
C ALA H 127 102.17 -3.02 39.92
N GLY H 128 102.73 -1.99 39.28
CA GLY H 128 104.18 -1.81 39.29
C GLY H 128 104.55 -0.35 39.23
N SER H 129 105.86 -0.10 39.24
CA SER H 129 106.37 1.24 39.44
C SER H 129 105.74 2.23 38.47
N VAL H 130 105.26 3.35 39.02
CA VAL H 130 104.21 4.15 38.41
C VAL H 130 104.86 5.09 37.39
N GLY H 131 104.11 6.11 36.94
CA GLY H 131 104.30 6.72 35.65
C GLY H 131 103.23 6.36 34.65
N ASN H 132 102.10 5.84 35.12
CA ASN H 132 101.04 5.31 34.28
C ASN H 132 99.83 6.22 34.33
N VAL H 133 99.08 6.22 33.23
CA VAL H 133 97.74 6.82 33.15
C VAL H 133 96.84 5.87 32.37
N VAL H 134 95.63 5.68 32.89
CA VAL H 134 94.56 5.01 32.16
C VAL H 134 93.37 5.94 32.22
N HIS H 135 92.65 6.09 31.11
CA HIS H 135 91.59 7.08 31.03
C HIS H 135 90.61 6.67 29.93
N TYR H 136 89.42 7.28 29.94
CA TYR H 136 88.24 6.71 29.31
C TYR H 136 87.46 7.79 28.58
N GLU H 137 87.24 7.58 27.24
CA GLU H 137 86.33 8.56 26.66
C GLU H 137 84.89 8.06 26.67
N PRO H 138 83.91 8.98 26.58
CA PRO H 138 82.52 8.56 26.38
C PRO H 138 82.37 7.69 25.15
N SER H 139 83.13 8.06 24.11
CA SER H 139 83.18 7.35 22.84
C SER H 139 83.76 5.94 23.02
N ASN H 140 84.16 5.62 24.26
CA ASN H 140 84.54 4.28 24.67
C ASN H 140 85.86 3.84 24.01
N VAL H 141 86.77 4.79 23.82
CA VAL H 141 88.16 4.49 23.57
C VAL H 141 88.90 4.57 24.90
N LEU H 142 89.86 3.67 25.07
CA LEU H 142 90.57 3.53 26.33
C LEU H 142 92.02 3.98 26.12
N ILE H 143 92.37 5.11 26.73
CA ILE H 143 93.64 5.76 26.43
C ILE H 143 94.64 5.51 27.54
N LEU H 144 95.86 5.12 27.15
CA LEU H 144 96.88 4.70 28.10
C LEU H 144 98.15 5.52 27.97
N THR H 145 98.89 5.54 29.06
CA THR H 145 100.23 6.09 29.15
C THR H 145 101.05 5.18 30.06
N GLY H 146 102.24 4.79 29.63
CA GLY H 146 103.09 4.03 30.52
C GLY H 146 104.31 3.46 29.82
N ARG H 147 105.18 2.87 30.63
CA ARG H 147 106.38 2.22 30.12
C ARG H 147 106.01 0.95 29.35
N ALA H 148 106.97 0.47 28.54
CA ALA H 148 106.67 -0.47 27.46
C ALA H 148 106.07 -1.78 27.95
N SER H 149 106.52 -2.31 29.09
CA SER H 149 105.98 -3.59 29.55
C SER H 149 104.60 -3.44 30.19
N THR H 150 104.47 -2.51 31.15
CA THR H 150 103.19 -2.27 31.79
C THR H 150 102.12 -2.00 30.74
N ILE H 151 102.49 -1.29 29.67
CA ILE H 151 101.53 -1.10 28.60
C ILE H 151 101.39 -2.34 27.74
N ASN H 152 102.43 -3.17 27.62
CA ASN H 152 102.25 -4.45 26.91
C ASN H 152 101.07 -5.19 27.48
N LYS H 153 101.07 -5.42 28.79
CA LYS H 153 100.00 -6.24 29.35
C LYS H 153 98.76 -5.42 29.70
N LEU H 154 98.87 -4.08 29.74
CA LEU H 154 97.67 -3.25 29.75
C LEU H 154 96.90 -3.33 28.44
N ILE H 155 97.54 -3.00 27.32
CA ILE H 155 96.86 -3.07 26.04
C ILE H 155 96.46 -4.52 25.73
N GLU H 156 97.23 -5.49 26.24
CA GLU H 156 96.74 -6.86 26.29
C GLU H 156 95.37 -6.92 26.93
N VAL H 157 95.23 -6.36 28.14
CA VAL H 157 93.93 -6.40 28.79
C VAL H 157 92.87 -5.80 27.88
N ILE H 158 93.23 -4.73 27.16
CA ILE H 158 92.21 -3.93 26.50
C ILE H 158 91.68 -4.59 25.24
N LYS H 159 92.57 -5.00 24.33
CA LYS H 159 92.06 -5.76 23.19
C LYS H 159 91.41 -7.05 23.66
N ARG H 160 91.99 -7.66 24.70
CA ARG H 160 91.34 -8.80 25.34
C ARG H 160 89.88 -8.51 25.60
N VAL H 161 89.59 -7.60 26.54
CA VAL H 161 88.21 -7.34 26.94
C VAL H 161 87.36 -6.89 25.76
N ASP H 162 87.99 -6.35 24.72
CA ASP H 162 87.27 -6.13 23.46
C ASP H 162 86.72 -7.43 22.89
N VAL H 163 87.62 -8.31 22.41
CA VAL H 163 87.15 -9.44 21.62
C VAL H 163 86.63 -10.56 22.52
N ILE H 164 86.81 -10.42 23.84
CA ILE H 164 86.15 -11.31 24.77
C ILE H 164 84.89 -10.66 25.31
N GLY H 165 84.68 -9.41 24.96
CA GLY H 165 83.37 -8.80 25.12
C GLY H 165 82.60 -8.81 23.81
N THR H 166 83.08 -9.59 22.83
CA THR H 166 82.42 -9.68 21.54
C THR H 166 80.93 -10.03 21.63
N GLU H 167 80.12 -9.18 21.02
CA GLU H 167 78.89 -9.61 20.37
C GLU H 167 78.67 -8.75 19.13
N LYS H 168 78.52 -9.41 17.99
CA LYS H 168 78.71 -8.81 16.68
C LYS H 168 77.67 -9.35 15.70
N GLN H 169 77.45 -8.61 14.62
CA GLN H 169 76.23 -8.70 13.84
C GLN H 169 76.39 -9.67 12.68
N GLN H 170 75.30 -10.36 12.34
CA GLN H 170 75.24 -11.07 11.08
C GLN H 170 73.78 -11.19 10.66
N ILE H 171 73.54 -11.13 9.36
CA ILE H 171 72.18 -11.36 8.89
C ILE H 171 72.26 -12.45 7.83
N ILE H 172 71.32 -13.38 7.91
CA ILE H 172 71.45 -14.67 7.24
C ILE H 172 70.16 -14.94 6.46
N HIS H 173 70.27 -15.76 5.42
CA HIS H 173 69.13 -16.11 4.59
C HIS H 173 68.17 -17.03 5.36
N LEU H 174 66.92 -17.07 4.90
CA LEU H 174 66.00 -18.17 5.18
C LEU H 174 65.62 -18.82 3.86
N GLU H 175 65.90 -20.11 3.75
CA GLU H 175 65.81 -20.80 2.46
C GLU H 175 64.37 -20.94 1.97
N TYR H 176 63.51 -21.59 2.75
CA TYR H 176 62.13 -21.87 2.36
C TYR H 176 61.14 -21.35 3.37
N ALA H 177 61.25 -21.87 4.58
CA ALA H 177 60.27 -21.63 5.63
C ALA H 177 60.02 -20.14 5.82
N SER H 178 58.76 -19.80 6.02
CA SER H 178 58.34 -18.42 6.24
C SER H 178 59.04 -17.82 7.46
N ALA H 179 59.33 -16.52 7.36
CA ALA H 179 60.18 -15.87 8.36
C ALA H 179 59.48 -15.72 9.69
N GLU H 180 58.24 -15.22 9.66
CA GLU H 180 57.44 -15.06 10.87
C GLU H 180 57.46 -16.30 11.75
N ASP H 181 57.43 -17.49 11.17
CA ASP H 181 57.43 -18.69 11.98
C ASP H 181 58.70 -18.79 12.81
N LEU H 182 59.82 -19.06 12.12
CA LEU H 182 61.09 -19.25 12.79
C LEU H 182 61.36 -18.10 13.76
N ALA H 183 60.92 -16.89 13.40
CA ALA H 183 60.72 -15.88 14.42
C ALA H 183 59.98 -16.47 15.61
N GLU H 184 58.70 -16.82 15.41
CA GLU H 184 57.84 -17.12 16.55
C GLU H 184 58.52 -18.11 17.49
N ILE H 185 59.16 -19.13 16.93
CA ILE H 185 59.81 -20.10 17.80
C ILE H 185 60.97 -19.44 18.53
N LEU H 186 61.91 -18.85 17.80
CA LEU H 186 63.18 -18.53 18.42
C LEU H 186 63.05 -17.33 19.35
N ASN H 187 62.19 -16.39 19.00
CA ASN H 187 61.91 -15.23 19.86
C ASN H 187 61.70 -15.68 21.29
N GLN H 188 60.61 -16.40 21.50
CA GLN H 188 60.12 -16.84 22.78
C GLN H 188 60.99 -17.92 23.39
N LEU H 189 62.03 -18.37 22.70
CA LEU H 189 63.09 -19.17 23.32
C LEU H 189 64.05 -18.25 24.05
N ILE H 190 64.14 -18.42 25.36
CA ILE H 190 65.10 -17.67 26.16
C ILE H 190 65.59 -18.59 27.28
N LYS H 206 69.34 -10.00 18.86
CA LYS H 206 67.91 -10.23 18.76
C LYS H 206 67.59 -11.11 17.56
N ILE H 207 66.32 -11.22 17.20
CA ILE H 207 65.87 -12.09 16.12
C ILE H 207 64.99 -11.29 15.19
N VAL H 208 65.38 -11.20 13.92
CA VAL H 208 64.62 -10.43 12.94
C VAL H 208 64.23 -11.32 11.77
N ALA H 209 63.03 -11.09 11.25
CA ALA H 209 62.50 -11.85 10.12
C ALA H 209 62.42 -10.97 8.87
N ASP H 210 62.51 -11.62 7.71
CA ASP H 210 62.15 -11.01 6.42
C ASP H 210 61.33 -11.99 5.61
N LYS H 211 60.11 -11.59 5.26
CA LYS H 211 59.34 -12.36 4.28
C LYS H 211 59.74 -11.98 2.85
N ARG H 212 59.96 -10.68 2.56
CA ARG H 212 60.18 -10.26 1.19
C ARG H 212 61.39 -10.97 0.60
N THR H 213 62.55 -10.85 1.23
CA THR H 213 63.67 -11.68 0.83
C THR H 213 63.86 -12.88 1.75
N ASN H 214 63.04 -13.03 2.79
CA ASN H 214 63.02 -14.23 3.62
C ASN H 214 64.37 -14.48 4.30
N SER H 215 64.69 -13.66 5.30
CA SER H 215 65.97 -13.75 5.98
C SER H 215 65.76 -13.88 7.49
N LEU H 216 66.54 -14.75 8.12
CA LEU H 216 66.71 -14.69 9.57
C LEU H 216 67.94 -13.88 9.92
N ILE H 217 67.74 -12.88 10.76
CA ILE H 217 68.76 -11.89 11.09
C ILE H 217 69.08 -12.01 12.57
N ILE H 218 70.37 -11.98 12.90
CA ILE H 218 70.77 -12.43 14.23
C ILE H 218 71.98 -11.63 14.74
N SER H 219 71.93 -11.34 16.03
CA SER H 219 72.99 -10.67 16.76
C SER H 219 73.50 -11.55 17.89
N GLY H 220 74.71 -11.24 18.33
CA GLY H 220 75.32 -11.88 19.47
C GLY H 220 76.82 -11.97 19.26
N PRO H 221 77.50 -12.70 20.13
CA PRO H 221 78.91 -13.03 19.87
C PRO H 221 79.03 -13.95 18.66
N GLU H 222 80.26 -14.41 18.42
CA GLU H 222 80.40 -15.52 17.48
C GLU H 222 79.79 -16.79 18.05
N LYS H 223 79.74 -16.91 19.37
CA LYS H 223 79.08 -18.06 19.96
C LYS H 223 77.56 -17.96 19.86
N ALA H 224 77.03 -16.74 19.79
CA ALA H 224 75.62 -16.61 19.40
C ALA H 224 75.45 -16.95 17.93
N ARG H 225 76.39 -16.49 17.09
CA ARG H 225 76.40 -16.92 15.71
C ARG H 225 76.27 -18.43 15.62
N GLN H 226 77.15 -19.17 16.30
CA GLN H 226 77.18 -20.61 16.15
C GLN H 226 75.95 -21.27 16.75
N ARG H 227 75.57 -20.88 17.97
CA ARG H 227 74.46 -21.56 18.63
C ARG H 227 73.18 -21.42 17.81
N ILE H 228 72.95 -20.24 17.25
CA ILE H 228 71.69 -20.08 16.54
C ILE H 228 71.84 -20.46 15.08
N THR H 229 73.06 -20.64 14.59
CA THR H 229 73.22 -21.34 13.31
C THR H 229 72.92 -22.81 13.48
N SER H 230 73.06 -23.32 14.69
CA SER H 230 72.71 -24.70 14.96
C SER H 230 71.21 -24.86 15.16
N LEU H 231 70.57 -23.85 15.74
CA LEU H 231 69.11 -23.83 15.68
C LEU H 231 68.63 -23.75 14.24
N LEU H 232 69.22 -22.87 13.44
CA LEU H 232 68.88 -22.84 12.03
C LEU H 232 69.03 -24.22 11.41
N LYS H 233 70.22 -24.81 11.52
CA LYS H 233 70.43 -26.10 10.90
C LYS H 233 69.42 -27.11 11.40
N SER H 234 68.95 -26.94 12.64
CA SER H 234 67.79 -27.71 13.08
C SER H 234 66.64 -27.54 12.10
N LEU H 235 66.05 -26.35 12.01
CA LEU H 235 65.06 -26.15 10.94
C LEU H 235 65.58 -25.14 9.91
N ASP H 236 66.16 -25.69 8.84
CA ASP H 236 66.15 -25.07 7.54
C ASP H 236 65.21 -25.78 6.59
N VAL H 237 64.59 -26.88 7.03
CA VAL H 237 63.96 -27.81 6.09
C VAL H 237 62.55 -27.37 5.76
N GLU H 238 62.19 -27.49 4.50
CA GLU H 238 60.82 -27.22 4.10
C GLU H 238 60.00 -28.47 4.35
N GLU H 239 58.92 -28.32 5.10
CA GLU H 239 58.08 -29.45 5.45
C GLU H 239 57.43 -30.04 4.21
N SER H 240 57.30 -31.36 4.19
CA SER H 240 56.60 -32.02 3.10
C SER H 240 55.12 -31.99 3.43
N GLU H 241 54.54 -30.80 3.36
CA GLU H 241 53.14 -30.59 3.69
C GLU H 241 52.24 -31.48 2.85
N GLU H 242 52.60 -31.63 1.57
CA GLU H 242 51.80 -32.42 0.63
C GLU H 242 50.62 -31.58 0.20
N GLY H 243 49.63 -32.21 -0.43
CA GLY H 243 48.46 -31.48 -0.84
C GLY H 243 47.48 -31.22 0.28
N ASN H 244 46.98 -29.99 0.34
CA ASN H 244 45.86 -29.65 1.21
C ASN H 244 44.52 -30.10 0.65
N THR H 245 44.35 -29.95 -0.65
CA THR H 245 43.09 -30.25 -1.31
C THR H 245 43.17 -31.50 -2.17
N ARG H 246 42.21 -32.40 -1.98
CA ARG H 246 42.10 -33.57 -2.82
C ARG H 246 40.86 -33.47 -3.70
N VAL H 247 40.94 -34.08 -4.86
CA VAL H 247 39.83 -34.16 -5.81
C VAL H 247 39.45 -35.62 -5.93
N TYR H 248 38.28 -35.98 -5.43
CA TYR H 248 37.80 -37.34 -5.49
C TYR H 248 36.95 -37.54 -6.73
N TYR H 249 37.26 -38.57 -7.50
CA TYR H 249 36.44 -38.93 -8.65
C TYR H 249 35.41 -39.93 -8.17
N LEU H 250 34.15 -39.51 -8.12
CA LEU H 250 33.10 -40.37 -7.63
C LEU H 250 32.68 -41.34 -8.72
N LYS H 251 32.47 -42.58 -8.33
CA LYS H 251 31.89 -43.59 -9.21
C LYS H 251 30.69 -44.19 -8.51
N TYR H 252 29.52 -44.05 -9.13
CA TYR H 252 28.19 -44.50 -8.68
C TYR H 252 27.49 -43.44 -7.84
N ALA H 253 28.16 -42.36 -7.47
CA ALA H 253 27.52 -41.29 -6.71
C ALA H 253 27.53 -40.00 -7.51
N LYS H 254 26.62 -39.11 -7.18
CA LYS H 254 26.49 -37.83 -7.86
C LYS H 254 27.07 -36.75 -6.96
N ALA H 255 28.05 -36.01 -7.48
CA ALA H 255 28.86 -35.12 -6.66
C ALA H 255 28.05 -34.05 -5.96
N THR H 256 27.05 -33.50 -6.67
CA THR H 256 26.22 -32.45 -6.10
C THR H 256 25.40 -33.00 -4.94
N ASN H 257 24.90 -34.21 -5.11
CA ASN H 257 24.16 -34.89 -4.06
C ASN H 257 25.02 -35.16 -2.84
N LEU H 258 26.23 -35.65 -3.11
CA LEU H 258 27.15 -36.02 -2.05
C LEU H 258 27.54 -34.79 -1.26
N VAL H 259 27.67 -33.66 -1.93
CA VAL H 259 28.13 -32.47 -1.25
C VAL H 259 27.19 -32.09 -0.11
N GLU H 260 25.89 -32.17 -0.34
CA GLU H 260 24.95 -31.78 0.71
C GLU H 260 25.11 -32.67 1.94
N VAL H 261 25.22 -33.98 1.69
CA VAL H 261 25.36 -34.93 2.79
C VAL H 261 26.66 -34.69 3.54
N LEU H 262 27.72 -34.42 2.79
CA LEU H 262 29.04 -34.20 3.35
C LEU H 262 29.06 -32.94 4.19
N THR H 263 28.30 -31.94 3.76
CA THR H 263 28.39 -30.62 4.33
C THR H 263 28.07 -30.70 5.81
N GLY H 264 27.09 -31.52 6.16
CA GLY H 264 26.76 -31.64 7.55
C GLY H 264 27.93 -32.24 8.35
N VAL H 265 28.57 -33.27 7.77
CA VAL H 265 29.69 -33.95 8.45
C VAL H 265 30.85 -33.01 8.65
N SER H 266 31.11 -32.18 7.66
CA SER H 266 32.17 -31.23 7.74
C SER H 266 31.74 -30.07 8.63
N GLU H 267 30.41 -29.73 8.58
CA GLU H 267 29.89 -28.57 9.31
C GLU H 267 29.57 -29.01 10.73
N VAL H 288 36.49 -27.19 7.25
CA VAL H 288 36.55 -28.00 6.03
C VAL H 288 35.58 -27.49 4.98
N ALA H 289 36.01 -27.48 3.73
CA ALA H 289 35.17 -27.03 2.63
C ALA H 289 34.97 -28.15 1.63
N ILE H 290 33.71 -28.47 1.33
CA ILE H 290 33.39 -29.50 0.37
C ILE H 290 32.59 -28.86 -0.75
N THR H 291 33.05 -29.00 -1.98
CA THR H 291 32.32 -28.52 -3.13
C THR H 291 32.53 -29.49 -4.30
N ALA H 292 31.59 -29.45 -5.23
CA ALA H 292 31.52 -30.45 -6.29
C ALA H 292 31.66 -29.81 -7.66
N ASP H 293 32.24 -30.57 -8.59
CA ASP H 293 32.29 -30.20 -9.99
C ASP H 293 31.23 -31.01 -10.73
N GLU H 294 30.18 -30.34 -11.18
CA GLU H 294 29.08 -31.05 -11.82
C GLU H 294 29.45 -31.59 -13.19
N GLN H 295 30.51 -31.05 -13.80
CA GLN H 295 30.90 -31.52 -15.13
C GLN H 295 31.59 -32.88 -15.04
N THR H 296 32.76 -32.91 -14.41
CA THR H 296 33.50 -34.15 -14.28
C THR H 296 32.91 -35.10 -13.24
N ASN H 297 31.91 -34.65 -12.48
CA ASN H 297 31.33 -35.43 -11.39
C ASN H 297 32.40 -35.83 -10.39
N SER H 298 33.14 -34.84 -9.93
CA SER H 298 34.19 -35.04 -8.95
C SER H 298 33.94 -34.12 -7.76
N LEU H 299 34.45 -34.53 -6.61
CA LEU H 299 34.18 -33.86 -5.35
C LEU H 299 35.48 -33.30 -4.82
N VAL H 300 35.46 -32.04 -4.39
CA VAL H 300 36.66 -31.31 -3.99
C VAL H 300 36.56 -31.04 -2.50
N ILE H 301 37.42 -31.68 -1.71
CA ILE H 301 37.49 -31.47 -0.27
C ILE H 301 38.85 -30.90 0.08
N THR H 302 38.85 -29.74 0.73
CA THR H 302 40.07 -29.16 1.28
C THR H 302 39.96 -29.13 2.80
N ALA H 303 40.95 -29.69 3.47
CA ALA H 303 40.91 -29.89 4.91
C ALA H 303 42.24 -30.49 5.36
N ASP H 304 42.39 -30.61 6.67
CA ASP H 304 43.60 -31.18 7.24
C ASP H 304 43.76 -32.63 6.82
N GLN H 305 45.01 -33.08 6.81
CA GLN H 305 45.30 -34.48 6.50
C GLN H 305 44.51 -35.44 7.38
N SER H 306 44.17 -35.02 8.60
CA SER H 306 43.37 -35.87 9.48
C SER H 306 41.94 -35.99 8.97
N VAL H 307 41.32 -34.86 8.62
CA VAL H 307 39.96 -34.90 8.10
C VAL H 307 39.90 -35.64 6.77
N GLN H 308 40.92 -35.44 5.92
CA GLN H 308 40.94 -36.09 4.62
C GLN H 308 40.84 -37.60 4.75
N GLU H 309 41.63 -38.19 5.65
CA GLU H 309 41.62 -39.64 5.79
C GLU H 309 40.31 -40.14 6.38
N LYS H 310 39.61 -39.29 7.14
CA LYS H 310 38.32 -39.70 7.69
C LYS H 310 37.21 -39.55 6.65
N LEU H 311 37.19 -38.45 5.90
CA LEU H 311 36.21 -38.30 4.83
C LEU H 311 36.46 -39.25 3.67
N ALA H 312 37.69 -39.75 3.53
CA ALA H 312 37.96 -40.71 2.46
C ALA H 312 37.24 -42.02 2.71
N THR H 313 37.04 -42.39 3.98
CA THR H 313 36.29 -43.59 4.30
C THR H 313 34.79 -43.34 4.24
N VAL H 314 34.34 -42.15 4.65
CA VAL H 314 32.92 -41.82 4.58
C VAL H 314 32.45 -41.84 3.13
N ILE H 315 33.25 -41.27 2.22
CA ILE H 315 32.88 -41.27 0.82
C ILE H 315 32.90 -42.68 0.25
N ALA H 316 33.92 -43.47 0.59
CA ALA H 316 33.99 -44.83 0.09
C ALA H 316 32.79 -45.65 0.55
N ARG H 317 32.28 -45.38 1.76
CA ARG H 317 31.08 -46.06 2.22
C ARG H 317 29.85 -45.56 1.49
N LEU H 318 29.83 -44.29 1.16
CA LEU H 318 28.64 -43.62 0.64
C LEU H 318 28.61 -43.61 -0.88
N ASP H 319 29.65 -44.13 -1.52
CA ASP H 319 29.81 -44.13 -2.97
C ASP H 319 29.38 -45.44 -3.61
N ILE H 320 28.78 -46.35 -2.84
CA ILE H 320 28.61 -47.72 -3.31
C ILE H 320 27.64 -47.80 -4.49
N ARG H 321 27.73 -48.90 -5.21
CA ARG H 321 26.81 -49.19 -6.30
C ARG H 321 25.44 -49.58 -5.76
N ARG H 322 24.40 -49.08 -6.41
CA ARG H 322 23.03 -49.22 -5.94
C ARG H 322 22.28 -50.21 -6.85
N ALA H 323 21.38 -50.98 -6.24
CA ALA H 323 20.69 -52.04 -6.94
C ALA H 323 19.55 -51.51 -7.80
N GLN H 324 19.18 -52.31 -8.80
CA GLN H 324 18.08 -52.02 -9.71
C GLN H 324 16.95 -53.00 -9.46
N VAL H 325 15.73 -52.57 -9.73
CA VAL H 325 14.56 -53.40 -9.50
C VAL H 325 13.71 -53.42 -10.76
N LEU H 326 13.43 -54.61 -11.26
CA LEU H 326 12.43 -54.80 -12.30
C LEU H 326 11.07 -55.05 -11.64
N VAL H 327 10.11 -54.18 -11.92
CA VAL H 327 8.80 -54.24 -11.29
C VAL H 327 7.77 -54.56 -12.36
N GLU H 328 7.23 -55.77 -12.34
CA GLU H 328 6.11 -56.12 -13.20
C GLU H 328 4.83 -56.02 -12.40
N ALA H 329 3.85 -55.31 -12.94
CA ALA H 329 2.49 -55.35 -12.42
C ALA H 329 1.66 -56.24 -13.34
N ILE H 330 0.69 -56.94 -12.77
CA ILE H 330 -0.22 -57.77 -13.54
C ILE H 330 -1.62 -57.37 -13.15
N ILE H 331 -2.35 -56.78 -14.08
CA ILE H 331 -3.72 -56.36 -13.84
C ILE H 331 -4.61 -57.26 -14.67
N VAL H 332 -5.35 -58.13 -14.01
CA VAL H 332 -6.30 -59.02 -14.67
C VAL H 332 -7.70 -58.61 -14.24
N GLU H 333 -8.57 -58.36 -15.20
CA GLU H 333 -9.97 -58.14 -14.93
C GLU H 333 -10.79 -59.04 -15.83
N VAL H 334 -11.92 -59.50 -15.32
CA VAL H 334 -12.86 -60.26 -16.12
C VAL H 334 -14.27 -59.80 -15.77
N GLN H 335 -15.04 -59.42 -16.78
CA GLN H 335 -16.42 -59.01 -16.60
C GLN H 335 -17.31 -59.94 -17.41
N ASP H 336 -18.51 -60.18 -16.90
CA ASP H 336 -19.56 -60.76 -17.71
C ASP H 336 -20.89 -60.48 -17.08
N GLY H 337 -21.94 -60.55 -17.88
CA GLY H 337 -23.28 -60.43 -17.37
C GLY H 337 -24.29 -60.77 -18.43
N ASN H 338 -25.48 -61.20 -18.03
CA ASN H 338 -26.49 -61.64 -18.97
C ASN H 338 -27.86 -61.10 -18.56
N GLY H 339 -28.44 -60.27 -19.41
CA GLY H 339 -29.81 -59.85 -19.22
C GLY H 339 -30.79 -60.74 -19.94
N LEU H 340 -32.01 -60.80 -19.42
CA LEU H 340 -33.12 -61.45 -20.09
C LEU H 340 -34.37 -60.63 -19.85
N ASN H 341 -35.02 -60.16 -20.91
CA ASN H 341 -36.29 -59.49 -20.76
C ASN H 341 -37.30 -60.04 -21.77
N LEU H 342 -38.33 -60.69 -21.25
CA LEU H 342 -39.39 -61.27 -22.08
C LEU H 342 -40.73 -60.88 -21.48
N GLY H 343 -41.70 -60.63 -22.34
CA GLY H 343 -43.04 -60.30 -21.87
C GLY H 343 -44.08 -60.70 -22.87
N VAL H 344 -45.28 -60.99 -22.38
CA VAL H 344 -46.40 -61.33 -23.23
C VAL H 344 -47.41 -60.23 -23.01
N GLN H 345 -47.97 -59.66 -24.08
CA GLN H 345 -49.08 -58.71 -23.97
C GLN H 345 -50.16 -59.26 -24.89
N TRP H 346 -51.41 -59.32 -24.48
CA TRP H 346 -52.49 -59.78 -25.37
C TRP H 346 -53.48 -58.63 -25.42
N ALA H 347 -53.98 -58.20 -26.57
CA ALA H 347 -54.98 -57.12 -26.61
C ALA H 347 -56.25 -57.68 -27.24
N ASN H 348 -57.43 -57.53 -26.64
CA ASN H 348 -58.65 -58.07 -27.26
C ASN H 348 -59.69 -56.97 -27.53
N LYS H 349 -60.26 -56.88 -28.71
CA LYS H 349 -61.20 -55.78 -28.88
C LYS H 349 -62.42 -55.92 -27.98
N ASN H 350 -62.95 -57.13 -27.89
CA ASN H 350 -64.14 -57.37 -27.08
C ASN H 350 -63.97 -57.16 -25.58
N VAL H 351 -62.87 -57.62 -25.02
CA VAL H 351 -62.65 -57.54 -23.57
C VAL H 351 -61.76 -56.38 -23.13
N GLY H 352 -60.62 -56.23 -23.81
CA GLY H 352 -59.65 -55.22 -23.42
C GLY H 352 -58.26 -55.71 -23.72
N ALA H 353 -57.25 -54.90 -23.39
CA ALA H 353 -55.88 -55.27 -23.71
C ALA H 353 -54.94 -55.14 -22.53
N GLN H 354 -53.91 -55.99 -22.50
CA GLN H 354 -52.85 -55.88 -21.52
C GLN H 354 -51.61 -55.41 -22.26
N GLN H 355 -51.06 -54.29 -21.82
CA GLN H 355 -49.92 -53.71 -22.52
C GLN H 355 -48.78 -53.37 -21.58
N PHE H 356 -47.56 -53.60 -22.03
CA PHE H 356 -46.37 -53.26 -21.26
C PHE H 356 -45.44 -52.45 -22.15
N THR H 357 -45.31 -51.17 -21.84
CA THR H 357 -44.15 -50.45 -22.31
C THR H 357 -42.94 -51.02 -21.59
N ASN H 358 -41.77 -50.86 -22.18
CA ASN H 358 -40.48 -51.46 -21.83
C ASN H 358 -40.32 -52.81 -22.50
N THR H 359 -41.35 -53.38 -23.11
CA THR H 359 -41.15 -54.49 -24.01
C THR H 359 -40.43 -54.06 -25.28
N GLY H 360 -40.26 -52.76 -25.46
CA GLY H 360 -39.66 -52.18 -26.64
C GLY H 360 -40.66 -51.88 -27.72
N LEU H 361 -41.79 -52.59 -27.74
CA LEU H 361 -42.95 -52.15 -28.44
C LEU H 361 -44.18 -52.52 -27.62
N PRO H 362 -45.12 -51.60 -27.44
CA PRO H 362 -46.39 -51.94 -26.80
C PRO H 362 -47.39 -52.54 -27.78
N ILE H 363 -48.35 -53.26 -27.23
CA ILE H 363 -49.36 -53.91 -28.06
C ILE H 363 -50.19 -52.89 -28.82
N PHE H 364 -50.39 -51.71 -28.26
CA PHE H 364 -51.22 -50.71 -28.93
C PHE H 364 -50.52 -50.16 -30.16
N ASN H 365 -49.30 -49.66 -30.00
CA ASN H 365 -48.60 -49.08 -31.12
C ASN H 365 -48.21 -50.13 -32.15
N ALA H 366 -48.01 -51.37 -31.73
CA ALA H 366 -47.73 -52.42 -32.70
C ALA H 366 -48.97 -52.76 -33.51
N ALA H 367 -50.12 -52.89 -32.86
CA ALA H 367 -51.34 -53.21 -33.58
C ALA H 367 -51.75 -52.11 -34.53
N GLN H 368 -51.44 -50.86 -34.21
CA GLN H 368 -51.68 -49.78 -35.16
C GLN H 368 -50.71 -49.85 -36.33
N GLY H 369 -49.49 -50.35 -36.09
CA GLY H 369 -48.52 -50.48 -37.16
C GLY H 369 -48.78 -51.69 -38.03
N VAL H 370 -49.15 -52.82 -37.42
CA VAL H 370 -49.44 -54.01 -38.20
C VAL H 370 -50.69 -53.79 -39.05
N ALA H 371 -51.72 -53.17 -38.48
CA ALA H 371 -52.92 -52.88 -39.26
C ALA H 371 -52.61 -51.93 -40.40
N ASP H 372 -51.84 -50.87 -40.13
CA ASP H 372 -51.42 -49.96 -41.18
C ASP H 372 -50.61 -50.69 -42.25
N TYR H 373 -49.82 -51.68 -41.85
CA TYR H 373 -49.00 -52.41 -42.82
C TYR H 373 -49.86 -53.27 -43.73
N LYS H 374 -50.98 -53.80 -43.22
CA LYS H 374 -51.82 -54.65 -44.05
C LYS H 374 -52.59 -53.84 -45.08
N LYS H 375 -53.11 -52.68 -44.69
CA LYS H 375 -53.93 -51.91 -45.61
C LYS H 375 -53.09 -51.30 -46.73
N ASN H 376 -51.93 -50.74 -46.39
CA ASN H 376 -51.11 -50.05 -47.38
C ASN H 376 -50.08 -50.95 -48.05
N GLY H 377 -49.91 -52.18 -47.57
CA GLY H 377 -48.89 -53.06 -48.08
C GLY H 377 -47.48 -52.73 -47.64
N GLY H 378 -47.27 -51.56 -47.04
CA GLY H 378 -45.97 -51.16 -46.54
C GLY H 378 -46.15 -50.12 -45.46
N ILE H 379 -45.02 -49.59 -44.99
CA ILE H 379 -45.03 -48.60 -43.91
C ILE H 379 -44.09 -47.47 -44.31
N THR H 380 -44.64 -46.26 -44.42
CA THR H 380 -43.83 -45.08 -44.66
C THR H 380 -43.06 -44.69 -43.41
N SER H 381 -42.02 -43.89 -43.61
CA SER H 381 -41.25 -43.36 -42.47
C SER H 381 -42.07 -42.42 -41.61
N ALA H 382 -43.21 -41.92 -42.10
CA ALA H 382 -44.04 -41.02 -41.32
C ALA H 382 -44.94 -41.76 -40.33
N ASN H 383 -45.18 -43.05 -40.56
CA ASN H 383 -45.96 -43.84 -39.62
C ASN H 383 -45.29 -43.81 -38.25
N PRO H 384 -46.01 -43.45 -37.19
CA PRO H 384 -45.38 -43.38 -35.86
C PRO H 384 -44.78 -44.70 -35.41
N ALA H 385 -45.26 -45.82 -35.93
CA ALA H 385 -44.68 -47.11 -35.59
C ALA H 385 -43.35 -47.38 -36.26
N TRP H 386 -42.91 -46.52 -37.17
CA TRP H 386 -41.64 -46.74 -37.86
C TRP H 386 -40.49 -46.80 -36.86
N ASP H 387 -40.32 -45.74 -36.06
CA ASP H 387 -39.22 -45.70 -35.11
C ASP H 387 -39.31 -46.81 -34.07
N MET H 388 -40.50 -47.37 -33.85
CA MET H 388 -40.64 -48.42 -32.86
C MET H 388 -40.18 -49.76 -33.40
N PHE H 389 -40.54 -50.07 -34.65
CA PHE H 389 -40.06 -51.30 -35.26
C PHE H 389 -38.62 -51.16 -35.76
N SER H 390 -38.20 -49.96 -36.16
CA SER H 390 -36.87 -49.81 -36.71
C SER H 390 -35.81 -50.11 -35.66
N ALA H 391 -36.06 -49.76 -34.41
CA ALA H 391 -35.18 -50.16 -33.32
C ALA H 391 -35.95 -51.13 -32.44
N TYR H 392 -35.63 -52.41 -32.58
CA TYR H 392 -36.15 -53.45 -31.71
C TYR H 392 -35.18 -54.62 -31.78
N ASN H 393 -35.03 -55.32 -30.67
CA ASN H 393 -34.12 -56.45 -30.62
C ASN H 393 -34.83 -57.66 -30.04
N GLY H 394 -34.58 -58.81 -30.62
CA GLY H 394 -35.14 -60.06 -30.14
C GLY H 394 -36.32 -60.51 -30.97
N MET H 395 -36.90 -61.63 -30.56
CA MET H 395 -37.98 -62.26 -31.30
C MET H 395 -39.31 -61.67 -30.85
N ALA H 396 -40.05 -61.08 -31.78
CA ALA H 396 -41.40 -60.62 -31.55
C ALA H 396 -42.34 -61.51 -32.36
N ALA H 397 -43.07 -62.39 -31.68
CA ALA H 397 -43.92 -63.38 -32.33
C ALA H 397 -45.37 -63.12 -31.99
N GLY H 398 -46.14 -62.65 -32.96
CA GLY H 398 -47.55 -62.45 -32.76
C GLY H 398 -48.36 -63.69 -33.14
N PHE H 399 -49.49 -63.87 -32.45
CA PHE H 399 -50.40 -64.97 -32.72
C PHE H 399 -51.83 -64.49 -32.58
N PHE H 400 -52.65 -64.71 -33.60
CA PHE H 400 -54.05 -64.33 -33.56
C PHE H 400 -54.91 -65.59 -33.50
N ASN H 401 -55.64 -65.75 -32.40
CA ASN H 401 -56.61 -66.83 -32.25
C ASN H 401 -57.99 -66.18 -32.17
N GLY H 402 -58.78 -66.32 -33.24
CA GLY H 402 -60.08 -65.70 -33.25
C GLY H 402 -59.95 -64.19 -33.19
N ASP H 403 -60.58 -63.59 -32.19
CA ASP H 403 -60.47 -62.16 -31.96
C ASP H 403 -59.32 -61.80 -31.03
N TRP H 404 -58.69 -62.78 -30.40
CA TRP H 404 -57.60 -62.52 -29.46
C TRP H 404 -56.30 -62.27 -30.22
N GLY H 405 -55.73 -61.09 -30.05
CA GLY H 405 -54.34 -60.86 -30.43
C GLY H 405 -53.42 -61.20 -29.28
N VAL H 406 -52.24 -61.72 -29.61
CA VAL H 406 -51.22 -62.06 -28.62
C VAL H 406 -49.87 -61.72 -29.20
N LEU H 407 -49.02 -61.09 -28.39
CA LEU H 407 -47.71 -60.64 -28.86
C LEU H 407 -46.66 -61.00 -27.83
N LEU H 408 -45.68 -61.81 -28.22
CA LEU H 408 -44.61 -62.25 -27.37
C LEU H 408 -43.30 -61.59 -27.80
N THR H 409 -42.66 -60.89 -26.88
CA THR H 409 -41.35 -60.30 -27.10
C THR H 409 -40.36 -60.97 -26.18
N ALA H 410 -39.23 -61.42 -26.72
CA ALA H 410 -38.20 -62.07 -25.93
C ALA H 410 -36.84 -61.65 -26.42
N LEU H 411 -35.98 -61.23 -25.50
CA LEU H 411 -34.59 -60.91 -25.79
C LEU H 411 -33.73 -61.37 -24.64
N ALA H 412 -32.71 -62.16 -24.91
CA ALA H 412 -31.74 -62.55 -23.90
C ALA H 412 -30.38 -62.04 -24.35
N SER H 413 -29.87 -61.04 -23.65
CA SER H 413 -28.56 -60.48 -23.93
C SER H 413 -27.53 -61.13 -23.04
N ASN H 414 -26.34 -61.31 -23.58
CA ASN H 414 -25.22 -61.84 -22.83
C ASN H 414 -23.97 -61.14 -23.33
N ASN H 415 -23.11 -60.71 -22.43
CA ASN H 415 -21.83 -60.17 -22.84
C ASN H 415 -20.74 -60.75 -21.96
N LYS H 416 -19.51 -60.52 -22.39
CA LYS H 416 -18.34 -61.02 -21.69
C LYS H 416 -17.19 -60.09 -22.00
N ASN H 417 -16.30 -59.92 -21.05
CA ASN H 417 -15.18 -59.02 -21.24
C ASN H 417 -14.02 -59.55 -20.43
N ASP H 418 -12.82 -59.41 -20.95
CA ASP H 418 -11.65 -59.92 -20.28
C ASP H 418 -10.48 -59.02 -20.61
N ILE H 419 -9.64 -58.72 -19.63
CA ILE H 419 -8.57 -57.76 -19.78
C ILE H 419 -7.33 -58.31 -19.10
N LEU H 420 -6.18 -58.03 -19.69
CA LEU H 420 -4.89 -58.34 -19.11
C LEU H 420 -3.94 -57.20 -19.43
N ALA H 421 -3.24 -56.72 -18.43
CA ALA H 421 -2.22 -55.69 -18.62
C ALA H 421 -1.02 -56.08 -17.79
N THR H 422 0.17 -55.83 -18.30
CA THR H 422 1.41 -56.17 -17.60
C THR H 422 2.45 -55.08 -17.83
N PRO H 423 2.24 -53.90 -17.26
CA PRO H 423 3.27 -52.86 -17.33
C PRO H 423 4.46 -53.24 -16.47
N SER H 424 5.65 -53.07 -17.01
CA SER H 424 6.87 -53.34 -16.27
C SER H 424 7.83 -52.17 -16.46
N ILE H 425 8.69 -51.97 -15.46
CA ILE H 425 9.61 -50.84 -15.44
C ILE H 425 10.85 -51.29 -14.69
N VAL H 426 12.01 -50.83 -15.15
CA VAL H 426 13.28 -51.05 -14.46
C VAL H 426 13.76 -49.72 -13.95
N THR H 427 14.22 -49.69 -12.70
CA THR H 427 14.71 -48.45 -12.13
C THR H 427 15.66 -48.74 -10.99
N LEU H 428 16.48 -47.75 -10.67
CA LEU H 428 17.35 -47.85 -9.50
C LEU H 428 16.54 -47.71 -8.25
N ASP H 429 16.98 -48.36 -7.18
CA ASP H 429 16.31 -48.21 -5.90
C ASP H 429 16.37 -46.76 -5.45
N ASN H 430 15.33 -46.33 -4.75
CA ASN H 430 15.16 -45.00 -4.19
C ASN H 430 14.93 -43.95 -5.28
N LYS H 431 14.99 -44.33 -6.55
CA LYS H 431 14.68 -43.44 -7.66
C LYS H 431 13.28 -43.73 -8.17
N LEU H 432 12.50 -42.67 -8.38
CA LEU H 432 11.12 -42.81 -8.83
C LEU H 432 11.06 -42.99 -10.34
N ALA H 433 10.43 -44.07 -10.78
CA ALA H 433 10.22 -44.36 -12.18
C ALA H 433 8.73 -44.33 -12.47
N SER H 434 8.39 -43.92 -13.69
CA SER H 434 7.00 -43.91 -14.12
C SER H 434 6.92 -44.41 -15.54
N PHE H 435 5.81 -45.08 -15.84
CA PHE H 435 5.59 -45.69 -17.14
C PHE H 435 4.18 -45.37 -17.57
N ASN H 436 4.02 -44.65 -18.68
CA ASN H 436 2.71 -44.22 -19.15
C ASN H 436 2.50 -44.78 -20.55
N VAL H 437 1.41 -45.49 -20.75
CA VAL H 437 0.95 -45.86 -22.08
C VAL H 437 -0.52 -45.52 -22.15
N GLY H 438 -0.87 -44.59 -23.02
CA GLY H 438 -2.22 -44.05 -22.99
C GLY H 438 -2.32 -42.86 -23.90
N GLN H 439 -3.23 -41.97 -23.59
CA GLN H 439 -3.40 -40.78 -24.40
C GLN H 439 -3.63 -39.57 -23.51
N ASP H 440 -3.21 -38.42 -24.00
CA ASP H 440 -3.25 -37.15 -23.27
C ASP H 440 -4.42 -36.35 -23.81
N VAL H 441 -5.44 -36.16 -22.98
CA VAL H 441 -6.71 -35.60 -23.44
C VAL H 441 -6.95 -34.26 -22.77
N PRO H 442 -7.60 -33.31 -23.44
CA PRO H 442 -7.99 -32.06 -22.79
C PRO H 442 -9.22 -32.24 -21.92
N VAL H 443 -9.20 -31.59 -20.76
CA VAL H 443 -10.35 -31.57 -19.86
C VAL H 443 -10.70 -30.13 -19.53
N LEU H 444 -11.99 -29.82 -19.51
CA LEU H 444 -12.45 -28.47 -19.29
C LEU H 444 -12.27 -28.08 -17.83
N SER H 445 -12.25 -26.77 -17.58
CA SER H 445 -12.13 -26.25 -16.22
C SER H 445 -12.62 -24.81 -16.09
N THR H 458 -11.36 -22.19 -20.84
CA THR H 458 -10.21 -22.70 -20.11
C THR H 458 -10.21 -24.23 -20.06
N VAL H 459 -9.12 -24.84 -20.48
CA VAL H 459 -8.98 -26.29 -20.48
C VAL H 459 -7.69 -26.67 -19.78
N GLU H 460 -7.48 -27.99 -19.68
CA GLU H 460 -6.33 -28.54 -18.98
C GLU H 460 -6.03 -29.90 -19.59
N ARG H 461 -4.78 -30.32 -19.52
CA ARG H 461 -4.34 -31.54 -20.17
C ARG H 461 -4.24 -32.64 -19.12
N LYS H 462 -4.75 -33.82 -19.45
CA LYS H 462 -4.78 -34.94 -18.51
C LYS H 462 -4.38 -36.22 -19.22
N THR H 463 -3.38 -36.90 -18.70
CA THR H 463 -2.96 -38.17 -19.26
C THR H 463 -3.84 -39.28 -18.71
N VAL H 464 -4.39 -40.10 -19.60
CA VAL H 464 -5.31 -41.15 -19.23
C VAL H 464 -4.89 -42.42 -19.97
N GLY H 465 -4.50 -43.44 -19.22
CA GLY H 465 -4.08 -44.68 -19.84
C GLY H 465 -3.56 -45.62 -18.78
N THR H 466 -2.78 -46.60 -19.21
CA THR H 466 -2.14 -47.51 -18.27
C THR H 466 -0.91 -46.82 -17.70
N LYS H 467 -0.90 -46.63 -16.39
CA LYS H 467 0.15 -45.87 -15.74
C LYS H 467 0.72 -46.68 -14.59
N LEU H 468 2.04 -46.67 -14.45
CA LEU H 468 2.70 -47.32 -13.33
C LEU H 468 3.78 -46.39 -12.82
N LYS H 469 3.65 -45.96 -11.57
CA LYS H 469 4.61 -45.06 -10.94
C LYS H 469 5.07 -45.72 -9.65
N VAL H 470 6.32 -46.11 -9.58
CA VAL H 470 6.83 -46.90 -8.47
C VAL H 470 8.16 -46.35 -8.01
N THR H 471 8.35 -46.28 -6.69
CA THR H 471 9.65 -45.94 -6.09
C THR H 471 10.14 -47.13 -5.30
N PRO H 472 11.12 -47.88 -5.79
CA PRO H 472 11.62 -49.03 -5.05
C PRO H 472 12.61 -48.63 -3.97
N GLN H 473 12.65 -49.45 -2.92
CA GLN H 473 13.66 -49.38 -1.88
C GLN H 473 14.11 -50.79 -1.58
N VAL H 474 15.37 -51.11 -1.81
CA VAL H 474 15.85 -52.47 -1.64
C VAL H 474 16.42 -52.60 -0.23
N ASN H 475 15.69 -53.31 0.63
CA ASN H 475 16.17 -53.52 1.98
C ASN H 475 15.94 -54.91 2.56
N GLU H 476 17.01 -55.63 2.88
CA GLU H 476 18.32 -55.38 2.32
C GLU H 476 18.71 -56.77 1.86
N GLY H 477 19.60 -56.89 0.90
CA GLY H 477 19.65 -58.20 0.29
C GLY H 477 18.35 -58.41 -0.45
N ASP H 478 17.59 -59.41 -0.04
CA ASP H 478 16.31 -59.70 -0.68
C ASP H 478 15.26 -58.67 -0.27
N ALA H 479 14.01 -58.98 -0.61
CA ALA H 479 12.85 -58.11 -0.55
C ALA H 479 13.03 -56.80 -1.28
N VAL H 480 12.25 -55.79 -0.92
CA VAL H 480 12.15 -54.45 -1.53
C VAL H 480 11.00 -53.76 -0.81
N LEU H 481 10.96 -52.44 -0.90
CA LEU H 481 9.79 -51.69 -0.47
C LEU H 481 9.29 -50.93 -1.68
N LEU H 482 8.14 -51.33 -2.19
CA LEU H 482 7.58 -50.73 -3.39
C LEU H 482 6.47 -49.79 -2.97
N GLU H 483 6.63 -48.50 -3.24
CA GLU H 483 5.53 -47.57 -3.17
C GLU H 483 4.93 -47.51 -4.56
N ILE H 484 3.76 -48.11 -4.73
CA ILE H 484 3.13 -48.23 -6.03
C ILE H 484 2.03 -47.19 -6.12
N GLU H 485 2.00 -46.47 -7.22
CA GLU H 485 0.83 -45.73 -7.63
C GLU H 485 0.58 -46.11 -9.08
N GLN H 486 -0.49 -46.84 -9.34
CA GLN H 486 -0.78 -47.23 -10.70
C GLN H 486 -2.26 -47.10 -10.96
N GLU H 487 -2.60 -47.01 -12.24
CA GLU H 487 -4.00 -47.05 -12.62
C GLU H 487 -4.11 -47.46 -14.07
N VAL H 488 -5.29 -47.98 -14.41
CA VAL H 488 -5.66 -48.23 -15.78
C VAL H 488 -6.90 -47.39 -16.03
N SER H 489 -6.77 -46.35 -16.82
CA SER H 489 -7.87 -45.44 -17.07
C SER H 489 -8.02 -45.22 -18.57
N SER H 490 -9.23 -44.87 -18.98
CA SER H 490 -9.53 -44.69 -20.38
C SER H 490 -10.67 -43.71 -20.53
N VAL H 491 -10.70 -43.02 -21.67
CA VAL H 491 -11.80 -42.12 -21.95
C VAL H 491 -13.05 -42.93 -22.21
N ASP H 492 -14.18 -42.47 -21.66
CA ASP H 492 -15.45 -43.15 -21.84
C ASP H 492 -16.13 -42.54 -23.06
N SER H 493 -16.25 -43.34 -24.12
CA SER H 493 -16.80 -42.84 -25.37
C SER H 493 -18.26 -42.45 -25.21
N SER H 494 -19.06 -43.31 -24.59
CA SER H 494 -20.43 -42.97 -24.26
C SER H 494 -20.45 -41.90 -23.19
N SER H 495 -21.60 -41.25 -23.05
CA SER H 495 -21.84 -40.27 -21.98
C SER H 495 -20.88 -39.10 -22.08
N ASN H 496 -20.77 -38.52 -23.27
CA ASN H 496 -20.07 -37.27 -23.38
C ASN H 496 -20.98 -36.13 -22.92
N SER H 497 -20.35 -35.05 -22.45
CA SER H 497 -21.09 -33.93 -21.89
C SER H 497 -20.43 -32.63 -22.28
N THR H 498 -21.17 -31.54 -22.08
CA THR H 498 -20.62 -30.21 -22.33
C THR H 498 -19.63 -29.81 -21.24
N LEU H 499 -19.67 -30.46 -20.08
CA LEU H 499 -18.73 -30.15 -19.03
C LEU H 499 -17.37 -30.77 -19.26
N GLY H 500 -17.31 -31.86 -20.02
CA GLY H 500 -16.05 -32.48 -20.34
C GLY H 500 -16.19 -33.98 -20.49
N PRO H 501 -15.08 -34.65 -20.75
CA PRO H 501 -15.12 -36.11 -20.82
C PRO H 501 -15.12 -36.75 -19.44
N THR H 502 -15.70 -37.94 -19.36
CA THR H 502 -15.47 -38.78 -18.20
C THR H 502 -14.37 -39.78 -18.53
N PHE H 503 -13.95 -40.51 -17.52
CA PHE H 503 -12.89 -41.50 -17.68
C PHE H 503 -13.21 -42.68 -16.79
N ASN H 504 -12.96 -43.88 -17.28
CA ASN H 504 -13.11 -45.07 -16.47
C ASN H 504 -11.77 -45.35 -15.82
N THR H 505 -11.67 -45.17 -14.51
CA THR H 505 -10.40 -45.28 -13.81
C THR H 505 -10.45 -46.44 -12.85
N ARG H 506 -9.39 -47.26 -12.86
CA ARG H 506 -9.14 -48.24 -11.83
C ARG H 506 -7.78 -47.91 -11.22
N THR H 507 -7.79 -47.41 -9.99
CA THR H 507 -6.60 -46.85 -9.38
C THR H 507 -6.30 -47.57 -8.08
N ILE H 508 -5.05 -47.89 -7.86
CA ILE H 508 -4.59 -48.49 -6.62
C ILE H 508 -3.25 -47.89 -6.25
N GLN H 509 -3.14 -47.34 -5.04
CA GLN H 509 -1.88 -46.80 -4.57
C GLN H 509 -1.64 -47.29 -3.16
N ASN H 510 -0.52 -47.96 -2.95
CA ASN H 510 -0.17 -48.49 -1.65
C ASN H 510 1.32 -48.72 -1.62
N ALA H 511 1.85 -48.86 -0.41
CA ALA H 511 3.21 -49.30 -0.21
C ALA H 511 3.18 -50.74 0.26
N VAL H 512 4.07 -51.56 -0.27
CA VAL H 512 4.10 -52.97 0.07
C VAL H 512 5.56 -53.42 0.05
N LEU H 513 5.85 -54.47 0.80
CA LEU H 513 7.21 -55.01 0.92
C LEU H 513 7.17 -56.45 0.44
N VAL H 514 7.84 -56.71 -0.67
CA VAL H 514 7.71 -57.97 -1.39
C VAL H 514 9.10 -58.59 -1.50
N LYS H 515 9.18 -59.91 -1.38
CA LYS H 515 10.47 -60.57 -1.56
C LYS H 515 10.86 -60.53 -3.04
N THR H 516 12.16 -60.72 -3.29
CA THR H 516 12.75 -60.35 -4.58
C THR H 516 12.22 -61.17 -5.74
N GLY H 517 11.74 -62.38 -5.51
CA GLY H 517 11.30 -63.17 -6.65
C GLY H 517 9.81 -63.38 -6.75
N GLU H 518 9.05 -62.88 -5.78
CA GLU H 518 7.71 -63.37 -5.52
C GLU H 518 6.65 -62.50 -6.17
N THR H 519 5.59 -63.14 -6.64
CA THR H 519 4.40 -62.47 -7.14
C THR H 519 3.38 -62.41 -6.02
N VAL H 520 2.91 -61.21 -5.71
CA VAL H 520 2.01 -61.00 -4.59
C VAL H 520 0.88 -60.06 -5.03
N VAL H 521 -0.23 -60.14 -4.33
CA VAL H 521 -1.43 -59.41 -4.72
C VAL H 521 -1.42 -58.04 -4.06
N LEU H 522 -1.58 -56.99 -4.88
CA LEU H 522 -1.70 -55.64 -4.34
C LEU H 522 -3.11 -55.33 -3.89
N GLY H 523 -4.10 -55.85 -4.59
CA GLY H 523 -5.46 -55.53 -4.27
C GLY H 523 -6.41 -56.26 -5.19
N GLY H 524 -7.64 -55.79 -5.24
CA GLY H 524 -8.62 -56.41 -6.11
C GLY H 524 -10.00 -55.97 -5.74
N LEU H 525 -10.92 -56.24 -6.65
CA LEU H 525 -12.33 -55.96 -6.44
C LEU H 525 -13.14 -57.08 -7.06
N LEU H 526 -14.03 -57.67 -6.27
CA LEU H 526 -15.00 -58.62 -6.78
C LEU H 526 -16.36 -57.97 -6.62
N ASP H 527 -16.96 -57.57 -7.73
CA ASP H 527 -18.19 -56.82 -7.73
C ASP H 527 -19.23 -57.63 -8.48
N ASP H 528 -20.39 -57.80 -7.87
CA ASP H 528 -21.42 -58.65 -8.43
C ASP H 528 -22.78 -58.02 -8.20
N PHE H 529 -23.62 -58.06 -9.22
CA PHE H 529 -24.84 -57.28 -9.26
C PHE H 529 -25.92 -58.07 -9.96
N SER H 530 -27.13 -58.07 -9.40
CA SER H 530 -28.26 -58.75 -10.04
C SER H 530 -29.50 -57.89 -9.85
N LYS H 531 -30.16 -57.58 -10.95
CA LYS H 531 -31.35 -56.75 -10.96
C LYS H 531 -32.52 -57.58 -11.46
N GLU H 532 -33.72 -57.17 -11.10
CA GLU H 532 -34.92 -57.81 -11.61
C GLU H 532 -36.06 -56.81 -11.59
N GLN H 533 -36.94 -56.94 -12.57
CA GLN H 533 -38.17 -56.16 -12.58
C GLN H 533 -39.23 -57.00 -13.25
N VAL H 534 -40.45 -56.96 -12.71
CA VAL H 534 -41.59 -57.55 -13.39
C VAL H 534 -42.72 -56.54 -13.36
N SER H 535 -43.51 -56.52 -14.42
CA SER H 535 -44.76 -55.78 -14.48
C SER H 535 -45.84 -56.79 -14.82
N LYS H 536 -46.77 -57.02 -13.91
CA LYS H 536 -47.71 -58.11 -14.07
C LYS H 536 -49.13 -57.64 -13.78
N VAL H 537 -50.06 -58.52 -14.13
CA VAL H 537 -51.46 -58.36 -13.71
C VAL H 537 -51.61 -58.97 -12.33
N PRO H 538 -52.19 -58.25 -11.36
CA PRO H 538 -51.89 -58.55 -9.94
C PRO H 538 -52.16 -59.97 -9.50
N LEU H 539 -53.35 -60.51 -9.75
CA LEU H 539 -53.61 -61.89 -9.33
C LEU H 539 -53.12 -62.89 -10.36
N LEU H 540 -53.35 -62.61 -11.64
CA LEU H 540 -53.05 -63.57 -12.68
C LEU H 540 -51.55 -63.80 -12.81
N GLY H 541 -50.74 -62.76 -12.63
CA GLY H 541 -49.31 -62.88 -12.78
C GLY H 541 -48.62 -63.76 -11.77
N ASP H 542 -49.31 -64.13 -10.69
CA ASP H 542 -48.74 -64.97 -9.65
C ASP H 542 -49.09 -66.44 -9.79
N ILE H 543 -49.91 -66.81 -10.77
CA ILE H 543 -50.17 -68.23 -11.02
C ILE H 543 -48.87 -68.93 -11.36
N PRO H 544 -48.53 -70.06 -10.72
CA PRO H 544 -47.13 -70.52 -10.74
C PRO H 544 -46.51 -70.68 -12.11
N LEU H 545 -47.22 -71.30 -13.06
CA LEU H 545 -46.68 -71.49 -14.39
C LEU H 545 -47.32 -70.55 -15.41
N VAL H 546 -48.64 -70.65 -15.57
CA VAL H 546 -49.38 -69.81 -16.50
C VAL H 546 -49.11 -68.33 -16.25
N GLY H 547 -48.79 -67.95 -15.03
CA GLY H 547 -48.63 -66.55 -14.68
C GLY H 547 -47.60 -65.80 -15.50
N GLN H 548 -46.68 -66.50 -16.14
CA GLN H 548 -45.70 -65.84 -16.98
C GLN H 548 -46.31 -65.23 -18.22
N LEU H 549 -47.55 -65.59 -18.56
CA LEU H 549 -48.19 -64.97 -19.71
C LEU H 549 -48.61 -63.54 -19.41
N PHE H 550 -48.96 -63.25 -18.17
CA PHE H 550 -49.42 -61.92 -17.81
C PHE H 550 -48.30 -60.96 -17.49
N ARG H 551 -47.20 -61.44 -16.91
CA ARG H 551 -46.11 -60.58 -16.49
C ARG H 551 -45.14 -60.26 -17.63
N TYR H 552 -44.46 -59.13 -17.49
CA TYR H 552 -43.28 -58.77 -18.28
C TYR H 552 -42.08 -58.72 -17.36
N THR H 553 -41.15 -59.66 -17.54
CA THR H 553 -39.97 -59.75 -16.71
C THR H 553 -38.78 -59.17 -17.45
N SER H 554 -37.95 -58.40 -16.75
CA SER H 554 -36.67 -57.95 -17.28
C SER H 554 -35.62 -58.19 -16.22
N THR H 555 -34.67 -59.07 -16.51
CA THR H 555 -33.66 -59.49 -15.57
C THR H 555 -32.30 -59.02 -16.05
N GLU H 556 -31.37 -58.86 -15.11
CA GLU H 556 -30.02 -58.44 -15.45
C GLU H 556 -29.07 -58.99 -14.41
N ARG H 557 -27.82 -59.17 -14.81
CA ARG H 557 -26.77 -59.62 -13.92
C ARG H 557 -25.45 -59.06 -14.42
N ALA H 558 -24.51 -58.90 -13.51
CA ALA H 558 -23.18 -58.44 -13.87
C ALA H 558 -22.17 -59.02 -12.89
N LYS H 559 -20.94 -59.16 -13.34
CA LYS H 559 -19.84 -59.59 -12.51
C LYS H 559 -18.59 -58.85 -12.94
N ARG H 560 -17.79 -58.43 -11.98
CA ARG H 560 -16.47 -57.89 -12.25
C ARG H 560 -15.51 -58.48 -11.25
N ASN H 561 -14.50 -59.18 -11.72
CA ASN H 561 -13.48 -59.73 -10.84
C ASN H 561 -12.15 -59.14 -11.27
N LEU H 562 -11.59 -58.26 -10.43
CA LEU H 562 -10.36 -57.55 -10.71
C LEU H 562 -9.30 -57.97 -9.71
N MET H 563 -8.09 -58.22 -10.19
CA MET H 563 -6.95 -58.55 -9.35
C MET H 563 -5.75 -57.77 -9.84
N VAL H 564 -4.92 -57.30 -8.92
CA VAL H 564 -3.69 -56.61 -9.25
C VAL H 564 -2.56 -57.29 -8.53
N PHE H 565 -1.55 -57.71 -9.27
CA PHE H 565 -0.39 -58.39 -8.71
C PHE H 565 0.85 -57.57 -9.00
N ILE H 566 1.91 -57.80 -8.23
CA ILE H 566 3.17 -57.11 -8.44
C ILE H 566 4.29 -58.12 -8.23
N ARG H 567 5.19 -58.21 -9.19
CA ARG H 567 6.39 -59.04 -9.01
C ARG H 567 7.64 -58.18 -9.13
N PRO H 568 8.32 -57.86 -8.04
CA PRO H 568 9.64 -57.22 -8.15
C PRO H 568 10.71 -58.25 -8.45
N THR H 569 11.80 -57.75 -9.02
CA THR H 569 13.02 -58.54 -9.21
C THR H 569 14.20 -57.62 -9.02
N ILE H 570 15.18 -58.03 -8.23
CA ILE H 570 16.34 -57.20 -7.95
C ILE H 570 17.47 -57.56 -8.90
N ILE H 571 18.06 -56.55 -9.52
CA ILE H 571 19.26 -56.74 -10.33
C ILE H 571 20.45 -56.29 -9.50
N ARG H 572 21.25 -57.24 -9.04
CA ARG H 572 22.45 -56.92 -8.29
C ARG H 572 23.61 -56.57 -9.22
N ASP H 573 23.77 -57.33 -10.31
CA ASP H 573 24.91 -57.18 -11.18
C ASP H 573 24.45 -57.22 -12.63
N ASP H 574 25.38 -56.89 -13.53
CA ASP H 574 25.06 -56.87 -14.95
C ASP H 574 24.64 -58.25 -15.45
N ASP H 575 25.35 -59.30 -15.02
CA ASP H 575 25.16 -60.60 -15.64
C ASP H 575 23.74 -61.13 -15.45
N VAL H 576 23.07 -60.76 -14.36
CA VAL H 576 21.68 -61.17 -14.20
C VAL H 576 20.75 -60.27 -14.99
N TYR H 577 21.22 -59.08 -15.38
CA TYR H 577 20.38 -58.14 -16.10
C TYR H 577 20.52 -58.27 -17.60
N ARG H 578 21.51 -59.03 -18.09
CA ARG H 578 21.43 -59.54 -19.45
C ARG H 578 20.39 -60.64 -19.54
N SER H 579 20.51 -61.66 -18.69
CA SER H 579 19.61 -62.81 -18.77
C SER H 579 18.17 -62.39 -18.58
N LEU H 580 17.94 -61.39 -17.73
CA LEU H 580 16.60 -60.84 -17.57
C LEU H 580 16.17 -60.09 -18.82
N SER H 581 17.09 -59.36 -19.44
CA SER H 581 16.79 -58.66 -20.68
C SER H 581 16.82 -59.60 -21.88
N LYS H 582 17.68 -60.61 -21.85
CA LYS H 582 17.78 -61.53 -22.97
C LYS H 582 16.52 -62.37 -23.10
N GLU H 583 15.86 -62.71 -22.00
CA GLU H 583 14.67 -63.53 -22.12
C GLU H 583 13.46 -62.74 -22.55
N LYS H 584 13.44 -61.43 -22.27
CA LYS H 584 12.38 -60.60 -22.84
C LYS H 584 12.69 -60.24 -24.28
N TYR H 585 13.96 -60.03 -24.60
CA TYR H 585 14.36 -59.72 -25.97
C TYR H 585 14.10 -60.90 -26.88
N THR H 586 14.34 -62.13 -26.38
CA THR H 586 14.13 -63.33 -27.19
C THR H 586 12.66 -63.74 -27.22
N ARG H 587 11.98 -63.70 -26.08
CA ARG H 587 10.57 -64.04 -26.07
C ARG H 587 9.77 -63.09 -26.95
N TYR H 588 10.22 -61.85 -27.08
CA TYR H 588 9.56 -60.93 -28.00
C TYR H 588 9.99 -61.21 -29.44
N ARG H 589 11.27 -61.54 -29.63
CA ARG H 589 11.75 -61.86 -30.97
C ARG H 589 11.14 -63.15 -31.49
N GLN H 590 11.10 -64.18 -30.65
CA GLN H 590 10.47 -65.43 -31.05
C GLN H 590 8.98 -65.29 -31.24
N GLU H 591 8.36 -64.25 -30.68
CA GLU H 591 6.96 -63.99 -30.95
C GLU H 591 6.78 -63.32 -32.30
N GLN H 592 7.68 -62.40 -32.66
CA GLN H 592 7.63 -61.82 -34.00
C GLN H 592 7.90 -62.87 -35.07
N GLN H 593 8.88 -63.74 -34.84
CA GLN H 593 9.16 -64.79 -35.82
C GLN H 593 8.00 -65.75 -35.95
N GLN H 594 7.24 -65.95 -34.87
CA GLN H 594 6.05 -66.80 -34.96
C GLN H 594 4.97 -66.12 -35.78
N ARG H 595 4.86 -64.80 -35.67
CA ARG H 595 3.85 -64.07 -36.44
C ARG H 595 4.20 -64.02 -37.92
N ILE H 596 5.49 -64.04 -38.24
CA ILE H 596 5.90 -64.09 -39.65
C ILE H 596 5.56 -65.45 -40.25
N ASP H 597 5.74 -66.51 -39.48
CA ASP H 597 5.37 -67.83 -39.96
C ASP H 597 3.87 -68.11 -39.82
N GLY H 598 3.18 -67.36 -38.96
CA GLY H 598 1.75 -67.56 -38.79
C GLY H 598 0.93 -67.04 -39.94
N LYS H 599 1.43 -66.05 -40.68
CA LYS H 599 0.73 -65.58 -41.85
C LYS H 599 0.90 -66.57 -42.99
N SER H 600 -0.18 -66.81 -43.73
CA SER H 600 -0.18 -67.79 -44.79
C SER H 600 0.00 -67.11 -46.14
N LYS H 601 0.84 -67.71 -46.98
CA LYS H 601 0.95 -67.27 -48.36
C LYS H 601 -0.36 -67.59 -49.09
N ALA H 602 -0.52 -66.94 -50.24
CA ALA H 602 -1.69 -66.99 -51.11
C ALA H 602 -2.79 -66.06 -50.60
N LEU H 603 -2.59 -65.38 -49.47
CA LEU H 603 -3.41 -64.26 -49.07
C LEU H 603 -2.53 -63.04 -48.92
N VAL H 604 -3.04 -61.88 -49.36
CA VAL H 604 -2.27 -60.65 -49.24
C VAL H 604 -2.18 -60.25 -47.78
N GLY H 605 -0.96 -59.89 -47.35
CA GLY H 605 -0.74 -59.47 -45.99
C GLY H 605 0.39 -58.47 -45.91
N SER H 606 0.54 -57.87 -44.74
CA SER H 606 1.58 -56.89 -44.54
C SER H 606 2.95 -57.54 -44.60
N GLU H 607 3.90 -56.86 -45.23
CA GLU H 607 5.28 -57.32 -45.20
C GLU H 607 5.88 -57.06 -43.84
N ASP H 608 6.59 -58.05 -43.32
CA ASP H 608 7.06 -58.01 -41.95
C ASP H 608 8.18 -57.00 -41.78
N LEU H 609 8.35 -56.53 -40.55
CA LEU H 609 9.51 -55.73 -40.22
C LEU H 609 10.73 -56.63 -40.08
N PRO H 610 11.94 -56.06 -40.10
CA PRO H 610 13.09 -56.83 -39.63
C PRO H 610 12.92 -57.12 -38.14
N VAL H 611 13.16 -58.37 -37.77
CA VAL H 611 12.87 -58.82 -36.42
C VAL H 611 14.13 -58.66 -35.57
N LEU H 612 14.11 -57.64 -34.72
CA LEU H 612 15.19 -57.32 -33.78
C LEU H 612 16.56 -57.51 -34.40
N ASP H 613 17.47 -58.13 -33.67
CA ASP H 613 18.80 -58.50 -34.15
C ASP H 613 19.19 -59.83 -33.54
N GLU H 614 19.75 -60.70 -34.37
CA GLU H 614 20.17 -62.01 -33.91
C GLU H 614 21.47 -61.98 -33.13
N ASN H 615 22.43 -61.15 -33.54
CA ASN H 615 23.74 -61.14 -32.92
C ASN H 615 23.73 -60.52 -31.52
N THR H 616 22.67 -59.78 -31.16
CA THR H 616 22.60 -59.21 -29.83
C THR H 616 22.57 -60.32 -28.79
N PHE H 617 23.24 -60.08 -27.67
CA PHE H 617 23.41 -61.07 -26.60
C PHE H 617 24.21 -62.27 -27.10
N GLY I 99 108.99 25.46 22.44
CA GLY I 99 109.41 24.87 23.69
C GLY I 99 108.73 25.44 24.92
N ASP I 100 109.25 26.59 25.36
CA ASP I 100 108.69 27.28 26.53
C ASP I 100 107.68 28.36 26.13
N GLU I 101 107.34 28.45 24.84
CA GLU I 101 106.60 29.60 24.36
C GLU I 101 105.14 29.51 24.80
N LEU I 102 104.70 30.50 25.58
CA LEU I 102 103.38 30.48 26.20
C LEU I 102 102.40 31.18 25.28
N VAL I 103 101.49 30.42 24.71
CA VAL I 103 100.48 30.96 23.79
C VAL I 103 99.16 30.26 24.07
N THR I 104 98.08 30.95 23.72
CA THR I 104 96.73 30.40 23.81
C THR I 104 96.26 29.96 22.43
N ARG I 105 95.77 28.72 22.38
CA ARG I 105 95.31 28.13 21.12
C ARG I 105 94.15 27.22 21.47
N ILE I 106 93.19 27.17 20.55
CA ILE I 106 91.82 26.79 20.86
C ILE I 106 91.33 25.77 19.84
N VAL I 107 91.02 24.57 20.30
CA VAL I 107 90.44 23.51 19.47
C VAL I 107 89.10 23.08 20.04
N PRO I 108 88.02 23.12 19.26
CA PRO I 108 86.75 22.53 19.72
C PRO I 108 86.78 21.00 19.65
N LEU I 109 85.97 20.37 20.49
CA LEU I 109 85.50 19.01 20.28
C LEU I 109 84.08 19.11 19.74
N GLU I 110 83.90 18.89 18.44
CA GLU I 110 82.57 19.08 17.87
C GLU I 110 81.70 17.86 18.12
N ASN I 111 82.27 16.68 17.94
CA ASN I 111 81.58 15.41 18.10
C ASN I 111 80.93 15.27 19.48
N VAL I 112 81.65 15.67 20.53
CA VAL I 112 81.22 15.45 21.91
C VAL I 112 81.18 16.82 22.59
N PRO I 113 80.43 17.03 23.66
CA PRO I 113 80.72 18.19 24.52
C PRO I 113 82.07 18.03 25.20
N ALA I 114 82.89 19.08 25.09
CA ALA I 114 84.29 19.02 25.51
C ALA I 114 84.47 18.83 27.00
N ARG I 115 83.37 18.89 27.77
CA ARG I 115 83.43 18.83 29.24
C ARG I 115 84.30 17.67 29.72
N ASP I 116 84.23 16.53 29.04
CA ASP I 116 84.92 15.30 29.44
C ASP I 116 86.44 15.42 29.46
N LEU I 117 87.03 16.49 28.91
CA LEU I 117 88.47 16.65 29.04
C LEU I 117 88.89 17.58 30.16
N ALA I 118 87.94 18.07 30.97
CA ALA I 118 88.32 18.97 32.08
C ALA I 118 89.22 18.30 33.10
N PRO I 119 88.96 17.09 33.61
CA PRO I 119 89.98 16.44 34.44
C PRO I 119 91.24 16.10 33.67
N LEU I 120 91.12 15.77 32.39
CA LEU I 120 92.30 15.37 31.62
C LEU I 120 93.22 16.55 31.37
N LEU I 121 92.66 17.66 30.85
CA LEU I 121 93.48 18.76 30.35
C LEU I 121 93.96 19.69 31.44
N ARG I 122 93.11 20.03 32.41
CA ARG I 122 93.63 20.71 33.59
C ARG I 122 94.42 19.73 34.46
N GLN I 123 94.25 18.42 34.23
CA GLN I 123 95.25 17.49 34.73
C GLN I 123 96.58 17.69 33.99
N MET I 124 96.54 18.12 32.72
CA MET I 124 97.79 18.39 32.01
C MET I 124 98.38 19.75 32.38
N MET I 125 97.55 20.71 32.78
CA MET I 125 98.05 21.78 33.64
C MET I 125 98.76 21.19 34.84
N ASP I 126 98.07 20.30 35.55
CA ASP I 126 98.54 19.61 36.74
C ASP I 126 99.64 18.58 36.41
N ALA I 127 99.95 18.38 35.13
CA ALA I 127 101.05 17.50 34.76
C ALA I 127 102.41 18.13 34.98
N GLY I 128 102.59 19.40 34.65
CA GLY I 128 103.91 20.00 34.67
C GLY I 128 103.83 21.47 35.01
N SER I 129 105.01 22.10 35.06
CA SER I 129 105.13 23.43 35.62
C SER I 129 104.15 24.40 34.98
N VAL I 130 103.43 25.12 35.83
CA VAL I 130 102.14 25.71 35.49
C VAL I 130 102.37 27.02 34.76
N GLY I 131 101.32 27.84 34.64
CA GLY I 131 101.19 28.81 33.57
C GLY I 131 100.16 28.40 32.53
N ASN I 132 99.30 27.45 32.86
CA ASN I 132 98.34 26.87 31.93
C ASN I 132 96.93 27.32 32.27
N VAL I 133 96.10 27.37 31.23
CA VAL I 133 94.65 27.53 31.35
C VAL I 133 93.97 26.59 30.37
N VAL I 134 92.93 25.91 30.83
CA VAL I 134 92.03 25.15 29.97
C VAL I 134 90.64 25.64 30.32
N HIS I 135 89.78 25.84 29.32
CA HIS I 135 88.48 26.44 29.55
C HIS I 135 87.55 26.05 28.40
N TYR I 136 86.25 26.24 28.60
CA TYR I 136 85.21 25.53 27.88
C TYR I 136 84.08 26.47 27.49
N GLU I 137 83.79 26.56 26.16
CA GLU I 137 82.59 27.32 25.89
C GLU I 137 81.36 26.42 25.80
N PRO I 138 80.15 26.98 25.99
CA PRO I 138 78.93 26.23 25.71
C PRO I 138 78.90 25.71 24.29
N SER I 139 79.41 26.55 23.38
CA SER I 139 79.52 26.24 21.96
C SER I 139 80.49 25.08 21.73
N ASN I 140 81.11 24.60 22.82
CA ASN I 140 81.90 23.37 22.82
C ASN I 140 83.21 23.54 22.05
N VAL I 141 83.78 24.74 22.11
CA VAL I 141 85.17 24.96 21.73
C VAL I 141 85.98 24.91 23.02
N LEU I 142 87.18 24.34 22.91
CA LEU I 142 88.03 24.10 24.06
C LEU I 142 89.25 25.01 23.95
N ILE I 143 89.34 26.00 24.84
CA ILE I 143 90.32 27.06 24.70
C ILE I 143 91.46 26.84 25.69
N LEU I 144 92.69 26.96 25.17
CA LEU I 144 93.89 26.64 25.93
C LEU I 144 94.84 27.81 26.01
N THR I 145 95.67 27.77 27.05
CA THR I 145 96.79 28.67 27.25
C THR I 145 97.92 27.85 27.86
N GLY I 146 99.13 27.96 27.30
CA GLY I 146 100.25 27.30 27.91
C GLY I 146 101.50 27.33 27.05
N ARG I 147 102.59 26.85 27.65
CA ARG I 147 103.86 26.76 26.94
C ARG I 147 103.79 25.67 25.86
N ALA I 148 104.75 25.74 24.93
CA ALA I 148 104.62 25.07 23.64
C ALA I 148 104.48 23.56 23.75
N SER I 149 105.18 22.91 24.69
CA SER I 149 105.08 21.46 24.79
C SER I 149 103.79 21.02 25.47
N THR I 150 103.52 21.57 26.65
CA THR I 150 102.29 21.23 27.36
C THR I 150 101.09 21.42 26.46
N ILE I 151 101.12 22.46 25.62
CA ILE I 151 100.03 22.62 24.68
C ILE I 151 100.16 21.66 23.51
N ASN I 152 101.39 21.26 23.12
CA ASN I 152 101.50 20.22 22.10
C ASN I 152 100.65 19.02 22.46
N LYS I 153 100.86 18.47 23.65
CA LYS I 153 100.14 17.25 23.99
C LYS I 153 98.76 17.53 24.58
N LEU I 154 98.49 18.78 24.99
CA LEU I 154 97.11 19.18 25.27
C LEU I 154 96.25 19.20 24.01
N ILE I 155 96.64 19.99 23.02
CA ILE I 155 95.88 20.05 21.78
C ILE I 155 95.88 18.69 21.09
N GLU I 156 96.95 17.91 21.28
CA GLU I 156 96.88 16.48 20.96
C GLU I 156 95.67 15.84 21.59
N VAL I 157 95.50 16.00 22.92
CA VAL I 157 94.34 15.40 23.56
C VAL I 157 93.06 15.86 22.88
N ILE I 158 93.03 17.13 22.48
CA ILE I 158 91.74 17.72 22.10
C ILE I 158 91.30 17.28 20.71
N LYS I 159 92.16 17.42 19.70
CA LYS I 159 91.79 16.86 18.40
C LYS I 159 91.58 15.36 18.51
N ARG I 160 92.42 14.70 19.32
CA ARG I 160 92.20 13.30 19.63
C ARG I 160 90.74 13.05 20.01
N VAL I 161 90.32 13.55 21.16
CA VAL I 161 88.97 13.26 21.66
C VAL I 161 87.90 13.72 20.67
N ASP I 162 88.24 14.68 19.80
CA ASP I 162 87.35 14.99 18.68
C ASP I 162 87.15 13.78 17.78
N VAL I 163 88.19 13.38 17.05
CA VAL I 163 87.99 12.40 15.99
C VAL I 163 87.91 10.99 16.55
N ILE I 164 88.19 10.83 17.84
CA ILE I 164 87.92 9.56 18.51
C ILE I 164 86.59 9.62 19.24
N GLY I 165 85.99 10.81 19.26
CA GLY I 165 84.59 10.92 19.61
C GLY I 165 83.72 11.01 18.38
N THR I 166 84.29 10.70 17.21
CA THR I 166 83.55 10.76 15.95
C THR I 166 82.24 9.96 15.98
N GLU I 167 81.16 10.64 15.65
CA GLU I 167 80.04 10.04 14.94
C GLU I 167 79.45 11.08 14.00
N LYS I 168 79.38 10.72 12.72
CA LYS I 168 79.24 11.68 11.63
C LYS I 168 78.31 11.13 10.56
N GLN I 169 77.77 12.02 9.74
CA GLN I 169 76.55 11.77 8.99
C GLN I 169 76.85 11.22 7.60
N GLN I 170 75.97 10.34 7.12
CA GLN I 170 75.98 10.00 5.70
C GLN I 170 74.59 9.55 5.30
N ILE I 171 74.19 9.88 4.08
CA ILE I 171 72.92 9.37 3.59
C ILE I 171 73.20 8.67 2.27
N ILE I 172 72.58 7.51 2.10
CA ILE I 172 73.00 6.54 1.10
C ILE I 172 71.76 6.11 0.31
N HIS I 173 71.99 5.66 -0.92
CA HIS I 173 70.91 5.21 -1.78
C HIS I 173 70.35 3.86 -1.29
N LEU I 174 69.13 3.57 -1.71
CA LEU I 174 68.59 2.21 -1.72
C LEU I 174 68.28 1.84 -3.16
N GLU I 175 68.90 0.77 -3.64
CA GLU I 175 68.87 0.45 -5.06
C GLU I 175 67.49 0.01 -5.55
N TYR I 176 66.94 -1.06 -4.96
CA TYR I 176 65.67 -1.63 -5.38
C TYR I 176 64.69 -1.73 -4.24
N ALA I 177 65.07 -2.49 -3.22
CA ALA I 177 64.19 -2.83 -2.12
C ALA I 177 63.54 -1.59 -1.52
N SER I 178 62.25 -1.71 -1.20
CA SER I 178 61.49 -0.63 -0.60
C SER I 178 62.11 -0.20 0.73
N ALA I 179 62.00 1.10 1.00
CA ALA I 179 62.74 1.70 2.11
C ALA I 179 62.17 1.29 3.45
N GLU I 180 60.85 1.37 3.59
CA GLU I 180 60.17 0.96 4.81
C GLU I 180 60.64 -0.39 5.31
N ASP I 181 60.89 -1.35 4.42
CA ASP I 181 61.33 -2.66 4.86
C ASP I 181 62.65 -2.57 5.59
N LEU I 182 63.71 -2.30 4.83
CA LEU I 182 65.06 -2.26 5.39
C LEU I 182 65.08 -1.38 6.64
N ALA I 183 64.28 -0.32 6.64
CA ALA I 183 63.91 0.29 7.91
C ALA I 183 63.51 -0.78 8.90
N GLU I 184 62.37 -1.46 8.65
CA GLU I 184 61.76 -2.29 9.68
C GLU I 184 62.79 -3.23 10.28
N ILE I 185 63.63 -3.82 9.44
CA ILE I 185 64.62 -4.73 9.99
C ILE I 185 65.61 -3.97 10.85
N LEU I 186 66.26 -2.95 10.29
CA LEU I 186 67.44 -2.43 10.95
C LEU I 186 67.08 -1.61 12.18
N ASN I 187 65.94 -0.92 12.13
CA ASN I 187 65.45 -0.17 13.28
C ASN I 187 65.53 -1.02 14.53
N GLN I 188 64.71 -2.06 14.56
CA GLN I 188 64.51 -2.95 15.68
C GLN I 188 65.72 -3.83 15.95
N LEU I 189 66.76 -3.75 15.12
CA LEU I 189 68.06 -4.31 15.48
C LEU I 189 68.80 -3.37 16.41
N ILE I 190 69.08 -3.83 17.61
CA ILE I 190 69.86 -3.07 18.56
C ILE I 190 70.71 -4.05 19.37
N LYS I 206 70.91 7.16 13.60
CA LYS I 206 69.60 6.54 13.49
C LYS I 206 69.42 5.94 12.10
N ILE I 207 68.20 5.55 11.74
CA ILE I 207 67.91 4.88 10.48
C ILE I 207 66.74 5.59 9.83
N VAL I 208 66.95 6.13 8.63
CA VAL I 208 65.90 6.86 7.92
C VAL I 208 65.66 6.22 6.56
N ALA I 209 64.39 6.21 6.15
CA ALA I 209 63.98 5.64 4.88
C ALA I 209 63.52 6.74 3.93
N ASP I 210 63.66 6.48 2.62
CA ASP I 210 63.01 7.27 1.57
C ASP I 210 62.42 6.33 0.53
N LYS I 211 61.11 6.41 0.34
CA LYS I 211 60.49 5.74 -0.80
C LYS I 211 60.60 6.57 -2.07
N ARG I 212 60.41 7.90 -1.98
CA ARG I 212 60.35 8.71 -3.20
C ARG I 212 61.64 8.59 -3.99
N THR I 213 62.77 8.89 -3.38
CA THR I 213 64.04 8.57 -4.02
C THR I 213 64.67 7.28 -3.48
N ASN I 214 64.04 6.63 -2.50
CA ASN I 214 64.46 5.31 -2.04
C ASN I 214 65.89 5.32 -1.50
N SER I 215 66.05 5.91 -0.31
CA SER I 215 67.38 6.03 0.29
C SER I 215 67.38 5.47 1.70
N LEU I 216 68.45 4.75 2.04
CA LEU I 216 68.74 4.47 3.44
C LEU I 216 69.72 5.50 3.98
N ILE I 217 69.33 6.14 5.07
CA ILE I 217 70.05 7.26 5.64
C ILE I 217 70.55 6.87 7.01
N ILE I 218 71.81 7.21 7.32
CA ILE I 218 72.46 6.58 8.45
C ILE I 218 73.44 7.53 9.13
N SER I 219 73.45 7.45 10.45
CA SER I 219 74.34 8.21 11.32
C SER I 219 75.21 7.26 12.15
N GLY I 220 76.31 7.81 12.62
CA GLY I 220 77.20 7.11 13.52
C GLY I 220 78.63 7.53 13.26
N PRO I 221 79.58 6.85 13.88
CA PRO I 221 80.98 7.04 13.50
C PRO I 221 81.24 6.55 12.08
N GLU I 222 82.51 6.56 11.70
CA GLU I 222 82.87 5.84 10.47
C GLU I 222 82.71 4.35 10.68
N LYS I 223 82.84 3.88 11.91
CA LYS I 223 82.60 2.47 12.18
C LYS I 223 81.12 2.12 12.14
N ALA I 224 80.25 3.10 12.43
CA ALA I 224 78.84 2.88 12.12
C ALA I 224 78.61 2.90 10.62
N ARG I 225 79.28 3.83 9.93
CA ARG I 225 79.28 3.79 8.47
C ARG I 225 79.58 2.40 7.96
N GLN I 226 80.69 1.82 8.39
CA GLN I 226 81.13 0.53 7.84
C GLN I 226 80.20 -0.60 8.27
N ARG I 227 79.86 -0.67 9.55
CA ARG I 227 79.08 -1.80 10.03
C ARG I 227 77.73 -1.85 9.30
N ILE I 228 77.10 -0.70 9.11
CA ILE I 228 75.78 -0.76 8.50
C ILE I 228 75.87 -0.68 6.99
N THR I 229 77.04 -0.34 6.44
CA THR I 229 77.25 -0.59 5.02
C THR I 229 77.40 -2.08 4.77
N SER I 230 77.82 -2.82 5.79
CA SER I 230 77.91 -4.27 5.65
C SER I 230 76.55 -4.92 5.85
N LEU I 231 75.71 -4.35 6.71
CA LEU I 231 74.31 -4.76 6.69
C LEU I 231 73.67 -4.46 5.34
N LEU I 232 73.90 -3.26 4.81
CA LEU I 232 73.42 -2.97 3.47
C LEU I 232 73.89 -4.03 2.48
N LYS I 233 75.20 -4.23 2.39
CA LYS I 233 75.70 -5.19 1.43
C LYS I 233 75.09 -6.56 1.65
N SER I 234 74.73 -6.87 2.90
CA SER I 234 73.89 -8.04 3.14
C SER I 234 72.65 -7.98 2.27
N LEU I 235 71.73 -7.04 2.53
CA LEU I 235 70.61 -6.88 1.59
C LEU I 235 70.70 -5.54 0.87
N ASP I 236 71.29 -5.59 -0.32
CA ASP I 236 70.97 -4.68 -1.41
C ASP I 236 70.18 -5.38 -2.49
N VAL I 237 69.95 -6.69 -2.36
CA VAL I 237 69.53 -7.49 -3.51
C VAL I 237 68.01 -7.43 -3.66
N GLU I 238 67.57 -7.32 -4.90
CA GLU I 238 66.14 -7.38 -5.17
C GLU I 238 65.75 -8.85 -5.26
N GLU I 239 64.76 -9.24 -4.48
CA GLU I 239 64.32 -10.62 -4.44
C GLU I 239 63.74 -11.03 -5.78
N SER I 240 64.00 -12.28 -6.17
CA SER I 240 63.41 -12.82 -7.38
C SER I 240 62.02 -13.32 -7.02
N GLU I 241 61.12 -12.38 -6.74
CA GLU I 241 59.77 -12.72 -6.32
C GLU I 241 59.07 -13.59 -7.36
N GLU I 242 59.32 -13.29 -8.64
CA GLU I 242 58.69 -14.00 -9.74
C GLU I 242 57.27 -13.48 -9.89
N GLY I 243 56.44 -14.20 -10.65
CA GLY I 243 55.07 -13.78 -10.82
C GLY I 243 54.19 -14.14 -9.64
N ASN I 244 53.37 -13.18 -9.23
CA ASN I 244 52.30 -13.43 -8.27
C ASN I 244 51.09 -14.11 -8.89
N THR I 245 50.74 -13.69 -10.10
CA THR I 245 49.56 -14.17 -10.79
C THR I 245 49.91 -15.08 -11.97
N ARG I 246 49.27 -16.24 -12.02
CA ARG I 246 49.40 -17.13 -13.14
C ARG I 246 48.11 -17.19 -13.93
N VAL I 247 48.23 -17.43 -15.22
CA VAL I 247 47.09 -17.58 -16.12
C VAL I 247 47.14 -19.00 -16.64
N TYR I 248 46.18 -19.82 -16.23
CA TYR I 248 46.11 -21.20 -16.65
C TYR I 248 45.23 -21.32 -17.88
N TYR I 249 45.73 -21.97 -18.92
CA TYR I 249 44.93 -22.25 -20.11
C TYR I 249 44.29 -23.61 -19.90
N LEU I 250 42.98 -23.62 -19.70
CA LEU I 250 42.28 -24.86 -19.45
C LEU I 250 42.04 -25.59 -20.75
N LYS I 251 42.23 -26.90 -20.72
CA LYS I 251 41.88 -27.76 -21.84
C LYS I 251 40.98 -28.86 -21.30
N TYR I 252 39.76 -28.95 -21.83
CA TYR I 252 38.68 -29.87 -21.50
C TYR I 252 37.80 -29.33 -20.37
N ALA I 253 38.16 -28.23 -19.73
CA ALA I 253 37.33 -27.65 -18.70
C ALA I 253 36.89 -26.26 -19.10
N LYS I 254 35.79 -25.81 -18.50
CA LYS I 254 35.23 -24.50 -18.79
C LYS I 254 35.58 -23.57 -17.65
N ALA I 255 36.23 -22.45 -17.96
CA ALA I 255 36.84 -21.61 -16.94
C ALA I 255 35.83 -21.05 -15.95
N THR I 256 34.65 -20.67 -16.45
CA THR I 256 33.62 -20.10 -15.60
C THR I 256 33.12 -21.16 -14.62
N ASN I 257 32.97 -22.38 -15.10
CA ASN I 257 32.57 -23.50 -14.27
C ASN I 257 33.60 -23.80 -13.20
N LEU I 258 34.87 -23.81 -13.62
CA LEU I 258 35.96 -24.14 -12.73
C LEU I 258 36.07 -23.11 -11.63
N VAL I 259 35.79 -21.85 -11.96
CA VAL I 259 35.97 -20.80 -10.99
C VAL I 259 35.08 -21.04 -9.77
N GLU I 260 33.84 -21.45 -9.97
CA GLU I 260 32.96 -21.65 -8.84
C GLU I 260 33.50 -22.74 -7.92
N VAL I 261 33.94 -23.84 -8.52
CA VAL I 261 34.48 -24.95 -7.74
C VAL I 261 35.72 -24.53 -6.98
N LEU I 262 36.57 -23.77 -7.65
CA LEU I 262 37.82 -23.30 -7.08
C LEU I 262 37.57 -22.36 -5.92
N THR I 263 36.52 -21.58 -6.04
CA THR I 263 36.28 -20.48 -5.12
C THR I 263 36.16 -21.03 -3.72
N GLY I 264 35.50 -22.18 -3.59
CA GLY I 264 35.37 -22.75 -2.28
C GLY I 264 36.75 -23.15 -1.71
N VAL I 265 37.59 -23.75 -2.56
CA VAL I 265 38.92 -24.20 -2.14
C VAL I 265 39.78 -23.03 -1.70
N SER I 266 39.68 -21.95 -2.43
CA SER I 266 40.43 -20.77 -2.12
C SER I 266 39.77 -20.07 -0.92
N GLU I 267 38.41 -20.15 -0.84
CA GLU I 267 37.66 -19.43 0.19
C GLU I 267 37.64 -20.31 1.44
N VAL I 288 43.33 -15.62 -1.56
CA VAL I 288 43.49 -16.03 -2.95
C VAL I 288 42.29 -15.59 -3.79
N ALA I 289 42.58 -15.11 -5.00
CA ALA I 289 41.53 -14.68 -5.91
C ALA I 289 41.55 -15.50 -7.19
N ILE I 290 40.41 -16.11 -7.52
CA ILE I 290 40.30 -16.90 -8.74
C ILE I 290 39.22 -16.26 -9.60
N THR I 291 39.57 -15.93 -10.83
CA THR I 291 38.62 -15.42 -11.79
C THR I 291 38.96 -15.93 -13.18
N ALA I 292 37.96 -15.95 -14.05
CA ALA I 292 38.07 -16.61 -15.34
C ALA I 292 37.87 -15.62 -16.48
N ASP I 293 38.53 -15.90 -17.60
CA ASP I 293 38.33 -15.18 -18.85
C ASP I 293 37.47 -16.06 -19.74
N GLU I 294 36.23 -15.65 -19.97
CA GLU I 294 35.31 -16.46 -20.75
C GLU I 294 35.68 -16.48 -22.23
N GLN I 295 36.46 -15.51 -22.69
CA GLN I 295 36.84 -15.48 -24.11
C GLN I 295 37.88 -16.54 -24.42
N THR I 296 39.08 -16.37 -23.86
CA THR I 296 40.16 -17.32 -24.09
C THR I 296 39.97 -18.63 -23.34
N ASN I 297 38.98 -18.72 -22.47
CA ASN I 297 38.76 -19.91 -21.63
C ASN I 297 40.02 -20.20 -20.81
N SER I 298 40.48 -19.18 -20.11
CA SER I 298 41.64 -19.30 -19.24
C SER I 298 41.27 -18.85 -17.84
N LEU I 299 42.00 -19.37 -16.87
CA LEU I 299 41.68 -19.16 -15.46
C LEU I 299 42.82 -18.38 -14.83
N VAL I 300 42.47 -17.35 -14.06
CA VAL I 300 43.45 -16.42 -13.50
C VAL I 300 43.44 -16.59 -11.99
N ILE I 301 44.53 -17.11 -11.44
CA ILE I 301 44.69 -17.28 -10.00
C ILE I 301 45.85 -16.44 -9.53
N THR I 302 45.61 -15.54 -8.59
CA THR I 302 46.65 -14.78 -7.92
C THR I 302 46.70 -15.17 -6.46
N ALA I 303 47.88 -15.57 -5.99
CA ALA I 303 48.05 -16.14 -4.66
C ALA I 303 49.54 -16.40 -4.44
N ASP I 304 49.86 -16.80 -3.21
CA ASP I 304 51.23 -17.10 -2.85
C ASP I 304 51.75 -18.27 -3.67
N GLN I 305 53.08 -18.30 -3.84
CA GLN I 305 53.72 -19.41 -4.53
C GLN I 305 53.34 -20.76 -3.94
N SER I 306 53.02 -20.79 -2.64
CA SER I 306 52.61 -22.04 -2.01
C SER I 306 51.23 -22.47 -2.50
N VAL I 307 50.28 -21.53 -2.51
CA VAL I 307 48.93 -21.84 -2.98
C VAL I 307 48.94 -22.19 -4.47
N GLN I 308 49.77 -21.48 -5.25
CA GLN I 308 49.83 -21.73 -6.68
C GLN I 308 50.18 -23.18 -6.98
N GLU I 309 51.20 -23.70 -6.30
CA GLU I 309 51.62 -25.07 -6.57
C GLU I 309 50.59 -26.08 -6.11
N LYS I 310 49.76 -25.72 -5.12
CA LYS I 310 48.71 -26.63 -4.69
C LYS I 310 47.49 -26.57 -5.61
N LEU I 311 47.08 -25.36 -6.03
CA LEU I 311 45.99 -25.26 -6.99
C LEU I 311 46.38 -25.74 -8.38
N ALA I 312 47.68 -25.78 -8.68
CA ALA I 312 48.08 -26.30 -9.98
C ALA I 312 47.81 -27.79 -10.09
N THR I 313 47.86 -28.51 -8.97
CA THR I 313 47.52 -29.94 -8.97
C THR I 313 46.02 -30.15 -8.93
N VAL I 314 45.30 -29.30 -8.20
CA VAL I 314 43.85 -29.42 -8.14
C VAL I 314 43.25 -29.19 -9.52
N ILE I 315 43.74 -28.20 -10.25
CA ILE I 315 43.24 -27.94 -11.59
C ILE I 315 43.60 -29.09 -12.53
N ALA I 316 44.84 -29.58 -12.45
CA ALA I 316 45.24 -30.68 -13.31
C ALA I 316 44.38 -31.92 -13.07
N ARG I 317 43.96 -32.14 -11.83
CA ARG I 317 43.05 -33.25 -11.54
C ARG I 317 41.67 -32.98 -12.08
N LEU I 318 41.24 -31.73 -12.04
CA LEU I 318 39.86 -31.35 -12.32
C LEU I 318 39.67 -30.95 -13.78
N ASP I 319 40.73 -30.94 -14.56
CA ASP I 319 40.73 -30.52 -15.96
C ASP I 319 40.62 -31.69 -16.93
N ILE I 320 40.41 -32.91 -16.43
CA ILE I 320 40.58 -34.09 -17.26
C ILE I 320 39.56 -34.15 -18.38
N ARG I 321 39.89 -34.95 -19.40
CA ARG I 321 38.98 -35.21 -20.50
C ARG I 321 37.84 -36.12 -20.05
N ARG I 322 36.63 -35.82 -20.51
CA ARG I 322 35.42 -36.49 -20.07
C ARG I 322 34.88 -37.38 -21.19
N ALA I 323 34.32 -38.51 -20.81
CA ALA I 323 33.89 -39.54 -21.75
C ALA I 323 32.57 -39.16 -22.41
N GLN I 324 32.34 -39.75 -23.58
CA GLN I 324 31.11 -39.59 -24.35
C GLN I 324 30.35 -40.90 -24.36
N VAL I 325 29.03 -40.80 -24.47
CA VAL I 325 28.17 -41.97 -24.44
C VAL I 325 27.23 -41.93 -25.65
N LEU I 326 27.25 -42.98 -26.45
CA LEU I 326 26.24 -43.19 -27.47
C LEU I 326 25.10 -44.00 -26.88
N VAL I 327 23.91 -43.43 -26.89
CA VAL I 327 22.75 -44.04 -26.27
C VAL I 327 21.74 -44.37 -27.36
N GLU I 328 21.58 -45.65 -27.67
CA GLU I 328 20.51 -46.10 -28.56
C GLU I 328 19.35 -46.61 -27.72
N ALA I 329 18.15 -46.11 -28.02
CA ALA I 329 16.94 -46.71 -27.51
C ALA I 329 16.29 -47.52 -28.62
N ILE I 330 15.64 -48.61 -28.25
CA ILE I 330 14.93 -49.46 -29.20
C ILE I 330 13.52 -49.62 -28.67
N ILE I 331 12.56 -49.06 -29.38
CA ILE I 331 11.15 -49.16 -29.00
C ILE I 331 10.48 -50.04 -30.02
N VAL I 332 10.10 -51.24 -29.62
CA VAL I 332 9.37 -52.16 -30.48
C VAL I 332 7.97 -52.33 -29.92
N GLU I 333 6.97 -52.12 -30.75
CA GLU I 333 5.61 -52.41 -30.39
C GLU I 333 4.98 -53.25 -31.49
N VAL I 334 4.09 -54.16 -31.11
CA VAL I 334 3.33 -54.93 -32.06
C VAL I 334 1.90 -55.04 -31.57
N GLN I 335 0.95 -54.66 -32.41
CA GLN I 335 -0.46 -54.76 -32.09
C GLN I 335 -1.13 -55.66 -33.10
N ASP I 336 -2.15 -56.38 -32.65
CA ASP I 336 -3.06 -57.03 -33.57
C ASP I 336 -4.36 -57.34 -32.84
N GLY I 337 -5.41 -57.52 -33.61
CA GLY I 337 -6.67 -57.94 -33.06
C GLY I 337 -7.66 -58.29 -34.14
N ASN I 338 -8.61 -59.16 -33.86
CA ASN I 338 -9.56 -59.62 -34.85
C ASN I 338 -10.96 -59.65 -34.28
N GLY I 339 -11.84 -58.85 -34.85
CA GLY I 339 -13.25 -58.92 -34.50
C GLY I 339 -14.01 -59.86 -35.43
N LEU I 340 -15.09 -60.42 -34.92
CA LEU I 340 -16.04 -61.19 -35.71
C LEU I 340 -17.43 -60.87 -35.22
N ASN I 341 -18.30 -60.38 -36.09
CA ASN I 341 -19.69 -60.19 -35.73
C ASN I 341 -20.60 -60.74 -36.83
N LEU I 342 -21.34 -61.79 -36.49
CA LEU I 342 -22.27 -62.42 -37.42
C LEU I 342 -23.59 -62.63 -36.71
N GLY I 343 -24.68 -62.49 -37.44
CA GLY I 343 -26.00 -62.71 -36.86
C GLY I 343 -26.99 -63.14 -37.90
N VAL I 344 -27.99 -63.90 -37.49
CA VAL I 344 -29.05 -64.33 -38.37
C VAL I 344 -30.30 -63.68 -37.83
N GLN I 345 -31.12 -63.07 -38.68
CA GLN I 345 -32.43 -62.56 -38.28
C GLN I 345 -33.40 -63.14 -39.30
N TRP I 346 -34.53 -63.69 -38.89
CA TRP I 346 -35.52 -64.21 -39.84
C TRP I 346 -36.80 -63.45 -39.54
N ALA I 347 -37.52 -62.91 -40.52
CA ALA I 347 -38.79 -62.22 -40.23
C ALA I 347 -39.90 -62.96 -40.96
N ASN I 348 -41.00 -63.33 -40.31
CA ASN I 348 -42.09 -64.03 -41.03
C ASN I 348 -43.41 -63.28 -40.95
N LYS I 349 -44.11 -63.07 -42.05
CA LYS I 349 -45.33 -62.30 -41.88
C LYS I 349 -46.37 -63.03 -41.03
N ASN I 350 -46.51 -64.33 -41.26
CA ASN I 350 -47.48 -65.13 -40.53
C ASN I 350 -47.23 -65.27 -39.03
N VAL I 351 -45.98 -65.50 -38.65
CA VAL I 351 -45.64 -65.74 -37.25
C VAL I 351 -45.07 -64.52 -36.52
N GLY I 352 -44.12 -63.85 -37.15
CA GLY I 352 -43.44 -62.73 -36.52
C GLY I 352 -42.01 -62.67 -36.97
N ALA I 353 -41.24 -61.72 -36.46
CA ALA I 353 -39.87 -61.55 -36.90
C ALA I 353 -38.88 -61.45 -35.75
N GLN I 354 -37.65 -61.92 -36.00
CA GLN I 354 -36.57 -61.76 -35.05
C GLN I 354 -35.60 -60.75 -35.66
N GLN I 355 -35.35 -59.68 -34.94
CA GLN I 355 -34.51 -58.61 -35.47
C GLN I 355 -33.42 -58.20 -34.50
N PHE I 356 -32.24 -57.91 -35.02
CA PHE I 356 -31.13 -57.43 -34.22
C PHE I 356 -30.57 -56.19 -34.87
N THR I 357 -30.78 -55.05 -34.22
CA THR I 357 -29.93 -53.91 -34.49
C THR I 357 -28.54 -54.26 -33.98
N ASN I 358 -27.53 -53.58 -34.54
CA ASN I 358 -26.10 -53.83 -34.41
C ASN I 358 -25.63 -54.85 -35.43
N THR I 359 -26.52 -55.53 -36.14
CA THR I 359 -26.09 -56.25 -37.33
C THR I 359 -25.68 -55.30 -38.44
N GLY I 360 -25.90 -54.01 -38.26
CA GLY I 360 -25.63 -53.00 -39.24
C GLY I 360 -26.79 -52.74 -40.17
N LEU I 361 -27.66 -53.74 -40.36
CA LEU I 361 -28.97 -53.51 -40.87
C LEU I 361 -29.94 -54.43 -40.16
N PRO I 362 -31.08 -53.92 -39.71
CA PRO I 362 -32.13 -54.79 -39.17
C PRO I 362 -33.00 -55.39 -40.25
N ILE I 363 -33.66 -56.50 -39.89
CA ILE I 363 -34.52 -57.18 -40.85
C ILE I 363 -35.69 -56.30 -41.27
N PHE I 364 -36.16 -55.42 -40.40
CA PHE I 364 -37.30 -54.60 -40.74
C PHE I 364 -36.92 -53.55 -41.79
N ASN I 365 -35.89 -52.77 -41.52
CA ASN I 365 -35.51 -51.73 -42.46
C ASN I 365 -34.96 -52.29 -43.75
N ALA I 366 -34.36 -53.48 -43.70
CA ALA I 366 -33.90 -54.12 -44.93
C ALA I 366 -35.06 -54.60 -45.77
N ALA I 367 -36.05 -55.24 -45.15
CA ALA I 367 -37.20 -55.71 -45.91
C ALA I 367 -38.01 -54.58 -46.50
N GLN I 368 -38.04 -53.42 -45.84
CA GLN I 368 -38.68 -52.26 -46.45
C GLN I 368 -37.86 -51.73 -47.62
N GLY I 369 -36.54 -51.86 -47.56
CA GLY I 369 -35.69 -51.42 -48.64
C GLY I 369 -35.68 -52.38 -49.82
N VAL I 370 -35.65 -53.68 -49.53
CA VAL I 370 -35.67 -54.65 -50.61
C VAL I 370 -37.01 -54.62 -51.33
N ALA I 371 -38.11 -54.51 -50.59
CA ALA I 371 -39.41 -54.42 -51.23
C ALA I 371 -39.51 -53.15 -52.06
N ASP I 372 -39.06 -52.02 -51.52
CA ASP I 372 -39.03 -50.78 -52.29
C ASP I 372 -38.17 -50.93 -53.53
N TYR I 373 -37.09 -51.69 -53.45
CA TYR I 373 -36.21 -51.86 -54.60
C TYR I 373 -36.87 -52.67 -55.70
N LYS I 374 -37.73 -53.63 -55.33
CA LYS I 374 -38.37 -54.45 -56.35
C LYS I 374 -39.45 -53.68 -57.09
N LYS I 375 -40.25 -52.87 -56.37
CA LYS I 375 -41.34 -52.18 -57.02
C LYS I 375 -40.84 -51.08 -57.94
N ASN I 376 -39.86 -50.30 -57.49
CA ASN I 376 -39.38 -49.16 -58.27
C ASN I 376 -38.22 -49.49 -59.18
N GLY I 377 -37.64 -50.70 -59.07
CA GLY I 377 -36.47 -51.05 -59.84
C GLY I 377 -35.19 -50.44 -59.35
N GLY I 378 -35.25 -49.46 -58.46
CA GLY I 378 -34.08 -48.81 -57.90
C GLY I 378 -34.43 -48.20 -56.56
N ILE I 379 -33.46 -47.50 -55.99
CA ILE I 379 -33.63 -46.86 -54.69
C ILE I 379 -33.11 -45.44 -54.76
N THR I 380 -33.99 -44.47 -54.52
CA THR I 380 -33.58 -43.08 -54.45
C THR I 380 -32.83 -42.82 -53.15
N SER I 381 -32.10 -41.71 -53.13
CA SER I 381 -31.39 -41.30 -51.92
C SER I 381 -32.35 -40.91 -50.80
N ALA I 382 -33.62 -40.67 -51.11
CA ALA I 382 -34.59 -40.30 -50.09
C ALA I 382 -35.13 -41.51 -49.33
N ASN I 383 -35.01 -42.71 -49.90
CA ASN I 383 -35.43 -43.91 -49.21
C ASN I 383 -34.66 -44.04 -47.90
N PRO I 384 -35.32 -44.20 -46.76
CA PRO I 384 -34.59 -44.29 -45.48
C PRO I 384 -33.60 -45.43 -45.44
N ALA I 385 -33.78 -46.47 -46.24
CA ALA I 385 -32.83 -47.58 -46.29
C ALA I 385 -31.56 -47.23 -47.03
N TRP I 386 -31.50 -46.06 -47.68
CA TRP I 386 -30.30 -45.70 -48.43
C TRP I 386 -29.07 -45.67 -47.52
N ASP I 387 -29.12 -44.85 -46.46
CA ASP I 387 -27.99 -44.73 -45.56
C ASP I 387 -27.64 -46.03 -44.88
N MET I 388 -28.59 -46.96 -44.79
CA MET I 388 -28.32 -48.23 -44.13
C MET I 388 -27.55 -49.18 -45.04
N PHE I 389 -27.94 -49.25 -46.31
CA PHE I 389 -27.19 -50.07 -47.26
C PHE I 389 -25.92 -49.38 -47.73
N SER I 390 -25.91 -48.05 -47.78
CA SER I 390 -24.74 -47.35 -48.30
C SER I 390 -23.53 -47.57 -47.41
N ALA I 391 -23.74 -47.66 -46.11
CA ALA I 391 -22.67 -48.04 -45.19
C ALA I 391 -23.03 -49.39 -44.60
N TYR I 392 -22.38 -50.43 -45.10
CA TYR I 392 -22.47 -51.77 -44.55
C TYR I 392 -21.23 -52.52 -44.96
N ASN I 393 -20.76 -53.41 -44.10
CA ASN I 393 -19.56 -54.18 -44.39
C ASN I 393 -19.83 -55.65 -44.16
N GLY I 394 -19.31 -56.49 -45.05
CA GLY I 394 -19.45 -57.92 -44.92
C GLY I 394 -20.52 -58.47 -45.82
N MET I 395 -20.71 -59.79 -45.72
CA MET I 395 -21.64 -60.50 -46.58
C MET I 395 -23.03 -60.49 -45.95
N ALA I 396 -23.99 -59.93 -46.67
CA ALA I 396 -25.40 -59.99 -46.28
C ALA I 396 -26.12 -60.88 -47.29
N ALA I 397 -26.49 -62.08 -46.86
CA ALA I 397 -27.08 -63.07 -47.75
C ALA I 397 -28.50 -63.37 -47.30
N GLY I 398 -29.47 -62.92 -48.08
CA GLY I 398 -30.85 -63.23 -47.81
C GLY I 398 -31.31 -64.51 -48.49
N PHE I 399 -32.26 -65.20 -47.86
CA PHE I 399 -32.83 -66.41 -48.41
C PHE I 399 -34.32 -66.45 -48.10
N PHE I 400 -35.14 -66.64 -49.12
CA PHE I 400 -36.58 -66.73 -48.94
C PHE I 400 -37.03 -68.16 -49.21
N ASN I 401 -37.56 -68.82 -48.19
CA ASN I 401 -38.17 -70.14 -48.33
C ASN I 401 -39.65 -69.99 -48.03
N GLY I 402 -40.47 -70.09 -49.08
CA GLY I 402 -41.90 -69.91 -48.88
C GLY I 402 -42.19 -68.50 -48.41
N ASP I 403 -42.86 -68.40 -47.26
CA ASP I 403 -43.14 -67.12 -46.64
C ASP I 403 -42.05 -66.68 -45.68
N TRP I 404 -41.10 -67.55 -45.36
CA TRP I 404 -40.04 -67.22 -44.42
C TRP I 404 -38.96 -66.40 -45.10
N GLY I 405 -38.73 -65.19 -44.62
CA GLY I 405 -37.53 -64.46 -44.95
C GLY I 405 -36.42 -64.79 -43.97
N VAL I 406 -35.19 -64.81 -44.45
CA VAL I 406 -34.01 -65.07 -43.63
C VAL I 406 -32.88 -64.19 -44.13
N LEU I 407 -32.16 -63.56 -43.20
CA LEU I 407 -31.10 -62.63 -43.55
C LEU I 407 -29.89 -62.91 -42.68
N LEU I 408 -28.77 -63.24 -43.31
CA LEU I 408 -27.52 -63.55 -42.64
C LEU I 408 -26.52 -62.43 -42.90
N THR I 409 -26.01 -61.84 -41.84
CA THR I 409 -24.96 -60.83 -41.92
C THR I 409 -23.71 -61.38 -41.25
N ALA I 410 -22.57 -61.30 -41.92
CA ALA I 410 -21.33 -61.79 -41.37
C ALA I 410 -20.20 -60.86 -41.75
N LEU I 411 -19.41 -60.45 -40.77
CA LEU I 411 -18.20 -59.67 -41.00
C LEU I 411 -17.14 -60.12 -40.04
N ALA I 412 -15.96 -60.46 -40.55
CA ALA I 412 -14.82 -60.77 -39.71
C ALA I 412 -13.72 -59.79 -40.03
N SER I 413 -13.45 -58.90 -39.09
CA SER I 413 -12.39 -57.91 -39.24
C SER I 413 -11.12 -58.41 -38.59
N ASN I 414 -10.00 -58.08 -39.19
CA ASN I 414 -8.70 -58.42 -38.64
C ASN I 414 -7.76 -57.27 -38.96
N ASN I 415 -6.98 -56.84 -37.99
CA ASN I 415 -5.95 -55.85 -38.26
C ASN I 415 -4.65 -56.26 -37.61
N LYS I 416 -3.60 -55.56 -37.99
CA LYS I 416 -2.26 -55.86 -37.49
C LYS I 416 -1.48 -54.56 -37.55
N ASN I 417 -0.57 -54.39 -36.61
CA ASN I 417 0.21 -53.18 -36.56
C ASN I 417 1.55 -53.52 -35.97
N ASP I 418 2.61 -52.88 -36.47
CA ASP I 418 3.94 -53.17 -35.99
C ASP I 418 4.76 -51.89 -36.08
N ILE I 419 5.57 -51.63 -35.07
CA ILE I 419 6.29 -50.38 -34.97
C ILE I 419 7.71 -50.67 -34.51
N LEU I 420 8.67 -49.91 -35.03
CA LEU I 420 10.04 -49.95 -34.59
C LEU I 420 10.58 -48.55 -34.60
N ALA I 421 11.22 -48.14 -33.51
CA ALA I 421 11.87 -46.84 -33.44
C ALA I 421 13.22 -47.05 -32.78
N THR I 422 14.22 -46.32 -33.23
CA THR I 422 15.58 -46.44 -32.68
C THR I 422 16.22 -45.06 -32.62
N PRO I 423 15.75 -44.20 -31.73
CA PRO I 423 16.43 -42.91 -31.55
C PRO I 423 17.76 -43.11 -30.84
N SER I 424 18.79 -42.45 -31.35
CA SER I 424 20.11 -42.51 -30.75
C SER I 424 20.67 -41.11 -30.62
N ILE I 425 21.53 -40.92 -29.62
CA ILE I 425 22.08 -39.61 -29.31
C ILE I 425 23.48 -39.83 -28.75
N VAL I 426 24.40 -38.94 -29.09
CA VAL I 426 25.75 -38.93 -28.52
C VAL I 426 25.87 -37.69 -27.66
N THR I 427 26.44 -37.85 -26.48
CA THR I 427 26.61 -36.71 -25.59
C THR I 427 27.73 -36.99 -24.60
N LEU I 428 28.25 -35.92 -24.03
CA LEU I 428 29.23 -36.03 -22.96
C LEU I 428 28.55 -36.49 -21.69
N ASP I 429 29.29 -37.23 -20.87
CA ASP I 429 28.74 -37.62 -19.58
C ASP I 429 28.42 -36.39 -18.75
N ASN I 430 27.38 -36.50 -17.93
CA ASN I 430 26.90 -35.48 -17.01
C ASN I 430 26.27 -34.31 -17.76
N LYS I 431 26.30 -34.31 -19.08
CA LYS I 431 25.63 -33.30 -19.89
C LYS I 431 24.32 -33.86 -20.43
N LEU I 432 23.25 -33.08 -20.31
CA LEU I 432 21.92 -33.51 -20.75
C LEU I 432 21.76 -33.30 -22.25
N ALA I 433 21.43 -34.38 -22.96
CA ALA I 433 21.15 -34.33 -24.37
C ALA I 433 19.70 -34.68 -24.61
N SER I 434 19.12 -34.10 -25.65
CA SER I 434 17.75 -34.41 -26.03
C SER I 434 17.67 -34.51 -27.54
N PHE I 435 16.77 -35.38 -27.99
CA PHE I 435 16.60 -35.67 -29.40
C PHE I 435 15.11 -35.70 -29.68
N ASN I 436 14.63 -34.80 -30.54
CA ASN I 436 13.22 -34.69 -30.85
C ASN I 436 13.03 -34.90 -32.34
N VAL I 437 12.17 -35.83 -32.70
CA VAL I 437 11.69 -35.96 -34.08
C VAL I 437 10.19 -36.09 -34.01
N GLY I 438 9.49 -35.13 -34.58
CA GLY I 438 8.06 -35.04 -34.37
C GLY I 438 7.53 -33.74 -34.91
N GLN I 439 6.43 -33.30 -34.33
CA GLN I 439 5.85 -32.04 -34.77
C GLN I 439 5.37 -31.24 -33.57
N ASP I 440 5.40 -29.92 -33.73
CA ASP I 440 5.07 -28.97 -32.68
C ASP I 440 3.67 -28.45 -32.94
N VAL I 441 2.73 -28.81 -32.06
CA VAL I 441 1.31 -28.56 -32.32
C VAL I 441 0.76 -27.58 -31.30
N PRO I 442 -0.19 -26.73 -31.66
CA PRO I 442 -0.85 -25.88 -30.67
C PRO I 442 -1.88 -26.64 -29.85
N VAL I 443 -1.93 -26.35 -28.55
CA VAL I 443 -2.93 -26.92 -27.66
C VAL I 443 -3.63 -25.78 -26.94
N LEU I 444 -4.95 -25.92 -26.79
CA LEU I 444 -5.76 -24.87 -26.19
C LEU I 444 -5.54 -24.83 -24.68
N SER I 445 -5.86 -23.69 -24.09
CA SER I 445 -5.76 -23.54 -22.63
C SER I 445 -6.62 -22.40 -22.09
N THR I 458 -6.69 -18.37 -25.94
CA THR I 458 -5.36 -18.68 -25.42
C THR I 458 -4.93 -20.10 -25.79
N VAL I 459 -3.75 -20.21 -26.40
CA VAL I 459 -3.21 -21.50 -26.81
C VAL I 459 -1.79 -21.64 -26.28
N GLU I 460 -1.20 -22.80 -26.55
CA GLU I 460 0.13 -23.14 -26.07
C GLU I 460 0.73 -24.13 -27.04
N ARG I 461 2.05 -24.15 -27.12
CA ARG I 461 2.75 -24.98 -28.09
C ARG I 461 3.28 -26.22 -27.40
N LYS I 462 3.10 -27.37 -28.04
CA LYS I 462 3.49 -28.65 -27.45
C LYS I 462 4.16 -29.51 -28.50
N THR I 463 5.37 -29.96 -28.22
CA THR I 463 6.07 -30.85 -29.12
C THR I 463 5.62 -32.29 -28.88
N VAL I 464 5.22 -32.96 -29.94
CA VAL I 464 4.69 -34.32 -29.86
C VAL I 464 5.37 -35.15 -30.94
N GLY I 465 6.13 -36.16 -30.52
CA GLY I 465 6.82 -37.01 -31.47
C GLY I 465 7.69 -37.98 -30.74
N THR I 466 8.67 -38.53 -31.44
CA THR I 466 9.64 -39.41 -30.81
C THR I 466 10.68 -38.56 -30.10
N LYS I 467 10.78 -38.71 -28.79
CA LYS I 467 11.63 -37.87 -27.97
C LYS I 467 12.52 -38.74 -27.11
N LEU I 468 13.78 -38.36 -27.00
CA LEU I 468 14.72 -39.04 -26.13
C LEU I 468 15.54 -38.00 -25.40
N LYS I 469 15.43 -37.97 -24.09
CA LYS I 469 16.15 -37.01 -23.25
C LYS I 469 16.91 -37.80 -22.20
N VAL I 470 18.23 -37.80 -22.28
CA VAL I 470 19.06 -38.66 -21.45
C VAL I 470 20.22 -37.86 -20.89
N THR I 471 20.52 -38.08 -19.61
CA THR I 471 21.72 -37.54 -18.97
C THR I 471 22.62 -38.68 -18.56
N PRO I 472 23.72 -38.94 -19.27
CA PRO I 472 24.60 -40.04 -18.88
C PRO I 472 25.54 -39.65 -17.76
N GLN I 473 25.94 -40.65 -16.99
CA GLN I 473 26.99 -40.54 -15.99
C GLN I 473 27.85 -41.79 -16.10
N VAL I 474 29.12 -41.63 -16.45
CA VAL I 474 29.98 -42.79 -16.67
C VAL I 474 30.71 -43.09 -15.37
N ASN I 475 30.32 -44.19 -14.74
CA ASN I 475 30.98 -44.59 -13.50
C ASN I 475 31.22 -46.08 -13.34
N GLU I 476 32.47 -46.49 -13.25
CA GLU I 476 33.60 -45.72 -13.75
C GLU I 476 34.31 -46.74 -14.59
N GLY I 477 35.09 -46.34 -15.58
CA GLY I 477 35.46 -47.36 -16.53
C GLY I 477 34.20 -47.77 -17.26
N ASP I 478 33.80 -49.03 -17.13
CA ASP I 478 32.60 -49.52 -17.79
C ASP I 478 31.35 -48.99 -17.09
N ALA I 479 30.21 -49.56 -17.47
CA ALA I 479 28.86 -49.15 -17.14
C ALA I 479 28.59 -47.70 -17.49
N VAL I 480 27.58 -47.11 -16.83
CA VAL I 480 27.04 -45.76 -17.04
C VAL I 480 25.83 -45.66 -16.13
N LEU I 481 25.40 -44.44 -15.84
CA LEU I 481 24.12 -44.21 -15.20
C LEU I 481 23.29 -43.36 -16.12
N LEU I 482 22.26 -43.94 -16.70
CA LEU I 482 21.42 -43.26 -17.67
C LEU I 482 20.14 -42.85 -16.97
N GLU I 483 19.90 -41.55 -16.88
CA GLU I 483 18.59 -41.06 -16.52
C GLU I 483 17.85 -40.82 -17.82
N ILE I 484 16.89 -41.68 -18.12
CA ILE I 484 16.19 -41.65 -19.40
C ILE I 484 14.84 -41.01 -19.16
N GLU I 485 14.48 -40.07 -20.02
CA GLU I 485 13.10 -39.64 -20.17
C GLU I 485 12.82 -39.70 -21.66
N GLN I 486 11.99 -40.63 -22.09
CA GLN I 486 11.68 -40.71 -23.51
C GLN I 486 10.20 -40.97 -23.68
N GLU I 487 9.70 -40.67 -24.87
CA GLU I 487 8.35 -41.04 -25.21
C GLU I 487 8.20 -41.07 -26.72
N VAL I 488 7.20 -41.81 -27.16
CA VAL I 488 6.76 -41.80 -28.53
C VAL I 488 5.32 -41.35 -28.51
N SER I 489 5.05 -40.14 -28.98
CA SER I 489 3.72 -39.59 -28.94
C SER I 489 3.36 -39.04 -30.31
N SER I 490 2.06 -38.98 -30.58
CA SER I 490 1.57 -38.55 -31.86
C SER I 490 0.18 -37.96 -31.70
N VAL I 491 -0.16 -37.04 -32.61
CA VAL I 491 -1.50 -36.47 -32.60
C VAL I 491 -2.49 -37.53 -33.04
N ASP I 492 -3.62 -37.61 -32.36
CA ASP I 492 -4.67 -38.56 -32.69
C ASP I 492 -5.61 -37.90 -33.67
N SER I 493 -5.62 -38.39 -34.91
CA SER I 493 -6.43 -37.77 -35.95
C SER I 493 -7.91 -37.91 -35.65
N SER I 494 -8.35 -39.11 -35.29
CA SER I 494 -9.71 -39.29 -34.84
C SER I 494 -9.93 -38.60 -33.50
N SER I 495 -11.20 -38.39 -33.17
CA SER I 495 -11.59 -37.86 -31.86
C SER I 495 -11.02 -36.46 -31.64
N ASN I 496 -11.22 -35.59 -32.63
CA ASN I 496 -10.92 -34.19 -32.41
C ASN I 496 -12.06 -33.55 -31.62
N SER I 497 -11.73 -32.49 -30.89
CA SER I 497 -12.69 -31.84 -30.02
C SER I 497 -12.47 -30.34 -30.04
N THR I 498 -13.47 -29.62 -29.53
CA THR I 498 -13.35 -28.18 -29.40
C THR I 498 -12.41 -27.78 -28.27
N LEU I 499 -12.14 -28.70 -27.34
CA LEU I 499 -11.22 -28.39 -26.26
C LEU I 499 -9.76 -28.49 -26.70
N GLY I 500 -9.48 -29.27 -27.72
CA GLY I 500 -8.14 -29.36 -28.24
C GLY I 500 -7.86 -30.74 -28.81
N PRO I 501 -6.64 -30.96 -29.26
CA PRO I 501 -6.26 -32.29 -29.75
C PRO I 501 -5.93 -33.23 -28.60
N THR I 502 -6.13 -34.51 -28.84
CA THR I 502 -5.55 -35.52 -27.97
C THR I 502 -4.25 -36.01 -28.59
N PHE I 503 -3.52 -36.81 -27.84
CA PHE I 503 -2.26 -37.35 -28.30
C PHE I 503 -2.12 -38.75 -27.77
N ASN I 504 -1.60 -39.66 -28.58
CA ASN I 504 -1.31 -41.01 -28.13
C ASN I 504 0.12 -41.02 -27.62
N THR I 505 0.30 -41.17 -26.31
CA THR I 505 1.62 -41.05 -25.70
C THR I 505 2.02 -42.39 -25.11
N ARG I 506 3.25 -42.80 -25.37
CA ARG I 506 3.88 -43.91 -24.66
C ARG I 506 5.14 -43.35 -24.01
N THR I 507 5.13 -43.20 -22.70
CA THR I 507 6.16 -42.48 -21.98
C THR I 507 6.79 -43.40 -20.94
N ILE I 508 8.11 -43.36 -20.85
CA ILE I 508 8.85 -44.10 -19.84
C ILE I 508 9.99 -43.23 -19.35
N GLN I 509 10.07 -43.00 -18.05
CA GLN I 509 11.16 -42.25 -17.47
C GLN I 509 11.68 -42.98 -16.25
N ASN I 510 12.97 -43.31 -16.27
CA ASN I 510 13.58 -44.04 -15.18
C ASN I 510 15.08 -43.80 -15.25
N ALA I 511 15.75 -44.08 -14.14
CA ALA I 511 17.20 -44.11 -14.11
C ALA I 511 17.63 -45.56 -14.07
N VAL I 512 18.66 -45.90 -14.83
CA VAL I 512 19.13 -47.27 -14.89
C VAL I 512 20.64 -47.23 -15.07
N LEU I 513 21.31 -48.30 -14.66
CA LEU I 513 22.76 -48.42 -14.72
C LEU I 513 23.09 -49.62 -15.59
N VAL I 514 23.69 -49.37 -16.75
CA VAL I 514 23.85 -50.37 -17.79
C VAL I 514 25.34 -50.48 -18.10
N LYS I 515 25.81 -51.70 -18.36
CA LYS I 515 27.20 -51.87 -18.75
C LYS I 515 27.41 -51.32 -20.17
N THR I 516 28.67 -51.03 -20.49
CA THR I 516 28.98 -50.18 -21.64
C THR I 516 28.58 -50.79 -22.96
N GLY I 517 28.49 -52.10 -23.07
CA GLY I 517 28.19 -52.67 -24.38
C GLY I 517 26.82 -53.28 -24.50
N GLU I 518 26.06 -53.31 -23.40
CA GLU I 518 24.95 -54.24 -23.26
C GLU I 518 23.62 -53.60 -23.61
N THR I 519 22.74 -54.39 -24.22
CA THR I 519 21.36 -54.01 -24.48
C THR I 519 20.50 -54.56 -23.37
N VAL I 520 19.73 -53.68 -22.72
CA VAL I 520 18.93 -54.05 -21.56
C VAL I 520 17.56 -53.43 -21.71
N VAL I 521 16.59 -54.03 -21.02
CA VAL I 521 15.19 -53.62 -21.16
C VAL I 521 14.88 -52.53 -20.14
N LEU I 522 14.35 -51.41 -20.63
CA LEU I 522 13.90 -50.35 -19.74
C LEU I 522 12.52 -50.61 -19.18
N GLY I 523 11.65 -51.21 -19.98
CA GLY I 523 10.29 -51.42 -19.54
C GLY I 523 9.51 -52.14 -20.61
N GLY I 524 8.19 -52.07 -20.48
CA GLY I 524 7.35 -52.70 -21.48
C GLY I 524 5.94 -52.82 -20.97
N LEU I 525 5.04 -53.12 -21.89
CA LEU I 525 3.65 -53.34 -21.59
C LEU I 525 3.13 -54.47 -22.47
N LEU I 526 2.55 -55.48 -21.86
CA LEU I 526 1.83 -56.52 -22.59
C LEU I 526 0.38 -56.38 -22.22
N ASP I 527 -0.43 -55.91 -23.15
CA ASP I 527 -1.82 -55.59 -22.91
C ASP I 527 -2.66 -56.46 -23.83
N ASP I 528 -3.66 -57.13 -23.27
CA ASP I 528 -4.45 -58.08 -24.02
C ASP I 528 -5.90 -57.98 -23.60
N PHE I 529 -6.80 -58.01 -24.56
CA PHE I 529 -8.19 -57.65 -24.35
C PHE I 529 -9.07 -58.53 -25.22
N SER I 530 -10.16 -59.04 -24.66
CA SER I 530 -11.11 -59.84 -25.42
C SER I 530 -12.51 -59.48 -24.98
N LYS I 531 -13.35 -59.12 -25.93
CA LYS I 531 -14.71 -58.72 -25.68
C LYS I 531 -15.64 -59.71 -26.36
N GLU I 532 -16.87 -59.80 -25.87
CA GLU I 532 -17.88 -60.61 -26.51
C GLU I 532 -19.24 -60.04 -26.19
N GLN I 533 -20.16 -60.18 -27.14
CA GLN I 533 -21.55 -59.84 -26.90
C GLN I 533 -22.39 -60.76 -27.75
N VAL I 534 -23.51 -61.23 -27.20
CA VAL I 534 -24.50 -61.95 -27.99
C VAL I 534 -25.85 -61.38 -27.65
N SER I 535 -26.73 -61.33 -28.64
CA SER I 535 -28.13 -61.02 -28.46
C SER I 535 -28.91 -62.19 -29.04
N LYS I 536 -29.63 -62.90 -28.21
CA LYS I 536 -30.23 -64.16 -28.64
C LYS I 536 -31.68 -64.24 -28.21
N VAL I 537 -32.36 -65.24 -28.77
CA VAL I 537 -33.69 -65.63 -28.28
C VAL I 537 -33.51 -66.59 -27.12
N PRO I 538 -34.16 -66.36 -25.97
CA PRO I 538 -33.63 -66.92 -24.71
C PRO I 538 -33.44 -68.42 -24.68
N LEU I 539 -34.45 -69.21 -25.03
CA LEU I 539 -34.24 -70.65 -25.02
C LEU I 539 -33.61 -71.15 -26.30
N LEU I 540 -34.04 -70.63 -27.44
CA LEU I 540 -33.59 -71.16 -28.71
C LEU I 540 -32.12 -70.87 -28.94
N GLY I 541 -31.63 -69.73 -28.49
CA GLY I 541 -30.25 -69.35 -28.71
C GLY I 541 -29.23 -70.22 -28.00
N ASP I 542 -29.66 -71.05 -27.06
CA ASP I 542 -28.75 -71.90 -26.32
C ASP I 542 -28.69 -73.33 -26.84
N ILE I 543 -29.47 -73.65 -27.87
CA ILE I 543 -29.34 -74.97 -28.50
C ILE I 543 -27.93 -75.13 -29.05
N PRO I 544 -27.22 -76.22 -28.77
CA PRO I 544 -25.75 -76.21 -28.94
C PRO I 544 -25.27 -75.81 -30.32
N LEU I 545 -25.87 -76.35 -31.38
CA LEU I 545 -25.44 -76.02 -32.74
C LEU I 545 -26.44 -75.09 -33.42
N VAL I 546 -27.68 -75.54 -33.57
CA VAL I 546 -28.73 -74.75 -34.22
C VAL I 546 -28.86 -73.38 -33.58
N GLY I 547 -28.54 -73.26 -32.30
CA GLY I 547 -28.75 -72.01 -31.57
C GLY I 547 -28.07 -70.79 -32.18
N GLN I 548 -27.06 -70.99 -33.01
CA GLN I 548 -26.40 -69.86 -33.66
C GLN I 548 -27.30 -69.17 -34.67
N LEU I 549 -28.41 -69.79 -35.07
CA LEU I 549 -29.33 -69.13 -35.97
C LEU I 549 -30.10 -68.02 -35.28
N PHE I 550 -30.39 -68.18 -33.99
CA PHE I 550 -31.17 -67.20 -33.27
C PHE I 550 -30.34 -66.06 -32.71
N ARG I 551 -29.10 -66.32 -32.32
CA ARG I 551 -28.26 -65.30 -31.71
C ARG I 551 -27.55 -64.42 -32.73
N TYR I 552 -27.21 -63.20 -32.29
CA TYR I 552 -26.28 -62.31 -32.98
C TYR I 552 -25.05 -62.14 -32.12
N THR I 553 -23.92 -62.67 -32.57
CA THR I 553 -22.67 -62.61 -31.84
C THR I 553 -21.79 -61.51 -32.40
N SER I 554 -21.16 -60.74 -31.53
CA SER I 554 -20.12 -59.79 -31.95
C SER I 554 -18.94 -59.97 -31.02
N THR I 555 -17.81 -60.41 -31.57
CA THR I 555 -16.62 -60.74 -30.81
C THR I 555 -15.52 -59.75 -31.17
N GLU I 556 -14.57 -59.56 -30.25
CA GLU I 556 -13.45 -58.69 -30.49
C GLU I 556 -12.28 -59.18 -29.67
N ARG I 557 -11.07 -58.86 -30.14
CA ARG I 557 -9.85 -59.18 -29.43
C ARG I 557 -8.82 -58.13 -29.78
N ALA I 558 -7.86 -57.93 -28.89
CA ALA I 558 -6.77 -57.01 -29.15
C ALA I 558 -5.54 -57.49 -28.39
N LYS I 559 -4.37 -57.12 -28.89
CA LYS I 559 -3.11 -57.39 -28.24
C LYS I 559 -2.19 -56.22 -28.48
N ARG I 560 -1.43 -55.84 -27.47
CA ARG I 560 -0.36 -54.87 -27.60
C ARG I 560 0.82 -55.38 -26.82
N ASN I 561 1.94 -55.59 -27.50
CA ASN I 561 3.16 -56.01 -26.83
C ASN I 561 4.21 -54.94 -27.10
N LEU I 562 4.58 -54.19 -26.07
CA LEU I 562 5.52 -53.10 -26.17
C LEU I 562 6.76 -53.42 -25.35
N MET I 563 7.93 -53.15 -25.91
CA MET I 563 9.20 -53.32 -25.23
C MET I 563 10.06 -52.11 -25.51
N VAL I 564 10.81 -51.67 -24.51
CA VAL I 564 11.75 -50.56 -24.66
C VAL I 564 13.11 -51.04 -24.19
N PHE I 565 14.11 -50.92 -25.05
CA PHE I 565 15.46 -51.32 -24.73
C PHE I 565 16.38 -50.12 -24.81
N ILE I 566 17.53 -50.21 -24.16
CA ILE I 566 18.51 -49.13 -24.19
C ILE I 566 19.89 -49.77 -24.30
N ARG I 567 20.67 -49.34 -25.27
CA ARG I 567 22.07 -49.77 -25.36
C ARG I 567 23.00 -48.57 -25.27
N PRO I 568 23.68 -48.35 -24.15
CA PRO I 568 24.73 -47.34 -24.11
C PRO I 568 26.02 -47.87 -24.71
N THR I 569 26.86 -46.94 -25.14
CA THR I 569 28.22 -47.24 -25.57
C THR I 569 29.10 -46.08 -25.17
N ILE I 570 30.23 -46.37 -24.55
CA ILE I 570 31.13 -45.32 -24.08
C ILE I 570 32.20 -45.06 -25.11
N ILE I 571 32.41 -43.80 -25.44
CA ILE I 571 33.51 -43.38 -26.29
C ILE I 571 34.60 -42.82 -25.40
N ARG I 572 35.69 -43.58 -25.25
CA ARG I 572 36.82 -43.11 -24.47
C ARG I 572 37.73 -42.19 -25.29
N ASP I 573 37.97 -42.55 -26.54
CA ASP I 573 38.94 -41.83 -27.37
C ASP I 573 38.35 -41.64 -28.76
N ASP I 574 39.04 -40.82 -29.56
CA ASP I 574 38.57 -40.53 -30.91
C ASP I 574 38.52 -41.78 -31.76
N ASP I 575 39.54 -42.64 -31.66
CA ASP I 575 39.66 -43.74 -32.61
C ASP I 575 38.49 -44.70 -32.55
N VAL I 576 37.86 -44.85 -31.38
CA VAL I 576 36.67 -45.69 -31.31
C VAL I 576 35.45 -44.95 -31.80
N TYR I 577 35.50 -43.62 -31.84
CA TYR I 577 34.36 -42.83 -32.26
C TYR I 577 34.37 -42.51 -33.73
N ARG I 578 35.48 -42.78 -34.43
CA ARG I 578 35.40 -42.91 -35.88
C ARG I 578 34.72 -44.21 -36.26
N SER I 579 35.22 -45.34 -35.74
CA SER I 579 34.68 -46.64 -36.11
C SER I 579 33.21 -46.74 -35.77
N LEU I 580 32.80 -46.13 -34.67
CA LEU I 580 31.39 -46.07 -34.33
C LEU I 580 30.62 -45.19 -35.31
N SER I 581 31.23 -44.08 -35.73
CA SER I 581 30.60 -43.20 -36.71
C SER I 581 30.76 -43.74 -38.12
N LYS I 582 31.88 -44.41 -38.40
CA LYS I 582 32.12 -44.94 -39.73
C LYS I 582 31.15 -46.05 -40.07
N GLU I 583 30.73 -46.85 -39.09
CA GLU I 583 29.83 -47.95 -39.40
C GLU I 583 28.40 -47.47 -39.57
N LYS I 584 28.04 -46.36 -38.93
CA LYS I 584 26.73 -45.77 -39.22
C LYS I 584 26.77 -44.97 -40.51
N TYR I 585 27.88 -44.30 -40.79
CA TYR I 585 28.03 -43.55 -42.02
C TYR I 585 28.01 -44.47 -43.22
N THR I 586 28.65 -45.65 -43.09
CA THR I 586 28.71 -46.60 -44.19
C THR I 586 27.43 -47.42 -44.31
N ARG I 587 26.88 -47.89 -43.18
CA ARG I 587 25.64 -48.63 -43.24
C ARG I 587 24.51 -47.78 -43.80
N TYR I 588 24.57 -46.47 -43.58
CA TYR I 588 23.58 -45.59 -44.19
C TYR I 588 23.92 -45.35 -45.66
N ARG I 589 25.21 -45.21 -45.97
CA ARG I 589 25.61 -45.00 -47.35
C ARG I 589 25.35 -46.24 -48.20
N GLN I 590 25.70 -47.41 -47.69
CA GLN I 590 25.41 -48.65 -48.40
C GLN I 590 23.92 -48.92 -48.51
N GLU I 591 23.10 -48.30 -47.66
CA GLU I 591 21.66 -48.43 -47.82
C GLU I 591 21.15 -47.52 -48.92
N GLN I 592 21.71 -46.31 -49.03
CA GLN I 592 21.36 -45.43 -50.15
C GLN I 592 21.79 -46.04 -51.48
N GLN I 593 23.00 -46.60 -51.53
CA GLN I 593 23.46 -47.21 -52.77
C GLN I 593 22.62 -48.43 -53.13
N GLN I 594 22.07 -49.11 -52.13
CA GLN I 594 21.18 -50.23 -52.43
C GLN I 594 19.86 -49.73 -52.99
N ARG I 595 19.39 -48.58 -52.52
CA ARG I 595 18.14 -48.02 -53.03
C ARG I 595 18.29 -47.49 -54.44
N ILE I 596 19.50 -47.02 -54.79
CA ILE I 596 19.75 -46.58 -56.16
C ILE I 596 19.74 -47.77 -57.11
N ASP I 597 20.31 -48.89 -56.68
CA ASP I 597 20.28 -50.10 -57.50
C ASP I 597 18.95 -50.83 -57.41
N GLY I 598 18.17 -50.59 -56.36
CA GLY I 598 16.89 -51.25 -56.22
C GLY I 598 15.83 -50.72 -57.15
N LYS I 599 15.95 -49.47 -57.59
CA LYS I 599 15.01 -48.95 -58.57
C LYS I 599 15.34 -49.51 -59.95
N SER I 600 14.30 -49.87 -60.70
CA SER I 600 14.47 -50.50 -62.00
C SER I 600 14.30 -49.46 -63.10
N LYS I 601 15.18 -49.53 -64.10
CA LYS I 601 15.00 -48.74 -65.30
C LYS I 601 13.79 -49.25 -66.07
N ALA I 602 13.31 -48.40 -66.97
CA ALA I 602 12.11 -48.58 -67.79
C ALA I 602 10.85 -48.19 -67.02
N LEU I 603 10.98 -47.81 -65.75
CA LEU I 603 9.91 -47.14 -65.03
C LEU I 603 10.42 -45.78 -64.57
N VAL I 604 9.56 -44.77 -64.65
CA VAL I 604 9.95 -43.43 -64.21
C VAL I 604 10.08 -43.41 -62.70
N GLY I 605 11.18 -42.84 -62.22
CA GLY I 605 11.41 -42.74 -60.79
C GLY I 605 12.22 -41.49 -60.47
N SER I 606 12.31 -41.21 -59.18
CA SER I 606 13.04 -40.03 -58.74
C SER I 606 14.52 -40.20 -59.01
N GLU I 607 15.16 -39.12 -59.45
CA GLU I 607 16.61 -39.12 -59.58
C GLU I 607 17.26 -39.05 -58.22
N ASP I 608 18.27 -39.89 -58.01
CA ASP I 608 18.86 -40.07 -56.70
C ASP I 608 19.64 -38.83 -56.27
N LEU I 609 19.81 -38.68 -54.97
CA LEU I 609 20.72 -37.67 -54.46
C LEU I 609 22.16 -38.16 -54.61
N PRO I 610 23.14 -37.26 -54.50
CA PRO I 610 24.50 -37.73 -54.28
C PRO I 610 24.59 -38.44 -52.94
N VAL I 611 25.21 -39.61 -52.93
CA VAL I 611 25.21 -40.47 -51.76
C VAL I 611 26.46 -40.16 -50.93
N LEU I 612 26.24 -39.43 -49.83
CA LEU I 612 27.27 -39.06 -48.86
C LEU I 612 28.57 -38.65 -49.55
N ASP I 613 29.70 -39.15 -49.04
CA ASP I 613 31.01 -38.94 -49.63
C ASP I 613 31.83 -40.21 -49.44
N GLU I 614 32.53 -40.61 -50.49
CA GLU I 614 33.35 -41.81 -50.42
C GLU I 614 34.67 -41.58 -49.70
N ASN I 615 35.29 -40.42 -49.88
CA ASN I 615 36.60 -40.17 -49.31
C ASN I 615 36.56 -39.97 -47.80
N THR I 616 35.39 -39.71 -47.23
CA THR I 616 35.30 -39.55 -45.78
C THR I 616 35.70 -40.85 -45.09
N PHE I 617 36.39 -40.72 -43.97
CA PHE I 617 36.96 -41.85 -43.23
C PHE I 617 38.01 -42.57 -44.06
N GLY J 99 98.84 50.83 26.03
CA GLY J 99 99.55 50.08 27.06
C GLY J 99 98.87 50.10 28.42
N ASP J 100 99.07 51.18 29.15
CA ASP J 100 98.47 51.34 30.47
C ASP J 100 97.17 52.12 30.42
N GLU J 101 96.67 52.44 29.22
CA GLU J 101 95.58 53.39 29.10
C GLU J 101 94.26 52.75 29.53
N LEU J 102 93.65 53.32 30.57
CA LEU J 102 92.47 52.74 31.19
C LEU J 102 91.23 53.32 30.53
N VAL J 103 90.52 52.49 29.79
CA VAL J 103 89.30 52.92 29.08
C VAL J 103 88.27 51.80 29.18
N THR J 104 87.01 52.19 29.07
CA THR J 104 85.90 51.25 29.03
C THR J 104 85.44 51.06 27.59
N ARG J 105 85.32 49.80 27.21
CA ARG J 105 84.92 49.44 25.85
C ARG J 105 84.11 48.15 25.95
N ILE J 106 83.11 48.06 25.08
CA ILE J 106 81.94 47.21 25.31
C ILE J 106 81.65 46.39 24.06
N VAL J 107 81.76 45.06 24.17
CA VAL J 107 81.43 44.14 23.09
C VAL J 107 80.34 43.18 23.54
N PRO J 108 79.20 43.10 22.84
CA PRO J 108 78.22 42.05 23.14
C PRO J 108 78.68 40.68 22.64
N LEU J 109 78.18 39.63 23.30
CA LEU J 109 78.10 38.30 22.72
C LEU J 109 76.66 38.09 22.27
N GLU J 110 76.42 38.19 20.96
CA GLU J 110 75.03 38.10 20.50
C GLU J 110 74.58 36.64 20.42
N ASN J 111 75.45 35.78 19.90
CA ASN J 111 75.17 34.36 19.72
C ASN J 111 74.74 33.69 21.01
N VAL J 112 75.42 33.99 22.12
CA VAL J 112 75.23 33.31 23.39
C VAL J 112 74.87 34.38 24.43
N PRO J 113 74.21 34.05 25.54
CA PRO J 113 74.24 34.98 26.67
C PRO J 113 75.65 35.08 27.25
N ALA J 114 76.12 36.32 27.42
CA ALA J 114 77.51 36.57 27.77
C ALA J 114 77.90 36.06 29.15
N ARG J 115 76.92 35.59 29.93
CA ARG J 115 77.15 35.18 31.31
C ARG J 115 78.36 34.25 31.43
N ASP J 116 78.55 33.36 30.46
CA ASP J 116 79.60 32.34 30.48
C ASP J 116 81.02 32.91 30.50
N LEU J 117 81.21 34.21 30.26
CA LEU J 117 82.55 34.76 30.39
C LEU J 117 82.80 35.45 31.73
N ALA J 118 81.85 35.40 32.66
CA ALA J 118 82.07 36.05 33.96
C ALA J 118 83.23 35.45 34.73
N PRO J 119 83.38 34.13 34.89
CA PRO J 119 84.63 33.63 35.48
C PRO J 119 85.85 33.91 34.61
N LEU J 120 85.69 33.90 33.29
CA LEU J 120 86.84 34.09 32.42
C LEU J 120 87.35 35.53 32.49
N LEU J 121 86.44 36.50 32.32
CA LEU J 121 86.86 37.89 32.12
C LEU J 121 87.16 38.61 33.42
N ARG J 122 86.36 38.41 34.46
CA ARG J 122 86.79 38.87 35.78
C ARG J 122 87.91 37.99 36.32
N GLN J 123 88.11 36.81 35.73
CA GLN J 123 89.38 36.14 35.92
C GLN J 123 90.50 36.91 35.24
N MET J 124 90.21 37.63 34.15
CA MET J 124 91.23 38.44 33.51
C MET J 124 91.45 39.77 34.22
N MET J 125 90.42 40.29 34.90
CA MET J 125 90.69 41.20 36.02
C MET J 125 91.67 40.56 36.99
N ASP J 126 91.34 39.36 37.43
CA ASP J 126 92.12 38.57 38.36
C ASP J 126 93.42 38.04 37.74
N ALA J 127 93.63 38.29 36.44
CA ALA J 127 94.90 37.91 35.81
C ALA J 127 96.04 38.84 36.17
N GLY J 128 95.80 40.15 36.21
CA GLY J 128 96.90 41.09 36.36
C GLY J 128 96.44 42.33 37.10
N SER J 129 97.38 43.25 37.30
CA SER J 129 97.18 44.36 38.21
C SER J 129 95.89 45.12 37.88
N VAL J 130 95.09 45.35 38.92
CA VAL J 130 93.65 45.57 38.79
C VAL J 130 93.42 47.03 38.46
N GLY J 131 92.16 47.50 38.60
CA GLY J 131 91.65 48.61 37.84
C GLY J 131 90.69 48.20 36.76
N ASN J 132 90.17 46.97 36.83
CA ASN J 132 89.32 46.40 35.79
C ASN J 132 87.89 46.29 36.28
N VAL J 133 86.96 46.36 35.32
CA VAL J 133 85.56 46.03 35.51
C VAL J 133 85.07 45.21 34.32
N VAL J 134 84.33 44.15 34.61
CA VAL J 134 83.60 43.41 33.59
C VAL J 134 82.17 43.33 34.10
N HIS J 135 81.19 43.52 33.20
CA HIS J 135 79.81 43.60 33.63
C HIS J 135 78.91 43.26 32.43
N TYR J 136 77.64 42.98 32.72
CA TYR J 136 76.78 42.21 31.84
C TYR J 136 75.39 42.82 31.77
N GLU J 137 74.95 43.16 30.52
CA GLU J 137 73.55 43.56 30.51
C GLU J 137 72.63 42.38 30.20
N PRO J 138 71.34 42.47 30.57
CA PRO J 138 70.36 41.48 30.12
C PRO J 138 70.32 41.38 28.61
N SER J 139 70.47 42.53 27.96
CA SER J 139 70.52 42.65 26.51
C SER J 139 71.74 41.95 25.95
N ASN J 140 72.59 41.41 26.83
CA ASN J 140 73.69 40.53 26.47
C ASN J 140 74.81 41.28 25.74
N VAL J 141 75.02 42.54 26.12
CA VAL J 141 76.23 43.27 25.80
C VAL J 141 77.16 43.14 27.00
N LEU J 142 78.45 43.01 26.70
CA LEU J 142 79.45 42.76 27.72
C LEU J 142 80.35 43.98 27.84
N ILE J 143 80.23 44.68 28.96
CA ILE J 143 80.85 46.00 29.11
C ILE J 143 82.11 45.89 29.96
N LEU J 144 83.19 46.51 29.47
CA LEU J 144 84.50 46.38 30.08
C LEU J 144 85.09 47.74 30.46
N THR J 145 85.99 47.68 31.43
CA THR J 145 86.82 48.79 31.85
C THR J 145 88.20 48.23 32.17
N GLY J 146 89.25 48.85 31.64
CA GLY J 146 90.58 48.41 32.02
C GLY J 146 91.68 49.05 31.17
N ARG J 147 92.91 48.79 31.58
CA ARG J 147 94.07 49.28 30.84
C ARG J 147 94.19 48.54 29.51
N ALA J 148 94.98 49.14 28.61
CA ALA J 148 94.92 48.83 27.18
C ALA J 148 95.23 47.37 26.86
N SER J 149 96.18 46.75 27.57
CA SER J 149 96.52 45.36 27.26
C SER J 149 95.50 44.38 27.82
N THR J 150 95.20 44.50 29.12
CA THR J 150 94.21 43.63 29.74
C THR J 150 92.91 43.67 28.95
N ILE J 151 92.55 44.85 28.44
CA ILE J 151 91.36 44.90 27.61
C ILE J 151 91.65 44.37 26.20
N ASN J 152 92.88 44.48 25.70
CA ASN J 152 93.18 43.83 24.42
C ASN J 152 92.74 42.37 24.46
N LYS J 153 93.23 41.63 25.44
CA LYS J 153 92.94 40.21 25.43
C LYS J 153 91.61 39.88 26.12
N LEU J 154 91.04 40.84 26.86
CA LEU J 154 89.64 40.71 27.27
C LEU J 154 88.68 40.80 26.10
N ILE J 155 88.72 41.90 25.35
CA ILE J 155 87.84 42.04 24.20
C ILE J 155 88.16 40.98 23.16
N GLU J 156 89.42 40.53 23.10
CA GLU J 156 89.74 39.29 22.39
C GLU J 156 88.83 38.16 22.85
N VAL J 157 88.77 37.92 24.16
CA VAL J 157 87.91 36.84 24.64
C VAL J 157 86.48 37.05 24.15
N ILE J 158 86.04 38.31 24.12
CA ILE J 158 84.61 38.57 23.96
C ILE J 158 84.17 38.38 22.51
N LYS J 159 84.84 39.04 21.56
CA LYS J 159 84.49 38.75 20.17
C LYS J 159 84.74 37.28 19.86
N ARG J 160 85.82 36.72 20.42
CA ARG J 160 86.05 35.29 20.33
C ARG J 160 84.78 34.53 20.66
N VAL J 161 84.35 34.54 21.92
CA VAL J 161 83.20 33.75 22.35
C VAL J 161 81.95 34.09 21.55
N ASP J 162 81.90 35.30 20.98
CA ASP J 162 80.84 35.60 20.01
C ASP J 162 80.90 34.66 18.81
N VAL J 163 81.93 34.79 17.98
CA VAL J 163 81.91 34.13 16.69
C VAL J 163 82.30 32.66 16.83
N ILE J 164 82.75 32.26 18.02
CA ILE J 164 82.93 30.84 18.31
C ILE J 164 81.72 30.31 19.06
N GLY J 165 80.82 31.21 19.43
CA GLY J 165 79.49 30.78 19.83
C GLY J 165 78.50 30.93 18.69
N THR J 166 79.01 31.12 17.48
CA THR J 166 78.15 31.26 16.30
C THR J 166 77.14 30.13 16.14
N GLU J 167 75.87 30.51 16.04
CA GLU J 167 74.91 29.81 15.21
C GLU J 167 73.94 30.82 14.62
N LYS J 168 73.84 30.80 13.29
CA LYS J 168 73.31 31.91 12.52
C LYS J 168 72.47 31.40 11.35
N GLN J 169 71.61 32.27 10.84
CA GLN J 169 70.45 31.85 10.07
C GLN J 169 70.74 31.82 8.58
N GLN J 170 70.11 30.86 7.89
CA GLN J 170 70.06 30.92 6.44
C GLN J 170 68.82 30.19 5.96
N ILE J 171 68.22 30.69 4.89
CA ILE J 171 67.09 29.96 4.31
C ILE J 171 67.41 29.75 2.84
N ILE J 172 67.15 28.54 2.37
CA ILE J 172 67.71 28.04 1.13
C ILE J 172 66.58 27.47 0.27
N HIS J 173 66.79 27.45 -1.04
CA HIS J 173 65.81 26.93 -1.98
C HIS J 173 65.70 25.40 -1.85
N LEU J 174 64.58 24.87 -2.31
CA LEU J 174 64.46 23.46 -2.69
C LEU J 174 64.11 23.40 -4.17
N GLU J 175 64.97 22.74 -4.95
CA GLU J 175 64.88 22.80 -6.40
C GLU J 175 63.64 22.10 -6.96
N TYR J 176 63.48 20.80 -6.67
CA TYR J 176 62.39 20.00 -7.21
C TYR J 176 61.60 19.32 -6.11
N ALA J 177 62.30 18.47 -5.36
CA ALA J 177 61.67 17.60 -4.38
C ALA J 177 60.76 18.37 -3.44
N SER J 178 59.61 17.79 -3.14
CA SER J 178 58.64 18.40 -2.24
C SER J 178 59.25 18.63 -0.85
N ALA J 179 58.80 19.72 -0.24
CA ALA J 179 59.46 20.21 0.97
C ALA J 179 59.17 19.31 2.16
N GLU J 180 57.91 18.94 2.36
CA GLU J 180 57.51 18.03 3.42
C GLU J 180 58.40 16.81 3.51
N ASP J 181 58.82 16.24 2.39
CA ASP J 181 59.65 15.06 2.44
C ASP J 181 60.97 15.36 3.13
N LEU J 182 61.82 16.13 2.44
CA LEU J 182 63.14 16.44 2.97
C LEU J 182 63.05 16.93 4.41
N ALA J 183 61.98 17.65 4.73
CA ALA J 183 61.60 17.77 6.12
C ALA J 183 61.63 16.40 6.78
N GLU J 184 60.71 15.50 6.38
CA GLU J 184 60.48 14.29 7.15
C GLU J 184 61.79 13.58 7.44
N ILE J 185 62.67 13.51 6.45
CA ILE J 185 63.94 12.84 6.70
C ILE J 185 64.76 13.62 7.71
N LEU J 186 65.02 14.90 7.44
CA LEU J 186 66.06 15.57 8.19
C LEU J 186 65.62 15.88 9.61
N ASN J 187 64.33 16.18 9.78
CA ASN J 187 63.77 16.42 11.10
C ASN J 187 64.23 15.34 12.07
N GLN J 188 63.75 14.13 11.82
CA GLN J 188 63.94 12.95 12.66
C GLN J 188 65.37 12.45 12.63
N LEU J 189 66.25 13.06 11.85
CA LEU J 189 67.70 12.86 11.99
C LEU J 189 68.21 13.70 13.13
N ILE J 190 68.75 13.05 14.15
CA ILE J 190 69.38 13.74 15.26
C ILE J 190 70.56 12.89 15.73
N LYS J 206 66.89 24.72 13.35
CA LYS J 206 65.82 23.78 13.08
C LYS J 206 65.66 23.54 11.59
N ILE J 207 64.58 22.89 11.17
CA ILE J 207 64.36 22.53 9.79
C ILE J 207 62.97 22.99 9.39
N VAL J 208 62.88 23.85 8.38
CA VAL J 208 61.60 24.40 7.94
C VAL J 208 61.40 24.08 6.46
N ALA J 209 60.17 23.79 6.08
CA ALA J 209 59.79 23.48 4.71
C ALA J 209 58.94 24.59 4.12
N ASP J 210 59.00 24.74 2.80
CA ASP J 210 58.05 25.53 2.02
C ASP J 210 57.65 24.75 0.77
N LYS J 211 56.35 24.48 0.65
CA LYS J 211 55.84 23.97 -0.63
C LYS J 211 55.57 25.10 -1.61
N ARG J 212 55.01 26.23 -1.15
CA ARG J 212 54.59 27.26 -2.09
C ARG J 212 55.77 27.77 -2.91
N THR J 213 56.83 28.23 -2.27
CA THR J 213 58.05 28.49 -3.00
C THR J 213 59.08 27.37 -2.87
N ASN J 214 58.77 26.32 -2.09
CA ASN J 214 59.60 25.12 -2.03
C ASN J 214 61.02 25.42 -1.54
N SER J 215 61.14 25.71 -0.24
CA SER J 215 62.43 26.07 0.34
C SER J 215 62.74 25.19 1.53
N LEU J 216 64.00 24.76 1.64
CA LEU J 216 64.51 24.24 2.89
C LEU J 216 65.21 25.33 3.67
N ILE J 217 64.77 25.52 4.91
CA ILE J 217 65.19 26.63 5.75
C ILE J 217 65.93 26.05 6.95
N ILE J 218 67.06 26.67 7.31
CA ILE J 218 67.98 26.00 8.20
C ILE J 218 68.71 27.00 9.10
N SER J 219 68.89 26.59 10.35
CA SER J 219 69.61 27.32 11.36
C SER J 219 70.80 26.51 11.87
N GLY J 220 71.75 27.22 12.45
CA GLY J 220 72.89 26.62 13.10
C GLY J 220 74.10 27.51 12.93
N PRO J 221 75.27 27.02 13.31
CA PRO J 221 76.51 27.72 12.97
C PRO J 221 76.73 27.72 11.46
N GLU J 222 77.91 28.21 11.07
CA GLU J 222 78.32 27.99 9.68
C GLU J 222 78.62 26.51 9.46
N LYS J 223 79.01 25.80 10.52
CA LYS J 223 79.22 24.38 10.38
C LYS J 223 77.91 23.61 10.28
N ALA J 224 76.83 24.17 10.85
CA ALA J 224 75.52 23.60 10.52
C ALA J 224 75.13 23.94 9.10
N ARG J 225 75.44 25.17 8.67
CA ARG J 225 75.27 25.53 7.28
C ARG J 225 75.90 24.47 6.39
N GLN J 226 77.18 24.17 6.61
CA GLN J 226 77.90 23.27 5.71
C GLN J 226 77.40 21.84 5.82
N ARG J 227 77.23 21.34 7.04
CA ARG J 227 76.85 19.95 7.20
C ARG J 227 75.51 19.67 6.53
N ILE J 228 74.57 20.58 6.68
CA ILE J 228 73.26 20.28 6.12
C ILE J 228 73.16 20.78 4.68
N THR J 229 74.11 21.59 4.22
CA THR J 229 74.23 21.79 2.78
C THR J 229 74.78 20.54 2.12
N SER J 230 75.50 19.72 2.88
CA SER J 230 75.99 18.46 2.34
C SER J 230 74.90 17.40 2.38
N LEU J 231 74.03 17.45 3.38
CA LEU J 231 72.81 16.65 3.28
C LEU J 231 71.97 17.08 2.09
N LEU J 232 71.79 18.38 1.91
CA LEU J 232 71.10 18.84 0.72
C LEU J 232 71.74 18.28 -0.53
N LYS J 233 73.04 18.52 -0.72
CA LYS J 233 73.70 18.05 -1.92
C LYS J 233 73.53 16.53 -2.08
N SER J 234 73.41 15.82 -0.95
CA SER J 234 72.98 14.44 -1.03
C SER J 234 71.68 14.34 -1.82
N LEU J 235 70.57 14.84 -1.29
CA LEU J 235 69.35 14.89 -2.11
C LEU J 235 68.98 16.33 -2.43
N ASP J 236 69.43 16.79 -3.60
CA ASP J 236 68.74 17.80 -4.38
C ASP J 236 68.06 17.20 -5.59
N VAL J 237 68.25 15.90 -5.84
CA VAL J 237 67.95 15.33 -7.15
C VAL J 237 66.47 14.96 -7.25
N GLU J 238 65.88 15.25 -8.39
CA GLU J 238 64.51 14.82 -8.64
C GLU J 238 64.55 13.39 -9.13
N GLU J 239 63.80 12.52 -8.45
CA GLU J 239 63.79 11.11 -8.80
C GLU J 239 63.21 10.90 -10.18
N SER J 240 63.77 9.94 -10.91
CA SER J 240 63.23 9.58 -12.21
C SER J 240 62.10 8.60 -11.98
N GLU J 241 61.00 9.11 -11.42
CA GLU J 241 59.85 8.29 -11.08
C GLU J 241 59.33 7.55 -12.31
N GLU J 242 59.34 8.23 -13.45
CA GLU J 242 58.83 7.67 -14.70
C GLU J 242 57.31 7.75 -14.67
N GLY J 243 56.65 7.04 -15.58
CA GLY J 243 55.20 7.05 -15.57
C GLY J 243 54.59 6.15 -14.53
N ASN J 244 53.58 6.67 -13.85
CA ASN J 244 52.74 5.85 -12.97
C ASN J 244 51.72 5.02 -13.73
N THR J 245 51.14 5.62 -14.77
CA THR J 245 50.07 4.99 -15.53
C THR J 245 50.54 4.58 -16.92
N ARG J 246 50.26 3.33 -17.28
CA ARG J 246 50.53 2.84 -18.62
C ARG J 246 49.21 2.61 -19.35
N VAL J 247 49.27 2.75 -20.66
CA VAL J 247 48.13 2.50 -21.54
C VAL J 247 48.53 1.34 -22.44
N TYR J 248 47.89 0.20 -22.25
CA TYR J 248 48.18 -0.99 -23.05
C TYR J 248 47.24 -1.04 -24.23
N TYR J 249 47.80 -1.21 -25.43
CA TYR J 249 46.99 -1.40 -26.62
C TYR J 249 46.79 -2.90 -26.79
N LEU J 250 45.56 -3.36 -26.58
CA LEU J 250 45.27 -4.77 -26.66
C LEU J 250 45.11 -5.18 -28.11
N LYS J 251 45.69 -6.33 -28.46
CA LYS J 251 45.47 -6.93 -29.76
C LYS J 251 44.99 -8.36 -29.52
N TYR J 252 43.80 -8.66 -30.03
CA TYR J 252 43.07 -9.93 -29.95
C TYR J 252 42.20 -10.00 -28.70
N ALA J 253 42.30 -9.05 -27.78
CA ALA J 253 41.45 -9.04 -26.59
C ALA J 253 40.59 -7.79 -26.59
N LYS J 254 39.49 -7.87 -25.86
CA LYS J 254 38.54 -6.77 -25.76
C LYS J 254 38.72 -6.11 -24.41
N ALA J 255 38.99 -4.81 -24.41
CA ALA J 255 39.44 -4.12 -23.21
C ALA J 255 38.43 -4.17 -22.08
N THR J 256 37.13 -4.04 -22.42
CA THR J 256 36.09 -4.06 -21.42
C THR J 256 36.02 -5.45 -20.76
N ASN J 257 36.18 -6.49 -21.57
CA ASN J 257 36.21 -7.85 -21.07
C ASN J 257 37.39 -8.08 -20.15
N LEU J 258 38.56 -7.59 -20.59
CA LEU J 258 39.79 -7.79 -19.86
C LEU J 258 39.71 -7.10 -18.52
N VAL J 259 39.05 -5.96 -18.48
CA VAL J 259 39.02 -5.18 -17.25
C VAL J 259 38.38 -5.99 -16.13
N GLU J 260 37.30 -6.69 -16.41
CA GLU J 260 36.64 -7.44 -15.35
C GLU J 260 37.56 -8.53 -14.79
N VAL J 261 38.24 -9.24 -15.68
CA VAL J 261 39.14 -10.29 -15.26
C VAL J 261 40.29 -9.72 -14.45
N LEU J 262 40.81 -8.59 -14.90
CA LEU J 262 41.93 -7.92 -14.25
C LEU J 262 41.55 -7.44 -12.86
N THR J 263 40.30 -7.01 -12.73
CA THR J 263 39.86 -6.32 -11.54
C THR J 263 40.06 -7.24 -10.35
N GLY J 264 39.78 -8.52 -10.53
CA GLY J 264 39.95 -9.42 -9.42
C GLY J 264 41.44 -9.52 -9.02
N VAL J 265 42.32 -9.59 -10.03
CA VAL J 265 43.76 -9.69 -9.78
C VAL J 265 44.29 -8.48 -9.06
N SER J 266 43.81 -7.33 -9.45
CA SER J 266 44.22 -6.10 -8.84
C SER J 266 43.52 -5.98 -7.47
N GLU J 267 42.26 -6.48 -7.39
CA GLU J 267 41.45 -6.32 -6.18
C GLU J 267 41.81 -7.47 -5.23
N VAL J 288 45.56 -0.64 -6.93
CA VAL J 288 45.67 -0.61 -8.38
C VAL J 288 44.32 -0.34 -9.03
N ALA J 289 44.32 0.48 -10.07
CA ALA J 289 43.10 0.80 -10.79
C ALA J 289 43.22 0.39 -12.25
N ILE J 290 42.27 -0.42 -12.71
CA ILE J 290 42.26 -0.87 -14.10
C ILE J 290 40.97 -0.39 -14.73
N THR J 291 41.07 0.34 -15.83
CA THR J 291 39.91 0.77 -16.57
C THR J 291 40.23 0.76 -18.06
N ALA J 292 39.19 0.67 -18.87
CA ALA J 292 39.35 0.44 -20.31
C ALA J 292 38.75 1.57 -21.11
N ASP J 293 39.35 1.81 -22.28
CA ASP J 293 38.81 2.73 -23.27
C ASP J 293 38.14 1.90 -24.36
N GLU J 294 36.82 1.95 -24.42
CA GLU J 294 36.10 1.12 -25.39
C GLU J 294 36.29 1.60 -26.82
N GLN J 295 36.71 2.85 -27.01
CA GLN J 295 36.90 3.36 -28.37
C GLN J 295 38.17 2.80 -28.99
N THR J 296 39.32 3.17 -28.43
CA THR J 296 40.59 2.70 -28.95
C THR J 296 40.87 1.24 -28.59
N ASN J 297 40.05 0.62 -27.76
CA ASN J 297 40.28 -0.74 -27.28
C ASN J 297 41.63 -0.84 -26.60
N SER J 298 41.87 0.05 -25.66
CA SER J 298 43.09 0.08 -24.88
C SER J 298 42.76 0.01 -23.40
N LEU J 299 43.71 -0.50 -22.64
CA LEU J 299 43.51 -0.77 -21.22
C LEU J 299 44.43 0.13 -20.42
N VAL J 300 43.89 0.77 -19.39
CA VAL J 300 44.62 1.77 -18.62
C VAL J 300 44.82 1.22 -17.21
N ILE J 301 46.06 0.93 -16.85
CA ILE J 301 46.41 0.45 -15.52
C ILE J 301 47.34 1.46 -14.87
N THR J 302 46.94 1.96 -13.70
CA THR J 302 47.79 2.80 -12.88
C THR J 302 48.11 2.08 -11.58
N ALA J 303 49.40 1.95 -11.28
CA ALA J 303 49.87 1.14 -10.17
C ALA J 303 51.37 1.29 -10.05
N ASP J 304 51.93 0.70 -9.00
CA ASP J 304 53.36 0.76 -8.77
C ASP J 304 54.11 0.06 -9.90
N GLN J 305 55.36 0.48 -10.10
CA GLN J 305 56.22 -0.16 -11.10
C GLN J 305 56.30 -1.66 -10.89
N SER J 306 56.15 -2.13 -9.65
CA SER J 306 56.18 -3.57 -9.39
C SER J 306 54.94 -4.25 -9.94
N VAL J 307 53.76 -3.68 -9.67
CA VAL J 307 52.53 -4.26 -10.18
C VAL J 307 52.47 -4.18 -11.70
N GLN J 308 52.97 -3.08 -12.27
CA GLN J 308 52.95 -2.91 -13.72
C GLN J 308 53.67 -4.05 -14.42
N GLU J 309 54.86 -4.41 -13.94
CA GLU J 309 55.62 -5.46 -14.59
C GLU J 309 54.97 -6.82 -14.40
N LYS J 310 54.19 -7.00 -13.34
CA LYS J 310 53.49 -8.26 -13.15
C LYS J 310 52.22 -8.34 -13.98
N LEU J 311 51.44 -7.25 -14.04
CA LEU J 311 50.27 -7.24 -14.90
C LEU J 311 50.63 -7.21 -16.38
N ALA J 312 51.85 -6.76 -16.72
CA ALA J 312 52.24 -6.78 -18.12
C ALA J 312 52.40 -8.21 -18.63
N THR J 313 52.78 -9.14 -17.77
CA THR J 313 52.86 -10.54 -18.16
C THR J 313 51.49 -11.21 -18.14
N VAL J 314 50.64 -10.85 -17.18
CA VAL J 314 49.31 -11.40 -17.13
C VAL J 314 48.52 -11.03 -18.38
N ILE J 315 48.62 -9.77 -18.80
CA ILE J 315 47.92 -9.35 -20.00
C ILE J 315 48.50 -10.03 -21.24
N ALA J 316 49.83 -10.14 -21.33
CA ALA J 316 50.43 -10.79 -22.47
C ALA J 316 50.00 -12.25 -22.58
N ARG J 317 49.79 -12.90 -21.44
CA ARG J 317 49.28 -14.27 -21.44
C ARG J 317 47.83 -14.32 -21.85
N LEU J 318 47.07 -13.31 -21.45
CA LEU J 318 45.62 -13.30 -21.59
C LEU J 318 45.16 -12.63 -22.87
N ASP J 319 46.09 -12.09 -23.65
CA ASP J 319 45.81 -11.34 -24.86
C ASP J 319 45.94 -12.18 -26.12
N ILE J 320 46.13 -13.50 -25.97
CA ILE J 320 46.55 -14.32 -27.11
C ILE J 320 45.48 -14.39 -28.18
N ARG J 321 45.90 -14.76 -29.38
CA ARG J 321 44.99 -14.99 -30.48
C ARG J 321 44.22 -16.29 -30.29
N ARG J 322 42.94 -16.26 -30.62
CA ARG J 322 42.03 -17.36 -30.36
C ARG J 322 41.66 -18.05 -31.67
N ALA J 323 41.48 -19.37 -31.60
CA ALA J 323 41.26 -20.18 -32.78
C ALA J 323 39.83 -20.07 -33.28
N GLN J 324 39.65 -20.38 -34.56
CA GLN J 324 38.35 -20.41 -35.22
C GLN J 324 38.00 -21.83 -35.58
N VAL J 325 36.71 -22.12 -35.63
CA VAL J 325 36.22 -23.47 -35.91
C VAL J 325 35.20 -23.39 -37.03
N LEU J 326 35.43 -24.14 -38.10
CA LEU J 326 34.42 -24.38 -39.12
C LEU J 326 33.62 -25.62 -38.75
N VAL J 327 32.33 -25.47 -38.56
CA VAL J 327 31.47 -26.55 -38.11
C VAL J 327 30.49 -26.87 -39.23
N GLU J 328 30.67 -28.01 -39.88
CA GLU J 328 29.68 -28.51 -40.83
C GLU J 328 28.81 -29.55 -40.15
N ALA J 329 27.50 -29.39 -40.26
CA ALA J 329 26.56 -30.44 -39.91
C ALA J 329 26.08 -31.10 -41.19
N ILE J 330 25.80 -32.39 -41.12
CA ILE J 330 25.27 -33.14 -42.25
C ILE J 330 24.03 -33.85 -41.76
N ILE J 331 22.87 -33.44 -42.26
CA ILE J 331 21.61 -34.06 -41.89
C ILE J 331 21.11 -34.81 -43.10
N VAL J 332 21.13 -36.13 -43.04
CA VAL J 332 20.61 -36.98 -44.10
C VAL J 332 19.39 -37.71 -43.58
N GLU J 333 18.29 -37.61 -44.30
CA GLU J 333 17.12 -38.39 -44.00
C GLU J 333 16.64 -39.05 -45.28
N VAL J 334 16.10 -40.26 -45.14
CA VAL J 334 15.49 -40.95 -46.26
C VAL J 334 14.21 -41.62 -45.78
N GLN J 335 13.10 -41.34 -46.45
CA GLN J 335 11.83 -41.94 -46.14
C GLN J 335 11.34 -42.72 -47.35
N ASP J 336 10.62 -43.80 -47.10
CA ASP J 336 9.85 -44.43 -48.14
C ASP J 336 8.78 -45.31 -47.50
N GLY J 337 7.74 -45.59 -48.26
CA GLY J 337 6.73 -46.52 -47.81
C GLY J 337 5.78 -46.84 -48.93
N ASN J 338 5.14 -48.01 -48.87
CA ASN J 338 4.27 -48.46 -49.94
C ASN J 338 3.01 -49.07 -49.37
N GLY J 339 1.87 -48.46 -49.65
CA GLY J 339 0.59 -49.05 -49.32
C GLY J 339 0.03 -49.89 -50.45
N LEU J 340 -0.77 -50.88 -50.09
CA LEU J 340 -1.54 -51.66 -51.05
C LEU J 340 -2.91 -51.93 -50.45
N ASN J 341 -3.97 -51.50 -51.13
CA ASN J 341 -5.31 -51.86 -50.69
C ASN J 341 -6.13 -52.35 -51.88
N LEU J 342 -6.50 -53.63 -51.83
CA LEU J 342 -7.30 -54.25 -52.88
C LEU J 342 -8.42 -55.03 -52.22
N GLY J 343 -9.58 -55.04 -52.85
CA GLY J 343 -10.71 -55.80 -52.33
C GLY J 343 -11.63 -56.23 -53.43
N VAL J 344 -12.33 -57.33 -53.22
CA VAL J 344 -13.31 -57.82 -54.16
C VAL J 344 -14.63 -57.75 -53.43
N GLN J 345 -15.67 -57.21 -54.05
CA GLN J 345 -17.02 -57.26 -53.50
C GLN J 345 -17.89 -57.83 -54.62
N TRP J 346 -18.76 -58.79 -54.34
CA TRP J 346 -19.66 -59.31 -55.38
C TRP J 346 -21.07 -59.08 -54.85
N ALA J 347 -22.01 -58.56 -55.62
CA ALA J 347 -23.38 -58.39 -55.12
C ALA J 347 -24.30 -59.22 -56.00
N ASN J 348 -25.18 -60.06 -55.45
CA ASN J 348 -26.09 -60.85 -56.31
C ASN J 348 -27.56 -60.59 -56.00
N LYS J 349 -28.40 -60.32 -56.97
CA LYS J 349 -29.77 -60.04 -56.57
C LYS J 349 -30.45 -61.25 -55.93
N ASN J 350 -30.24 -62.42 -56.52
CA ASN J 350 -30.85 -63.63 -56.01
C ASN J 350 -30.41 -64.08 -54.62
N VAL J 351 -29.11 -64.01 -54.35
CA VAL J 351 -28.57 -64.49 -53.08
C VAL J 351 -28.31 -63.39 -52.05
N GLY J 352 -27.66 -62.32 -52.49
CA GLY J 352 -27.27 -61.25 -51.59
C GLY J 352 -25.96 -60.63 -52.05
N ALA J 353 -25.45 -59.66 -51.30
CA ALA J 353 -24.24 -58.97 -51.71
C ALA J 353 -23.21 -58.87 -50.60
N GLN J 354 -21.93 -58.88 -51.00
CA GLN J 354 -20.84 -58.64 -50.07
C GLN J 354 -20.29 -57.26 -50.39
N GLN J 355 -20.27 -56.38 -49.41
CA GLN J 355 -19.84 -55.01 -49.64
C GLN J 355 -18.82 -54.56 -48.62
N PHE J 356 -17.83 -53.79 -49.07
CA PHE J 356 -16.82 -53.22 -48.20
C PHE J 356 -16.72 -51.74 -48.48
N THR J 357 -17.18 -50.94 -47.53
CA THR J 357 -16.73 -49.56 -47.49
C THR J 357 -15.24 -49.59 -47.14
N ASN J 358 -14.54 -48.52 -47.51
CA ASN J 358 -13.09 -48.34 -47.48
C ASN J 358 -12.46 -48.86 -48.77
N THR J 359 -13.19 -49.57 -49.62
CA THR J 359 -12.70 -49.80 -50.97
C THR J 359 -12.70 -48.52 -51.78
N GLY J 360 -13.27 -47.44 -51.24
CA GLY J 360 -13.41 -46.18 -51.90
C GLY J 360 -14.68 -46.05 -52.69
N LEU J 361 -15.24 -47.18 -53.14
CA LEU J 361 -16.61 -47.24 -53.53
C LEU J 361 -17.20 -48.57 -53.08
N PRO J 362 -18.38 -48.57 -52.47
CA PRO J 362 -19.06 -49.83 -52.17
C PRO J 362 -19.85 -50.36 -53.36
N ILE J 363 -20.12 -51.67 -53.31
CA ILE J 363 -20.84 -52.30 -54.41
C ILE J 363 -22.25 -51.76 -54.53
N PHE J 364 -22.85 -51.32 -53.44
CA PHE J 364 -24.22 -50.82 -53.51
C PHE J 364 -24.27 -49.48 -54.23
N ASN J 365 -23.48 -48.51 -53.77
CA ASN J 365 -23.52 -47.19 -54.39
C ASN J 365 -22.97 -47.21 -55.81
N ALA J 366 -22.06 -48.14 -56.10
CA ALA J 366 -21.57 -48.26 -57.47
C ALA J 366 -22.63 -48.83 -58.38
N ALA J 367 -23.32 -49.87 -57.95
CA ALA J 367 -24.36 -50.48 -58.77
C ALA J 367 -25.52 -49.52 -59.01
N GLN J 368 -25.81 -48.64 -58.06
CA GLN J 368 -26.82 -47.61 -58.30
C GLN J 368 -26.31 -46.57 -59.29
N GLY J 369 -25.01 -46.32 -59.30
CA GLY J 369 -24.44 -45.36 -60.24
C GLY J 369 -24.30 -45.94 -61.63
N VAL J 370 -23.86 -47.19 -61.72
CA VAL J 370 -23.71 -47.81 -63.03
C VAL J 370 -25.07 -47.99 -63.68
N ALA J 371 -26.07 -48.43 -62.91
CA ALA J 371 -27.41 -48.57 -63.47
C ALA J 371 -27.96 -47.23 -63.91
N ASP J 372 -27.79 -46.20 -63.09
CA ASP J 372 -28.21 -44.86 -63.47
C ASP J 372 -27.48 -44.40 -64.73
N TYR J 373 -26.22 -44.79 -64.89
CA TYR J 373 -25.45 -44.38 -66.06
C TYR J 373 -25.98 -45.04 -67.33
N LYS J 374 -26.47 -46.27 -67.22
CA LYS J 374 -26.97 -46.96 -68.41
C LYS J 374 -28.29 -46.39 -68.88
N LYS J 375 -29.20 -46.08 -67.95
CA LYS J 375 -30.51 -45.61 -68.35
C LYS J 375 -30.45 -44.20 -68.94
N ASN J 376 -29.69 -43.31 -68.30
CA ASN J 376 -29.66 -41.92 -68.74
C ASN J 376 -28.55 -41.64 -69.75
N GLY J 377 -27.64 -42.58 -69.99
CA GLY J 377 -26.51 -42.36 -70.86
C GLY J 377 -25.41 -41.51 -70.25
N GLY J 378 -25.65 -40.88 -69.12
CA GLY J 378 -24.66 -40.08 -68.43
C GLY J 378 -25.03 -39.97 -66.97
N ILE J 379 -24.25 -39.18 -66.24
CA ILE J 379 -24.45 -38.99 -64.80
C ILE J 379 -24.37 -37.51 -64.49
N THR J 380 -25.46 -36.95 -63.97
CA THR J 380 -25.47 -35.57 -63.51
C THR J 380 -24.69 -35.43 -62.21
N SER J 381 -24.30 -34.20 -61.91
CA SER J 381 -23.62 -33.92 -60.64
C SER J 381 -24.52 -34.15 -59.44
N ALA J 382 -25.83 -34.25 -59.64
CA ALA J 382 -26.75 -34.48 -58.53
C ALA J 382 -26.83 -35.93 -58.13
N ASN J 383 -26.44 -36.85 -59.01
CA ASN J 383 -26.42 -38.27 -58.67
C ASN J 383 -25.50 -38.48 -57.48
N PRO J 384 -25.97 -39.12 -56.41
CA PRO J 384 -25.11 -39.32 -55.23
C PRO J 384 -23.83 -40.07 -55.53
N ALA J 385 -23.80 -40.87 -56.59
CA ALA J 385 -22.58 -41.58 -56.96
C ALA J 385 -21.55 -40.68 -57.61
N TRP J 386 -21.88 -39.42 -57.91
CA TRP J 386 -20.94 -38.53 -58.55
C TRP J 386 -19.68 -38.36 -57.70
N ASP J 387 -19.85 -37.91 -56.45
CA ASP J 387 -18.70 -37.68 -55.59
C ASP J 387 -17.92 -38.95 -55.31
N MET J 388 -18.56 -40.11 -55.46
CA MET J 388 -17.86 -41.36 -55.19
C MET J 388 -16.96 -41.76 -56.34
N PHE J 389 -17.44 -41.61 -57.58
CA PHE J 389 -16.60 -41.88 -58.74
C PHE J 389 -15.63 -40.74 -59.02
N SER J 390 -16.02 -39.51 -58.70
CA SER J 390 -15.16 -38.37 -59.03
C SER J 390 -13.85 -38.43 -58.27
N ALA J 391 -13.88 -38.92 -57.04
CA ALA J 391 -12.65 -39.18 -56.29
C ALA J 391 -12.54 -40.68 -56.10
N TYR J 392 -11.68 -41.30 -56.88
CA TYR J 392 -11.33 -42.71 -56.72
C TYR J 392 -9.97 -42.90 -57.36
N ASN J 393 -9.17 -43.80 -56.80
CA ASN J 393 -7.84 -44.06 -57.32
C ASN J 393 -7.65 -45.55 -57.50
N GLY J 394 -7.02 -45.93 -58.60
CA GLY J 394 -6.72 -47.31 -58.88
C GLY J 394 -7.68 -47.92 -59.87
N MET J 395 -7.48 -49.20 -60.14
CA MET J 395 -8.25 -49.92 -61.15
C MET J 395 -9.50 -50.50 -60.51
N ALA J 396 -10.66 -50.09 -61.01
CA ALA J 396 -11.93 -50.67 -60.62
C ALA J 396 -12.48 -51.45 -61.82
N ALA J 397 -12.44 -52.78 -61.74
CA ALA J 397 -12.81 -53.63 -62.85
C ALA J 397 -14.02 -54.45 -62.48
N GLY J 398 -15.16 -54.14 -63.08
CA GLY J 398 -16.36 -54.92 -62.87
C GLY J 398 -16.50 -56.05 -63.87
N PHE J 399 -17.14 -57.13 -63.43
CA PHE J 399 -17.40 -58.28 -64.29
C PHE J 399 -18.77 -58.84 -63.97
N PHE J 400 -19.60 -59.00 -64.98
CA PHE J 400 -20.93 -59.58 -64.79
C PHE J 400 -20.97 -60.96 -65.45
N ASN J 401 -21.18 -61.98 -64.63
CA ASN J 401 -21.39 -63.35 -65.12
C ASN J 401 -22.82 -63.74 -64.76
N GLY J 402 -23.68 -63.81 -65.77
CA GLY J 402 -25.07 -64.14 -65.51
C GLY J 402 -25.70 -63.06 -64.65
N ASP J 403 -26.24 -63.47 -63.50
CA ASP J 403 -26.82 -62.54 -62.54
C ASP J 403 -25.81 -62.06 -61.51
N TRP J 404 -24.61 -62.65 -61.48
CA TRP J 404 -23.59 -62.26 -60.51
C TRP J 404 -22.87 -61.01 -60.96
N GLY J 405 -22.95 -59.94 -60.17
CA GLY J 405 -22.05 -58.83 -60.31
C GLY J 405 -20.79 -59.04 -59.48
N VAL J 406 -19.67 -58.55 -59.99
CA VAL J 406 -18.39 -58.65 -59.30
C VAL J 406 -17.62 -57.37 -59.55
N LEU J 407 -17.02 -56.82 -58.50
CA LEU J 407 -16.31 -55.56 -58.61
C LEU J 407 -14.98 -55.66 -57.89
N LEU J 408 -13.89 -55.46 -58.61
CA LEU J 408 -12.54 -55.53 -58.08
C LEU J 408 -11.93 -54.14 -58.04
N THR J 409 -11.51 -53.70 -56.86
CA THR J 409 -10.80 -52.45 -56.69
C THR J 409 -9.39 -52.75 -56.22
N ALA J 410 -8.40 -52.14 -56.87
CA ALA J 410 -7.02 -52.36 -56.51
C ALA J 410 -6.24 -51.06 -56.66
N LEU J 411 -5.51 -50.70 -55.61
CA LEU J 411 -4.61 -49.55 -55.64
C LEU J 411 -3.36 -49.89 -54.87
N ALA J 412 -2.20 -49.71 -55.48
CA ALA J 412 -0.93 -49.87 -54.80
C ALA J 412 -0.20 -48.54 -54.85
N SER J 413 -0.10 -47.88 -53.71
CA SER J 413 0.61 -46.62 -53.60
C SER J 413 2.03 -46.87 -53.15
N ASN J 414 2.94 -46.05 -53.66
CA ASN J 414 4.33 -46.11 -53.26
C ASN J 414 4.86 -44.69 -53.26
N ASN J 415 5.59 -44.31 -52.23
CA ASN J 415 6.24 -43.02 -52.23
C ASN J 415 7.67 -43.18 -51.76
N LYS J 416 8.44 -42.11 -51.95
CA LYS J 416 9.84 -42.09 -51.59
C LYS J 416 10.21 -40.66 -51.30
N ASN J 417 11.13 -40.47 -50.38
CA ASN J 417 11.53 -39.12 -50.01
C ASN J 417 12.97 -39.18 -49.56
N ASP J 418 13.74 -38.15 -49.89
CA ASP J 418 15.14 -38.13 -49.54
C ASP J 418 15.54 -36.69 -49.29
N ILE J 419 16.35 -36.45 -48.27
CA ILE J 419 16.68 -35.11 -47.84
C ILE J 419 18.17 -35.08 -47.51
N LEU J 420 18.80 -33.95 -47.82
CA LEU J 420 20.18 -33.68 -47.44
C LEU J 420 20.28 -32.22 -47.07
N ALA J 421 20.89 -31.94 -45.94
CA ALA J 421 21.15 -30.58 -45.52
C ALA J 421 22.56 -30.52 -44.97
N THR J 422 23.25 -29.42 -45.22
CA THR J 422 24.63 -29.26 -44.76
C THR J 422 24.87 -27.82 -44.33
N PRO J 423 24.26 -27.40 -43.23
CA PRO J 423 24.56 -26.06 -42.70
C PRO J 423 25.96 -26.02 -42.12
N SER J 424 26.69 -24.98 -42.45
CA SER J 424 28.03 -24.78 -41.92
C SER J 424 28.17 -23.36 -41.41
N ILE J 425 29.05 -23.19 -40.43
CA ILE J 425 29.23 -21.90 -39.77
C ILE J 425 30.68 -21.82 -39.33
N VAL J 426 31.27 -20.63 -39.43
CA VAL J 426 32.61 -20.36 -38.91
C VAL J 426 32.47 -19.41 -37.75
N THR J 427 33.18 -19.69 -36.66
CA THR J 427 33.11 -18.83 -35.50
C THR J 427 34.36 -18.99 -34.66
N LEU J 428 34.61 -18.00 -33.82
CA LEU J 428 35.69 -18.09 -32.85
C LEU J 428 35.31 -19.04 -31.75
N ASP J 429 36.31 -19.70 -31.18
CA ASP J 429 36.05 -20.57 -30.04
C ASP J 429 35.48 -19.76 -28.89
N ASN J 430 34.62 -20.39 -28.11
CA ASN J 430 33.95 -19.84 -26.93
C ASN J 430 32.94 -18.76 -27.30
N LYS J 431 32.82 -18.41 -28.57
CA LYS J 431 31.81 -17.48 -29.05
C LYS J 431 30.67 -18.25 -29.69
N LEU J 432 29.44 -17.90 -29.34
CA LEU J 432 28.25 -18.58 -29.84
C LEU J 432 27.87 -18.06 -31.21
N ALA J 433 27.79 -18.95 -32.19
CA ALA J 433 27.36 -18.63 -33.53
C ALA J 433 26.05 -19.33 -33.82
N SER J 434 25.22 -18.71 -34.65
CA SER J 434 23.97 -19.31 -35.06
C SER J 434 23.76 -19.04 -36.53
N PHE J 435 23.11 -19.99 -37.19
CA PHE J 435 22.87 -19.94 -38.62
C PHE J 435 21.43 -20.35 -38.86
N ASN J 436 20.63 -19.46 -39.43
CA ASN J 436 19.22 -19.70 -39.65
C ASN J 436 18.93 -19.56 -41.13
N VAL J 437 18.34 -20.59 -41.72
CA VAL J 437 17.78 -20.49 -43.08
C VAL J 437 16.40 -21.09 -43.01
N GLY J 438 15.39 -20.27 -43.26
CA GLY J 438 14.03 -20.69 -43.00
C GLY J 438 13.09 -19.52 -43.14
N GLN J 439 11.97 -19.60 -42.44
CA GLN J 439 11.01 -18.52 -42.49
C GLN J 439 10.46 -18.24 -41.10
N ASP J 440 10.09 -16.98 -40.90
CA ASP J 440 9.62 -16.49 -39.61
C ASP J 440 8.10 -16.37 -39.67
N VAL J 441 7.42 -17.21 -38.91
CA VAL J 441 5.96 -17.35 -39.05
C VAL J 441 5.27 -16.89 -37.79
N PRO J 442 4.08 -16.31 -37.87
CA PRO J 442 3.31 -15.99 -36.67
C PRO J 442 2.64 -17.22 -36.07
N VAL J 443 2.65 -17.30 -34.75
CA VAL J 443 1.95 -18.36 -34.02
C VAL J 443 1.04 -17.72 -32.99
N LEU J 444 -0.16 -18.28 -32.86
CA LEU J 444 -1.16 -17.73 -31.97
C LEU J 444 -0.80 -18.01 -30.52
N SER J 445 -1.37 -17.23 -29.62
CA SER J 445 -1.16 -17.44 -28.18
C SER J 445 -2.25 -16.79 -27.32
N THR J 458 -3.89 -12.13 -29.88
CA THR J 458 -2.49 -12.14 -29.50
C THR J 458 -1.70 -13.21 -30.27
N VAL J 459 -0.61 -12.80 -30.91
CA VAL J 459 0.23 -13.70 -31.68
C VAL J 459 1.68 -13.53 -31.24
N GLU J 460 2.54 -14.34 -31.84
CA GLU J 460 3.95 -14.37 -31.50
C GLU J 460 4.71 -14.85 -32.74
N ARG J 461 5.97 -14.44 -32.85
CA ARG J 461 6.76 -14.72 -34.03
C ARG J 461 7.69 -15.88 -33.73
N LYS J 462 7.78 -16.84 -34.66
CA LYS J 462 8.58 -18.03 -34.46
C LYS J 462 9.36 -18.35 -35.73
N THR J 463 10.67 -18.45 -35.61
CA THR J 463 11.50 -18.82 -36.75
C THR J 463 11.50 -20.34 -36.90
N VAL J 464 11.21 -20.81 -38.11
CA VAL J 464 11.10 -22.23 -38.40
C VAL J 464 11.87 -22.50 -39.68
N GLY J 465 12.92 -23.31 -39.58
CA GLY J 465 13.72 -23.62 -40.74
C GLY J 465 14.92 -24.45 -40.34
N THR J 466 15.93 -24.46 -41.19
CA THR J 466 17.17 -25.13 -40.85
C THR J 466 17.99 -24.22 -39.95
N LYS J 467 18.26 -24.67 -38.74
CA LYS J 467 18.93 -23.84 -37.75
C LYS J 467 20.12 -24.60 -37.19
N LEU J 468 21.23 -23.89 -37.01
CA LEU J 468 22.41 -24.45 -36.38
C LEU J 468 22.96 -23.44 -35.41
N LYS J 469 23.00 -23.79 -34.13
CA LYS J 469 23.50 -22.91 -33.09
C LYS J 469 24.56 -23.68 -32.32
N VAL J 470 25.80 -23.25 -32.43
CA VAL J 470 26.93 -24.00 -31.89
C VAL J 470 27.86 -23.06 -31.15
N THR J 471 28.36 -23.50 -29.99
CA THR J 471 29.41 -22.80 -29.25
C THR J 471 30.64 -23.68 -29.21
N PRO J 472 31.68 -23.40 -29.98
CA PRO J 472 32.87 -24.22 -29.94
C PRO J 472 33.78 -23.87 -28.78
N GLN J 473 34.53 -24.87 -28.33
CA GLN J 473 35.61 -24.72 -27.37
C GLN J 473 36.77 -25.57 -27.85
N VAL J 474 37.90 -24.93 -28.17
CA VAL J 474 39.03 -25.67 -28.73
C VAL J 474 39.95 -26.07 -27.59
N ASN J 475 39.97 -27.36 -27.28
CA ASN J 475 40.83 -27.84 -26.21
C ASN J 475 41.51 -29.18 -26.48
N GLU J 476 42.83 -29.18 -26.55
CA GLU J 476 43.63 -28.01 -26.83
C GLU J 476 44.51 -28.52 -27.95
N GLY J 477 45.03 -27.65 -28.80
CA GLY J 477 45.57 -28.22 -30.01
C GLY J 477 44.40 -28.79 -30.79
N ASP J 478 44.40 -30.09 -31.01
CA ASP J 478 43.33 -30.75 -31.75
C ASP J 478 42.07 -30.83 -30.90
N ALA J 479 41.11 -31.60 -31.40
CA ALA J 479 39.74 -31.72 -30.94
C ALA J 479 39.02 -30.39 -30.85
N VAL J 480 37.97 -30.32 -30.03
CA VAL J 480 37.04 -29.21 -29.84
C VAL J 480 35.96 -29.71 -28.91
N LEU J 481 35.23 -28.81 -28.28
CA LEU J 481 34.02 -29.16 -27.57
C LEU J 481 32.88 -28.39 -28.20
N LEU J 482 32.01 -29.09 -28.89
CA LEU J 482 30.91 -28.47 -29.61
C LEU J 482 29.64 -28.66 -28.79
N GLU J 483 29.06 -27.57 -28.34
CA GLU J 483 27.70 -27.61 -27.82
C GLU J 483 26.79 -27.29 -28.98
N ILE J 484 26.09 -28.29 -29.50
CA ILE J 484 25.28 -28.14 -30.69
C ILE J 484 23.84 -28.04 -30.25
N GLU J 485 23.13 -27.06 -30.80
CA GLU J 485 21.68 -27.04 -30.80
C GLU J 485 21.26 -26.80 -32.23
N GLN J 486 20.69 -27.79 -32.89
CA GLN J 486 20.27 -27.60 -34.25
C GLN J 486 18.92 -28.25 -34.46
N GLU J 487 18.23 -27.81 -35.51
CA GLU J 487 17.01 -28.47 -35.91
C GLU J 487 16.72 -28.16 -37.35
N VAL J 488 15.93 -29.03 -37.97
CA VAL J 488 15.36 -28.79 -39.27
C VAL J 488 13.86 -28.83 -39.08
N SER J 489 13.22 -27.68 -39.19
CA SER J 489 11.79 -27.59 -38.97
C SER J 489 11.14 -26.85 -40.12
N SER J 490 9.85 -27.12 -40.32
CA SER J 490 9.14 -26.54 -41.43
C SER J 490 7.66 -26.46 -41.08
N VAL J 491 6.96 -25.50 -41.67
CA VAL J 491 5.53 -25.38 -41.48
C VAL J 491 4.85 -26.55 -42.17
N ASP J 492 3.86 -27.13 -41.51
CA ASP J 492 3.11 -28.24 -42.07
C ASP J 492 1.91 -27.67 -42.81
N SER J 493 1.92 -27.80 -44.13
CA SER J 493 0.85 -27.21 -44.94
C SER J 493 -0.49 -27.87 -44.65
N SER J 494 -0.52 -29.20 -44.62
CA SER J 494 -1.72 -29.90 -44.21
C SER J 494 -1.98 -29.67 -42.74
N SER J 495 -3.21 -29.96 -42.32
CA SER J 495 -3.59 -29.93 -40.91
C SER J 495 -3.44 -28.53 -40.32
N ASN J 496 -3.97 -27.54 -41.03
CA ASN J 496 -4.07 -26.22 -40.42
C ASN J 496 -5.26 -26.19 -39.46
N SER J 497 -5.16 -25.31 -38.47
CA SER J 497 -6.18 -25.24 -37.42
C SER J 497 -6.40 -23.79 -37.03
N THR J 498 -7.50 -23.58 -36.31
CA THR J 498 -7.79 -22.25 -35.80
C THR J 498 -6.89 -21.89 -34.61
N LEU J 499 -6.26 -22.89 -33.99
CA LEU J 499 -5.36 -22.61 -32.89
C LEU J 499 -3.99 -22.14 -33.37
N GLY J 500 -3.61 -22.50 -34.58
CA GLY J 500 -2.36 -22.04 -35.14
C GLY J 500 -1.76 -23.07 -36.08
N PRO J 501 -0.58 -22.77 -36.61
CA PRO J 501 0.10 -23.75 -37.44
C PRO J 501 0.81 -24.81 -36.62
N THR J 502 0.96 -25.98 -37.21
CA THR J 502 1.90 -26.95 -36.67
C THR J 502 3.21 -26.84 -37.43
N PHE J 503 4.22 -27.56 -36.96
CA PHE J 503 5.53 -27.53 -37.58
C PHE J 503 6.12 -28.93 -37.46
N ASN J 504 6.79 -29.38 -38.51
CA ASN J 504 7.49 -30.65 -38.46
C ASN J 504 8.92 -30.35 -38.01
N THR J 505 9.27 -30.77 -36.80
CA THR J 505 10.56 -30.42 -36.21
C THR J 505 11.39 -31.68 -36.03
N ARG J 506 12.65 -31.61 -36.43
CA ARG J 506 13.65 -32.61 -36.07
C ARG J 506 14.76 -31.88 -35.33
N THR J 507 14.84 -32.09 -34.03
CA THR J 507 15.71 -31.31 -33.17
C THR J 507 16.67 -32.21 -32.43
N ILE J 508 17.92 -31.80 -32.37
CA ILE J 508 18.95 -32.52 -31.62
C ILE J 508 19.84 -31.49 -30.94
N GLN J 509 19.99 -31.61 -29.63
CA GLN J 509 20.88 -30.73 -28.89
C GLN J 509 21.71 -31.57 -27.94
N ASN J 510 23.02 -31.47 -28.07
CA ASN J 510 23.94 -32.22 -27.25
C ASN J 510 25.29 -31.54 -27.28
N ALA J 511 26.13 -31.86 -26.32
CA ALA J 511 27.52 -31.47 -26.33
C ALA J 511 28.35 -32.68 -26.71
N VAL J 512 29.35 -32.47 -27.55
CA VAL J 512 30.18 -33.57 -28.01
C VAL J 512 31.59 -33.01 -28.21
N LEU J 513 32.58 -33.89 -28.13
CA LEU J 513 33.98 -33.55 -28.26
C LEU J 513 34.55 -34.32 -29.44
N VAL J 514 34.91 -33.60 -30.49
CA VAL J 514 35.25 -34.21 -31.78
C VAL J 514 36.66 -33.78 -32.14
N LYS J 515 37.43 -34.68 -32.74
CA LYS J 515 38.76 -34.30 -33.20
C LYS J 515 38.65 -33.37 -34.41
N THR J 516 39.73 -32.64 -34.67
CA THR J 516 39.66 -31.47 -35.54
C THR J 516 39.31 -31.80 -36.97
N GLY J 517 39.60 -33.00 -37.45
CA GLY J 517 39.32 -33.27 -38.85
C GLY J 517 38.18 -34.23 -39.11
N GLU J 518 37.59 -34.76 -38.05
CA GLU J 518 36.82 -35.99 -38.14
C GLU J 518 35.33 -35.72 -38.27
N THR J 519 34.65 -36.55 -39.05
CA THR J 519 33.21 -36.56 -39.17
C THR J 519 32.66 -37.62 -38.22
N VAL J 520 31.75 -37.22 -37.34
CA VAL J 520 31.23 -38.10 -36.32
C VAL J 520 29.72 -37.92 -36.24
N VAL J 521 29.04 -38.93 -35.73
CA VAL J 521 27.58 -38.95 -35.71
C VAL J 521 27.08 -38.31 -34.42
N LEU J 522 26.20 -37.33 -34.57
CA LEU J 522 25.56 -36.73 -33.40
C LEU J 522 24.38 -37.54 -32.91
N GLY J 523 23.64 -38.14 -33.81
CA GLY J 523 22.45 -38.85 -33.42
C GLY J 523 21.80 -39.48 -34.63
N GLY J 524 20.55 -39.85 -34.47
CA GLY J 524 19.81 -40.44 -35.57
C GLY J 524 18.56 -41.10 -35.08
N LEU J 525 17.69 -41.41 -36.03
CA LEU J 525 16.46 -42.12 -35.76
C LEU J 525 16.20 -43.08 -36.91
N LEU J 526 16.00 -44.35 -36.60
CA LEU J 526 15.55 -45.33 -37.58
C LEU J 526 14.16 -45.74 -37.15
N ASP J 527 13.15 -45.31 -37.89
CA ASP J 527 11.76 -45.52 -37.54
C ASP J 527 11.11 -46.32 -38.65
N ASP J 528 10.42 -47.39 -38.27
CA ASP J 528 9.86 -48.30 -39.25
C ASP J 528 8.50 -48.77 -38.76
N PHE J 529 7.55 -48.81 -39.68
CA PHE J 529 6.14 -48.97 -39.34
C PHE J 529 5.46 -49.81 -40.40
N SER J 530 4.64 -50.77 -39.98
CA SER J 530 3.88 -51.60 -40.91
C SER J 530 2.49 -51.81 -40.36
N LYS J 531 1.49 -51.48 -41.15
CA LYS J 531 0.09 -51.60 -40.75
C LYS J 531 -0.58 -52.61 -41.67
N GLU J 532 -1.67 -53.19 -41.19
CA GLU J 532 -2.47 -54.09 -42.01
C GLU J 532 -3.90 -54.07 -41.51
N GLN J 533 -4.83 -54.22 -42.43
CA GLN J 533 -6.22 -54.40 -42.08
C GLN J 533 -6.86 -55.28 -43.13
N VAL J 534 -7.71 -56.20 -42.71
CA VAL J 534 -8.54 -56.95 -43.64
C VAL J 534 -9.96 -56.94 -43.12
N SER J 535 -10.91 -56.90 -44.04
CA SER J 535 -12.32 -57.10 -43.74
C SER J 535 -12.78 -58.25 -44.61
N LYS J 536 -13.17 -59.35 -44.00
CA LYS J 536 -13.43 -60.55 -44.76
C LYS J 536 -14.74 -61.20 -44.33
N VAL J 537 -15.17 -62.16 -45.12
CA VAL J 537 -16.26 -63.05 -44.73
C VAL J 537 -15.69 -64.19 -43.89
N PRO J 538 -16.25 -64.48 -42.71
CA PRO J 538 -15.45 -65.15 -41.67
C PRO J 538 -14.84 -66.48 -42.06
N LEU J 539 -15.60 -67.41 -42.60
CA LEU J 539 -15.00 -68.68 -42.99
C LEU J 539 -14.38 -68.60 -44.39
N LEU J 540 -15.07 -67.97 -45.32
CA LEU J 540 -14.62 -67.97 -46.70
C LEU J 540 -13.33 -67.21 -46.88
N GLY J 541 -13.14 -66.12 -46.13
CA GLY J 541 -11.96 -65.30 -46.27
C GLY J 541 -10.67 -65.97 -45.86
N ASP J 542 -10.73 -67.11 -45.18
CA ASP J 542 -9.55 -67.81 -44.73
C ASP J 542 -9.13 -68.96 -45.63
N ILE J 543 -9.89 -69.22 -46.69
CA ILE J 543 -9.46 -70.23 -47.67
C ILE J 543 -8.13 -69.79 -48.28
N PRO J 544 -7.12 -70.66 -48.32
CA PRO J 544 -5.74 -70.15 -48.53
C PRO J 544 -5.54 -69.27 -49.75
N LEU J 545 -6.07 -69.68 -50.91
CA LEU J 545 -5.91 -68.89 -52.13
C LEU J 545 -7.19 -68.17 -52.50
N VAL J 546 -8.26 -68.92 -52.74
CA VAL J 546 -9.56 -68.35 -53.11
C VAL J 546 -10.02 -67.30 -52.11
N GLY J 547 -9.60 -67.42 -50.86
CA GLY J 547 -10.09 -66.54 -49.80
C GLY J 547 -9.85 -65.07 -50.06
N GLN J 548 -8.92 -64.72 -50.94
CA GLN J 548 -8.70 -63.31 -51.25
C GLN J 548 -9.86 -62.69 -52.01
N LEU J 549 -10.77 -63.50 -52.54
CA LEU J 549 -11.94 -62.93 -53.19
C LEU J 549 -12.92 -62.34 -52.20
N PHE J 550 -13.00 -62.90 -51.01
CA PHE J 550 -13.95 -62.43 -50.02
C PHE J 550 -13.43 -61.27 -49.19
N ARG J 551 -12.13 -61.23 -48.91
CA ARG J 551 -11.56 -60.21 -48.06
C ARG J 551 -11.25 -58.92 -48.81
N TYR J 552 -11.23 -57.82 -48.06
CA TYR J 552 -10.68 -56.54 -48.49
C TYR J 552 -9.46 -56.21 -47.64
N THR J 553 -8.28 -56.25 -48.26
CA THR J 553 -7.03 -56.00 -47.56
C THR J 553 -6.56 -54.58 -47.82
N SER J 554 -6.09 -53.90 -46.78
CA SER J 554 -5.42 -52.61 -46.94
C SER J 554 -4.14 -52.66 -46.14
N THR J 555 -3.01 -52.57 -46.80
CA THR J 555 -1.70 -52.70 -46.20
C THR J 555 -0.97 -51.37 -46.30
N GLU J 556 -0.03 -51.15 -45.38
CA GLU J 556 0.77 -49.94 -45.40
C GLU J 556 2.11 -50.23 -44.78
N ARG J 557 3.11 -49.46 -45.16
CA ARG J 557 4.45 -49.56 -44.61
C ARG J 557 5.10 -48.19 -44.67
N ALA J 558 6.05 -47.95 -43.79
CA ALA J 558 6.79 -46.70 -43.79
C ALA J 558 8.18 -46.97 -43.23
N LYS J 559 9.13 -46.14 -43.64
CA LYS J 559 10.47 -46.17 -43.12
C LYS J 559 11.00 -44.75 -43.04
N ARG J 560 11.71 -44.44 -41.98
CA ARG J 560 12.43 -43.18 -41.87
C ARG J 560 13.79 -43.49 -41.29
N ASN J 561 14.85 -43.17 -42.03
CA ASN J 561 16.20 -43.35 -41.53
C ASN J 561 16.86 -41.98 -41.52
N LEU J 562 17.12 -41.45 -40.33
CA LEU J 562 17.68 -40.13 -40.14
C LEU J 562 19.04 -40.26 -39.47
N MET J 563 20.02 -39.51 -39.97
CA MET J 563 21.35 -39.45 -39.38
C MET J 563 21.80 -38.01 -39.35
N VAL J 564 22.49 -37.63 -38.28
CA VAL J 564 23.04 -36.30 -38.13
C VAL J 564 24.52 -36.44 -37.85
N PHE J 565 25.35 -35.80 -38.66
CA PHE J 565 26.79 -35.84 -38.50
C PHE J 565 27.31 -34.43 -38.27
N ILE J 566 28.51 -34.33 -37.70
CA ILE J 566 29.12 -33.05 -37.44
C ILE J 566 30.60 -33.18 -37.77
N ARG J 567 31.12 -32.28 -38.59
CA ARG J 567 32.56 -32.23 -38.83
C ARG J 567 33.11 -30.87 -38.42
N PRO J 568 33.82 -30.76 -37.32
CA PRO J 568 34.53 -29.52 -37.01
C PRO J 568 35.85 -29.46 -37.77
N THR J 569 36.33 -28.23 -37.95
CA THR J 569 37.66 -27.98 -38.47
C THR J 569 38.21 -26.75 -37.78
N ILE J 570 39.44 -26.83 -37.30
CA ILE J 570 40.04 -25.72 -36.57
C ILE J 570 40.88 -24.88 -37.52
N ILE J 571 40.68 -23.57 -37.48
CA ILE J 571 41.52 -22.63 -38.22
C ILE J 571 42.49 -22.02 -37.22
N ARG J 572 43.76 -22.42 -37.32
CA ARG J 572 44.79 -21.84 -36.47
C ARG J 572 45.30 -20.52 -37.02
N ASP J 573 45.50 -20.44 -38.33
CA ASP J 573 46.11 -19.27 -38.94
C ASP J 573 45.36 -18.92 -40.21
N ASP J 574 45.69 -17.74 -40.76
CA ASP J 574 45.02 -17.27 -41.97
C ASP J 574 45.24 -18.22 -43.14
N ASP J 575 46.46 -18.72 -43.30
CA ASP J 575 46.79 -19.44 -44.53
C ASP J 575 45.96 -20.69 -44.71
N VAL J 576 45.53 -21.33 -43.62
CA VAL J 576 44.65 -22.48 -43.75
C VAL J 576 43.21 -22.05 -43.98
N TYR J 577 42.88 -20.81 -43.65
CA TYR J 577 41.52 -20.32 -43.79
C TYR J 577 41.28 -19.63 -45.13
N ARG J 578 42.33 -19.36 -45.90
CA ARG J 578 42.14 -19.14 -47.32
C ARG J 578 41.83 -20.44 -48.04
N SER J 579 42.68 -21.45 -47.86
CA SER J 579 42.51 -22.71 -48.58
C SER J 579 41.17 -23.34 -48.24
N LEU J 580 40.72 -23.19 -47.00
CA LEU J 580 39.39 -23.66 -46.62
C LEU J 580 38.31 -22.83 -47.30
N SER J 581 38.52 -21.52 -47.40
CA SER J 581 37.58 -20.66 -48.09
C SER J 581 37.73 -20.74 -49.60
N LYS J 582 38.95 -20.93 -50.08
CA LYS J 582 39.19 -21.00 -51.51
C LYS J 582 38.55 -22.23 -52.12
N GLU J 583 38.49 -23.34 -51.40
CA GLU J 583 37.91 -24.53 -51.99
C GLU J 583 36.40 -24.50 -51.97
N LYS J 584 35.79 -23.75 -51.04
CA LYS J 584 34.35 -23.54 -51.12
C LYS J 584 34.02 -22.46 -52.14
N TYR J 585 34.86 -21.44 -52.24
CA TYR J 585 34.65 -20.38 -53.22
C TYR J 585 34.77 -20.92 -54.63
N THR J 586 35.72 -21.82 -54.85
CA THR J 586 35.93 -22.40 -56.17
C THR J 586 34.94 -23.52 -56.49
N ARG J 587 34.68 -24.40 -55.52
CA ARG J 587 33.71 -25.45 -55.75
C ARG J 587 32.33 -24.88 -56.02
N TYR J 588 32.03 -23.72 -55.45
CA TYR J 588 30.77 -23.04 -55.76
C TYR J 588 30.85 -22.34 -57.11
N ARG J 589 32.01 -21.73 -57.41
CA ARG J 589 32.19 -21.07 -58.68
C ARG J 589 32.19 -22.05 -59.84
N GLN J 590 32.93 -23.17 -59.68
CA GLN J 590 32.94 -24.19 -60.71
C GLN J 590 31.59 -24.86 -60.85
N GLU J 591 30.72 -24.77 -59.85
CA GLU J 591 29.37 -25.28 -59.99
C GLU J 591 28.50 -24.32 -60.79
N GLN J 592 28.67 -23.02 -60.56
CA GLN J 592 27.96 -22.03 -61.39
C GLN J 592 28.41 -22.11 -62.84
N GLN J 593 29.72 -22.24 -63.07
CA GLN J 593 30.19 -22.34 -64.45
C GLN J 593 29.70 -23.62 -65.11
N GLN J 594 29.49 -24.67 -64.34
CA GLN J 594 28.92 -25.89 -64.91
C GLN J 594 27.47 -25.68 -65.29
N ARG J 595 26.74 -24.90 -64.50
CA ARG J 595 25.33 -24.64 -64.80
C ARG J 595 25.17 -23.73 -66.01
N ILE J 596 26.15 -22.85 -66.24
CA ILE J 596 26.11 -22.01 -67.43
C ILE J 596 26.35 -22.85 -68.68
N ASP J 597 27.25 -23.83 -68.59
CA ASP J 597 27.49 -24.72 -69.72
C ASP J 597 26.44 -25.82 -69.80
N GLY J 598 25.74 -26.11 -68.71
CA GLY J 598 24.73 -27.15 -68.73
C GLY J 598 23.47 -26.75 -69.46
N LYS J 599 23.17 -25.45 -69.53
CA LYS J 599 22.03 -25.01 -70.30
C LYS J 599 22.35 -25.06 -71.79
N SER J 600 21.39 -25.51 -72.58
CA SER J 600 21.58 -25.70 -74.00
C SER J 600 21.01 -24.51 -74.77
N LYS J 601 21.76 -24.05 -75.77
CA LYS J 601 21.23 -23.07 -76.69
C LYS J 601 20.13 -23.70 -77.54
N ALA J 602 19.34 -22.84 -78.17
CA ALA J 602 18.16 -23.15 -78.97
C ALA J 602 16.94 -23.39 -78.10
N LEU J 603 17.08 -23.33 -76.77
CA LEU J 603 15.95 -23.23 -75.86
C LEU J 603 16.09 -21.95 -75.05
N VAL J 604 14.97 -21.26 -74.83
CA VAL J 604 15.01 -20.04 -74.04
C VAL J 604 15.29 -20.38 -72.59
N GLY J 605 16.23 -19.62 -71.99
CA GLY J 605 16.57 -19.83 -70.60
C GLY J 605 17.02 -18.53 -69.96
N SER J 606 17.16 -18.58 -68.64
CA SER J 606 17.57 -17.40 -67.90
C SER J 606 19.00 -17.02 -68.25
N GLU J 607 19.25 -15.73 -68.38
CA GLU J 607 20.61 -15.25 -68.55
C GLU J 607 21.36 -15.35 -67.24
N ASP J 608 22.59 -15.86 -67.30
CA ASP J 608 23.33 -16.18 -66.10
C ASP J 608 23.78 -14.92 -65.37
N LEU J 609 24.03 -15.06 -64.07
CA LEU J 609 24.66 -14.00 -63.32
C LEU J 609 26.15 -13.97 -63.64
N PRO J 610 26.84 -12.87 -63.31
CA PRO J 610 28.30 -12.94 -63.26
C PRO J 610 28.73 -13.91 -62.18
N VAL J 611 29.65 -14.79 -62.51
CA VAL J 611 30.03 -15.88 -61.63
C VAL J 611 31.21 -15.43 -60.77
N LEU J 612 30.93 -15.14 -59.51
CA LEU J 612 31.91 -14.72 -58.50
C LEU J 612 32.95 -13.78 -59.07
N ASP J 613 34.21 -14.01 -58.75
CA ASP J 613 35.34 -13.26 -59.30
C ASP J 613 36.50 -14.22 -59.49
N GLU J 614 37.18 -14.11 -60.63
CA GLU J 614 38.30 -14.97 -60.92
C GLU J 614 39.57 -14.55 -60.19
N ASN J 615 39.81 -13.25 -60.06
CA ASN J 615 41.05 -12.77 -59.47
C ASN J 615 41.12 -12.99 -57.96
N THR J 616 39.99 -13.26 -57.31
CA THR J 616 40.01 -13.51 -55.88
C THR J 616 40.85 -14.76 -55.59
N PHE J 617 41.58 -14.72 -54.49
CA PHE J 617 42.52 -15.77 -54.11
C PHE J 617 43.64 -15.91 -55.14
N GLY K 99 82.27 70.03 36.84
CA GLY K 99 83.27 69.30 37.60
C GLY K 99 82.77 68.75 38.93
N ASP K 100 82.73 69.61 39.93
CA ASP K 100 82.26 69.24 41.26
C ASP K 100 80.78 69.56 41.46
N GLU K 101 80.09 70.01 40.41
CA GLU K 101 78.77 70.58 40.58
C GLU K 101 77.75 69.47 40.85
N LEU K 102 77.11 69.53 42.03
CA LEU K 102 76.22 68.48 42.48
C LEU K 102 74.81 68.81 42.04
N VAL K 103 74.28 68.02 41.12
CA VAL K 103 72.93 68.22 40.59
C VAL K 103 72.28 66.86 40.40
N THR K 104 70.96 66.86 40.43
CA THR K 104 70.16 65.68 40.15
C THR K 104 69.62 65.73 38.73
N ARG K 105 69.83 64.63 38.02
CA ARG K 105 69.41 64.54 36.61
C ARG K 105 69.01 63.09 36.37
N ILE K 106 67.99 62.92 35.53
CA ILE K 106 67.16 61.72 35.55
C ILE K 106 66.99 61.22 34.11
N VAL K 107 67.48 60.01 33.86
CA VAL K 107 67.32 59.33 32.56
C VAL K 107 66.59 58.01 32.76
N PRO K 108 65.46 57.77 32.09
CA PRO K 108 64.87 56.42 32.11
C PRO K 108 65.65 55.44 31.23
N LEU K 109 65.54 54.17 31.58
CA LEU K 109 65.78 53.06 30.65
C LEU K 109 64.42 52.56 30.20
N GLU K 110 64.02 52.90 28.98
CA GLU K 110 62.68 52.51 28.54
C GLU K 110 62.66 51.07 28.06
N ASN K 111 63.68 50.69 27.30
CA ASN K 111 63.79 49.34 26.74
C ASN K 111 63.72 48.26 27.80
N VAL K 112 64.41 48.45 28.93
CA VAL K 112 64.55 47.44 29.97
C VAL K 112 64.02 48.04 31.27
N PRO K 113 63.61 47.26 32.26
CA PRO K 113 63.48 47.82 33.61
C PRO K 113 64.86 48.18 34.16
N ALA K 114 64.97 49.43 34.66
CA ALA K 114 66.27 49.99 35.02
C ALA K 114 66.93 49.29 36.20
N ARG K 115 66.21 48.35 36.84
CA ARG K 115 66.71 47.68 38.04
C ARG K 115 68.13 47.18 37.88
N ASP K 116 68.46 46.67 36.68
CA ASP K 116 69.75 46.05 36.40
C ASP K 116 70.95 47.00 36.54
N LEU K 117 70.73 48.32 36.67
CA LEU K 117 71.86 49.20 36.92
C LEU K 117 72.05 49.55 38.38
N ALA K 118 71.25 48.98 39.29
CA ALA K 118 71.42 49.30 40.71
C ALA K 118 72.78 48.90 41.26
N PRO K 119 73.31 47.70 41.04
CA PRO K 119 74.72 47.47 41.43
C PRO K 119 75.70 48.33 40.65
N LEU K 120 75.41 48.61 39.38
CA LEU K 120 76.36 49.37 38.57
C LEU K 120 76.44 50.82 39.02
N LEU K 121 75.28 51.48 39.15
CA LEU K 121 75.25 52.92 39.35
C LEU K 121 75.47 53.34 40.80
N ARG K 122 74.88 52.64 41.75
CA ARG K 122 75.30 52.85 43.13
C ARG K 122 76.68 52.25 43.38
N GLN K 123 77.14 51.39 42.48
CA GLN K 123 78.56 51.11 42.44
C GLN K 123 79.34 52.34 41.98
N MET K 124 78.73 53.18 41.13
CA MET K 124 79.41 54.41 40.73
C MET K 124 79.31 55.50 41.78
N MET K 125 78.25 55.50 42.60
CA MET K 125 78.37 56.12 43.92
C MET K 125 79.58 55.58 44.65
N ASP K 126 79.67 54.25 44.75
CA ASP K 126 80.74 53.53 45.40
C ASP K 126 82.06 53.61 44.62
N ALA K 127 82.05 54.24 43.45
CA ALA K 127 83.29 54.44 42.71
C ALA K 127 84.15 55.56 43.28
N GLY K 128 83.56 56.67 43.68
CA GLY K 128 84.34 57.83 44.07
C GLY K 128 83.63 58.62 45.14
N SER K 129 84.29 59.71 45.56
CA SER K 129 83.87 60.44 46.76
C SER K 129 82.39 60.81 46.68
N VAL K 130 81.67 60.50 47.77
CA VAL K 130 80.23 60.30 47.74
C VAL K 130 79.55 61.66 47.84
N GLY K 131 78.24 61.67 48.13
CA GLY K 131 77.35 62.72 47.73
C GLY K 131 76.43 62.33 46.60
N ASN K 132 76.29 61.03 46.34
CA ASN K 132 75.55 60.52 45.20
C ASN K 132 74.27 59.85 45.66
N VAL K 133 73.26 59.88 44.79
CA VAL K 133 72.04 59.10 44.92
C VAL K 133 71.68 58.52 43.56
N VAL K 134 71.31 57.24 43.55
CA VAL K 134 70.72 56.60 42.38
C VAL K 134 69.44 55.96 42.88
N HIS K 135 68.36 56.05 42.10
CA HIS K 135 67.06 55.61 42.56
C HIS K 135 66.18 55.34 41.35
N TYR K 136 65.07 54.61 41.58
CA TYR K 136 64.38 53.87 40.54
C TYR K 136 62.88 54.03 40.66
N GLU K 137 62.22 54.52 39.58
CA GLU K 137 60.77 54.47 39.72
C GLU K 137 60.21 53.19 39.11
N PRO K 138 58.99 52.78 39.52
CA PRO K 138 58.29 51.69 38.84
C PRO K 138 58.14 51.97 37.36
N SER K 139 57.87 53.24 37.06
CA SER K 139 57.72 53.75 35.69
C SER K 139 59.03 53.62 34.92
N ASN K 140 60.09 53.15 35.60
CA ASN K 140 61.35 52.78 34.99
C ASN K 140 62.12 54.01 34.47
N VAL K 141 61.99 55.13 35.18
CA VAL K 141 62.91 56.25 35.05
C VAL K 141 63.96 56.10 36.13
N LEU K 142 65.19 56.46 35.78
CA LEU K 142 66.33 56.26 36.67
C LEU K 142 66.84 57.63 37.11
N ILE K 143 66.65 57.95 38.39
CA ILE K 143 66.88 59.29 38.88
C ILE K 143 68.20 59.36 39.63
N LEU K 144 69.00 60.39 39.31
CA LEU K 144 70.35 60.51 39.83
C LEU K 144 70.56 61.82 40.56
N THR K 145 71.54 61.81 41.45
CA THR K 145 72.06 62.97 42.14
C THR K 145 73.57 62.80 42.26
N GLY K 146 74.33 63.82 41.90
CA GLY K 146 75.76 63.74 42.11
C GLY K 146 76.52 64.87 41.45
N ARG K 147 77.82 64.90 41.74
CA ARG K 147 78.70 65.89 41.15
C ARG K 147 78.88 65.61 39.65
N ALA K 148 79.37 66.64 38.94
CA ALA K 148 79.24 66.70 37.48
C ALA K 148 79.93 65.54 36.76
N SER K 149 81.09 65.08 37.24
CA SER K 149 81.77 63.99 36.54
C SER K 149 81.14 62.64 36.84
N THR K 150 80.97 62.31 38.12
CA THR K 150 80.34 61.06 38.49
C THR K 150 79.01 60.90 37.78
N ILE K 151 78.27 62.00 37.63
CA ILE K 151 77.03 61.90 36.87
C ILE K 151 77.30 61.87 35.38
N ASN K 152 78.39 62.48 34.89
CA ASN K 152 78.72 62.31 33.47
C ASN K 152 78.73 60.83 33.11
N LYS K 153 79.52 60.04 33.83
CA LYS K 153 79.65 58.65 33.44
C LYS K 153 78.55 57.77 34.03
N LEU K 154 77.81 58.27 35.02
CA LEU K 154 76.56 57.62 35.42
C LEU K 154 75.50 57.71 34.34
N ILE K 155 75.13 58.93 33.94
CA ILE K 155 74.14 59.09 32.89
C ILE K 155 74.63 58.48 31.58
N GLU K 156 75.95 58.48 31.37
CA GLU K 156 76.53 57.62 30.33
C GLU K 156 76.05 56.19 30.47
N VAL K 157 76.20 55.61 31.67
CA VAL K 157 75.75 54.23 31.84
C VAL K 157 74.27 54.12 31.47
N ILE K 158 73.49 55.14 31.81
CA ILE K 158 72.03 54.97 31.76
C ILE K 158 71.51 55.05 30.33
N LYS K 159 71.86 56.10 29.58
CA LYS K 159 71.46 56.09 28.18
C LYS K 159 72.09 54.91 27.45
N ARG K 160 73.33 54.58 27.83
CA ARG K 160 73.95 53.36 27.33
C ARG K 160 72.99 52.19 27.46
N VAL K 161 72.72 51.75 28.68
CA VAL K 161 71.91 50.56 28.89
C VAL K 161 70.53 50.69 28.26
N ASP K 162 70.07 51.93 28.05
CA ASP K 162 68.88 52.14 27.23
C ASP K 162 69.07 51.61 25.82
N VAL K 163 69.92 52.26 25.03
CA VAL K 163 69.95 51.97 23.60
C VAL K 163 70.76 50.72 23.32
N ILE K 164 71.43 50.18 24.35
CA ILE K 164 72.04 48.86 24.21
C ILE K 164 71.13 47.80 24.82
N GLY K 165 70.04 48.26 25.45
CA GLY K 165 68.95 47.36 25.74
C GLY K 165 67.85 47.49 24.71
N THR K 166 68.14 48.14 23.59
CA THR K 166 67.16 48.31 22.52
C THR K 166 66.51 47.00 22.06
N GLU K 167 65.18 46.99 22.11
CA GLU K 167 64.37 46.26 21.14
C GLU K 167 63.10 47.05 20.88
N LYS K 168 62.86 47.35 19.61
CA LYS K 168 61.96 48.41 19.19
C LYS K 168 61.18 47.99 17.95
N GLN K 169 60.06 48.65 17.72
CA GLN K 169 58.98 48.11 16.90
C GLN K 169 59.11 48.56 15.45
N GLN K 170 58.71 47.66 14.53
CA GLN K 170 58.48 48.09 13.16
C GLN K 170 57.46 47.17 12.52
N ILE K 171 56.64 47.71 11.65
CA ILE K 171 55.71 46.85 10.92
C ILE K 171 55.92 47.13 9.44
N ILE K 172 55.96 46.07 8.66
CA ILE K 172 56.51 46.12 7.31
C ILE K 172 55.51 45.46 6.35
N HIS K 173 55.56 45.85 5.09
CA HIS K 173 54.67 45.31 4.07
C HIS K 173 55.03 43.85 3.76
N LEU K 174 54.07 43.14 3.19
CA LEU K 174 54.32 41.91 2.44
C LEU K 174 53.84 42.14 1.01
N GLU K 175 54.76 41.99 0.06
CA GLU K 175 54.50 42.39 -1.31
C GLU K 175 53.46 41.52 -2.01
N TYR K 176 53.71 40.21 -2.10
CA TYR K 176 52.85 39.27 -2.82
C TYR K 176 52.42 38.14 -1.94
N ALA K 177 53.40 37.37 -1.47
CA ALA K 177 53.16 36.13 -0.76
C ALA K 177 52.18 36.32 0.39
N SER K 178 51.28 35.35 0.54
CA SER K 178 50.29 35.37 1.59
C SER K 178 50.94 35.42 2.97
N ALA K 179 50.27 36.12 3.88
CA ALA K 179 50.88 36.45 5.17
C ALA K 179 51.00 35.22 6.06
N GLU K 180 49.92 34.46 6.17
CA GLU K 180 49.93 33.22 6.95
C GLU K 180 51.13 32.36 6.68
N ASP K 181 51.57 32.25 5.43
CA ASP K 181 52.71 31.41 5.12
C ASP K 181 53.95 31.91 5.84
N LEU K 182 54.47 33.05 5.37
CA LEU K 182 55.69 33.60 5.93
C LEU K 182 55.62 33.65 7.45
N ALA K 183 54.43 33.90 7.99
CA ALA K 183 54.18 33.53 9.37
C ALA K 183 54.68 32.11 9.61
N GLU K 184 54.02 31.12 9.00
CA GLU K 184 54.23 29.73 9.40
C GLU K 184 55.71 29.41 9.45
N ILE K 185 56.46 29.88 8.46
CA ILE K 185 57.89 29.58 8.48
C ILE K 185 58.55 30.28 9.65
N LEU K 186 58.41 31.61 9.74
CA LEU K 186 59.29 32.34 10.63
C LEU K 186 58.93 32.13 12.09
N ASN K 187 57.64 31.96 12.37
CA ASN K 187 57.18 31.66 13.72
C ASN K 187 58.02 30.56 14.33
N GLN K 188 57.89 29.37 13.77
CA GLN K 188 58.50 28.14 14.23
C GLN K 188 60.00 28.12 14.03
N LEU K 189 60.58 29.15 13.42
CA LEU K 189 62.03 29.37 13.47
C LEU K 189 62.41 30.01 14.79
N ILE K 190 63.21 29.31 15.57
CA ILE K 190 63.73 29.84 16.82
C ILE K 190 65.15 29.31 17.00
N LYS K 206 58.01 39.64 18.12
CA LYS K 206 57.22 38.52 17.64
C LYS K 206 56.98 38.64 16.14
N ILE K 207 56.09 37.82 15.59
CA ILE K 207 55.83 37.78 14.15
C ILE K 207 54.33 37.88 13.94
N VAL K 208 53.90 38.91 13.21
CA VAL K 208 52.48 39.12 12.97
C VAL K 208 52.22 39.16 11.46
N ALA K 209 51.09 38.62 11.05
CA ALA K 209 50.67 38.57 9.66
C ALA K 209 49.48 39.49 9.42
N ASP K 210 49.35 39.98 8.19
CA ASP K 210 48.13 40.62 7.69
C ASP K 210 47.84 40.10 6.29
N LYS K 211 46.67 39.50 6.12
CA LYS K 211 46.19 39.20 4.77
C LYS K 211 45.50 40.41 4.15
N ARG K 212 44.69 41.15 4.92
CA ARG K 212 43.90 42.22 4.32
C ARG K 212 44.78 43.25 3.64
N THR K 213 45.73 43.83 4.37
CA THR K 213 46.75 44.63 3.70
C THR K 213 48.06 43.88 3.50
N ASN K 214 48.15 42.64 3.95
CA ASN K 214 49.29 41.77 3.65
C ASN K 214 50.60 42.35 4.18
N SER K 215 50.77 42.31 5.50
CA SER K 215 51.95 42.89 6.13
C SER K 215 52.64 41.86 7.02
N LEU K 216 53.97 41.84 6.97
CA LEU K 216 54.74 41.18 8.02
C LEU K 216 55.17 42.20 9.05
N ILE K 217 54.84 41.91 10.30
CA ILE K 217 55.02 42.84 11.41
C ILE K 217 56.01 42.23 12.38
N ILE K 218 56.95 43.04 12.87
CA ILE K 218 58.12 42.48 13.52
C ILE K 218 58.62 43.39 14.64
N SER K 219 59.04 42.74 15.72
CA SER K 219 59.63 43.37 16.88
C SER K 219 61.05 42.85 17.12
N GLY K 220 61.81 43.64 17.85
CA GLY K 220 63.14 43.27 18.27
C GLY K 220 64.01 44.50 18.34
N PRO K 221 65.31 44.31 18.53
CA PRO K 221 66.25 45.42 18.37
C PRO K 221 66.30 45.88 16.92
N GLU K 222 67.24 46.81 16.64
CA GLU K 222 67.54 47.08 15.25
C GLU K 222 68.23 45.88 14.62
N LYS K 223 68.92 45.07 15.42
CA LYS K 223 69.52 43.87 14.88
C LYS K 223 68.47 42.79 14.61
N ALA K 224 67.35 42.82 15.33
CA ALA K 224 66.23 41.99 14.89
C ALA K 224 65.61 42.55 13.63
N ARG K 225 65.50 43.89 13.56
CA ARG K 225 65.09 44.52 12.32
C ARG K 225 65.90 43.98 11.16
N GLN K 226 67.22 44.04 11.25
CA GLN K 226 68.07 43.67 10.12
C GLN K 226 68.01 42.18 9.84
N ARG K 227 68.14 41.34 10.87
CA ARG K 227 68.20 39.91 10.64
C ARG K 227 66.92 39.42 9.95
N ILE K 228 65.77 39.93 10.38
CA ILE K 228 64.55 39.40 9.78
C ILE K 228 64.16 40.20 8.55
N THR K 229 64.79 41.35 8.31
CA THR K 229 64.69 41.94 6.98
C THR K 229 65.50 41.14 5.98
N SER K 230 66.50 40.42 6.46
CA SER K 230 67.27 39.54 5.59
C SER K 230 66.55 38.23 5.35
N LEU K 231 65.80 37.75 6.35
CA LEU K 231 64.87 36.67 6.06
C LEU K 231 63.82 37.12 5.05
N LEU K 232 63.25 38.30 5.25
CA LEU K 232 62.34 38.83 4.25
C LEU K 232 62.97 38.84 2.88
N LYS K 233 64.11 39.50 2.74
CA LYS K 233 64.75 39.58 1.43
C LYS K 233 65.00 38.19 0.87
N SER K 234 65.21 37.21 1.75
CA SER K 234 65.19 35.82 1.29
C SER K 234 63.90 35.53 0.54
N LEU K 235 62.76 35.52 1.22
CA LEU K 235 61.50 35.41 0.47
C LEU K 235 60.69 36.70 0.58
N ASP K 236 60.86 37.56 -0.43
CA ASP K 236 59.83 38.47 -0.87
C ASP K 236 59.23 38.04 -2.19
N VAL K 237 59.75 36.96 -2.79
CA VAL K 237 59.49 36.69 -4.20
C VAL K 237 58.18 35.92 -4.36
N GLU K 238 57.41 36.31 -5.37
CA GLU K 238 56.20 35.57 -5.69
C GLU K 238 56.60 34.39 -6.56
N GLU K 239 56.21 33.20 -6.15
CA GLU K 239 56.56 31.98 -6.87
C GLU K 239 55.93 31.97 -8.25
N SER K 240 56.66 31.46 -9.22
CA SER K 240 56.11 31.30 -10.56
C SER K 240 55.33 29.99 -10.58
N GLU K 241 54.20 29.98 -9.88
CA GLU K 241 53.39 28.79 -9.76
C GLU K 241 52.97 28.27 -11.13
N GLU K 242 52.66 29.19 -12.04
CA GLU K 242 52.20 28.84 -13.38
C GLU K 242 50.73 28.45 -13.29
N GLY K 243 50.21 27.83 -14.34
CA GLY K 243 48.83 27.40 -14.31
C GLY K 243 48.62 26.11 -13.54
N ASN K 244 47.58 26.10 -12.71
CA ASN K 244 47.12 24.86 -12.09
C ASN K 244 46.29 24.00 -13.02
N THR K 245 45.46 24.63 -13.83
CA THR K 245 44.54 23.93 -14.71
C THR K 245 44.96 24.05 -16.18
N ARG K 246 45.01 22.92 -16.86
CA ARG K 246 45.25 22.90 -18.29
C ARG K 246 44.00 22.47 -19.03
N VAL K 247 43.86 22.98 -20.24
CA VAL K 247 42.76 22.61 -21.14
C VAL K 247 43.37 21.92 -22.33
N TYR K 248 43.12 20.63 -22.46
CA TYR K 248 43.65 19.84 -23.56
C TYR K 248 42.64 19.80 -24.69
N TYR K 249 43.09 20.13 -25.90
CA TYR K 249 42.25 20.01 -27.08
C TYR K 249 42.46 18.63 -27.65
N LEU K 250 41.46 17.77 -27.55
CA LEU K 250 41.58 16.42 -28.02
C LEU K 250 41.39 16.38 -29.52
N LYS K 251 42.23 15.59 -30.19
CA LYS K 251 42.06 15.30 -31.60
C LYS K 251 42.03 13.80 -31.76
N TYR K 252 40.93 13.28 -32.31
CA TYR K 252 40.61 11.87 -32.56
C TYR K 252 39.94 11.22 -31.37
N ALA K 253 39.85 11.87 -30.21
CA ALA K 253 39.18 11.32 -29.06
C ALA K 253 37.99 12.20 -28.67
N LYS K 254 37.05 11.59 -27.98
CA LYS K 254 35.84 12.29 -27.55
C LYS K 254 35.97 12.60 -26.07
N ALA K 255 35.85 13.87 -25.71
CA ALA K 255 36.21 14.34 -24.38
C ALA K 255 35.39 13.68 -23.28
N THR K 256 34.08 13.49 -23.55
CA THR K 256 33.20 12.89 -22.57
C THR K 256 33.60 11.44 -22.32
N ASN K 257 33.96 10.74 -23.39
CA ASN K 257 34.45 9.38 -23.30
C ASN K 257 35.73 9.29 -22.51
N LEU K 258 36.65 10.19 -22.82
CA LEU K 258 37.96 10.21 -22.21
C LEU K 258 37.84 10.46 -20.73
N VAL K 259 36.88 11.30 -20.35
CA VAL K 259 36.77 11.68 -18.95
C VAL K 259 36.51 10.45 -18.09
N GLU K 260 35.65 9.55 -18.53
CA GLU K 260 35.34 8.39 -17.70
C GLU K 260 36.60 7.53 -17.49
N VAL K 261 37.35 7.32 -18.57
CA VAL K 261 38.56 6.52 -18.48
C VAL K 261 39.58 7.18 -17.56
N LEU K 262 39.70 8.50 -17.69
CA LEU K 262 40.64 9.27 -16.92
C LEU K 262 40.29 9.24 -15.44
N THR K 263 38.99 9.22 -15.15
CA THR K 263 38.51 9.41 -13.81
C THR K 263 39.09 8.32 -12.93
N GLY K 264 39.17 7.10 -13.46
CA GLY K 264 39.72 6.05 -12.65
C GLY K 264 41.20 6.31 -12.34
N VAL K 265 41.95 6.78 -13.34
CA VAL K 265 43.38 7.05 -13.17
C VAL K 265 43.62 8.14 -12.15
N SER K 266 42.78 9.15 -12.18
CA SER K 266 42.87 10.24 -11.25
C SER K 266 42.33 9.78 -9.90
N GLU K 267 41.28 8.91 -9.93
CA GLU K 267 40.59 8.50 -8.71
C GLU K 267 41.37 7.32 -8.13
N VAL K 288 42.79 15.16 -7.93
CA VAL K 288 42.74 15.60 -9.32
C VAL K 288 41.31 15.60 -9.84
N ALA K 289 40.96 16.62 -10.60
CA ALA K 289 39.62 16.73 -11.18
C ALA K 289 39.70 16.77 -12.70
N ILE K 290 38.98 15.85 -13.34
CA ILE K 290 38.95 15.80 -14.80
C ILE K 290 37.51 16.01 -15.23
N THR K 291 37.28 17.00 -16.08
CA THR K 291 35.97 17.22 -16.65
C THR K 291 36.12 17.70 -18.09
N ALA K 292 35.07 17.51 -18.87
CA ALA K 292 35.13 17.72 -20.32
C ALA K 292 34.15 18.78 -20.76
N ASP K 293 34.52 19.48 -21.82
CA ASP K 293 33.63 20.43 -22.50
C ASP K 293 33.13 19.74 -23.77
N GLU K 294 31.84 19.41 -23.78
CA GLU K 294 31.29 18.67 -24.92
C GLU K 294 31.18 19.54 -26.16
N GLN K 295 31.20 20.87 -26.01
CA GLN K 295 31.08 21.75 -27.17
C GLN K 295 32.39 21.78 -27.95
N THR K 296 33.44 22.33 -27.34
CA THR K 296 34.73 22.42 -28.00
C THR K 296 35.46 21.08 -28.08
N ASN K 297 34.93 20.04 -27.43
CA ASN K 297 35.60 18.74 -27.36
C ASN K 297 36.99 18.89 -26.77
N SER K 298 37.06 19.52 -25.62
CA SER K 298 38.31 19.72 -24.91
C SER K 298 38.17 19.17 -23.49
N LEU K 299 39.30 18.80 -22.92
CA LEU K 299 39.33 18.13 -21.63
C LEU K 299 40.04 19.02 -20.64
N VAL K 300 39.46 19.18 -19.45
CA VAL K 300 39.94 20.11 -18.44
C VAL K 300 40.44 19.31 -17.26
N ILE K 301 41.75 19.33 -17.02
CA ILE K 301 42.37 18.65 -15.89
C ILE K 301 43.02 19.69 -15.00
N THR K 302 42.63 19.72 -13.73
CA THR K 302 43.29 20.54 -12.73
C THR K 302 43.94 19.63 -11.70
N ALA K 303 45.23 19.84 -11.47
CA ALA K 303 46.03 18.94 -10.64
C ALA K 303 47.43 19.52 -10.52
N ASP K 304 48.25 18.88 -9.70
CA ASP K 304 49.62 19.31 -9.49
C ASP K 304 50.41 19.18 -10.79
N GLN K 305 51.46 20.01 -10.90
CA GLN K 305 52.35 19.94 -12.06
C GLN K 305 52.89 18.54 -12.29
N SER K 306 53.01 17.74 -11.22
CA SER K 306 53.48 16.37 -11.37
C SER K 306 52.43 15.51 -12.06
N VAL K 307 51.18 15.60 -11.61
CA VAL K 307 50.11 14.82 -12.23
C VAL K 307 49.87 15.27 -13.66
N GLN K 308 49.96 16.57 -13.91
CA GLN K 308 49.75 17.10 -15.26
C GLN K 308 50.68 16.46 -16.27
N GLU K 309 51.97 16.37 -15.93
CA GLU K 309 52.93 15.82 -16.87
C GLU K 309 52.72 14.32 -17.06
N LYS K 310 52.15 13.64 -16.07
CA LYS K 310 51.87 12.22 -16.23
C LYS K 310 50.59 11.98 -17.03
N LEU K 311 49.53 12.75 -16.76
CA LEU K 311 48.32 12.63 -17.55
C LEU K 311 48.49 13.15 -18.96
N ALA K 312 49.47 14.01 -19.19
CA ALA K 312 49.71 14.49 -20.55
C ALA K 312 50.21 13.37 -21.45
N THR K 313 50.94 12.40 -20.89
CA THR K 313 51.38 11.25 -21.66
C THR K 313 50.27 10.21 -21.80
N VAL K 314 49.45 10.04 -20.75
CA VAL K 314 48.35 9.09 -20.83
C VAL K 314 47.36 9.52 -21.90
N ILE K 315 47.05 10.82 -21.96
CA ILE K 315 46.14 11.30 -22.98
C ILE K 315 46.75 11.17 -24.37
N ALA K 316 48.03 11.51 -24.51
CA ALA K 316 48.67 11.39 -25.81
C ALA K 316 48.67 9.95 -26.31
N ARG K 317 48.78 8.99 -25.39
CA ARG K 317 48.68 7.59 -25.77
C ARG K 317 47.27 7.21 -26.14
N LEU K 318 46.30 7.80 -25.46
CA LEU K 318 44.91 7.38 -25.55
C LEU K 318 44.13 8.20 -26.58
N ASP K 319 44.79 9.18 -27.20
CA ASP K 319 44.17 10.10 -28.15
C ASP K 319 44.40 9.69 -29.59
N ILE K 320 44.98 8.51 -29.83
CA ILE K 320 45.50 8.18 -31.16
C ILE K 320 44.37 8.06 -32.17
N ARG K 321 44.75 8.17 -33.44
CA ARG K 321 43.83 7.97 -34.55
C ARG K 321 43.50 6.49 -34.71
N ARG K 322 42.23 6.21 -34.98
CA ARG K 322 41.71 4.86 -35.02
C ARG K 322 41.41 4.45 -36.46
N ALA K 323 41.63 3.18 -36.76
CA ALA K 323 41.53 2.68 -38.12
C ALA K 323 40.08 2.46 -38.53
N GLN K 324 39.86 2.46 -39.84
CA GLN K 324 38.56 2.21 -40.45
C GLN K 324 38.59 0.88 -41.19
N VAL K 325 37.43 0.23 -41.28
CA VAL K 325 37.34 -1.07 -41.92
C VAL K 325 36.22 -1.02 -42.95
N LEU K 326 36.53 -1.36 -44.19
CA LEU K 326 35.53 -1.62 -45.21
C LEU K 326 35.18 -3.10 -45.19
N VAL K 327 33.92 -3.41 -44.93
CA VAL K 327 33.45 -4.78 -44.78
C VAL K 327 32.49 -5.08 -45.92
N GLU K 328 32.93 -5.90 -46.87
CA GLU K 328 32.03 -6.41 -47.90
C GLU K 328 31.58 -7.81 -47.51
N ALA K 329 30.26 -8.03 -47.55
CA ALA K 329 29.72 -9.37 -47.48
C ALA K 329 29.30 -9.79 -48.88
N ILE K 330 29.42 -11.07 -49.17
CA ILE K 330 29.01 -11.63 -50.45
C ILE K 330 28.08 -12.79 -50.15
N ILE K 331 26.81 -12.64 -50.49
CA ILE K 331 25.83 -13.69 -50.28
C ILE K 331 25.43 -14.21 -51.64
N VAL K 332 25.84 -15.44 -51.94
CA VAL K 332 25.48 -16.09 -53.19
C VAL K 332 24.58 -17.27 -52.87
N GLU K 333 23.42 -17.32 -53.50
CA GLU K 333 22.56 -18.47 -53.40
C GLU K 333 22.17 -18.90 -54.80
N VAL K 334 22.01 -20.21 -55.00
CA VAL K 334 21.51 -20.74 -56.25
C VAL K 334 20.54 -21.86 -55.95
N GLN K 335 19.34 -21.77 -56.49
CA GLN K 335 18.33 -22.80 -56.33
C GLN K 335 17.95 -23.34 -57.69
N ASP K 336 17.61 -24.62 -57.74
CA ASP K 336 16.94 -25.17 -58.90
C ASP K 336 16.25 -26.46 -58.50
N GLY K 337 15.26 -26.84 -59.28
CA GLY K 337 14.61 -28.11 -59.09
C GLY K 337 13.67 -28.41 -60.23
N ASN K 338 13.41 -29.69 -60.49
CA ASN K 338 12.59 -30.08 -61.61
C ASN K 338 11.63 -31.19 -61.20
N GLY K 339 10.34 -30.90 -61.29
CA GLY K 339 9.33 -31.92 -61.10
C GLY K 339 8.92 -32.56 -62.40
N LEU K 340 8.47 -33.81 -62.32
CA LEU K 340 7.86 -34.51 -63.44
C LEU K 340 6.70 -35.33 -62.91
N ASN K 341 5.50 -35.09 -63.42
CA ASN K 341 4.37 -35.93 -63.06
C ASN K 341 3.60 -36.33 -64.31
N LEU K 342 3.63 -37.63 -64.62
CA LEU K 342 2.92 -38.17 -65.78
C LEU K 342 2.16 -39.40 -65.35
N GLY K 343 0.98 -39.60 -65.92
CA GLY K 343 0.19 -40.77 -65.61
C GLY K 343 -0.69 -41.15 -66.76
N VAL K 344 -1.02 -42.44 -66.85
CA VAL K 344 -1.91 -42.95 -67.87
C VAL K 344 -3.10 -43.48 -67.12
N GLN K 345 -4.32 -43.15 -67.54
CA GLN K 345 -5.53 -43.73 -66.98
C GLN K 345 -6.31 -44.23 -68.19
N TRP K 346 -6.84 -45.45 -68.18
CA TRP K 346 -7.65 -45.94 -69.31
C TRP K 346 -9.00 -46.29 -68.70
N ALA K 347 -10.13 -45.90 -69.26
CA ALA K 347 -11.43 -46.30 -68.70
C ALA K 347 -12.17 -47.11 -69.75
N ASN K 348 -12.70 -48.29 -69.45
CA ASN K 348 -13.43 -49.07 -70.47
C ASN K 348 -14.87 -49.36 -70.06
N LYS K 349 -15.85 -49.12 -70.90
CA LYS K 349 -17.20 -49.38 -70.40
C LYS K 349 -17.42 -50.87 -70.11
N ASN K 350 -16.95 -51.72 -71.01
CA ASN K 350 -17.13 -53.16 -70.85
C ASN K 350 -16.43 -53.79 -69.65
N VAL K 351 -15.19 -53.39 -69.40
CA VAL K 351 -14.40 -54.00 -68.32
C VAL K 351 -14.36 -53.17 -67.04
N GLY K 352 -14.09 -51.89 -67.18
CA GLY K 352 -13.92 -51.03 -66.02
C GLY K 352 -12.91 -49.94 -66.32
N ALA K 353 -12.63 -49.09 -65.35
CA ALA K 353 -11.72 -47.98 -65.57
C ALA K 353 -10.63 -47.86 -64.52
N GLN K 354 -9.47 -47.37 -64.92
CA GLN K 354 -8.40 -47.06 -63.99
C GLN K 354 -8.30 -45.55 -63.93
N GLN K 355 -8.43 -44.99 -62.74
CA GLN K 355 -8.44 -43.54 -62.58
C GLN K 355 -7.49 -43.08 -61.50
N PHE K 356 -6.81 -41.96 -61.74
CA PHE K 356 -5.92 -41.35 -60.78
C PHE K 356 -6.29 -39.89 -60.63
N THR K 357 -6.85 -39.54 -59.48
CA THR K 357 -6.81 -38.16 -59.07
C THR K 357 -5.35 -37.82 -58.77
N ASN K 358 -5.03 -36.53 -58.85
CA ASN K 358 -3.70 -35.92 -58.81
C ASN K 358 -3.09 -35.88 -60.20
N THR K 359 -3.67 -36.54 -61.20
CA THR K 359 -3.29 -36.24 -62.56
C THR K 359 -3.74 -34.85 -62.99
N GLY K 360 -4.53 -34.19 -62.15
CA GLY K 360 -5.10 -32.89 -62.44
C GLY K 360 -6.43 -32.97 -63.12
N LEU K 361 -6.69 -34.06 -63.85
CA LEU K 361 -8.02 -34.42 -64.21
C LEU K 361 -8.14 -35.94 -64.15
N PRO K 362 -9.21 -36.46 -63.53
CA PRO K 362 -9.46 -37.89 -63.58
C PRO K 362 -10.18 -38.32 -64.85
N ILE K 363 -10.06 -39.61 -65.16
CA ILE K 363 -10.68 -40.14 -66.37
C ILE K 363 -12.19 -40.03 -66.31
N PHE K 364 -12.78 -40.10 -65.11
CA PHE K 364 -14.22 -40.04 -65.02
C PHE K 364 -14.74 -38.64 -65.32
N ASN K 365 -14.22 -37.62 -64.64
CA ASN K 365 -14.70 -36.27 -64.86
C ASN K 365 -14.32 -35.75 -66.24
N ALA K 366 -13.22 -36.24 -66.80
CA ALA K 366 -12.87 -35.84 -68.16
C ALA K 366 -13.81 -36.46 -69.18
N ALA K 367 -14.13 -37.75 -69.03
CA ALA K 367 -15.03 -38.40 -69.97
C ALA K 367 -16.44 -37.82 -69.90
N GLN K 368 -16.86 -37.35 -68.73
CA GLN K 368 -18.14 -36.65 -68.65
C GLN K 368 -18.07 -35.29 -69.32
N GLY K 369 -16.90 -34.64 -69.29
CA GLY K 369 -16.74 -33.37 -69.93
C GLY K 369 -16.58 -33.47 -71.44
N VAL K 370 -15.81 -34.46 -71.89
CA VAL K 370 -15.64 -34.65 -73.32
C VAL K 370 -16.95 -35.06 -73.96
N ALA K 371 -17.69 -35.97 -73.32
CA ALA K 371 -18.99 -36.37 -73.86
C ALA K 371 -19.95 -35.18 -73.90
N ASP K 372 -20.00 -34.41 -72.82
CA ASP K 372 -20.81 -33.21 -72.81
C ASP K 372 -20.39 -32.23 -73.90
N TYR K 373 -19.09 -32.16 -74.20
CA TYR K 373 -18.61 -31.25 -75.22
C TYR K 373 -19.05 -31.69 -76.61
N LYS K 374 -19.16 -33.00 -76.84
CA LYS K 374 -19.56 -33.47 -78.17
C LYS K 374 -21.04 -33.23 -78.42
N LYS K 375 -21.89 -33.46 -77.42
CA LYS K 375 -23.32 -33.33 -77.64
C LYS K 375 -23.72 -31.88 -77.81
N ASN K 376 -23.19 -30.98 -76.98
CA ASN K 376 -23.60 -29.59 -77.01
C ASN K 376 -22.74 -28.73 -77.91
N GLY K 377 -21.64 -29.26 -78.43
CA GLY K 377 -20.72 -28.48 -79.23
C GLY K 377 -19.84 -27.53 -78.44
N GLY K 378 -20.13 -27.32 -77.16
CA GLY K 378 -19.35 -26.45 -76.31
C GLY K 378 -19.57 -26.85 -74.86
N ILE K 379 -18.98 -26.08 -73.96
CA ILE K 379 -19.07 -26.34 -72.53
C ILE K 379 -19.38 -25.04 -71.82
N THR K 380 -20.52 -25.00 -71.13
CA THR K 380 -20.88 -23.85 -70.30
C THR K 380 -20.04 -23.83 -69.04
N SER K 381 -19.99 -22.66 -68.40
CA SER K 381 -19.28 -22.52 -67.14
C SER K 381 -19.95 -23.32 -66.02
N ALA K 382 -21.19 -23.76 -66.21
CA ALA K 382 -21.88 -24.54 -65.18
C ALA K 382 -21.49 -26.01 -65.21
N ASN K 383 -20.95 -26.49 -66.32
CA ASN K 383 -20.49 -27.87 -66.39
C ASN K 383 -19.43 -28.10 -65.32
N PRO K 384 -19.57 -29.11 -64.47
CA PRO K 384 -18.56 -29.33 -63.42
C PRO K 384 -17.17 -29.55 -63.95
N ALA K 385 -17.02 -29.99 -65.19
CA ALA K 385 -15.70 -30.17 -65.78
C ALA K 385 -15.04 -28.87 -66.17
N TRP K 386 -15.76 -27.74 -66.10
CA TRP K 386 -15.18 -26.47 -66.49
C TRP K 386 -13.95 -26.15 -65.65
N ASP K 387 -14.10 -26.11 -64.33
CA ASP K 387 -12.98 -25.78 -63.46
C ASP K 387 -11.85 -26.78 -63.56
N MET K 388 -12.13 -27.99 -64.02
CA MET K 388 -11.08 -28.99 -64.12
C MET K 388 -10.23 -28.78 -65.37
N PHE K 389 -10.87 -28.48 -66.50
CA PHE K 389 -10.11 -28.16 -67.71
C PHE K 389 -9.55 -26.76 -67.68
N SER K 390 -10.23 -25.82 -67.02
CA SER K 390 -9.78 -24.44 -67.04
C SER K 390 -8.44 -24.29 -66.36
N ALA K 391 -8.19 -25.06 -65.31
CA ALA K 391 -6.87 -25.12 -64.69
C ALA K 391 -6.31 -26.51 -64.93
N TYR K 392 -5.39 -26.61 -65.88
CA TYR K 392 -4.64 -27.83 -66.13
C TYR K 392 -3.36 -27.43 -66.84
N ASN K 393 -2.28 -28.15 -66.57
CA ASN K 393 -1.00 -27.84 -67.17
C ASN K 393 -0.41 -29.11 -67.77
N GLY K 394 0.19 -28.97 -68.95
CA GLY K 394 0.84 -30.08 -69.61
C GLY K 394 -0.01 -30.67 -70.71
N MET K 395 0.52 -31.71 -71.33
CA MET K 395 -0.12 -32.34 -72.47
C MET K 395 -1.07 -33.41 -72.00
N ALA K 396 -2.34 -33.27 -72.33
CA ALA K 396 -3.35 -34.30 -72.09
C ALA K 396 -3.77 -34.86 -73.45
N ALA K 397 -3.34 -36.08 -73.74
CA ALA K 397 -3.56 -36.69 -75.05
C ALA K 397 -4.45 -37.92 -74.88
N GLY K 398 -5.69 -37.82 -75.35
CA GLY K 398 -6.58 -38.95 -75.33
C GLY K 398 -6.50 -39.77 -76.61
N PHE K 399 -6.75 -41.07 -76.48
CA PHE K 399 -6.75 -41.98 -77.61
C PHE K 399 -7.86 -43.01 -77.43
N PHE K 400 -8.72 -43.14 -78.43
CA PHE K 400 -9.80 -44.13 -78.38
C PHE K 400 -9.52 -45.23 -79.39
N ASN K 401 -9.33 -46.44 -78.90
CA ASN K 401 -9.19 -47.63 -79.74
C ASN K 401 -10.40 -48.51 -79.47
N GLY K 402 -11.31 -48.58 -80.44
CA GLY K 402 -12.51 -49.37 -80.24
C GLY K 402 -13.32 -48.81 -79.10
N ASP K 403 -13.60 -49.64 -78.10
CA ASP K 403 -14.31 -49.22 -76.90
C ASP K 403 -13.37 -48.73 -75.81
N TRP K 404 -12.06 -48.91 -75.98
CA TRP K 404 -11.10 -48.51 -74.95
C TRP K 404 -10.83 -47.02 -75.05
N GLY K 405 -11.12 -46.28 -73.99
CA GLY K 405 -10.59 -44.93 -73.84
C GLY K 405 -9.25 -44.97 -73.14
N VAL K 406 -8.37 -44.05 -73.51
CA VAL K 406 -7.05 -43.93 -72.90
C VAL K 406 -6.71 -42.45 -72.82
N LEU K 407 -6.19 -42.03 -71.67
CA LEU K 407 -5.89 -40.63 -71.42
C LEU K 407 -4.52 -40.51 -70.79
N LEU K 408 -3.61 -39.79 -71.46
CA LEU K 408 -2.26 -39.59 -71.00
C LEU K 408 -2.07 -38.14 -70.59
N THR K 409 -1.66 -37.92 -69.35
CA THR K 409 -1.33 -36.59 -68.85
C THR K 409 0.15 -36.56 -68.52
N ALA K 410 0.84 -35.53 -69.00
CA ALA K 410 2.26 -35.41 -68.75
C ALA K 410 2.61 -33.94 -68.54
N LEU K 411 3.32 -33.66 -67.45
CA LEU K 411 3.83 -32.32 -67.18
C LEU K 411 5.21 -32.45 -66.56
N ALA K 412 6.20 -31.77 -67.14
CA ALA K 412 7.53 -31.71 -66.55
C ALA K 412 7.82 -30.26 -66.24
N SER K 413 7.86 -29.92 -64.96
CA SER K 413 8.18 -28.57 -64.53
C SER K 413 9.66 -28.48 -64.20
N ASN K 414 10.23 -27.33 -64.48
CA ASN K 414 11.62 -27.06 -64.14
C ASN K 414 11.72 -25.59 -63.76
N ASN K 415 12.41 -25.29 -62.68
CA ASN K 415 12.66 -23.90 -62.34
C ASN K 415 14.11 -23.73 -61.96
N LYS K 416 14.52 -22.47 -61.87
CA LYS K 416 15.88 -22.12 -61.55
C LYS K 416 15.86 -20.77 -60.89
N ASN K 417 16.78 -20.56 -59.96
CA ASN K 417 16.81 -19.30 -59.24
C ASN K 417 18.25 -19.03 -58.87
N ASP K 418 18.65 -17.76 -58.91
CA ASP K 418 20.01 -17.41 -58.60
C ASP K 418 20.00 -16.02 -57.97
N ILE K 419 20.82 -15.83 -56.94
CA ILE K 419 20.80 -14.62 -56.16
C ILE K 419 22.24 -14.21 -55.87
N LEU K 420 22.48 -12.90 -55.86
CA LEU K 420 23.75 -12.34 -55.46
C LEU K 420 23.48 -11.06 -54.70
N ALA K 421 24.10 -10.92 -53.54
CA ALA K 421 24.00 -9.70 -52.76
C ALA K 421 25.38 -9.35 -52.26
N THR K 422 25.70 -8.07 -52.21
CA THR K 422 27.02 -7.62 -51.76
C THR K 422 26.87 -6.34 -50.95
N PRO K 423 26.29 -6.43 -49.75
CA PRO K 423 26.25 -5.25 -48.88
C PRO K 423 27.64 -4.94 -48.35
N SER K 424 27.99 -3.67 -48.38
CA SER K 424 29.27 -3.22 -47.85
C SER K 424 29.05 -2.00 -46.97
N ILE K 425 29.94 -1.83 -46.00
CA ILE K 425 29.82 -0.77 -45.01
C ILE K 425 31.22 -0.37 -44.60
N VAL K 426 31.43 0.92 -44.38
CA VAL K 426 32.68 1.45 -43.84
C VAL K 426 32.39 1.98 -42.45
N THR K 427 33.28 1.66 -41.51
CA THR K 427 33.08 2.11 -40.15
C THR K 427 34.42 2.13 -39.42
N LEU K 428 34.45 2.91 -38.33
CA LEU K 428 35.62 2.91 -37.46
C LEU K 428 35.65 1.63 -36.66
N ASP K 429 36.85 1.18 -36.32
CA ASP K 429 36.97 0.00 -35.47
C ASP K 429 36.32 0.28 -34.12
N ASN K 430 35.77 -0.77 -33.53
CA ASN K 430 35.11 -0.77 -32.23
C ASN K 430 33.80 0.00 -32.26
N LYS K 431 33.44 0.62 -33.38
CA LYS K 431 32.16 1.27 -33.55
C LYS K 431 31.23 0.39 -34.36
N LEU K 432 29.99 0.25 -33.88
CA LEU K 432 29.01 -0.61 -34.54
C LEU K 432 28.35 0.11 -35.70
N ALA K 433 28.42 -0.48 -36.88
CA ALA K 433 27.77 0.03 -38.06
C ALA K 433 26.69 -0.94 -38.51
N SER K 434 25.63 -0.41 -39.10
CA SER K 434 24.57 -1.23 -39.64
C SER K 434 24.14 -0.67 -40.98
N PHE K 435 23.72 -1.57 -41.86
CA PHE K 435 23.32 -1.23 -43.21
C PHE K 435 22.04 -1.98 -43.52
N ASN K 436 20.96 -1.26 -43.79
CA ASN K 436 19.66 -1.85 -44.04
C ASN K 436 19.19 -1.42 -45.42
N VAL K 437 18.87 -2.39 -46.26
CA VAL K 437 18.16 -2.13 -47.51
C VAL K 437 17.02 -3.11 -47.58
N GLY K 438 15.80 -2.61 -47.57
CA GLY K 438 14.65 -3.48 -47.40
C GLY K 438 13.41 -2.65 -47.19
N GLN K 439 12.45 -3.25 -46.51
CA GLN K 439 11.21 -2.53 -46.24
C GLN K 439 10.76 -2.82 -44.81
N ASP K 440 10.06 -1.84 -44.25
CA ASP K 440 9.61 -1.85 -42.86
C ASP K 440 8.13 -2.20 -42.86
N VAL K 441 7.79 -3.38 -42.34
CA VAL K 441 6.44 -3.91 -42.49
C VAL K 441 5.78 -4.03 -41.12
N PRO K 442 4.48 -3.84 -41.01
CA PRO K 442 3.78 -4.09 -39.75
C PRO K 442 3.56 -5.57 -39.51
N VAL K 443 3.74 -6.00 -38.26
CA VAL K 443 3.46 -7.36 -37.84
C VAL K 443 2.52 -7.33 -36.65
N LEU K 444 1.55 -8.25 -36.65
CA LEU K 444 0.53 -8.28 -35.62
C LEU K 444 1.12 -8.81 -34.32
N SER K 445 0.44 -8.50 -33.21
CA SER K 445 0.86 -8.99 -31.91
C SER K 445 -0.26 -8.97 -30.87
N THR K 458 -3.45 -4.53 -31.98
CA THR K 458 -2.06 -4.21 -31.65
C THR K 458 -1.09 -4.75 -32.70
N VAL K 459 -0.24 -3.87 -33.24
CA VAL K 459 0.73 -4.23 -34.25
C VAL K 459 2.11 -3.75 -33.82
N GLU K 460 3.10 -4.08 -34.64
CA GLU K 460 4.49 -3.77 -34.36
C GLU K 460 5.21 -3.65 -35.69
N ARG K 461 6.28 -2.86 -35.71
CA ARG K 461 6.98 -2.57 -36.94
C ARG K 461 8.24 -3.43 -37.00
N LYS K 462 8.50 -4.02 -38.17
CA LYS K 462 9.62 -4.92 -38.33
C LYS K 462 10.32 -4.64 -39.65
N THR K 463 11.61 -4.38 -39.60
CA THR K 463 12.39 -4.16 -40.82
C THR K 463 12.81 -5.51 -41.40
N VAL K 464 12.52 -5.71 -42.68
CA VAL K 464 12.80 -6.97 -43.35
C VAL K 464 13.48 -6.66 -44.68
N GLY K 465 14.72 -7.10 -44.83
CA GLY K 465 15.44 -6.84 -46.06
C GLY K 465 16.85 -7.33 -45.92
N THR K 466 17.74 -6.82 -46.77
CA THR K 466 19.15 -7.13 -46.67
C THR K 466 19.76 -6.29 -45.56
N LYS K 467 20.29 -6.93 -44.54
CA LYS K 467 20.79 -6.24 -43.37
C LYS K 467 22.20 -6.70 -43.07
N LEU K 468 23.07 -5.76 -42.73
CA LEU K 468 24.42 -6.08 -42.32
C LEU K 468 24.76 -5.23 -41.11
N LYS K 469 25.04 -5.87 -39.99
CA LYS K 469 25.37 -5.19 -38.74
C LYS K 469 26.68 -5.76 -38.25
N VAL K 470 27.74 -4.96 -38.26
CA VAL K 470 29.08 -5.45 -37.98
C VAL K 470 29.78 -4.49 -37.03
N THR K 471 30.50 -5.05 -36.06
CA THR K 471 31.38 -4.27 -35.18
C THR K 471 32.80 -4.71 -35.41
N PRO K 472 33.63 -3.94 -36.10
CA PRO K 472 35.02 -4.35 -36.33
C PRO K 472 35.90 -4.05 -35.13
N GLN K 473 36.95 -4.85 -35.00
CA GLN K 473 38.03 -4.63 -34.06
C GLN K 473 39.33 -4.92 -34.78
N VAL K 474 40.19 -3.92 -34.94
CA VAL K 474 41.42 -4.09 -35.72
C VAL K 474 42.53 -4.49 -34.75
N ASN K 475 42.95 -5.74 -34.81
CA ASN K 475 44.03 -6.19 -33.95
C ASN K 475 45.03 -7.14 -34.60
N GLU K 476 46.29 -6.72 -34.70
CA GLU K 476 46.67 -5.32 -34.66
C GLU K 476 47.53 -5.23 -35.89
N GLY K 477 47.69 -4.06 -36.48
CA GLY K 477 48.24 -4.10 -37.81
C GLY K 477 47.20 -4.77 -38.70
N ASP K 478 47.56 -5.91 -39.27
CA ASP K 478 46.64 -6.64 -40.14
C ASP K 478 45.56 -7.33 -39.32
N ALA K 479 44.81 -8.20 -39.99
CA ALA K 479 43.60 -8.84 -39.55
C ALA K 479 42.54 -7.87 -39.07
N VAL K 480 41.60 -8.34 -38.24
CA VAL K 480 40.42 -7.65 -37.72
C VAL K 480 39.64 -8.69 -36.95
N LEU K 481 38.75 -8.25 -36.07
CA LEU K 481 37.77 -9.12 -35.45
C LEU K 481 36.40 -8.60 -35.82
N LEU K 482 35.70 -9.33 -36.66
CA LEU K 482 34.40 -8.91 -37.15
C LEU K 482 33.34 -9.69 -36.39
N GLU K 483 32.51 -8.99 -35.63
CA GLU K 483 31.29 -9.58 -35.11
C GLU K 483 30.21 -9.25 -36.12
N ILE K 484 29.77 -10.25 -36.87
CA ILE K 484 28.83 -10.06 -37.95
C ILE K 484 27.47 -10.52 -37.47
N GLU K 485 26.46 -9.69 -37.70
CA GLU K 485 25.07 -10.13 -37.66
C GLU K 485 24.45 -9.65 -38.96
N GLN K 486 24.13 -10.57 -39.85
CA GLN K 486 23.52 -10.17 -41.10
C GLN K 486 22.40 -11.12 -41.45
N GLU K 487 21.50 -10.66 -42.31
CA GLU K 487 20.49 -11.54 -42.85
C GLU K 487 19.96 -10.96 -44.15
N VAL K 488 19.40 -11.83 -44.96
CA VAL K 488 18.65 -11.45 -46.13
C VAL K 488 17.25 -11.99 -45.93
N SER K 489 16.30 -11.11 -45.69
CA SER K 489 14.93 -11.52 -45.41
C SER K 489 13.98 -10.75 -46.30
N SER K 490 12.81 -11.34 -46.54
CA SER K 490 11.84 -10.74 -47.42
C SER K 490 10.45 -11.21 -47.02
N VAL K 491 9.45 -10.38 -47.31
CA VAL K 491 8.08 -10.77 -47.06
C VAL K 491 7.68 -11.86 -48.03
N ASP K 492 6.99 -12.87 -47.54
CA ASP K 492 6.53 -13.98 -48.37
C ASP K 492 5.14 -13.63 -48.88
N SER K 493 5.04 -13.40 -50.18
CA SER K 493 3.78 -12.97 -50.78
C SER K 493 2.72 -14.06 -50.65
N SER K 494 3.07 -15.29 -51.00
CA SER K 494 2.18 -16.40 -50.77
C SER K 494 2.02 -16.67 -49.28
N SER K 495 0.98 -17.41 -48.93
CA SER K 495 0.76 -17.87 -47.56
C SER K 495 0.57 -16.69 -46.61
N ASN K 496 -0.30 -15.77 -46.99
CA ASN K 496 -0.71 -14.74 -46.05
C ASN K 496 -1.74 -15.34 -45.08
N SER K 497 -1.80 -14.75 -43.89
CA SER K 497 -2.66 -15.28 -42.85
C SER K 497 -3.26 -14.12 -42.05
N THR K 498 -4.29 -14.43 -41.28
CA THR K 498 -4.89 -13.45 -40.40
C THR K 498 -4.00 -13.16 -39.19
N LEU K 499 -3.05 -14.04 -38.89
CA LEU K 499 -2.16 -13.79 -37.77
C LEU K 499 -1.05 -12.82 -38.13
N GLY K 500 -0.71 -12.71 -39.41
CA GLY K 500 0.29 -11.77 -39.85
C GLY K 500 1.05 -12.29 -41.04
N PRO K 501 2.04 -11.52 -41.51
CA PRO K 501 2.88 -11.98 -42.60
C PRO K 501 3.95 -12.95 -42.12
N THR K 502 4.37 -13.83 -43.02
CA THR K 502 5.59 -14.57 -42.79
C THR K 502 6.73 -13.87 -43.53
N PHE K 503 7.94 -14.34 -43.30
CA PHE K 503 9.11 -13.75 -43.92
C PHE K 503 10.08 -14.87 -44.21
N ASN K 504 10.74 -14.82 -45.36
CA ASN K 504 11.79 -15.77 -45.69
C ASN K 504 13.11 -15.18 -45.21
N THR K 505 13.69 -15.77 -44.17
CA THR K 505 14.88 -15.21 -43.54
C THR K 505 16.05 -16.16 -43.74
N ARG K 506 17.19 -15.60 -44.13
CA ARG K 506 18.46 -16.31 -44.09
C ARG K 506 19.39 -15.50 -43.20
N THR K 507 19.67 -16.01 -42.01
CA THR K 507 20.36 -15.24 -40.99
C THR K 507 21.62 -15.98 -40.56
N ILE K 508 22.70 -15.23 -40.42
CA ILE K 508 23.96 -15.76 -39.93
C ILE K 508 24.59 -14.73 -39.00
N GLN K 509 24.91 -15.12 -37.78
CA GLN K 509 25.58 -14.24 -36.85
C GLN K 509 26.71 -15.00 -36.19
N ASN K 510 27.93 -14.47 -36.33
CA ASN K 510 29.10 -15.10 -35.77
C ASN K 510 30.18 -14.05 -35.64
N ALA K 511 31.18 -14.34 -34.83
CA ALA K 511 32.39 -13.55 -34.76
C ALA K 511 33.49 -14.31 -35.48
N VAL K 512 34.28 -13.59 -36.26
CA VAL K 512 35.34 -14.22 -37.03
C VAL K 512 36.50 -13.24 -37.09
N LEU K 513 37.70 -13.76 -37.29
CA LEU K 513 38.93 -12.98 -37.35
C LEU K 513 39.56 -13.20 -38.71
N VAL K 514 39.59 -12.16 -39.53
CA VAL K 514 39.95 -12.29 -40.94
C VAL K 514 41.12 -11.36 -41.21
N LYS K 515 42.06 -11.79 -42.05
CA LYS K 515 43.15 -10.92 -42.41
C LYS K 515 42.66 -9.79 -43.32
N THR K 516 43.44 -8.71 -43.38
CA THR K 516 42.94 -7.45 -43.88
C THR K 516 42.56 -7.47 -45.35
N GLY K 517 43.12 -8.36 -46.15
CA GLY K 517 42.79 -8.34 -47.56
C GLY K 517 41.95 -9.49 -48.05
N GLU K 518 41.65 -10.44 -47.17
CA GLU K 518 41.26 -11.78 -47.59
C GLU K 518 39.75 -11.95 -47.59
N THR K 519 39.27 -12.72 -48.56
CA THR K 519 37.88 -13.14 -48.64
C THR K 519 37.76 -14.52 -48.02
N VAL K 520 36.88 -14.66 -47.03
CA VAL K 520 36.74 -15.89 -46.29
C VAL K 520 35.26 -16.21 -46.13
N VAL K 521 34.96 -17.48 -45.91
CA VAL K 521 33.58 -17.94 -45.87
C VAL K 521 33.06 -17.85 -44.44
N LEU K 522 31.92 -17.18 -44.28
CA LEU K 522 31.28 -17.13 -42.97
C LEU K 522 30.44 -18.36 -42.70
N GLY K 523 29.81 -18.90 -43.72
CA GLY K 523 28.92 -20.03 -43.51
C GLY K 523 28.35 -20.48 -44.83
N GLY K 524 27.28 -21.24 -44.75
CA GLY K 524 26.63 -21.72 -45.96
C GLY K 524 25.69 -22.84 -45.64
N LEU K 525 24.85 -23.14 -46.62
CA LEU K 525 23.91 -24.24 -46.53
C LEU K 525 23.81 -24.89 -47.90
N LEU K 526 24.02 -26.20 -47.95
CA LEU K 526 23.76 -26.98 -49.14
C LEU K 526 22.60 -27.90 -48.81
N ASP K 527 21.45 -27.62 -49.39
CA ASP K 527 20.22 -28.31 -49.08
C ASP K 527 19.71 -28.97 -50.34
N ASP K 528 19.40 -30.25 -50.27
CA ASP K 528 19.02 -31.02 -51.44
C ASP K 528 17.92 -31.98 -51.08
N PHE K 529 16.92 -32.08 -51.95
CA PHE K 529 15.67 -32.74 -51.64
C PHE K 529 15.15 -33.44 -52.87
N SER K 530 14.68 -34.68 -52.72
CA SER K 530 14.09 -35.42 -53.82
C SER K 530 12.89 -36.19 -53.31
N LYS K 531 11.76 -35.99 -53.96
CA LYS K 531 10.51 -36.63 -53.58
C LYS K 531 10.06 -37.52 -54.73
N GLU K 532 9.25 -38.52 -54.41
CA GLU K 532 8.66 -39.36 -55.43
C GLU K 532 7.35 -39.91 -54.90
N GLN K 533 6.40 -40.11 -55.81
CA GLN K 533 5.16 -40.78 -55.49
C GLN K 533 4.70 -41.51 -56.73
N VAL K 534 4.19 -42.72 -56.56
CA VAL K 534 3.52 -43.42 -57.65
C VAL K 534 2.23 -43.97 -57.11
N SER K 535 1.20 -43.99 -57.96
CA SER K 535 -0.04 -44.68 -57.69
C SER K 535 -0.25 -45.65 -58.84
N LYS K 536 -0.24 -46.94 -58.55
CA LYS K 536 -0.22 -47.93 -59.61
C LYS K 536 -1.24 -49.03 -59.34
N VAL K 537 -1.44 -49.84 -60.37
CA VAL K 537 -2.19 -51.09 -60.22
C VAL K 537 -1.23 -52.17 -59.74
N PRO K 538 -1.55 -52.91 -58.68
CA PRO K 538 -0.49 -53.56 -57.89
C PRO K 538 0.44 -54.48 -58.65
N LEU K 539 -0.08 -55.44 -59.41
CA LEU K 539 0.81 -56.30 -60.16
C LEU K 539 1.23 -55.69 -61.49
N LEU K 540 0.29 -55.08 -62.19
CA LEU K 540 0.57 -54.58 -63.53
C LEU K 540 1.56 -53.44 -63.51
N GLY K 541 1.50 -52.58 -62.50
CA GLY K 541 2.38 -51.43 -62.43
C GLY K 541 3.85 -51.76 -62.25
N ASP K 542 4.18 -52.99 -61.91
CA ASP K 542 5.56 -53.39 -61.71
C ASP K 542 6.19 -54.08 -62.91
N ILE K 543 5.43 -54.28 -63.99
CA ILE K 543 6.02 -54.82 -65.21
C ILE K 543 7.09 -53.86 -65.70
N PRO K 544 8.31 -54.32 -66.02
CA PRO K 544 9.45 -53.39 -66.10
C PRO K 544 9.26 -52.20 -67.04
N LEU K 545 8.74 -52.43 -68.25
CA LEU K 545 8.54 -51.35 -69.20
C LEU K 545 7.07 -50.98 -69.32
N VAL K 546 6.24 -51.94 -69.74
CA VAL K 546 4.80 -51.71 -69.90
C VAL K 546 4.17 -51.15 -68.63
N GLY K 547 4.74 -51.46 -67.48
CA GLY K 547 4.14 -51.07 -66.21
C GLY K 547 3.91 -49.59 -66.04
N GLN K 548 4.60 -48.75 -66.82
CA GLN K 548 4.38 -47.31 -66.73
C GLN K 548 3.01 -46.90 -67.25
N LEU K 549 2.31 -47.78 -67.96
CA LEU K 549 0.97 -47.45 -68.41
C LEU K 549 -0.03 -47.47 -67.26
N PHE K 550 0.19 -48.32 -66.28
CA PHE K 550 -0.74 -48.43 -65.17
C PHE K 550 -0.49 -47.44 -64.06
N ARG K 551 0.76 -47.08 -63.82
CA ARG K 551 1.10 -46.18 -62.72
C ARG K 551 0.95 -44.70 -63.09
N TYR K 552 0.74 -43.88 -62.06
CA TYR K 552 0.84 -42.44 -62.13
C TYR K 552 2.00 -41.99 -61.25
N THR K 553 3.07 -41.50 -61.88
CA THR K 553 4.27 -41.07 -61.18
C THR K 553 4.27 -39.56 -61.04
N SER K 554 4.64 -39.06 -59.87
CA SER K 554 4.89 -37.64 -59.67
C SER K 554 6.20 -37.49 -58.94
N THR K 555 7.19 -36.89 -59.59
CA THR K 555 8.53 -36.77 -59.08
C THR K 555 8.84 -35.30 -58.81
N GLU K 556 9.77 -35.05 -57.89
CA GLU K 556 10.17 -33.70 -57.59
C GLU K 556 11.61 -33.72 -57.11
N ARG K 557 12.29 -32.60 -57.28
CA ARG K 557 13.66 -32.42 -56.81
C ARG K 557 13.87 -30.96 -56.51
N ALA K 558 14.81 -30.68 -55.62
CA ALA K 558 15.15 -29.30 -55.29
C ALA K 558 16.61 -29.26 -54.86
N LYS K 559 17.23 -28.11 -55.03
CA LYS K 559 18.57 -27.86 -54.58
C LYS K 559 18.67 -26.43 -54.12
N ARG K 560 19.38 -26.20 -53.03
CA ARG K 560 19.73 -24.86 -52.59
C ARG K 560 21.17 -24.86 -52.16
N ASN K 561 22.00 -24.06 -52.80
CA ASN K 561 23.39 -23.94 -52.41
C ASN K 561 23.63 -22.49 -52.03
N LEU K 562 23.84 -22.24 -50.74
CA LEU K 562 24.02 -20.91 -50.20
C LEU K 562 25.42 -20.78 -49.63
N MET K 563 26.09 -19.66 -49.92
CA MET K 563 27.40 -19.36 -49.37
C MET K 563 27.41 -17.91 -48.94
N VAL K 564 28.09 -17.64 -47.84
CA VAL K 564 28.24 -16.27 -47.34
C VAL K 564 29.72 -16.03 -47.13
N PHE K 565 30.24 -14.98 -47.75
CA PHE K 565 31.64 -14.62 -47.65
C PHE K 565 31.75 -13.23 -47.04
N ILE K 566 32.92 -12.92 -46.49
CA ILE K 566 33.17 -11.62 -45.91
C ILE K 566 34.58 -11.21 -46.29
N ARG K 567 34.73 -10.01 -46.84
CA ARG K 567 36.06 -9.45 -47.09
C ARG K 567 36.23 -8.15 -46.34
N PRO K 568 37.00 -8.12 -45.25
CA PRO K 568 37.35 -6.85 -44.63
C PRO K 568 38.50 -6.19 -45.37
N THR K 569 38.59 -4.87 -45.21
CA THR K 569 39.73 -4.09 -45.68
C THR K 569 39.97 -2.98 -44.68
N ILE K 570 41.22 -2.80 -44.27
CA ILE K 570 41.55 -1.80 -43.27
C ILE K 570 42.01 -0.52 -43.97
N ILE K 571 41.44 0.61 -43.56
CA ILE K 571 41.89 1.91 -44.03
C ILE K 571 42.75 2.51 -42.92
N ARG K 572 44.06 2.56 -43.16
CA ARG K 572 44.96 3.18 -42.20
C ARG K 572 45.01 4.69 -42.37
N ASP K 573 45.04 5.17 -43.62
CA ASP K 573 45.22 6.59 -43.89
C ASP K 573 44.26 7.01 -44.99
N ASP K 574 44.18 8.33 -45.20
CA ASP K 574 43.27 8.87 -46.21
C ASP K 574 43.63 8.38 -47.60
N ASP K 575 44.92 8.33 -47.93
CA ASP K 575 45.31 8.09 -49.31
C ASP K 575 44.86 6.74 -49.82
N VAL K 576 44.75 5.74 -48.94
CA VAL K 576 44.23 4.44 -49.37
C VAL K 576 42.71 4.47 -49.43
N TYR K 577 42.08 5.42 -48.76
CA TYR K 577 40.63 5.48 -48.73
C TYR K 577 40.06 6.38 -49.81
N ARG K 578 40.89 7.16 -50.50
CA ARG K 578 40.50 7.68 -51.80
C ARG K 578 40.49 6.57 -52.84
N SER K 579 41.62 5.86 -52.98
CA SER K 579 41.73 4.84 -54.01
C SER K 579 40.67 3.77 -53.83
N LEU K 580 40.34 3.44 -52.60
CA LEU K 580 39.26 2.52 -52.33
C LEU K 580 37.92 3.11 -52.72
N SER K 581 37.73 4.40 -52.46
CA SER K 581 36.50 5.08 -52.85
C SER K 581 36.51 5.45 -54.32
N LYS K 582 37.68 5.77 -54.87
CA LYS K 582 37.76 6.15 -56.26
C LYS K 582 37.44 5.00 -57.18
N GLU K 583 37.79 3.77 -56.80
CA GLU K 583 37.52 2.65 -57.68
C GLU K 583 36.06 2.22 -57.62
N LYS K 584 35.38 2.47 -56.51
CA LYS K 584 33.94 2.25 -56.49
C LYS K 584 33.20 3.39 -57.15
N TYR K 585 33.69 4.62 -56.98
CA TYR K 585 33.08 5.77 -57.62
C TYR K 585 33.20 5.69 -59.13
N THR K 586 34.35 5.20 -59.62
CA THR K 586 34.57 5.09 -61.05
C THR K 586 33.91 3.85 -61.65
N ARG K 587 34.02 2.70 -60.96
CA ARG K 587 33.37 1.50 -61.46
C ARG K 587 31.86 1.68 -61.52
N TYR K 588 31.30 2.50 -60.63
CA TYR K 588 29.89 2.81 -60.72
C TYR K 588 29.61 3.83 -61.81
N ARG K 589 30.51 4.82 -61.95
CA ARG K 589 30.35 5.82 -63.00
C ARG K 589 30.51 5.21 -64.38
N GLN K 590 31.54 4.38 -64.56
CA GLN K 590 31.74 3.71 -65.84
C GLN K 590 30.63 2.72 -66.13
N GLU K 591 29.89 2.28 -65.12
CA GLU K 591 28.74 1.43 -65.37
C GLU K 591 27.54 2.25 -65.84
N GLN K 592 27.36 3.44 -65.26
CA GLN K 592 26.31 4.34 -65.76
C GLN K 592 26.59 4.78 -67.19
N GLN K 593 27.85 5.13 -67.48
CA GLN K 593 28.19 5.54 -68.83
C GLN K 593 28.02 4.39 -69.82
N GLN K 594 28.20 3.16 -69.37
CA GLN K 594 27.95 2.02 -70.24
C GLN K 594 26.47 1.85 -70.52
N ARG K 595 25.63 2.15 -69.52
CA ARG K 595 24.18 2.03 -69.70
C ARG K 595 23.64 3.14 -70.60
N ILE K 596 24.30 4.30 -70.61
CA ILE K 596 23.89 5.37 -71.51
C ILE K 596 24.22 4.99 -72.95
N ASP K 597 25.38 4.35 -73.16
CA ASP K 597 25.73 3.90 -74.49
C ASP K 597 25.04 2.59 -74.87
N GLY K 598 24.58 1.82 -73.88
CA GLY K 598 23.90 0.58 -74.16
C GLY K 598 22.52 0.75 -74.72
N LYS K 599 21.85 1.86 -74.42
CA LYS K 599 20.55 2.12 -75.01
C LYS K 599 20.72 2.55 -76.46
N SER K 600 19.85 2.05 -77.32
CA SER K 600 19.93 2.31 -78.74
C SER K 600 18.96 3.42 -79.13
N LYS K 601 19.43 4.33 -79.97
CA LYS K 601 18.55 5.32 -80.58
C LYS K 601 17.59 4.62 -81.54
N ALA K 602 16.52 5.33 -81.88
CA ALA K 602 15.40 4.89 -82.71
C ALA K 602 14.41 4.07 -81.90
N LEU K 603 14.67 3.83 -80.62
CA LEU K 603 13.66 3.34 -79.69
C LEU K 603 13.51 4.35 -78.56
N VAL K 604 12.27 4.57 -78.13
CA VAL K 604 12.05 5.50 -77.03
C VAL K 604 12.57 4.90 -75.74
N GLY K 605 13.30 5.71 -74.97
CA GLY K 605 13.84 5.27 -73.71
C GLY K 605 13.96 6.43 -72.74
N SER K 606 14.26 6.09 -71.49
CA SER K 606 14.39 7.10 -70.47
C SER K 606 15.60 7.97 -70.73
N GLU K 607 15.45 9.27 -70.50
CA GLU K 607 16.60 10.16 -70.56
C GLU K 607 17.47 9.96 -69.34
N ASP K 608 18.78 9.89 -69.57
CA ASP K 608 19.72 9.51 -68.53
C ASP K 608 19.86 10.61 -67.49
N LEU K 609 20.28 10.22 -66.29
CA LEU K 609 20.65 11.19 -65.28
C LEU K 609 22.03 11.76 -65.62
N PRO K 610 22.40 12.88 -65.01
CA PRO K 610 23.81 13.26 -65.02
C PRO K 610 24.62 12.21 -64.26
N VAL K 611 25.72 11.78 -64.85
CA VAL K 611 26.49 10.67 -64.32
C VAL K 611 27.57 11.22 -63.40
N LEU K 612 27.35 11.08 -62.09
CA LEU K 612 28.28 11.49 -61.04
C LEU K 612 28.93 12.82 -61.35
N ASP K 613 30.24 12.92 -61.14
CA ASP K 613 31.04 14.09 -61.48
C ASP K 613 32.40 13.62 -61.96
N GLU K 614 32.88 14.22 -63.03
CA GLU K 614 34.18 13.85 -63.58
C GLU K 614 35.34 14.43 -62.80
N ASN K 615 35.21 15.67 -62.31
CA ASN K 615 36.31 16.33 -61.64
C ASN K 615 36.61 15.76 -60.26
N THR K 616 35.67 15.00 -59.68
CA THR K 616 35.92 14.40 -58.37
C THR K 616 37.11 13.44 -58.47
N PHE K 617 37.92 13.41 -57.42
CA PHE K 617 39.16 12.64 -57.38
C PHE K 617 40.14 13.13 -58.43
N GLY L 99 62.16 79.73 53.01
CA GLY L 99 63.40 79.17 53.51
C GLY L 99 63.23 78.17 54.63
N ASP L 100 63.05 78.68 55.84
CA ASP L 100 62.85 77.85 57.02
C ASP L 100 61.38 77.65 57.34
N GLU L 101 60.48 78.12 56.47
CA GLU L 101 59.07 78.18 56.84
C GLU L 101 58.44 76.79 56.81
N LEU L 102 57.95 76.35 57.97
CA LEU L 102 57.45 74.99 58.13
C LEU L 102 55.97 74.97 57.83
N VAL L 103 55.60 74.33 56.73
CA VAL L 103 54.20 74.24 56.32
C VAL L 103 53.95 72.85 55.77
N THR L 104 52.70 72.43 55.82
CA THR L 104 52.25 71.18 55.25
C THR L 104 51.56 71.43 53.92
N ARG L 105 52.00 70.67 52.92
CA ARG L 105 51.46 70.82 51.56
C ARG L 105 51.49 69.43 50.93
N ILE L 106 50.47 69.18 50.10
CA ILE L 106 50.02 67.84 49.80
C ILE L 106 49.84 67.69 48.29
N VAL L 107 50.63 66.80 47.69
CA VAL L 107 50.53 66.48 46.26
C VAL L 107 50.24 64.99 46.10
N PRO L 108 49.17 64.59 45.41
CA PRO L 108 48.99 63.18 45.07
C PRO L 108 49.92 62.74 43.93
N LEU L 109 50.22 61.45 43.91
CA LEU L 109 50.67 60.75 42.71
C LEU L 109 49.47 59.99 42.16
N GLU L 110 48.87 60.51 41.09
CA GLU L 110 47.65 59.85 40.60
C GLU L 110 47.99 58.65 39.74
N ASN L 111 48.99 58.80 38.88
CA ASN L 111 49.43 57.76 37.95
C ASN L 111 49.78 56.47 38.67
N VAL L 112 50.50 56.56 39.80
CA VAL L 112 51.05 55.40 40.50
C VAL L 112 50.50 55.45 41.93
N PRO L 113 50.44 54.35 42.67
CA PRO L 113 50.31 54.48 44.13
C PRO L 113 51.58 55.10 44.72
N ALA L 114 51.38 56.13 45.54
CA ALA L 114 52.49 56.96 46.03
C ALA L 114 53.44 56.20 46.95
N ARG L 115 53.11 54.96 47.31
CA ARG L 115 53.89 54.18 48.27
C ARG L 115 55.38 54.21 47.93
N ASP L 116 55.71 54.15 46.64
CA ASP L 116 57.09 54.05 46.16
C ASP L 116 57.97 55.25 46.53
N LEU L 117 57.40 56.36 47.02
CA LEU L 117 58.25 57.45 47.48
C LEU L 117 58.48 57.45 48.99
N ALA L 118 57.99 56.44 49.71
CA ALA L 118 58.20 56.42 51.17
C ALA L 118 59.67 56.33 51.55
N PRO L 119 60.50 55.46 50.99
CA PRO L 119 61.94 55.56 51.27
C PRO L 119 62.55 56.85 50.73
N LEU L 120 62.06 57.36 49.60
CA LEU L 120 62.65 58.54 49.01
C LEU L 120 62.36 59.79 49.85
N LEU L 121 61.08 60.00 50.19
CA LEU L 121 60.66 61.26 50.78
C LEU L 121 60.91 61.34 52.28
N ARG L 122 60.65 60.26 53.02
CA ARG L 122 61.13 60.23 54.40
C ARG L 122 62.64 60.04 54.43
N GLN L 123 63.24 59.62 53.31
CA GLN L 123 64.67 59.80 53.16
C GLN L 123 65.01 61.29 53.04
N MET L 124 64.09 62.11 52.49
CA MET L 124 64.34 63.54 52.42
C MET L 124 64.04 64.24 53.74
N MET L 125 63.13 63.69 54.56
CA MET L 125 63.21 63.95 55.99
C MET L 125 64.60 63.64 56.51
N ASP L 126 65.07 62.43 56.23
CA ASP L 126 66.36 61.93 56.63
C ASP L 126 67.51 62.60 55.87
N ALA L 127 67.20 63.49 54.92
CA ALA L 127 68.24 64.24 54.24
C ALA L 127 68.81 65.38 55.07
N GLY L 128 67.96 66.11 55.79
CA GLY L 128 68.41 67.31 56.47
C GLY L 128 67.63 67.54 57.73
N SER L 129 67.98 68.63 58.43
CA SER L 129 67.51 68.84 59.79
C SER L 129 65.98 68.77 59.86
N VAL L 130 65.51 67.98 60.83
CA VAL L 130 64.19 67.37 60.78
C VAL L 130 63.16 68.38 61.28
N GLY L 131 61.95 67.90 61.58
CA GLY L 131 60.74 68.70 61.52
C GLY L 131 59.86 68.36 60.35
N ASN L 132 60.08 67.19 59.74
CA ASN L 132 59.39 66.78 58.52
C ASN L 132 58.41 65.67 58.82
N VAL L 133 57.36 65.61 58.00
CA VAL L 133 56.43 64.48 57.93
C VAL L 133 56.12 64.20 56.47
N VAL L 134 56.13 62.92 56.12
CA VAL L 134 55.62 62.46 54.83
C VAL L 134 54.64 61.34 55.17
N HIS L 135 53.50 61.31 54.47
CA HIS L 135 52.44 60.38 54.82
C HIS L 135 51.55 60.17 53.59
N TYR L 136 50.73 59.12 53.64
CA TYR L 136 50.18 58.49 52.45
C TYR L 136 48.72 58.14 52.65
N GLU L 137 47.83 58.69 51.77
CA GLU L 137 46.48 58.15 51.92
C GLU L 137 46.24 56.96 50.99
N PRO L 138 45.25 56.11 51.30
CA PRO L 138 44.83 55.08 50.35
C PRO L 138 44.43 55.67 49.02
N SER L 139 43.78 56.84 49.09
CA SER L 139 43.34 57.61 47.93
C SER L 139 44.54 58.10 47.13
N ASN L 140 45.76 57.81 47.62
CA ASN L 140 47.00 58.02 46.90
C ASN L 140 47.32 59.51 46.72
N VAL L 141 46.96 60.31 47.73
CA VAL L 141 47.49 61.64 47.89
C VAL L 141 48.66 61.55 48.86
N LEU L 142 49.69 62.35 48.60
CA LEU L 142 50.92 62.28 49.36
C LEU L 142 51.06 63.58 50.15
N ILE L 143 50.94 63.48 51.47
CA ILE L 143 50.81 64.66 52.32
C ILE L 143 52.14 64.93 53.03
N LEU L 144 52.56 66.20 52.99
CA LEU L 144 53.87 66.59 53.49
C LEU L 144 53.77 67.67 54.55
N THR L 145 54.81 67.71 55.38
CA THR L 145 55.04 68.76 56.36
C THR L 145 56.54 69.02 56.39
N GLY L 146 56.93 70.29 56.31
CA GLY L 146 58.34 70.60 56.45
C GLY L 146 58.66 72.05 56.12
N ARG L 147 59.93 72.40 56.37
CA ARG L 147 60.42 73.73 56.06
C ARG L 147 60.51 73.92 54.54
N ALA L 148 60.61 75.18 54.13
CA ALA L 148 60.31 75.58 52.75
C ALA L 148 61.21 74.92 51.72
N SER L 149 62.50 74.72 52.03
CA SER L 149 63.39 74.13 51.03
C SER L 149 63.21 72.61 50.95
N THR L 150 63.27 71.93 52.10
CA THR L 150 63.07 70.49 52.12
C THR L 150 61.78 70.13 51.42
N ILE L 151 60.75 70.94 51.61
CA ILE L 151 59.51 70.68 50.88
C ILE L 151 59.61 71.12 49.43
N ASN L 152 60.43 72.13 49.11
CA ASN L 152 60.64 72.44 47.69
C ASN L 152 61.03 71.20 46.93
N LYS L 153 62.09 70.52 47.38
CA LYS L 153 62.57 69.39 46.60
C LYS L 153 61.83 68.09 46.96
N LEU L 154 61.09 68.07 48.08
CA LEU L 154 60.13 66.98 48.30
C LEU L 154 58.98 67.02 47.31
N ILE L 155 58.24 68.14 47.27
CA ILE L 155 57.13 68.24 46.34
C ILE L 155 57.64 68.18 44.90
N GLU L 156 58.88 68.64 44.66
CA GLU L 156 59.56 68.30 43.42
C GLU L 156 59.52 66.81 43.16
N VAL L 157 59.96 66.01 44.15
CA VAL L 157 59.95 64.57 43.94
C VAL L 157 58.54 64.11 43.58
N ILE L 158 57.54 64.72 44.21
CA ILE L 158 56.19 64.13 44.15
C ILE L 158 55.51 64.42 42.81
N LYS L 159 55.47 65.68 42.38
CA LYS L 159 54.94 65.91 41.04
C LYS L 159 55.80 65.21 40.00
N ARG L 160 57.12 65.18 40.24
CA ARG L 160 58.01 64.39 39.40
C ARG L 160 57.45 62.99 39.22
N VAL L 161 57.44 62.19 40.28
CA VAL L 161 57.04 60.79 40.17
C VAL L 161 55.61 60.66 39.63
N ASP L 162 54.80 61.70 39.79
CA ASP L 162 53.51 61.75 39.09
C ASP L 162 53.69 61.68 37.58
N VAL L 163 54.23 62.76 36.99
CA VAL L 163 54.19 62.87 35.53
C VAL L 163 55.30 62.03 34.89
N ILE L 164 56.19 61.48 35.70
CA ILE L 164 57.14 60.50 35.20
C ILE L 164 56.64 59.10 35.50
N GLY L 165 55.55 59.01 36.25
CA GLY L 165 54.80 57.77 36.31
C GLY L 165 53.60 57.82 35.39
N THR L 166 53.57 58.79 34.49
CA THR L 166 52.47 58.94 33.54
C THR L 166 52.17 57.66 32.75
N GLU L 167 50.92 57.23 32.82
CA GLU L 167 50.25 56.57 31.71
C GLU L 167 48.79 56.97 31.71
N LYS L 168 48.34 57.50 30.57
CA LYS L 168 47.13 58.30 30.50
C LYS L 168 46.38 57.99 29.20
N GLN L 169 45.09 58.32 29.19
CA GLN L 169 44.13 57.72 28.29
C GLN L 169 43.97 58.54 27.01
N GLN L 170 43.75 57.84 25.89
CA GLN L 170 43.27 58.51 24.70
C GLN L 170 42.49 57.52 23.85
N ILE L 171 41.45 57.99 23.19
CA ILE L 171 40.74 57.11 22.27
C ILE L 171 40.69 57.83 20.93
N ILE L 172 40.95 57.06 19.88
CA ILE L 172 41.32 57.62 18.58
C ILE L 172 40.45 56.97 17.51
N HIS L 173 40.26 57.67 16.40
CA HIS L 173 39.46 57.17 15.29
C HIS L 173 40.18 56.02 14.57
N LEU L 174 39.41 55.23 13.85
CA LEU L 174 39.91 54.37 12.78
C LEU L 174 39.25 54.80 11.49
N GLU L 175 40.06 55.20 10.51
CA GLU L 175 39.55 55.85 9.31
C GLU L 175 38.74 54.91 8.42
N TYR L 176 39.34 53.81 7.96
CA TYR L 176 38.71 52.88 7.03
C TYR L 176 38.72 51.46 7.57
N ALA L 177 39.93 50.95 7.78
CA ALA L 177 40.14 49.56 8.12
C ALA L 177 39.27 49.13 9.29
N SER L 178 38.71 47.92 9.19
CA SER L 178 37.87 47.36 10.23
C SER L 178 38.63 47.25 11.56
N ALA L 179 37.88 47.45 12.64
CA ALA L 179 38.51 47.60 13.95
C ALA L 179 39.08 46.29 14.46
N GLU L 180 38.28 45.23 14.38
CA GLU L 180 38.72 43.90 14.78
C GLU L 180 40.10 43.55 14.24
N ASP L 181 40.40 43.90 13.01
CA ASP L 181 41.70 43.57 12.44
C ASP L 181 42.81 44.21 13.25
N LEU L 182 42.92 45.54 13.11
CA LEU L 182 43.99 46.28 13.77
C LEU L 182 44.07 45.90 15.25
N ALA L 183 42.92 45.62 15.86
CA ALA L 183 42.94 44.85 17.08
C ALA L 183 43.85 43.64 16.91
N GLU L 184 43.43 42.69 16.06
CA GLU L 184 44.08 41.38 16.05
C GLU L 184 45.59 41.52 15.97
N ILE L 185 46.07 42.43 15.13
CA ILE L 185 47.51 42.60 15.03
C ILE L 185 48.07 43.14 16.33
N LEU L 186 47.56 44.28 16.80
CA LEU L 186 48.28 45.00 17.84
C LEU L 186 48.16 44.31 19.18
N ASN L 187 47.01 43.69 19.44
CA ASN L 187 46.80 42.93 20.66
C ASN L 187 47.99 42.02 20.92
N GLN L 188 48.14 41.04 20.05
CA GLN L 188 49.13 39.97 20.13
C GLN L 188 50.54 40.46 19.90
N LEU L 189 50.73 41.75 19.60
CA LEU L 189 52.05 42.37 19.67
C LEU L 189 52.37 42.73 21.10
N ILE L 190 53.42 42.14 21.63
CA ILE L 190 53.90 42.46 22.96
C ILE L 190 55.41 42.35 22.96
N LYS L 206 45.78 49.34 27.10
CA LYS L 206 45.30 48.19 26.34
C LYS L 206 44.87 48.62 24.94
N ILE L 207 44.20 47.75 24.21
CA ILE L 207 43.81 48.01 22.82
C ILE L 207 42.34 47.69 22.68
N VAL L 208 41.54 48.69 22.29
CA VAL L 208 40.10 48.52 22.15
C VAL L 208 39.68 48.87 20.73
N ALA L 209 38.72 48.12 20.20
CA ALA L 209 38.18 48.32 18.86
C ALA L 209 36.76 48.86 18.92
N ASP L 210 36.37 49.59 17.88
CA ASP L 210 34.96 49.93 17.62
C ASP L 210 34.68 49.73 16.13
N LYS L 211 33.73 48.86 15.82
CA LYS L 211 33.21 48.79 14.46
C LYS L 211 32.14 49.85 14.21
N ARG L 212 31.24 50.09 15.18
CA ARG L 212 30.12 50.97 14.93
C ARG L 212 30.59 52.36 14.54
N THR L 213 31.40 53.00 15.38
CA THR L 213 32.06 54.22 14.94
C THR L 213 33.50 53.99 14.50
N ASN L 214 34.00 52.75 14.58
CA ASN L 214 35.30 52.38 14.03
C ASN L 214 36.44 53.19 14.66
N SER L 215 36.76 52.86 15.92
CA SER L 215 37.79 53.58 16.65
C SER L 215 38.84 52.62 17.20
N LEU L 216 40.10 53.02 17.11
CA LEU L 216 41.14 52.38 17.92
C LEU L 216 41.37 53.18 19.19
N ILE L 217 41.26 52.48 20.31
CA ILE L 217 41.29 53.09 21.63
C ILE L 217 42.51 52.60 22.37
N ILE L 218 43.22 53.50 23.05
CA ILE L 218 44.57 53.17 23.49
C ILE L 218 44.91 53.87 24.80
N SER L 219 45.62 53.12 25.64
CA SER L 219 46.12 53.57 26.92
C SER L 219 47.64 53.47 26.97
N GLY L 220 48.21 54.24 27.87
CA GLY L 220 49.63 54.20 28.14
C GLY L 220 50.12 55.57 28.53
N PRO L 221 51.43 55.75 28.63
CA PRO L 221 51.99 57.10 28.76
C PRO L 221 51.75 57.91 27.50
N GLU L 222 52.34 59.11 27.47
CA GLU L 222 52.40 59.83 26.20
C GLU L 222 53.33 59.10 25.24
N LYS L 223 54.30 58.35 25.77
CA LYS L 223 55.16 57.57 24.90
C LYS L 223 54.45 56.34 24.36
N ALA L 224 53.46 55.83 25.09
CA ALA L 224 52.57 54.85 24.47
C ALA L 224 51.69 55.51 23.42
N ARG L 225 51.19 56.71 23.74
CA ARG L 225 50.49 57.49 22.74
C ARG L 225 51.29 57.54 21.45
N GLN L 226 52.54 57.97 21.52
CA GLN L 226 53.33 58.20 20.31
C GLN L 226 53.67 56.88 19.63
N ARG L 227 54.14 55.88 20.38
CA ARG L 227 54.58 54.65 19.76
C ARG L 227 53.44 53.99 18.99
N ILE L 228 52.24 54.00 19.57
CA ILE L 228 51.18 53.30 18.87
C ILE L 228 50.44 54.22 17.92
N THR L 229 50.68 55.54 18.00
CA THR L 229 50.27 56.40 16.90
C THR L 229 51.16 56.16 15.70
N SER L 230 52.37 55.69 15.93
CA SER L 230 53.26 55.35 14.83
C SER L 230 52.92 53.99 14.25
N LEU L 231 52.47 53.06 15.09
CA LEU L 231 51.86 51.86 14.53
C LEU L 231 50.62 52.21 13.72
N LEU L 232 49.76 53.07 14.25
CA LEU L 232 48.63 53.53 13.47
C LEU L 232 49.08 54.09 12.13
N LYS L 233 49.97 55.08 12.16
CA LYS L 233 50.41 55.68 10.91
C LYS L 233 50.98 54.64 9.98
N SER L 234 51.57 53.57 10.53
CA SER L 234 51.89 52.42 9.71
C SER L 234 50.67 51.96 8.94
N LEU L 235 49.65 51.42 9.62
CA LEU L 235 48.41 51.12 8.90
C LEU L 235 47.28 52.03 9.38
N ASP L 236 47.09 53.13 8.65
CA ASP L 236 45.79 53.77 8.51
C ASP L 236 45.21 53.53 7.13
N VAL L 237 45.94 52.86 6.25
CA VAL L 237 45.62 52.90 4.82
C VAL L 237 44.58 51.84 4.48
N GLU L 238 43.63 52.21 3.64
CA GLU L 238 42.65 51.25 3.16
C GLU L 238 43.29 50.52 1.98
N GLU L 239 43.30 49.20 2.05
CA GLU L 239 43.90 48.39 1.01
C GLU L 239 43.14 48.53 -0.29
N SER L 240 43.89 48.54 -1.39
CA SER L 240 43.26 48.58 -2.71
C SER L 240 42.90 47.15 -3.08
N GLU L 241 41.91 46.61 -2.38
CA GLU L 241 41.48 45.24 -2.58
C GLU L 241 41.08 45.00 -4.03
N GLU L 242 40.43 45.98 -4.64
CA GLU L 242 39.94 45.87 -6.00
C GLU L 242 38.68 45.03 -6.00
N GLY L 243 38.24 44.58 -7.17
CA GLY L 243 37.05 43.76 -7.22
C GLY L 243 37.31 42.31 -6.84
N ASN L 244 36.41 41.77 -6.03
CA ASN L 244 36.39 40.33 -5.76
C ASN L 244 35.76 39.52 -6.88
N THR L 245 34.70 40.07 -7.46
CA THR L 245 33.93 39.37 -8.49
C THR L 245 34.13 39.99 -9.86
N ARG L 246 34.43 39.15 -10.84
CA ARG L 246 34.51 39.58 -12.22
C ARG L 246 33.36 39.00 -13.01
N VAL L 247 32.96 39.72 -14.04
CA VAL L 247 31.92 39.29 -14.97
C VAL L 247 32.57 39.16 -16.33
N TYR L 248 32.68 37.92 -16.80
CA TYR L 248 33.29 37.65 -18.09
C TYR L 248 32.23 37.60 -19.17
N TYR L 249 32.43 38.35 -20.24
CA TYR L 249 31.53 38.30 -21.39
C TYR L 249 32.07 37.24 -22.34
N LEU L 250 31.37 36.13 -22.45
CA LEU L 250 31.83 35.04 -23.28
C LEU L 250 31.50 35.34 -24.73
N LYS L 251 32.45 35.05 -25.61
CA LYS L 251 32.22 35.10 -27.05
C LYS L 251 32.61 33.75 -27.63
N TYR L 252 31.65 33.09 -28.26
CA TYR L 252 31.72 31.77 -28.89
C TYR L 252 31.40 30.65 -27.92
N ALA L 253 31.25 30.93 -26.62
CA ALA L 253 30.89 29.92 -25.66
C ALA L 253 29.56 30.26 -25.02
N LYS L 254 28.90 29.24 -24.49
CA LYS L 254 27.60 29.38 -23.86
C LYS L 254 27.80 29.32 -22.35
N ALA L 255 27.36 30.36 -21.65
CA ALA L 255 27.71 30.55 -20.25
C ALA L 255 27.23 29.41 -19.36
N THR L 256 26.02 28.91 -19.63
CA THR L 256 25.46 27.83 -18.84
C THR L 256 26.29 26.56 -19.03
N ASN L 257 26.71 26.32 -20.25
CA ASN L 257 27.57 25.18 -20.56
C ASN L 257 28.91 25.29 -19.86
N LEU L 258 29.49 26.48 -19.93
CA LEU L 258 30.80 26.74 -19.37
C LEU L 258 30.76 26.55 -17.87
N VAL L 259 29.66 26.92 -17.25
CA VAL L 259 29.59 26.87 -15.80
C VAL L 259 29.79 25.45 -15.31
N GLU L 260 29.18 24.47 -15.96
CA GLU L 260 29.32 23.10 -15.50
C GLU L 260 30.78 22.65 -15.56
N VAL L 261 31.44 22.96 -16.66
CA VAL L 261 32.83 22.58 -16.84
C VAL L 261 33.70 23.26 -15.79
N LEU L 262 33.43 24.53 -15.56
CA LEU L 262 34.18 25.33 -14.61
C LEU L 262 34.03 24.81 -13.20
N THR L 263 32.83 24.32 -12.90
CA THR L 263 32.46 23.99 -11.54
C THR L 263 33.42 22.94 -11.02
N GLY L 264 33.78 21.99 -11.87
CA GLY L 264 34.69 20.98 -11.40
C GLY L 264 36.07 21.59 -11.06
N VAL L 265 36.53 22.52 -11.92
CA VAL L 265 37.84 23.16 -11.71
C VAL L 265 37.86 23.96 -10.43
N SER L 266 36.76 24.64 -10.16
CA SER L 266 36.64 25.43 -8.96
C SER L 266 36.40 24.49 -7.78
N GLU L 267 35.65 23.37 -8.02
CA GLU L 267 35.26 22.46 -6.96
C GLU L 267 36.40 21.48 -6.75
N VAL L 288 35.51 29.04 -4.39
CA VAL L 288 35.18 29.79 -5.60
C VAL L 288 33.77 29.48 -6.06
N ALA L 289 33.06 30.51 -6.50
CA ALA L 289 31.70 30.35 -6.99
C ALA L 289 31.60 30.80 -8.44
N ILE L 290 31.11 29.91 -9.31
CA ILE L 290 30.93 30.23 -10.71
C ILE L 290 29.46 30.09 -11.04
N THR L 291 28.87 31.15 -11.57
CA THR L 291 27.49 31.11 -12.02
C THR L 291 27.34 31.97 -13.27
N ALA L 292 26.31 31.68 -14.04
CA ALA L 292 26.15 32.26 -15.38
C ALA L 292 24.86 33.05 -15.47
N ASP L 293 24.90 34.08 -16.31
CA ASP L 293 23.71 34.85 -16.68
C ASP L 293 23.29 34.40 -18.07
N GLU L 294 22.16 33.70 -18.14
CA GLU L 294 21.73 33.16 -19.43
C GLU L 294 21.24 34.24 -20.38
N GLN L 295 20.89 35.42 -19.85
CA GLN L 295 20.40 36.50 -20.72
C GLN L 295 21.55 37.12 -21.50
N THR L 296 22.46 37.79 -20.78
CA THR L 296 23.59 38.44 -21.43
C THR L 296 24.66 37.46 -21.89
N ASN L 297 24.53 36.18 -21.54
CA ASN L 297 25.54 35.17 -21.85
C ASN L 297 26.89 35.57 -21.28
N SER L 298 26.90 35.88 -20.00
CA SER L 298 28.10 36.26 -19.29
C SER L 298 28.28 35.35 -18.09
N LEU L 299 29.53 35.21 -17.67
CA LEU L 299 29.89 34.26 -16.62
C LEU L 299 30.42 35.04 -15.44
N VAL L 300 29.94 34.69 -14.24
CA VAL L 300 30.24 35.44 -13.02
C VAL L 300 31.08 34.55 -12.12
N ILE L 301 32.34 34.91 -11.92
CA ILE L 301 33.25 34.18 -11.04
C ILE L 301 33.66 35.10 -9.91
N THR L 302 33.43 34.67 -8.68
CA THR L 302 33.92 35.36 -7.50
C THR L 302 34.91 34.46 -6.78
N ALA L 303 36.11 35.00 -6.54
CA ALA L 303 37.22 34.20 -6.01
C ALA L 303 38.40 35.14 -5.77
N ASP L 304 39.45 34.57 -5.18
CA ASP L 304 40.65 35.33 -4.89
C ASP L 304 41.30 35.80 -6.19
N GLN L 305 42.05 36.90 -6.09
CA GLN L 305 42.79 37.41 -7.24
C GLN L 305 43.68 36.35 -7.87
N SER L 306 44.14 35.38 -7.07
CA SER L 306 44.97 34.31 -7.61
C SER L 306 44.15 33.39 -8.49
N VAL L 307 42.98 32.96 -8.01
CA VAL L 307 42.11 32.09 -8.79
C VAL L 307 41.60 32.80 -10.04
N GLN L 308 41.28 34.09 -9.91
CA GLN L 308 40.78 34.85 -11.05
C GLN L 308 41.75 34.81 -12.22
N GLU L 309 43.03 35.05 -11.95
CA GLU L 309 44.01 35.07 -13.03
C GLU L 309 44.22 33.68 -13.63
N LYS L 310 43.97 32.63 -12.86
CA LYS L 310 44.10 31.28 -13.40
C LYS L 310 42.87 30.87 -14.20
N LEU L 311 41.67 31.18 -13.70
CA LEU L 311 40.46 30.91 -14.47
C LEU L 311 40.32 31.81 -15.68
N ALA L 312 40.99 32.96 -15.68
CA ALA L 312 40.93 33.82 -16.86
C ALA L 312 41.63 33.18 -18.04
N THR L 313 42.66 32.37 -17.80
CA THR L 313 43.32 31.66 -18.87
C THR L 313 42.56 30.40 -19.27
N VAL L 314 41.95 29.72 -18.30
CA VAL L 314 41.15 28.53 -18.60
C VAL L 314 39.98 28.91 -19.49
N ILE L 315 39.31 30.01 -19.18
CA ILE L 315 38.18 30.44 -20.00
C ILE L 315 38.65 30.87 -21.38
N ALA L 316 39.75 31.61 -21.45
CA ALA L 316 40.26 32.04 -22.75
C ALA L 316 40.62 30.84 -23.63
N ARG L 317 41.10 29.77 -23.02
CA ARG L 317 41.37 28.55 -23.78
C ARG L 317 40.09 27.86 -24.20
N LEU L 318 39.08 27.92 -23.36
CA LEU L 318 37.86 27.15 -23.54
C LEU L 318 36.78 27.92 -24.27
N ASP L 319 37.05 29.18 -24.60
CA ASP L 319 36.10 30.08 -25.24
C ASP L 319 36.28 30.15 -26.75
N ILE L 320 37.14 29.31 -27.32
CA ILE L 320 37.58 29.52 -28.70
C ILE L 320 36.43 29.33 -29.68
N ARG L 321 36.63 29.87 -30.88
CA ARG L 321 35.70 29.69 -31.97
C ARG L 321 35.78 28.28 -32.53
N ARG L 322 34.63 27.71 -32.85
CA ARG L 322 34.52 26.32 -33.25
C ARG L 322 34.19 26.23 -34.74
N ALA L 323 34.74 25.21 -35.39
CA ALA L 323 34.64 25.07 -36.83
C ALA L 323 33.27 24.53 -37.25
N GLN L 324 32.93 24.81 -38.51
CA GLN L 324 31.69 24.34 -39.13
C GLN L 324 32.02 23.33 -40.21
N VAL L 325 31.11 22.40 -40.45
CA VAL L 325 31.31 21.35 -41.42
C VAL L 325 30.12 21.31 -42.37
N LEU L 326 30.39 21.42 -43.67
CA LEU L 326 29.41 21.14 -44.70
C LEU L 326 29.49 19.67 -45.08
N VAL L 327 28.40 18.94 -44.88
CA VAL L 327 28.37 17.51 -45.11
C VAL L 327 27.42 17.23 -46.27
N GLU L 328 27.97 16.85 -47.42
CA GLU L 328 27.15 16.38 -48.53
C GLU L 328 27.16 14.87 -48.54
N ALA L 329 25.98 14.27 -48.61
CA ALA L 329 25.85 12.86 -48.90
C ALA L 329 25.41 12.71 -50.36
N ILE L 330 25.87 11.64 -51.00
CA ILE L 330 25.49 11.35 -52.37
C ILE L 330 24.98 9.92 -52.38
N ILE L 331 23.69 9.76 -52.64
CA ILE L 331 23.08 8.43 -52.71
C ILE L 331 22.71 8.19 -54.15
N VAL L 332 23.42 7.28 -54.80
CA VAL L 332 23.13 6.89 -56.17
C VAL L 332 22.64 5.45 -56.17
N GLU L 333 21.50 5.22 -56.77
CA GLU L 333 21.01 3.88 -56.97
C GLU L 333 20.61 3.72 -58.42
N VAL L 334 20.81 2.54 -58.98
CA VAL L 334 20.36 2.22 -60.31
C VAL L 334 19.78 0.81 -60.31
N GLN L 335 18.56 0.67 -60.78
CA GLN L 335 17.91 -0.62 -60.89
C GLN L 335 17.56 -0.88 -62.34
N ASP L 336 17.59 -2.14 -62.73
CA ASP L 336 16.99 -2.55 -63.98
C ASP L 336 16.74 -4.05 -63.95
N GLY L 337 15.82 -4.50 -64.78
CA GLY L 337 15.60 -5.91 -64.94
C GLY L 337 14.67 -6.17 -66.10
N ASN L 338 14.76 -7.36 -66.69
CA ASN L 338 13.98 -7.68 -67.87
C ASN L 338 13.42 -9.09 -67.76
N GLY L 339 12.10 -9.19 -67.73
CA GLY L 339 11.45 -10.48 -67.81
C GLY L 339 11.10 -10.86 -69.23
N LEU L 340 11.04 -12.17 -69.48
CA LEU L 340 10.55 -12.70 -70.74
C LEU L 340 9.74 -13.95 -70.44
N ASN L 341 8.47 -13.96 -70.83
CA ASN L 341 7.67 -15.18 -70.70
C ASN L 341 6.92 -15.45 -72.00
N LEU L 342 7.28 -16.54 -72.66
CA LEU L 342 6.64 -16.95 -73.90
C LEU L 342 6.31 -18.43 -73.80
N GLY L 343 5.20 -18.82 -74.39
CA GLY L 343 4.81 -20.22 -74.40
C GLY L 343 3.96 -20.54 -75.59
N VAL L 344 4.01 -21.79 -76.03
CA VAL L 344 3.19 -22.26 -77.13
C VAL L 344 2.29 -23.31 -76.52
N GLN L 345 0.99 -23.27 -76.80
CA GLN L 345 0.06 -24.33 -76.41
C GLN L 345 -0.66 -24.71 -77.69
N TRP L 346 -0.81 -25.98 -78.01
CA TRP L 346 -1.57 -26.39 -79.20
C TRP L 346 -2.69 -27.29 -78.68
N ALA L 347 -3.93 -27.12 -79.10
CA ALA L 347 -5.00 -28.03 -78.63
C ALA L 347 -5.58 -28.73 -79.86
N ASN L 348 -5.71 -30.05 -79.88
CA ASN L 348 -6.29 -30.72 -81.07
C ASN L 348 -7.53 -31.54 -80.71
N LYS L 349 -8.64 -31.40 -81.43
CA LYS L 349 -9.78 -32.18 -80.99
C LYS L 349 -9.54 -33.68 -81.13
N ASN L 350 -8.94 -34.09 -82.24
CA ASN L 350 -8.69 -35.50 -82.48
C ASN L 350 -7.71 -36.17 -81.52
N VAL L 351 -6.61 -35.50 -81.21
CA VAL L 351 -5.57 -36.09 -80.36
C VAL L 351 -5.62 -35.66 -78.90
N GLY L 352 -5.75 -34.36 -78.67
CA GLY L 352 -5.72 -33.82 -77.33
C GLY L 352 -5.10 -32.45 -77.34
N ALA L 353 -4.97 -31.83 -76.17
CA ALA L 353 -4.45 -30.47 -76.10
C ALA L 353 -3.34 -30.31 -75.07
N GLN L 354 -2.42 -29.40 -75.35
CA GLN L 354 -1.38 -29.03 -74.40
C GLN L 354 -1.71 -27.62 -73.92
N GLN L 355 -1.88 -27.46 -72.61
CA GLN L 355 -2.28 -26.19 -72.06
C GLN L 355 -1.39 -25.75 -70.91
N PHE L 356 -1.10 -24.46 -70.85
CA PHE L 356 -0.32 -23.88 -69.77
C PHE L 356 -1.07 -22.70 -69.21
N THR L 357 -1.58 -22.84 -68.00
CA THR L 357 -1.90 -21.68 -67.22
C THR L 357 -0.58 -20.99 -66.87
N ASN L 358 -0.65 -19.69 -66.59
CA ASN L 358 0.45 -18.74 -66.42
C ASN L 358 0.87 -18.15 -67.75
N THR L 359 0.39 -18.67 -68.88
CA THR L 359 0.52 -17.92 -70.12
C THR L 359 -0.36 -16.68 -70.12
N GLY L 360 -1.21 -16.53 -69.12
CA GLY L 360 -2.14 -15.45 -69.02
C GLY L 360 -3.47 -15.75 -69.66
N LEU L 361 -3.48 -16.64 -70.66
CA LEU L 361 -4.68 -17.28 -71.08
C LEU L 361 -4.35 -18.73 -71.44
N PRO L 362 -5.14 -19.69 -70.97
CA PRO L 362 -4.99 -21.07 -71.41
C PRO L 362 -5.68 -21.35 -72.73
N ILE L 363 -5.23 -22.41 -73.40
CA ILE L 363 -5.80 -22.76 -74.69
C ILE L 363 -7.27 -23.14 -74.56
N PHE L 364 -7.67 -23.69 -73.42
CA PHE L 364 -9.06 -24.12 -73.27
C PHE L 364 -9.98 -22.91 -73.17
N ASN L 365 -9.70 -22.00 -72.24
CA ASN L 365 -10.57 -20.85 -72.06
C ASN L 365 -10.52 -19.90 -73.24
N ALA L 366 -9.39 -19.87 -73.95
CA ALA L 366 -9.31 -19.04 -75.14
C ALA L 366 -10.15 -19.63 -76.27
N ALA L 367 -10.06 -20.94 -76.48
CA ALA L 367 -10.83 -21.57 -77.55
C ALA L 367 -12.33 -21.49 -77.28
N GLN L 368 -12.74 -21.49 -76.02
CA GLN L 368 -14.15 -21.27 -75.72
C GLN L 368 -14.55 -19.82 -75.97
N GLY L 369 -13.62 -18.89 -75.79
CA GLY L 369 -13.89 -17.49 -76.06
C GLY L 369 -13.88 -17.15 -77.53
N VAL L 370 -12.91 -17.71 -78.26
CA VAL L 370 -12.85 -17.45 -79.69
C VAL L 370 -14.05 -18.07 -80.40
N ALA L 371 -14.42 -19.30 -80.02
CA ALA L 371 -15.60 -19.91 -80.61
C ALA L 371 -16.86 -19.11 -80.29
N ASP L 372 -17.01 -18.70 -79.04
CA ASP L 372 -18.13 -17.85 -78.67
C ASP L 372 -18.13 -16.54 -79.46
N TYR L 373 -16.94 -16.00 -79.76
CA TYR L 373 -16.86 -14.76 -80.49
C TYR L 373 -17.30 -14.93 -81.94
N LYS L 374 -17.06 -16.10 -82.52
CA LYS L 374 -17.44 -16.31 -83.93
C LYS L 374 -18.95 -16.48 -84.06
N LYS L 375 -19.58 -17.21 -83.15
CA LYS L 375 -21.00 -17.47 -83.28
C LYS L 375 -21.83 -16.21 -83.03
N ASN L 376 -21.48 -15.46 -81.99
CA ASN L 376 -22.28 -14.30 -81.62
C ASN L 376 -21.81 -13.01 -82.27
N GLY L 377 -20.66 -13.01 -82.94
CA GLY L 377 -20.10 -11.81 -83.51
C GLY L 377 -19.45 -10.88 -82.51
N GLY L 378 -19.65 -11.11 -81.22
CA GLY L 378 -19.06 -10.31 -80.17
C GLY L 378 -19.00 -11.11 -78.89
N ILE L 379 -18.56 -10.46 -77.82
CA ILE L 379 -18.42 -11.10 -76.52
C ILE L 379 -19.01 -10.19 -75.47
N THR L 380 -20.03 -10.68 -74.77
CA THR L 380 -20.61 -9.95 -73.65
C THR L 380 -19.68 -10.01 -72.44
N SER L 381 -19.91 -9.08 -71.51
CA SER L 381 -19.14 -9.07 -70.27
C SER L 381 -19.42 -10.29 -69.41
N ALA L 382 -20.49 -11.03 -69.68
CA ALA L 382 -20.81 -12.22 -68.90
C ALA L 382 -20.03 -13.43 -69.35
N ASN L 383 -19.49 -13.43 -70.56
CA ASN L 383 -18.66 -14.53 -71.04
C ASN L 383 -17.47 -14.69 -70.10
N PRO L 384 -17.22 -15.89 -69.56
CA PRO L 384 -16.10 -16.05 -68.63
C PRO L 384 -14.75 -15.69 -69.23
N ALA L 385 -14.62 -15.73 -70.56
CA ALA L 385 -13.38 -15.34 -71.20
C ALA L 385 -13.17 -13.83 -71.23
N TRP L 386 -14.17 -13.05 -70.82
CA TRP L 386 -14.02 -11.59 -70.86
C TRP L 386 -12.85 -11.14 -70.00
N ASP L 387 -12.87 -11.50 -68.71
CA ASP L 387 -11.80 -11.07 -67.81
C ASP L 387 -10.44 -11.61 -68.21
N MET L 388 -10.41 -12.70 -68.99
CA MET L 388 -9.13 -13.27 -69.40
C MET L 388 -8.52 -12.50 -70.55
N PHE L 389 -9.34 -12.10 -71.54
CA PHE L 389 -8.84 -11.28 -72.63
C PHE L 389 -8.71 -9.82 -72.22
N SER L 390 -9.56 -9.35 -71.31
CA SER L 390 -9.53 -7.94 -70.95
C SER L 390 -8.22 -7.56 -70.28
N ALA L 391 -7.65 -8.47 -69.50
CA ALA L 391 -6.31 -8.28 -68.95
C ALA L 391 -5.40 -9.32 -69.59
N TYR L 392 -4.60 -8.89 -70.55
CA TYR L 392 -3.57 -9.70 -71.15
C TYR L 392 -2.54 -8.76 -71.75
N ASN L 393 -1.27 -9.17 -71.71
CA ASN L 393 -0.21 -8.34 -72.24
C ASN L 393 0.65 -9.15 -73.18
N GLY L 394 1.05 -8.55 -74.29
CA GLY L 394 1.92 -9.19 -75.25
C GLY L 394 1.16 -9.70 -76.45
N MET L 395 1.90 -10.32 -77.35
CA MET L 395 1.36 -10.81 -78.61
C MET L 395 0.80 -12.20 -78.43
N ALA L 396 -0.49 -12.38 -78.68
CA ALA L 396 -1.12 -13.69 -78.72
C ALA L 396 -1.50 -13.98 -80.17
N ALA L 397 -0.78 -14.89 -80.80
CA ALA L 397 -0.96 -15.18 -82.22
C ALA L 397 -1.43 -16.62 -82.39
N GLY L 398 -2.69 -16.79 -82.77
CA GLY L 398 -3.21 -18.11 -83.05
C GLY L 398 -3.03 -18.50 -84.51
N PHE L 399 -2.88 -19.79 -84.75
CA PHE L 399 -2.75 -20.33 -86.09
C PHE L 399 -3.50 -21.65 -86.17
N PHE L 400 -4.38 -21.78 -87.15
CA PHE L 400 -5.12 -23.03 -87.35
C PHE L 400 -4.64 -23.69 -88.64
N ASN L 401 -4.06 -24.86 -88.51
CA ASN L 401 -3.68 -25.70 -89.65
C ASN L 401 -4.55 -26.94 -89.61
N GLY L 402 -5.50 -27.03 -90.54
CA GLY L 402 -6.39 -28.18 -90.54
C GLY L 402 -7.20 -28.21 -89.27
N ASP L 403 -7.12 -29.32 -88.54
CA ASP L 403 -7.79 -29.46 -87.25
C ASP L 403 -6.92 -29.01 -86.09
N TRP L 404 -5.64 -28.74 -86.33
CA TRP L 404 -4.72 -28.33 -85.26
C TRP L 404 -4.90 -26.85 -84.95
N GLY L 405 -5.28 -26.54 -83.72
CA GLY L 405 -5.15 -25.20 -83.20
C GLY L 405 -3.79 -25.00 -82.57
N VAL L 406 -3.25 -23.79 -82.69
CA VAL L 406 -1.97 -23.43 -82.11
C VAL L 406 -2.06 -21.99 -81.61
N LEU L 407 -1.55 -21.75 -80.40
CA LEU L 407 -1.65 -20.44 -79.79
C LEU L 407 -0.32 -20.07 -79.18
N LEU L 408 0.27 -18.97 -79.64
CA LEU L 408 1.56 -18.48 -79.19
C LEU L 408 1.36 -17.20 -78.38
N THR L 409 1.82 -17.20 -77.14
CA THR L 409 1.81 -16.03 -76.30
C THR L 409 3.24 -15.62 -76.00
N ALA L 410 3.56 -14.34 -76.20
CA ALA L 410 4.90 -13.86 -75.95
C ALA L 410 4.83 -12.46 -75.34
N LEU L 411 5.54 -12.26 -74.24
CA LEU L 411 5.68 -10.96 -73.62
C LEU L 411 7.10 -10.81 -73.10
N ALA L 412 7.77 -9.74 -73.48
CA ALA L 412 9.08 -9.43 -72.93
C ALA L 412 8.98 -8.08 -72.24
N SER L 413 9.06 -8.10 -70.92
CA SER L 413 9.02 -6.89 -70.13
C SER L 413 10.44 -6.43 -69.82
N ASN L 414 10.62 -5.13 -69.79
CA ASN L 414 11.90 -4.55 -69.42
C ASN L 414 11.62 -3.28 -68.65
N ASN L 415 12.30 -3.06 -67.54
CA ASN L 415 12.18 -1.80 -66.83
C ASN L 415 13.56 -1.30 -66.46
N LYS L 416 13.59 -0.05 -66.02
CA LYS L 416 14.83 0.61 -65.65
C LYS L 416 14.48 1.66 -64.63
N ASN L 417 15.40 1.90 -63.70
CA ASN L 417 15.15 2.88 -62.66
C ASN L 417 16.47 3.46 -62.26
N ASP L 418 16.48 4.76 -61.96
CA ASP L 418 17.72 5.42 -61.60
C ASP L 418 17.38 6.52 -60.60
N ILE L 419 18.21 6.68 -59.59
CA ILE L 419 17.93 7.59 -58.49
C ILE L 419 19.21 8.33 -58.14
N LEU L 420 19.07 9.58 -57.77
CA LEU L 420 20.16 10.39 -57.25
C LEU L 420 19.62 11.28 -56.16
N ALA L 421 20.28 11.30 -55.02
CA ALA L 421 19.92 12.18 -53.93
C ALA L 421 21.19 12.78 -53.38
N THR L 422 21.14 14.05 -52.99
CA THR L 422 22.32 14.75 -52.46
C THR L 422 21.89 15.66 -51.32
N PRO L 423 21.50 15.09 -50.18
CA PRO L 423 21.21 15.93 -49.01
C PRO L 423 22.49 16.51 -48.44
N SER L 424 22.47 17.79 -48.13
CA SER L 424 23.61 18.45 -47.52
C SER L 424 23.15 19.27 -46.34
N ILE L 425 24.05 19.44 -45.38
CA ILE L 425 23.74 20.12 -44.13
C ILE L 425 25.00 20.81 -43.65
N VAL L 426 24.85 22.00 -43.08
CA VAL L 426 25.95 22.72 -42.45
C VAL L 426 25.68 22.76 -40.96
N THR L 427 26.71 22.49 -40.17
CA THR L 427 26.54 22.50 -38.73
C THR L 427 27.88 22.73 -38.05
N LEU L 428 27.81 23.17 -36.80
CA LEU L 428 29.02 23.30 -35.99
C LEU L 428 29.50 21.93 -35.58
N ASP L 429 30.81 21.80 -35.41
CA ASP L 429 31.35 20.54 -34.93
C ASP L 429 30.80 20.24 -33.54
N ASN L 430 30.64 18.96 -33.26
CA ASN L 430 30.15 18.41 -31.99
C ASN L 430 28.68 18.73 -31.78
N LYS L 431 28.04 19.47 -32.66
CA LYS L 431 26.61 19.73 -32.61
C LYS L 431 25.90 18.84 -33.61
N LEU L 432 24.81 18.22 -33.17
CA LEU L 432 24.05 17.30 -34.01
C LEU L 432 23.09 18.06 -34.91
N ALA L 433 23.20 17.84 -36.21
CA ALA L 433 22.31 18.43 -37.19
C ALA L 433 21.51 17.32 -37.86
N SER L 434 20.29 17.65 -38.25
CA SER L 434 19.46 16.70 -38.98
C SER L 434 18.74 17.43 -40.09
N PHE L 435 18.50 16.71 -41.18
CA PHE L 435 17.88 17.25 -42.36
C PHE L 435 16.85 16.26 -42.85
N ASN L 436 15.58 16.65 -42.88
CA ASN L 436 14.49 15.78 -43.25
C ASN L 436 13.77 16.38 -44.44
N VAL L 437 13.64 15.61 -45.51
CA VAL L 437 12.76 15.96 -46.62
C VAL L 437 11.95 14.72 -46.94
N GLY L 438 10.64 14.82 -46.76
CA GLY L 438 9.82 13.63 -46.81
C GLY L 438 8.43 13.94 -46.35
N GLN L 439 7.75 12.93 -45.84
CA GLN L 439 6.41 13.13 -45.35
C GLN L 439 6.21 12.37 -44.05
N ASP L 440 5.32 12.91 -43.21
CA ASP L 440 5.05 12.39 -41.88
C ASP L 440 3.74 11.63 -41.93
N VAL L 441 3.82 10.31 -41.77
CA VAL L 441 2.67 9.44 -42.02
C VAL L 441 2.22 8.77 -40.72
N PRO L 442 0.93 8.51 -40.54
CA PRO L 442 0.49 7.75 -39.38
C PRO L 442 0.73 6.26 -39.56
N VAL L 443 1.14 5.60 -38.48
CA VAL L 443 1.32 4.16 -38.47
C VAL L 443 0.54 3.59 -37.29
N LEU L 444 -0.11 2.46 -37.52
CA LEU L 444 -0.96 1.85 -36.52
C LEU L 444 -0.11 1.20 -35.43
N SER L 445 -0.72 0.99 -34.27
CA SER L 445 -0.04 0.33 -33.16
C SER L 445 -1.01 -0.26 -32.13
N THR L 458 -5.43 3.12 -31.87
CA THR L 458 -4.17 3.74 -31.51
C THR L 458 -3.21 3.83 -32.69
N VAL L 459 -2.71 5.02 -32.97
CA VAL L 459 -1.78 5.24 -34.07
C VAL L 459 -0.57 6.00 -33.55
N GLU L 460 0.38 6.22 -34.46
CA GLU L 460 1.64 6.86 -34.14
C GLU L 460 2.15 7.54 -35.40
N ARG L 461 2.94 8.59 -35.22
CA ARG L 461 3.40 9.39 -36.34
C ARG L 461 4.83 9.01 -36.67
N LYS L 462 5.12 8.84 -37.96
CA LYS L 462 6.43 8.40 -38.39
C LYS L 462 6.87 9.22 -39.60
N THR L 463 8.03 9.84 -39.51
CA THR L 463 8.57 10.59 -40.64
C THR L 463 9.29 9.64 -41.58
N VAL L 464 8.95 9.70 -42.86
CA VAL L 464 9.51 8.81 -43.86
C VAL L 464 9.91 9.64 -45.06
N GLY L 465 11.20 9.66 -45.36
CA GLY L 465 11.69 10.44 -46.48
C GLY L 465 13.19 10.39 -46.53
N THR L 466 13.79 11.34 -47.22
CA THR L 466 15.23 11.46 -47.25
C THR L 466 15.69 12.14 -45.96
N LYS L 467 16.49 11.44 -45.18
CA LYS L 467 16.89 11.93 -43.87
C LYS L 467 18.40 11.86 -43.74
N LEU L 468 18.99 12.89 -43.17
CA LEU L 468 20.42 12.91 -42.90
C LEU L 468 20.63 13.48 -41.52
N LYS L 469 21.19 12.68 -40.62
CA LYS L 469 21.45 13.08 -39.24
C LYS L 469 22.92 12.83 -38.96
N VAL L 470 23.69 13.89 -38.78
CA VAL L 470 25.14 13.79 -38.68
C VAL L 470 25.63 14.63 -37.51
N THR L 471 26.58 14.09 -36.75
CA THR L 471 27.29 14.84 -35.71
C THR L 471 28.75 14.93 -36.10
N PRO L 472 29.24 16.07 -36.56
CA PRO L 472 30.65 16.18 -36.92
C PRO L 472 31.53 16.42 -35.71
N GLN L 473 32.78 15.97 -35.84
CA GLN L 473 33.85 16.26 -34.90
C GLN L 473 35.09 16.58 -35.71
N VAL L 474 35.60 17.79 -35.60
CA VAL L 474 36.74 18.21 -36.42
C VAL L 474 38.01 17.94 -35.63
N ASN L 475 38.77 16.94 -36.06
CA ASN L 475 40.02 16.63 -35.38
C ASN L 475 41.17 16.24 -36.29
N GLU L 476 42.23 17.02 -36.30
CA GLU L 476 42.20 18.42 -35.88
C GLU L 476 42.86 19.09 -37.06
N GLY L 477 42.61 20.37 -37.29
CA GLY L 477 43.00 20.84 -38.60
C GLY L 477 42.12 20.14 -39.61
N ASP L 478 42.71 19.35 -40.49
CA ASP L 478 41.96 18.63 -41.51
C ASP L 478 41.22 17.46 -40.88
N ALA L 479 40.68 16.60 -41.76
CA ALA L 479 39.76 15.52 -41.48
C ALA L 479 38.52 15.97 -40.73
N VAL L 480 37.87 15.03 -40.05
CA VAL L 480 36.60 15.18 -39.32
C VAL L 480 36.23 13.78 -38.85
N LEU L 481 35.35 13.69 -37.87
CA LEU L 481 34.75 12.41 -37.50
C LEU L 481 33.25 12.58 -37.66
N LEU L 482 32.70 11.91 -38.66
CA LEU L 482 31.29 12.02 -38.97
C LEU L 482 30.58 10.79 -38.44
N GLU L 483 29.67 10.98 -37.50
CA GLU L 483 28.74 9.93 -37.14
C GLU L 483 27.51 10.16 -37.98
N ILE L 484 27.30 9.31 -38.98
CA ILE L 484 26.22 9.48 -39.94
C ILE L 484 25.12 8.52 -39.57
N GLU L 485 23.90 9.03 -39.54
CA GLU L 485 22.71 8.19 -39.59
C GLU L 485 21.84 8.78 -40.68
N GLN L 486 21.69 8.07 -41.79
CA GLN L 486 20.86 8.58 -42.86
C GLN L 486 20.04 7.45 -43.43
N GLU L 487 18.96 7.82 -44.11
CA GLU L 487 18.19 6.85 -44.85
C GLU L 487 17.38 7.56 -45.92
N VAL L 488 17.01 6.79 -46.93
CA VAL L 488 16.06 7.22 -47.93
C VAL L 488 14.91 6.24 -47.85
N SER L 489 13.77 6.69 -47.35
CA SER L 489 12.62 5.82 -47.17
C SER L 489 11.40 6.48 -47.78
N SER L 490 10.43 5.64 -48.15
CA SER L 490 9.23 6.12 -48.80
C SER L 490 8.09 5.16 -48.52
N VAL L 491 6.87 5.68 -48.54
CA VAL L 491 5.70 4.84 -48.36
C VAL L 491 5.53 3.97 -49.60
N ASP L 492 5.21 2.71 -49.39
CA ASP L 492 5.01 1.78 -50.49
C ASP L 492 3.52 1.81 -50.85
N SER L 493 3.23 2.32 -52.04
CA SER L 493 1.84 2.48 -52.45
C SER L 493 1.15 1.12 -52.61
N SER L 494 1.80 0.20 -53.30
CA SER L 494 1.30 -1.16 -53.38
C SER L 494 1.39 -1.83 -52.02
N SER L 495 0.65 -2.92 -51.87
CA SER L 495 0.72 -3.76 -50.67
C SER L 495 0.30 -2.99 -49.42
N ASN L 496 -0.83 -2.32 -49.51
CA ASN L 496 -1.41 -1.75 -48.30
C ASN L 496 -2.12 -2.86 -47.52
N SER L 497 -2.21 -2.65 -46.21
CA SER L 497 -2.77 -3.66 -45.33
C SER L 497 -3.58 -2.99 -44.24
N THR L 498 -4.39 -3.80 -43.55
CA THR L 498 -5.16 -3.30 -42.42
C THR L 498 -4.26 -3.08 -41.20
N LEU L 499 -3.07 -3.68 -41.18
CA LEU L 499 -2.17 -3.46 -40.05
C LEU L 499 -1.43 -2.14 -40.16
N GLY L 500 -1.28 -1.62 -41.36
CA GLY L 500 -0.65 -0.32 -41.54
C GLY L 500 0.10 -0.26 -42.86
N PRO L 501 0.76 0.87 -43.11
CA PRO L 501 1.59 0.98 -44.31
C PRO L 501 2.92 0.31 -44.14
N THR L 502 3.48 -0.14 -45.26
CA THR L 502 4.88 -0.51 -45.28
C THR L 502 5.68 0.68 -45.82
N PHE L 503 7.00 0.56 -45.76
CA PHE L 503 7.88 1.61 -46.22
C PHE L 503 9.09 0.96 -46.83
N ASN L 504 9.58 1.51 -47.94
CA ASN L 504 10.81 1.04 -48.55
C ASN L 504 11.95 1.86 -47.95
N THR L 505 12.79 1.23 -47.14
CA THR L 505 13.83 1.94 -46.41
C THR L 505 15.19 1.49 -46.89
N ARG L 506 16.07 2.45 -47.14
CA ARG L 506 17.50 2.18 -47.33
C ARG L 506 18.23 2.98 -46.26
N THR L 507 18.78 2.28 -45.28
CA THR L 507 19.32 2.93 -44.09
C THR L 507 20.79 2.53 -43.92
N ILE L 508 21.61 3.52 -43.61
CA ILE L 508 23.02 3.27 -43.31
C ILE L 508 23.42 4.18 -42.15
N GLN L 509 23.97 3.59 -41.10
CA GLN L 509 24.46 4.36 -39.97
C GLN L 509 25.83 3.85 -39.58
N ASN L 510 26.81 4.73 -39.59
CA ASN L 510 28.17 4.37 -39.26
C ASN L 510 28.91 5.64 -38.87
N ALA L 511 30.03 5.46 -38.19
CA ALA L 511 30.96 6.54 -37.94
C ALA L 511 32.14 6.37 -38.87
N VAL L 512 32.62 7.47 -39.43
CA VAL L 512 33.72 7.42 -40.37
C VAL L 512 34.54 8.69 -40.19
N LEU L 513 35.81 8.63 -40.56
CA LEU L 513 36.74 9.74 -40.42
C LEU L 513 37.26 10.09 -41.81
N VAL L 514 36.90 11.25 -42.30
CA VAL L 514 37.12 11.63 -43.70
C VAL L 514 37.95 12.89 -43.72
N LYS L 515 38.87 13.01 -44.68
CA LYS L 515 39.63 14.23 -44.81
C LYS L 515 38.73 15.35 -45.34
N THR L 516 39.17 16.59 -45.13
CA THR L 516 38.27 17.74 -45.24
C THR L 516 37.75 17.97 -46.64
N GLY L 517 38.46 17.53 -47.67
CA GLY L 517 37.98 17.82 -49.01
C GLY L 517 37.46 16.64 -49.79
N GLU L 518 37.55 15.45 -49.20
CA GLU L 518 37.51 14.21 -49.96
C GLU L 518 36.12 13.60 -49.99
N THR L 519 35.78 13.00 -51.12
CA THR L 519 34.57 12.20 -51.28
C THR L 519 34.92 10.74 -51.06
N VAL L 520 34.23 10.10 -50.14
CA VAL L 520 34.53 8.73 -49.77
C VAL L 520 33.23 7.94 -49.67
N VAL L 521 33.34 6.63 -49.80
CA VAL L 521 32.17 5.77 -49.86
C VAL L 521 31.79 5.32 -48.45
N LEU L 522 30.53 5.55 -48.08
CA LEU L 522 30.04 5.06 -46.79
C LEU L 522 29.63 3.60 -46.86
N GLY L 523 29.08 3.18 -47.97
CA GLY L 523 28.58 1.83 -48.07
C GLY L 523 28.02 1.57 -49.45
N GLY L 524 27.23 0.53 -49.56
CA GLY L 524 26.62 0.21 -50.84
C GLY L 524 26.08 -1.20 -50.83
N LEU L 525 25.26 -1.47 -51.83
CA LEU L 525 24.69 -2.78 -52.03
C LEU L 525 24.64 -3.07 -53.52
N LEU L 526 25.21 -4.18 -53.94
CA LEU L 526 25.05 -4.66 -55.30
C LEU L 526 24.25 -5.95 -55.21
N ASP L 527 23.01 -5.89 -55.66
CA ASP L 527 22.07 -6.99 -55.52
C ASP L 527 21.64 -7.41 -56.91
N ASP L 528 21.72 -8.70 -57.19
CA ASP L 528 21.46 -9.21 -58.53
C ASP L 528 20.72 -10.53 -58.42
N PHE L 529 19.71 -10.70 -59.26
CA PHE L 529 18.74 -11.77 -59.11
C PHE L 529 18.31 -12.24 -60.48
N SER L 530 18.25 -13.56 -60.67
CA SER L 530 17.78 -14.13 -61.93
C SER L 530 16.91 -15.33 -61.62
N LYS L 531 15.71 -15.34 -62.16
CA LYS L 531 14.74 -16.40 -61.95
C LYS L 531 14.44 -17.05 -63.29
N GLU L 532 13.98 -18.30 -63.23
CA GLU L 532 13.56 -18.99 -64.43
C GLU L 532 12.52 -20.03 -64.05
N GLN L 533 11.58 -20.26 -64.95
CA GLN L 533 10.63 -21.34 -64.81
C GLN L 533 10.27 -21.83 -66.20
N VAL L 534 10.15 -23.13 -66.36
CA VAL L 534 9.60 -23.69 -67.58
C VAL L 534 8.58 -24.74 -67.18
N SER L 535 7.53 -24.85 -67.98
CA SER L 535 6.57 -25.93 -67.89
C SER L 535 6.53 -26.58 -69.26
N LYS L 536 6.93 -27.84 -69.34
CA LYS L 536 7.12 -28.46 -70.64
C LYS L 536 6.50 -29.85 -70.66
N VAL L 537 6.42 -30.39 -71.87
CA VAL L 537 6.09 -31.80 -72.07
C VAL L 537 7.36 -32.61 -71.93
N PRO L 538 7.39 -33.68 -71.11
CA PRO L 538 8.67 -34.14 -70.55
C PRO L 538 9.74 -34.51 -71.57
N LEU L 539 9.43 -35.34 -72.56
CA LEU L 539 10.45 -35.68 -73.54
C LEU L 539 10.53 -34.64 -74.65
N LEU L 540 9.38 -34.18 -75.13
CA LEU L 540 9.36 -33.30 -76.29
C LEU L 540 9.98 -31.95 -75.97
N GLY L 541 9.79 -31.44 -74.76
CA GLY L 541 10.30 -30.14 -74.39
C GLY L 541 11.81 -30.04 -74.35
N ASP L 542 12.52 -31.15 -74.38
CA ASP L 542 13.96 -31.15 -74.32
C ASP L 542 14.63 -31.27 -75.69
N ILE L 543 13.86 -31.41 -76.76
CA ILE L 543 14.44 -31.40 -78.10
C ILE L 543 15.13 -30.07 -78.32
N PRO L 544 16.38 -30.03 -78.79
CA PRO L 544 17.19 -28.81 -78.64
C PRO L 544 16.56 -27.54 -79.19
N LEU L 545 16.01 -27.59 -80.41
CA LEU L 545 15.41 -26.42 -81.01
C LEU L 545 13.88 -26.49 -80.99
N VAL L 546 13.32 -27.52 -81.64
CA VAL L 546 11.88 -27.72 -81.70
C VAL L 546 11.25 -27.72 -80.31
N GLY L 547 12.01 -28.13 -79.30
CA GLY L 547 11.46 -28.29 -77.96
C GLY L 547 10.83 -27.04 -77.37
N GLN L 548 11.17 -25.86 -77.90
CA GLN L 548 10.55 -24.64 -77.41
C GLN L 548 9.07 -24.54 -77.76
N LEU L 549 8.59 -25.38 -78.68
CA LEU L 549 7.17 -25.37 -78.97
C LEU L 549 6.35 -25.98 -77.86
N PHE L 550 6.91 -26.97 -77.16
CA PHE L 550 6.17 -27.64 -76.10
C PHE L 550 6.25 -26.94 -74.77
N ARG L 551 7.36 -26.28 -74.47
CA ARG L 551 7.55 -25.64 -73.17
C ARG L 551 6.93 -24.24 -73.10
N TYR L 552 6.61 -23.83 -71.89
CA TYR L 552 6.28 -22.44 -71.54
C TYR L 552 7.36 -21.91 -70.61
N THR L 553 8.15 -20.98 -71.09
CA THR L 553 9.25 -20.40 -70.33
C THR L 553 8.84 -19.04 -69.77
N SER L 554 9.17 -18.78 -68.51
CA SER L 554 9.02 -17.45 -67.93
C SER L 554 10.31 -17.12 -67.23
N THR L 555 11.00 -16.09 -67.70
CA THR L 555 12.31 -15.70 -67.21
C THR L 555 12.20 -14.34 -66.55
N GLU L 556 13.11 -14.06 -65.62
CA GLU L 556 13.14 -12.77 -64.96
C GLU L 556 14.56 -12.48 -64.54
N ARG L 557 14.87 -11.19 -64.41
CA ARG L 557 16.18 -10.75 -63.94
C ARG L 557 15.99 -9.41 -63.24
N ALA L 558 16.89 -9.10 -62.33
CA ALA L 558 16.86 -7.82 -61.64
C ALA L 558 18.29 -7.46 -61.25
N LYS L 559 18.53 -6.16 -61.12
CA LYS L 559 19.79 -5.65 -60.64
C LYS L 559 19.51 -4.41 -59.80
N ARG L 560 20.24 -4.28 -58.71
CA ARG L 560 20.23 -3.05 -57.91
C ARG L 560 21.65 -2.74 -57.54
N ASN L 561 22.14 -1.57 -57.94
CA ASN L 561 23.47 -1.14 -57.57
C ASN L 561 23.33 0.16 -56.81
N LEU L 562 23.60 0.13 -55.51
CA LEU L 562 23.44 1.26 -54.62
C LEU L 562 24.81 1.65 -54.07
N MET L 563 25.08 2.95 -54.05
CA MET L 563 26.31 3.49 -53.47
C MET L 563 25.95 4.72 -52.65
N VAL L 564 26.63 4.89 -51.53
CA VAL L 564 26.45 6.05 -50.67
C VAL L 564 27.79 6.68 -50.44
N PHE L 565 27.92 7.95 -50.76
CA PHE L 565 29.17 8.68 -50.59
C PHE L 565 28.93 9.84 -49.62
N ILE L 566 30.02 10.33 -49.03
CA ILE L 566 29.94 11.45 -48.11
C ILE L 566 31.13 12.36 -48.40
N ARG L 567 30.87 13.63 -48.59
CA ARG L 567 31.94 14.62 -48.71
C ARG L 567 31.82 15.67 -47.63
N PRO L 568 32.65 15.65 -46.60
CA PRO L 568 32.69 16.77 -45.65
C PRO L 568 33.51 17.91 -46.20
N THR L 569 33.24 19.10 -45.68
CA THR L 569 34.05 20.28 -45.94
C THR L 569 34.07 21.12 -44.68
N ILE L 570 35.25 21.56 -44.26
CA ILE L 570 35.38 22.33 -43.03
C ILE L 570 35.38 23.81 -43.36
N ILE L 571 34.56 24.56 -42.63
CA ILE L 571 34.57 26.01 -42.72
C ILE L 571 35.33 26.55 -41.52
N ARG L 572 36.54 27.05 -41.76
CA ARG L 572 37.32 27.65 -40.69
C ARG L 572 36.91 29.09 -40.43
N ASP L 573 36.67 29.85 -41.49
CA ASP L 573 36.41 31.28 -41.36
C ASP L 573 35.25 31.67 -42.28
N ASP L 574 34.77 32.89 -42.10
CA ASP L 574 33.64 33.38 -42.89
C ASP L 574 33.98 33.40 -44.38
N ASP L 575 35.18 33.84 -44.74
CA ASP L 575 35.47 34.10 -46.15
C ASP L 575 35.38 32.84 -47.00
N VAL L 576 35.65 31.68 -46.43
CA VAL L 576 35.49 30.45 -47.20
C VAL L 576 34.03 30.01 -47.21
N TYR L 577 33.22 30.52 -46.28
CA TYR L 577 31.83 30.13 -46.20
C TYR L 577 30.91 31.05 -46.97
N ARG L 578 31.41 32.20 -47.44
CA ARG L 578 30.74 32.89 -48.54
C ARG L 578 30.94 32.15 -49.84
N SER L 579 32.20 31.88 -50.20
CA SER L 579 32.49 31.25 -51.48
C SER L 579 31.81 29.90 -51.59
N LEU L 580 31.72 29.18 -50.47
CA LEU L 580 30.99 27.92 -50.46
C LEU L 580 29.50 28.16 -50.64
N SER L 581 28.97 29.22 -50.01
CA SER L 581 27.57 29.57 -50.17
C SER L 581 27.31 30.29 -51.48
N LYS L 582 28.27 31.08 -51.94
CA LYS L 582 28.10 31.82 -53.18
C LYS L 582 28.02 30.90 -54.37
N GLU L 583 28.74 29.78 -54.35
CA GLU L 583 28.71 28.90 -55.51
C GLU L 583 27.46 28.05 -55.54
N LYS L 584 26.86 27.78 -54.38
CA LYS L 584 25.55 27.13 -54.39
C LYS L 584 24.45 28.13 -54.69
N TYR L 585 24.58 29.35 -54.20
CA TYR L 585 23.60 30.40 -54.47
C TYR L 585 23.58 30.74 -55.95
N THR L 586 24.75 30.77 -56.58
CA THR L 586 24.84 31.12 -58.00
C THR L 586 24.51 29.93 -58.89
N ARG L 587 25.01 28.74 -58.55
CA ARG L 587 24.69 27.57 -59.35
C ARG L 587 23.19 27.28 -59.33
N TYR L 588 22.52 27.64 -58.23
CA TYR L 588 21.08 27.50 -58.20
C TYR L 588 20.41 28.65 -58.96
N ARG L 589 20.96 29.86 -58.84
CA ARG L 589 20.41 31.00 -59.55
C ARG L 589 20.59 30.86 -61.05
N GLN L 590 21.79 30.46 -61.48
CA GLN L 590 22.03 30.23 -62.90
C GLN L 590 21.23 29.05 -63.43
N GLU L 591 20.76 28.16 -62.57
CA GLU L 591 19.88 27.10 -63.02
C GLU L 591 18.45 27.61 -63.21
N GLN L 592 17.99 28.49 -62.32
CA GLN L 592 16.69 29.12 -62.52
C GLN L 592 16.68 29.99 -63.77
N GLN L 593 17.75 30.77 -63.98
CA GLN L 593 17.80 31.60 -65.18
C GLN L 593 17.86 30.76 -66.44
N GLN L 594 18.44 29.56 -66.36
CA GLN L 594 18.43 28.67 -67.51
C GLN L 594 17.04 28.13 -67.78
N ARG L 595 16.26 27.89 -66.72
CA ARG L 595 14.90 27.39 -66.89
C ARG L 595 13.98 28.46 -67.44
N ILE L 596 14.26 29.73 -67.13
CA ILE L 596 13.47 30.82 -67.69
C ILE L 596 13.74 30.96 -69.19
N ASP L 597 14.99 30.78 -69.59
CA ASP L 597 15.32 30.82 -71.01
C ASP L 597 15.00 29.51 -71.72
N GLY L 598 14.88 28.40 -70.97
CA GLY L 598 14.58 27.13 -71.58
C GLY L 598 13.15 27.00 -72.03
N LYS L 599 12.23 27.74 -71.42
CA LYS L 599 10.85 27.73 -71.87
C LYS L 599 10.72 28.56 -73.15
N SER L 600 9.95 28.06 -74.10
CA SER L 600 9.79 28.69 -75.39
C SER L 600 8.51 29.51 -75.43
N LYS L 601 8.61 30.72 -75.99
CA LYS L 601 7.42 31.49 -76.28
C LYS L 601 6.61 30.82 -77.37
N ALA L 602 5.35 31.22 -77.47
CA ALA L 602 4.32 30.71 -78.36
C ALA L 602 3.69 29.43 -77.80
N LEU L 603 4.15 28.96 -76.64
CA LEU L 603 3.43 27.96 -75.86
C LEU L 603 3.13 28.54 -74.49
N VAL L 604 1.93 28.26 -73.98
CA VAL L 604 1.56 28.75 -72.66
C VAL L 604 2.37 28.03 -71.60
N GLY L 605 2.92 28.80 -70.66
CA GLY L 605 3.70 28.23 -69.58
C GLY L 605 3.58 29.07 -68.33
N SER L 606 4.09 28.53 -67.24
CA SER L 606 4.03 29.23 -65.97
C SER L 606 4.92 30.46 -66.01
N GLU L 607 4.43 31.55 -65.42
CA GLU L 607 5.25 32.74 -65.25
C GLU L 607 6.28 32.51 -64.16
N ASP L 608 7.51 32.90 -64.43
CA ASP L 608 8.63 32.56 -63.56
C ASP L 608 8.56 33.34 -62.26
N LEU L 609 9.20 32.80 -61.23
CA LEU L 609 9.39 33.54 -60.00
C LEU L 609 10.50 34.57 -60.20
N PRO L 610 10.60 35.56 -59.31
CA PRO L 610 11.83 36.34 -59.25
C PRO L 610 12.98 35.44 -58.83
N VAL L 611 14.09 35.53 -59.54
CA VAL L 611 15.20 34.60 -59.36
C VAL L 611 16.17 35.21 -58.35
N LEU L 612 16.14 34.67 -57.13
CA LEU L 612 17.01 35.05 -56.03
C LEU L 612 17.22 36.56 -55.97
N ASP L 613 18.46 36.98 -55.77
CA ASP L 613 18.86 38.39 -55.79
C ASP L 613 20.23 38.49 -56.41
N GLU L 614 20.40 39.47 -57.29
CA GLU L 614 21.68 39.68 -57.95
C GLU L 614 22.70 40.36 -57.06
N ASN L 615 22.28 41.33 -56.25
CA ASN L 615 23.21 42.10 -55.44
C ASN L 615 23.80 41.31 -54.29
N THR L 616 23.20 40.17 -53.92
CA THR L 616 23.75 39.36 -52.84
C THR L 616 25.14 38.87 -53.23
N PHE L 617 26.04 38.82 -52.26
CA PHE L 617 27.44 38.47 -52.46
C PHE L 617 28.13 39.51 -53.36
N GLY M 99 41.98 78.26 71.72
CA GLY M 99 43.38 77.99 72.02
C GLY M 99 43.62 76.73 72.82
N ASP M 100 43.44 76.83 74.12
CA ASP M 100 43.61 75.70 75.03
C ASP M 100 42.30 74.98 75.31
N GLU M 101 41.22 75.36 74.64
CA GLU M 101 39.89 74.90 75.04
C GLU M 101 39.70 73.44 74.64
N LEU M 102 39.48 72.59 75.64
CA LEU M 102 39.41 71.14 75.43
C LEU M 102 37.97 70.75 75.17
N VAL M 103 37.68 70.34 73.95
CA VAL M 103 36.33 69.93 73.55
C VAL M 103 36.44 68.72 72.64
N THR M 104 35.37 67.94 72.61
CA THR M 104 35.24 66.80 71.72
C THR M 104 34.37 67.17 70.52
N ARG M 105 34.89 66.88 69.35
CA ARG M 105 34.20 67.20 68.10
C ARG M 105 34.55 66.10 67.10
N ILE M 106 33.57 65.78 66.26
CA ILE M 106 33.49 64.48 65.61
C ILE M 106 33.21 64.68 64.12
N VAL M 107 34.15 64.27 63.27
CA VAL M 107 33.99 64.31 61.82
C VAL M 107 34.13 62.91 61.25
N PRO M 108 33.14 62.39 60.51
CA PRO M 108 33.35 61.13 59.78
C PRO M 108 34.23 61.31 58.55
N LEU M 109 34.88 60.22 58.16
CA LEU M 109 35.38 60.04 56.80
C LEU M 109 34.40 59.11 56.09
N GLU M 110 33.56 59.68 55.22
CA GLU M 110 32.54 58.84 54.60
C GLU M 110 33.12 58.06 53.42
N ASN M 111 33.93 58.73 52.61
CA ASN M 111 34.55 58.16 51.42
C ASN M 111 35.33 56.89 51.75
N VAL M 112 36.11 56.91 52.83
CA VAL M 112 37.04 55.83 53.17
C VAL M 112 36.67 55.34 54.56
N PRO M 113 37.00 54.12 54.97
CA PRO M 113 37.00 53.81 56.41
C PRO M 113 38.08 54.61 57.12
N ALA M 114 37.69 55.28 58.21
CA ALA M 114 38.56 56.25 58.87
C ALA M 114 39.79 55.62 59.51
N ARG M 115 39.86 54.28 59.53
CA ARG M 115 40.94 53.57 60.21
C ARG M 115 42.31 54.12 59.85
N ASP M 116 42.50 54.51 58.59
CA ASP M 116 43.79 54.97 58.07
C ASP M 116 44.32 56.25 58.74
N LEU M 117 43.51 56.95 59.54
CA LEU M 117 44.06 58.08 60.27
C LEU M 117 44.44 57.77 61.71
N ALA M 118 44.34 56.51 62.13
CA ALA M 118 44.71 56.17 63.51
C ALA M 118 46.17 56.44 63.83
N PRO M 119 47.15 56.04 63.02
CA PRO M 119 48.53 56.51 63.28
C PRO M 119 48.68 58.01 63.11
N LEU M 120 47.94 58.61 62.18
CA LEU M 120 48.10 60.04 61.93
C LEU M 120 47.56 60.87 63.10
N LEU M 121 46.31 60.58 63.51
CA LEU M 121 45.61 61.47 64.45
C LEU M 121 45.99 61.22 65.90
N ARG M 122 46.13 59.96 66.31
CA ARG M 122 46.76 59.72 67.61
C ARG M 122 48.25 60.00 67.55
N GLN M 123 48.82 60.08 66.35
CA GLN M 123 50.11 60.74 66.22
C GLN M 123 49.99 62.23 66.52
N MET M 124 48.83 62.84 66.23
CA MET M 124 48.64 64.25 66.56
C MET M 124 48.30 64.45 68.04
N MET M 125 47.68 63.47 68.69
CA MET M 125 47.84 63.35 70.13
C MET M 125 49.30 63.35 70.51
N ASP M 126 50.06 62.47 69.89
CA ASP M 126 51.48 62.29 70.10
C ASP M 126 52.30 63.47 69.54
N ALA M 127 51.65 64.43 68.87
CA ALA M 127 52.35 65.61 68.41
C ALA M 127 52.65 66.60 69.52
N GLY M 128 51.71 66.83 70.43
CA GLY M 128 51.87 67.89 71.41
C GLY M 128 51.19 67.54 72.71
N SER M 129 51.29 68.46 73.67
CA SER M 129 50.92 68.16 75.05
C SER M 129 49.51 67.60 75.13
N VAL M 130 49.38 66.48 75.85
CA VAL M 130 48.30 65.53 75.67
C VAL M 130 47.09 66.01 76.45
N GLY M 131 46.09 65.12 76.64
CA GLY M 131 44.72 65.51 76.83
C GLY M 131 43.85 65.23 75.63
N ASN M 132 44.33 64.39 74.71
CA ASN M 132 43.66 64.12 73.45
C ASN M 132 43.08 62.72 73.44
N VAL M 133 42.01 62.56 72.67
CA VAL M 133 41.44 61.26 72.31
C VAL M 133 41.06 61.28 70.84
N VAL M 134 41.40 60.21 70.14
CA VAL M 134 40.91 59.97 68.79
C VAL M 134 40.34 58.56 68.82
N HIS M 135 39.19 58.35 68.17
CA HIS M 135 38.49 57.10 68.27
C HIS M 135 37.56 56.95 67.06
N TYR M 136 37.09 55.71 66.83
CA TYR M 136 36.62 55.29 65.52
C TYR M 136 35.34 54.46 65.66
N GLU M 137 34.25 54.92 64.98
CA GLU M 137 33.14 53.98 65.00
C GLU M 137 33.15 53.06 63.78
N PRO M 138 32.48 51.90 63.87
CA PRO M 138 32.28 51.07 62.68
C PRO M 138 31.59 51.83 61.58
N SER M 139 30.65 52.68 61.98
CA SER M 139 29.89 53.55 61.10
C SER M 139 30.80 54.58 60.44
N ASN M 140 32.08 54.56 60.81
CA ASN M 140 33.13 55.33 60.13
C ASN M 140 32.99 56.83 60.38
N VAL M 141 32.52 57.19 61.57
CA VAL M 141 32.66 58.54 62.09
C VAL M 141 33.90 58.55 62.98
N LEU M 142 34.62 59.67 62.92
CA LEU M 142 35.90 59.79 63.60
C LEU M 142 35.75 60.81 64.73
N ILE M 143 35.80 60.34 65.96
CA ILE M 143 35.43 61.16 67.11
C ILE M 143 36.69 61.63 67.84
N LEU M 144 36.73 62.93 68.14
CA LEU M 144 37.92 63.56 68.70
C LEU M 144 37.62 64.23 70.03
N THR M 145 38.69 64.39 70.81
CA THR M 145 38.72 65.15 72.03
C THR M 145 40.07 65.85 72.10
N GLY M 146 40.07 67.16 72.37
CA GLY M 146 41.33 67.83 72.56
C GLY M 146 41.20 69.34 72.64
N ARG M 147 42.32 69.98 72.95
CA ARG M 147 42.37 71.43 73.01
C ARG M 147 42.24 72.02 71.61
N ALA M 148 41.92 73.33 71.57
CA ALA M 148 41.38 73.95 70.36
C ALA M 148 42.32 73.89 69.16
N SER M 149 43.63 74.04 69.37
CA SER M 149 44.55 74.01 68.23
C SER M 149 44.80 72.60 67.73
N THR M 150 45.18 71.69 68.63
CA THR M 150 45.41 70.30 68.26
C THR M 150 44.20 69.75 67.52
N ILE M 151 43.00 70.14 67.95
CA ILE M 151 41.82 69.71 67.21
C ILE M 151 41.64 70.52 65.94
N ASN M 152 42.09 71.78 65.89
CA ASN M 152 42.05 72.50 64.62
C ASN M 152 42.70 71.68 63.52
N LYS M 153 43.94 71.26 63.75
CA LYS M 153 44.64 70.57 62.67
C LYS M 153 44.36 69.07 62.66
N LEU M 154 43.78 68.53 63.74
CA LEU M 154 43.21 67.18 63.68
C LEU M 154 41.99 67.13 62.77
N ILE M 155 40.96 67.93 63.07
CA ILE M 155 39.77 67.93 62.23
C ILE M 155 40.12 68.40 60.82
N GLU M 156 41.14 69.27 60.69
CA GLU M 156 41.75 69.48 59.38
C GLU M 156 42.12 68.17 58.72
N VAL M 157 42.88 67.32 59.42
CA VAL M 157 43.25 66.05 58.82
C VAL M 157 42.00 65.29 58.39
N ILE M 158 40.94 65.37 59.19
CA ILE M 158 39.82 64.45 58.99
C ILE M 158 38.96 64.84 57.80
N LYS M 159 38.49 66.10 57.75
CA LYS M 159 37.78 66.50 56.54
C LYS M 159 38.69 66.39 55.33
N ARG M 160 39.98 66.72 55.51
CA ARG M 160 40.95 66.47 54.47
C ARG M 160 40.81 65.07 53.91
N VAL M 161 41.15 64.06 54.70
CA VAL M 161 41.15 62.68 54.22
C VAL M 161 39.78 62.26 53.70
N ASP M 162 38.73 62.93 54.16
CA ASP M 162 37.41 62.76 53.53
C ASP M 162 37.44 63.16 52.06
N VAL M 163 37.58 64.45 51.78
CA VAL M 163 37.35 64.93 50.42
C VAL M 163 38.58 64.66 49.54
N ILE M 164 39.67 64.21 50.15
CA ILE M 164 40.80 63.74 49.36
C ILE M 164 40.76 62.22 49.27
N GLY M 165 39.83 61.61 50.00
CA GLY M 165 39.47 60.24 49.73
C GLY M 165 38.22 60.14 48.88
N THR M 166 37.81 61.27 48.29
CA THR M 166 36.63 61.30 47.44
C THR M 166 36.62 60.25 46.34
N GLU M 167 35.57 59.45 46.31
CA GLU M 167 35.00 58.93 45.08
C GLU M 167 33.49 58.86 45.22
N LYS M 168 32.79 59.50 44.30
CA LYS M 168 31.39 59.88 44.48
C LYS M 168 30.63 59.71 43.17
N GLN M 169 29.31 59.62 43.28
CA GLN M 169 28.48 59.01 42.26
C GLN M 169 27.95 60.04 41.28
N GLN M 170 27.81 59.62 40.02
CA GLN M 170 27.03 60.40 39.07
C GLN M 170 26.50 59.48 38.00
N ILE M 171 25.30 59.77 37.52
CA ILE M 171 24.77 58.98 36.40
C ILE M 171 24.37 59.97 35.32
N ILE M 172 24.73 59.62 34.09
CA ILE M 172 24.78 60.58 33.00
C ILE M 172 24.02 60.00 31.80
N HIS M 173 23.52 60.88 30.94
CA HIS M 173 22.78 60.46 29.75
C HIS M 173 23.72 59.82 28.73
N LEU M 174 23.14 59.03 27.83
CA LEU M 174 23.75 58.68 26.55
C LEU M 174 22.85 59.20 25.45
N GLU M 175 23.40 60.08 24.60
CA GLU M 175 22.60 60.82 23.64
C GLU M 175 22.00 59.95 22.54
N TYR M 176 22.84 59.25 21.79
CA TYR M 176 22.41 58.45 20.64
C TYR M 176 22.89 57.02 20.76
N ALA M 177 24.20 56.86 20.79
CA ALA M 177 24.83 55.56 20.72
C ALA M 177 24.26 54.59 21.75
N SER M 178 24.06 53.34 21.33
CA SER M 178 23.53 52.30 22.20
C SER M 178 24.44 52.09 23.41
N ALA M 179 23.79 51.76 24.53
CA ALA M 179 24.48 51.76 25.81
C ALA M 179 25.45 50.59 25.92
N GLU M 180 24.99 49.39 25.56
CA GLU M 180 25.84 48.20 25.56
C GLU M 180 27.19 48.44 24.91
N ASP M 181 27.24 49.19 23.82
CA ASP M 181 28.51 49.42 23.16
C ASP M 181 29.47 50.15 24.08
N LEU M 182 29.18 51.43 24.31
CA LEU M 182 30.06 52.26 25.13
C LEU M 182 30.40 51.56 26.44
N ALA M 183 29.46 50.79 26.98
CA ALA M 183 29.83 49.77 27.93
C ALA M 183 31.02 48.99 27.41
N GLU M 184 30.81 48.21 26.33
CA GLU M 184 31.80 47.20 25.95
C GLU M 184 33.18 47.83 25.87
N ILE M 185 33.29 49.03 25.31
CA ILE M 185 34.60 49.64 25.22
C ILE M 185 35.11 49.97 26.61
N LEU M 186 34.35 50.74 27.39
CA LEU M 186 34.95 51.35 28.57
C LEU M 186 35.17 50.33 29.68
N ASN M 187 34.28 49.34 29.77
CA ASN M 187 34.44 48.26 30.73
C ASN M 187 35.86 47.73 30.70
N GLN M 188 36.20 47.11 29.58
CA GLN M 188 37.44 46.41 29.35
C GLN M 188 38.63 47.35 29.22
N LEU M 189 38.40 48.66 29.28
CA LEU M 189 39.48 49.62 29.50
C LEU M 189 39.84 49.67 30.97
N ILE M 190 41.08 49.31 31.28
CA ILE M 190 41.57 49.40 32.65
C ILE M 190 43.06 49.77 32.57
N LYS M 206 32.32 52.15 38.73
CA LYS M 206 32.11 51.15 37.69
C LYS M 206 31.43 51.78 36.49
N ILE M 207 30.96 50.96 35.55
CA ILE M 207 30.37 51.44 34.31
C ILE M 207 29.04 50.74 34.11
N VAL M 208 27.96 51.51 34.04
CA VAL M 208 26.62 50.94 33.89
C VAL M 208 25.96 51.51 32.64
N ALA M 209 25.21 50.67 31.95
CA ALA M 209 24.50 51.04 30.73
C ALA M 209 22.99 51.06 30.97
N ASP M 210 22.29 51.90 30.19
CA ASP M 210 20.84 51.84 30.06
C ASP M 210 20.47 51.97 28.59
N LYS M 211 19.77 50.96 28.07
CA LYS M 211 19.15 51.09 26.76
C LYS M 211 17.80 51.80 26.84
N ARG M 212 16.98 51.48 27.86
CA ARG M 212 15.62 52.02 27.90
C ARG M 212 15.63 53.53 27.91
N THR M 213 16.32 54.15 28.87
CA THR M 213 16.55 55.58 28.77
C THR M 213 17.94 55.93 28.25
N ASN M 214 18.78 54.91 27.97
CA ASN M 214 20.06 55.13 27.30
C ASN M 214 20.98 56.05 28.11
N SER M 215 21.51 55.52 29.21
CA SER M 215 22.37 56.31 30.10
C SER M 215 23.70 55.60 30.33
N LEU M 216 24.78 56.38 30.32
CA LEU M 216 26.04 55.90 30.89
C LEU M 216 26.17 56.37 32.33
N ILE M 217 26.39 55.42 33.22
CA ILE M 217 26.37 55.64 34.66
C ILE M 217 27.77 55.36 35.19
N ILE M 218 28.26 56.23 36.07
CA ILE M 218 29.68 56.23 36.37
C ILE M 218 29.94 56.62 37.82
N SER M 219 30.92 55.94 38.40
CA SER M 219 31.40 56.17 39.75
C SER M 219 32.89 56.54 39.72
N GLY M 220 33.31 57.19 40.79
CA GLY M 220 34.70 57.50 41.01
C GLY M 220 34.82 58.82 41.75
N PRO M 221 36.02 59.34 41.87
CA PRO M 221 36.18 60.72 42.36
C PRO M 221 35.58 61.72 41.38
N GLU M 222 35.80 63.01 41.68
CA GLU M 222 35.52 64.01 40.66
C GLU M 222 36.51 63.88 39.51
N LYS M 223 37.70 63.36 39.78
CA LYS M 223 38.65 63.14 38.70
C LYS M 223 38.26 61.93 37.86
N ALA M 224 37.54 60.97 38.45
CA ALA M 224 36.92 59.96 37.59
C ALA M 224 35.78 60.55 36.80
N ARG M 225 34.99 61.42 37.45
CA ARG M 225 33.99 62.19 36.72
C ARG M 225 34.59 62.81 35.48
N GLN M 226 35.68 63.57 35.64
CA GLN M 226 36.23 64.33 34.53
C GLN M 226 36.86 63.41 33.49
N ARG M 227 37.68 62.45 33.92
CA ARG M 227 38.39 61.61 32.96
C ARG M 227 37.40 60.86 32.07
N ILE M 228 36.32 60.35 32.66
CA ILE M 228 35.43 59.56 31.82
C ILE M 228 34.36 60.43 31.19
N THR M 229 34.22 61.69 31.63
CA THR M 229 33.47 62.64 30.82
C THR M 229 34.25 63.01 29.58
N SER M 230 35.57 62.88 29.64
CA SER M 230 36.39 63.13 28.47
C SER M 230 36.40 61.93 27.54
N LEU M 231 36.32 60.73 28.09
CA LEU M 231 36.03 59.58 27.23
C LEU M 231 34.66 59.73 26.58
N LEU M 232 33.65 60.13 27.36
CA LEU M 232 32.36 60.40 26.76
C LEU M 232 32.48 61.40 25.63
N LYS M 233 33.04 62.57 25.91
CA LYS M 233 33.15 63.59 24.87
C LYS M 233 33.90 63.05 23.66
N SER M 234 34.82 62.11 23.89
CA SER M 234 35.37 61.36 22.77
C SER M 234 34.26 60.77 21.93
N LEU M 235 33.52 59.78 22.45
CA LEU M 235 32.34 59.32 21.71
C LEU M 235 31.06 59.68 22.45
N ASP M 236 30.48 60.81 22.07
CA ASP M 236 29.05 61.04 22.14
C ASP M 236 28.42 60.99 20.77
N VAL M 237 29.22 60.85 19.70
CA VAL M 237 28.74 61.15 18.36
C VAL M 237 28.02 59.95 17.76
N GLU M 238 26.91 60.22 17.09
CA GLU M 238 26.22 59.17 16.37
C GLU M 238 26.89 59.00 15.02
N GLU M 239 27.29 57.77 14.73
CA GLU M 239 27.99 57.48 13.49
C GLU M 239 27.09 57.73 12.29
N SER M 240 27.67 58.26 11.22
CA SER M 240 26.92 58.44 9.98
C SER M 240 26.95 57.11 9.23
N GLU M 241 26.24 56.13 9.77
CA GLU M 241 26.20 54.80 9.21
C GLU M 241 25.74 54.82 7.76
N GLU M 242 24.77 55.69 7.47
CA GLU M 242 24.18 55.79 6.14
C GLU M 242 23.22 54.63 5.95
N GLY M 243 22.81 54.39 4.70
CA GLY M 243 21.91 53.29 4.45
C GLY M 243 22.61 51.95 4.40
N ASN M 244 22.00 50.96 5.05
CA ASN M 244 22.42 49.57 4.91
C ASN M 244 21.94 48.93 3.62
N THR M 245 20.71 49.24 3.24
CA THR M 245 20.06 48.64 2.08
C THR M 245 19.92 49.63 0.93
N ARG M 246 20.35 49.21 -0.26
CA ARG M 246 20.16 49.99 -1.46
C ARG M 246 19.14 49.31 -2.36
N VAL M 247 18.44 50.12 -3.13
CA VAL M 247 17.47 49.64 -4.11
C VAL M 247 17.98 50.07 -5.47
N TYR M 248 18.40 49.11 -6.28
CA TYR M 248 18.91 49.38 -7.61
C TYR M 248 17.79 49.28 -8.62
N TYR M 249 17.66 50.31 -9.45
CA TYR M 249 16.70 50.28 -10.54
C TYR M 249 17.41 49.74 -11.76
N LEU M 250 17.05 48.52 -12.16
CA LEU M 250 17.71 47.89 -13.28
C LEU M 250 17.16 48.44 -14.58
N LYS M 251 18.04 48.69 -15.53
CA LYS M 251 17.66 49.03 -16.88
C LYS M 251 18.35 48.08 -17.83
N TYR M 252 17.56 47.34 -18.60
CA TYR M 252 17.94 46.31 -19.58
C TYR M 252 18.06 44.94 -18.95
N ALA M 253 17.99 44.82 -17.63
CA ALA M 253 18.03 43.52 -16.97
C ALA M 253 16.74 43.25 -16.23
N LYS M 254 16.46 41.98 -15.99
CA LYS M 254 15.25 41.56 -15.31
C LYS M 254 15.61 41.18 -13.89
N ALA M 255 14.98 41.81 -12.91
CA ALA M 255 15.40 41.73 -11.53
C ALA M 255 15.38 40.31 -10.99
N THR M 256 14.33 39.54 -11.36
CA THR M 256 14.20 38.18 -10.89
C THR M 256 15.33 37.31 -11.44
N ASN M 257 15.67 37.54 -12.70
CA ASN M 257 16.78 36.84 -13.33
C ASN M 257 18.10 37.17 -12.66
N LEU M 258 18.30 38.46 -12.40
CA LEU M 258 19.53 38.95 -11.82
C LEU M 258 19.72 38.38 -10.44
N VAL M 259 18.63 38.22 -9.71
CA VAL M 259 18.74 37.77 -8.34
C VAL M 259 19.39 36.40 -8.27
N GLU M 260 19.02 35.49 -9.16
CA GLU M 260 19.59 34.15 -9.09
C GLU M 260 21.10 34.20 -9.32
N VAL M 261 21.52 34.98 -10.31
CA VAL M 261 22.94 35.11 -10.62
C VAL M 261 23.69 35.72 -9.45
N LEU M 262 23.09 36.74 -8.85
CA LEU M 262 23.68 37.46 -7.74
C LEU M 262 23.83 36.56 -6.52
N THR M 263 22.86 35.67 -6.35
CA THR M 263 22.75 34.90 -5.13
C THR M 263 24.02 34.11 -4.95
N GLY M 264 24.55 33.56 -6.04
CA GLY M 264 25.76 32.80 -5.90
C GLY M 264 26.92 33.69 -5.43
N VAL M 265 27.01 34.90 -6.00
CA VAL M 265 28.09 35.84 -5.66
C VAL M 265 28.02 36.24 -4.20
N SER M 266 26.81 36.46 -3.72
CA SER M 266 26.60 36.83 -2.36
C SER M 266 26.77 35.59 -1.48
N GLU M 267 26.35 34.41 -2.01
CA GLU M 267 26.34 33.17 -1.22
C GLU M 267 27.74 32.57 -1.33
N VAL M 288 24.98 38.61 3.07
CA VAL M 288 24.32 39.51 2.13
C VAL M 288 23.01 38.91 1.63
N ALA M 289 22.00 39.76 1.52
CA ALA M 289 20.69 39.31 1.04
C ALA M 289 20.31 40.07 -0.22
N ILE M 290 20.01 39.33 -1.29
CA ILE M 290 19.60 39.94 -2.55
C ILE M 290 18.20 39.44 -2.86
N THR M 291 17.27 40.37 -3.06
CA THR M 291 15.92 40.03 -3.47
C THR M 291 15.40 41.10 -4.42
N ALA M 292 14.42 40.72 -5.23
CA ALA M 292 13.96 41.54 -6.34
C ALA M 292 12.50 41.90 -6.18
N ASP M 293 12.14 43.07 -6.69
CA ASP M 293 10.75 43.51 -6.80
C ASP M 293 10.33 43.32 -8.25
N GLU M 294 9.45 42.36 -8.50
CA GLU M 294 9.05 42.07 -9.86
C GLU M 294 8.17 43.16 -10.45
N GLN M 295 7.56 44.00 -9.62
CA GLN M 295 6.69 45.05 -10.14
C GLN M 295 7.52 46.19 -10.73
N THR M 296 8.27 46.88 -9.89
CA THR M 296 9.09 47.99 -10.35
C THR M 296 10.33 47.54 -11.09
N ASN M 297 10.63 46.24 -11.12
CA ASN M 297 11.84 45.71 -11.72
C ASN M 297 13.07 46.35 -11.10
N SER M 298 13.12 46.30 -9.78
CA SER M 298 14.23 46.83 -9.01
C SER M 298 14.80 45.73 -8.12
N LEU M 299 16.08 45.87 -7.79
CA LEU M 299 16.81 44.85 -7.07
C LEU M 299 17.21 45.40 -5.72
N VAL M 300 16.99 44.64 -4.66
CA VAL M 300 17.20 45.10 -3.29
C VAL M 300 18.34 44.30 -2.69
N ILE M 301 19.46 44.97 -2.43
CA ILE M 301 20.63 44.35 -1.81
C ILE M 301 20.89 45.03 -0.48
N THR M 302 20.91 44.24 0.59
CA THR M 302 21.31 44.72 1.90
C THR M 302 22.59 44.01 2.32
N ALA M 303 23.60 44.79 2.68
CA ALA M 303 24.94 44.27 2.93
C ALA M 303 25.83 45.43 3.39
N ASP M 304 27.05 45.08 3.78
CA ASP M 304 28.01 46.07 4.23
C ASP M 304 28.35 47.03 3.10
N GLN M 305 28.75 48.25 3.49
CA GLN M 305 29.20 49.24 2.51
C GLN M 305 30.28 48.70 1.59
N SER M 306 31.08 47.75 2.07
CA SER M 306 32.12 47.16 1.23
C SER M 306 31.50 46.30 0.15
N VAL M 307 30.56 45.42 0.53
CA VAL M 307 29.91 44.55 -0.45
C VAL M 307 29.08 45.38 -1.44
N GLN M 308 28.43 46.43 -0.95
CA GLN M 308 27.61 47.27 -1.81
C GLN M 308 28.41 47.84 -2.97
N GLU M 309 29.60 48.37 -2.68
CA GLU M 309 30.40 48.97 -3.73
C GLU M 309 30.93 47.92 -4.70
N LYS M 310 31.08 46.69 -4.25
CA LYS M 310 31.53 45.63 -5.14
C LYS M 310 30.39 45.09 -6.00
N LEU M 311 29.22 44.88 -5.41
CA LEU M 311 28.06 44.45 -6.19
C LEU M 311 27.54 45.55 -7.10
N ALA M 312 27.84 46.82 -6.79
CA ALA M 312 27.41 47.89 -7.68
C ALA M 312 28.14 47.82 -9.01
N THR M 313 29.37 47.33 -9.03
CA THR M 313 30.10 47.15 -10.28
C THR M 313 29.69 45.88 -10.99
N VAL M 314 29.40 44.82 -10.24
CA VAL M 314 28.95 43.57 -10.84
C VAL M 314 27.63 43.77 -11.56
N ILE M 315 26.71 44.50 -10.94
CA ILE M 315 25.43 44.76 -11.57
C ILE M 315 25.60 45.66 -12.79
N ALA M 316 26.44 46.69 -12.68
CA ALA M 316 26.66 47.58 -13.82
C ALA M 316 27.24 46.82 -15.00
N ARG M 317 28.08 45.82 -14.74
CA ARG M 317 28.60 44.99 -15.81
C ARG M 317 27.54 44.08 -16.38
N LEU M 318 26.65 43.61 -15.53
CA LEU M 318 25.69 42.56 -15.88
C LEU M 318 24.36 43.14 -16.34
N ASP M 319 24.21 44.46 -16.31
CA ASP M 319 22.98 45.16 -16.65
C ASP M 319 22.97 45.68 -18.09
N ILE M 320 23.97 45.32 -18.89
CA ILE M 320 24.19 45.99 -20.17
C ILE M 320 23.04 45.72 -21.14
N ARG M 321 22.95 46.60 -22.14
CA ARG M 321 21.99 46.43 -23.21
C ARG M 321 22.42 45.30 -24.15
N ARG M 322 21.45 44.51 -24.59
CA ARG M 322 21.70 43.31 -25.36
C ARG M 322 21.25 43.51 -26.80
N ALA M 323 21.99 42.92 -27.73
CA ALA M 323 21.78 43.14 -29.15
C ALA M 323 20.60 42.34 -29.67
N GLN M 324 20.05 42.80 -30.78
CA GLN M 324 18.94 42.16 -31.49
C GLN M 324 19.44 41.62 -32.81
N VAL M 325 18.80 40.56 -33.29
CA VAL M 325 19.19 39.91 -34.52
C VAL M 325 17.97 39.76 -35.41
N LEU M 326 18.05 40.28 -36.63
CA LEU M 326 17.08 39.98 -37.66
C LEU M 326 17.54 38.76 -38.45
N VAL M 327 16.74 37.72 -38.44
CA VAL M 327 17.10 36.45 -39.06
C VAL M 327 16.15 36.21 -40.23
N GLU M 328 16.65 36.33 -41.45
CA GLU M 328 15.89 35.93 -42.63
C GLU M 328 16.34 34.55 -43.07
N ALA M 329 15.37 33.65 -43.27
CA ALA M 329 15.62 32.40 -43.94
C ALA M 329 15.10 32.52 -45.37
N ILE M 330 15.76 31.85 -46.29
CA ILE M 330 15.34 31.82 -47.69
C ILE M 330 15.27 30.36 -48.09
N ILE M 331 14.06 29.88 -48.35
CA ILE M 331 13.85 28.50 -48.77
C ILE M 331 13.41 28.54 -50.21
N VAL M 332 14.28 28.09 -51.11
CA VAL M 332 13.96 28.00 -52.53
C VAL M 332 13.92 26.53 -52.91
N GLU M 333 12.82 26.11 -53.52
CA GLU M 333 12.73 24.79 -54.09
C GLU M 333 12.23 24.91 -55.51
N VAL M 334 12.71 24.03 -56.38
CA VAL M 334 12.22 23.95 -57.74
C VAL M 334 12.08 22.48 -58.12
N GLN M 335 10.90 22.10 -58.58
CA GLN M 335 10.64 20.74 -59.03
C GLN M 335 10.23 20.78 -60.49
N ASP M 336 10.58 19.73 -61.22
CA ASP M 336 9.99 19.50 -62.52
C ASP M 336 10.19 18.05 -62.90
N GLY M 337 9.36 17.57 -63.80
CA GLY M 337 9.52 16.24 -64.34
C GLY M 337 8.60 16.02 -65.51
N ASN M 338 8.96 15.13 -66.42
CA ASN M 338 8.18 14.89 -67.62
C ASN M 338 8.06 13.41 -67.89
N GLY M 339 6.84 12.89 -67.86
CA GLY M 339 6.59 11.53 -68.28
C GLY M 339 6.21 11.45 -69.74
N LEU M 340 6.50 10.31 -70.36
CA LEU M 340 6.05 9.99 -71.70
C LEU M 340 5.66 8.52 -71.73
N ASN M 341 4.42 8.22 -72.08
CA ASN M 341 4.02 6.84 -72.28
C ASN M 341 3.25 6.69 -73.58
N LEU M 342 3.83 5.97 -74.53
CA LEU M 342 3.21 5.72 -75.83
C LEU M 342 3.33 4.25 -76.14
N GLY M 343 2.32 3.70 -76.79
CA GLY M 343 2.35 2.30 -77.17
C GLY M 343 1.50 2.05 -78.39
N VAL M 344 1.86 1.04 -79.16
CA VAL M 344 1.10 0.64 -80.33
C VAL M 344 0.61 -0.75 -80.02
N GLN M 345 -0.67 -1.03 -80.25
CA GLN M 345 -1.21 -2.39 -80.14
C GLN M 345 -1.92 -2.63 -81.46
N TRP M 346 -1.74 -3.75 -82.12
CA TRP M 346 -2.48 -4.05 -83.36
C TRP M 346 -3.22 -5.35 -83.09
N ALA M 347 -4.50 -5.48 -83.41
CA ALA M 347 -5.20 -6.75 -83.20
C ALA M 347 -5.68 -7.25 -84.55
N ASN M 348 -5.43 -8.50 -84.94
CA ASN M 348 -5.92 -8.99 -86.25
C ASN M 348 -6.83 -10.20 -86.11
N LYS M 349 -7.99 -10.23 -86.74
CA LYS M 349 -8.81 -11.41 -86.51
C LYS M 349 -8.17 -12.67 -87.06
N ASN M 350 -7.60 -12.57 -88.25
CA ASN M 350 -6.97 -13.73 -88.89
C ASN M 350 -5.75 -14.29 -88.19
N VAL M 351 -4.86 -13.42 -87.72
CA VAL M 351 -3.61 -13.86 -87.10
C VAL M 351 -3.63 -13.85 -85.58
N GLY M 352 -4.10 -12.77 -84.99
CA GLY M 352 -4.08 -12.62 -83.55
C GLY M 352 -3.89 -11.16 -83.19
N ALA M 353 -3.81 -10.87 -81.90
CA ALA M 353 -3.70 -9.48 -81.45
C ALA M 353 -2.57 -9.26 -80.46
N GLN M 354 -1.99 -8.07 -80.49
CA GLN M 354 -1.01 -7.67 -79.50
C GLN M 354 -1.68 -6.60 -78.63
N GLN M 355 -1.73 -6.85 -77.34
CA GLN M 355 -2.43 -5.94 -76.44
C GLN M 355 -1.58 -5.56 -75.24
N PHE M 356 -1.67 -4.31 -74.82
CA PHE M 356 -0.98 -3.83 -73.64
C PHE M 356 -1.98 -3.11 -72.75
N THR M 357 -2.29 -3.72 -71.62
CA THR M 357 -2.84 -2.95 -70.54
C THR M 357 -1.74 -2.00 -70.05
N ASN M 358 -2.16 -0.92 -69.40
CA ASN M 358 -1.36 0.24 -69.00
C ASN M 358 -1.28 1.26 -70.13
N THR M 359 -1.71 0.93 -71.34
CA THR M 359 -1.93 1.98 -72.32
C THR M 359 -3.12 2.85 -71.96
N GLY M 360 -3.87 2.47 -70.93
CA GLY M 360 -5.05 3.14 -70.51
C GLY M 360 -6.30 2.63 -71.17
N LEU M 361 -6.16 2.07 -72.38
CA LEU M 361 -7.16 1.22 -72.94
C LEU M 361 -6.48 0.09 -73.70
N PRO M 362 -6.91 -1.15 -73.49
CA PRO M 362 -6.41 -2.25 -74.31
C PRO M 362 -7.14 -2.37 -75.63
N ILE M 363 -6.47 -3.03 -76.59
CA ILE M 363 -7.05 -3.20 -77.91
C ILE M 363 -8.32 -4.03 -77.86
N PHE M 364 -8.43 -4.96 -76.91
CA PHE M 364 -9.61 -5.80 -76.85
C PHE M 364 -10.82 -5.01 -76.39
N ASN M 365 -10.72 -4.34 -75.25
CA ASN M 365 -11.86 -3.59 -74.73
C ASN M 365 -12.20 -2.40 -75.60
N ALA M 366 -11.22 -1.84 -76.30
CA ALA M 366 -11.51 -0.75 -77.22
C ALA M 366 -12.26 -1.25 -78.45
N ALA M 367 -11.81 -2.36 -79.02
CA ALA M 367 -12.48 -2.90 -80.20
C ALA M 367 -13.90 -3.36 -79.89
N GLN M 368 -14.16 -3.81 -78.66
CA GLN M 368 -15.53 -4.11 -78.28
C GLN M 368 -16.35 -2.84 -78.11
N GLY M 369 -15.72 -1.75 -77.70
CA GLY M 369 -16.41 -0.49 -77.55
C GLY M 369 -16.65 0.20 -78.87
N VAL M 370 -15.65 0.19 -79.75
CA VAL M 370 -15.82 0.80 -81.06
C VAL M 370 -16.86 0.06 -81.87
N ALA M 371 -16.83 -1.28 -81.84
CA ALA M 371 -17.83 -2.05 -82.56
C ALA M 371 -19.22 -1.78 -82.00
N ASP M 372 -19.36 -1.77 -80.67
CA ASP M 372 -20.63 -1.43 -80.06
C ASP M 372 -21.08 -0.03 -80.45
N TYR M 373 -20.14 0.89 -80.61
CA TYR M 373 -20.50 2.26 -80.97
C TYR M 373 -21.03 2.33 -82.39
N LYS M 374 -20.52 1.50 -83.29
CA LYS M 374 -20.98 1.55 -84.68
C LYS M 374 -22.38 0.97 -84.82
N LYS M 375 -22.66 -0.14 -84.14
CA LYS M 375 -23.97 -0.77 -84.31
C LYS M 375 -25.08 0.07 -83.70
N ASN M 376 -24.87 0.60 -82.49
CA ASN M 376 -25.91 1.32 -81.79
C ASN M 376 -25.91 2.81 -82.06
N GLY M 377 -24.88 3.33 -82.74
CA GLY M 377 -24.75 4.75 -82.96
C GLY M 377 -24.30 5.53 -81.75
N GLY M 378 -24.28 4.93 -80.57
CA GLY M 378 -23.84 5.58 -79.35
C GLY M 378 -23.41 4.53 -78.36
N ILE M 379 -23.06 4.98 -77.16
CA ILE M 379 -22.60 4.11 -76.09
C ILE M 379 -23.32 4.48 -74.81
N THR M 380 -24.07 3.54 -74.26
CA THR M 380 -24.71 3.72 -72.97
C THR M 380 -23.68 3.66 -71.84
N SER M 381 -24.06 4.19 -70.68
CA SER M 381 -23.19 4.11 -69.51
C SER M 381 -23.02 2.69 -69.02
N ALA M 382 -23.86 1.75 -69.46
CA ALA M 382 -23.74 0.36 -69.03
C ALA M 382 -22.69 -0.40 -69.83
N ASN M 383 -22.31 0.09 -71.00
CA ASN M 383 -21.26 -0.55 -71.78
C ASN M 383 -19.98 -0.57 -70.96
N PRO M 384 -19.34 -1.74 -70.78
CA PRO M 384 -18.12 -1.77 -69.97
C PRO M 384 -17.01 -0.88 -70.48
N ALA M 385 -17.01 -0.53 -71.76
CA ALA M 385 -16.01 0.37 -72.30
C ALA M 385 -16.25 1.82 -71.91
N TRP M 386 -17.39 2.14 -71.27
CA TRP M 386 -17.67 3.51 -70.90
C TRP M 386 -16.59 4.07 -69.98
N ASP M 387 -16.36 3.39 -68.84
CA ASP M 387 -15.38 3.88 -67.88
C ASP M 387 -13.97 3.90 -68.46
N MET M 388 -13.71 3.12 -69.51
CA MET M 388 -12.38 3.10 -70.09
C MET M 388 -12.14 4.30 -71.00
N PHE M 389 -13.14 4.65 -71.81
CA PHE M 389 -13.02 5.85 -72.64
C PHE M 389 -13.27 7.12 -71.85
N SER M 390 -14.12 7.06 -70.81
CA SER M 390 -14.46 8.27 -70.07
C SER M 390 -13.24 8.83 -69.36
N ALA M 391 -12.35 7.98 -68.88
CA ALA M 391 -11.08 8.42 -68.33
C ALA M 391 -9.98 7.91 -69.26
N TYR M 392 -9.45 8.80 -70.08
CA TYR M 392 -8.29 8.52 -70.91
C TYR M 392 -7.65 9.85 -71.24
N ASN M 393 -6.32 9.86 -71.35
CA ASN M 393 -5.60 11.09 -71.65
C ASN M 393 -4.65 10.84 -72.81
N GLY M 394 -4.57 11.82 -73.70
CA GLY M 394 -3.66 11.74 -74.83
C GLY M 394 -4.36 11.35 -76.11
N MET M 395 -3.58 11.24 -77.16
CA MET M 395 -4.10 10.96 -78.49
C MET M 395 -4.20 9.46 -78.70
N ALA M 396 -5.40 8.98 -78.96
CA ALA M 396 -5.63 7.60 -79.35
C ALA M 396 -6.07 7.58 -80.81
N ALA M 397 -5.19 7.13 -81.69
CA ALA M 397 -5.43 7.18 -83.13
C ALA M 397 -5.49 5.77 -83.68
N GLY M 398 -6.68 5.33 -84.06
CA GLY M 398 -6.83 4.04 -84.69
C GLY M 398 -6.71 4.12 -86.20
N PHE M 399 -6.21 3.03 -86.80
CA PHE M 399 -6.08 2.93 -88.24
C PHE M 399 -6.41 1.51 -88.68
N PHE M 400 -7.32 1.37 -89.62
CA PHE M 400 -7.69 0.06 -90.15
C PHE M 400 -7.19 -0.06 -91.58
N ASN M 401 -6.28 -1.00 -91.81
CA ASN M 401 -5.80 -1.34 -93.15
C ASN M 401 -6.26 -2.77 -93.44
N GLY M 402 -7.24 -2.89 -94.33
CA GLY M 402 -7.76 -4.21 -94.63
C GLY M 402 -8.40 -4.82 -93.39
N ASP M 403 -7.91 -6.00 -93.01
CA ASP M 403 -8.37 -6.67 -91.80
C ASP M 403 -7.54 -6.29 -90.58
N TRP M 404 -6.43 -5.59 -90.76
CA TRP M 404 -5.57 -5.22 -89.65
C TRP M 404 -6.13 -4.01 -88.92
N GLY M 405 -6.44 -4.17 -87.64
CA GLY M 405 -6.65 -3.02 -86.78
C GLY M 405 -5.34 -2.58 -86.15
N VAL M 406 -5.19 -1.28 -85.94
CA VAL M 406 -4.02 -0.70 -85.31
C VAL M 406 -4.46 0.45 -84.43
N LEU M 407 -3.91 0.52 -83.22
CA LEU M 407 -4.32 1.53 -82.25
C LEU M 407 -3.09 2.11 -81.60
N LEU M 408 -2.89 3.42 -81.76
CA LEU M 408 -1.76 4.14 -81.20
C LEU M 408 -2.23 5.04 -80.07
N THR M 409 -1.66 4.86 -78.89
CA THR M 409 -1.92 5.72 -77.75
C THR M 409 -0.64 6.45 -77.39
N ALA M 410 -0.73 7.77 -77.22
CA ALA M 410 0.44 8.57 -76.88
C ALA M 410 0.04 9.65 -75.91
N LEU M 411 0.78 9.77 -74.81
CA LEU M 411 0.60 10.85 -73.85
C LEU M 411 1.96 11.28 -73.35
N ALA M 412 2.26 12.56 -73.43
CA ALA M 412 3.48 13.11 -72.85
C ALA M 412 3.07 14.13 -71.80
N SER M 413 3.29 13.79 -70.54
CA SER M 413 2.99 14.69 -69.44
C SER M 413 4.25 15.46 -69.06
N ASN M 414 4.05 16.70 -68.66
CA ASN M 414 5.14 17.53 -68.18
C ASN M 414 4.58 18.41 -67.07
N ASN M 415 5.29 18.53 -65.96
CA ASN M 415 4.89 19.46 -64.92
C ASN M 415 6.10 20.24 -64.46
N LYS M 416 5.82 21.28 -63.70
CA LYS M 416 6.85 22.16 -63.19
C LYS M 416 6.33 22.76 -61.90
N ASN M 417 7.23 23.01 -60.97
CA ASN M 417 6.82 23.56 -59.69
C ASN M 417 7.96 24.40 -59.17
N ASP M 418 7.63 25.51 -58.52
CA ASP M 418 8.65 26.40 -58.01
C ASP M 418 8.12 27.05 -56.74
N ILE M 419 8.98 27.18 -55.74
CA ILE M 419 8.57 27.65 -54.43
C ILE M 419 9.61 28.62 -53.91
N LEU M 420 9.16 29.63 -53.20
CA LEU M 420 10.02 30.57 -52.51
C LEU M 420 9.36 30.93 -51.20
N ALA M 421 10.11 30.87 -50.11
CA ALA M 421 9.64 31.28 -48.81
C ALA M 421 10.73 32.08 -48.15
N THR M 422 10.36 33.11 -47.41
CA THR M 422 11.33 33.97 -46.73
C THR M 422 10.79 34.39 -45.37
N PRO M 423 10.70 33.45 -44.44
CA PRO M 423 10.32 33.82 -43.07
C PRO M 423 11.44 34.60 -42.40
N SER M 424 11.07 35.69 -41.73
CA SER M 424 12.04 36.48 -40.99
C SER M 424 11.49 36.78 -39.62
N ILE M 425 12.40 36.97 -38.66
CA ILE M 425 12.04 37.17 -37.28
C ILE M 425 13.09 38.07 -36.65
N VAL M 426 12.67 38.96 -35.77
CA VAL M 426 13.59 39.79 -34.99
C VAL M 426 13.47 39.36 -33.54
N THR M 427 14.62 39.22 -32.88
CA THR M 427 14.61 38.80 -31.49
C THR M 427 15.89 39.25 -30.81
N LEU M 428 15.84 39.31 -29.49
CA LEU M 428 17.04 39.58 -28.70
C LEU M 428 17.94 38.36 -28.71
N ASP M 429 19.24 38.60 -28.62
CA ASP M 429 20.17 37.48 -28.51
C ASP M 429 19.88 36.69 -27.25
N ASN M 430 20.12 35.38 -27.33
CA ASN M 430 19.95 34.41 -26.26
C ASN M 430 18.48 34.19 -25.93
N LYS M 431 17.57 34.91 -26.56
CA LYS M 431 16.14 34.69 -26.40
C LYS M 431 15.60 33.92 -27.59
N LEU M 432 14.80 32.90 -27.32
CA LEU M 432 14.24 32.04 -28.36
C LEU M 432 13.01 32.68 -28.98
N ALA M 433 13.05 32.85 -30.30
CA ALA M 433 11.92 33.37 -31.05
C ALA M 433 11.41 32.29 -31.99
N SER M 434 10.11 32.31 -32.25
CA SER M 434 9.51 31.39 -33.19
C SER M 434 8.50 32.12 -34.03
N PHE M 435 8.36 31.67 -35.27
CA PHE M 435 7.48 32.29 -36.24
C PHE M 435 6.74 31.18 -36.96
N ASN M 436 5.41 31.17 -36.85
CA ASN M 436 4.59 30.12 -37.42
C ASN M 436 3.60 30.78 -38.39
N VAL M 437 3.58 30.31 -39.62
CA VAL M 437 2.52 30.64 -40.57
C VAL M 437 2.07 29.35 -41.20
N GLY M 438 0.82 28.99 -40.97
CA GLY M 438 0.37 27.66 -41.33
C GLY M 438 -1.00 27.41 -40.77
N GLN M 439 -1.29 26.13 -40.55
CA GLN M 439 -2.58 25.78 -39.98
C GLN M 439 -2.41 24.68 -38.94
N ASP M 440 -3.30 24.69 -37.98
CA ASP M 440 -3.28 23.79 -36.83
C ASP M 440 -4.31 22.69 -37.07
N VAL M 441 -3.84 21.47 -37.28
CA VAL M 441 -4.72 20.39 -37.73
C VAL M 441 -4.80 19.30 -36.67
N PRO M 442 -5.94 18.63 -36.53
CA PRO M 442 -6.02 17.48 -35.62
C PRO M 442 -5.38 16.24 -36.22
N VAL M 443 -4.67 15.49 -35.38
CA VAL M 443 -4.09 14.21 -35.77
C VAL M 443 -4.54 13.15 -34.79
N LEU M 444 -4.87 11.97 -35.31
CA LEU M 444 -5.39 10.89 -34.50
C LEU M 444 -4.28 10.27 -33.66
N SER M 445 -4.67 9.60 -32.58
CA SER M 445 -3.72 8.91 -31.73
C SER M 445 -4.36 7.81 -30.88
N THR M 458 -9.51 9.48 -29.58
CA THR M 458 -8.45 10.35 -29.07
C THR M 458 -7.69 11.02 -30.21
N VAL M 459 -7.59 12.35 -30.16
CA VAL M 459 -6.89 13.12 -31.17
C VAL M 459 -5.89 14.05 -30.49
N GLU M 460 -5.15 14.78 -31.33
CA GLU M 460 -4.10 15.66 -30.87
C GLU M 460 -3.94 16.76 -31.90
N ARG M 461 -3.48 17.93 -31.46
CA ARG M 461 -3.39 19.09 -32.32
C ARG M 461 -1.95 19.26 -32.78
N LYS M 462 -1.76 19.53 -34.06
CA LYS M 462 -0.44 19.65 -34.64
C LYS M 462 -0.39 20.84 -35.58
N THR M 463 0.55 21.75 -35.35
CA THR M 463 0.73 22.89 -36.23
C THR M 463 1.59 22.48 -37.42
N VAL M 464 1.10 22.76 -38.62
CA VAL M 464 1.78 22.37 -39.85
C VAL M 464 1.80 23.58 -40.78
N GLY M 465 2.99 24.07 -41.09
CA GLY M 465 3.10 25.22 -41.96
C GLY M 465 4.54 25.65 -42.05
N THR M 466 4.77 26.89 -42.46
CA THR M 466 6.10 27.45 -42.49
C THR M 466 6.48 27.87 -41.08
N LYS M 467 7.52 27.28 -40.53
CA LYS M 467 7.90 27.50 -39.15
C LYS M 467 9.38 27.86 -39.09
N LEU M 468 9.71 28.84 -38.27
CA LEU M 468 11.09 29.23 -38.04
C LEU M 468 11.27 29.45 -36.55
N LYS M 469 12.14 28.66 -35.93
CA LYS M 469 12.41 28.75 -34.50
C LYS M 469 13.92 28.90 -34.34
N VAL M 470 14.36 30.05 -33.88
CA VAL M 470 15.79 30.38 -33.86
C VAL M 470 16.13 30.99 -32.51
N THR M 471 17.28 30.59 -31.96
CA THR M 471 17.85 31.22 -30.77
C THR M 471 19.17 31.86 -31.14
N PRO M 472 19.26 33.17 -31.28
CA PRO M 472 20.53 33.80 -31.63
C PRO M 472 21.44 33.97 -30.42
N GLN M 473 22.73 33.98 -30.70
CA GLN M 473 23.77 34.32 -29.75
C GLN M 473 24.78 35.20 -30.46
N VAL M 474 24.92 36.46 -30.03
CA VAL M 474 25.79 37.39 -30.73
C VAL M 474 27.17 37.33 -30.08
N ASN M 475 28.13 36.76 -30.78
CA ASN M 475 29.48 36.68 -30.25
C ASN M 475 30.59 36.91 -31.26
N GLU M 476 31.38 37.95 -31.07
CA GLU M 476 31.00 39.11 -30.28
C GLU M 476 31.31 40.24 -31.24
N GLY M 477 30.68 41.39 -31.11
CA GLY M 477 30.77 42.28 -32.24
C GLY M 477 30.01 41.64 -33.38
N ASP M 478 30.72 41.32 -34.46
CA ASP M 478 30.10 40.70 -35.62
C ASP M 478 29.80 39.23 -35.33
N ALA M 479 29.44 38.51 -36.40
CA ALA M 479 28.90 37.17 -36.42
C ALA M 479 27.67 37.00 -35.53
N VAL M 480 27.39 35.77 -35.13
CA VAL M 480 26.23 35.32 -34.36
C VAL M 480 26.33 33.81 -34.30
N LEU M 481 25.62 33.20 -33.35
CA LEU M 481 25.45 31.75 -33.34
C LEU M 481 23.96 31.49 -33.42
N LEU M 482 23.52 30.96 -34.55
CA LEU M 482 22.11 30.72 -34.78
C LEU M 482 21.85 29.24 -34.60
N GLU M 483 21.04 28.89 -33.62
CA GLU M 483 20.49 27.55 -33.54
C GLU M 483 19.15 27.60 -34.26
N ILE M 484 19.09 27.02 -35.45
CA ILE M 484 17.92 27.09 -36.30
C ILE M 484 17.18 25.78 -36.18
N GLU M 485 15.88 25.86 -35.99
CA GLU M 485 14.98 24.75 -36.24
C GLU M 485 13.87 25.30 -37.11
N GLN M 486 13.82 24.89 -38.36
CA GLN M 486 12.76 25.39 -39.23
C GLN M 486 12.24 24.24 -40.07
N GLU M 487 11.03 24.44 -40.59
CA GLU M 487 10.50 23.50 -41.55
C GLU M 487 9.41 24.17 -42.36
N VAL M 488 9.17 23.63 -43.54
CA VAL M 488 8.03 23.99 -44.35
C VAL M 488 7.23 22.71 -44.53
N SER M 489 6.07 22.65 -43.89
CA SER M 489 5.24 21.46 -43.93
C SER M 489 3.82 21.84 -44.30
N SER M 490 3.11 20.88 -44.87
CA SER M 490 1.76 21.12 -45.33
C SER M 490 0.98 19.82 -45.30
N VAL M 491 -0.34 19.93 -45.14
CA VAL M 491 -1.19 18.75 -45.19
C VAL M 491 -1.24 18.23 -46.61
N ASP M 492 -1.16 16.92 -46.76
CA ASP M 492 -1.21 16.29 -48.07
C ASP M 492 -2.65 15.96 -48.38
N SER M 493 -3.21 16.64 -49.36
CA SER M 493 -4.63 16.47 -49.68
C SER M 493 -4.91 15.07 -50.19
N SER M 494 -4.10 14.60 -51.13
CA SER M 494 -4.19 13.22 -51.57
C SER M 494 -3.77 12.27 -50.45
N SER M 495 -4.14 11.01 -50.60
CA SER M 495 -3.71 9.95 -49.70
C SER M 495 -4.19 10.20 -48.27
N ASN M 496 -5.48 10.50 -48.13
CA ASN M 496 -6.06 10.53 -46.81
C ASN M 496 -6.33 9.10 -46.35
N SER M 497 -6.34 8.92 -45.03
CA SER M 497 -6.49 7.59 -44.45
C SER M 497 -7.33 7.66 -43.19
N THR M 498 -7.79 6.50 -42.75
CA THR M 498 -8.54 6.42 -41.50
C THR M 498 -7.62 6.58 -40.29
N LEU M 499 -6.32 6.40 -40.46
CA LEU M 499 -5.40 6.58 -39.36
C LEU M 499 -5.09 8.04 -39.10
N GLY M 500 -5.22 8.89 -40.11
CA GLY M 500 -5.01 10.31 -39.94
C GLY M 500 -4.46 10.94 -41.19
N PRO M 501 -4.18 12.23 -41.13
CA PRO M 501 -3.56 12.91 -42.27
C PRO M 501 -2.07 12.65 -42.34
N THR M 502 -1.53 12.71 -43.56
CA THR M 502 -0.10 12.81 -43.71
C THR M 502 0.26 14.27 -43.91
N PHE M 503 1.56 14.55 -43.92
CA PHE M 503 2.05 15.91 -44.09
C PHE M 503 3.32 15.84 -44.89
N ASN M 504 3.50 16.79 -45.80
CA ASN M 504 4.74 16.88 -46.55
C ASN M 504 5.66 17.83 -45.78
N THR M 505 6.72 17.30 -45.19
CA THR M 505 7.59 18.08 -44.32
C THR M 505 8.96 18.21 -44.94
N ARG M 506 9.51 19.41 -44.94
CA ARG M 506 10.91 19.66 -45.23
C ARG M 506 11.51 20.33 -44.00
N THR M 507 12.32 19.61 -43.26
CA THR M 507 12.79 20.06 -41.95
C THR M 507 14.31 20.11 -41.94
N ILE M 508 14.85 21.17 -41.38
CA ILE M 508 16.29 21.31 -41.20
C ILE M 508 16.54 21.95 -39.84
N GLN M 509 17.34 21.31 -39.01
CA GLN M 509 17.70 21.87 -37.72
C GLN M 509 19.20 21.72 -37.53
N ASN M 510 19.88 22.84 -37.31
CA ASN M 510 21.31 22.84 -37.12
C ASN M 510 21.70 24.11 -36.42
N ALA M 511 22.89 24.12 -35.84
CA ALA M 511 23.49 25.33 -35.32
C ALA M 511 24.56 25.78 -36.29
N VAL M 512 24.64 27.08 -36.54
CA VAL M 512 25.60 27.61 -37.48
C VAL M 512 26.03 28.99 -36.96
N LEU M 513 27.22 29.41 -37.36
CA LEU M 513 27.80 30.68 -36.95
C LEU M 513 28.05 31.51 -38.19
N VAL M 514 27.32 32.60 -38.33
CA VAL M 514 27.27 33.37 -39.57
C VAL M 514 27.69 34.80 -39.25
N LYS M 515 28.43 35.42 -40.16
CA LYS M 515 28.79 36.82 -39.96
C LYS M 515 27.55 37.70 -40.14
N THR M 516 27.63 38.92 -39.60
CA THR M 516 26.44 39.72 -39.36
C THR M 516 25.73 40.14 -40.63
N GLY M 517 26.42 40.22 -41.75
CA GLY M 517 25.73 40.69 -42.95
C GLY M 517 25.49 39.64 -44.01
N GLU M 518 25.98 38.44 -43.79
CA GLU M 518 26.22 37.49 -44.87
C GLU M 518 25.07 36.51 -45.02
N THR M 519 24.80 36.14 -46.27
CA THR M 519 23.86 35.10 -46.62
C THR M 519 24.63 33.81 -46.83
N VAL M 520 24.26 32.76 -46.11
CA VAL M 520 24.98 31.50 -46.14
C VAL M 520 23.98 30.36 -46.23
N VAL M 521 24.45 29.22 -46.74
CA VAL M 521 23.57 28.09 -47.00
C VAL M 521 23.50 27.21 -45.77
N LEU M 522 22.27 26.93 -45.32
CA LEU M 522 22.09 25.99 -44.21
C LEU M 522 22.10 24.55 -44.67
N GLY M 523 21.58 24.29 -45.85
CA GLY M 523 21.48 22.92 -46.31
C GLY M 523 20.87 22.88 -47.69
N GLY M 524 20.41 21.70 -48.06
CA GLY M 524 19.79 21.55 -49.37
C GLY M 524 19.67 20.11 -49.73
N LEU M 525 18.86 19.87 -50.75
CA LEU M 525 18.68 18.54 -51.30
C LEU M 525 18.55 18.65 -52.81
N LEU M 526 19.36 17.91 -53.54
CA LEU M 526 19.21 17.78 -54.98
C LEU M 526 18.82 16.34 -55.23
N ASP M 527 17.58 16.12 -55.61
CA ASP M 527 17.02 14.79 -55.77
C ASP M 527 16.58 14.64 -57.21
N ASP M 528 17.00 13.55 -57.85
CA ASP M 528 16.75 13.35 -59.26
C ASP M 528 16.43 11.90 -59.51
N PHE M 529 15.42 11.65 -60.33
CA PHE M 529 14.83 10.33 -60.47
C PHE M 529 14.41 10.12 -61.91
N SER M 530 14.70 8.94 -62.46
CA SER M 530 14.29 8.60 -63.82
C SER M 530 13.84 7.16 -63.84
N LYS M 531 12.64 6.93 -64.32
CA LYS M 531 12.05 5.60 -64.40
C LYS M 531 11.81 5.25 -65.86
N GLU M 532 11.74 3.97 -66.15
CA GLU M 532 11.40 3.51 -67.48
C GLU M 532 10.76 2.15 -67.39
N GLN M 533 9.83 1.88 -68.29
CA GLN M 533 9.25 0.56 -68.43
C GLN M 533 8.90 0.37 -69.89
N VAL M 534 9.14 -0.82 -70.41
CA VAL M 534 8.65 -1.19 -71.73
C VAL M 534 8.02 -2.56 -71.62
N SER M 535 6.96 -2.77 -72.39
CA SER M 535 6.36 -4.09 -72.58
C SER M 535 6.36 -4.33 -74.07
N LYS M 536 7.10 -5.34 -74.51
CA LYS M 536 7.33 -5.52 -75.93
C LYS M 536 7.13 -6.97 -76.34
N VAL M 537 7.08 -7.18 -77.64
CA VAL M 537 7.15 -8.52 -78.21
C VAL M 537 8.61 -8.91 -78.35
N PRO M 538 9.02 -10.09 -77.86
CA PRO M 538 10.44 -10.27 -77.49
C PRO M 538 11.45 -10.01 -78.60
N LEU M 539 11.29 -10.62 -79.76
CA LEU M 539 12.25 -10.34 -80.83
C LEU M 539 11.91 -9.08 -81.61
N LEU M 540 10.63 -8.90 -81.91
CA LEU M 540 10.24 -7.80 -82.77
C LEU M 540 10.47 -6.45 -82.10
N GLY M 541 10.27 -6.36 -80.79
CA GLY M 541 10.42 -5.11 -80.08
C GLY M 541 11.83 -4.56 -80.05
N ASP M 542 12.83 -5.36 -80.41
CA ASP M 542 14.21 -4.93 -80.39
C ASP M 542 14.73 -4.48 -81.75
N ILE M 543 13.92 -4.57 -82.80
CA ILE M 543 14.33 -4.03 -84.10
C ILE M 543 14.57 -2.54 -83.96
N PRO M 544 15.71 -2.00 -84.43
CA PRO M 544 16.14 -0.68 -83.95
C PRO M 544 15.13 0.44 -84.12
N LEU M 545 14.48 0.54 -85.28
CA LEU M 545 13.50 1.59 -85.52
C LEU M 545 12.08 1.04 -85.48
N VAL M 546 11.77 0.10 -86.37
CA VAL M 546 10.44 -0.50 -86.46
C VAL M 546 10.00 -1.06 -85.11
N GLY M 547 10.94 -1.47 -84.27
CA GLY M 547 10.62 -2.13 -83.02
C GLY M 547 9.72 -1.33 -82.10
N GLN M 548 9.64 -0.01 -82.27
CA GLN M 548 8.76 0.80 -81.44
C GLN M 548 7.29 0.52 -81.72
N LEU M 549 6.97 -0.16 -82.82
CA LEU M 549 5.58 -0.51 -83.07
C LEU M 549 5.10 -1.61 -82.15
N PHE M 550 5.99 -2.52 -81.77
CA PHE M 550 5.59 -3.64 -80.93
C PHE M 550 5.60 -3.31 -79.45
N ARG M 551 6.51 -2.46 -79.00
CA ARG M 551 6.64 -2.15 -77.58
C ARG M 551 5.67 -1.07 -77.12
N TYR M 552 5.37 -1.11 -75.82
CA TYR M 552 4.70 -0.03 -75.10
C TYR M 552 5.67 0.54 -74.08
N THR M 553 6.11 1.78 -74.30
CA THR M 553 7.07 2.44 -73.43
C THR M 553 6.34 3.41 -72.50
N SER M 554 6.72 3.42 -71.23
CA SER M 554 6.25 4.44 -70.30
C SER M 554 7.46 4.96 -69.55
N THR M 555 7.78 6.23 -69.74
CA THR M 555 8.96 6.86 -69.19
C THR M 555 8.54 7.91 -68.18
N GLU M 556 9.43 8.21 -67.23
CA GLU M 556 9.16 9.22 -66.23
C GLU M 556 10.48 9.82 -65.78
N ARG M 557 10.42 11.05 -65.30
CA ARG M 557 11.57 11.74 -64.76
C ARG M 557 11.09 12.72 -63.71
N ALA M 558 11.96 13.05 -62.77
CA ALA M 558 11.64 14.02 -61.75
C ALA M 558 12.93 14.69 -61.31
N LYS M 559 12.80 15.92 -60.82
CA LYS M 559 13.91 16.65 -60.25
C LYS M 559 13.39 17.48 -59.09
N ARG M 560 14.15 17.54 -58.02
CA ARG M 560 13.88 18.45 -56.92
C ARG M 560 15.18 19.08 -56.50
N ASN M 561 15.27 20.41 -56.58
CA ASN M 561 16.45 21.11 -56.13
C ASN M 561 16.02 22.06 -55.02
N LEU M 562 16.43 21.77 -53.80
CA LEU M 562 16.05 22.53 -52.62
C LEU M 562 17.30 23.17 -52.02
N MET M 563 17.19 24.43 -51.64
CA MET M 563 18.25 25.16 -50.96
C MET M 563 17.66 25.95 -49.83
N VAL M 564 18.37 26.02 -48.71
CA VAL M 564 17.96 26.81 -47.57
C VAL M 564 19.09 27.73 -47.20
N PHE M 565 18.81 29.03 -47.15
CA PHE M 565 19.80 30.03 -46.81
C PHE M 565 19.35 30.76 -45.55
N ILE M 566 20.31 31.40 -44.87
CA ILE M 566 20.01 32.16 -43.68
C ILE M 566 20.84 33.43 -43.72
N ARG M 567 20.21 34.57 -43.55
CA ARG M 567 20.94 35.84 -43.41
C ARG M 567 20.64 36.47 -42.07
N PRO M 568 21.55 36.44 -41.11
CA PRO M 568 21.37 37.23 -39.89
C PRO M 568 21.76 38.67 -40.12
N THR M 569 21.21 39.55 -39.27
CA THR M 569 21.62 40.94 -39.22
C THR M 569 21.53 41.38 -37.77
N ILE M 570 22.57 42.04 -37.28
CA ILE M 570 22.61 42.46 -35.88
C ILE M 570 22.15 43.90 -35.78
N ILE M 571 21.23 44.16 -34.85
CA ILE M 571 20.80 45.51 -34.53
C ILE M 571 21.51 45.91 -33.25
N ARG M 572 22.48 46.81 -33.36
CA ARG M 572 23.18 47.32 -32.19
C ARG M 572 22.41 48.44 -31.53
N ASP M 573 21.84 49.35 -32.32
CA ASP M 573 21.19 50.54 -31.80
C ASP M 573 19.88 50.77 -32.53
N ASP M 574 19.09 51.72 -32.01
CA ASP M 574 17.80 52.01 -32.61
C ASP M 574 17.95 52.52 -34.04
N ASP M 575 18.92 53.39 -34.29
CA ASP M 575 18.98 54.08 -35.57
C ASP M 575 19.16 53.12 -36.74
N VAL M 576 19.82 51.99 -36.53
CA VAL M 576 19.93 51.01 -37.60
C VAL M 576 18.66 50.17 -37.70
N TYR M 577 17.85 50.15 -36.66
CA TYR M 577 16.64 49.34 -36.65
C TYR M 577 15.42 50.11 -37.11
N ARG M 578 15.52 51.44 -37.24
CA ARG M 578 14.56 52.15 -38.08
C ARG M 578 14.83 51.87 -39.55
N SER M 579 16.06 52.11 -40.00
CA SER M 579 16.39 51.95 -41.41
C SER M 579 16.12 50.53 -41.88
N LEU M 580 16.35 49.55 -41.02
CA LEU M 580 16.02 48.18 -41.34
C LEU M 580 14.51 47.99 -41.40
N SER M 581 13.77 48.63 -40.49
CA SER M 581 12.33 48.56 -40.51
C SER M 581 11.73 49.49 -41.55
N LYS M 582 12.36 50.62 -41.80
CA LYS M 582 11.85 51.57 -42.78
C LYS M 582 11.92 51.02 -44.19
N GLU M 583 12.93 50.21 -44.50
CA GLU M 583 13.03 49.69 -45.86
C GLU M 583 12.08 48.53 -46.09
N LYS M 584 11.70 47.80 -45.04
CA LYS M 584 10.65 46.81 -45.20
C LYS M 584 9.28 47.46 -45.18
N TYR M 585 9.11 48.50 -44.37
CA TYR M 585 7.84 49.22 -44.31
C TYR M 585 7.56 49.92 -45.63
N THR M 586 8.61 50.47 -46.25
CA THR M 586 8.44 51.18 -47.52
C THR M 586 8.36 50.22 -48.71
N ARG M 587 9.23 49.20 -48.73
CA ARG M 587 9.17 48.24 -49.82
C ARG M 587 7.83 47.51 -49.84
N TYR M 588 7.21 47.35 -48.67
CA TYR M 588 5.86 46.78 -48.64
C TYR M 588 4.82 47.81 -49.03
N ARG M 589 5.02 49.05 -48.59
CA ARG M 589 4.08 50.12 -48.94
C ARG M 589 4.14 50.43 -50.43
N GLN M 590 5.35 50.55 -50.98
CA GLN M 590 5.49 50.78 -52.41
C GLN M 590 5.01 49.60 -53.23
N GLU M 591 4.90 48.41 -52.63
CA GLU M 591 4.32 47.29 -53.35
C GLU M 591 2.80 47.37 -53.35
N GLN M 592 2.21 47.81 -52.24
CA GLN M 592 0.76 48.04 -52.22
C GLN M 592 0.37 49.15 -53.18
N GLN M 593 1.14 50.25 -53.19
CA GLN M 593 0.82 51.33 -54.10
C GLN M 593 0.98 50.91 -55.56
N GLN M 594 1.89 49.96 -55.83
CA GLN M 594 2.01 49.46 -57.19
C GLN M 594 0.81 48.61 -57.56
N ARG M 595 0.26 47.87 -56.59
CA ARG M 595 -0.91 47.04 -56.86
C ARG M 595 -2.16 47.88 -57.06
N ILE M 596 -2.22 49.05 -56.42
CA ILE M 596 -3.35 49.95 -56.64
C ILE M 596 -3.29 50.55 -58.04
N ASP M 597 -2.09 50.87 -58.50
CA ASP M 597 -1.94 51.38 -59.86
C ASP M 597 -1.95 50.26 -60.90
N GLY M 598 -1.66 49.02 -60.49
CA GLY M 598 -1.65 47.92 -61.43
C GLY M 598 -3.03 47.48 -61.86
N LYS M 599 -4.05 47.72 -61.03
CA LYS M 599 -5.41 47.41 -61.44
C LYS M 599 -5.90 48.46 -62.44
N SER M 600 -6.60 48.00 -63.47
CA SER M 600 -7.07 48.88 -64.52
C SER M 600 -8.52 49.25 -64.31
N LYS M 601 -8.84 50.52 -64.51
CA LYS M 601 -10.23 50.95 -64.54
C LYS M 601 -10.93 50.36 -65.75
N ALA M 602 -12.25 50.38 -65.70
CA ALA M 602 -13.18 49.82 -66.68
C ALA M 602 -13.34 48.32 -66.48
N LEU M 603 -12.64 47.73 -65.52
CA LEU M 603 -12.96 46.39 -65.03
C LEU M 603 -13.27 46.47 -63.55
N VAL M 604 -14.27 45.71 -63.11
CA VAL M 604 -14.62 45.71 -61.69
C VAL M 604 -13.53 45.02 -60.90
N GLY M 605 -13.13 45.64 -59.79
CA GLY M 605 -12.11 45.08 -58.93
C GLY M 605 -12.32 45.49 -57.50
N SER M 606 -11.56 44.87 -56.62
CA SER M 606 -11.68 45.16 -55.20
C SER M 606 -11.20 46.57 -54.91
N GLU M 607 -11.92 47.26 -54.02
CA GLU M 607 -11.45 48.55 -53.56
C GLU M 607 -10.30 48.37 -52.60
N ASP M 608 -9.26 49.19 -52.78
CA ASP M 608 -8.01 48.99 -52.06
C ASP M 608 -8.16 49.34 -50.59
N LEU M 609 -7.28 48.78 -49.78
CA LEU M 609 -7.18 49.19 -48.39
C LEU M 609 -6.44 50.52 -48.32
N PRO M 610 -6.53 51.23 -47.19
CA PRO M 610 -5.58 52.31 -46.94
C PRO M 610 -4.18 51.72 -46.82
N VAL M 611 -3.23 52.34 -47.51
CA VAL M 611 -1.89 51.78 -47.62
C VAL M 611 -1.02 52.36 -46.51
N LEU M 612 -0.77 51.55 -45.49
CA LEU M 612 0.06 51.87 -44.34
C LEU M 612 -0.16 53.30 -43.86
N ASP M 613 0.93 54.02 -43.59
CA ASP M 613 0.89 55.43 -43.22
C ASP M 613 2.10 56.12 -43.82
N GLU M 614 1.88 57.30 -44.39
CA GLU M 614 2.97 58.05 -45.00
C GLU M 614 3.84 58.75 -43.98
N ASN M 615 3.25 59.29 -42.91
CA ASN M 615 4.01 60.07 -41.95
C ASN M 615 4.92 59.23 -41.08
N THR M 616 4.71 57.91 -41.03
CA THR M 616 5.59 57.06 -40.24
C THR M 616 7.01 57.13 -40.79
N PHE M 617 7.98 57.11 -39.89
CA PHE M 617 9.39 57.27 -40.21
C PHE M 617 9.65 58.65 -40.79
N GLY N 99 25.22 65.86 89.76
CA GLY N 99 26.66 65.98 89.93
C GLY N 99 27.33 64.68 90.34
N ASP N 100 27.27 64.38 91.63
CA ASP N 100 27.86 63.16 92.17
C ASP N 100 26.85 62.03 92.28
N GLU N 101 25.64 62.22 91.76
CA GLU N 101 24.56 61.29 92.05
C GLU N 101 24.74 59.99 91.26
N LEU N 102 24.89 58.89 91.98
CA LEU N 102 25.21 57.61 91.38
C LEU N 102 23.93 56.86 91.06
N VAL N 103 23.64 56.72 89.77
CA VAL N 103 22.43 56.03 89.32
C VAL N 103 22.78 55.20 88.10
N THR N 104 21.99 54.16 87.88
CA THR N 104 22.09 53.31 86.71
C THR N 104 21.03 53.70 85.69
N ARG N 105 21.48 53.89 84.46
CA ARG N 105 20.61 54.30 83.36
C ARG N 105 21.14 53.66 82.10
N ILE N 106 20.21 53.28 81.22
CA ILE N 106 20.44 52.25 80.23
C ILE N 106 19.94 52.73 78.87
N VAL N 107 20.87 52.86 77.92
CA VAL N 107 20.55 53.22 76.54
C VAL N 107 21.03 52.12 75.59
N PRO N 108 20.15 51.55 74.76
CA PRO N 108 20.63 50.64 73.71
C PRO N 108 21.29 51.40 72.55
N LEU N 109 22.18 50.71 71.85
CA LEU N 109 22.56 51.04 70.49
C LEU N 109 21.82 50.08 69.57
N GLU N 110 20.76 50.57 68.91
CA GLU N 110 19.96 49.64 68.11
C GLU N 110 20.61 49.41 66.75
N ASN N 111 21.10 50.49 66.14
CA ASN N 111 21.72 50.45 64.83
C ASN N 111 22.87 49.45 64.76
N VAL N 112 23.72 49.42 65.78
CA VAL N 112 24.95 48.64 65.78
C VAL N 112 24.89 47.71 66.99
N PRO N 113 25.61 46.59 67.03
CA PRO N 113 25.85 45.93 68.33
C PRO N 113 26.73 46.82 69.21
N ALA N 114 26.27 47.03 70.45
CA ALA N 114 26.90 48.00 71.34
C ALA N 114 28.31 47.63 71.75
N ARG N 115 28.77 46.43 71.38
CA ARG N 115 30.08 45.92 71.81
C ARG N 115 31.18 46.96 71.59
N ASP N 116 31.12 47.69 70.48
CA ASP N 116 32.15 48.64 70.08
C ASP N 116 32.36 49.79 71.07
N LEU N 117 31.48 49.98 72.05
CA LEU N 117 31.75 51.01 73.06
C LEU N 117 32.37 50.46 74.34
N ALA N 118 32.67 49.16 74.40
CA ALA N 118 33.27 48.61 75.62
C ALA N 118 34.62 49.22 75.95
N PRO N 119 35.59 49.37 75.04
CA PRO N 119 36.79 50.15 75.40
C PRO N 119 36.47 51.61 75.66
N LEU N 120 35.50 52.18 74.95
CA LEU N 120 35.22 53.61 75.11
C LEU N 120 34.59 53.90 76.47
N LEU N 121 33.53 53.14 76.82
CA LEU N 121 32.71 53.49 77.98
C LEU N 121 33.30 53.01 79.29
N ARG N 122 33.84 51.79 79.33
CA ARG N 122 34.64 51.42 80.49
C ARG N 122 35.98 52.15 80.49
N GLN N 123 36.37 52.71 79.33
CA GLN N 123 37.39 53.74 79.37
C GLN N 123 36.88 54.99 80.07
N MET N 124 35.57 55.26 80.00
CA MET N 124 35.02 56.42 80.72
C MET N 124 34.80 56.12 82.20
N MET N 125 34.56 54.85 82.56
CA MET N 125 34.90 54.42 83.91
C MET N 125 36.34 54.78 84.24
N ASP N 126 37.25 54.36 83.38
CA ASP N 126 38.67 54.58 83.49
C ASP N 126 39.05 56.04 83.26
N ALA N 127 38.08 56.90 82.91
CA ALA N 127 38.36 58.32 82.78
C ALA N 127 38.48 59.03 84.11
N GLY N 128 37.63 58.71 85.07
CA GLY N 128 37.57 59.48 86.31
C GLY N 128 37.17 58.61 87.47
N SER N 129 37.11 59.23 88.66
CA SER N 129 36.99 58.49 89.90
C SER N 129 35.81 57.52 89.86
N VAL N 130 36.09 56.28 90.24
CA VAL N 130 35.32 55.12 89.82
C VAL N 130 34.10 54.98 90.73
N GLY N 131 33.44 53.82 90.69
CA GLY N 131 32.04 53.70 91.02
C GLY N 131 31.17 53.49 89.81
N ASN N 132 31.76 53.10 88.68
CA ASN N 132 31.06 52.99 87.41
C ASN N 132 30.91 51.52 87.02
N VAL N 133 29.85 51.25 86.27
CA VAL N 133 29.65 49.98 85.57
C VAL N 133 29.13 50.27 84.17
N VAL N 134 29.68 49.56 83.19
CA VAL N 134 29.15 49.55 81.83
C VAL N 134 29.00 48.08 81.48
N HIS N 135 27.89 47.71 80.83
CA HIS N 135 27.60 46.31 80.59
C HIS N 135 26.62 46.21 79.42
N TYR N 136 26.51 45.00 78.86
CA TYR N 136 26.04 44.79 77.49
C TYR N 136 25.08 43.62 77.42
N GLU N 137 23.84 43.88 76.92
CA GLU N 137 23.05 42.67 76.72
C GLU N 137 23.20 42.15 75.28
N PRO N 138 22.91 40.86 75.06
CA PRO N 138 22.82 40.34 73.69
C PRO N 138 21.82 41.12 72.86
N SER N 139 20.72 41.50 73.52
CA SER N 139 19.65 42.30 72.93
C SER N 139 20.15 43.69 72.56
N ASN N 140 21.43 43.98 72.87
CA ASN N 140 22.13 45.16 72.42
C ASN N 140 21.59 46.44 73.08
N VAL N 141 21.17 46.32 74.34
CA VAL N 141 20.97 47.46 75.21
C VAL N 141 22.25 47.62 76.03
N LEU N 142 22.61 48.88 76.27
CA LEU N 142 23.86 49.20 76.94
C LEU N 142 23.54 49.80 78.30
N ILE N 143 23.85 49.06 79.36
CA ILE N 143 23.40 49.40 80.70
C ILE N 143 24.54 50.03 81.50
N LEU N 144 24.23 51.15 82.15
CA LEU N 144 25.25 51.95 82.84
C LEU N 144 24.92 52.13 84.30
N THR N 145 25.97 52.39 85.07
CA THR N 145 25.91 52.78 86.46
C THR N 145 27.00 53.82 86.69
N GLY N 146 26.65 54.94 87.32
CA GLY N 146 27.69 55.90 87.65
C GLY N 146 27.13 57.22 88.16
N ARG N 147 28.05 58.07 88.61
CA ARG N 147 27.69 59.39 89.07
C ARG N 147 27.24 60.27 87.90
N ALA N 148 26.57 61.37 88.23
CA ALA N 148 25.73 62.09 87.26
C ALA N 148 26.52 62.64 86.07
N SER N 149 27.75 63.11 86.28
CA SER N 149 28.50 63.67 85.16
C SER N 149 29.10 62.57 84.27
N THR N 150 29.82 61.63 84.88
CA THR N 150 30.39 60.53 84.12
C THR N 150 29.32 59.85 83.29
N ILE N 151 28.12 59.72 83.84
CA ILE N 151 27.04 59.17 83.03
C ILE N 151 26.49 60.18 82.05
N ASN N 152 26.55 61.48 82.35
CA ASN N 152 26.17 62.46 81.32
C ASN N 152 26.91 62.19 80.02
N LYS N 153 28.24 62.14 80.09
CA LYS N 153 28.98 62.00 78.85
C LYS N 153 29.14 60.54 78.43
N LEU N 154 28.86 59.59 79.33
CA LEU N 154 28.70 58.19 78.90
C LEU N 154 27.45 58.00 78.05
N ILE N 155 26.28 58.35 78.58
CA ILE N 155 25.06 58.21 77.80
C ILE N 155 25.10 59.10 76.57
N GLU N 156 25.81 60.24 76.66
CA GLU N 156 26.19 60.97 75.46
C GLU N 156 26.84 60.06 74.45
N VAL N 157 27.88 59.32 74.87
CA VAL N 157 28.54 58.42 73.92
C VAL N 157 27.52 57.46 73.32
N ILE N 158 26.57 57.01 74.14
CA ILE N 158 25.76 55.87 73.72
C ILE N 158 24.68 56.28 72.72
N LYS N 159 23.89 57.30 73.03
CA LYS N 159 22.96 57.77 71.99
C LYS N 159 23.73 58.25 70.77
N ARG N 160 24.87 58.89 71.02
CA ARG N 160 25.76 59.25 69.92
C ARG N 160 25.97 58.06 69.00
N VAL N 161 26.67 57.03 69.46
CA VAL N 161 27.02 55.90 68.61
C VAL N 161 25.77 55.23 68.03
N ASP N 162 24.62 55.40 68.69
CA ASP N 162 23.35 55.00 68.07
C ASP N 162 23.11 55.76 66.76
N VAL N 163 22.85 57.06 66.85
CA VAL N 163 22.34 57.77 65.69
C VAL N 163 23.49 58.13 64.74
N ILE N 164 24.72 57.91 65.18
CA ILE N 164 25.85 58.03 64.26
C ILE N 164 26.24 56.65 63.74
N GLY N 165 25.60 55.61 64.30
CA GLY N 165 25.63 54.31 63.65
C GLY N 165 24.37 54.07 62.85
N THR N 166 23.60 55.13 62.61
CA THR N 166 22.37 55.01 61.84
C THR N 166 22.55 54.34 60.48
N GLU N 167 21.76 53.29 60.26
CA GLU N 167 21.25 52.96 58.94
C GLU N 167 19.85 52.39 59.10
N LYS N 168 18.90 53.00 58.40
CA LYS N 168 17.48 52.89 58.72
C LYS N 168 16.66 52.84 57.43
N GLN N 169 15.44 52.32 57.55
CA GLN N 169 14.71 51.76 56.41
C GLN N 169 13.81 52.80 55.77
N GLN N 170 13.66 52.71 54.45
CA GLN N 170 12.59 53.44 53.78
C GLN N 170 12.23 52.70 52.51
N ILE N 171 10.95 52.71 52.16
CA ILE N 171 10.56 52.13 50.88
C ILE N 171 9.79 53.20 50.12
N ILE N 172 10.09 53.30 48.83
CA ILE N 172 9.74 54.48 48.06
C ILE N 172 9.06 54.02 46.77
N HIS N 173 8.24 54.90 46.19
CA HIS N 173 7.53 54.59 44.96
C HIS N 173 8.49 54.57 43.77
N LEU N 174 8.07 53.90 42.70
CA LEU N 174 8.61 54.11 41.36
C LEU N 174 7.49 54.59 40.47
N GLU N 175 7.67 55.78 39.89
CA GLU N 175 6.58 56.47 39.20
C GLU N 175 6.15 55.77 37.92
N TYR N 176 7.07 55.58 36.97
CA TYR N 176 6.76 55.01 35.66
C TYR N 176 7.64 53.82 35.36
N ALA N 177 8.94 54.07 35.32
CA ALA N 177 9.91 53.09 34.87
C ALA N 177 9.75 51.77 35.60
N SER N 178 9.88 50.68 34.85
CA SER N 178 9.77 49.33 35.40
C SER N 178 10.82 49.09 36.48
N ALA N 179 10.42 48.31 37.48
CA ALA N 179 11.22 48.18 38.70
C ALA N 179 12.49 47.38 38.44
N GLU N 180 12.36 46.24 37.78
CA GLU N 180 13.50 45.41 37.42
C GLU N 180 14.64 46.21 36.84
N ASP N 181 14.36 47.18 36.00
CA ASP N 181 15.44 47.97 35.39
C ASP N 181 16.24 48.68 36.46
N LEU N 182 15.62 49.71 37.05
CA LEU N 182 16.31 50.52 38.05
C LEU N 182 16.97 49.64 39.10
N ALA N 183 16.35 48.51 39.43
CA ALA N 183 17.11 47.45 40.04
C ALA N 183 18.41 47.23 39.29
N GLU N 184 18.32 46.73 38.04
CA GLU N 184 19.50 46.23 37.37
C GLU N 184 20.64 47.23 37.44
N ILE N 185 20.32 48.50 37.24
CA ILE N 185 21.39 49.49 37.29
C ILE N 185 21.94 49.59 38.70
N LEU N 186 21.07 49.86 39.69
CA LEU N 186 21.60 50.29 40.97
C LEU N 186 22.22 49.14 41.74
N ASN N 187 21.67 47.93 41.58
CA ASN N 187 22.23 46.75 42.19
C ASN N 187 23.73 46.70 41.98
N GLN N 188 24.11 46.53 40.72
CA GLN N 188 25.47 46.33 40.27
C GLN N 188 26.31 47.59 40.39
N LEU N 189 25.73 48.70 40.82
CA LEU N 189 26.51 49.85 41.27
C LEU N 189 26.99 49.63 42.68
N ILE N 190 28.31 49.59 42.85
CA ILE N 190 28.90 49.47 44.17
C ILE N 190 30.20 50.28 44.17
N LYS N 206 19.96 47.57 51.02
CA LYS N 206 19.94 46.86 49.75
C LYS N 206 18.98 47.55 48.77
N ILE N 207 18.66 46.90 47.66
CA ILE N 207 17.83 47.48 46.62
C ILE N 207 16.74 46.47 46.27
N VAL N 208 15.48 46.88 46.44
CA VAL N 208 14.36 45.99 46.17
C VAL N 208 13.43 46.63 45.14
N ALA N 209 12.89 45.81 44.26
CA ALA N 209 11.97 46.24 43.21
C ALA N 209 10.56 45.76 43.48
N ASP N 210 9.57 46.49 42.98
CA ASP N 210 8.18 46.04 42.89
C ASP N 210 7.63 46.42 41.52
N LYS N 211 7.21 45.42 40.75
CA LYS N 211 6.44 45.69 39.55
C LYS N 211 4.96 45.90 39.86
N ARG N 212 4.38 45.10 40.77
CA ARG N 212 2.94 45.16 40.99
C ARG N 212 2.52 46.56 41.42
N THR N 213 3.09 47.08 42.50
CA THR N 213 2.89 48.49 42.80
C THR N 213 4.06 49.36 42.36
N ASN N 214 5.12 48.77 41.79
CA ASN N 214 6.21 49.53 41.18
C ASN N 214 6.90 50.44 42.19
N SER N 215 7.68 49.83 43.08
CA SER N 215 8.36 50.59 44.14
C SER N 215 9.85 50.29 44.13
N LEU N 216 10.66 51.33 44.31
CA LEU N 216 12.06 51.13 44.69
C LEU N 216 12.20 51.22 46.20
N ILE N 217 12.78 50.18 46.78
CA ILE N 217 12.86 50.01 48.22
C ILE N 217 14.32 50.05 48.62
N ILE N 218 14.63 50.76 49.70
CA ILE N 218 16.02 51.12 49.95
C ILE N 218 16.31 51.19 51.45
N SER N 219 17.50 50.71 51.79
CA SER N 219 18.04 50.72 53.14
C SER N 219 19.34 51.51 53.18
N GLY N 220 19.69 51.96 54.38
CA GLY N 220 20.93 52.62 54.64
C GLY N 220 20.75 53.66 55.72
N PRO N 221 21.75 54.48 55.95
CA PRO N 221 21.56 55.66 56.81
C PRO N 221 20.60 56.65 56.16
N GLU N 222 20.47 57.82 56.80
CA GLU N 222 19.80 58.92 56.11
C GLU N 222 20.66 59.40 54.94
N LYS N 223 21.97 59.21 55.04
CA LYS N 223 22.83 59.58 53.92
C LYS N 223 22.71 58.58 52.77
N ALA N 224 22.36 57.33 53.09
CA ALA N 224 21.97 56.43 52.00
C ALA N 224 20.63 56.83 51.43
N ARG N 225 19.70 57.23 52.32
CA ARG N 225 18.45 57.80 51.86
C ARG N 225 18.71 58.89 50.83
N GLN N 226 19.54 59.87 51.17
CA GLN N 226 19.73 61.02 50.30
C GLN N 226 20.48 60.64 49.03
N ARG N 227 21.57 59.90 49.16
CA ARG N 227 22.39 59.60 47.99
C ARG N 227 21.57 58.85 46.95
N ILE N 228 20.76 57.90 47.39
CA ILE N 228 20.04 57.11 46.39
C ILE N 228 18.71 57.75 46.05
N THR N 229 18.27 58.74 46.82
CA THR N 229 17.18 59.59 46.33
C THR N 229 17.68 60.49 45.24
N SER N 230 18.99 60.77 45.22
CA SER N 230 19.57 61.56 44.15
C SER N 230 19.82 60.70 42.92
N LEU N 231 20.16 59.42 43.11
CA LEU N 231 20.11 58.51 41.98
C LEU N 231 18.69 58.40 41.42
N LEU N 232 17.70 58.25 42.30
CA LEU N 232 16.33 58.26 41.84
C LEU N 232 16.04 59.50 41.03
N LYS N 233 16.27 60.68 41.61
CA LYS N 233 15.97 61.91 40.90
C LYS N 233 16.71 61.96 39.57
N SER N 234 17.87 61.32 39.50
CA SER N 234 18.50 61.09 38.21
C SER N 234 17.52 60.43 37.26
N LEU N 235 17.15 59.16 37.51
CA LEU N 235 16.08 58.58 36.69
C LEU N 235 14.84 58.33 37.53
N ASP N 236 13.92 59.28 37.50
CA ASP N 236 12.50 59.04 37.67
C ASP N 236 11.76 59.16 36.35
N VAL N 237 12.45 59.54 35.27
CA VAL N 237 11.77 60.02 34.08
C VAL N 237 11.36 58.86 33.18
N GLU N 238 10.16 58.94 32.64
CA GLU N 238 9.71 57.95 31.68
C GLU N 238 10.26 58.36 30.32
N GLU N 239 10.97 57.43 29.68
CA GLU N 239 11.58 57.70 28.39
C GLU N 239 10.52 57.97 27.33
N SER N 240 10.81 58.90 26.44
CA SER N 240 9.91 59.16 25.32
C SER N 240 10.24 58.15 24.23
N GLU N 241 9.89 56.90 24.49
CA GLU N 241 10.19 55.80 23.57
C GLU N 241 9.58 56.07 22.20
N GLU N 242 8.37 56.64 22.19
CA GLU N 242 7.65 56.90 20.96
C GLU N 242 7.05 55.59 20.46
N GLY N 243 6.59 55.57 19.21
CA GLY N 243 6.03 54.35 18.69
C GLY N 243 7.07 53.34 18.25
N ASN N 244 6.85 52.09 18.61
CA ASN N 244 7.62 50.98 18.08
C ASN N 244 7.21 50.58 16.67
N THR N 245 5.90 50.59 16.43
CA THR N 245 5.34 50.15 15.16
C THR N 245 4.81 51.31 14.33
N ARG N 246 5.20 51.36 13.07
CA ARG N 246 4.67 52.33 12.14
C ARG N 246 3.80 51.62 11.11
N VAL N 247 2.81 52.35 10.62
CA VAL N 247 1.92 51.88 9.56
C VAL N 247 2.14 52.78 8.36
N TYR N 248 2.73 52.23 7.30
CA TYR N 248 2.99 52.99 6.10
C TYR N 248 1.84 52.82 5.12
N TYR N 249 1.33 53.93 4.62
CA TYR N 249 0.30 53.90 3.59
C TYR N 249 1.02 53.94 2.24
N LEU N 250 0.97 52.82 1.53
CA LEU N 250 1.66 52.73 0.26
C LEU N 250 0.84 53.40 -0.82
N LYS N 251 1.50 54.14 -1.67
CA LYS N 251 0.89 54.71 -2.87
C LYS N 251 1.73 54.28 -4.07
N TYR N 252 1.11 53.57 -5.00
CA TYR N 252 1.65 53.00 -6.23
C TYR N 252 2.23 51.61 -6.01
N ALA N 253 2.33 51.13 -4.78
CA ALA N 253 2.83 49.79 -4.52
C ALA N 253 1.75 48.96 -3.84
N LYS N 254 1.88 47.65 -3.97
CA LYS N 254 0.92 46.71 -3.41
C LYS N 254 1.53 46.10 -2.16
N ALA N 255 0.85 46.23 -1.03
CA ALA N 255 1.43 45.92 0.27
C ALA N 255 1.87 44.47 0.39
N THR N 256 1.06 43.55 -0.15
CA THR N 256 1.36 42.14 -0.08
C THR N 256 2.63 41.84 -0.88
N ASN N 257 2.76 42.48 -2.03
CA ASN N 257 3.95 42.35 -2.86
C ASN N 257 5.18 42.88 -2.16
N LEU N 258 5.03 44.05 -1.55
CA LEU N 258 6.13 44.72 -0.90
C LEU N 258 6.62 43.90 0.27
N VAL N 259 5.70 43.23 0.95
CA VAL N 259 6.07 42.50 2.15
C VAL N 259 7.10 41.42 1.81
N GLU N 260 6.92 40.70 0.71
CA GLU N 260 7.85 39.64 0.38
C GLU N 260 9.25 40.21 0.15
N VAL N 261 9.32 41.30 -0.60
CA VAL N 261 10.60 41.93 -0.89
C VAL N 261 11.26 42.42 0.38
N LEU N 262 10.46 43.01 1.26
CA LEU N 262 10.93 43.56 2.51
C LEU N 262 11.47 42.48 3.42
N THR N 263 10.82 41.32 3.36
CA THR N 263 11.07 40.26 4.32
C THR N 263 12.53 39.87 4.24
N GLY N 264 13.07 39.82 3.03
CA GLY N 264 14.46 39.45 2.92
C GLY N 264 15.36 40.50 3.59
N VAL N 265 15.03 41.78 3.38
CA VAL N 265 15.83 42.89 3.95
C VAL N 265 15.81 42.86 5.45
N SER N 266 14.64 42.56 6.01
CA SER N 266 14.48 42.49 7.43
C SER N 266 15.09 41.17 7.92
N GLU N 267 14.97 40.09 7.09
CA GLU N 267 15.41 38.76 7.50
C GLU N 267 16.90 38.66 7.19
N VAL N 288 13.02 42.20 13.17
CA VAL N 288 12.02 43.07 12.54
C VAL N 288 10.89 42.26 11.93
N ALA N 289 9.67 42.74 12.08
CA ALA N 289 8.51 42.07 11.53
C ALA N 289 7.79 42.97 10.54
N ILE N 290 7.60 42.47 9.32
CA ILE N 290 6.90 43.23 8.29
C ILE N 290 5.67 42.43 7.88
N THR N 291 4.50 43.06 7.97
CA THR N 291 3.28 42.43 7.51
C THR N 291 2.37 43.50 6.91
N ALA N 292 1.46 43.06 6.06
CA ALA N 292 0.67 43.96 5.24
C ALA N 292 -0.81 43.80 5.52
N ASP N 293 -1.54 44.90 5.37
CA ASP N 293 -3.00 44.90 5.42
C ASP N 293 -3.51 44.98 3.99
N GLU N 294 -4.10 43.89 3.50
CA GLU N 294 -4.54 43.86 2.12
C GLU N 294 -5.75 44.75 1.87
N GLN N 295 -6.49 45.10 2.93
CA GLN N 295 -7.67 45.94 2.75
C GLN N 295 -7.27 47.39 2.48
N THR N 296 -6.67 48.04 3.47
CA THR N 296 -6.26 49.43 3.32
C THR N 296 -5.02 49.58 2.44
N ASN N 297 -4.38 48.49 2.05
CA ASN N 297 -3.13 48.53 1.28
C ASN N 297 -2.08 49.33 2.04
N SER N 298 -1.86 48.96 3.29
CA SER N 298 -0.88 49.59 4.14
C SER N 298 0.07 48.52 4.68
N LEU N 299 1.28 48.95 5.00
CA LEU N 299 2.35 48.05 5.40
C LEU N 299 2.72 48.34 6.83
N VAL N 300 2.84 47.29 7.64
CA VAL N 300 3.05 47.42 9.08
C VAL N 300 4.44 46.88 9.40
N ILE N 301 5.34 47.77 9.81
CA ILE N 301 6.70 47.39 10.20
C ILE N 301 6.89 47.75 11.66
N THR N 302 7.25 46.76 12.47
CA THR N 302 7.64 46.98 13.85
C THR N 302 9.11 46.61 14.02
N ALA N 303 9.88 47.55 14.56
CA ALA N 303 11.34 47.42 14.62
C ALA N 303 11.90 48.62 15.37
N ASP N 304 13.21 48.58 15.61
CA ASP N 304 13.88 49.66 16.30
C ASP N 304 13.81 50.94 15.48
N GLN N 305 13.88 52.08 16.19
CA GLN N 305 13.91 53.38 15.52
C GLN N 305 14.99 53.46 14.46
N SER N 306 16.08 52.70 14.63
CA SER N 306 17.15 52.70 13.64
C SER N 306 16.70 52.00 12.37
N VAL N 307 16.09 50.81 12.51
CA VAL N 307 15.62 50.07 11.34
C VAL N 307 14.48 50.84 10.65
N GLN N 308 13.61 51.47 11.43
CA GLN N 308 12.50 52.21 10.85
C GLN N 308 12.97 53.28 9.88
N GLU N 309 13.98 54.05 10.28
CA GLU N 309 14.46 55.13 9.42
C GLU N 309 15.16 54.58 8.19
N LYS N 310 15.71 53.37 8.27
CA LYS N 310 16.35 52.77 7.10
C LYS N 310 15.32 52.16 6.15
N LEU N 311 14.33 51.44 6.70
CA LEU N 311 13.27 50.91 5.85
C LEU N 311 12.35 51.99 5.30
N ALA N 312 12.32 53.16 5.94
CA ALA N 312 11.51 54.24 5.40
C ALA N 312 12.07 54.76 4.08
N THR N 313 13.38 54.68 3.91
CA THR N 313 13.98 55.07 2.64
C THR N 313 13.89 53.95 1.60
N VAL N 314 14.01 52.69 2.04
CA VAL N 314 13.87 51.58 1.12
C VAL N 314 12.47 51.56 0.52
N ILE N 315 11.46 51.77 1.34
CA ILE N 315 10.09 51.79 0.84
C ILE N 315 9.87 52.97 -0.09
N ALA N 316 10.37 54.15 0.29
CA ALA N 316 10.21 55.33 -0.56
C ALA N 316 10.85 55.12 -1.92
N ARG N 317 11.96 54.39 -1.96
CA ARG N 317 12.59 54.07 -3.25
C ARG N 317 11.77 53.05 -4.01
N LEU N 318 11.16 52.12 -3.32
CA LEU N 318 10.50 50.98 -3.92
C LEU N 318 9.02 51.21 -4.17
N ASP N 319 8.51 52.38 -3.77
CA ASP N 319 7.10 52.72 -3.87
C ASP N 319 6.79 53.56 -5.10
N ILE N 320 7.75 53.76 -5.99
CA ILE N 320 7.62 54.77 -7.03
C ILE N 320 6.51 54.42 -8.01
N ARG N 321 6.06 55.45 -8.72
CA ARG N 321 5.08 55.29 -9.78
C ARG N 321 5.71 54.63 -11.00
N ARG N 322 4.97 53.72 -11.62
CA ARG N 322 5.47 52.89 -12.70
C ARG N 322 4.82 53.33 -14.02
N ALA N 323 5.60 53.24 -15.10
CA ALA N 323 5.19 53.75 -16.39
C ALA N 323 4.23 52.79 -17.09
N GLN N 324 3.45 53.34 -18.01
CA GLN N 324 2.52 52.60 -18.84
C GLN N 324 3.00 52.59 -20.28
N VAL N 325 2.64 51.55 -21.01
CA VAL N 325 3.08 51.40 -22.39
C VAL N 325 1.85 51.11 -23.25
N LEU N 326 1.65 51.93 -24.28
CA LEU N 326 0.70 51.64 -25.34
C LEU N 326 1.41 50.88 -26.45
N VAL N 327 0.95 49.66 -26.71
CA VAL N 327 1.59 48.77 -27.67
C VAL N 327 0.63 48.56 -28.84
N GLU N 328 0.93 49.15 -29.98
CA GLU N 328 0.20 48.86 -31.21
C GLU N 328 0.97 47.84 -32.03
N ALA N 329 0.29 46.78 -32.45
CA ALA N 329 0.81 45.88 -33.45
C ALA N 329 0.13 46.19 -34.78
N ILE N 330 0.86 46.02 -35.87
CA ILE N 330 0.32 46.23 -37.21
C ILE N 330 0.61 44.98 -37.99
N ILE N 331 -0.43 44.23 -38.35
CA ILE N 331 -0.27 43.01 -39.13
C ILE N 331 -0.85 43.29 -40.50
N VAL N 332 0.00 43.38 -41.50
CA VAL N 332 -0.43 43.57 -42.88
C VAL N 332 -0.10 42.32 -43.66
N GLU N 333 -1.08 41.76 -44.34
CA GLU N 333 -0.85 40.66 -45.26
C GLU N 333 -1.51 40.99 -46.58
N VAL N 334 -0.89 40.55 -47.67
CA VAL N 334 -1.48 40.68 -48.99
C VAL N 334 -1.24 39.40 -49.76
N GLN N 335 -2.30 38.80 -50.28
CA GLN N 335 -2.21 37.61 -51.08
C GLN N 335 -2.77 37.89 -52.46
N ASP N 336 -2.21 37.23 -53.46
CA ASP N 336 -2.85 37.17 -54.76
C ASP N 336 -2.28 36.01 -55.54
N GLY N 337 -3.04 35.55 -56.52
CA GLY N 337 -2.56 34.52 -57.41
C GLY N 337 -3.50 34.34 -58.57
N ASN N 338 -3.00 33.86 -59.70
CA ASN N 338 -3.80 33.72 -60.90
C ASN N 338 -3.51 32.40 -61.58
N GLY N 339 -4.52 31.55 -61.66
CA GLY N 339 -4.43 30.34 -62.44
C GLY N 339 -4.92 30.52 -63.86
N LEU N 340 -4.38 29.73 -64.78
CA LEU N 340 -4.86 29.64 -66.14
C LEU N 340 -4.81 28.20 -66.58
N ASN N 341 -5.94 27.62 -66.97
CA ASN N 341 -5.94 26.28 -67.53
C ASN N 341 -6.78 26.25 -68.81
N LEU N 342 -6.12 26.01 -69.93
CA LEU N 342 -6.78 25.93 -71.23
C LEU N 342 -6.27 24.71 -71.95
N GLY N 343 -7.16 24.06 -72.69
CA GLY N 343 -6.76 22.89 -73.46
C GLY N 343 -7.63 22.72 -74.68
N VAL N 344 -7.08 22.11 -75.71
CA VAL N 344 -7.81 21.82 -76.93
C VAL N 344 -7.85 20.31 -77.01
N GLN N 345 -9.01 19.71 -77.27
CA GLN N 345 -9.12 18.29 -77.54
C GLN N 345 -9.88 18.19 -78.85
N TRP N 346 -9.45 17.38 -79.81
CA TRP N 346 -10.20 17.21 -81.06
C TRP N 346 -10.50 15.72 -81.15
N ALA N 347 -11.72 15.30 -81.46
CA ALA N 347 -11.99 13.86 -81.60
C ALA N 347 -12.46 13.60 -83.03
N ASN N 348 -11.90 12.64 -83.75
CA ASN N 348 -12.37 12.39 -85.14
C ASN N 348 -12.88 10.96 -85.32
N LYS N 349 -14.04 10.75 -85.90
CA LYS N 349 -14.46 9.35 -85.99
C LYS N 349 -13.53 8.54 -86.89
N ASN N 350 -13.15 9.11 -88.02
CA ASN N 350 -12.30 8.41 -88.98
C ASN N 350 -10.89 8.09 -88.49
N VAL N 351 -10.25 9.04 -87.82
CA VAL N 351 -8.86 8.85 -87.38
C VAL N 351 -8.72 8.45 -85.91
N GLY N 352 -9.42 9.15 -85.03
CA GLY N 352 -9.29 8.92 -83.60
C GLY N 352 -9.48 10.22 -82.86
N ALA N 353 -9.36 10.18 -81.54
CA ALA N 353 -9.59 11.37 -80.73
C ALA N 353 -8.48 11.65 -79.74
N GLN N 354 -8.27 12.93 -79.45
CA GLN N 354 -7.35 13.35 -78.41
C GLN N 354 -8.19 13.88 -77.26
N GLN N 355 -8.04 13.31 -76.08
CA GLN N 355 -8.86 13.69 -74.95
C GLN N 355 -8.04 13.98 -73.71
N PHE N 356 -8.44 15.00 -72.96
CA PHE N 356 -7.78 15.35 -71.71
C PHE N 356 -8.84 15.46 -70.64
N THR N 357 -8.85 14.52 -69.71
CA THR N 357 -9.47 14.78 -68.44
C THR N 357 -8.65 15.84 -67.73
N ASN N 358 -9.28 16.55 -66.81
CA ASN N 358 -8.82 17.75 -66.11
C ASN N 358 -9.15 19.00 -66.91
N THR N 359 -9.60 18.89 -68.15
CA THR N 359 -10.22 20.04 -68.80
C THR N 359 -11.56 20.37 -68.17
N GLY N 360 -12.05 19.52 -67.27
CA GLY N 360 -13.33 19.67 -66.65
C GLY N 360 -14.44 18.99 -67.41
N LEU N 361 -14.28 18.83 -68.72
CA LEU N 361 -15.05 17.89 -69.47
C LEU N 361 -14.15 17.26 -70.53
N PRO N 362 -14.19 15.94 -70.67
CA PRO N 362 -13.48 15.30 -71.78
C PRO N 362 -14.28 15.31 -73.06
N ILE N 363 -13.56 15.15 -74.18
CA ILE N 363 -14.21 15.17 -75.49
C ILE N 363 -15.17 14.00 -75.63
N PHE N 364 -14.90 12.88 -74.99
CA PHE N 364 -15.78 11.73 -75.14
C PHE N 364 -17.11 11.97 -74.45
N ASN N 365 -17.08 12.32 -73.16
CA ASN N 365 -18.32 12.51 -72.43
C ASN N 365 -19.09 13.73 -72.93
N ALA N 366 -18.38 14.73 -73.46
CA ALA N 366 -19.08 15.87 -74.03
C ALA N 366 -19.78 15.51 -75.32
N ALA N 367 -19.10 14.77 -76.20
CA ALA N 367 -19.71 14.37 -77.47
C ALA N 367 -20.90 13.44 -77.26
N GLN N 368 -20.88 12.63 -76.20
CA GLN N 368 -22.06 11.84 -75.88
C GLN N 368 -23.19 12.70 -75.35
N GLY N 369 -22.85 13.79 -74.66
CA GLY N 369 -23.86 14.69 -74.15
C GLY N 369 -24.43 15.60 -75.22
N VAL N 370 -23.57 16.11 -76.09
CA VAL N 370 -24.04 16.98 -77.17
C VAL N 370 -24.91 16.18 -78.13
N ALA N 371 -24.49 14.96 -78.48
CA ALA N 371 -25.31 14.14 -79.36
C ALA N 371 -26.64 13.81 -78.71
N ASP N 372 -26.63 13.43 -77.44
CA ASP N 372 -27.87 13.19 -76.72
C ASP N 372 -28.74 14.44 -76.69
N TYR N 373 -28.13 15.62 -76.61
CA TYR N 373 -28.91 16.85 -76.56
C TYR N 373 -29.59 17.13 -77.89
N LYS N 374 -28.96 16.75 -79.00
CA LYS N 374 -29.56 17.02 -80.31
C LYS N 374 -30.74 16.09 -80.58
N LYS N 375 -30.63 14.82 -80.22
CA LYS N 375 -31.70 13.89 -80.53
C LYS N 375 -32.93 14.15 -79.68
N ASN N 376 -32.74 14.38 -78.38
CA ASN N 376 -33.87 14.55 -77.49
C ASN N 376 -34.32 15.98 -77.33
N GLY N 377 -33.58 16.95 -77.86
CA GLY N 377 -33.88 18.35 -77.67
C GLY N 377 -33.55 18.90 -76.30
N GLY N 378 -33.23 18.04 -75.34
CA GLY N 378 -32.86 18.46 -74.00
C GLY N 378 -32.05 17.36 -73.35
N ILE N 379 -31.72 17.57 -72.08
CA ILE N 379 -30.91 16.63 -71.31
C ILE N 379 -31.56 16.42 -69.96
N THR N 380 -31.95 15.18 -69.68
CA THR N 380 -32.47 14.82 -68.37
C THR N 380 -31.35 14.79 -67.34
N SER N 381 -31.74 14.86 -66.07
CA SER N 381 -30.76 14.74 -64.98
C SER N 381 -30.14 13.36 -64.92
N ALA N 382 -30.72 12.36 -65.57
CA ALA N 382 -30.16 11.02 -65.57
C ALA N 382 -29.02 10.84 -66.56
N ASN N 383 -28.93 11.72 -67.57
CA ASN N 383 -27.83 11.67 -68.51
C ASN N 383 -26.52 11.82 -67.76
N PRO N 384 -25.56 10.90 -67.93
CA PRO N 384 -24.29 11.02 -67.20
C PRO N 384 -23.56 12.32 -67.46
N ALA N 385 -23.80 12.97 -68.59
CA ALA N 385 -23.16 14.24 -68.87
C ALA N 385 -23.76 15.40 -68.10
N TRP N 386 -24.86 15.17 -67.37
CA TRP N 386 -25.48 16.25 -66.62
C TRP N 386 -24.52 16.85 -65.60
N ASP N 387 -23.99 16.00 -64.71
CA ASP N 387 -23.08 16.49 -63.68
C ASP N 387 -21.81 17.10 -64.26
N MET N 388 -21.45 16.74 -65.49
CA MET N 388 -20.24 17.27 -66.08
C MET N 388 -20.46 18.68 -66.62
N PHE N 389 -21.60 18.92 -67.28
CA PHE N 389 -21.93 20.26 -67.74
C PHE N 389 -22.44 21.15 -66.61
N SER N 390 -23.11 20.55 -65.62
CA SER N 390 -23.70 21.37 -64.57
C SER N 390 -22.63 22.08 -63.76
N ALA N 391 -21.49 21.44 -63.56
CA ALA N 391 -20.34 22.09 -62.94
C ALA N 391 -19.25 22.20 -64.00
N TYR N 392 -19.09 23.39 -64.55
CA TYR N 392 -18.00 23.70 -65.45
C TYR N 392 -17.81 25.20 -65.41
N ASN N 393 -16.56 25.65 -65.55
CA ASN N 393 -16.25 27.08 -65.51
C ASN N 393 -15.41 27.45 -66.71
N GLY N 394 -15.70 28.59 -67.30
CA GLY N 394 -14.94 29.09 -68.42
C GLY N 394 -15.63 28.84 -69.73
N MET N 395 -14.97 29.27 -70.80
CA MET N 395 -15.53 29.20 -72.15
C MET N 395 -15.22 27.85 -72.76
N ALA N 396 -16.25 27.10 -73.11
CA ALA N 396 -16.12 25.87 -73.87
C ALA N 396 -16.69 26.10 -75.27
N ALA N 397 -15.82 26.19 -76.26
CA ALA N 397 -16.21 26.53 -77.62
C ALA N 397 -15.92 25.37 -78.54
N GLY N 398 -16.96 24.70 -79.01
CA GLY N 398 -16.80 23.63 -79.97
C GLY N 398 -16.87 24.13 -81.40
N PHE N 399 -16.16 23.45 -82.29
CA PHE N 399 -16.16 23.77 -83.70
C PHE N 399 -16.12 22.48 -84.50
N PHE N 400 -17.04 22.32 -85.43
CA PHE N 400 -17.08 21.15 -86.30
C PHE N 400 -16.71 21.56 -87.72
N ASN N 401 -15.60 21.04 -88.22
CA ASN N 401 -15.20 21.22 -89.62
C ASN N 401 -15.26 19.85 -90.28
N GLY N 402 -16.25 19.66 -91.15
CA GLY N 402 -16.40 18.37 -91.79
C GLY N 402 -16.70 17.30 -90.76
N ASP N 403 -15.86 16.27 -90.74
CA ASP N 403 -15.97 15.21 -89.75
C ASP N 403 -15.16 15.48 -88.50
N TRP N 404 -14.32 16.51 -88.50
CA TRP N 404 -13.48 16.83 -87.35
C TRP N 404 -14.29 17.58 -86.30
N GLY N 405 -14.40 17.01 -85.11
CA GLY N 405 -14.84 17.77 -83.95
C GLY N 405 -13.65 18.40 -83.26
N VAL N 406 -13.86 19.59 -82.69
CA VAL N 406 -12.83 20.31 -81.96
C VAL N 406 -13.49 21.00 -80.78
N LEU N 407 -12.86 20.91 -79.61
CA LEU N 407 -13.43 21.47 -78.39
C LEU N 407 -12.36 22.21 -77.63
N LEU N 408 -12.56 23.51 -77.42
CA LEU N 408 -11.64 24.37 -76.71
C LEU N 408 -12.22 24.76 -75.36
N THR N 409 -11.49 24.46 -74.30
CA THR N 409 -11.87 24.87 -72.95
C THR N 409 -10.82 25.84 -72.44
N ALA N 410 -11.26 26.98 -71.90
CA ALA N 410 -10.35 27.96 -71.38
C ALA N 410 -10.94 28.60 -70.13
N LEU N 411 -10.15 28.64 -69.06
CA LEU N 411 -10.52 29.33 -67.84
C LEU N 411 -9.30 30.00 -67.27
N ALA N 412 -9.39 31.30 -66.99
CA ALA N 412 -8.33 32.01 -66.31
C ALA N 412 -8.89 32.54 -65.01
N SER N 413 -8.45 31.98 -63.90
CA SER N 413 -8.88 32.43 -62.58
C SER N 413 -7.86 33.42 -62.03
N ASN N 414 -8.36 34.38 -61.29
CA ASN N 414 -7.52 35.35 -60.62
C ASN N 414 -8.17 35.70 -59.30
N ASN N 415 -7.41 35.74 -58.22
CA ASN N 415 -7.95 36.20 -56.96
C ASN N 415 -6.97 37.16 -56.32
N LYS N 416 -7.46 37.84 -55.29
CA LYS N 416 -6.68 38.83 -54.57
C LYS N 416 -7.20 38.88 -53.16
N ASN N 417 -6.32 39.15 -52.22
CA ASN N 417 -6.72 39.19 -50.83
C ASN N 417 -5.83 40.17 -50.12
N ASP N 418 -6.39 40.91 -49.17
CA ASP N 418 -5.63 41.91 -48.46
C ASP N 418 -6.17 42.02 -47.05
N ILE N 419 -5.28 42.14 -46.08
CA ILE N 419 -5.67 42.10 -44.68
C ILE N 419 -4.90 43.17 -43.94
N LEU N 420 -5.55 43.78 -42.96
CA LEU N 420 -4.92 44.72 -42.05
C LEU N 420 -5.51 44.51 -40.67
N ALA N 421 -4.66 44.39 -39.67
CA ALA N 421 -5.09 44.29 -38.29
C ALA N 421 -4.21 45.18 -37.46
N THR N 422 -4.77 45.83 -36.45
CA THR N 422 -4.03 46.74 -35.58
C THR N 422 -4.51 46.59 -34.15
N PRO N 423 -4.23 45.47 -33.51
CA PRO N 423 -4.56 45.34 -32.09
C PRO N 423 -3.64 46.21 -31.25
N SER N 424 -4.23 46.93 -30.30
CA SER N 424 -3.45 47.76 -29.39
C SER N 424 -3.91 47.51 -27.98
N ILE N 425 -3.00 47.71 -27.03
CA ILE N 425 -3.25 47.41 -25.63
C ILE N 425 -2.43 48.39 -24.81
N VAL N 426 -2.99 48.86 -23.70
CA VAL N 426 -2.29 49.70 -22.73
C VAL N 426 -2.11 48.89 -21.47
N THR N 427 -0.90 48.94 -20.90
CA THR N 427 -0.64 48.20 -19.69
C THR N 427 0.52 48.82 -18.94
N LEU N 428 0.60 48.52 -17.65
CA LEU N 428 1.74 48.92 -16.85
C LEU N 428 2.94 48.09 -17.21
N ASP N 429 4.13 48.68 -17.09
CA ASP N 429 5.34 47.91 -17.33
C ASP N 429 5.44 46.77 -16.34
N ASN N 430 6.03 45.67 -16.79
CA ASN N 430 6.27 44.45 -16.03
C ASN N 430 4.97 43.71 -15.74
N LYS N 431 3.82 44.25 -16.11
CA LYS N 431 2.54 43.57 -15.99
C LYS N 431 2.12 43.01 -17.34
N LEU N 432 1.68 41.77 -17.34
CA LEU N 432 1.28 41.08 -18.57
C LEU N 432 -0.14 41.45 -18.96
N ALA N 433 -0.30 41.96 -20.17
CA ALA N 433 -1.59 42.28 -20.73
C ALA N 433 -1.88 41.39 -21.91
N SER N 434 -3.15 41.07 -22.12
CA SER N 434 -3.55 40.28 -23.27
C SER N 434 -4.82 40.87 -23.85
N PHE N 435 -4.95 40.74 -25.16
CA PHE N 435 -6.06 41.28 -25.90
C PHE N 435 -6.54 40.23 -26.88
N ASN N 436 -7.79 39.78 -26.74
CA ASN N 436 -8.34 38.73 -27.57
C ASN N 436 -9.56 39.27 -28.29
N VAL N 437 -9.58 39.16 -29.61
CA VAL N 437 -10.79 39.39 -30.39
C VAL N 437 -10.91 38.23 -31.35
N GLY N 438 -11.97 37.46 -31.20
CA GLY N 438 -12.05 36.20 -31.91
C GLY N 438 -13.23 35.39 -31.40
N GLN N 439 -13.12 34.08 -31.54
CA GLN N 439 -14.17 33.22 -31.07
C GLN N 439 -13.59 32.00 -30.39
N ASP N 440 -14.34 31.47 -29.43
CA ASP N 440 -13.93 30.36 -28.59
C ASP N 440 -14.62 29.11 -29.10
N VAL N 441 -13.85 28.18 -29.65
CA VAL N 441 -14.42 27.04 -30.37
C VAL N 441 -14.08 25.74 -29.65
N PRO N 442 -14.95 24.75 -29.68
CA PRO N 442 -14.60 23.43 -29.13
C PRO N 442 -13.69 22.65 -30.07
N VAL N 443 -12.72 21.95 -29.48
CA VAL N 443 -11.85 21.07 -30.24
C VAL N 443 -11.85 19.70 -29.58
N LEU N 444 -11.89 18.66 -30.40
CA LEU N 444 -11.98 17.30 -29.92
C LEU N 444 -10.66 16.85 -29.31
N SER N 445 -10.73 15.83 -28.46
CA SER N 445 -9.52 15.27 -27.85
C SER N 445 -9.72 13.84 -27.34
N THR N 458 -14.97 13.46 -25.49
CA THR N 458 -14.16 14.45 -24.79
C THR N 458 -13.74 15.60 -25.71
N VAL N 459 -14.02 16.83 -25.29
CA VAL N 459 -13.69 18.01 -26.06
C VAL N 459 -12.94 19.00 -25.18
N GLU N 460 -12.53 20.10 -25.79
CA GLU N 460 -11.73 21.12 -25.13
C GLU N 460 -12.01 22.44 -25.81
N ARG N 461 -11.86 23.53 -25.07
CA ARG N 461 -12.20 24.85 -25.57
C ARG N 461 -10.93 25.56 -26.00
N LYS N 462 -10.98 26.21 -27.16
CA LYS N 462 -9.80 26.87 -27.71
C LYS N 462 -10.20 28.22 -28.29
N THR N 463 -9.55 29.28 -27.83
CA THR N 463 -9.80 30.60 -28.36
C THR N 463 -8.99 30.81 -29.64
N VAL N 464 -9.66 31.23 -30.70
CA VAL N 464 -9.04 31.41 -32.00
C VAL N 464 -9.47 32.75 -32.55
N GLY N 465 -8.51 33.64 -32.74
CA GLY N 465 -8.82 34.96 -33.26
C GLY N 465 -7.58 35.81 -33.27
N THR N 466 -7.78 37.13 -33.31
CA THR N 466 -6.67 38.05 -33.21
C THR N 466 -6.28 38.19 -31.75
N LYS N 467 -5.05 37.82 -31.43
CA LYS N 467 -4.61 37.78 -30.04
C LYS N 467 -3.31 38.55 -29.92
N LEU N 468 -3.18 39.34 -28.86
CA LEU N 468 -1.95 40.06 -28.57
C LEU N 468 -1.68 39.93 -27.09
N LYS N 469 -0.56 39.31 -26.73
CA LYS N 469 -0.17 39.10 -25.34
C LYS N 469 1.23 39.65 -25.18
N VAL N 470 1.37 40.73 -24.42
CA VAL N 470 2.64 41.46 -24.34
C VAL N 470 2.94 41.78 -22.89
N THR N 471 4.21 41.62 -22.50
CA THR N 471 4.69 42.07 -21.19
C THR N 471 5.74 43.14 -21.41
N PRO N 472 5.42 44.40 -21.17
CA PRO N 472 6.41 45.46 -21.36
C PRO N 472 7.35 45.58 -20.18
N GLN N 473 8.56 46.06 -20.48
CA GLN N 473 9.55 46.45 -19.49
C GLN N 473 10.17 47.74 -19.95
N VAL N 474 10.01 48.82 -19.19
CA VAL N 474 10.49 50.12 -19.62
C VAL N 474 11.88 50.33 -19.04
N ASN N 475 12.88 50.28 -19.90
CA ASN N 475 14.25 50.48 -19.45
C ASN N 475 15.14 51.29 -20.39
N GLU N 476 15.60 52.45 -19.93
CA GLU N 476 14.99 53.19 -18.84
C GLU N 476 14.86 54.56 -19.45
N GLY N 477 13.94 55.39 -18.98
CA GLY N 477 13.65 56.52 -19.82
C GLY N 477 13.00 55.99 -21.08
N ASP N 478 13.65 56.20 -22.22
CA ASP N 478 13.10 55.75 -23.49
C ASP N 478 13.27 54.23 -23.62
N ALA N 479 13.02 53.75 -24.84
CA ALA N 479 12.89 52.35 -25.21
C ALA N 479 11.87 51.60 -24.39
N VAL N 480 12.00 50.28 -24.33
CA VAL N 480 11.10 49.30 -23.70
C VAL N 480 11.64 47.94 -24.06
N LEU N 481 11.25 46.92 -23.31
CA LEU N 481 11.50 45.54 -23.70
C LEU N 481 10.14 44.86 -23.81
N LEU N 482 9.75 44.54 -25.03
CA LEU N 482 8.46 43.95 -25.30
C LEU N 482 8.66 42.46 -25.53
N GLU N 483 8.09 41.64 -24.66
CA GLU N 483 7.96 40.22 -24.95
C GLU N 483 6.60 40.05 -25.59
N ILE N 484 6.58 39.81 -26.89
CA ILE N 484 5.35 39.73 -27.66
C ILE N 484 5.04 38.28 -27.91
N GLU N 485 3.80 37.90 -27.66
CA GLU N 485 3.23 36.67 -28.19
C GLU N 485 1.92 37.06 -28.84
N GLN N 486 1.86 37.00 -30.16
CA GLN N 486 0.62 37.35 -30.83
C GLN N 486 0.35 36.37 -31.95
N GLU N 487 -0.91 36.31 -32.36
CA GLU N 487 -1.25 35.54 -33.53
C GLU N 487 -2.57 36.04 -34.09
N VAL N 488 -2.76 35.76 -35.37
CA VAL N 488 -4.04 35.97 -36.02
C VAL N 488 -4.46 34.60 -36.53
N SER N 489 -5.48 34.02 -35.91
CA SER N 489 -5.93 32.69 -36.26
C SER N 489 -7.42 32.69 -36.48
N SER N 490 -7.89 31.74 -37.27
CA SER N 490 -9.29 31.66 -37.62
C SER N 490 -9.66 30.23 -37.93
N VAL N 491 -10.93 29.89 -37.71
CA VAL N 491 -11.40 28.56 -38.07
C VAL N 491 -11.45 28.44 -39.58
N ASP N 492 -11.01 27.30 -40.09
CA ASP N 492 -11.02 27.04 -41.52
C ASP N 492 -12.34 26.38 -41.87
N SER N 493 -13.18 27.10 -42.61
CA SER N 493 -14.51 26.59 -42.93
C SER N 493 -14.42 25.35 -43.81
N SER N 494 -13.61 25.41 -44.87
CA SER N 494 -13.36 24.23 -45.67
C SER N 494 -12.57 23.21 -44.88
N SER N 495 -12.57 21.98 -45.37
CA SER N 495 -11.76 20.90 -44.80
C SER N 495 -12.14 20.62 -43.35
N ASN N 496 -13.43 20.46 -43.11
CA ASN N 496 -13.84 19.96 -41.81
C ASN N 496 -13.64 18.45 -41.77
N SER N 497 -13.45 17.93 -40.55
CA SER N 497 -13.15 16.52 -40.37
C SER N 497 -13.85 16.01 -39.12
N THR N 498 -13.90 14.68 -39.01
CA THR N 498 -14.46 14.07 -37.82
C THR N 498 -13.50 14.18 -36.63
N LEU N 499 -12.22 14.45 -36.88
CA LEU N 499 -11.28 14.61 -35.79
C LEU N 499 -11.38 15.98 -35.14
N GLY N 500 -11.86 16.98 -35.87
CA GLY N 500 -12.04 18.29 -35.31
C GLY N 500 -11.84 19.36 -36.35
N PRO N 501 -11.94 20.62 -35.94
CA PRO N 501 -11.66 21.72 -36.86
C PRO N 501 -10.18 21.96 -37.03
N THR N 502 -9.82 22.50 -38.19
CA THR N 502 -8.49 23.07 -38.34
C THR N 502 -8.59 24.57 -38.14
N PHE N 503 -7.44 25.22 -38.10
CA PHE N 503 -7.39 26.66 -37.89
C PHE N 503 -6.24 27.20 -38.71
N ASN N 504 -6.44 28.36 -39.33
CA ASN N 504 -5.36 29.02 -40.04
C ASN N 504 -4.69 29.97 -39.06
N THR N 505 -3.45 29.65 -38.67
CA THR N 505 -2.76 30.41 -37.64
C THR N 505 -1.55 31.10 -38.23
N ARG N 506 -1.38 32.38 -37.90
CA ARG N 506 -0.15 33.10 -38.14
C ARG N 506 0.36 33.59 -36.80
N THR N 507 1.43 32.98 -36.31
CA THR N 507 1.88 33.20 -34.94
C THR N 507 3.31 33.70 -34.95
N ILE N 508 3.58 34.69 -34.13
CA ILE N 508 4.93 35.21 -33.95
C ILE N 508 5.12 35.53 -32.47
N GLN N 509 6.17 34.96 -31.87
CA GLN N 509 6.49 35.26 -30.49
C GLN N 509 7.98 35.52 -30.38
N ASN N 510 8.33 36.70 -29.88
CA ASN N 510 9.71 37.09 -29.73
C ASN N 510 9.78 38.20 -28.70
N ALA N 511 10.98 38.41 -28.18
CA ALA N 511 11.26 39.57 -27.35
C ALA N 511 12.05 40.56 -28.18
N VAL N 512 11.72 41.84 -28.05
CA VAL N 512 12.38 42.87 -28.83
C VAL N 512 12.45 44.12 -27.97
N LEU N 513 13.42 44.98 -28.26
CA LEU N 513 13.66 46.21 -27.52
C LEU N 513 13.52 47.37 -28.48
N VAL N 514 12.49 48.18 -28.29
CA VAL N 514 12.10 49.19 -29.27
C VAL N 514 12.12 50.55 -28.58
N LYS N 515 12.54 51.59 -29.29
CA LYS N 515 12.50 52.92 -28.71
C LYS N 515 11.05 53.40 -28.61
N THR N 516 10.84 54.39 -27.75
CA THR N 516 9.50 54.69 -27.26
C THR N 516 8.57 55.20 -28.35
N GLY N 517 9.07 55.78 -29.42
CA GLY N 517 8.16 56.31 -30.42
C GLY N 517 8.12 55.56 -31.72
N GLU N 518 8.95 54.54 -31.86
CA GLU N 518 9.34 54.02 -33.16
C GLU N 518 8.51 52.81 -33.57
N THR N 519 8.22 52.72 -34.86
CA THR N 519 7.59 51.56 -35.46
C THR N 519 8.67 50.68 -36.04
N VAL N 520 8.69 49.41 -35.64
CA VAL N 520 9.74 48.49 -36.04
C VAL N 520 9.11 47.16 -36.43
N VAL N 521 9.82 46.40 -37.24
CA VAL N 521 9.29 45.16 -37.79
C VAL N 521 9.60 44.00 -36.85
N LEU N 522 8.57 43.26 -36.47
CA LEU N 522 8.77 42.07 -35.66
C LEU N 522 9.15 40.87 -36.51
N GLY N 523 8.61 40.76 -37.70
CA GLY N 523 8.86 39.60 -38.52
C GLY N 523 8.14 39.74 -39.85
N GLY N 524 8.00 38.62 -40.52
CA GLY N 524 7.31 38.63 -41.80
C GLY N 524 7.58 37.36 -42.56
N LEU N 525 6.76 37.16 -43.58
CA LEU N 525 6.91 36.04 -44.48
C LEU N 525 6.59 36.49 -45.89
N LEU N 526 7.50 36.25 -46.82
CA LEU N 526 7.23 36.46 -48.23
C LEU N 526 7.26 35.09 -48.87
N ASP N 527 6.09 34.60 -49.27
CA ASP N 527 5.93 33.25 -49.78
C ASP N 527 5.39 33.35 -51.19
N ASP N 528 6.04 32.65 -52.12
CA ASP N 528 5.70 32.76 -53.52
C ASP N 528 5.79 31.40 -54.16
N PHE N 529 4.82 31.08 -55.00
CA PHE N 529 4.61 29.73 -55.48
C PHE N 529 4.12 29.78 -56.91
N SER N 530 4.68 28.93 -57.78
CA SER N 530 4.24 28.84 -59.17
C SER N 530 4.22 27.39 -59.59
N LYS N 531 3.09 26.94 -60.08
CA LYS N 531 2.90 25.56 -60.51
C LYS N 531 2.62 25.55 -62.01
N GLU N 532 2.89 24.43 -62.64
CA GLU N 532 2.55 24.25 -64.04
C GLU N 532 2.34 22.78 -64.32
N GLN N 533 1.44 22.49 -65.24
CA GLN N 533 1.25 21.14 -65.73
C GLN N 533 0.81 21.23 -67.17
N VAL N 534 1.33 20.35 -68.01
CA VAL N 534 0.82 20.21 -69.37
C VAL N 534 0.63 18.73 -69.63
N SER N 535 -0.40 18.42 -70.41
CA SER N 535 -0.61 17.08 -70.94
C SER N 535 -0.70 17.24 -72.45
N LYS N 536 0.25 16.66 -73.17
CA LYS N 536 0.36 16.94 -74.59
C LYS N 536 0.54 15.65 -75.38
N VAL N 537 0.42 15.79 -76.69
CA VAL N 537 0.81 14.73 -77.62
C VAL N 537 2.29 14.85 -77.89
N PRO N 538 3.08 13.77 -77.76
CA PRO N 538 4.51 13.93 -77.49
C PRO N 538 5.29 14.77 -78.50
N LEU N 539 5.18 14.48 -79.79
CA LEU N 539 5.90 15.29 -80.75
C LEU N 539 5.13 16.55 -81.14
N LEU N 540 3.83 16.40 -81.35
CA LEU N 540 3.04 17.52 -81.85
C LEU N 540 2.95 18.65 -80.84
N GLY N 541 2.88 18.33 -79.56
CA GLY N 541 2.74 19.34 -78.53
C GLY N 541 3.92 20.26 -78.37
N ASP N 542 5.06 19.92 -78.97
CA ASP N 542 6.26 20.74 -78.87
C ASP N 542 6.48 21.67 -80.06
N ILE N 543 5.62 21.61 -81.07
CA ILE N 543 5.71 22.56 -82.18
C ILE N 543 5.53 23.96 -81.62
N PRO N 544 6.41 24.93 -81.95
CA PRO N 544 6.49 26.15 -81.13
C PRO N 544 5.18 26.90 -80.96
N LEU N 545 4.41 27.10 -82.03
CA LEU N 545 3.15 27.82 -81.93
C LEU N 545 1.96 26.88 -82.02
N VAL N 546 1.84 26.16 -83.14
CA VAL N 546 0.74 25.22 -83.35
C VAL N 546 0.63 24.22 -82.21
N GLY N 547 1.74 23.92 -81.54
CA GLY N 547 1.75 22.89 -80.51
C GLY N 547 0.77 23.11 -79.38
N GLN N 548 0.29 24.34 -79.18
CA GLN N 548 -0.69 24.58 -78.14
C GLN N 548 -2.04 23.96 -78.44
N LEU N 549 -2.27 23.52 -79.68
CA LEU N 549 -3.52 22.84 -79.99
C LEU N 549 -3.56 21.45 -79.40
N PHE N 550 -2.41 20.79 -79.32
CA PHE N 550 -2.37 19.43 -78.81
C PHE N 550 -2.30 19.34 -77.30
N ARG N 551 -1.63 20.28 -76.65
CA ARG N 551 -1.44 20.24 -75.21
C ARG N 551 -2.62 20.81 -74.44
N TYR N 552 -2.76 20.35 -73.19
CA TYR N 552 -3.63 20.94 -72.18
C TYR N 552 -2.76 21.49 -71.06
N THR N 553 -2.72 22.82 -70.94
CA THR N 553 -1.91 23.49 -69.94
C THR N 553 -2.77 23.91 -68.77
N SER N 554 -2.28 23.71 -67.55
CA SER N 554 -2.91 24.27 -66.36
C SER N 554 -1.84 24.92 -65.53
N THR N 555 -1.92 26.23 -65.36
CA THR N 555 -0.92 27.02 -64.68
C THR N 555 -1.51 27.59 -63.41
N GLU N 556 -0.64 27.88 -62.43
CA GLU N 556 -1.08 28.46 -61.19
C GLU N 556 0.04 29.30 -60.62
N ARG N 557 -0.32 30.29 -59.81
CA ARG N 557 0.65 31.13 -59.13
C ARG N 557 0.02 31.61 -57.84
N ALA N 558 0.86 31.93 -56.86
CA ALA N 558 0.38 32.46 -55.60
C ALA N 558 1.46 33.36 -55.02
N LYS N 559 1.04 34.32 -54.20
CA LYS N 559 1.94 35.17 -53.47
C LYS N 559 1.33 35.47 -52.12
N ARG N 560 2.15 35.49 -51.09
CA ARG N 560 1.76 35.95 -49.77
C ARG N 560 2.86 36.82 -49.23
N ASN N 561 2.56 38.07 -48.93
CA ASN N 561 3.53 38.97 -48.33
C ASN N 561 2.96 39.42 -47.00
N LEU N 562 3.57 38.95 -45.91
CA LEU N 562 3.12 39.23 -44.56
C LEU N 562 4.19 40.04 -43.84
N MET N 563 3.76 41.07 -43.11
CA MET N 563 4.64 41.88 -42.29
C MET N 563 3.97 42.13 -40.96
N VAL N 564 4.75 42.12 -39.89
CA VAL N 564 4.25 42.41 -38.55
C VAL N 564 5.10 43.51 -37.97
N PHE N 565 4.46 44.60 -37.55
CA PHE N 565 5.16 45.74 -36.97
C PHE N 565 4.66 45.94 -35.55
N ILE N 566 5.46 46.64 -34.74
CA ILE N 566 5.08 46.94 -33.37
C ILE N 566 5.51 48.36 -33.08
N ARG N 567 4.60 49.18 -32.58
CA ARG N 567 4.95 50.52 -32.11
C ARG N 567 4.61 50.66 -30.63
N PRO N 568 5.59 50.66 -29.74
CA PRO N 568 5.33 51.01 -28.35
C PRO N 568 5.27 52.51 -28.17
N THR N 569 4.58 52.92 -27.10
CA THR N 569 4.58 54.31 -26.67
C THR N 569 4.52 54.31 -25.16
N ILE N 570 5.38 55.10 -24.52
CA ILE N 570 5.45 55.13 -23.07
C ILE N 570 4.60 56.29 -22.55
N ILE N 571 3.76 56.00 -21.57
CA ILE N 571 2.99 57.02 -20.87
C ILE N 571 3.69 57.28 -19.54
N ARG N 572 4.34 58.43 -19.42
CA ARG N 572 4.99 58.80 -18.17
C ARG N 572 3.99 59.43 -17.20
N ASP N 573 3.11 60.28 -17.70
CA ASP N 573 2.21 61.05 -16.85
C ASP N 573 0.82 61.05 -17.45
N ASP N 574 -0.14 61.53 -16.67
CA ASP N 574 -1.53 61.57 -17.13
C ASP N 574 -1.68 62.44 -18.36
N ASP N 575 -1.04 63.60 -18.37
CA ASP N 575 -1.32 64.59 -19.42
C ASP N 575 -1.00 64.07 -20.81
N VAL N 576 -0.02 63.18 -20.95
CA VAL N 576 0.25 62.60 -22.25
C VAL N 576 -0.73 61.47 -22.55
N TYR N 577 -1.38 60.92 -21.54
CA TYR N 577 -2.29 59.81 -21.73
C TYR N 577 -3.73 60.26 -21.92
N ARG N 578 -4.03 61.54 -21.69
CA ARG N 578 -5.24 62.12 -22.27
C ARG N 578 -5.06 62.33 -23.76
N SER N 579 -4.00 63.04 -24.16
CA SER N 579 -3.81 63.36 -25.56
C SER N 579 -3.70 62.10 -26.40
N LEU N 580 -3.10 61.06 -25.85
CA LEU N 580 -3.06 59.77 -26.53
C LEU N 580 -4.45 59.15 -26.61
N SER N 581 -5.24 59.28 -25.54
CA SER N 581 -6.60 58.78 -25.55
C SER N 581 -7.55 59.72 -26.28
N LYS N 582 -7.29 61.02 -26.21
CA LYS N 582 -8.16 61.98 -26.86
C LYS N 582 -8.08 61.86 -28.38
N GLU N 583 -6.93 61.51 -28.92
CA GLU N 583 -6.83 61.42 -30.38
C GLU N 583 -7.43 60.13 -30.90
N LYS N 584 -7.47 59.07 -30.08
CA LYS N 584 -8.20 57.88 -30.50
C LYS N 584 -9.69 58.05 -30.26
N TYR N 585 -10.06 58.74 -29.19
CA TYR N 585 -11.46 59.00 -28.90
C TYR N 585 -12.07 59.89 -29.96
N THR N 586 -11.31 60.89 -30.43
CA THR N 586 -11.81 61.81 -31.44
C THR N 586 -11.73 61.22 -32.85
N ARG N 587 -10.62 60.55 -33.18
CA ARG N 587 -10.52 59.94 -34.49
C ARG N 587 -11.58 58.86 -34.68
N TYR N 588 -12.00 58.23 -33.60
CA TYR N 588 -13.11 57.28 -33.69
C TYR N 588 -14.45 58.01 -33.74
N ARG N 589 -14.57 59.10 -32.98
CA ARG N 589 -15.80 59.88 -33.00
C ARG N 589 -16.00 60.57 -34.33
N GLN N 590 -14.95 61.19 -34.86
CA GLN N 590 -15.03 61.81 -36.17
C GLN N 590 -15.24 60.80 -37.28
N GLU N 591 -14.93 59.53 -37.04
CA GLU N 591 -15.24 58.50 -38.03
C GLU N 591 -16.70 58.11 -37.97
N GLN N 592 -17.28 58.05 -36.77
CA GLN N 592 -18.71 57.81 -36.65
C GLN N 592 -19.51 58.96 -37.25
N GLN N 593 -19.10 60.20 -36.97
CA GLN N 593 -19.81 61.33 -37.53
C GLN N 593 -19.69 61.38 -39.05
N GLN N 594 -18.59 60.86 -39.60
CA GLN N 594 -18.47 60.77 -41.05
C GLN N 594 -19.41 59.73 -41.61
N ARG N 595 -19.62 58.64 -40.88
CA ARG N 595 -20.53 57.59 -41.34
C ARG N 595 -21.97 58.03 -41.27
N ILE N 596 -22.30 58.92 -40.32
CA ILE N 596 -23.65 59.45 -40.25
C ILE N 596 -23.93 60.38 -41.43
N ASP N 597 -22.92 61.16 -41.82
CA ASP N 597 -23.08 62.03 -42.98
C ASP N 597 -22.87 61.27 -44.29
N GLY N 598 -22.20 60.12 -44.25
CA GLY N 598 -21.98 59.35 -45.45
C GLY N 598 -23.21 58.65 -45.96
N LYS N 599 -24.16 58.34 -45.08
CA LYS N 599 -25.41 57.75 -45.53
C LYS N 599 -26.28 58.81 -46.17
N SER N 600 -26.93 58.45 -47.27
CA SER N 600 -27.74 59.38 -48.03
C SER N 600 -29.21 59.22 -47.68
N LYS N 601 -29.90 60.34 -47.51
CA LYS N 601 -31.34 60.31 -47.38
C LYS N 601 -31.97 59.88 -48.70
N ALA N 602 -33.23 59.48 -48.62
CA ALA N 602 -34.05 58.94 -49.69
C ALA N 602 -33.77 57.46 -49.91
N LEU N 603 -32.82 56.88 -49.17
CA LEU N 603 -32.69 55.43 -49.07
C LEU N 603 -32.85 55.03 -47.62
N VAL N 604 -33.53 53.90 -47.38
CA VAL N 604 -33.71 53.42 -46.02
C VAL N 604 -32.39 52.93 -45.48
N GLY N 605 -32.06 53.33 -44.25
CA GLY N 605 -30.84 52.91 -43.61
C GLY N 605 -31.01 52.85 -42.11
N SER N 606 -30.00 52.27 -41.46
CA SER N 606 -30.06 52.14 -40.01
C SER N 606 -29.97 53.50 -39.35
N GLU N 607 -30.76 53.69 -38.29
CA GLU N 607 -30.64 54.89 -37.49
C GLU N 607 -29.38 54.83 -36.65
N ASP N 608 -28.65 55.94 -36.62
CA ASP N 608 -27.32 55.96 -36.02
C ASP N 608 -27.41 55.85 -34.50
N LEU N 609 -26.32 55.39 -33.90
CA LEU N 609 -26.20 55.44 -32.46
C LEU N 609 -25.87 56.87 -32.03
N PRO N 610 -26.04 57.19 -30.75
CA PRO N 610 -25.41 58.41 -30.23
C PRO N 610 -23.90 58.26 -30.32
N VAL N 611 -23.24 59.29 -30.83
CA VAL N 611 -21.81 59.22 -31.12
C VAL N 611 -21.05 59.74 -29.91
N LEU N 612 -20.46 58.80 -29.17
CA LEU N 612 -19.63 59.06 -27.99
C LEU N 612 -20.21 60.17 -27.13
N ASP N 613 -19.35 61.09 -26.69
CA ASP N 613 -19.75 62.28 -25.94
C ASP N 613 -18.86 63.43 -26.36
N GLU N 614 -19.47 64.60 -26.56
CA GLU N 614 -18.71 65.77 -26.97
C GLU N 614 -17.98 66.42 -25.81
N ASN N 615 -18.58 66.46 -24.62
CA ASN N 615 -17.98 67.15 -23.50
C ASN N 615 -16.77 66.42 -22.91
N THR N 616 -16.59 65.15 -23.24
CA THR N 616 -15.42 64.43 -22.74
C THR N 616 -14.15 65.07 -23.27
N PHE N 617 -13.12 65.11 -22.44
CA PHE N 617 -11.86 65.78 -22.74
C PHE N 617 -12.07 67.28 -22.92
N GLY O 99 14.77 44.69 103.99
CA GLY O 99 16.13 45.19 104.16
C GLY O 99 17.19 44.11 104.17
N ASP O 100 17.36 43.47 105.32
CA ASP O 100 18.33 42.40 105.48
C ASP O 100 17.70 41.03 105.30
N GLU O 101 16.44 40.96 104.88
CA GLU O 101 15.71 39.71 104.92
C GLU O 101 16.17 38.78 103.80
N LEU O 102 16.70 37.63 104.18
CA LEU O 102 17.32 36.71 103.23
C LEU O 102 16.27 35.72 102.75
N VAL O 103 15.91 35.83 101.48
CA VAL O 103 14.89 34.95 100.88
C VAL O 103 15.34 34.61 99.47
N THR O 104 14.85 33.48 98.99
CA THR O 104 15.08 33.04 97.62
C THR O 104 13.84 33.33 96.77
N ARG O 105 14.09 33.97 95.64
CA ARG O 105 13.01 34.36 94.72
C ARG O 105 13.57 34.26 93.32
N ILE O 106 12.69 33.86 92.40
CA ILE O 106 13.11 33.23 91.14
C ILE O 106 12.35 33.89 89.99
N VAL O 107 13.09 34.54 89.09
CA VAL O 107 12.54 35.13 87.87
C VAL O 107 13.20 34.51 86.65
N PRO O 108 12.45 33.93 85.71
CA PRO O 108 13.04 33.52 84.43
C PRO O 108 13.33 34.72 83.52
N LEU O 109 14.30 34.54 82.63
CA LEU O 109 14.42 35.32 81.40
C LEU O 109 13.89 34.45 80.27
N GLU O 110 12.68 34.73 79.81
CA GLU O 110 12.09 33.87 78.80
C GLU O 110 12.62 34.21 77.41
N ASN O 111 12.72 35.50 77.12
CA ASN O 111 13.18 36.00 75.83
C ASN O 111 14.56 35.46 75.45
N VAL O 112 15.49 35.42 76.41
CA VAL O 112 16.88 35.07 76.16
C VAL O 112 17.21 33.89 77.07
N PRO O 113 18.23 33.07 76.77
CA PRO O 113 18.78 32.21 77.83
C PRO O 113 19.47 33.05 78.89
N ALA O 114 19.11 32.79 80.15
CA ALA O 114 19.51 33.64 81.27
C ALA O 114 21.01 33.63 81.52
N ARG O 115 21.75 32.77 80.82
CA ARG O 115 23.19 32.59 81.06
C ARG O 115 23.92 33.92 81.11
N ASP O 116 23.52 34.87 80.26
CA ASP O 116 24.19 36.16 80.12
C ASP O 116 24.17 37.03 81.38
N LEU O 117 23.39 36.68 82.40
CA LEU O 117 23.46 37.43 83.64
C LEU O 117 24.33 36.78 84.70
N ALA O 118 25.01 35.68 84.39
CA ALA O 118 25.87 35.03 85.39
C ALA O 118 27.02 35.92 85.85
N PRO O 119 27.79 36.59 85.00
CA PRO O 119 28.75 37.58 85.52
C PRO O 119 28.06 38.75 86.19
N LEU O 120 26.89 39.17 85.70
CA LEU O 120 26.23 40.34 86.26
C LEU O 120 25.70 40.06 87.65
N LEU O 121 24.94 38.96 87.81
CA LEU O 121 24.19 38.72 89.04
C LEU O 121 25.03 38.12 90.15
N ARG O 122 25.90 37.16 89.83
CA ARG O 122 26.89 36.76 90.82
C ARG O 122 27.95 37.84 90.99
N GLN O 123 28.04 38.78 90.03
CA GLN O 123 28.72 40.02 90.32
C GLN O 123 27.95 40.83 91.37
N MET O 124 26.61 40.70 91.41
CA MET O 124 25.84 41.40 92.43
C MET O 124 25.88 40.67 93.77
N MET O 125 26.05 39.34 93.77
CA MET O 125 26.64 38.70 94.94
C MET O 125 27.95 39.38 95.31
N ASP O 126 28.84 39.49 94.35
CA ASP O 126 30.15 40.11 94.49
C ASP O 126 30.06 41.62 94.67
N ALA O 127 28.85 42.20 94.60
CA ALA O 127 28.69 43.63 94.86
C ALA O 127 28.75 43.96 96.34
N GLY O 128 28.13 43.17 97.20
CA GLY O 128 27.99 43.53 98.59
C GLY O 128 27.98 42.30 99.48
N SER O 129 27.87 42.55 100.79
CA SER O 129 28.11 41.51 101.77
C SER O 129 27.26 40.27 101.49
N VAL O 130 27.93 39.11 101.50
CA VAL O 130 27.48 37.93 100.79
C VAL O 130 26.46 37.20 101.66
N GLY O 131 26.16 35.94 101.31
CA GLY O 131 24.90 35.31 101.63
C GLY O 131 24.00 35.16 100.43
N ASN O 132 24.55 35.29 99.22
CA ASN O 132 23.79 35.30 97.98
C ASN O 132 24.02 34.02 97.20
N VAL O 133 23.01 33.64 96.43
CA VAL O 133 23.10 32.60 95.41
C VAL O 133 22.37 33.06 94.16
N VAL O 134 22.99 32.84 93.01
CA VAL O 134 22.34 33.02 91.72
C VAL O 134 22.59 31.71 90.97
N HIS O 135 21.57 31.21 90.27
CA HIS O 135 21.67 29.89 89.65
C HIS O 135 20.64 29.82 88.52
N TYR O 136 20.82 28.82 87.65
CA TYR O 136 20.28 28.85 86.30
C TYR O 136 19.70 27.49 85.92
N GLU O 137 18.39 27.48 85.55
CA GLU O 137 17.96 26.19 85.03
C GLU O 137 18.10 26.13 83.50
N PRO O 138 18.17 24.91 82.93
CA PRO O 138 18.09 24.76 81.47
C PRO O 138 16.83 25.39 80.92
N SER O 139 15.74 25.24 81.68
CA SER O 139 14.43 25.79 81.37
C SER O 139 14.47 27.32 81.39
N ASN O 140 15.63 27.88 81.74
CA ASN O 140 15.91 29.30 81.63
C ASN O 140 15.10 30.13 82.63
N VAL O 141 14.87 29.56 83.81
CA VAL O 141 14.45 30.33 84.97
C VAL O 141 15.70 30.65 85.77
N LEU O 142 15.71 31.85 86.35
CA LEU O 142 16.88 32.35 87.05
C LEU O 142 16.56 32.45 88.53
N ILE O 143 17.18 31.60 89.33
CA ILE O 143 16.80 31.42 90.72
C ILE O 143 17.79 32.13 91.63
N LEU O 144 17.24 32.90 92.59
CA LEU O 144 18.05 33.75 93.45
C LEU O 144 17.84 33.44 94.92
N THR O 145 18.85 33.80 95.70
CA THR O 145 18.83 33.78 97.14
C THR O 145 19.60 35.01 97.62
N GLY O 146 19.01 35.77 98.55
CA GLY O 146 19.76 36.87 99.12
C GLY O 146 18.90 37.78 99.99
N ARG O 147 19.58 38.73 100.64
CA ARG O 147 18.91 39.71 101.46
C ARG O 147 18.11 40.68 100.58
N ALA O 148 17.18 41.39 101.23
CA ALA O 148 16.08 42.05 100.53
C ALA O 148 16.54 43.09 99.52
N SER O 149 17.60 43.85 99.82
CA SER O 149 18.03 44.89 98.88
C SER O 149 18.81 44.30 97.71
N THR O 150 19.84 43.49 98.01
CA THR O 150 20.62 42.86 96.96
C THR O 150 19.71 42.12 96.00
N ILE O 151 18.66 41.50 96.52
CA ILE O 151 17.71 40.87 95.62
C ILE O 151 16.78 41.89 94.97
N ASN O 152 16.50 43.02 95.62
CA ASN O 152 15.75 44.07 94.92
C ASN O 152 16.38 44.38 93.59
N LYS O 153 17.67 44.72 93.60
CA LYS O 153 18.29 45.14 92.35
C LYS O 153 18.81 43.97 91.53
N LEU O 154 18.92 42.77 92.14
CA LEU O 154 19.11 41.55 91.35
C LEU O 154 17.90 41.23 90.50
N ILE O 155 16.74 41.04 91.13
CA ILE O 155 15.53 40.74 90.38
C ILE O 155 15.18 41.90 89.45
N GLU O 156 15.54 43.13 89.84
CA GLU O 156 15.55 44.23 88.88
C GLU O 156 16.34 43.85 87.63
N VAL O 157 17.58 43.39 87.80
CA VAL O 157 18.36 43.02 86.63
C VAL O 157 17.61 41.98 85.81
N ILE O 158 16.92 41.06 86.49
CA ILE O 158 16.43 39.87 85.79
C ILE O 158 15.18 40.18 84.96
N LYS O 159 14.16 40.80 85.57
CA LYS O 159 13.03 41.21 84.73
C LYS O 159 13.49 42.21 83.68
N ARG O 160 14.42 43.09 84.06
CA ARG O 160 15.05 43.96 83.09
C ARG O 160 15.48 43.18 81.87
N VAL O 161 16.50 42.32 82.01
CA VAL O 161 17.06 41.62 80.86
C VAL O 161 16.01 40.78 80.14
N ASP O 162 14.94 40.41 80.85
CA ASP O 162 13.78 39.82 80.18
C ASP O 162 13.19 40.77 79.15
N VAL O 163 12.57 41.86 79.60
CA VAL O 163 11.76 42.67 78.70
C VAL O 163 12.64 43.59 77.86
N ILE O 164 13.93 43.65 78.19
CA ILE O 164 14.87 44.34 77.31
C ILE O 164 15.59 43.33 76.42
N GLY O 165 15.33 42.05 76.68
CA GLY O 165 15.67 41.03 75.69
C GLY O 165 14.45 40.63 74.89
N THR O 166 13.39 41.43 74.97
CA THR O 166 12.16 41.15 74.23
C THR O 166 12.38 40.94 72.73
N GLU O 167 11.91 39.80 72.25
CA GLU O 167 11.37 39.69 70.90
C GLU O 167 10.22 38.69 70.92
N LYS O 168 9.07 39.13 70.45
CA LYS O 168 7.78 38.51 70.75
C LYS O 168 6.88 38.55 69.52
N GLN O 169 5.88 37.68 69.52
CA GLN O 169 5.23 37.24 68.30
C GLN O 169 3.99 38.09 68.00
N GLN O 170 3.74 38.29 66.70
CA GLN O 170 2.44 38.81 66.29
C GLN O 170 2.17 38.35 64.87
N ILE O 171 0.92 38.07 64.57
CA ILE O 171 0.57 37.74 63.19
C ILE O 171 -0.55 38.68 62.78
N ILE O 172 -0.44 39.21 61.57
CA ILE O 172 -1.19 40.39 61.16
C ILE O 172 -1.85 40.09 59.81
N HIS O 173 -2.95 40.78 59.53
CA HIS O 173 -3.67 40.62 58.27
C HIS O 173 -2.87 41.19 57.11
N LEU O 174 -3.20 40.73 55.90
CA LEU O 174 -2.88 41.43 54.66
C LEU O 174 -4.20 41.77 53.97
N GLU O 175 -4.42 43.06 53.74
CA GLU O 175 -5.72 43.54 53.30
C GLU O 175 -6.07 43.10 51.88
N TYR O 176 -5.25 43.45 50.90
CA TYR O 176 -5.52 43.18 49.49
C TYR O 176 -4.37 42.44 48.85
N ALA O 177 -3.21 43.07 48.84
CA ALA O 177 -2.05 42.59 48.11
C ALA O 177 -1.74 41.14 48.44
N SER O 178 -1.39 40.37 47.42
CA SER O 178 -1.05 38.97 47.57
C SER O 178 0.13 38.79 48.52
N ALA O 179 0.08 37.69 49.26
CA ALA O 179 1.01 37.49 50.37
C ALA O 179 2.42 37.21 49.88
N GLU O 180 2.56 36.30 48.92
CA GLU O 180 3.85 35.98 48.32
C GLU O 180 4.64 37.22 47.95
N ASP O 181 4.00 38.26 47.43
CA ASP O 181 4.73 39.45 47.05
C ASP O 181 5.41 40.07 48.25
N LEU O 182 4.59 40.67 49.12
CA LEU O 182 5.11 41.37 50.29
C LEU O 182 6.12 40.49 51.03
N ALA O 183 5.89 39.18 51.04
CA ALA O 183 6.98 38.27 51.32
C ALA O 183 8.20 38.67 50.50
N GLU O 184 8.12 38.51 49.17
CA GLU O 184 9.32 38.58 48.35
C GLU O 184 10.12 39.84 48.67
N ILE O 185 9.43 40.96 48.84
CA ILE O 185 10.17 42.17 49.15
C ILE O 185 10.81 42.06 50.52
N LEU O 186 10.03 41.78 51.56
CA LEU O 186 10.53 42.01 52.90
C LEU O 186 11.54 40.95 53.30
N ASN O 187 11.34 39.72 52.82
CA ASN O 187 12.28 38.64 53.07
C ASN O 187 13.70 39.12 52.81
N GLN O 188 13.98 39.39 51.54
CA GLN O 188 15.28 39.75 51.02
C GLN O 188 15.74 41.12 51.47
N LEU O 189 14.90 41.85 52.21
CA LEU O 189 15.36 43.04 52.94
C LEU O 189 16.04 42.61 54.23
N ILE O 190 17.32 42.93 54.35
CA ILE O 190 18.06 42.67 55.57
C ILE O 190 19.06 43.80 55.76
N LYS O 206 10.84 36.41 61.81
CA LYS O 206 10.89 36.08 60.39
C LYS O 206 9.67 36.68 59.68
N ILE O 207 9.44 36.27 58.44
CA ILE O 207 8.37 36.82 57.62
C ILE O 207 7.58 35.66 57.03
N VAL O 208 6.28 35.59 57.34
CA VAL O 208 5.44 34.51 56.85
C VAL O 208 4.26 35.08 56.07
N ALA O 209 3.88 34.38 55.01
CA ALA O 209 2.77 34.78 54.15
C ALA O 209 1.60 33.82 54.31
N ASP O 210 0.39 34.34 54.05
CA ASP O 210 -0.81 33.52 53.87
C ASP O 210 -1.59 34.05 52.67
N LYS O 211 -1.78 33.20 51.67
CA LYS O 211 -2.73 33.53 50.61
C LYS O 211 -4.16 33.19 51.00
N ARG O 212 -4.38 32.04 51.66
CA ARG O 212 -5.74 31.60 51.92
C ARG O 212 -6.51 32.63 52.75
N THR O 213 -5.99 33.01 53.91
CA THR O 213 -6.56 34.16 54.60
C THR O 213 -5.74 35.43 54.40
N ASN O 214 -4.63 35.36 53.66
CA ASN O 214 -3.88 36.55 53.26
C ASN O 214 -3.36 37.34 54.47
N SER O 215 -2.35 36.79 55.13
CA SER O 215 -1.81 37.41 56.33
C SER O 215 -0.30 37.59 56.21
N LEU O 216 0.19 38.74 56.66
CA LEU O 216 1.62 38.89 56.93
C LEU O 216 1.89 38.63 58.40
N ILE O 217 2.80 37.70 58.66
CA ILE O 217 3.08 37.20 59.99
C ILE O 217 4.51 37.57 60.35
N ILE O 218 4.71 38.04 61.59
CA ILE O 218 5.96 38.73 61.88
C ILE O 218 6.37 38.49 63.34
N SER O 219 7.68 38.33 63.50
CA SER O 219 8.34 38.16 64.77
C SER O 219 9.35 39.27 65.01
N GLY O 220 9.68 39.47 66.28
CA GLY O 220 10.71 40.38 66.68
C GLY O 220 10.34 41.00 68.02
N PRO O 221 11.09 42.01 68.44
CA PRO O 221 10.66 42.81 69.60
C PRO O 221 9.40 43.58 69.28
N GLU O 222 9.00 44.45 70.23
CA GLU O 222 7.98 45.42 69.89
C GLU O 222 8.53 46.44 68.89
N LYS O 223 9.84 46.65 68.89
CA LYS O 223 10.42 47.53 67.90
C LYS O 223 10.49 46.87 66.52
N ALA O 224 10.55 45.55 66.48
CA ALA O 224 10.32 44.88 65.19
C ALA O 224 8.86 44.99 64.79
N ARG O 225 7.96 44.83 65.77
CA ARG O 225 6.55 45.09 65.53
C ARG O 225 6.38 46.44 64.84
N GLN O 226 6.92 47.50 65.42
CA GLN O 226 6.68 48.84 64.91
C GLN O 226 7.36 49.06 63.56
N ARG O 227 8.63 48.68 63.45
CA ARG O 227 9.37 48.96 62.22
C ARG O 227 8.69 48.28 61.03
N ILE O 228 8.24 47.05 61.21
CA ILE O 228 7.68 46.37 60.05
C ILE O 228 6.19 46.64 59.94
N THR O 229 5.56 47.21 60.97
CA THR O 229 4.23 47.78 60.76
C THR O 229 4.34 49.05 59.95
N SER O 230 5.50 49.70 59.98
CA SER O 230 5.71 50.88 59.16
C SER O 230 6.06 50.49 57.73
N LEU O 231 6.77 49.38 57.55
CA LEU O 231 6.86 48.82 56.20
C LEU O 231 5.49 48.44 55.68
N LEU O 232 4.69 47.76 56.50
CA LEU O 232 3.33 47.47 56.09
C LEU O 232 2.60 48.74 55.67
N LYS O 233 2.55 49.73 56.56
CA LYS O 233 1.84 50.95 56.22
C LYS O 233 2.38 51.56 54.95
N SER O 234 3.67 51.36 54.67
CA SER O 234 4.18 51.68 53.35
C SER O 234 3.33 51.01 52.28
N LEU O 235 3.38 49.68 52.17
CA LEU O 235 2.44 49.04 51.25
C LEU O 235 1.42 48.19 52.02
N ASP O 236 0.27 48.81 52.27
CA ASP O 236 -1.00 48.11 52.40
C ASP O 236 -1.87 48.33 51.19
N VAL O 237 -1.44 49.17 50.24
CA VAL O 237 -2.37 49.71 49.25
C VAL O 237 -2.51 48.75 48.08
N GLU O 238 -3.74 48.61 47.61
CA GLU O 238 -3.98 47.81 46.41
C GLU O 238 -3.72 48.70 45.21
N GLU O 239 -2.86 48.23 44.32
CA GLU O 239 -2.49 49.00 43.15
C GLU O 239 -3.69 49.20 42.23
N SER O 240 -3.78 50.38 41.63
CA SER O 240 -4.83 50.63 40.65
C SER O 240 -4.34 50.09 39.31
N GLU O 241 -4.28 48.77 39.22
CA GLU O 241 -3.79 48.10 38.03
C GLU O 241 -4.59 48.51 36.81
N GLU O 242 -5.91 48.66 36.98
CA GLU O 242 -6.80 49.01 35.89
C GLU O 242 -7.06 47.75 35.07
N GLY O 243 -7.62 47.91 33.87
CA GLY O 243 -7.87 46.76 33.04
C GLY O 243 -6.62 46.27 32.30
N ASN O 244 -6.44 44.96 32.30
CA ASN O 244 -5.43 44.32 31.46
C ASN O 244 -5.87 44.20 30.01
N THR O 245 -7.14 43.87 29.81
CA THR O 245 -7.69 43.61 28.49
C THR O 245 -8.62 44.73 28.03
N ARG O 246 -8.39 45.22 26.82
CA ARG O 246 -9.29 46.20 26.21
C ARG O 246 -10.01 45.55 25.05
N VAL O 247 -11.22 46.05 24.81
CA VAL O 247 -12.04 45.61 23.68
C VAL O 247 -12.23 46.83 22.78
N TYR O 248 -11.62 46.77 21.59
CA TYR O 248 -11.71 47.86 20.64
C TYR O 248 -12.87 47.61 19.69
N TYR O 249 -13.73 48.60 19.53
CA TYR O 249 -14.81 48.52 18.55
C TYR O 249 -14.29 49.12 17.26
N LEU O 250 -14.09 48.28 16.27
CA LEU O 250 -13.54 48.74 15.00
C LEU O 250 -14.63 49.37 14.17
N LYS O 251 -14.30 50.49 13.54
CA LYS O 251 -15.18 51.12 12.57
C LYS O 251 -14.39 51.30 11.29
N TYR O 252 -14.88 50.70 10.21
CA TYR O 252 -14.33 50.66 8.85
C TYR O 252 -13.35 49.52 8.66
N ALA O 253 -12.98 48.79 9.70
CA ALA O 253 -12.10 47.64 9.56
C ALA O 253 -12.82 46.38 10.01
N LYS O 254 -12.33 45.24 9.51
CA LYS O 254 -12.91 43.95 9.81
C LYS O 254 -12.02 43.25 10.82
N ALA O 255 -12.59 42.86 11.97
CA ALA O 255 -11.81 42.42 13.11
C ALA O 255 -10.96 41.20 12.81
N THR O 256 -11.52 40.25 12.04
CA THR O 256 -10.82 39.03 11.71
C THR O 256 -9.62 39.36 10.83
N ASN O 257 -9.80 40.28 9.90
CA ASN O 257 -8.72 40.73 9.04
C ASN O 257 -7.62 41.42 9.83
N LEU O 258 -8.04 42.29 10.74
CA LEU O 258 -7.11 43.07 11.54
C LEU O 258 -6.29 42.16 12.42
N VAL O 259 -6.90 41.08 12.91
CA VAL O 259 -6.19 40.21 13.83
C VAL O 259 -4.95 39.63 13.18
N GLU O 260 -5.04 39.21 11.93
CA GLU O 260 -3.88 38.60 11.30
C GLU O 260 -2.73 39.62 11.20
N VAL O 261 -3.06 40.83 10.79
CA VAL O 261 -2.06 41.88 10.65
C VAL O 261 -1.43 42.20 12.00
N LEU O 262 -2.26 42.26 13.01
CA LEU O 262 -1.84 42.59 14.36
C LEU O 262 -0.92 41.52 14.92
N THR O 263 -1.20 40.28 14.55
CA THR O 263 -0.57 39.13 15.17
C THR O 263 0.92 39.24 14.95
N GLY O 264 1.32 39.68 13.76
CA GLY O 264 2.74 39.79 13.52
C GLY O 264 3.37 40.86 14.43
N VAL O 265 2.67 41.99 14.60
CA VAL O 265 3.17 43.09 15.43
C VAL O 265 3.31 42.66 16.88
N SER O 266 2.35 41.89 17.35
CA SER O 266 2.38 41.41 18.70
C SER O 266 3.39 40.27 18.79
N GLU O 267 3.50 39.46 17.69
CA GLU O 267 4.34 38.26 17.69
C GLU O 267 5.76 38.71 17.33
N VAL O 288 1.69 39.20 24.16
CA VAL O 288 0.43 39.86 23.82
C VAL O 288 -0.48 38.93 23.03
N ALA O 289 -1.77 38.96 23.35
CA ALA O 289 -2.74 38.13 22.65
C ALA O 289 -3.80 39.00 21.98
N ILE O 290 -3.97 38.81 20.67
CA ILE O 290 -4.96 39.55 19.92
C ILE O 290 -5.94 38.55 19.33
N THR O 291 -7.22 38.74 19.62
CA THR O 291 -8.26 37.91 19.03
C THR O 291 -9.49 38.77 18.78
N ALA O 292 -10.33 38.31 17.86
CA ALA O 292 -11.43 39.11 17.34
C ALA O 292 -12.76 38.43 17.61
N ASP O 293 -13.79 39.25 17.79
CA ASP O 293 -15.17 38.80 17.87
C ASP O 293 -15.84 39.09 16.53
N GLU O 294 -16.14 38.03 15.78
CA GLU O 294 -16.69 38.23 14.45
C GLU O 294 -18.13 38.73 14.49
N GLN O 295 -18.82 38.56 15.63
CA GLN O 295 -20.20 39.01 15.72
C GLN O 295 -20.27 40.53 15.85
N THR O 296 -19.78 41.05 16.97
CA THR O 296 -19.80 42.49 17.20
C THR O 296 -18.76 43.24 16.38
N ASN O 297 -17.87 42.54 15.67
CA ASN O 297 -16.78 43.16 14.93
C ASN O 297 -15.93 44.01 15.85
N SER O 298 -15.48 43.40 16.94
CA SER O 298 -14.63 44.07 17.91
C SER O 298 -13.37 43.25 18.10
N LEU O 299 -12.31 43.92 18.50
CA LEU O 299 -10.98 43.32 18.60
C LEU O 299 -10.56 43.32 20.05
N VAL O 300 -10.06 42.19 20.53
CA VAL O 300 -9.74 42.00 21.94
C VAL O 300 -8.23 41.85 22.07
N ILE O 301 -7.58 42.83 22.68
CA ILE O 301 -6.14 42.80 22.92
C ILE O 301 -5.91 42.81 24.43
N THR O 302 -5.18 41.80 24.91
CA THR O 302 -4.73 41.76 26.29
C THR O 302 -3.21 41.83 26.31
N ALA O 303 -2.68 42.79 27.07
CA ALA O 303 -1.26 43.09 27.06
C ALA O 303 -0.99 44.17 28.10
N ASP O 304 0.29 44.47 28.29
CA ASP O 304 0.70 45.49 29.24
C ASP O 304 0.17 46.85 28.82
N GLN O 305 0.00 47.74 29.81
CA GLN O 305 -0.42 49.10 29.53
C GLN O 305 0.47 49.78 28.51
N SER O 306 1.74 49.38 28.44
CA SER O 306 2.65 49.97 27.46
C SER O 306 2.29 49.51 26.05
N VAL O 307 2.07 48.21 25.87
CA VAL O 307 1.70 47.69 24.55
C VAL O 307 0.34 48.22 24.13
N GLN O 308 -0.60 48.33 25.08
CA GLN O 308 -1.93 48.81 24.76
C GLN O 308 -1.89 50.20 24.11
N GLU O 309 -1.11 51.11 24.69
CA GLU O 309 -1.07 52.46 24.16
C GLU O 309 -0.37 52.50 22.80
N LYS O 310 0.51 51.53 22.53
CA LYS O 310 1.16 51.49 21.22
C LYS O 310 0.26 50.85 20.16
N LEU O 311 -0.42 49.76 20.51
CA LEU O 311 -1.37 49.16 19.57
C LEU O 311 -2.61 50.02 19.37
N ALA O 312 -2.91 50.91 20.31
CA ALA O 312 -4.05 51.79 20.12
C ALA O 312 -3.81 52.77 18.99
N THR O 313 -2.55 53.15 18.76
CA THR O 313 -2.22 54.03 17.64
C THR O 313 -2.11 53.25 16.34
N VAL O 314 -1.59 52.02 16.40
CA VAL O 314 -1.50 51.19 15.21
C VAL O 314 -2.89 50.89 14.66
N ILE O 315 -3.83 50.57 15.54
CA ILE O 315 -5.18 50.30 15.09
C ILE O 315 -5.84 51.56 14.54
N ALA O 316 -5.65 52.70 15.22
CA ALA O 316 -6.24 53.93 14.74
C ALA O 316 -5.72 54.30 13.36
N ARG O 317 -4.45 53.98 13.08
CA ARG O 317 -3.90 54.22 11.75
C ARG O 317 -4.47 53.24 10.74
N LEU O 318 -4.72 52.01 11.18
CA LEU O 318 -5.08 50.92 10.29
C LEU O 318 -6.58 50.75 10.14
N ASP O 319 -7.35 51.55 10.87
CA ASP O 319 -8.81 51.47 10.91
C ASP O 319 -9.48 52.46 9.97
N ILE O 320 -8.71 53.16 9.14
CA ILE O 320 -9.24 54.33 8.43
C ILE O 320 -10.31 53.92 7.42
N ARG O 321 -11.11 54.91 7.04
CA ARG O 321 -12.11 54.74 6.00
C ARG O 321 -11.45 54.64 4.63
N ARG O 322 -11.96 53.75 3.80
CA ARG O 322 -11.36 53.42 2.52
C ARG O 322 -12.24 53.96 1.39
N ALA O 323 -11.59 54.40 0.31
CA ALA O 323 -12.28 55.08 -0.78
C ALA O 323 -12.99 54.09 -1.69
N GLN O 324 -13.99 54.59 -2.40
CA GLN O 324 -14.76 53.84 -3.38
C GLN O 324 -14.45 54.36 -4.78
N VAL O 325 -14.57 53.48 -5.77
CA VAL O 325 -14.26 53.84 -7.14
C VAL O 325 -15.43 53.43 -8.02
N LEU O 326 -15.97 54.39 -8.77
CA LEU O 326 -16.91 54.10 -9.84
C LEU O 326 -16.14 53.90 -11.13
N VAL O 327 -16.26 52.71 -11.72
CA VAL O 327 -15.50 52.35 -12.91
C VAL O 327 -16.47 52.17 -14.06
N GLU O 328 -16.48 53.09 -15.00
CA GLU O 328 -17.22 52.92 -16.25
C GLU O 328 -16.28 52.44 -17.34
N ALA O 329 -16.68 51.37 -18.02
CA ALA O 329 -16.03 50.96 -19.25
C ALA O 329 -16.91 51.39 -20.41
N ILE O 330 -16.28 51.75 -21.53
CA ILE O 330 -17.00 52.11 -22.73
C ILE O 330 -16.44 51.26 -23.86
N ILE O 331 -17.25 50.35 -24.38
CA ILE O 331 -16.85 49.49 -25.47
C ILE O 331 -17.64 49.93 -26.69
N VAL O 332 -16.95 50.52 -27.65
CA VAL O 332 -17.56 50.92 -28.92
C VAL O 332 -16.97 50.07 -30.02
N GLU O 333 -17.81 49.45 -30.81
CA GLU O 333 -17.38 48.75 -31.99
C GLU O 333 -18.25 49.19 -33.16
N VAL O 334 -17.65 49.26 -34.34
CA VAL O 334 -18.39 49.55 -35.56
C VAL O 334 -17.87 48.64 -36.66
N GLN O 335 -18.77 47.91 -37.30
CA GLN O 335 -18.43 47.05 -38.41
C GLN O 335 -19.19 47.49 -39.64
N ASP O 336 -18.58 47.32 -40.80
CA ASP O 336 -19.31 47.41 -42.05
C ASP O 336 -18.51 46.71 -43.14
N GLY O 337 -19.21 46.33 -44.19
CA GLY O 337 -18.56 45.77 -45.34
C GLY O 337 -19.52 45.61 -46.48
N ASN O 338 -19.03 45.62 -47.71
CA ASN O 338 -19.89 45.56 -48.88
C ASN O 338 -19.30 44.61 -49.91
N GLY O 339 -20.03 43.55 -50.21
CA GLY O 339 -19.67 42.66 -51.30
C GLY O 339 -20.35 43.06 -52.59
N LEU O 340 -19.71 42.72 -53.71
CA LEU O 340 -20.29 42.86 -55.03
C LEU O 340 -19.87 41.67 -55.86
N ASN O 341 -20.83 40.90 -56.36
CA ASN O 341 -20.50 39.82 -57.28
C ASN O 341 -21.43 39.86 -58.49
N LEU O 342 -20.86 40.14 -59.65
CA LEU O 342 -21.60 40.21 -60.91
C LEU O 342 -20.84 39.41 -61.96
N GLY O 343 -21.58 38.75 -62.83
CA GLY O 343 -20.95 38.01 -63.90
C GLY O 343 -21.86 37.89 -65.09
N VAL O 344 -21.27 37.77 -66.27
CA VAL O 344 -22.01 37.59 -67.50
C VAL O 344 -21.63 36.22 -68.00
N GLN O 345 -22.59 35.39 -68.40
CA GLN O 345 -22.31 34.12 -69.05
C GLN O 345 -23.14 34.14 -70.33
N TRP O 346 -22.60 33.78 -71.48
CA TRP O 346 -23.41 33.72 -72.71
C TRP O 346 -23.28 32.28 -73.20
N ALA O 347 -24.34 31.60 -73.59
CA ALA O 347 -24.21 30.23 -74.12
C ALA O 347 -24.74 30.24 -75.55
N ASN O 348 -24.01 29.72 -76.53
CA ASN O 348 -24.53 29.70 -77.92
C ASN O 348 -24.61 28.29 -78.48
N LYS O 349 -25.72 27.88 -79.07
CA LYS O 349 -25.73 26.50 -79.53
C LYS O 349 -24.72 26.27 -80.65
N ASN O 350 -24.64 27.21 -81.59
CA ASN O 350 -23.74 27.08 -82.72
C ASN O 350 -22.25 27.08 -82.37
N VAL O 351 -21.84 27.97 -81.47
CA VAL O 351 -20.42 28.11 -81.14
C VAL O 351 -20.01 27.42 -79.86
N GLY O 352 -20.78 27.61 -78.80
CA GLY O 352 -20.43 27.07 -77.50
C GLY O 352 -20.91 28.01 -76.41
N ALA O 353 -20.64 27.66 -75.16
CA ALA O 353 -21.12 28.47 -74.04
C ALA O 353 -20.04 28.81 -73.03
N GLN O 354 -20.17 29.97 -72.41
CA GLN O 354 -19.30 30.36 -71.31
C GLN O 354 -20.13 30.30 -70.05
N GLN O 355 -19.70 29.51 -69.07
CA GLN O 355 -20.47 29.32 -67.86
C GLN O 355 -19.63 29.51 -66.61
N PHE O 356 -20.22 30.12 -65.59
CA PHE O 356 -19.56 30.32 -64.32
C PHE O 356 -20.49 29.82 -63.22
N THR O 357 -20.12 28.71 -62.60
CA THR O 357 -20.66 28.43 -61.29
C THR O 357 -20.10 29.48 -60.34
N ASN O 358 -20.80 29.69 -59.23
CA ASN O 358 -20.64 30.75 -58.24
C ASN O 358 -21.40 32.00 -58.64
N THR O 359 -21.92 32.08 -59.86
CA THR O 359 -22.91 33.11 -60.14
C THR O 359 -24.22 32.84 -59.42
N GLY O 360 -24.34 31.69 -58.79
CA GLY O 360 -25.53 31.26 -58.11
C GLY O 360 -26.48 30.50 -59.00
N LEU O 361 -26.43 30.75 -60.31
CA LEU O 361 -26.97 29.84 -61.27
C LEU O 361 -26.05 29.82 -62.49
N PRO O 362 -25.72 28.65 -63.00
CA PRO O 362 -24.98 28.55 -64.25
C PRO O 362 -25.88 28.65 -65.47
N ILE O 363 -25.28 29.02 -66.60
CA ILE O 363 -26.03 29.17 -67.83
C ILE O 363 -26.64 27.86 -68.28
N PHE O 364 -25.98 26.74 -67.98
CA PHE O 364 -26.51 25.46 -68.42
C PHE O 364 -27.76 25.08 -67.66
N ASN O 365 -27.70 25.08 -66.34
CA ASN O 365 -28.86 24.68 -65.54
C ASN O 365 -29.99 25.69 -65.66
N ALA O 366 -29.66 26.97 -65.91
CA ALA O 366 -30.72 27.95 -66.12
C ALA O 366 -31.41 27.74 -67.45
N ALA O 367 -30.65 27.50 -68.51
CA ALA O 367 -31.26 27.28 -69.82
C ALA O 367 -32.10 26.01 -69.85
N GLN O 368 -31.73 24.99 -69.07
CA GLN O 368 -32.59 23.82 -68.96
C GLN O 368 -33.85 24.14 -68.18
N GLY O 369 -33.77 25.05 -67.22
CA GLY O 369 -34.94 25.44 -66.45
C GLY O 369 -35.86 26.37 -67.21
N VAL O 370 -35.28 27.34 -67.92
CA VAL O 370 -36.10 28.26 -68.70
C VAL O 370 -36.80 27.52 -69.83
N ALA O 371 -36.09 26.62 -70.51
CA ALA O 371 -36.72 25.84 -71.57
C ALA O 371 -37.83 24.96 -71.01
N ASP O 372 -37.57 24.30 -69.89
CA ASP O 372 -38.61 23.50 -69.23
C ASP O 372 -39.79 24.37 -68.84
N TYR O 373 -39.54 25.62 -68.45
CA TYR O 373 -40.62 26.50 -68.04
C TYR O 373 -41.50 26.89 -69.22
N LYS O 374 -40.90 27.02 -70.41
CA LYS O 374 -41.69 27.43 -71.57
C LYS O 374 -42.59 26.29 -72.05
N LYS O 375 -42.07 25.06 -72.08
CA LYS O 375 -42.85 23.96 -72.61
C LYS O 375 -44.01 23.60 -71.69
N ASN O 376 -43.77 23.53 -70.38
CA ASN O 376 -44.79 23.10 -69.45
C ASN O 376 -45.62 24.24 -68.88
N GLY O 377 -45.23 25.50 -69.14
CA GLY O 377 -45.90 26.63 -68.56
C GLY O 377 -45.60 26.89 -67.10
N GLY O 378 -44.95 25.94 -66.42
CA GLY O 378 -44.57 26.09 -65.03
C GLY O 378 -43.41 25.16 -64.73
N ILE O 379 -43.02 25.14 -63.46
CA ILE O 379 -41.90 24.32 -63.02
C ILE O 379 -42.32 23.57 -61.76
N THR O 380 -42.30 22.24 -61.82
CA THR O 380 -42.54 21.42 -60.66
C THR O 380 -41.36 21.46 -59.70
N SER O 381 -41.62 21.07 -58.45
CA SER O 381 -40.54 20.98 -57.47
C SER O 381 -39.53 19.90 -57.81
N ALA O 382 -39.87 18.98 -58.71
CA ALA O 382 -38.95 17.91 -59.09
C ALA O 382 -37.93 18.36 -60.12
N ASN O 383 -38.20 19.45 -60.85
CA ASN O 383 -37.24 19.98 -61.80
C ASN O 383 -35.95 20.33 -61.06
N PRO O 384 -34.80 19.83 -61.51
CA PRO O 384 -33.55 20.14 -60.80
C PRO O 384 -33.24 21.61 -60.70
N ALA O 385 -33.78 22.43 -61.60
CA ALA O 385 -33.58 23.87 -61.53
C ALA O 385 -34.39 24.54 -60.44
N TRP O 386 -35.30 23.81 -59.79
CA TRP O 386 -36.12 24.41 -58.75
C TRP O 386 -35.26 24.99 -57.63
N ASP O 387 -34.41 24.15 -57.02
CA ASP O 387 -33.59 24.60 -55.91
C ASP O 387 -32.62 25.70 -56.33
N MET O 388 -32.31 25.79 -57.62
CA MET O 388 -31.37 26.82 -58.07
C MET O 388 -32.04 28.18 -58.19
N PHE O 389 -33.26 28.21 -58.73
CA PHE O 389 -34.00 29.46 -58.79
C PHE O 389 -34.63 29.82 -57.45
N SER O 390 -35.00 28.82 -56.64
CA SER O 390 -35.68 29.10 -55.38
C SER O 390 -34.77 29.88 -54.44
N ALA O 391 -33.47 29.58 -54.45
CA ALA O 391 -32.51 30.37 -53.70
C ALA O 391 -31.61 31.08 -54.71
N TYR O 392 -31.86 32.36 -54.91
CA TYR O 392 -31.01 33.22 -55.71
C TYR O 392 -31.25 34.65 -55.26
N ASN O 393 -30.21 35.47 -55.30
CA ASN O 393 -30.33 36.85 -54.87
C ASN O 393 -29.76 37.77 -55.94
N GLY O 394 -30.43 38.88 -56.17
CA GLY O 394 -29.97 39.87 -57.13
C GLY O 394 -30.70 39.77 -58.44
N MET O 395 -30.30 40.63 -59.37
CA MET O 395 -30.96 40.75 -60.66
C MET O 395 -30.34 39.76 -61.63
N ALA O 396 -31.15 38.86 -62.16
CA ALA O 396 -30.74 37.96 -63.24
C ALA O 396 -31.51 38.37 -64.49
N ALA O 397 -30.81 38.98 -65.44
CA ALA O 397 -31.44 39.53 -66.64
C ALA O 397 -30.93 38.78 -67.86
N GLY O 398 -31.78 37.98 -68.47
CA GLY O 398 -31.42 37.29 -69.69
C GLY O 398 -31.79 38.10 -70.93
N PHE O 399 -31.00 37.93 -71.99
CA PHE O 399 -31.24 38.59 -73.26
C PHE O 399 -30.93 37.63 -74.39
N PHE O 400 -31.87 37.44 -75.30
CA PHE O 400 -31.65 36.58 -76.46
C PHE O 400 -31.58 37.44 -77.71
N ASN O 401 -30.42 37.43 -78.37
CA ASN O 401 -30.24 38.08 -79.67
C ASN O 401 -29.98 36.99 -80.69
N GLY O 402 -30.96 36.73 -81.55
CA GLY O 402 -30.80 35.67 -82.53
C GLY O 402 -30.67 34.34 -81.83
N ASP O 403 -29.56 33.64 -82.12
CA ASP O 403 -29.26 32.38 -81.47
C ASP O 403 -28.43 32.56 -80.21
N TRP O 404 -27.93 33.76 -79.94
CA TRP O 404 -27.10 34.00 -78.76
C TRP O 404 -27.98 34.17 -77.53
N GLY O 405 -27.79 33.30 -76.55
CA GLY O 405 -28.30 33.56 -75.21
C GLY O 405 -27.27 34.33 -74.40
N VAL O 406 -27.75 35.20 -73.52
CA VAL O 406 -26.90 35.99 -72.63
C VAL O 406 -27.60 36.11 -71.29
N LEU O 407 -26.85 35.92 -70.21
CA LEU O 407 -27.42 35.94 -68.87
C LEU O 407 -26.53 36.75 -67.96
N LEU O 408 -27.08 37.82 -67.38
CA LEU O 408 -26.36 38.71 -66.49
C LEU O 408 -26.88 38.53 -65.07
N THR O 409 -26.00 38.20 -64.14
CA THR O 409 -26.32 38.12 -62.73
C THR O 409 -25.55 39.19 -61.99
N ALA O 410 -26.24 39.96 -61.15
CA ALA O 410 -25.59 41.01 -60.39
C ALA O 410 -26.20 41.08 -59.01
N LEU O 411 -25.35 41.09 -57.99
CA LEU O 411 -25.76 41.28 -56.61
C LEU O 411 -24.73 42.13 -55.90
N ALA O 412 -25.17 43.21 -55.27
CA ALA O 412 -24.29 44.02 -54.44
C ALA O 412 -24.83 43.99 -53.03
N SER O 413 -24.14 43.32 -52.13
CA SER O 413 -24.52 43.26 -50.74
C SER O 413 -23.78 44.32 -49.95
N ASN O 414 -24.46 44.87 -48.96
CA ASN O 414 -23.86 45.84 -48.07
C ASN O 414 -24.45 45.62 -46.69
N ASN O 415 -23.61 45.61 -45.66
CA ASN O 415 -24.12 45.53 -44.31
C ASN O 415 -23.40 46.55 -43.44
N LYS O 416 -23.94 46.75 -42.26
CA LYS O 416 -23.40 47.70 -41.31
C LYS O 416 -23.77 47.23 -39.93
N ASN O 417 -22.90 47.49 -38.97
CA ASN O 417 -23.15 47.05 -37.61
C ASN O 417 -22.51 48.05 -36.69
N ASP O 418 -23.15 48.31 -35.55
CA ASP O 418 -22.63 49.27 -34.61
C ASP O 418 -23.03 48.83 -33.21
N ILE O 419 -22.12 48.96 -32.26
CA ILE O 419 -22.31 48.43 -30.93
C ILE O 419 -21.81 49.47 -29.93
N LEU O 420 -22.50 49.57 -28.80
CA LEU O 420 -22.08 50.39 -27.68
C LEU O 420 -22.43 49.66 -26.41
N ALA O 421 -21.47 49.55 -25.50
CA ALA O 421 -21.70 48.96 -24.20
C ALA O 421 -21.03 49.83 -23.16
N THR O 422 -21.65 49.99 -22.01
CA THR O 422 -21.11 50.82 -20.93
C THR O 422 -21.37 50.17 -19.58
N PRO O 423 -20.70 49.06 -19.30
CA PRO O 423 -20.83 48.47 -17.96
C PRO O 423 -20.12 49.33 -16.94
N SER O 424 -20.77 49.57 -15.81
CA SER O 424 -20.18 50.33 -14.73
C SER O 424 -20.39 49.58 -13.42
N ILE O 425 -19.48 49.80 -12.48
CA ILE O 425 -19.48 49.10 -11.21
C ILE O 425 -18.90 50.04 -10.17
N VAL O 426 -19.45 49.99 -8.96
CA VAL O 426 -18.91 50.72 -7.82
C VAL O 426 -18.37 49.71 -6.84
N THR O 427 -17.18 49.98 -6.30
CA THR O 427 -16.58 49.06 -5.36
C THR O 427 -15.58 49.79 -4.49
N LEU O 428 -15.28 49.21 -3.34
CA LEU O 428 -14.22 49.72 -2.49
C LEU O 428 -12.87 49.41 -3.10
N ASP O 429 -11.91 50.29 -2.85
CA ASP O 429 -10.55 50.02 -3.32
C ASP O 429 -10.03 48.75 -2.69
N ASN O 430 -9.20 48.04 -3.44
CA ASN O 430 -8.54 46.80 -3.06
C ASN O 430 -9.53 45.65 -2.96
N LYS O 431 -10.82 45.88 -3.14
CA LYS O 431 -11.83 44.85 -3.18
C LYS O 431 -12.22 44.55 -4.62
N LEU O 432 -12.27 43.27 -4.96
CA LEU O 432 -12.58 42.84 -6.32
C LEU O 432 -14.09 42.85 -6.56
N ALA O 433 -14.52 43.58 -7.58
CA ALA O 433 -15.91 43.63 -7.98
C ALA O 433 -16.04 43.02 -9.37
N SER O 434 -17.19 42.40 -9.63
CA SER O 434 -17.47 41.86 -10.94
C SER O 434 -18.90 42.15 -11.30
N PHE O 435 -19.13 42.34 -12.60
CA PHE O 435 -20.43 42.70 -13.13
C PHE O 435 -20.69 41.84 -14.35
N ASN O 436 -21.73 41.01 -14.31
CA ASN O 436 -22.04 40.08 -15.38
C ASN O 436 -23.44 40.40 -15.89
N VAL O 437 -23.56 40.63 -17.19
CA VAL O 437 -24.87 40.67 -17.85
C VAL O 437 -24.76 39.83 -19.09
N GLY O 438 -25.53 38.75 -19.14
CA GLY O 438 -25.32 37.76 -20.17
C GLY O 438 -26.15 36.53 -19.89
N GLN O 439 -25.69 35.40 -20.38
CA GLN O 439 -26.39 34.17 -20.15
C GLN O 439 -25.41 33.05 -19.85
N ASP O 440 -25.87 32.09 -19.07
CA ASP O 440 -25.07 30.98 -18.58
C ASP O 440 -25.43 29.74 -19.40
N VAL O 441 -24.48 29.28 -20.21
CA VAL O 441 -24.78 28.25 -21.21
C VAL O 441 -24.00 26.98 -20.89
N PRO O 442 -24.54 25.81 -21.18
CA PRO O 442 -23.77 24.57 -21.03
C PRO O 442 -22.79 24.37 -22.17
N VAL O 443 -21.60 23.88 -21.82
CA VAL O 443 -20.59 23.53 -22.82
C VAL O 443 -20.14 22.11 -22.57
N LEU O 444 -19.96 21.36 -23.65
CA LEU O 444 -19.61 19.96 -23.56
C LEU O 444 -18.15 19.79 -23.14
N SER O 445 -17.83 18.62 -22.61
CA SER O 445 -16.46 18.31 -22.21
C SER O 445 -16.19 16.81 -22.11
N THR O 458 -20.87 14.38 -20.32
CA THR O 458 -20.31 15.35 -19.39
C THR O 458 -20.34 16.76 -19.96
N VAL O 459 -20.92 17.70 -19.21
CA VAL O 459 -21.02 19.08 -19.62
C VAL O 459 -20.48 19.99 -18.52
N GLU O 460 -20.48 21.28 -18.81
CA GLU O 460 -19.95 22.29 -17.90
C GLU O 460 -20.67 23.59 -18.18
N ARG O 461 -20.76 24.44 -17.16
CA ARG O 461 -21.52 25.67 -17.27
C ARG O 461 -20.56 26.83 -17.51
N LYS O 462 -20.91 27.70 -18.44
CA LYS O 462 -20.04 28.82 -18.82
C LYS O 462 -20.87 30.08 -18.98
N THR O 463 -20.50 31.13 -18.26
CA THR O 463 -21.18 32.41 -18.39
C THR O 463 -20.61 33.17 -19.57
N VAL O 464 -21.48 33.62 -20.46
CA VAL O 464 -21.08 34.31 -21.67
C VAL O 464 -21.94 35.57 -21.82
N GLY O 465 -21.31 36.73 -21.77
CA GLY O 465 -22.04 37.97 -21.90
C GLY O 465 -21.10 39.13 -21.69
N THR O 466 -21.67 40.28 -21.36
CA THR O 466 -20.87 41.44 -21.03
C THR O 466 -20.37 41.31 -19.60
N LYS O 467 -19.08 41.26 -19.42
CA LYS O 467 -18.48 41.01 -18.12
C LYS O 467 -17.46 42.07 -17.81
N LEU O 468 -17.45 42.57 -16.58
CA LEU O 468 -16.45 43.52 -16.13
C LEU O 468 -16.00 43.10 -14.75
N LYS O 469 -14.72 42.78 -14.61
CA LYS O 469 -14.13 42.35 -13.35
C LYS O 469 -12.94 43.24 -13.07
N VAL O 470 -13.03 44.08 -12.05
CA VAL O 470 -12.02 45.10 -11.79
C VAL O 470 -11.68 45.11 -10.32
N THR O 471 -10.39 45.25 -10.01
CA THR O 471 -9.91 45.47 -8.65
C THR O 471 -9.25 46.84 -8.58
N PRO O 472 -9.89 47.83 -7.99
CA PRO O 472 -9.27 49.15 -7.90
C PRO O 472 -8.27 49.24 -6.76
N GLN O 473 -7.30 50.12 -6.94
CA GLN O 473 -6.36 50.53 -5.91
C GLN O 473 -6.19 52.02 -6.00
N VAL O 474 -6.58 52.76 -4.96
CA VAL O 474 -6.54 54.22 -5.02
C VAL O 474 -5.20 54.67 -4.44
N ASN O 475 -4.33 55.16 -5.30
CA ASN O 475 -3.05 55.65 -4.85
C ASN O 475 -2.53 56.91 -5.54
N GLU O 476 -2.37 57.99 -4.79
CA GLU O 476 -3.05 58.19 -3.52
C GLU O 476 -3.63 59.57 -3.72
N GLY O 477 -4.69 59.93 -3.01
CA GLY O 477 -5.39 61.10 -3.49
C GLY O 477 -5.99 60.75 -4.84
N ASP O 478 -5.56 61.43 -5.88
CA ASP O 478 -6.08 61.17 -7.21
C ASP O 478 -5.50 59.87 -7.77
N ALA O 479 -5.74 59.67 -9.06
CA ALA O 479 -5.49 58.44 -9.82
C ALA O 479 -6.16 57.22 -9.21
N VAL O 480 -5.65 56.04 -9.54
CA VAL O 480 -6.17 54.72 -9.17
C VAL O 480 -5.30 53.72 -9.92
N LEU O 481 -5.29 52.47 -9.48
CA LEU O 481 -4.70 51.38 -10.24
C LEU O 481 -5.80 50.38 -10.51
N LEU O 482 -6.22 50.28 -11.76
CA LEU O 482 -7.30 49.41 -12.15
C LEU O 482 -6.71 48.18 -12.79
N GLU O 483 -6.92 47.02 -12.18
CA GLU O 483 -6.67 45.77 -12.86
C GLU O 483 -7.99 45.35 -13.48
N ILE O 484 -8.07 45.46 -14.80
CA ILE O 484 -9.31 45.22 -15.52
C ILE O 484 -9.22 43.86 -16.16
N GLU O 485 -10.26 43.07 -16.00
CA GLU O 485 -10.50 41.90 -16.84
C GLU O 485 -11.93 42.04 -17.32
N GLN O 486 -12.13 42.29 -18.60
CA GLN O 486 -13.47 42.41 -19.12
C GLN O 486 -13.56 41.73 -20.46
N GLU O 487 -14.80 41.39 -20.84
CA GLU O 487 -15.03 40.89 -22.17
C GLU O 487 -16.48 41.09 -22.54
N VAL O 488 -16.73 41.10 -23.84
CA VAL O 488 -18.07 41.07 -24.38
C VAL O 488 -18.13 39.82 -25.24
N SER O 489 -18.86 38.81 -24.78
CA SER O 489 -18.95 37.55 -25.48
C SER O 489 -20.40 37.16 -25.65
N SER O 490 -20.65 36.34 -26.67
CA SER O 490 -22.01 35.94 -26.98
C SER O 490 -21.98 34.59 -27.68
N VAL O 491 -23.06 33.84 -27.54
CA VAL O 491 -23.18 32.56 -28.24
C VAL O 491 -23.34 32.83 -29.72
N ASP O 492 -22.65 32.06 -30.55
CA ASP O 492 -22.74 32.20 -31.99
C ASP O 492 -23.85 31.27 -32.48
N SER O 493 -24.93 31.86 -32.97
CA SER O 493 -26.08 31.08 -33.39
C SER O 493 -25.74 30.20 -34.58
N SER O 494 -25.11 30.77 -35.59
CA SER O 494 -24.61 29.98 -36.71
C SER O 494 -23.48 29.08 -36.25
N SER O 495 -23.18 28.07 -37.06
CA SER O 495 -22.03 27.19 -36.84
C SER O 495 -22.16 26.44 -35.52
N ASN O 496 -23.31 25.84 -35.30
CA ASN O 496 -23.43 24.91 -34.19
C ASN O 496 -22.80 23.58 -34.57
N SER O 497 -22.33 22.85 -33.56
CA SER O 497 -21.63 21.61 -33.78
C SER O 497 -22.01 20.60 -32.71
N THR O 498 -21.66 19.34 -32.97
CA THR O 498 -21.88 18.29 -31.99
C THR O 498 -20.88 18.37 -30.84
N LEU O 499 -19.77 19.09 -31.04
CA LEU O 499 -18.79 19.24 -29.97
C LEU O 499 -19.22 20.29 -28.96
N GLY O 500 -20.03 21.25 -29.37
CA GLY O 500 -20.53 22.25 -28.46
C GLY O 500 -20.76 23.57 -29.16
N PRO O 501 -21.16 24.57 -28.41
CA PRO O 501 -21.32 25.91 -28.99
C PRO O 501 -20.00 26.63 -29.12
N THR O 502 -19.94 27.53 -30.09
CA THR O 502 -18.86 28.50 -30.11
C THR O 502 -19.35 29.79 -29.50
N PHE O 503 -18.44 30.73 -29.30
CA PHE O 503 -18.78 32.01 -28.70
C PHE O 503 -17.94 33.07 -29.36
N ASN O 504 -18.52 34.22 -29.63
CA ASN O 504 -17.77 35.35 -30.15
C ASN O 504 -17.29 36.16 -28.96
N THR O 505 -15.99 36.16 -28.71
CA THR O 505 -15.43 36.79 -27.52
C THR O 505 -14.54 37.95 -27.93
N ARG O 506 -14.71 39.08 -27.25
CA ARG O 506 -13.78 40.18 -27.31
C ARG O 506 -13.29 40.44 -25.89
N THR O 507 -12.05 40.08 -25.61
CA THR O 507 -11.52 40.06 -24.26
C THR O 507 -10.31 40.96 -24.16
N ILE O 508 -10.25 41.74 -23.10
CA ILE O 508 -9.09 42.59 -22.82
C ILE O 508 -8.84 42.55 -21.32
N GLN O 509 -7.62 42.20 -20.92
CA GLN O 509 -7.25 42.21 -19.52
C GLN O 509 -5.90 42.87 -19.37
N ASN O 510 -5.85 43.93 -18.57
CA ASN O 510 -4.63 44.67 -18.35
C ASN O 510 -4.77 45.44 -17.06
N ALA O 511 -3.63 45.87 -16.53
CA ALA O 511 -3.61 46.80 -15.41
C ALA O 511 -3.23 48.16 -15.95
N VAL O 512 -3.90 49.20 -15.47
CA VAL O 512 -3.65 50.54 -15.94
C VAL O 512 -3.85 51.49 -14.76
N LEU O 513 -3.20 52.64 -14.82
CA LEU O 513 -3.25 53.65 -13.77
C LEU O 513 -3.82 54.93 -14.37
N VAL O 514 -5.01 55.31 -13.94
CA VAL O 514 -5.79 56.37 -14.57
C VAL O 514 -6.08 57.43 -13.53
N LYS O 515 -6.05 58.69 -13.94
CA LYS O 515 -6.40 59.75 -13.01
C LYS O 515 -7.92 59.72 -12.74
N THR O 516 -8.31 60.35 -11.63
CA THR O 516 -9.62 60.09 -11.04
C THR O 516 -10.77 60.54 -11.92
N GLY O 517 -10.57 61.51 -12.80
CA GLY O 517 -11.70 61.97 -13.59
C GLY O 517 -11.66 61.62 -15.05
N GLU O 518 -10.59 60.97 -15.49
CA GLU O 518 -10.22 60.96 -16.89
C GLU O 518 -10.70 59.70 -17.60
N THR O 519 -11.09 59.87 -18.86
CA THR O 519 -11.43 58.77 -19.75
C THR O 519 -10.20 58.44 -20.58
N VAL O 520 -9.77 57.18 -20.55
CA VAL O 520 -8.55 56.76 -21.22
C VAL O 520 -8.82 55.45 -21.95
N VAL O 521 -8.01 55.19 -22.95
CA VAL O 521 -8.22 54.03 -23.81
C VAL O 521 -7.48 52.82 -23.25
N LEU O 522 -8.21 51.72 -23.06
CA LEU O 522 -7.59 50.48 -22.63
C LEU O 522 -6.98 49.72 -23.79
N GLY O 523 -7.60 49.77 -24.95
CA GLY O 523 -7.11 49.00 -26.06
C GLY O 523 -7.97 49.25 -27.28
N GLY O 524 -7.86 48.35 -28.24
CA GLY O 524 -8.67 48.49 -29.44
C GLY O 524 -8.12 47.61 -30.54
N LEU O 525 -8.95 47.44 -31.56
CA LEU O 525 -8.58 46.68 -32.74
C LEU O 525 -9.17 47.37 -33.96
N LEU O 526 -8.34 47.67 -34.93
CA LEU O 526 -8.80 48.14 -36.23
C LEU O 526 -8.46 47.06 -37.23
N ASP O 527 -9.47 46.37 -37.71
CA ASP O 527 -9.30 45.21 -38.57
C ASP O 527 -9.98 45.51 -39.89
N ASP O 528 -9.27 45.31 -40.99
CA ASP O 528 -9.77 45.67 -42.30
C ASP O 528 -9.36 44.61 -43.30
N PHE O 529 -10.28 44.23 -44.18
CA PHE O 529 -10.14 43.07 -45.02
C PHE O 529 -10.77 43.34 -46.36
N SER O 530 -10.10 42.96 -47.44
CA SER O 530 -10.64 43.10 -48.79
C SER O 530 -10.28 41.87 -49.60
N LYS O 531 -11.29 41.24 -50.17
CA LYS O 531 -11.12 40.04 -50.97
C LYS O 531 -11.55 40.32 -52.39
N GLU O 532 -11.04 39.54 -53.33
CA GLU O 532 -11.46 39.65 -54.71
C GLU O 532 -11.26 38.31 -55.38
N GLN O 533 -12.14 38.00 -56.32
CA GLN O 533 -11.98 36.84 -57.17
C GLN O 533 -12.58 37.16 -58.52
N VAL O 534 -11.92 36.73 -59.58
CA VAL O 534 -12.52 36.80 -60.91
C VAL O 534 -12.30 35.45 -61.58
N SER O 535 -13.27 35.05 -62.38
CA SER O 535 -13.15 33.90 -63.26
C SER O 535 -13.44 34.42 -64.66
N LYS O 536 -12.46 34.36 -65.54
CA LYS O 536 -12.58 35.01 -66.83
C LYS O 536 -12.13 34.10 -67.95
N VAL O 537 -12.43 34.53 -69.17
CA VAL O 537 -11.85 33.91 -70.36
C VAL O 537 -10.50 34.55 -70.63
N PRO O 538 -9.43 33.77 -70.82
CA PRO O 538 -8.08 34.29 -70.55
C PRO O 538 -7.70 35.55 -71.30
N LEU O 539 -7.85 35.59 -72.63
CA LEU O 539 -7.50 36.81 -73.34
C LEU O 539 -8.64 37.82 -73.34
N LEU O 540 -9.86 37.35 -73.54
CA LEU O 540 -10.99 38.26 -73.70
C LEU O 540 -11.28 39.00 -72.41
N GLY O 541 -11.11 38.35 -71.27
CA GLY O 541 -11.43 38.97 -69.99
C GLY O 541 -10.55 40.14 -69.62
N ASP O 542 -9.44 40.34 -70.31
CA ASP O 542 -8.52 41.42 -70.01
C ASP O 542 -8.71 42.64 -70.89
N ILE O 543 -9.62 42.59 -71.86
CA ILE O 543 -9.93 43.78 -72.66
C ILE O 543 -10.44 44.86 -71.73
N PRO O 544 -9.91 46.10 -71.80
CA PRO O 544 -10.10 47.03 -70.67
C PRO O 544 -11.54 47.28 -70.27
N LEU O 545 -12.44 47.50 -71.22
CA LEU O 545 -13.84 47.75 -70.89
C LEU O 545 -14.72 46.55 -71.21
N VAL O 546 -14.74 46.14 -72.48
CA VAL O 546 -15.55 45.00 -72.92
C VAL O 546 -15.24 43.75 -72.10
N GLY O 547 -14.03 43.64 -71.57
CA GLY O 547 -13.61 42.43 -70.88
C GLY O 547 -14.49 42.03 -69.70
N GLN O 548 -15.26 42.96 -69.16
CA GLN O 548 -16.16 42.62 -68.06
C GLN O 548 -17.30 41.72 -68.49
N LEU O 549 -17.53 41.57 -69.80
CA LEU O 549 -18.55 40.64 -70.26
C LEU O 549 -18.13 39.20 -70.08
N PHE O 550 -16.84 38.93 -70.21
CA PHE O 550 -16.36 37.56 -70.11
C PHE O 550 -16.09 37.11 -68.69
N ARG O 551 -15.66 38.02 -67.82
CA ARG O 551 -15.31 37.65 -66.45
C ARG O 551 -16.52 37.60 -65.52
N TYR O 552 -16.38 36.82 -64.46
CA TYR O 552 -17.26 36.84 -63.30
C TYR O 552 -16.49 37.33 -62.09
N THR O 553 -16.81 38.51 -61.61
CA THR O 553 -16.12 39.11 -60.48
C THR O 553 -16.94 38.94 -59.21
N SER O 554 -16.28 38.59 -58.11
CA SER O 554 -16.91 38.58 -56.80
C SER O 554 -15.98 39.30 -55.85
N THR O 555 -16.42 40.43 -55.31
CA THR O 555 -15.62 41.28 -54.46
C THR O 555 -16.21 41.30 -53.06
N GLU O 556 -15.37 41.58 -52.07
CA GLU O 556 -15.82 41.65 -50.70
C GLU O 556 -14.93 42.61 -49.95
N ARG O 557 -15.47 43.19 -48.88
CA ARG O 557 -14.71 44.08 -48.02
C ARG O 557 -15.31 43.99 -46.63
N ALA O 558 -14.50 44.29 -45.62
CA ALA O 558 -14.97 44.31 -44.25
C ALA O 558 -14.14 45.31 -43.47
N LYS O 559 -14.72 45.84 -42.41
CA LYS O 559 -14.03 46.71 -41.49
C LYS O 559 -14.55 46.44 -40.09
N ARG O 560 -13.66 46.45 -39.12
CA ARG O 560 -14.03 46.40 -37.72
C ARG O 560 -13.18 47.40 -36.98
N ASN O 561 -13.79 48.37 -36.33
CA ASN O 561 -13.06 49.34 -35.53
C ASN O 561 -13.59 49.22 -34.11
N LEU O 562 -12.75 48.70 -33.21
CA LEU O 562 -13.12 48.47 -31.83
C LEU O 562 -12.26 49.34 -30.93
N MET O 563 -12.88 49.97 -29.94
CA MET O 563 -12.18 50.77 -28.94
C MET O 563 -12.76 50.45 -27.58
N VAL O 564 -11.90 50.40 -26.57
CA VAL O 564 -12.31 50.17 -25.19
C VAL O 564 -11.75 51.29 -24.35
N PHE O 565 -12.62 51.97 -23.63
CA PHE O 565 -12.22 53.08 -22.77
C PHE O 565 -12.60 52.74 -21.34
N ILE O 566 -11.95 53.42 -20.39
CA ILE O 566 -12.25 53.22 -18.98
C ILE O 566 -12.22 54.58 -18.31
N ARG O 567 -13.27 54.92 -17.58
CA ARG O 567 -13.28 56.13 -16.76
C ARG O 567 -13.47 55.78 -15.29
N PRO O 568 -12.45 55.84 -14.46
CA PRO O 568 -12.64 55.72 -13.02
C PRO O 568 -13.12 57.03 -12.43
N THR O 569 -13.77 56.92 -11.27
CA THR O 569 -14.13 58.07 -10.46
C THR O 569 -14.02 57.67 -9.00
N ILE O 570 -13.36 58.48 -8.20
CA ILE O 570 -13.15 58.16 -6.80
C ILE O 570 -14.23 58.82 -5.96
N ILE O 571 -14.84 58.04 -5.08
CA ILE O 571 -15.79 58.57 -4.10
C ILE O 571 -15.06 58.66 -2.77
N ARG O 572 -14.75 59.89 -2.35
CA ARG O 572 -14.11 60.10 -1.06
C ARG O 572 -15.13 60.12 0.07
N ASP O 573 -16.28 60.76 -0.14
CA ASP O 573 -17.25 60.96 0.91
C ASP O 573 -18.64 60.70 0.36
N ASP O 574 -19.61 60.63 1.27
CA ASP O 574 -21.00 60.37 0.88
C ASP O 574 -21.53 61.44 -0.06
N ASP O 575 -21.24 62.71 0.23
CA ASP O 575 -21.91 63.80 -0.48
C ASP O 575 -21.61 63.78 -1.97
N VAL O 576 -20.44 63.30 -2.37
CA VAL O 576 -20.16 63.19 -3.80
C VAL O 576 -20.79 61.94 -4.38
N TYR O 577 -21.14 60.97 -3.54
CA TYR O 577 -21.72 59.73 -4.02
C TYR O 577 -23.24 59.75 -4.04
N ARG O 578 -23.86 60.77 -3.44
CA ARG O 578 -25.24 61.08 -3.81
C ARG O 578 -25.29 61.71 -5.19
N SER O 579 -24.53 62.79 -5.40
CA SER O 579 -24.58 63.51 -6.66
C SER O 579 -24.22 62.60 -7.82
N LEU O 580 -23.29 61.69 -7.60
CA LEU O 580 -22.95 60.70 -8.62
C LEU O 580 -24.10 59.73 -8.83
N SER O 581 -24.77 59.33 -7.75
CA SER O 581 -25.93 58.46 -7.86
C SER O 581 -27.18 59.22 -8.28
N LYS O 582 -27.30 60.46 -7.85
CA LYS O 582 -28.47 61.25 -8.19
C LYS O 582 -28.53 61.55 -9.67
N GLU O 583 -27.39 61.73 -10.33
CA GLU O 583 -27.44 62.06 -11.75
C GLU O 583 -27.68 60.83 -12.60
N LYS O 584 -27.32 59.64 -12.12
CA LYS O 584 -27.73 58.43 -12.82
C LYS O 584 -29.17 58.07 -12.51
N TYR O 585 -29.60 58.31 -11.28
CA TYR O 585 -30.98 58.04 -10.90
C TYR O 585 -31.94 58.96 -11.66
N THR O 586 -31.54 60.21 -11.84
CA THR O 586 -32.40 61.18 -12.54
C THR O 586 -32.30 61.01 -14.06
N ARG O 587 -31.09 60.83 -14.59
CA ARG O 587 -30.96 60.65 -16.03
C ARG O 587 -31.68 59.39 -16.48
N TYR O 588 -31.78 58.39 -15.60
CA TYR O 588 -32.58 57.20 -15.93
C TYR O 588 -34.06 57.48 -15.76
N ARG O 589 -34.41 58.24 -14.71
CA ARG O 589 -35.81 58.59 -14.48
C ARG O 589 -36.34 59.51 -15.57
N GLN O 590 -35.57 60.53 -15.92
CA GLN O 590 -35.98 61.42 -17.00
C GLN O 590 -36.00 60.71 -18.34
N GLU O 591 -35.31 59.58 -18.48
CA GLU O 591 -35.42 58.81 -19.71
C GLU O 591 -36.70 57.99 -19.73
N GLN O 592 -37.10 57.43 -18.57
CA GLN O 592 -38.38 56.75 -18.49
C GLN O 592 -39.54 57.71 -18.73
N GLN O 593 -39.47 58.90 -18.12
CA GLN O 593 -40.53 59.87 -18.33
C GLN O 593 -40.59 60.34 -19.77
N GLN O 594 -39.45 60.34 -20.47
CA GLN O 594 -39.47 60.68 -21.89
C GLN O 594 -40.13 59.59 -22.70
N ARG O 595 -39.93 58.33 -22.30
CA ARG O 595 -40.54 57.21 -23.02
C ARG O 595 -42.05 57.16 -22.79
N ILE O 596 -42.51 57.61 -21.62
CA ILE O 596 -43.95 57.68 -21.36
C ILE O 596 -44.59 58.75 -22.24
N ASP O 597 -43.91 59.87 -22.41
CA ASP O 597 -44.43 60.91 -23.28
C ASP O 597 -44.15 60.64 -24.76
N GLY O 598 -43.18 59.77 -25.05
CA GLY O 598 -42.88 59.45 -26.43
C GLY O 598 -43.90 58.56 -27.09
N LYS O 599 -44.62 57.76 -26.31
CA LYS O 599 -45.69 56.95 -26.87
C LYS O 599 -46.90 57.82 -27.17
N SER O 600 -47.53 57.58 -28.31
CA SER O 600 -48.65 58.39 -28.76
C SER O 600 -49.96 57.69 -28.43
N LYS O 601 -50.92 58.47 -27.94
CA LYS O 601 -52.27 57.97 -27.79
C LYS O 601 -52.89 57.73 -29.16
N ALA O 602 -53.96 56.95 -29.16
CA ALA O 602 -54.71 56.48 -30.32
C ALA O 602 -54.03 55.27 -30.96
N LEU O 603 -52.90 54.83 -30.43
CA LEU O 603 -52.33 53.52 -30.74
C LEU O 603 -52.21 52.73 -29.46
N VAL O 604 -52.52 51.43 -29.54
CA VAL O 604 -52.40 50.58 -28.36
C VAL O 604 -50.95 50.38 -28.01
N GLY O 605 -50.62 50.54 -26.72
CA GLY O 605 -49.26 50.36 -26.26
C GLY O 605 -49.24 49.86 -24.83
N SER O 606 -48.06 49.47 -24.39
CA SER O 606 -47.91 48.95 -23.04
C SER O 606 -48.15 50.07 -22.02
N GLU O 607 -48.83 49.71 -20.94
CA GLU O 607 -48.98 50.64 -19.83
C GLU O 607 -47.67 50.75 -19.07
N ASP O 608 -47.29 51.99 -18.75
CA ASP O 608 -45.97 52.25 -18.20
C ASP O 608 -45.86 51.74 -16.77
N LEU O 609 -44.63 51.49 -16.35
CA LEU O 609 -44.37 51.20 -14.96
C LEU O 609 -44.42 52.50 -14.16
N PRO O 610 -44.53 52.40 -12.83
CA PRO O 610 -44.23 53.58 -12.01
C PRO O 610 -42.76 53.93 -12.16
N VAL O 611 -42.49 55.21 -12.38
CA VAL O 611 -41.14 55.65 -12.72
C VAL O 611 -40.43 56.05 -11.43
N LEU O 612 -39.51 55.18 -11.00
CA LEU O 612 -38.67 55.36 -9.82
C LEU O 612 -39.45 55.98 -8.66
N ASP O 613 -38.85 56.97 -8.00
CA ASP O 613 -39.49 57.74 -6.94
C ASP O 613 -39.01 59.18 -7.04
N GLU O 614 -39.96 60.10 -6.90
CA GLU O 614 -39.62 61.52 -6.97
C GLU O 614 -38.98 62.04 -5.69
N ASN O 615 -39.43 61.57 -4.53
CA ASN O 615 -38.94 62.11 -3.27
C ASN O 615 -37.52 61.67 -2.95
N THR O 616 -37.02 60.63 -3.62
CA THR O 616 -35.65 60.19 -3.37
C THR O 616 -34.68 61.32 -3.74
N PHE O 617 -33.62 61.45 -2.95
CA PHE O 617 -32.64 62.53 -3.08
C PHE O 617 -33.29 63.89 -2.83
#